data_1CE8
#
_entry.id   1CE8
#
_cell.length_a   152.100
_cell.length_b   163.900
_cell.length_c   331.200
_cell.angle_alpha   90.00
_cell.angle_beta   90.00
_cell.angle_gamma   90.00
#
_symmetry.space_group_name_H-M   'P 21 21 21'
#
loop_
_entity.id
_entity.type
_entity.pdbx_description
1 polymer 'PROTEIN (CARBAMOYL-PHOSPHATE SYNTHASE)'
2 polymer 'PROTEIN (CARBAMOYL-PHOSPHATE SYNTHASE)'
3 non-polymer 'MANGANESE (II) ION'
4 non-polymer 'POTASSIUM ION'
5 non-polymer 'CHLORIDE ION'
6 non-polymer 'PHOSPHATE ION'
7 non-polymer "ADENOSINE-5'-DIPHOSPHATE"
8 non-polymer L-ornithine
9 non-polymer 'INOSINIC ACID'
10 non-polymer 'TETRAETHYLAMMONIUM ION'
11 water water
#
loop_
_entity_poly.entity_id
_entity_poly.type
_entity_poly.pdbx_seq_one_letter_code
_entity_poly.pdbx_strand_id
1 'polypeptide(L)'
;MPKRTDIKSILILGAGPIVIGQACEFDYSGAQACKALREEGYRVINVNSNPATIMTDPEMADATYIEPIHWEVVRKIIEK
ERPDAVLPTMGGQTALNCALELERQGVLEEFGVTMIGATADAIDKAEDRRRFDVAMKKIGLETARSGIAHTMEEALAVAA
DVGFPCIIRPSFTMGGSGGGIAYNREEFEEICARGLDLSPTKELLIDESLIGWKEYEMEVVRDKNDNCIIVCSIENFDAM
GIHTGDSITVAPAQTLTDKEYQIMRNASMAVLREIGVETGGSNVQFAVNPKNGRLIVIEMNPRVSRSSALASKATGFPIA
KVAAKLAVGYTLDELMNDITGGRTPASFEPSIDYVVTKIPRFNFEKFAGANDRLTTQMKSVGEVMAIGRTQQESLQKALR
GLEVGATGFDPKVSLDDPEALTKIRRELKDAGADRIWYIADAFRAGLSVDGVFNLTNIDRWFLVQIEELVRLEEKVAEVG
ITGLNADFLRQLKRKGFADARLAKLAGVREAEIRKLRDQYDLHPVYKRVDTCAAEFATDTAYMYSTYEEECEANPSTDRE
KIMVLGGGPNRIGQGIEFDYCCVHASLALREDGYETIMVNCNPETVSTDYDTSDRLYFEPVTLEDVLEIVRIEKPKGVIV
QYGGQTPLKLARALEAAGVPVIGTSPDAIDRAEDRERFQHAVERLKLKQPANATVTAIEMAVEKAKEIGYPLVVRPSYVL
GGRAMEIVYDEADLRRYFQTAVSVSNDAPVLLDHFLDDAVEVDVDAICDGEMVLIGGIMEHIEQAGVHSGDSACSLPAYT
LSQEIQDVMRQQVQKLAFELQVRGLMNVQFAVKNNEVYLIEVNPRAARTVPFVSKATGVPLAKVAARVMAGKSLAEQGVT
KEVIPPYYSVKEVVLPFNKFPGVDPLLGPEMRSTGEVMGVGRTFAEAFAKAQLGSNSTMKKHGRALLSVREGDKERVVDL
AAKLLKQGFELDATHGTAIVLGEAGINPRLVNKVHEGRPHIQDRIKNGEYTYIINTTSGRRAIEDSRVIRRSALQYKVHY
DTTLNGGFATAMALNADATEKVISVQEMHAQIK
;
A,C,E,G
2 'polypeptide(L)'
;MIKSALLVLEDGTQFHGRAIGATGSAVGEVVFNTSMTGYQEILTDPSYSRQIVTLTYPHIGNVGTNDADEESSQVHAQGL
VIRDLPLIASNFRNTEDLSSYLKRHNIVAIADIDTRKLTRLLREKGAQNGCIIAGDNPDAALALEKARAFPGLNGMDLAK
EVTTAEAYSWTQGSWTLTGGLPQAKKEDELPFHVVAYDFGAKRNILRMLVDRGCRLTIVPAQTSAEDVLKMNPDGIFLSN
GPGDPAPCDYAITAIQKFLETDIPVFGICLGHQLLALASGAKTVKMKFGHHGGNHPVKDVEKNVVMITAQNHGFAVDEAT
LPANLRVTHKSLFDGTLQGIHRTDKPAFSFQGHPEASPGPHDAAPLFDHFIELIEQYRKTAK
;
B,D,F,H
#
loop_
_chem_comp.id
_chem_comp.type
_chem_comp.name
_chem_comp.formula
ADP non-polymer ADENOSINE-5'-DIPHOSPHATE 'C10 H15 N5 O10 P2'
CL non-polymer 'CHLORIDE ION' 'Cl -1'
IMP non-polymer 'INOSINIC ACID' 'C10 H13 N4 O8 P'
K non-polymer 'POTASSIUM ION' 'K 1'
MN non-polymer 'MANGANESE (II) ION' 'Mn 2'
NET non-polymer 'TETRAETHYLAMMONIUM ION' 'C8 H20 N 1'
PO4 non-polymer 'PHOSPHATE ION' 'O4 P -3'
#
# COMPACT_ATOMS: atom_id res chain seq x y z
N MET A 1 -82.22 35.24 24.25
CA MET A 1 -81.04 34.40 23.98
C MET A 1 -81.18 33.24 22.98
N PRO A 2 -82.34 33.12 22.29
CA PRO A 2 -82.46 32.02 21.37
C PRO A 2 -81.50 32.25 20.20
N LYS A 3 -81.72 31.57 19.08
CA LYS A 3 -80.84 31.80 17.96
C LYS A 3 -80.89 33.22 17.40
N ARG A 4 -79.71 33.80 17.16
CA ARG A 4 -79.57 35.13 16.59
C ARG A 4 -80.34 35.18 15.28
N THR A 5 -81.03 36.29 15.06
CA THR A 5 -81.83 36.47 13.85
C THR A 5 -81.30 37.55 12.90
N ASP A 6 -80.27 38.24 13.36
CA ASP A 6 -79.62 39.28 12.60
C ASP A 6 -78.65 38.62 11.63
N ILE A 7 -78.63 37.29 11.72
CA ILE A 7 -77.78 36.49 10.87
C ILE A 7 -78.60 35.39 10.17
N LYS A 8 -78.30 35.17 8.88
CA LYS A 8 -78.98 34.12 8.09
C LYS A 8 -78.00 33.05 7.51
N SER A 9 -76.95 33.59 6.88
CA SER A 9 -75.90 32.88 6.21
C SER A 9 -74.59 32.95 6.98
N ILE A 10 -73.94 31.79 7.05
CA ILE A 10 -72.67 31.65 7.72
C ILE A 10 -71.59 30.96 6.87
N LEU A 11 -70.43 31.56 6.86
CA LEU A 11 -69.35 30.94 6.13
C LEU A 11 -68.50 30.22 7.15
N ILE A 12 -68.26 28.96 6.91
CA ILE A 12 -67.45 28.14 7.77
C ILE A 12 -66.15 27.87 7.06
N LEU A 13 -65.08 28.21 7.77
CA LEU A 13 -63.67 28.04 7.34
C LEU A 13 -63.16 26.61 7.62
N GLY A 14 -62.82 25.88 6.54
CA GLY A 14 -62.29 24.52 6.59
C GLY A 14 -60.84 24.50 6.99
N ALA A 15 -60.36 23.30 7.26
CA ALA A 15 -58.98 23.17 7.71
C ALA A 15 -58.00 22.88 6.60
N GLY A 16 -58.48 22.41 5.45
CA GLY A 16 -57.52 22.09 4.39
C GLY A 16 -57.08 20.60 4.44
N PRO A 17 -56.07 20.24 3.67
CA PRO A 17 -55.58 18.86 3.63
C PRO A 17 -55.01 18.45 4.99
N ILE A 18 -55.11 17.16 5.25
CA ILE A 18 -54.63 16.59 6.50
C ILE A 18 -53.13 16.60 6.52
N VAL A 19 -52.61 17.05 7.65
CA VAL A 19 -51.19 17.08 7.86
C VAL A 19 -50.94 16.61 9.29
N ILE A 20 -49.69 16.35 9.61
CA ILE A 20 -49.41 15.98 10.96
C ILE A 20 -49.77 17.19 11.80
N GLY A 21 -50.48 17.00 12.91
CA GLY A 21 -50.77 18.16 13.71
C GLY A 21 -52.14 18.79 13.45
N GLN A 22 -52.68 18.58 12.27
CA GLN A 22 -53.99 19.12 11.90
C GLN A 22 -54.64 18.08 11.04
N ALA A 23 -55.38 17.15 11.66
CA ALA A 23 -55.93 16.08 10.89
C ALA A 23 -57.44 15.99 10.80
N CYS A 24 -57.91 14.76 10.69
CA CYS A 24 -59.34 14.37 10.55
C CYS A 24 -60.33 15.01 11.53
N GLU A 25 -59.78 15.37 12.67
CA GLU A 25 -60.55 15.96 13.70
C GLU A 25 -61.31 17.18 13.20
N PHE A 26 -60.77 17.83 12.18
CA PHE A 26 -61.37 19.01 11.59
C PHE A 26 -62.49 18.66 10.61
N ASP A 27 -62.51 17.43 10.08
CA ASP A 27 -63.62 17.02 9.24
C ASP A 27 -64.78 16.67 10.18
N TYR A 28 -64.44 16.05 11.30
CA TYR A 28 -65.46 15.67 12.24
C TYR A 28 -66.12 16.90 12.76
N SER A 29 -65.29 17.85 13.20
CA SER A 29 -65.80 19.11 13.75
C SER A 29 -66.58 19.95 12.74
N GLY A 30 -65.97 20.10 11.57
CA GLY A 30 -66.52 20.85 10.46
C GLY A 30 -67.87 20.26 10.06
N ALA A 31 -67.90 18.94 9.91
CA ALA A 31 -69.13 18.30 9.54
C ALA A 31 -70.17 18.59 10.60
N GLN A 32 -69.71 18.55 11.84
CA GLN A 32 -70.58 18.80 12.97
C GLN A 32 -71.26 20.15 12.97
N ALA A 33 -70.48 21.18 12.75
CA ALA A 33 -70.98 22.52 12.73
C ALA A 33 -71.99 22.69 11.56
N CYS A 34 -71.69 22.07 10.40
CA CYS A 34 -72.55 22.13 9.22
C CYS A 34 -73.91 21.57 9.52
N LYS A 35 -73.87 20.43 10.19
CA LYS A 35 -75.07 19.72 10.56
C LYS A 35 -75.91 20.51 11.55
N ALA A 36 -75.23 21.16 12.47
CA ALA A 36 -75.83 21.93 13.53
C ALA A 36 -76.50 23.19 13.04
N LEU A 37 -75.78 23.89 12.19
CA LEU A 37 -76.24 25.14 11.63
C LEU A 37 -77.36 24.87 10.66
N ARG A 38 -77.14 23.89 9.87
CA ARG A 38 -78.14 23.50 8.92
C ARG A 38 -79.44 23.09 9.62
N GLU A 39 -79.31 22.43 10.76
CA GLU A 39 -80.44 21.99 11.60
C GLU A 39 -81.21 23.19 12.11
N GLU A 40 -80.44 24.20 12.53
CA GLU A 40 -80.96 25.44 13.07
C GLU A 40 -81.49 26.34 11.98
N GLY A 41 -81.44 25.84 10.76
CA GLY A 41 -81.97 26.59 9.62
C GLY A 41 -81.16 27.76 9.10
N TYR A 42 -79.86 27.67 9.21
CA TYR A 42 -79.04 28.76 8.70
C TYR A 42 -78.59 28.40 7.32
N ARG A 43 -78.14 29.42 6.60
CA ARG A 43 -77.64 29.17 5.27
C ARG A 43 -76.16 28.94 5.46
N VAL A 44 -75.70 27.74 5.11
CA VAL A 44 -74.31 27.34 5.26
C VAL A 44 -73.46 27.36 4.01
N ILE A 45 -72.39 28.11 4.11
CA ILE A 45 -71.41 28.21 3.07
C ILE A 45 -70.09 27.74 3.68
N ASN A 46 -69.28 26.98 2.97
CA ASN A 46 -68.05 26.58 3.61
C ASN A 46 -66.97 26.34 2.58
N VAL A 47 -65.74 26.48 3.04
CA VAL A 47 -64.60 26.27 2.17
C VAL A 47 -63.60 25.30 2.79
N ASN A 48 -63.20 24.35 1.98
CA ASN A 48 -62.24 23.31 2.31
C ASN A 48 -61.57 22.70 1.05
N SER A 49 -60.25 22.86 0.92
CA SER A 49 -59.57 22.31 -0.22
C SER A 49 -59.45 20.79 -0.17
N ASN A 50 -59.70 20.21 0.98
CA ASN A 50 -59.61 18.77 1.09
C ASN A 50 -60.92 18.09 0.70
N PRO A 51 -60.88 17.38 -0.43
CA PRO A 51 -62.05 16.72 -0.99
C PRO A 51 -62.51 15.43 -0.31
N ALA A 52 -61.64 14.83 0.49
CA ALA A 52 -61.97 13.58 1.19
C ALA A 52 -62.66 13.89 2.49
N THR A 53 -63.54 14.89 2.44
CA THR A 53 -64.23 15.27 3.62
C THR A 53 -65.70 15.13 3.50
N ILE A 54 -66.32 14.74 4.59
CA ILE A 54 -67.75 14.64 4.60
C ILE A 54 -68.31 16.06 4.56
N MET A 55 -67.58 17.00 5.19
CA MET A 55 -68.05 18.37 5.23
C MET A 55 -68.27 19.03 3.91
N THR A 56 -67.55 18.56 2.91
CA THR A 56 -67.67 19.09 1.60
C THR A 56 -68.63 18.28 0.76
N ASP A 57 -69.38 17.43 1.41
CA ASP A 57 -70.40 16.67 0.69
C ASP A 57 -71.55 17.69 0.45
N PRO A 58 -71.88 17.80 -0.79
CA PRO A 58 -72.90 18.70 -1.29
C PRO A 58 -74.25 18.69 -0.53
N GLU A 59 -74.64 17.53 -0.01
CA GLU A 59 -75.87 17.47 0.71
C GLU A 59 -75.72 17.87 2.17
N MET A 60 -74.51 18.30 2.57
CA MET A 60 -74.21 18.72 3.96
C MET A 60 -74.33 20.21 4.15
N ALA A 61 -74.27 20.89 3.02
CA ALA A 61 -74.34 22.32 3.05
C ALA A 61 -75.00 22.91 1.83
N ASP A 62 -75.13 24.23 1.89
CA ASP A 62 -75.74 25.09 0.90
C ASP A 62 -74.76 25.56 -0.19
N ALA A 63 -73.55 25.93 0.18
CA ALA A 63 -72.60 26.34 -0.82
C ALA A 63 -71.22 25.89 -0.42
N THR A 64 -70.82 24.80 -1.05
CA THR A 64 -69.55 24.13 -0.80
C THR A 64 -68.42 24.48 -1.77
N TYR A 65 -67.36 25.01 -1.22
CA TYR A 65 -66.22 25.41 -1.99
C TYR A 65 -64.95 24.64 -1.77
N ILE A 66 -64.67 23.76 -2.69
CA ILE A 66 -63.42 23.00 -2.66
C ILE A 66 -62.45 23.84 -3.49
N GLU A 67 -61.81 24.79 -2.81
CA GLU A 67 -60.87 25.70 -3.44
C GLU A 67 -59.75 25.97 -2.44
N PRO A 68 -58.59 26.44 -2.98
CA PRO A 68 -57.44 26.77 -2.16
C PRO A 68 -57.87 27.63 -1.01
N ILE A 69 -57.35 27.33 0.17
CA ILE A 69 -57.69 28.11 1.35
C ILE A 69 -56.68 29.26 1.55
N HIS A 70 -56.75 30.23 0.62
CA HIS A 70 -55.97 31.46 0.52
C HIS A 70 -57.01 32.58 0.69
N TRP A 71 -56.65 33.58 1.45
CA TRP A 71 -57.55 34.68 1.75
C TRP A 71 -58.12 35.35 0.52
N GLU A 72 -57.31 35.44 -0.51
CA GLU A 72 -57.71 36.05 -1.74
C GLU A 72 -58.84 35.27 -2.37
N VAL A 73 -58.71 33.96 -2.27
CA VAL A 73 -59.70 33.06 -2.79
C VAL A 73 -60.99 33.07 -1.94
N VAL A 74 -60.82 33.15 -0.63
CA VAL A 74 -61.93 33.18 0.26
C VAL A 74 -62.63 34.52 0.09
N ARG A 75 -61.84 35.56 -0.25
CA ARG A 75 -62.41 36.88 -0.47
C ARG A 75 -63.42 36.82 -1.61
N LYS A 76 -62.99 36.09 -2.64
CA LYS A 76 -63.81 35.85 -3.81
C LYS A 76 -65.08 35.12 -3.47
N ILE A 77 -64.98 34.18 -2.51
CA ILE A 77 -66.12 33.40 -2.07
C ILE A 77 -67.15 34.25 -1.29
N ILE A 78 -66.61 35.11 -0.47
CA ILE A 78 -67.39 35.98 0.36
C ILE A 78 -68.17 36.96 -0.52
N GLU A 79 -67.42 37.57 -1.41
CA GLU A 79 -67.93 38.54 -2.34
C GLU A 79 -69.11 37.99 -3.11
N LYS A 80 -68.97 36.74 -3.39
CA LYS A 80 -69.96 36.04 -4.15
C LYS A 80 -71.08 35.39 -3.34
N GLU A 81 -70.89 35.13 -2.06
CA GLU A 81 -72.00 34.50 -1.36
C GLU A 81 -72.58 35.45 -0.34
N ARG A 82 -71.75 36.50 -0.02
CA ARG A 82 -72.21 37.49 0.95
C ARG A 82 -72.79 36.90 2.23
N PRO A 83 -71.96 36.15 2.94
CA PRO A 83 -72.35 35.57 4.19
C PRO A 83 -72.44 36.67 5.24
N ASP A 84 -73.35 36.53 6.20
CA ASP A 84 -73.42 37.57 7.20
C ASP A 84 -72.30 37.42 8.19
N ALA A 85 -71.99 36.17 8.47
CA ALA A 85 -70.93 35.86 9.41
C ALA A 85 -69.99 34.78 8.94
N VAL A 86 -68.98 34.60 9.75
CA VAL A 86 -67.97 33.60 9.49
C VAL A 86 -67.57 32.92 10.81
N LEU A 87 -67.62 31.58 10.82
CA LEU A 87 -67.26 30.72 11.92
C LEU A 87 -65.85 30.14 11.59
N PRO A 88 -64.82 30.68 12.25
CA PRO A 88 -63.42 30.32 12.01
C PRO A 88 -62.81 29.39 13.05
N THR A 89 -63.62 28.82 13.89
CA THR A 89 -63.10 27.98 14.98
C THR A 89 -63.18 26.47 14.79
N MET A 90 -63.62 26.05 13.62
CA MET A 90 -63.76 24.66 13.28
C MET A 90 -62.80 24.19 12.21
N GLY A 91 -61.78 25.01 11.85
CA GLY A 91 -60.89 24.58 10.80
C GLY A 91 -59.42 24.56 11.17
N GLY A 92 -59.12 24.21 12.42
CA GLY A 92 -57.75 24.14 12.81
C GLY A 92 -57.04 25.47 12.83
N GLN A 93 -55.74 25.45 12.67
CA GLN A 93 -54.99 26.68 12.67
C GLN A 93 -55.18 27.40 11.31
N THR A 94 -55.43 26.64 10.27
CA THR A 94 -55.65 27.22 8.95
C THR A 94 -56.81 28.20 9.05
N ALA A 95 -57.95 27.75 9.60
CA ALA A 95 -59.12 28.60 9.79
C ALA A 95 -58.83 29.86 10.61
N LEU A 96 -58.10 29.70 11.69
CA LEU A 96 -57.74 30.80 12.56
C LEU A 96 -56.96 31.84 11.81
N ASN A 97 -55.87 31.35 11.27
CA ASN A 97 -54.97 32.15 10.50
C ASN A 97 -55.68 32.86 9.35
N CYS A 98 -56.46 32.13 8.58
CA CYS A 98 -57.18 32.73 7.48
C CYS A 98 -58.19 33.78 7.98
N ALA A 99 -58.87 33.45 9.07
CA ALA A 99 -59.85 34.37 9.59
C ALA A 99 -59.20 35.67 9.92
N LEU A 100 -58.10 35.57 10.59
CA LEU A 100 -57.41 36.80 10.93
C LEU A 100 -56.78 37.56 9.76
N GLU A 101 -56.39 36.84 8.73
CA GLU A 101 -55.81 37.46 7.56
C GLU A 101 -56.91 38.22 6.85
N LEU A 102 -58.06 37.56 6.72
CA LEU A 102 -59.19 38.18 6.07
C LEU A 102 -59.52 39.49 6.77
N GLU A 103 -59.49 39.44 8.09
CA GLU A 103 -59.77 40.60 8.89
C GLU A 103 -58.75 41.69 8.66
N ARG A 104 -57.49 41.28 8.66
CA ARG A 104 -56.38 42.15 8.43
C ARG A 104 -56.50 42.87 7.09
N GLN A 105 -56.86 42.13 6.05
CA GLN A 105 -57.02 42.62 4.68
C GLN A 105 -58.27 43.47 4.44
N GLY A 106 -59.05 43.63 5.49
CA GLY A 106 -60.25 44.44 5.48
C GLY A 106 -61.39 43.81 4.72
N VAL A 107 -61.17 42.54 4.36
CA VAL A 107 -62.15 41.80 3.61
C VAL A 107 -63.46 41.67 4.34
N LEU A 108 -63.30 41.48 5.63
CA LEU A 108 -64.42 41.31 6.52
C LEU A 108 -65.26 42.56 6.49
N GLU A 109 -64.58 43.66 6.80
CA GLU A 109 -65.20 44.96 6.83
C GLU A 109 -65.94 45.20 5.54
N GLU A 110 -65.17 45.00 4.51
CA GLU A 110 -65.56 45.13 3.13
C GLU A 110 -66.98 44.62 2.85
N PHE A 111 -67.23 43.37 3.18
CA PHE A 111 -68.52 42.74 2.94
C PHE A 111 -69.45 42.60 4.10
N GLY A 112 -69.11 43.28 5.21
CA GLY A 112 -69.96 43.22 6.39
C GLY A 112 -70.18 41.80 6.86
N VAL A 113 -69.06 41.14 7.18
CA VAL A 113 -69.07 39.78 7.69
C VAL A 113 -68.66 39.79 9.15
N THR A 114 -69.60 39.39 9.99
CA THR A 114 -69.35 39.31 11.41
C THR A 114 -68.64 38.00 11.81
N MET A 115 -67.63 38.10 12.66
CA MET A 115 -66.95 36.92 13.10
C MET A 115 -67.70 36.35 14.28
N ILE A 116 -68.13 35.10 14.18
CA ILE A 116 -68.83 34.51 15.30
C ILE A 116 -68.02 33.33 15.86
N GLY A 117 -68.39 32.83 17.05
CA GLY A 117 -67.74 31.74 17.77
C GLY A 117 -66.76 32.35 18.76
N ALA A 118 -65.73 32.94 18.16
CA ALA A 118 -64.69 33.65 18.86
C ALA A 118 -64.34 34.83 17.98
N THR A 119 -64.01 35.93 18.62
CA THR A 119 -63.68 37.09 17.87
C THR A 119 -62.24 37.09 17.51
N ALA A 120 -61.95 37.98 16.59
CA ALA A 120 -60.60 38.10 16.19
C ALA A 120 -59.73 38.54 17.34
N ASP A 121 -60.24 39.38 18.20
CA ASP A 121 -59.34 39.81 19.25
C ASP A 121 -59.01 38.67 20.20
N ALA A 122 -60.04 37.90 20.55
CA ALA A 122 -59.91 36.74 21.44
C ALA A 122 -58.85 35.78 20.92
N ILE A 123 -59.06 35.41 19.65
CA ILE A 123 -58.16 34.51 18.93
C ILE A 123 -56.73 34.98 19.10
N ASP A 124 -56.52 36.25 18.84
CA ASP A 124 -55.21 36.88 18.94
C ASP A 124 -54.65 36.92 20.35
N LYS A 125 -55.57 37.18 21.30
CA LYS A 125 -55.20 37.25 22.70
C LYS A 125 -54.51 35.94 23.10
N ALA A 126 -55.10 34.82 22.63
CA ALA A 126 -54.63 33.46 22.87
C ALA A 126 -53.54 33.02 21.94
N GLU A 127 -53.67 33.37 20.66
CA GLU A 127 -52.68 32.98 19.69
C GLU A 127 -51.38 33.78 19.77
N ASP A 128 -51.44 35.05 20.17
CA ASP A 128 -50.21 35.80 20.31
C ASP A 128 -49.63 35.41 21.66
N ARG A 129 -48.49 34.72 21.68
CA ARG A 129 -47.84 34.23 22.91
C ARG A 129 -47.61 35.25 23.99
N ARG A 130 -47.23 36.48 23.56
CA ARG A 130 -46.94 37.61 24.43
C ARG A 130 -48.23 38.05 25.16
N ARG A 131 -49.34 38.20 24.41
CA ARG A 131 -50.60 38.59 24.98
C ARG A 131 -51.10 37.58 25.95
N PHE A 132 -50.95 36.30 25.58
CA PHE A 132 -51.40 35.20 26.44
C PHE A 132 -50.71 35.25 27.79
N ASP A 133 -49.38 35.49 27.77
CA ASP A 133 -48.55 35.59 28.96
C ASP A 133 -48.96 36.79 29.80
N VAL A 134 -49.24 37.91 29.13
CA VAL A 134 -49.67 39.12 29.81
C VAL A 134 -51.02 38.84 30.51
N ALA A 135 -51.91 38.21 29.80
CA ALA A 135 -53.20 37.89 30.37
C ALA A 135 -53.13 36.99 31.60
N MET A 136 -52.26 35.98 31.61
CA MET A 136 -52.18 35.07 32.76
C MET A 136 -51.73 35.78 33.99
N LYS A 137 -50.73 36.60 33.79
CA LYS A 137 -50.23 37.38 34.88
C LYS A 137 -51.35 38.26 35.36
N LYS A 138 -52.14 38.79 34.42
CA LYS A 138 -53.26 39.66 34.80
C LYS A 138 -54.29 38.92 35.66
N ILE A 139 -54.51 37.64 35.39
CA ILE A 139 -55.47 36.91 36.20
C ILE A 139 -54.81 36.11 37.29
N GLY A 140 -53.54 36.44 37.55
CA GLY A 140 -52.72 35.78 38.56
C GLY A 140 -52.44 34.29 38.30
N LEU A 141 -52.44 33.87 37.05
CA LEU A 141 -52.17 32.47 36.83
C LEU A 141 -50.68 32.43 36.54
N GLU A 142 -50.02 31.42 37.06
CA GLU A 142 -48.61 31.41 36.83
C GLU A 142 -48.14 30.72 35.58
N THR A 143 -47.04 31.24 35.02
CA THR A 143 -46.51 30.68 33.78
C THR A 143 -45.04 30.54 33.92
N ALA A 144 -44.43 29.65 33.13
CA ALA A 144 -42.98 29.44 33.18
C ALA A 144 -42.22 30.69 32.80
N ARG A 145 -41.08 30.86 33.44
CA ARG A 145 -40.22 31.99 33.16
C ARG A 145 -39.92 31.94 31.67
N SER A 146 -40.35 33.01 31.03
CA SER A 146 -40.22 33.15 29.58
C SER A 146 -39.63 34.46 29.08
N GLY A 147 -39.73 34.56 27.75
CA GLY A 147 -39.20 35.68 26.99
C GLY A 147 -39.66 35.63 25.55
N ILE A 148 -39.99 36.78 24.99
CA ILE A 148 -40.46 36.83 23.62
C ILE A 148 -39.31 37.17 22.71
N ALA A 149 -39.37 36.69 21.48
CA ALA A 149 -38.31 37.02 20.55
C ALA A 149 -38.84 37.26 19.13
N HIS A 150 -38.33 38.28 18.47
CA HIS A 150 -38.80 38.52 17.13
C HIS A 150 -37.66 38.32 16.16
N THR A 151 -36.46 38.06 16.73
CA THR A 151 -35.22 37.83 16.00
C THR A 151 -34.31 36.92 16.79
N MET A 152 -33.34 36.35 16.08
CA MET A 152 -32.38 35.44 16.65
C MET A 152 -31.55 36.03 17.79
N GLU A 153 -31.23 37.27 17.58
CA GLU A 153 -30.43 37.98 18.54
C GLU A 153 -31.21 38.07 19.85
N GLU A 154 -32.46 38.46 19.65
CA GLU A 154 -33.33 38.57 20.78
C GLU A 154 -33.47 37.21 21.46
N ALA A 155 -33.76 36.24 20.61
CA ALA A 155 -33.93 34.86 21.04
C ALA A 155 -32.78 34.37 21.95
N LEU A 156 -31.55 34.61 21.47
CA LEU A 156 -30.36 34.21 22.18
C LEU A 156 -30.26 34.78 23.56
N ALA A 157 -30.74 36.00 23.69
CA ALA A 157 -30.72 36.67 24.99
C ALA A 157 -31.63 35.98 26.02
N VAL A 158 -32.79 35.57 25.54
CA VAL A 158 -33.77 34.88 26.34
C VAL A 158 -33.17 33.59 26.83
N ALA A 159 -32.51 32.91 25.88
CA ALA A 159 -31.86 31.65 26.15
C ALA A 159 -30.91 31.86 27.31
N ALA A 160 -30.06 32.87 27.16
CA ALA A 160 -29.05 33.25 28.17
C ALA A 160 -29.68 33.43 29.55
N ASP A 161 -30.91 33.93 29.50
CA ASP A 161 -31.73 34.17 30.66
C ASP A 161 -32.32 32.89 31.30
N VAL A 162 -33.05 32.09 30.49
CA VAL A 162 -33.71 30.86 30.94
C VAL A 162 -32.85 29.62 30.94
N GLY A 163 -31.70 29.74 30.27
CA GLY A 163 -30.75 28.66 30.17
C GLY A 163 -31.35 27.45 29.46
N PHE A 164 -30.53 26.39 29.35
CA PHE A 164 -30.94 25.15 28.72
C PHE A 164 -31.12 24.04 29.73
N PRO A 165 -31.99 23.13 29.32
CA PRO A 165 -32.73 23.27 28.07
C PRO A 165 -33.87 24.28 28.14
N CYS A 166 -34.29 24.70 26.96
CA CYS A 166 -35.40 25.65 26.92
C CYS A 166 -36.35 25.26 25.85
N ILE A 167 -37.61 25.67 26.04
CA ILE A 167 -38.72 25.40 25.14
C ILE A 167 -39.07 26.58 24.25
N ILE A 168 -39.12 26.30 22.96
CA ILE A 168 -39.42 27.31 21.99
C ILE A 168 -40.74 27.05 21.37
N ARG A 169 -41.61 28.08 21.41
CA ARG A 169 -42.94 28.01 20.85
C ARG A 169 -43.30 29.28 20.08
N PRO A 170 -43.46 29.11 18.78
CA PRO A 170 -43.78 30.20 17.88
C PRO A 170 -45.19 30.69 18.08
N SER A 171 -45.49 31.97 17.78
CA SER A 171 -46.87 32.46 17.92
C SER A 171 -47.67 32.04 16.70
N PHE A 172 -48.95 31.84 16.89
CA PHE A 172 -49.74 31.50 15.74
C PHE A 172 -49.42 30.18 15.04
N THR A 173 -49.09 29.21 15.85
CA THR A 173 -48.86 27.84 15.41
C THR A 173 -49.42 26.91 16.47
N MET A 174 -49.62 25.64 16.12
CA MET A 174 -50.15 24.62 17.00
C MET A 174 -49.50 23.26 16.63
N GLY A 175 -49.77 22.21 17.38
CA GLY A 175 -49.16 20.95 17.00
C GLY A 175 -47.62 21.00 17.15
N GLY A 176 -47.15 22.03 17.82
CA GLY A 176 -45.70 22.23 18.02
C GLY A 176 -44.98 22.62 16.71
N SER A 177 -45.75 23.10 15.72
CA SER A 177 -45.19 23.48 14.44
C SER A 177 -44.21 24.62 14.60
N GLY A 178 -42.94 24.35 14.25
CA GLY A 178 -41.91 25.36 14.35
C GLY A 178 -41.21 25.43 15.72
N GLY A 179 -41.58 24.57 16.68
CA GLY A 179 -40.97 24.62 18.02
C GLY A 179 -40.06 23.44 18.35
N GLY A 180 -39.66 23.32 19.60
CA GLY A 180 -38.78 22.22 19.98
C GLY A 180 -38.13 22.52 21.32
N ILE A 181 -37.27 21.60 21.76
CA ILE A 181 -36.52 21.75 22.99
C ILE A 181 -35.07 21.97 22.60
N ALA A 182 -34.49 23.10 22.99
CA ALA A 182 -33.09 23.33 22.69
C ALA A 182 -32.32 22.92 23.91
N TYR A 183 -31.45 21.91 23.72
CA TYR A 183 -30.59 21.41 24.80
C TYR A 183 -29.26 22.09 24.72
N ASN A 184 -29.03 22.71 23.57
CA ASN A 184 -27.81 23.42 23.36
C ASN A 184 -27.99 24.56 22.40
N ARG A 185 -26.94 25.33 22.27
CA ARG A 185 -26.98 26.46 21.39
C ARG A 185 -27.17 26.13 19.92
N GLU A 186 -26.51 25.08 19.48
CA GLU A 186 -26.66 24.70 18.12
C GLU A 186 -28.12 24.36 17.81
N GLU A 187 -28.72 23.55 18.67
CA GLU A 187 -30.12 23.20 18.49
C GLU A 187 -30.99 24.45 18.54
N PHE A 188 -30.63 25.33 19.45
CA PHE A 188 -31.35 26.55 19.65
C PHE A 188 -31.51 27.40 18.41
N GLU A 189 -30.40 27.65 17.74
CA GLU A 189 -30.50 28.47 16.56
C GLU A 189 -31.30 27.83 15.46
N GLU A 190 -31.16 26.53 15.38
CA GLU A 190 -31.87 25.81 14.35
C GLU A 190 -33.40 25.86 14.49
N ILE A 191 -33.86 25.65 15.72
CA ILE A 191 -35.28 25.63 15.99
C ILE A 191 -35.85 27.00 15.84
N CYS A 192 -35.10 27.96 16.37
CA CYS A 192 -35.52 29.35 16.34
C CYS A 192 -35.67 29.89 14.93
N ALA A 193 -34.68 29.58 14.09
CA ALA A 193 -34.76 30.06 12.74
C ALA A 193 -36.00 29.54 12.08
N ARG A 194 -36.20 28.27 12.34
CA ARG A 194 -37.33 27.56 11.81
C ARG A 194 -38.71 28.09 12.27
N GLY A 195 -38.85 28.40 13.55
CA GLY A 195 -40.13 28.91 14.05
C GLY A 195 -40.35 30.39 13.73
N LEU A 196 -39.25 31.14 13.64
CA LEU A 196 -39.39 32.55 13.32
C LEU A 196 -39.96 32.55 11.95
N ASP A 197 -39.37 31.78 11.07
CA ASP A 197 -39.84 31.71 9.71
C ASP A 197 -41.23 31.14 9.59
N LEU A 198 -41.54 30.22 10.47
CA LEU A 198 -42.84 29.60 10.39
C LEU A 198 -43.96 30.40 11.01
N SER A 199 -43.66 31.06 12.13
CA SER A 199 -44.68 31.83 12.82
C SER A 199 -45.39 32.83 11.94
N PRO A 200 -46.72 32.73 11.78
CA PRO A 200 -47.39 33.70 10.93
C PRO A 200 -47.18 35.13 11.34
N THR A 201 -46.75 35.33 12.59
CA THR A 201 -46.50 36.66 13.14
C THR A 201 -45.01 36.90 13.49
N LYS A 202 -44.15 35.96 13.02
CA LYS A 202 -42.71 36.03 13.24
C LYS A 202 -42.32 36.28 14.68
N GLU A 203 -42.86 35.47 15.57
CA GLU A 203 -42.61 35.62 16.99
C GLU A 203 -42.54 34.29 17.69
N LEU A 204 -41.60 34.25 18.62
CA LEU A 204 -41.33 33.11 19.47
C LEU A 204 -41.41 33.51 20.92
N LEU A 205 -41.87 32.54 21.70
CA LEU A 205 -41.95 32.59 23.14
C LEU A 205 -40.92 31.56 23.52
N ILE A 206 -39.98 31.93 24.38
CA ILE A 206 -38.93 31.03 24.80
C ILE A 206 -39.04 30.87 26.29
N ASP A 207 -39.25 29.62 26.75
CA ASP A 207 -39.46 29.27 28.16
C ASP A 207 -38.41 28.35 28.75
N GLU A 208 -38.27 28.49 30.09
CA GLU A 208 -37.42 27.64 30.91
C GLU A 208 -38.08 26.24 30.93
N SER A 209 -37.31 25.22 31.18
CA SER A 209 -37.86 23.88 31.18
C SER A 209 -38.72 23.50 32.36
N LEU A 210 -39.76 22.72 32.08
CA LEU A 210 -40.67 22.17 33.07
C LEU A 210 -40.77 20.73 32.68
N ILE A 211 -39.77 20.30 31.90
CA ILE A 211 -39.74 18.92 31.46
C ILE A 211 -39.89 17.95 32.62
N GLY A 212 -40.82 16.99 32.49
CA GLY A 212 -41.01 16.04 33.56
C GLY A 212 -42.20 16.35 34.43
N TRP A 213 -42.70 17.60 34.46
CA TRP A 213 -43.89 17.90 35.27
C TRP A 213 -45.11 17.18 34.67
N LYS A 214 -46.17 17.05 35.45
CA LYS A 214 -47.33 16.39 34.88
C LYS A 214 -47.96 17.39 33.90
N GLU A 215 -48.62 16.86 32.90
CA GLU A 215 -49.29 17.61 31.85
C GLU A 215 -50.80 17.33 31.82
N TYR A 216 -51.61 18.39 31.89
CA TYR A 216 -53.06 18.27 31.91
C TYR A 216 -53.72 19.22 30.92
N GLU A 217 -54.92 18.85 30.51
CA GLU A 217 -55.69 19.63 29.59
C GLU A 217 -57.14 19.62 30.03
N MET A 218 -57.84 20.71 29.79
CA MET A 218 -59.25 20.71 30.12
C MET A 218 -60.06 21.21 28.92
N GLU A 219 -61.20 20.62 28.64
CA GLU A 219 -61.99 21.11 27.52
C GLU A 219 -63.15 21.88 28.12
N VAL A 220 -63.19 23.19 27.78
CA VAL A 220 -64.22 24.13 28.26
C VAL A 220 -65.09 24.72 27.17
N VAL A 221 -66.34 24.96 27.54
CA VAL A 221 -67.36 25.56 26.68
C VAL A 221 -67.98 26.70 27.47
N ARG A 222 -68.18 27.84 26.83
CA ARG A 222 -68.76 28.99 27.49
C ARG A 222 -69.88 29.57 26.65
N ASP A 223 -70.88 30.16 27.30
CA ASP A 223 -71.99 30.75 26.58
C ASP A 223 -72.06 32.25 26.90
N LYS A 224 -72.88 32.95 26.12
CA LYS A 224 -73.05 34.39 26.26
C LYS A 224 -73.58 34.83 27.61
N ASN A 225 -74.33 33.91 28.24
CA ASN A 225 -74.88 34.17 29.56
C ASN A 225 -73.83 34.02 30.63
N ASP A 226 -72.66 33.67 30.13
CA ASP A 226 -71.51 33.50 30.97
C ASP A 226 -71.49 32.12 31.66
N ASN A 227 -72.38 31.25 31.22
CA ASN A 227 -72.41 29.93 31.78
C ASN A 227 -71.15 29.23 31.30
N CYS A 228 -70.50 28.50 32.21
CA CYS A 228 -69.26 27.79 31.87
C CYS A 228 -69.23 26.35 32.38
N ILE A 229 -68.78 25.43 31.52
CA ILE A 229 -68.65 24.01 31.86
C ILE A 229 -67.32 23.37 31.42
N ILE A 230 -66.90 22.37 32.19
CA ILE A 230 -65.71 21.56 31.88
C ILE A 230 -66.29 20.34 31.18
N VAL A 231 -66.00 20.15 29.91
CA VAL A 231 -66.59 18.99 29.30
C VAL A 231 -65.75 17.73 29.57
N CYS A 232 -64.43 17.88 29.72
CA CYS A 232 -63.54 16.75 29.96
C CYS A 232 -62.18 17.18 30.50
N SER A 233 -61.56 16.33 31.32
CA SER A 233 -60.24 16.60 31.86
C SER A 233 -59.42 15.45 31.29
N ILE A 234 -58.19 15.76 31.11
CA ILE A 234 -57.29 14.81 30.50
C ILE A 234 -55.92 14.86 31.16
N GLU A 235 -55.47 13.69 31.56
CA GLU A 235 -54.18 13.54 32.15
C GLU A 235 -53.29 12.82 31.13
N ASN A 236 -52.19 13.50 30.80
CA ASN A 236 -51.22 12.98 29.86
C ASN A 236 -50.42 11.89 30.54
N PHE A 237 -50.14 10.79 29.83
CA PHE A 237 -49.32 9.68 30.34
C PHE A 237 -47.88 10.10 30.26
N ASP A 238 -47.52 10.61 29.07
CA ASP A 238 -46.21 11.15 28.80
C ASP A 238 -46.16 12.52 29.46
N ALA A 239 -45.06 12.83 30.15
CA ALA A 239 -44.96 14.09 30.85
C ALA A 239 -44.71 15.31 29.95
N MET A 240 -44.70 16.50 30.57
CA MET A 240 -44.42 17.76 29.93
C MET A 240 -43.12 17.57 29.18
N GLY A 241 -43.02 18.04 27.95
CA GLY A 241 -41.79 17.89 27.17
C GLY A 241 -42.10 17.07 25.93
N ILE A 242 -43.22 16.32 25.93
CA ILE A 242 -43.66 15.53 24.77
C ILE A 242 -45.02 16.11 24.41
N HIS A 243 -45.20 16.68 23.21
CA HIS A 243 -46.45 17.30 22.80
C HIS A 243 -47.66 16.42 23.15
N THR A 244 -48.74 17.03 23.61
CA THR A 244 -49.96 16.29 23.97
C THR A 244 -50.44 15.38 22.84
N GLY A 245 -50.12 15.75 21.59
CA GLY A 245 -50.49 15.04 20.35
C GLY A 245 -49.68 13.76 20.10
N ASP A 246 -48.45 13.79 20.61
CA ASP A 246 -47.54 12.68 20.51
C ASP A 246 -47.49 11.93 21.87
N SER A 247 -48.37 12.25 22.81
CA SER A 247 -48.39 11.61 24.10
C SER A 247 -49.55 10.66 24.24
N ILE A 248 -49.44 9.73 25.18
CA ILE A 248 -50.49 8.80 25.50
C ILE A 248 -51.26 9.63 26.49
N THR A 249 -52.56 9.75 26.35
CA THR A 249 -53.23 10.57 27.32
C THR A 249 -54.50 9.88 27.80
N VAL A 250 -54.99 10.23 29.00
CA VAL A 250 -56.20 9.56 29.43
C VAL A 250 -57.27 10.52 29.94
N ALA A 251 -58.49 10.03 29.97
CA ALA A 251 -59.55 10.85 30.51
C ALA A 251 -60.31 9.98 31.49
N PRO A 252 -60.71 10.50 32.66
CA PRO A 252 -60.47 11.89 33.08
C PRO A 252 -59.11 11.96 33.76
N ALA A 253 -58.80 13.08 34.39
CA ALA A 253 -57.55 13.22 35.10
C ALA A 253 -57.53 12.13 36.17
N GLN A 254 -56.35 11.62 36.57
CA GLN A 254 -56.30 10.53 37.52
C GLN A 254 -55.70 10.78 38.86
N THR A 255 -54.65 11.57 38.86
CA THR A 255 -53.91 11.82 40.07
C THR A 255 -54.02 13.20 40.74
N LEU A 256 -55.15 13.90 40.55
CA LEU A 256 -55.29 15.18 41.18
C LEU A 256 -56.28 15.08 42.33
N THR A 257 -56.05 15.79 43.41
CA THR A 257 -57.04 15.74 44.46
C THR A 257 -58.19 16.65 43.99
N ASP A 258 -59.39 16.48 44.55
CA ASP A 258 -60.48 17.33 44.16
C ASP A 258 -60.07 18.75 44.40
N LYS A 259 -59.28 18.91 45.45
CA LYS A 259 -58.81 20.22 45.73
C LYS A 259 -58.00 20.76 44.55
N GLU A 260 -57.06 19.98 44.06
CA GLU A 260 -56.29 20.49 42.95
C GLU A 260 -57.13 20.61 41.69
N TYR A 261 -58.04 19.70 41.57
CA TYR A 261 -58.88 19.71 40.42
C TYR A 261 -59.67 21.01 40.29
N GLN A 262 -60.22 21.49 41.42
CA GLN A 262 -61.01 22.72 41.45
C GLN A 262 -60.21 23.93 41.05
N ILE A 263 -59.02 23.99 41.56
CA ILE A 263 -58.18 25.12 41.22
C ILE A 263 -57.94 25.11 39.72
N MET A 264 -57.77 23.93 39.19
CA MET A 264 -57.49 23.85 37.80
C MET A 264 -58.70 24.18 36.99
N ARG A 265 -59.86 23.67 37.45
CA ARG A 265 -61.15 23.90 36.79
C ARG A 265 -61.50 25.40 36.85
N ASN A 266 -61.11 25.97 37.96
CA ASN A 266 -61.33 27.36 38.18
C ASN A 266 -60.46 28.18 37.22
N ALA A 267 -59.16 27.92 37.14
CA ALA A 267 -58.23 28.61 36.26
C ALA A 267 -58.65 28.51 34.81
N SER A 268 -59.06 27.31 34.48
CA SER A 268 -59.51 27.02 33.14
C SER A 268 -60.55 28.01 32.69
N MET A 269 -61.53 28.22 33.57
CA MET A 269 -62.62 29.11 33.31
C MET A 269 -62.16 30.52 33.24
N ALA A 270 -61.29 30.88 34.17
CA ALA A 270 -60.78 32.22 34.22
C ALA A 270 -59.99 32.52 32.96
N VAL A 271 -59.35 31.52 32.40
CA VAL A 271 -58.56 31.72 31.20
C VAL A 271 -59.46 32.09 30.02
N LEU A 272 -60.55 31.37 29.83
CA LEU A 272 -61.44 31.70 28.72
C LEU A 272 -62.09 33.06 28.91
N ARG A 273 -62.31 33.40 30.17
CA ARG A 273 -62.93 34.64 30.54
C ARG A 273 -62.07 35.79 30.12
N GLU A 274 -60.79 35.68 30.47
CA GLU A 274 -59.80 36.68 30.16
C GLU A 274 -59.48 36.73 28.69
N ILE A 275 -59.37 35.58 28.07
CA ILE A 275 -59.09 35.58 26.65
C ILE A 275 -60.23 36.26 25.85
N GLY A 276 -61.48 36.04 26.24
CA GLY A 276 -62.60 36.65 25.55
C GLY A 276 -63.54 35.64 24.86
N VAL A 277 -63.30 34.37 25.04
CA VAL A 277 -64.14 33.34 24.43
C VAL A 277 -65.45 33.33 25.22
N GLU A 278 -66.50 33.82 24.55
CA GLU A 278 -67.84 33.90 25.13
C GLU A 278 -68.83 32.97 24.47
N THR A 279 -68.50 32.44 23.29
CA THR A 279 -69.46 31.61 22.60
C THR A 279 -68.95 30.41 21.91
N GLY A 280 -68.28 29.62 22.69
CA GLY A 280 -67.78 28.38 22.16
C GLY A 280 -66.86 27.72 23.16
N GLY A 281 -66.22 26.67 22.73
CA GLY A 281 -65.31 26.00 23.57
C GLY A 281 -63.84 26.42 23.38
N SER A 282 -63.02 25.92 24.28
CA SER A 282 -61.60 26.13 24.29
C SER A 282 -60.95 25.00 25.02
N ASN A 283 -59.67 24.87 24.72
CA ASN A 283 -58.80 23.85 25.28
C ASN A 283 -57.73 24.59 26.04
N VAL A 284 -57.63 24.34 27.34
CA VAL A 284 -56.66 24.98 28.20
C VAL A 284 -55.60 23.98 28.68
N GLN A 285 -54.32 24.29 28.52
CA GLN A 285 -53.30 23.36 28.99
C GLN A 285 -52.58 23.85 30.23
N PHE A 286 -52.14 22.89 31.05
CA PHE A 286 -51.40 23.18 32.30
C PHE A 286 -50.30 22.19 32.59
N ALA A 287 -49.42 22.59 33.48
CA ALA A 287 -48.32 21.74 33.91
C ALA A 287 -48.40 21.68 35.43
N VAL A 288 -48.29 20.51 36.03
CA VAL A 288 -48.38 20.43 37.47
C VAL A 288 -47.13 19.82 38.07
N ASN A 289 -46.56 20.43 39.11
CA ASN A 289 -45.39 19.86 39.72
C ASN A 289 -45.96 18.87 40.75
N PRO A 290 -45.73 17.60 40.47
CA PRO A 290 -46.20 16.45 41.24
C PRO A 290 -45.78 16.41 42.71
N LYS A 291 -44.77 17.22 42.97
CA LYS A 291 -44.20 17.33 44.27
C LYS A 291 -44.88 18.34 45.17
N ASN A 292 -45.63 19.27 44.59
CA ASN A 292 -46.25 20.28 45.42
C ASN A 292 -47.54 20.81 44.82
N GLY A 293 -48.00 20.20 43.75
CA GLY A 293 -49.24 20.61 43.10
C GLY A 293 -49.19 21.99 42.46
N ARG A 294 -47.98 22.54 42.37
CA ARG A 294 -47.77 23.83 41.78
C ARG A 294 -48.31 23.84 40.38
N LEU A 295 -49.29 24.71 40.15
CA LEU A 295 -49.95 24.88 38.87
C LEU A 295 -49.43 25.97 37.94
N ILE A 296 -49.17 25.60 36.70
CA ILE A 296 -48.71 26.55 35.72
C ILE A 296 -49.53 26.42 34.43
N VAL A 297 -49.95 27.57 33.86
CA VAL A 297 -50.73 27.59 32.62
C VAL A 297 -49.75 27.57 31.47
N ILE A 298 -50.03 26.72 30.49
CA ILE A 298 -49.14 26.60 29.36
C ILE A 298 -49.66 27.36 28.15
N GLU A 299 -50.91 27.11 27.80
CA GLU A 299 -51.49 27.74 26.63
C GLU A 299 -52.95 27.46 26.61
N MET A 300 -53.56 28.09 25.59
CA MET A 300 -54.98 28.01 25.28
C MET A 300 -55.23 28.08 23.78
N ASN A 301 -56.08 27.18 23.29
CA ASN A 301 -56.44 27.10 21.89
C ASN A 301 -57.94 27.46 21.73
N PRO A 302 -58.18 28.68 21.25
CA PRO A 302 -59.50 29.27 21.08
C PRO A 302 -60.30 28.62 19.96
N ARG A 303 -60.54 27.33 20.04
CA ARG A 303 -61.26 26.67 18.98
C ARG A 303 -61.43 25.19 19.28
N VAL A 304 -61.97 24.46 18.30
CA VAL A 304 -62.05 23.04 18.46
C VAL A 304 -60.66 22.52 18.14
N SER A 305 -60.29 21.30 18.56
CA SER A 305 -58.94 20.76 18.33
C SER A 305 -58.91 19.26 18.32
N ARG A 306 -57.71 18.68 18.37
CA ARG A 306 -57.64 17.20 18.42
C ARG A 306 -58.09 16.67 19.84
N SER A 307 -57.94 17.48 20.89
CA SER A 307 -58.37 17.09 22.21
C SER A 307 -59.88 17.19 22.38
N SER A 308 -60.49 18.20 21.73
CA SER A 308 -61.93 18.37 21.83
C SER A 308 -62.67 17.22 21.18
N ALA A 309 -62.11 16.72 20.09
CA ALA A 309 -62.67 15.60 19.41
C ALA A 309 -62.57 14.39 20.28
N LEU A 310 -61.36 14.28 20.82
CA LEU A 310 -61.08 13.18 21.70
C LEU A 310 -62.03 13.30 22.87
N ALA A 311 -62.15 14.54 23.42
CA ALA A 311 -63.07 14.83 24.52
C ALA A 311 -64.52 14.46 24.16
N SER A 312 -64.92 14.76 22.93
CA SER A 312 -66.28 14.46 22.50
C SER A 312 -66.52 12.95 22.46
N LYS A 313 -65.54 12.22 21.92
CA LYS A 313 -65.69 10.79 21.81
C LYS A 313 -65.67 10.16 23.18
N ALA A 314 -64.86 10.76 24.02
CA ALA A 314 -64.68 10.23 25.35
C ALA A 314 -65.91 10.34 26.22
N THR A 315 -66.55 11.48 26.12
CA THR A 315 -67.69 11.76 26.94
C THR A 315 -69.01 11.59 26.25
N GLY A 316 -69.07 11.65 24.93
CA GLY A 316 -70.38 11.54 24.26
C GLY A 316 -71.04 12.93 24.17
N PHE A 317 -70.31 13.96 24.59
CA PHE A 317 -70.74 15.33 24.55
C PHE A 317 -70.15 15.94 23.29
N PRO A 318 -71.02 16.18 22.32
CA PRO A 318 -70.68 16.73 21.01
C PRO A 318 -70.28 18.21 21.05
N ILE A 319 -69.06 18.45 21.48
CA ILE A 319 -68.54 19.80 21.62
C ILE A 319 -68.76 20.74 20.43
N ALA A 320 -68.40 20.32 19.22
CA ALA A 320 -68.53 21.18 18.05
C ALA A 320 -69.94 21.51 17.65
N LYS A 321 -70.91 20.59 17.88
CA LYS A 321 -72.33 20.81 17.56
C LYS A 321 -72.85 21.86 18.50
N VAL A 322 -72.55 21.64 19.77
CA VAL A 322 -72.96 22.56 20.78
C VAL A 322 -72.33 23.93 20.47
N ALA A 323 -71.01 23.96 20.30
CA ALA A 323 -70.26 25.19 20.00
C ALA A 323 -70.78 25.96 18.79
N ALA A 324 -71.18 25.23 17.74
CA ALA A 324 -71.70 25.85 16.55
C ALA A 324 -73.03 26.55 16.90
N LYS A 325 -73.82 25.95 17.77
CA LYS A 325 -75.05 26.59 18.16
C LYS A 325 -74.83 27.79 19.04
N LEU A 326 -73.82 27.72 19.89
CA LEU A 326 -73.57 28.88 20.75
C LEU A 326 -73.13 30.08 19.93
N ALA A 327 -72.51 29.79 18.79
CA ALA A 327 -72.04 30.83 17.92
C ALA A 327 -73.20 31.67 17.44
N VAL A 328 -74.35 30.99 17.25
CA VAL A 328 -75.53 31.66 16.81
C VAL A 328 -76.50 32.09 17.90
N GLY A 329 -75.93 32.44 19.05
CA GLY A 329 -76.69 32.93 20.16
C GLY A 329 -77.36 31.95 21.07
N TYR A 330 -77.33 30.68 20.78
CA TYR A 330 -77.99 29.89 21.77
C TYR A 330 -77.13 29.78 23.04
N THR A 331 -77.77 29.45 24.19
CA THR A 331 -77.14 29.27 25.49
C THR A 331 -77.21 27.78 25.86
N LEU A 332 -76.25 27.35 26.65
CA LEU A 332 -76.18 25.96 27.08
C LEU A 332 -77.48 25.38 27.65
N ASP A 333 -78.13 26.17 28.50
CA ASP A 333 -79.38 25.78 29.12
C ASP A 333 -80.44 25.42 28.10
N GLU A 334 -80.34 26.09 26.95
CA GLU A 334 -81.32 25.92 25.89
C GLU A 334 -81.17 24.70 25.02
N LEU A 335 -79.97 24.15 25.04
CA LEU A 335 -79.68 22.99 24.23
C LEU A 335 -79.89 21.74 25.07
N MET A 336 -80.33 20.68 24.40
CA MET A 336 -80.60 19.41 25.06
C MET A 336 -79.39 18.52 24.90
N ASN A 337 -79.12 17.67 25.89
CA ASN A 337 -78.01 16.73 25.78
C ASN A 337 -78.45 15.60 24.85
N ASP A 338 -77.66 15.42 23.84
CA ASP A 338 -77.91 14.44 22.81
C ASP A 338 -78.12 13.00 23.21
N ILE A 339 -77.13 12.41 23.88
CA ILE A 339 -77.26 11.00 24.22
C ILE A 339 -78.14 10.62 25.39
N THR A 340 -78.68 11.62 26.08
CA THR A 340 -79.58 11.34 27.19
C THR A 340 -81.01 11.49 26.67
N GLY A 341 -81.15 11.41 25.34
CA GLY A 341 -82.43 11.52 24.68
C GLY A 341 -83.01 12.92 24.81
N GLY A 342 -82.12 13.91 24.82
CA GLY A 342 -82.55 15.29 24.96
C GLY A 342 -83.29 15.56 26.27
N ARG A 343 -83.37 14.52 27.13
CA ARG A 343 -84.02 14.58 28.44
C ARG A 343 -83.34 15.58 29.40
N THR A 344 -82.04 15.87 29.15
CA THR A 344 -81.23 16.80 29.94
C THR A 344 -80.63 17.88 29.07
N PRO A 345 -80.32 19.01 29.69
CA PRO A 345 -79.73 20.14 29.00
C PRO A 345 -78.28 19.88 28.63
N ALA A 346 -77.70 20.83 27.90
CA ALA A 346 -76.30 20.67 27.53
C ALA A 346 -75.45 21.43 28.52
N SER A 347 -76.15 22.10 29.43
CA SER A 347 -75.55 22.87 30.51
C SER A 347 -75.32 21.96 31.72
N PHE A 348 -74.21 21.25 31.66
CA PHE A 348 -73.79 20.34 32.73
C PHE A 348 -72.36 19.88 32.50
N GLU A 349 -71.78 19.22 33.49
CA GLU A 349 -70.43 18.70 33.38
C GLU A 349 -70.57 17.17 33.34
N PRO A 350 -70.05 16.56 32.31
CA PRO A 350 -70.16 15.12 32.20
C PRO A 350 -69.35 14.37 33.25
N SER A 351 -69.86 13.18 33.54
CA SER A 351 -69.25 12.23 34.44
C SER A 351 -69.17 10.90 33.69
N ILE A 352 -68.01 10.26 33.75
CA ILE A 352 -67.89 9.00 33.04
C ILE A 352 -67.55 7.84 33.99
N ASP A 353 -68.10 6.68 33.69
CA ASP A 353 -67.86 5.53 34.52
C ASP A 353 -66.93 4.54 33.87
N TYR A 354 -65.84 5.05 33.31
CA TYR A 354 -64.87 4.22 32.63
C TYR A 354 -63.64 5.07 32.41
N VAL A 355 -62.62 4.53 31.72
CA VAL A 355 -61.37 5.22 31.45
C VAL A 355 -61.03 5.24 29.95
N VAL A 356 -60.78 6.44 29.41
CA VAL A 356 -60.47 6.56 27.99
C VAL A 356 -59.01 6.75 27.81
N THR A 357 -58.48 5.95 26.86
CA THR A 357 -57.06 5.99 26.55
C THR A 357 -56.85 6.33 25.07
N LYS A 358 -55.95 7.25 24.84
CA LYS A 358 -55.63 7.60 23.48
C LYS A 358 -54.15 7.37 23.30
N ILE A 359 -53.81 6.76 22.15
CA ILE A 359 -52.41 6.48 21.84
C ILE A 359 -52.05 7.02 20.45
N PRO A 360 -51.01 7.84 20.36
CA PRO A 360 -50.62 8.36 19.05
C PRO A 360 -50.14 7.28 18.12
N ARG A 361 -50.25 7.53 16.83
CA ARG A 361 -49.81 6.61 15.80
C ARG A 361 -48.69 7.28 15.03
N PHE A 362 -47.54 6.63 14.94
CA PHE A 362 -46.35 7.17 14.26
C PHE A 362 -46.07 6.45 12.96
N ASN A 363 -45.14 7.00 12.14
CA ASN A 363 -44.81 6.36 10.86
C ASN A 363 -43.34 6.53 10.55
N PHE A 364 -42.56 6.61 11.61
CA PHE A 364 -41.13 6.81 11.53
C PHE A 364 -40.41 5.91 10.58
N GLU A 365 -40.96 4.75 10.37
CA GLU A 365 -40.33 3.80 9.46
C GLU A 365 -40.32 4.30 8.01
N LYS A 366 -41.14 5.33 7.71
CA LYS A 366 -41.24 5.91 6.37
C LYS A 366 -40.28 7.08 6.16
N PHE A 367 -39.63 7.50 7.24
CA PHE A 367 -38.68 8.62 7.33
C PHE A 367 -37.50 8.26 8.19
N ALA A 368 -36.73 7.30 7.70
CA ALA A 368 -35.59 6.77 8.41
C ALA A 368 -34.56 7.80 8.84
N GLY A 369 -34.27 8.74 7.93
CA GLY A 369 -33.30 9.77 8.27
C GLY A 369 -33.73 10.74 9.38
N ALA A 370 -35.02 10.69 9.65
CA ALA A 370 -35.58 11.55 10.67
C ALA A 370 -35.22 11.21 12.09
N ASN A 371 -35.26 12.26 12.90
CA ASN A 371 -35.02 12.12 14.30
C ASN A 371 -36.32 11.55 14.79
N ASP A 372 -36.26 10.34 15.37
CA ASP A 372 -37.43 9.64 15.85
C ASP A 372 -37.70 9.74 17.34
N ARG A 373 -37.10 10.74 17.99
CA ARG A 373 -37.31 10.98 19.40
C ARG A 373 -38.53 11.95 19.55
N LEU A 374 -39.39 11.71 20.54
CA LEU A 374 -40.57 12.52 20.79
C LEU A 374 -40.20 13.81 21.47
N THR A 375 -40.80 14.89 21.01
CA THR A 375 -40.52 16.21 21.52
C THR A 375 -41.76 17.11 21.55
N THR A 376 -41.54 18.42 21.58
CA THR A 376 -42.63 19.36 21.62
C THR A 376 -43.27 19.58 20.27
N GLN A 377 -42.58 19.19 19.21
CA GLN A 377 -43.16 19.33 17.90
C GLN A 377 -43.80 17.99 17.52
N MET A 378 -45.10 17.98 17.24
CA MET A 378 -45.76 16.71 16.89
C MET A 378 -45.11 15.99 15.73
N LYS A 379 -45.10 14.65 15.82
CA LYS A 379 -44.54 13.78 14.79
C LYS A 379 -45.49 12.68 14.41
N SER A 380 -46.57 12.51 15.21
CA SER A 380 -47.53 11.46 14.95
C SER A 380 -48.41 11.80 13.76
N VAL A 381 -48.80 10.75 13.01
CA VAL A 381 -49.65 10.87 11.86
C VAL A 381 -51.10 10.50 12.12
N GLY A 382 -51.38 10.03 13.33
CA GLY A 382 -52.72 9.60 13.71
C GLY A 382 -52.86 9.24 15.18
N GLU A 383 -53.98 8.59 15.52
CA GLU A 383 -54.26 8.18 16.88
C GLU A 383 -55.41 7.22 17.00
N VAL A 384 -55.37 6.45 18.10
CA VAL A 384 -56.41 5.48 18.37
C VAL A 384 -56.89 5.78 19.77
N MET A 385 -58.12 5.37 20.03
CA MET A 385 -58.66 5.56 21.33
C MET A 385 -59.33 4.25 21.73
N ALA A 386 -59.36 4.00 23.02
CA ALA A 386 -60.01 2.85 23.58
C ALA A 386 -60.71 3.32 24.87
N ILE A 387 -61.77 2.57 25.21
CA ILE A 387 -62.61 2.71 26.42
C ILE A 387 -62.55 1.39 27.19
N GLY A 388 -62.30 1.48 28.48
CA GLY A 388 -62.25 0.31 29.30
C GLY A 388 -62.82 0.67 30.66
N ARG A 389 -63.30 -0.31 31.42
CA ARG A 389 -63.83 0.00 32.73
C ARG A 389 -62.64 0.33 33.68
N THR A 390 -61.44 -0.09 33.29
CA THR A 390 -60.26 0.18 34.08
C THR A 390 -59.19 0.71 33.18
N GLN A 391 -58.27 1.38 33.78
CA GLN A 391 -57.17 1.90 33.02
C GLN A 391 -56.38 0.77 32.34
N GLN A 392 -56.29 -0.39 33.02
CA GLN A 392 -55.53 -1.49 32.41
C GLN A 392 -56.20 -2.00 31.19
N GLU A 393 -57.48 -2.21 31.37
CA GLU A 393 -58.28 -2.70 30.28
C GLU A 393 -58.27 -1.66 29.14
N SER A 394 -58.48 -0.39 29.50
CA SER A 394 -58.51 0.72 28.56
C SER A 394 -57.20 0.75 27.77
N LEU A 395 -56.10 0.73 28.49
CA LEU A 395 -54.78 0.74 27.89
C LEU A 395 -54.51 -0.40 26.93
N GLN A 396 -54.76 -1.60 27.36
CA GLN A 396 -54.48 -2.74 26.52
C GLN A 396 -55.32 -2.79 25.29
N LYS A 397 -56.55 -2.34 25.42
CA LYS A 397 -57.44 -2.34 24.27
C LYS A 397 -56.91 -1.38 23.20
N ALA A 398 -56.30 -0.28 23.65
CA ALA A 398 -55.75 0.66 22.69
C ALA A 398 -54.53 0.09 22.02
N LEU A 399 -53.70 -0.60 22.79
CA LEU A 399 -52.49 -1.17 22.23
C LEU A 399 -52.83 -2.11 21.09
N ARG A 400 -53.83 -2.96 21.33
CA ARG A 400 -54.21 -3.92 20.31
C ARG A 400 -55.00 -3.33 19.19
N GLY A 401 -55.44 -2.08 19.33
CA GLY A 401 -56.19 -1.45 18.27
C GLY A 401 -55.34 -0.45 17.44
N LEU A 402 -54.08 -0.26 17.79
CA LEU A 402 -53.12 0.64 17.19
C LEU A 402 -52.64 0.31 15.78
N GLU A 403 -52.96 -0.86 15.29
CA GLU A 403 -52.56 -1.19 13.94
C GLU A 403 -51.07 -1.24 13.72
N VAL A 404 -50.34 -1.60 14.78
CA VAL A 404 -48.88 -1.72 14.67
C VAL A 404 -48.42 -3.15 14.81
N GLY A 405 -49.38 -4.05 14.91
CA GLY A 405 -49.03 -5.44 15.07
C GLY A 405 -48.84 -5.88 16.53
N ALA A 406 -49.17 -4.97 17.47
CA ALA A 406 -49.07 -5.29 18.89
C ALA A 406 -50.35 -6.04 19.25
N THR A 407 -50.29 -6.82 20.31
CA THR A 407 -51.42 -7.59 20.82
C THR A 407 -51.56 -7.14 22.26
N GLY A 408 -50.76 -6.15 22.56
CA GLY A 408 -50.63 -5.56 23.86
C GLY A 408 -49.15 -5.23 24.05
N PHE A 409 -48.62 -5.62 25.20
CA PHE A 409 -47.24 -5.34 25.54
C PHE A 409 -46.21 -6.32 24.99
N ASP A 410 -46.27 -6.55 23.68
CA ASP A 410 -45.30 -7.41 23.02
C ASP A 410 -43.88 -6.92 23.28
N PRO A 411 -42.99 -7.85 23.57
CA PRO A 411 -41.59 -7.57 23.86
C PRO A 411 -40.80 -6.95 22.73
N LYS A 412 -39.94 -6.06 23.12
CA LYS A 412 -39.13 -5.36 22.17
C LYS A 412 -37.74 -5.93 22.13
N VAL A 413 -37.22 -6.31 23.29
CA VAL A 413 -35.91 -6.93 23.43
C VAL A 413 -36.01 -8.34 23.98
N SER A 414 -34.90 -9.07 23.83
CA SER A 414 -34.76 -10.44 24.28
C SER A 414 -34.28 -10.44 25.69
N LEU A 415 -34.81 -11.34 26.53
CA LEU A 415 -34.41 -11.42 27.93
C LEU A 415 -32.95 -11.77 28.10
N ASP A 416 -32.52 -12.66 27.23
CA ASP A 416 -31.17 -13.12 27.26
C ASP A 416 -30.19 -12.18 26.64
N ASP A 417 -30.67 -11.03 26.17
CA ASP A 417 -29.76 -10.05 25.57
C ASP A 417 -29.12 -9.24 26.69
N PRO A 418 -27.81 -9.33 26.72
CA PRO A 418 -26.91 -8.71 27.68
C PRO A 418 -26.90 -7.20 27.56
N GLU A 419 -27.28 -6.72 26.39
CA GLU A 419 -27.31 -5.29 26.23
C GLU A 419 -28.68 -4.69 26.42
N ALA A 420 -29.66 -5.58 26.53
CA ALA A 420 -31.02 -5.18 26.72
C ALA A 420 -31.28 -4.03 27.69
N LEU A 421 -30.81 -4.14 28.91
CA LEU A 421 -31.03 -3.09 29.89
C LEU A 421 -30.49 -1.79 29.41
N THR A 422 -29.43 -1.92 28.63
CA THR A 422 -28.84 -0.73 28.12
C THR A 422 -29.72 -0.02 27.08
N LYS A 423 -30.32 -0.78 26.19
CA LYS A 423 -31.21 -0.23 25.19
C LYS A 423 -32.52 0.19 25.80
N ILE A 424 -32.98 -0.57 26.79
CA ILE A 424 -34.21 -0.21 27.46
C ILE A 424 -34.03 1.13 28.08
N ARG A 425 -32.91 1.22 28.77
CA ARG A 425 -32.59 2.45 29.47
C ARG A 425 -32.66 3.65 28.55
N ARG A 426 -32.07 3.49 27.42
CA ARG A 426 -32.02 4.52 26.45
C ARG A 426 -33.40 4.95 25.97
N GLU A 427 -34.18 3.95 25.59
CA GLU A 427 -35.52 4.20 25.09
C GLU A 427 -36.44 4.83 26.13
N LEU A 428 -36.06 4.72 27.37
CA LEU A 428 -36.91 5.24 28.40
C LEU A 428 -36.54 6.66 28.74
N LYS A 429 -35.28 6.88 28.79
CA LYS A 429 -34.78 8.18 29.10
C LYS A 429 -35.15 9.13 27.99
N ASP A 430 -35.01 8.69 26.73
CA ASP A 430 -35.33 9.50 25.56
C ASP A 430 -36.37 8.82 24.70
N ALA A 431 -37.61 9.12 25.08
CA ALA A 431 -38.77 8.55 24.46
C ALA A 431 -38.83 8.66 22.98
N GLY A 432 -39.21 7.54 22.39
CA GLY A 432 -39.42 7.39 20.94
C GLY A 432 -40.84 6.85 20.84
N ALA A 433 -41.28 6.50 19.66
CA ALA A 433 -42.59 5.96 19.48
C ALA A 433 -42.79 4.63 20.18
N ASP A 434 -41.69 3.94 20.50
CA ASP A 434 -41.77 2.64 21.12
C ASP A 434 -41.75 2.58 22.61
N ARG A 435 -41.60 3.72 23.28
CA ARG A 435 -41.54 3.81 24.71
C ARG A 435 -42.39 2.85 25.52
N ILE A 436 -43.63 2.79 25.15
CA ILE A 436 -44.59 1.94 25.82
C ILE A 436 -44.12 0.51 25.98
N TRP A 437 -43.69 -0.09 24.89
CA TRP A 437 -43.25 -1.46 24.95
C TRP A 437 -42.01 -1.61 25.79
N TYR A 438 -41.11 -0.66 25.72
CA TYR A 438 -39.88 -0.72 26.47
C TYR A 438 -40.11 -0.63 27.91
N ILE A 439 -41.18 0.08 28.25
CA ILE A 439 -41.51 0.23 29.64
C ILE A 439 -41.79 -1.16 30.18
N ALA A 440 -42.56 -1.95 29.43
CA ALA A 440 -42.87 -3.30 29.85
C ALA A 440 -41.61 -4.20 29.88
N ASP A 441 -40.73 -3.98 28.93
CA ASP A 441 -39.51 -4.74 28.88
C ASP A 441 -38.61 -4.40 30.07
N ALA A 442 -38.72 -3.17 30.55
CA ALA A 442 -37.92 -2.77 31.68
C ALA A 442 -38.28 -3.64 32.89
N PHE A 443 -39.57 -3.82 33.10
CA PHE A 443 -40.03 -4.62 34.21
C PHE A 443 -39.60 -6.07 34.01
N ARG A 444 -39.72 -6.61 32.82
CA ARG A 444 -39.29 -7.97 32.61
C ARG A 444 -37.78 -8.10 32.80
N ALA A 445 -37.11 -6.98 32.68
CA ALA A 445 -35.69 -7.03 32.84
C ALA A 445 -35.20 -6.75 34.28
N GLY A 446 -36.09 -6.48 35.22
CA GLY A 446 -35.67 -6.26 36.61
C GLY A 446 -35.52 -4.83 37.09
N LEU A 447 -36.02 -3.89 36.30
CA LEU A 447 -35.94 -2.51 36.72
C LEU A 447 -37.18 -2.23 37.54
N SER A 448 -37.04 -1.44 38.60
CA SER A 448 -38.20 -1.13 39.44
C SER A 448 -39.06 0.01 38.86
N VAL A 449 -40.19 0.21 39.48
CA VAL A 449 -41.11 1.24 39.10
C VAL A 449 -40.40 2.55 39.34
N ASP A 450 -39.74 2.62 40.48
CA ASP A 450 -39.00 3.83 40.80
C ASP A 450 -37.89 4.04 39.76
N GLY A 451 -37.27 2.96 39.33
CA GLY A 451 -36.21 3.05 38.38
C GLY A 451 -36.74 3.66 37.10
N VAL A 452 -37.83 3.09 36.64
CA VAL A 452 -38.51 3.53 35.42
C VAL A 452 -38.98 5.00 35.53
N PHE A 453 -39.65 5.36 36.65
CA PHE A 453 -40.11 6.72 36.91
C PHE A 453 -39.01 7.73 36.69
N ASN A 454 -37.90 7.45 37.33
CA ASN A 454 -36.77 8.33 37.26
C ASN A 454 -36.34 8.62 35.84
N LEU A 455 -36.37 7.62 34.98
CA LEU A 455 -35.97 7.85 33.60
C LEU A 455 -37.10 8.47 32.79
N THR A 456 -38.34 8.12 33.09
CA THR A 456 -39.42 8.62 32.29
C THR A 456 -40.26 9.73 32.81
N ASN A 457 -40.35 9.91 34.11
CA ASN A 457 -41.22 10.93 34.62
C ASN A 457 -42.68 10.62 34.42
N ILE A 458 -42.98 9.36 34.04
CA ILE A 458 -44.37 8.94 33.91
C ILE A 458 -44.87 8.61 35.31
N ASP A 459 -46.01 9.17 35.72
CA ASP A 459 -46.54 8.93 37.04
C ASP A 459 -46.57 7.45 37.45
N ARG A 460 -46.08 7.14 38.69
CA ARG A 460 -46.07 5.73 39.15
C ARG A 460 -47.40 5.04 39.09
N TRP A 461 -48.41 5.87 39.29
CA TRP A 461 -49.77 5.40 39.23
C TRP A 461 -50.01 4.59 37.95
N PHE A 462 -49.40 5.07 36.87
CA PHE A 462 -49.56 4.34 35.63
C PHE A 462 -48.53 3.20 35.60
N LEU A 463 -47.34 3.49 36.09
CA LEU A 463 -46.25 2.53 36.04
C LEU A 463 -46.55 1.19 36.72
N VAL A 464 -47.09 1.31 37.93
CA VAL A 464 -47.45 0.15 38.73
C VAL A 464 -48.34 -0.80 37.98
N GLN A 465 -49.29 -0.19 37.25
CA GLN A 465 -50.26 -0.94 36.50
C GLN A 465 -49.67 -1.72 35.40
N ILE A 466 -48.67 -1.17 34.76
CA ILE A 466 -48.04 -1.90 33.70
C ILE A 466 -47.18 -3.03 34.33
N GLU A 467 -46.50 -2.77 35.46
CA GLU A 467 -45.70 -3.81 36.11
C GLU A 467 -46.56 -5.01 36.44
N GLU A 468 -47.79 -4.72 36.91
CA GLU A 468 -48.74 -5.75 37.23
C GLU A 468 -49.17 -6.56 36.02
N LEU A 469 -49.22 -5.94 34.84
CA LEU A 469 -49.58 -6.69 33.65
C LEU A 469 -48.42 -7.63 33.29
N VAL A 470 -47.19 -7.20 33.55
CA VAL A 470 -46.01 -7.99 33.29
C VAL A 470 -45.98 -9.22 34.15
N ARG A 471 -46.07 -8.98 35.46
CA ARG A 471 -46.11 -10.07 36.43
C ARG A 471 -47.15 -11.09 36.02
N LEU A 472 -48.33 -10.58 35.66
CA LEU A 472 -49.44 -11.43 35.19
C LEU A 472 -49.10 -12.29 33.96
N GLU A 473 -48.33 -11.73 33.05
CA GLU A 473 -47.93 -12.38 31.85
C GLU A 473 -46.95 -13.51 32.14
N GLU A 474 -46.00 -13.19 33.02
CA GLU A 474 -45.01 -14.15 33.41
C GLU A 474 -45.70 -15.42 33.94
N LYS A 475 -46.81 -15.23 34.69
CA LYS A 475 -47.59 -16.34 35.23
C LYS A 475 -48.24 -17.12 34.11
N VAL A 476 -48.77 -16.40 33.13
CA VAL A 476 -49.38 -17.07 32.01
C VAL A 476 -48.36 -17.90 31.29
N ALA A 477 -47.17 -17.37 31.24
CA ALA A 477 -46.08 -18.05 30.56
C ALA A 477 -45.61 -19.28 31.35
N GLU A 478 -45.70 -19.19 32.67
CA GLU A 478 -45.27 -20.29 33.49
C GLU A 478 -46.31 -21.37 33.61
N VAL A 479 -47.58 -20.98 33.85
CA VAL A 479 -48.65 -21.95 33.96
C VAL A 479 -49.07 -22.56 32.63
N GLY A 480 -48.91 -21.79 31.56
CA GLY A 480 -49.28 -22.27 30.24
C GLY A 480 -50.81 -22.40 30.17
N ILE A 481 -51.24 -22.97 29.06
CA ILE A 481 -52.64 -23.18 28.78
C ILE A 481 -53.43 -24.00 29.79
N THR A 482 -52.75 -24.97 30.41
CA THR A 482 -53.34 -25.83 31.40
C THR A 482 -53.75 -24.95 32.56
N GLY A 483 -52.89 -23.98 32.83
CA GLY A 483 -53.11 -23.04 33.92
C GLY A 483 -54.20 -22.02 33.68
N LEU A 484 -54.73 -21.98 32.48
CA LEU A 484 -55.75 -21.00 32.15
C LEU A 484 -57.16 -21.36 32.47
N ASN A 485 -57.42 -21.48 33.77
CA ASN A 485 -58.74 -21.82 34.24
C ASN A 485 -59.64 -20.61 34.09
N ALA A 486 -60.91 -20.88 34.16
CA ALA A 486 -61.92 -19.86 34.02
C ALA A 486 -61.66 -18.66 34.90
N ASP A 487 -61.43 -18.87 36.19
CA ASP A 487 -61.22 -17.77 37.11
C ASP A 487 -60.07 -16.83 36.73
N PHE A 488 -58.99 -17.44 36.32
CA PHE A 488 -57.80 -16.75 35.97
C PHE A 488 -57.92 -16.11 34.61
N LEU A 489 -58.46 -16.87 33.66
CA LEU A 489 -58.66 -16.36 32.32
C LEU A 489 -59.53 -15.11 32.40
N ARG A 490 -60.54 -15.20 33.23
CA ARG A 490 -61.42 -14.07 33.39
C ARG A 490 -60.66 -12.89 33.95
N GLN A 491 -59.79 -13.17 34.88
CA GLN A 491 -59.04 -12.10 35.47
C GLN A 491 -58.17 -11.49 34.42
N LEU A 492 -57.66 -12.32 33.55
CA LEU A 492 -56.82 -11.79 32.52
C LEU A 492 -57.61 -10.94 31.54
N LYS A 493 -58.76 -11.42 31.11
CA LYS A 493 -59.57 -10.67 30.19
C LYS A 493 -59.97 -9.34 30.77
N ARG A 494 -60.32 -9.35 32.05
CA ARG A 494 -60.75 -8.17 32.77
C ARG A 494 -59.69 -7.09 32.79
N LYS A 495 -58.43 -7.49 32.65
CA LYS A 495 -57.33 -6.54 32.64
C LYS A 495 -56.94 -6.16 31.22
N GLY A 496 -57.82 -6.53 30.28
CA GLY A 496 -57.60 -6.24 28.86
C GLY A 496 -56.68 -7.12 28.05
N PHE A 497 -56.21 -8.26 28.58
CA PHE A 497 -55.34 -9.10 27.77
C PHE A 497 -56.09 -9.59 26.56
N ALA A 498 -55.43 -9.51 25.40
CA ALA A 498 -56.01 -9.96 24.16
C ALA A 498 -55.88 -11.48 24.04
N ASP A 499 -56.82 -12.14 23.32
CA ASP A 499 -56.70 -13.58 23.16
C ASP A 499 -55.33 -13.91 22.57
N ALA A 500 -54.93 -13.03 21.66
CA ALA A 500 -53.69 -13.13 20.93
C ALA A 500 -52.42 -12.99 21.78
N ARG A 501 -52.46 -12.10 22.77
CA ARG A 501 -51.30 -11.93 23.63
C ARG A 501 -51.15 -13.19 24.49
N LEU A 502 -52.28 -13.63 25.02
CA LEU A 502 -52.35 -14.82 25.84
C LEU A 502 -51.81 -16.00 25.07
N ALA A 503 -52.36 -16.20 23.86
CA ALA A 503 -51.99 -17.28 22.95
C ALA A 503 -50.47 -17.37 22.80
N LYS A 504 -49.80 -16.24 22.63
CA LYS A 504 -48.36 -16.31 22.50
C LYS A 504 -47.65 -16.72 23.79
N LEU A 505 -48.14 -16.22 24.92
CA LEU A 505 -47.53 -16.53 26.18
C LEU A 505 -47.66 -18.02 26.47
N ALA A 506 -48.85 -18.54 26.19
CA ALA A 506 -49.22 -19.92 26.41
C ALA A 506 -48.71 -20.84 25.32
N GLY A 507 -48.06 -20.23 24.38
CA GLY A 507 -47.53 -20.96 23.25
C GLY A 507 -48.58 -21.66 22.41
N VAL A 508 -49.83 -21.15 22.41
CA VAL A 508 -50.88 -21.75 21.61
C VAL A 508 -51.34 -20.82 20.51
N ARG A 509 -52.41 -21.25 19.84
CA ARG A 509 -52.99 -20.46 18.77
C ARG A 509 -54.03 -19.51 19.35
N GLU A 510 -54.12 -18.32 18.77
CA GLU A 510 -55.08 -17.34 19.24
C GLU A 510 -56.48 -17.91 19.28
N ALA A 511 -56.76 -18.70 18.27
CA ALA A 511 -58.05 -19.31 18.14
C ALA A 511 -58.38 -20.24 19.29
N GLU A 512 -57.30 -20.85 19.85
CA GLU A 512 -57.37 -21.76 20.98
C GLU A 512 -57.86 -21.07 22.22
N ILE A 513 -57.35 -19.87 22.45
CA ILE A 513 -57.72 -19.05 23.59
C ILE A 513 -59.17 -18.64 23.39
N ARG A 514 -59.46 -18.32 22.15
CA ARG A 514 -60.78 -17.92 21.82
C ARG A 514 -61.81 -19.00 22.11
N LYS A 515 -61.47 -20.24 21.77
CA LYS A 515 -62.31 -21.45 21.99
C LYS A 515 -62.52 -21.67 23.50
N LEU A 516 -61.40 -21.54 24.23
CA LEU A 516 -61.33 -21.71 25.69
C LEU A 516 -62.27 -20.79 26.34
N ARG A 517 -62.41 -19.62 25.71
CA ARG A 517 -63.29 -18.56 26.19
C ARG A 517 -64.72 -18.91 26.01
N ASP A 518 -64.98 -19.57 24.88
CA ASP A 518 -66.31 -20.01 24.49
C ASP A 518 -66.77 -21.10 25.44
N GLN A 519 -65.82 -21.99 25.68
CA GLN A 519 -66.01 -23.10 26.56
C GLN A 519 -66.49 -22.57 27.90
N TYR A 520 -65.76 -21.60 28.41
CA TYR A 520 -66.12 -21.07 29.70
C TYR A 520 -67.25 -20.07 29.70
N ASP A 521 -67.76 -19.77 28.52
CA ASP A 521 -68.80 -18.75 28.45
C ASP A 521 -68.25 -17.40 28.92
N LEU A 522 -66.98 -17.11 28.57
CA LEU A 522 -66.28 -15.88 28.95
C LEU A 522 -66.27 -14.91 27.77
N HIS A 523 -67.26 -14.06 27.85
CA HIS A 523 -67.52 -13.04 26.87
C HIS A 523 -67.77 -11.70 27.55
N PRO A 524 -67.28 -10.68 26.88
CA PRO A 524 -67.40 -9.33 27.33
C PRO A 524 -68.85 -8.89 27.23
N VAL A 525 -69.18 -7.81 27.92
CA VAL A 525 -70.52 -7.30 27.85
C VAL A 525 -70.36 -5.94 27.21
N TYR A 526 -71.44 -5.23 26.92
CA TYR A 526 -71.28 -3.92 26.33
C TYR A 526 -71.88 -2.85 27.19
N LYS A 527 -71.10 -1.82 27.50
CA LYS A 527 -71.58 -0.67 28.27
C LYS A 527 -71.83 0.44 27.23
N ARG A 528 -72.61 1.43 27.57
CA ARG A 528 -72.88 2.50 26.66
C ARG A 528 -72.34 3.79 27.21
N VAL A 529 -71.96 4.69 26.27
CA VAL A 529 -71.46 6.03 26.57
C VAL A 529 -72.76 6.85 26.77
N ASP A 530 -72.84 7.68 27.80
CA ASP A 530 -74.04 8.46 28.12
C ASP A 530 -73.81 9.88 28.66
N THR A 531 -72.53 10.24 28.93
CA THR A 531 -72.13 11.53 29.48
C THR A 531 -72.37 11.69 30.99
N CYS A 532 -73.16 10.78 31.57
CA CYS A 532 -73.46 10.97 32.98
C CYS A 532 -73.15 9.82 33.93
N ALA A 533 -72.36 8.85 33.53
CA ALA A 533 -72.10 7.78 34.48
C ALA A 533 -73.38 7.06 34.90
N ALA A 534 -74.24 6.79 33.92
CA ALA A 534 -75.52 6.12 34.10
C ALA A 534 -76.58 6.86 34.90
N GLU A 535 -76.33 8.10 35.31
CA GLU A 535 -77.35 8.79 36.06
C GLU A 535 -78.62 8.91 35.24
N PHE A 536 -78.49 9.02 33.94
CA PHE A 536 -79.67 9.14 33.11
C PHE A 536 -79.67 8.14 31.98
N ALA A 537 -80.87 7.72 31.64
CA ALA A 537 -81.05 6.75 30.60
C ALA A 537 -80.55 7.31 29.27
N THR A 538 -80.35 6.42 28.29
CA THR A 538 -79.86 6.85 27.01
C THR A 538 -80.57 6.14 25.89
N ASP A 539 -80.76 6.85 24.80
CA ASP A 539 -81.40 6.21 23.68
C ASP A 539 -80.39 5.97 22.57
N THR A 540 -79.15 6.39 22.81
CA THR A 540 -78.10 6.21 21.84
C THR A 540 -77.38 4.90 22.09
N ALA A 541 -76.96 4.27 21.00
CA ALA A 541 -76.23 2.99 21.00
C ALA A 541 -74.76 3.21 20.68
N TYR A 542 -74.07 3.80 21.64
CA TYR A 542 -72.64 4.10 21.59
C TYR A 542 -72.01 3.18 22.65
N MET A 543 -71.42 2.09 22.19
CA MET A 543 -70.90 1.10 23.12
C MET A 543 -69.44 0.72 23.03
N TYR A 544 -69.00 0.11 24.11
CA TYR A 544 -67.64 -0.34 24.29
C TYR A 544 -67.72 -1.70 24.99
N SER A 545 -66.70 -2.53 24.76
CA SER A 545 -66.59 -3.85 25.37
C SER A 545 -65.81 -3.80 26.68
N THR A 546 -66.20 -4.68 27.58
CA THR A 546 -65.62 -4.84 28.90
C THR A 546 -66.09 -6.16 29.50
N TYR A 547 -65.30 -6.61 30.45
CA TYR A 547 -65.65 -7.85 31.13
C TYR A 547 -66.35 -7.57 32.45
N GLU A 548 -67.67 -7.50 32.39
CA GLU A 548 -68.44 -7.25 33.56
C GLU A 548 -69.70 -8.11 33.50
N GLU A 549 -70.65 -7.77 34.38
CA GLU A 549 -71.91 -8.47 34.53
C GLU A 549 -72.99 -8.15 33.53
N GLU A 550 -73.51 -6.92 33.67
CA GLU A 550 -74.61 -6.40 32.85
C GLU A 550 -74.14 -6.03 31.44
N CYS A 551 -74.97 -6.42 30.47
CA CYS A 551 -74.74 -6.12 29.07
C CYS A 551 -75.80 -5.11 28.64
N GLU A 552 -75.39 -4.02 27.98
CA GLU A 552 -76.31 -3.00 27.53
C GLU A 552 -76.49 -2.98 26.01
N ALA A 553 -75.99 -4.00 25.33
CA ALA A 553 -76.09 -4.06 23.87
C ALA A 553 -77.51 -4.09 23.37
N ASN A 554 -78.34 -4.92 23.98
CA ASN A 554 -79.76 -5.05 23.61
C ASN A 554 -80.05 -5.00 22.11
N PRO A 555 -79.28 -5.78 21.36
CA PRO A 555 -79.46 -5.82 19.94
C PRO A 555 -80.90 -6.10 19.53
N SER A 556 -81.20 -5.60 18.35
CA SER A 556 -82.52 -5.77 17.79
C SER A 556 -82.65 -7.07 16.95
N THR A 557 -83.82 -7.67 17.05
CA THR A 557 -84.12 -8.90 16.34
C THR A 557 -84.84 -8.50 15.05
N ASP A 558 -85.37 -7.27 15.17
CA ASP A 558 -86.15 -6.53 14.20
C ASP A 558 -85.59 -6.35 12.77
N ARG A 559 -84.41 -5.75 12.62
CA ARG A 559 -83.92 -5.50 11.27
C ARG A 559 -82.80 -6.35 10.75
N GLU A 560 -82.51 -6.06 9.46
CA GLU A 560 -81.41 -6.65 8.68
C GLU A 560 -80.24 -5.66 8.87
N LYS A 561 -79.23 -6.09 9.59
CA LYS A 561 -78.12 -5.23 9.92
C LYS A 561 -76.95 -5.36 9.00
N ILE A 562 -76.26 -4.23 8.79
CA ILE A 562 -75.07 -4.21 8.00
C ILE A 562 -73.93 -3.57 8.82
N MET A 563 -72.83 -4.31 9.00
CA MET A 563 -71.68 -3.82 9.75
C MET A 563 -70.60 -3.33 8.77
N VAL A 564 -70.03 -2.18 9.15
CA VAL A 564 -68.98 -1.51 8.43
C VAL A 564 -67.78 -1.46 9.35
N LEU A 565 -66.66 -2.00 8.87
CA LEU A 565 -65.41 -2.05 9.60
C LEU A 565 -64.48 -0.94 9.21
N GLY A 566 -64.15 -0.13 10.23
CA GLY A 566 -63.26 1.00 10.14
C GLY A 566 -61.81 0.57 10.00
N GLY A 567 -60.94 1.54 9.73
CA GLY A 567 -59.52 1.21 9.54
C GLY A 567 -58.61 1.48 10.71
N GLY A 568 -59.22 1.85 11.86
CA GLY A 568 -58.47 2.14 13.06
C GLY A 568 -57.82 3.51 13.00
N PRO A 569 -56.66 3.69 13.63
CA PRO A 569 -55.97 4.96 13.58
C PRO A 569 -55.48 5.28 12.16
N ASN A 570 -55.39 6.56 11.85
CA ASN A 570 -54.88 6.95 10.53
C ASN A 570 -53.38 6.80 10.53
N ARG A 571 -52.87 6.51 9.32
CA ARG A 571 -51.45 6.33 9.03
C ARG A 571 -51.27 6.75 7.59
N ILE A 572 -50.01 6.98 7.24
CA ILE A 572 -49.69 7.34 5.90
C ILE A 572 -50.18 6.27 4.96
N GLY A 573 -51.01 6.62 4.03
CA GLY A 573 -51.46 5.59 3.13
C GLY A 573 -52.76 4.97 3.58
N GLN A 574 -53.17 5.27 4.80
CA GLN A 574 -54.41 4.75 5.31
C GLN A 574 -55.09 5.87 6.03
N GLY A 575 -55.42 6.92 5.27
CA GLY A 575 -56.05 8.11 5.81
C GLY A 575 -57.56 8.19 5.78
N ILE A 576 -57.99 9.43 5.88
CA ILE A 576 -59.39 9.81 5.92
C ILE A 576 -60.23 9.32 4.76
N GLU A 577 -59.55 9.03 3.64
CA GLU A 577 -60.23 8.57 2.44
C GLU A 577 -60.99 7.30 2.66
N PHE A 578 -60.48 6.50 3.55
CA PHE A 578 -61.13 5.25 3.81
C PHE A 578 -62.28 5.48 4.74
N ASP A 579 -62.05 6.34 5.72
CA ASP A 579 -63.08 6.61 6.68
C ASP A 579 -64.25 7.18 5.93
N TYR A 580 -63.91 7.95 4.91
CA TYR A 580 -64.91 8.59 4.09
C TYR A 580 -65.83 7.58 3.45
N CYS A 581 -65.22 6.55 2.96
CA CYS A 581 -65.96 5.48 2.35
C CYS A 581 -66.87 4.81 3.38
N CYS A 582 -66.28 4.57 4.56
CA CYS A 582 -66.99 3.90 5.63
C CYS A 582 -68.28 4.62 5.94
N VAL A 583 -68.12 5.90 6.13
CA VAL A 583 -69.19 6.78 6.47
C VAL A 583 -70.31 6.72 5.44
N HIS A 584 -69.92 6.69 4.19
CA HIS A 584 -70.90 6.65 3.11
C HIS A 584 -71.65 5.35 3.07
N ALA A 585 -70.91 4.28 3.35
CA ALA A 585 -71.51 2.99 3.36
C ALA A 585 -72.67 3.01 4.34
N SER A 586 -72.39 3.55 5.52
CA SER A 586 -73.36 3.70 6.62
C SER A 586 -74.55 4.62 6.32
N LEU A 587 -74.23 5.77 5.71
CA LEU A 587 -75.22 6.77 5.37
C LEU A 587 -76.20 6.21 4.36
N ALA A 588 -75.65 5.56 3.34
CA ALA A 588 -76.48 4.99 2.30
C ALA A 588 -77.39 3.84 2.68
N LEU A 589 -76.85 2.85 3.38
CA LEU A 589 -77.60 1.67 3.77
C LEU A 589 -78.65 1.91 4.83
N ARG A 590 -78.33 2.84 5.72
CA ARG A 590 -79.22 3.21 6.78
C ARG A 590 -80.39 3.96 6.17
N GLU A 591 -80.07 4.74 5.17
CA GLU A 591 -81.07 5.49 4.45
C GLU A 591 -81.94 4.50 3.65
N ASP A 592 -81.29 3.42 3.22
CA ASP A 592 -81.91 2.35 2.45
C ASP A 592 -82.83 1.50 3.34
N GLY A 593 -82.70 1.62 4.67
CA GLY A 593 -83.55 0.87 5.58
C GLY A 593 -82.83 -0.11 6.48
N TYR A 594 -81.55 -0.33 6.23
CA TYR A 594 -80.80 -1.25 7.07
C TYR A 594 -80.43 -0.62 8.36
N GLU A 595 -80.10 -1.48 9.31
CA GLU A 595 -79.62 -1.01 10.57
C GLU A 595 -78.12 -1.10 10.41
N THR A 596 -77.45 0.07 10.33
CA THR A 596 -76.01 0.17 10.12
C THR A 596 -75.21 0.22 11.42
N ILE A 597 -74.24 -0.68 11.49
CA ILE A 597 -73.36 -0.84 12.63
C ILE A 597 -71.92 -0.51 12.24
N MET A 598 -71.38 0.50 12.91
CA MET A 598 -70.02 0.92 12.65
C MET A 598 -69.04 0.40 13.70
N VAL A 599 -67.96 -0.19 13.27
CA VAL A 599 -66.93 -0.67 14.16
C VAL A 599 -65.62 0.12 13.93
N ASN A 600 -65.29 1.01 14.87
CA ASN A 600 -64.08 1.79 14.72
C ASN A 600 -63.60 2.43 16.05
N CYS A 601 -62.32 2.84 16.08
CA CYS A 601 -61.68 3.39 17.27
C CYS A 601 -60.83 4.59 17.01
N ASN A 602 -61.10 5.27 15.89
CA ASN A 602 -60.36 6.50 15.57
C ASN A 602 -61.21 7.66 16.12
N PRO A 603 -60.68 8.35 17.16
CA PRO A 603 -61.40 9.42 17.80
C PRO A 603 -61.53 10.67 16.93
N GLU A 604 -60.70 10.76 15.89
CA GLU A 604 -60.71 11.90 15.01
C GLU A 604 -61.78 11.92 13.92
N THR A 605 -62.40 10.81 13.63
CA THR A 605 -63.35 10.71 12.55
C THR A 605 -64.87 10.89 12.70
N VAL A 606 -65.46 10.99 11.53
CA VAL A 606 -66.88 11.15 11.40
C VAL A 606 -67.49 9.77 11.59
N SER A 607 -66.73 8.73 11.23
CA SER A 607 -67.21 7.34 11.40
C SER A 607 -67.52 7.03 12.83
N THR A 608 -66.75 7.67 13.71
CA THR A 608 -66.91 7.45 15.12
C THR A 608 -67.79 8.46 15.80
N ASP A 609 -68.67 9.09 15.00
CA ASP A 609 -69.67 10.05 15.50
C ASP A 609 -70.93 9.19 15.67
N TYR A 610 -71.61 9.25 16.82
CA TYR A 610 -72.81 8.43 17.05
C TYR A 610 -73.89 8.72 16.04
N ASP A 611 -73.79 9.89 15.44
CA ASP A 611 -74.76 10.26 14.45
C ASP A 611 -74.56 9.50 13.16
N THR A 612 -73.35 9.08 12.91
CA THR A 612 -73.07 8.39 11.68
C THR A 612 -73.74 7.05 11.37
N SER A 613 -74.14 6.34 12.39
CA SER A 613 -74.74 5.05 12.14
C SER A 613 -75.84 4.76 13.16
N ASP A 614 -76.51 3.59 13.01
CA ASP A 614 -77.56 3.21 13.96
C ASP A 614 -76.95 2.77 15.27
N ARG A 615 -75.84 2.06 15.17
CA ARG A 615 -75.14 1.58 16.34
C ARG A 615 -73.61 1.71 16.19
N LEU A 616 -72.97 2.24 17.22
CA LEU A 616 -71.53 2.42 17.21
C LEU A 616 -70.77 1.60 18.27
N TYR A 617 -69.90 0.74 17.76
CA TYR A 617 -69.05 -0.05 18.60
C TYR A 617 -67.68 0.57 18.48
N PHE A 618 -67.32 1.33 19.52
CA PHE A 618 -66.04 2.00 19.60
C PHE A 618 -65.02 0.98 20.14
N GLU A 619 -64.54 0.15 19.24
CA GLU A 619 -63.65 -0.97 19.56
C GLU A 619 -62.46 -1.15 18.65
N PRO A 620 -61.47 -1.95 19.10
CA PRO A 620 -60.33 -2.18 18.24
C PRO A 620 -60.84 -2.98 17.07
N VAL A 621 -60.34 -2.69 15.85
CA VAL A 621 -60.80 -3.41 14.68
C VAL A 621 -59.94 -4.63 14.54
N THR A 622 -60.28 -5.64 15.36
CA THR A 622 -59.57 -6.91 15.42
C THR A 622 -60.55 -8.06 15.35
N LEU A 623 -60.00 -9.20 14.95
CA LEU A 623 -60.77 -10.40 14.81
C LEU A 623 -61.52 -10.68 16.10
N GLU A 624 -60.76 -10.64 17.19
CA GLU A 624 -61.34 -10.88 18.48
C GLU A 624 -62.52 -9.96 18.71
N ASP A 625 -62.25 -8.65 18.73
CA ASP A 625 -63.28 -7.67 19.00
C ASP A 625 -64.43 -7.68 18.04
N VAL A 626 -64.13 -7.99 16.80
CA VAL A 626 -65.18 -8.01 15.80
C VAL A 626 -66.04 -9.23 15.89
N LEU A 627 -65.40 -10.35 16.16
CA LEU A 627 -66.12 -11.60 16.28
C LEU A 627 -67.12 -11.53 17.41
N GLU A 628 -66.75 -10.80 18.47
CA GLU A 628 -67.64 -10.70 19.61
C GLU A 628 -68.92 -9.94 19.33
N ILE A 629 -68.78 -8.88 18.53
CA ILE A 629 -69.91 -8.03 18.17
C ILE A 629 -70.84 -8.83 17.28
N VAL A 630 -70.22 -9.54 16.38
CA VAL A 630 -70.99 -10.33 15.45
C VAL A 630 -71.76 -11.39 16.17
N ARG A 631 -71.07 -11.96 17.14
CA ARG A 631 -71.63 -13.00 17.97
C ARG A 631 -73.01 -12.62 18.48
N ILE A 632 -73.07 -11.40 18.98
CA ILE A 632 -74.30 -10.92 19.53
C ILE A 632 -75.16 -10.15 18.55
N GLU A 633 -74.51 -9.61 17.51
CA GLU A 633 -75.30 -8.88 16.54
C GLU A 633 -75.91 -9.77 15.51
N LYS A 634 -75.20 -10.82 15.13
CA LYS A 634 -75.72 -11.75 14.11
C LYS A 634 -76.17 -10.98 12.87
N PRO A 635 -75.28 -10.12 12.39
CA PRO A 635 -75.55 -9.28 11.25
C PRO A 635 -75.87 -10.04 9.97
N LYS A 636 -76.47 -9.30 9.04
CA LYS A 636 -76.82 -9.85 7.75
C LYS A 636 -75.57 -9.88 6.86
N GLY A 637 -74.75 -8.84 6.97
CA GLY A 637 -73.52 -8.79 6.18
C GLY A 637 -72.50 -7.86 6.80
N VAL A 638 -71.25 -8.12 6.47
CA VAL A 638 -70.20 -7.29 6.97
C VAL A 638 -69.37 -6.77 5.83
N ILE A 639 -69.02 -5.48 5.89
CA ILE A 639 -68.18 -4.85 4.86
C ILE A 639 -66.74 -4.65 5.35
N VAL A 640 -65.85 -5.38 4.73
CA VAL A 640 -64.45 -5.31 5.10
C VAL A 640 -63.59 -4.58 4.07
N GLN A 641 -64.24 -4.11 2.99
CA GLN A 641 -63.56 -3.47 1.87
C GLN A 641 -63.41 -1.96 1.88
N TYR A 642 -63.98 -1.28 2.87
CA TYR A 642 -63.90 0.17 2.91
C TYR A 642 -62.94 0.83 3.84
N GLY A 643 -62.36 0.10 4.76
CA GLY A 643 -61.48 0.83 5.67
C GLY A 643 -59.98 0.66 5.54
N GLY A 644 -59.52 0.36 4.36
CA GLY A 644 -58.11 0.22 4.24
C GLY A 644 -57.66 -1.18 4.58
N GLN A 645 -56.37 -1.27 4.81
CA GLN A 645 -55.66 -2.49 5.11
C GLN A 645 -56.17 -3.21 6.31
N THR A 646 -56.52 -2.44 7.32
CA THR A 646 -57.00 -2.99 8.58
C THR A 646 -58.06 -4.10 8.47
N PRO A 647 -59.24 -3.75 8.05
CA PRO A 647 -60.31 -4.72 7.92
C PRO A 647 -60.05 -5.74 6.83
N LEU A 648 -59.22 -5.36 5.87
CA LEU A 648 -58.88 -6.20 4.75
C LEU A 648 -58.16 -7.48 5.17
N LYS A 649 -57.25 -7.31 6.12
CA LYS A 649 -56.44 -8.36 6.66
C LYS A 649 -57.23 -9.36 7.50
N LEU A 650 -58.38 -8.91 7.96
CA LEU A 650 -59.29 -9.72 8.77
C LEU A 650 -60.28 -10.55 7.94
N ALA A 651 -60.51 -10.11 6.71
CA ALA A 651 -61.45 -10.72 5.78
C ALA A 651 -61.52 -12.24 5.81
N ARG A 652 -60.42 -12.89 5.44
CA ARG A 652 -60.35 -14.34 5.39
C ARG A 652 -60.76 -14.95 6.72
N ALA A 653 -60.06 -14.50 7.75
CA ALA A 653 -60.28 -14.98 9.09
C ALA A 653 -61.74 -14.93 9.47
N LEU A 654 -62.34 -13.76 9.27
CA LEU A 654 -63.75 -13.52 9.58
C LEU A 654 -64.68 -14.53 8.90
N GLU A 655 -64.41 -14.73 7.63
CA GLU A 655 -65.17 -15.65 6.82
C GLU A 655 -65.15 -17.02 7.47
N ALA A 656 -63.91 -17.45 7.66
CA ALA A 656 -63.58 -18.72 8.28
C ALA A 656 -64.40 -18.96 9.52
N ALA A 657 -64.55 -17.91 10.31
CA ALA A 657 -65.29 -17.95 11.55
C ALA A 657 -66.78 -17.85 11.32
N GLY A 658 -67.18 -17.80 10.07
CA GLY A 658 -68.61 -17.71 9.77
C GLY A 658 -69.18 -16.32 9.66
N VAL A 659 -68.31 -15.33 9.55
CA VAL A 659 -68.85 -14.00 9.44
C VAL A 659 -69.45 -13.86 8.06
N PRO A 660 -70.64 -13.24 7.96
CA PRO A 660 -71.34 -13.02 6.71
C PRO A 660 -70.76 -11.80 5.97
N VAL A 661 -69.63 -12.06 5.34
CA VAL A 661 -68.93 -11.04 4.60
C VAL A 661 -69.56 -10.73 3.22
N ILE A 662 -69.97 -9.48 3.03
CA ILE A 662 -70.56 -9.10 1.76
C ILE A 662 -69.58 -8.45 0.81
N GLY A 663 -69.98 -8.42 -0.44
CA GLY A 663 -69.14 -7.80 -1.45
C GLY A 663 -68.09 -8.74 -1.97
N THR A 664 -67.01 -8.15 -2.45
CA THR A 664 -65.93 -8.97 -2.99
C THR A 664 -65.41 -9.89 -1.92
N SER A 665 -65.29 -11.16 -2.30
CA SER A 665 -64.85 -12.24 -1.43
C SER A 665 -63.40 -12.17 -0.96
N PRO A 666 -63.19 -12.68 0.23
CA PRO A 666 -61.87 -12.72 0.83
C PRO A 666 -60.86 -13.38 -0.07
N ASP A 667 -61.33 -14.41 -0.79
CA ASP A 667 -60.49 -15.15 -1.71
C ASP A 667 -60.17 -14.32 -2.95
N ALA A 668 -61.22 -13.64 -3.43
CA ALA A 668 -61.12 -12.78 -4.59
C ALA A 668 -60.09 -11.71 -4.30
N ILE A 669 -60.18 -11.24 -3.08
CA ILE A 669 -59.27 -10.22 -2.66
C ILE A 669 -57.85 -10.75 -2.67
N ASP A 670 -57.70 -11.97 -2.15
CA ASP A 670 -56.40 -12.63 -2.10
C ASP A 670 -55.83 -12.87 -3.51
N ARG A 671 -56.73 -13.25 -4.43
CA ARG A 671 -56.35 -13.49 -5.80
C ARG A 671 -55.60 -12.27 -6.35
N ALA A 672 -56.14 -11.12 -6.00
CA ALA A 672 -55.61 -9.84 -6.44
C ALA A 672 -54.36 -9.49 -5.67
N GLU A 673 -54.43 -9.67 -4.36
CA GLU A 673 -53.27 -9.37 -3.52
C GLU A 673 -52.09 -10.33 -3.75
N ASP A 674 -52.35 -11.64 -3.82
CA ASP A 674 -51.23 -12.54 -4.03
C ASP A 674 -50.57 -12.38 -5.38
N ARG A 675 -49.33 -11.89 -5.32
CA ARG A 675 -48.49 -11.66 -6.50
C ARG A 675 -48.59 -12.78 -7.54
N GLU A 676 -48.46 -13.99 -7.02
CA GLU A 676 -48.50 -15.19 -7.80
C GLU A 676 -49.86 -15.44 -8.35
N ARG A 677 -50.81 -15.40 -7.43
CA ARG A 677 -52.20 -15.61 -7.76
C ARG A 677 -52.66 -14.63 -8.84
N PHE A 678 -52.17 -13.41 -8.72
CA PHE A 678 -52.47 -12.35 -9.61
C PHE A 678 -51.94 -12.69 -10.97
N GLN A 679 -50.60 -12.80 -11.04
CA GLN A 679 -49.83 -13.18 -12.24
C GLN A 679 -50.54 -14.19 -13.16
N HIS A 680 -51.34 -15.06 -12.56
CA HIS A 680 -52.08 -16.11 -13.27
C HIS A 680 -53.34 -15.64 -13.94
N ALA A 681 -54.10 -14.77 -13.24
CA ALA A 681 -55.34 -14.25 -13.78
C ALA A 681 -55.02 -13.35 -14.97
N VAL A 682 -53.90 -12.65 -14.82
CA VAL A 682 -53.41 -11.75 -15.84
C VAL A 682 -53.14 -12.61 -17.05
N GLU A 683 -52.21 -13.55 -16.85
CA GLU A 683 -51.78 -14.54 -17.83
C GLU A 683 -52.99 -15.11 -18.59
N ARG A 684 -53.93 -15.62 -17.80
CA ARG A 684 -55.16 -16.21 -18.28
C ARG A 684 -55.94 -15.22 -19.14
N LEU A 685 -55.95 -13.98 -18.68
CA LEU A 685 -56.63 -12.85 -19.29
C LEU A 685 -55.92 -12.33 -20.54
N LYS A 686 -54.64 -12.69 -20.62
CA LYS A 686 -53.77 -12.32 -21.72
C LYS A 686 -53.39 -10.86 -21.71
N LEU A 687 -53.33 -10.32 -20.50
CA LEU A 687 -52.99 -8.94 -20.28
C LEU A 687 -51.48 -8.75 -20.16
N LYS A 688 -51.05 -7.50 -20.04
CA LYS A 688 -49.65 -7.14 -19.93
C LYS A 688 -49.21 -6.65 -18.58
N GLN A 689 -48.17 -7.32 -18.14
CA GLN A 689 -47.56 -7.06 -16.86
C GLN A 689 -46.09 -6.88 -17.16
N PRO A 690 -45.41 -6.14 -16.31
CA PRO A 690 -43.98 -6.04 -16.47
C PRO A 690 -43.41 -7.40 -16.06
N ALA A 691 -42.33 -7.77 -16.70
CA ALA A 691 -41.62 -9.00 -16.44
C ALA A 691 -41.11 -9.06 -14.98
N ASN A 692 -41.24 -10.19 -14.33
CA ASN A 692 -40.78 -10.22 -12.97
C ASN A 692 -40.09 -11.51 -12.66
N ALA A 693 -39.68 -11.59 -11.41
CA ALA A 693 -38.99 -12.75 -10.94
C ALA A 693 -38.85 -12.68 -9.45
N THR A 694 -39.06 -13.81 -8.81
CA THR A 694 -38.92 -13.87 -7.38
C THR A 694 -37.61 -14.56 -7.09
N VAL A 695 -36.73 -13.81 -6.47
CA VAL A 695 -35.41 -14.28 -6.13
C VAL A 695 -35.22 -14.51 -4.64
N THR A 696 -34.41 -15.54 -4.38
CA THR A 696 -34.07 -16.04 -3.06
C THR A 696 -32.72 -15.51 -2.64
N ALA A 697 -31.79 -15.71 -3.54
CA ALA A 697 -30.43 -15.32 -3.32
C ALA A 697 -29.91 -14.21 -4.19
N ILE A 698 -28.88 -13.56 -3.72
CA ILE A 698 -28.23 -12.44 -4.39
C ILE A 698 -27.86 -12.68 -5.86
N GLU A 699 -26.99 -13.65 -6.06
CA GLU A 699 -26.54 -13.98 -7.40
C GLU A 699 -27.66 -14.46 -8.30
N MET A 700 -28.68 -15.02 -7.66
CA MET A 700 -29.87 -15.52 -8.33
C MET A 700 -30.52 -14.37 -9.08
N ALA A 701 -30.61 -13.25 -8.38
CA ALA A 701 -31.19 -12.00 -8.85
C ALA A 701 -30.36 -11.34 -9.95
N VAL A 702 -29.08 -11.23 -9.70
CA VAL A 702 -28.16 -10.65 -10.65
C VAL A 702 -28.23 -11.29 -12.04
N GLU A 703 -28.63 -12.57 -12.07
CA GLU A 703 -28.76 -13.32 -13.31
C GLU A 703 -30.18 -13.17 -13.85
N LYS A 704 -31.10 -13.32 -12.92
CA LYS A 704 -32.49 -13.22 -13.23
C LYS A 704 -32.85 -11.82 -13.71
N ALA A 705 -31.97 -10.89 -13.37
CA ALA A 705 -32.13 -9.49 -13.71
C ALA A 705 -31.82 -9.20 -15.14
N LYS A 706 -30.88 -9.97 -15.67
CA LYS A 706 -30.46 -9.80 -17.05
C LYS A 706 -31.60 -10.18 -17.97
N GLU A 707 -32.38 -11.09 -17.41
CA GLU A 707 -33.54 -11.65 -18.03
C GLU A 707 -34.64 -10.59 -18.16
N ILE A 708 -34.90 -9.92 -17.03
CA ILE A 708 -35.92 -8.88 -16.90
C ILE A 708 -35.47 -7.56 -17.51
N GLY A 709 -34.19 -7.27 -17.37
CA GLY A 709 -33.65 -6.03 -17.91
C GLY A 709 -33.82 -4.89 -16.93
N TYR A 710 -32.77 -4.11 -16.74
CA TYR A 710 -32.80 -2.98 -15.85
C TYR A 710 -33.50 -1.82 -16.58
N PRO A 711 -33.93 -0.81 -15.83
CA PRO A 711 -33.72 -0.77 -14.40
C PRO A 711 -34.73 -1.66 -13.77
N LEU A 712 -34.57 -1.86 -12.48
CA LEU A 712 -35.47 -2.75 -11.81
C LEU A 712 -36.05 -2.15 -10.56
N VAL A 713 -37.21 -2.70 -10.20
CA VAL A 713 -37.97 -2.38 -8.99
C VAL A 713 -37.76 -3.53 -8.01
N VAL A 714 -36.86 -3.34 -7.05
CA VAL A 714 -36.58 -4.35 -6.05
C VAL A 714 -37.39 -4.17 -4.78
N ARG A 715 -38.27 -5.13 -4.51
CA ARG A 715 -39.11 -5.14 -3.33
C ARG A 715 -38.70 -6.30 -2.46
N PRO A 716 -39.05 -6.24 -1.20
CA PRO A 716 -38.72 -7.32 -0.31
C PRO A 716 -40.01 -7.81 0.33
N ALA A 724 -38.57 -0.56 2.37
CA ALA A 724 -37.43 -0.39 1.48
C ALA A 724 -37.68 -0.99 0.10
N MET A 725 -38.17 -0.12 -0.77
CA MET A 725 -38.47 -0.43 -2.14
C MET A 725 -37.65 0.51 -2.96
N GLU A 726 -36.70 -0.04 -3.69
CA GLU A 726 -35.79 0.74 -4.50
C GLU A 726 -35.77 0.33 -5.96
N ILE A 727 -35.28 1.24 -6.78
CA ILE A 727 -35.15 1.05 -8.20
C ILE A 727 -33.67 0.99 -8.49
N VAL A 728 -33.23 -0.13 -9.04
CA VAL A 728 -31.82 -0.32 -9.34
C VAL A 728 -31.68 -0.27 -10.85
N TYR A 729 -30.58 0.32 -11.25
CA TYR A 729 -30.34 0.56 -12.66
C TYR A 729 -29.31 -0.35 -13.33
N ASP A 730 -28.25 -0.71 -12.60
CA ASP A 730 -27.21 -1.55 -13.16
C ASP A 730 -26.83 -2.66 -12.17
N GLU A 731 -26.11 -3.68 -12.67
CA GLU A 731 -25.71 -4.82 -11.83
C GLU A 731 -25.08 -4.39 -10.51
N ALA A 732 -24.15 -3.45 -10.62
CA ALA A 732 -23.44 -2.90 -9.48
C ALA A 732 -24.43 -2.39 -8.46
N ASP A 733 -25.47 -1.74 -8.98
CA ASP A 733 -26.59 -1.18 -8.24
C ASP A 733 -27.29 -2.29 -7.45
N LEU A 734 -27.57 -3.37 -8.19
CA LEU A 734 -28.23 -4.57 -7.66
C LEU A 734 -27.61 -5.00 -6.35
N ARG A 735 -26.37 -5.41 -6.50
CA ARG A 735 -25.59 -5.86 -5.40
C ARG A 735 -25.64 -4.87 -4.25
N ARG A 736 -25.21 -3.66 -4.62
CA ARG A 736 -25.13 -2.49 -3.75
C ARG A 736 -26.33 -2.47 -2.83
N TYR A 737 -27.48 -2.69 -3.45
CA TYR A 737 -28.69 -2.74 -2.67
C TYR A 737 -28.66 -3.98 -1.82
N PHE A 738 -28.32 -5.09 -2.50
CA PHE A 738 -28.25 -6.41 -1.91
C PHE A 738 -27.45 -6.53 -0.61
N GLN A 739 -26.42 -5.67 -0.45
CA GLN A 739 -25.58 -5.65 0.75
C GLN A 739 -26.31 -4.93 1.86
N THR A 740 -26.86 -3.85 1.37
CA THR A 740 -27.62 -2.84 2.03
C THR A 740 -28.89 -3.39 2.69
N ALA A 741 -29.66 -4.12 1.89
CA ALA A 741 -30.90 -4.75 2.32
C ALA A 741 -30.72 -5.57 3.58
N VAL A 750 -37.61 -11.96 -2.30
CA VAL A 750 -37.24 -10.71 -2.99
C VAL A 750 -37.85 -10.56 -4.40
N LEU A 751 -38.78 -9.64 -4.56
CA LEU A 751 -39.45 -9.40 -5.84
C LEU A 751 -38.75 -8.45 -6.79
N LEU A 752 -38.44 -8.96 -7.97
CA LEU A 752 -37.75 -8.24 -9.04
C LEU A 752 -38.65 -7.93 -10.24
N ASP A 753 -38.94 -6.63 -10.43
CA ASP A 753 -39.79 -6.20 -11.54
C ASP A 753 -39.16 -5.22 -12.51
N HIS A 754 -39.48 -5.43 -13.77
CA HIS A 754 -38.92 -4.51 -14.68
C HIS A 754 -39.57 -3.12 -14.55
N PHE A 755 -38.73 -2.15 -14.23
CA PHE A 755 -39.15 -0.79 -14.05
C PHE A 755 -39.49 -0.07 -15.35
N LEU A 756 -40.73 0.37 -15.45
CA LEU A 756 -41.18 1.09 -16.62
C LEU A 756 -40.89 2.57 -16.53
N ASP A 757 -39.68 2.89 -16.92
CA ASP A 757 -39.15 4.24 -16.95
C ASP A 757 -39.96 5.04 -17.99
N ASP A 758 -40.08 6.36 -17.80
CA ASP A 758 -40.81 7.22 -18.73
C ASP A 758 -42.14 6.73 -19.17
N ALA A 759 -42.91 6.40 -18.13
CA ALA A 759 -44.24 5.92 -18.33
C ALA A 759 -45.24 6.78 -17.55
N VAL A 760 -46.45 6.80 -18.05
CA VAL A 760 -47.51 7.56 -17.42
C VAL A 760 -48.26 6.64 -16.52
N GLU A 761 -48.46 7.07 -15.29
CA GLU A 761 -49.19 6.20 -14.41
C GLU A 761 -50.65 6.62 -14.37
N VAL A 762 -51.54 5.66 -14.25
CA VAL A 762 -52.94 5.95 -14.23
C VAL A 762 -53.70 5.19 -13.17
N ASP A 763 -54.71 5.77 -12.64
CA ASP A 763 -55.49 5.06 -11.68
C ASP A 763 -56.85 4.97 -12.26
N VAL A 764 -57.54 3.86 -12.04
CA VAL A 764 -58.89 3.69 -12.51
C VAL A 764 -59.76 3.16 -11.40
N ASP A 765 -60.77 3.92 -11.02
CA ASP A 765 -61.69 3.45 -10.01
C ASP A 765 -62.97 2.95 -10.72
N ALA A 766 -63.48 1.77 -10.31
CA ALA A 766 -64.68 1.19 -10.90
C ALA A 766 -65.49 0.31 -9.95
N ILE A 767 -66.74 0.04 -10.34
CA ILE A 767 -67.65 -0.77 -9.58
C ILE A 767 -68.14 -1.91 -10.48
N CYS A 768 -68.26 -3.13 -9.95
CA CYS A 768 -68.74 -4.32 -10.66
C CYS A 768 -69.88 -4.95 -9.85
N ASP A 769 -71.04 -5.14 -10.48
CA ASP A 769 -72.16 -5.72 -9.76
C ASP A 769 -72.34 -7.16 -10.20
N GLY A 770 -71.29 -7.67 -10.86
CA GLY A 770 -71.28 -9.03 -11.36
C GLY A 770 -71.94 -9.14 -12.73
N GLU A 771 -72.80 -8.16 -13.05
CA GLU A 771 -73.60 -8.02 -14.27
C GLU A 771 -72.92 -7.07 -15.24
N MET A 772 -72.33 -6.05 -14.65
CA MET A 772 -71.67 -5.05 -15.43
C MET A 772 -70.59 -4.35 -14.63
N VAL A 773 -69.88 -3.51 -15.34
CA VAL A 773 -68.82 -2.74 -14.76
C VAL A 773 -69.02 -1.26 -14.99
N LEU A 774 -69.03 -0.51 -13.89
CA LEU A 774 -69.17 0.93 -13.96
C LEU A 774 -67.81 1.56 -13.74
N ILE A 775 -67.39 2.35 -14.73
CA ILE A 775 -66.13 3.08 -14.67
C ILE A 775 -66.42 4.37 -13.89
N GLY A 776 -65.82 4.51 -12.72
CA GLY A 776 -66.08 5.70 -11.93
C GLY A 776 -65.13 6.84 -12.27
N GLY A 777 -63.90 6.48 -12.62
CA GLY A 777 -62.93 7.49 -12.94
C GLY A 777 -61.59 6.99 -13.38
N ILE A 778 -61.08 7.69 -14.41
CA ILE A 778 -59.76 7.49 -15.00
C ILE A 778 -58.90 8.72 -14.65
N MET A 779 -57.85 8.50 -13.85
CA MET A 779 -57.00 9.58 -13.40
C MET A 779 -55.60 9.44 -13.95
N GLU A 780 -55.17 10.50 -14.60
CA GLU A 780 -53.86 10.49 -15.18
C GLU A 780 -52.92 11.19 -14.24
N HIS A 781 -51.89 10.49 -13.75
CA HIS A 781 -50.98 11.15 -12.85
C HIS A 781 -50.08 12.11 -13.57
N ILE A 782 -49.70 13.16 -12.85
CA ILE A 782 -48.77 14.14 -13.37
C ILE A 782 -47.40 13.43 -13.35
N GLU A 783 -46.97 12.99 -12.17
CA GLU A 783 -45.71 12.28 -11.98
C GLU A 783 -45.80 10.91 -12.61
N GLN A 784 -44.72 10.56 -13.25
CA GLN A 784 -44.66 9.28 -13.93
C GLN A 784 -44.66 8.06 -12.96
N ALA A 785 -44.78 6.87 -13.53
CA ALA A 785 -44.73 5.64 -12.78
C ALA A 785 -43.37 5.67 -12.13
N GLY A 786 -43.29 5.23 -10.85
CA GLY A 786 -42.02 5.25 -10.14
C GLY A 786 -42.09 6.20 -8.98
N VAL A 787 -43.14 7.01 -9.01
CA VAL A 787 -43.47 7.97 -7.99
C VAL A 787 -44.78 7.45 -7.57
N HIS A 788 -44.84 6.99 -6.33
CA HIS A 788 -46.08 6.43 -5.81
C HIS A 788 -47.34 7.22 -6.17
N SER A 789 -48.34 6.47 -6.58
CA SER A 789 -49.65 7.00 -6.89
C SER A 789 -50.12 7.96 -5.81
N GLY A 790 -49.91 7.57 -4.55
CA GLY A 790 -50.32 8.34 -3.39
C GLY A 790 -49.60 9.66 -3.23
N ASP A 791 -48.48 9.76 -3.87
CA ASP A 791 -47.79 10.99 -3.75
C ASP A 791 -47.84 11.71 -5.09
N SER A 792 -48.65 11.24 -6.01
CA SER A 792 -48.70 11.86 -7.31
C SER A 792 -49.84 12.85 -7.47
N ALA A 793 -49.66 13.92 -8.24
CA ALA A 793 -50.78 14.82 -8.44
C ALA A 793 -51.54 14.11 -9.50
N CYS A 794 -52.79 14.44 -9.70
CA CYS A 794 -53.46 13.74 -10.75
C CYS A 794 -54.62 14.50 -11.31
N SER A 795 -54.99 14.13 -12.53
CA SER A 795 -56.10 14.79 -13.18
C SER A 795 -57.19 13.86 -13.67
N LEU A 796 -58.41 14.39 -13.53
CA LEU A 796 -59.66 13.78 -13.95
C LEU A 796 -60.41 14.91 -14.71
N PRO A 797 -60.58 14.80 -16.03
CA PRO A 797 -60.17 13.70 -16.89
C PRO A 797 -58.66 13.73 -17.19
N ALA A 798 -58.19 12.67 -17.84
CA ALA A 798 -56.78 12.57 -18.18
C ALA A 798 -56.40 13.77 -19.02
N TYR A 799 -55.20 14.31 -18.82
CA TYR A 799 -54.82 15.50 -19.54
C TYR A 799 -53.87 15.33 -20.69
N THR A 800 -53.45 14.11 -20.88
CA THR A 800 -52.56 13.86 -21.99
C THR A 800 -52.86 12.55 -22.67
N LEU A 801 -53.52 11.60 -21.99
CA LEU A 801 -53.79 10.31 -22.60
C LEU A 801 -54.79 10.28 -23.74
N SER A 802 -54.54 9.41 -24.69
CA SER A 802 -55.44 9.32 -25.82
C SER A 802 -56.70 8.58 -25.47
N GLN A 803 -57.79 8.96 -26.15
CA GLN A 803 -59.01 8.25 -25.88
C GLN A 803 -58.79 6.78 -26.26
N GLU A 804 -57.99 6.57 -27.25
CA GLU A 804 -57.74 5.26 -27.70
C GLU A 804 -57.11 4.40 -26.64
N ILE A 805 -56.11 4.94 -25.96
CA ILE A 805 -55.43 4.22 -24.88
C ILE A 805 -56.31 4.08 -23.62
N GLN A 806 -57.11 5.09 -23.34
CA GLN A 806 -57.98 5.02 -22.19
C GLN A 806 -59.01 3.93 -22.38
N ASP A 807 -59.46 3.81 -23.60
CA ASP A 807 -60.46 2.83 -23.94
C ASP A 807 -59.97 1.43 -23.72
N VAL A 808 -58.69 1.26 -23.92
CA VAL A 808 -58.05 -0.01 -23.73
C VAL A 808 -58.07 -0.33 -22.26
N MET A 809 -57.76 0.67 -21.48
CA MET A 809 -57.76 0.48 -20.06
C MET A 809 -59.14 0.15 -19.59
N ARG A 810 -60.09 0.90 -20.10
CA ARG A 810 -61.46 0.66 -19.73
C ARG A 810 -61.89 -0.80 -19.93
N GLN A 811 -61.33 -1.43 -20.96
CA GLN A 811 -61.67 -2.79 -21.28
C GLN A 811 -60.92 -3.78 -20.41
N GLN A 812 -59.66 -3.48 -20.16
CA GLN A 812 -58.85 -4.30 -19.30
C GLN A 812 -59.51 -4.35 -17.91
N VAL A 813 -59.99 -3.18 -17.43
CA VAL A 813 -60.66 -3.07 -16.12
C VAL A 813 -61.90 -3.95 -16.08
N GLN A 814 -62.66 -3.89 -17.16
CA GLN A 814 -63.88 -4.66 -17.25
C GLN A 814 -63.58 -6.13 -17.12
N LYS A 815 -62.60 -6.52 -17.87
CA LYS A 815 -62.17 -7.90 -17.88
C LYS A 815 -61.81 -8.39 -16.49
N LEU A 816 -60.92 -7.63 -15.89
CA LEU A 816 -60.44 -7.91 -14.58
C LEU A 816 -61.56 -7.99 -13.58
N ALA A 817 -62.43 -6.99 -13.62
CA ALA A 817 -63.57 -6.91 -12.72
C ALA A 817 -64.29 -8.25 -12.67
N PHE A 818 -64.76 -8.63 -13.81
CA PHE A 818 -65.52 -9.86 -13.98
C PHE A 818 -64.81 -11.13 -13.56
N GLU A 819 -63.58 -11.25 -14.00
CA GLU A 819 -62.71 -12.36 -13.73
C GLU A 819 -62.40 -12.58 -12.25
N LEU A 820 -62.13 -11.54 -11.51
CA LEU A 820 -61.82 -11.73 -10.11
C LEU A 820 -63.06 -11.74 -9.25
N GLN A 821 -64.20 -11.57 -9.88
CA GLN A 821 -65.46 -11.59 -9.14
C GLN A 821 -65.71 -10.41 -8.24
N VAL A 822 -65.29 -9.24 -8.69
CA VAL A 822 -65.50 -8.06 -7.88
C VAL A 822 -66.98 -7.84 -7.73
N ARG A 823 -67.35 -7.42 -6.51
CA ARG A 823 -68.70 -7.09 -6.09
C ARG A 823 -68.59 -5.89 -5.13
N GLY A 824 -68.60 -4.73 -5.77
CA GLY A 824 -68.48 -3.40 -5.16
C GLY A 824 -67.35 -2.64 -5.88
N LEU A 825 -66.58 -1.90 -5.10
CA LEU A 825 -65.48 -1.11 -5.63
C LEU A 825 -64.24 -1.89 -5.98
N MET A 826 -63.52 -1.29 -6.88
CA MET A 826 -62.28 -1.83 -7.31
C MET A 826 -61.46 -0.68 -7.79
N ASN A 827 -60.19 -0.91 -7.96
CA ASN A 827 -59.28 0.12 -8.42
C ASN A 827 -58.21 -0.53 -9.26
N VAL A 828 -57.85 0.06 -10.38
CA VAL A 828 -56.80 -0.54 -11.19
C VAL A 828 -55.72 0.47 -11.49
N GLN A 829 -54.48 0.02 -11.36
CA GLN A 829 -53.35 0.86 -11.64
C GLN A 829 -52.59 0.36 -12.87
N PHE A 830 -52.37 1.28 -13.81
CA PHE A 830 -51.67 1.00 -15.06
C PHE A 830 -50.54 1.94 -15.29
N ALA A 831 -49.73 1.53 -16.24
CA ALA A 831 -48.57 2.26 -16.69
C ALA A 831 -48.56 2.27 -18.21
N VAL A 832 -48.44 3.44 -18.82
CA VAL A 832 -48.45 3.56 -20.25
C VAL A 832 -47.10 3.97 -20.75
N LYS A 833 -46.54 3.08 -21.54
CA LYS A 833 -45.22 3.29 -22.10
C LYS A 833 -45.24 2.87 -23.55
N ASN A 834 -44.97 3.81 -24.42
CA ASN A 834 -44.97 3.53 -25.84
C ASN A 834 -46.31 3.09 -26.39
N ASN A 835 -47.35 3.76 -25.96
CA ASN A 835 -48.66 3.40 -26.47
C ASN A 835 -48.99 1.95 -26.12
N GLU A 836 -48.52 1.54 -24.97
CA GLU A 836 -48.78 0.21 -24.52
C GLU A 836 -49.14 0.26 -23.07
N VAL A 837 -50.22 -0.46 -22.74
CA VAL A 837 -50.76 -0.54 -21.41
C VAL A 837 -50.18 -1.72 -20.63
N TYR A 838 -49.73 -1.41 -19.43
CA TYR A 838 -49.17 -2.37 -18.50
C TYR A 838 -49.94 -2.28 -17.19
N LEU A 839 -50.25 -3.46 -16.65
CA LEU A 839 -50.96 -3.57 -15.39
C LEU A 839 -49.97 -3.46 -14.22
N ILE A 840 -50.21 -2.52 -13.33
CA ILE A 840 -49.27 -2.37 -12.22
C ILE A 840 -49.75 -3.15 -11.01
N GLU A 841 -51.06 -3.04 -10.77
CA GLU A 841 -51.68 -3.74 -9.67
C GLU A 841 -53.19 -3.59 -9.67
N VAL A 842 -53.85 -4.45 -8.92
CA VAL A 842 -55.30 -4.41 -8.80
C VAL A 842 -55.70 -4.51 -7.34
N ASN A 843 -56.38 -3.46 -6.86
CA ASN A 843 -56.89 -3.34 -5.52
C ASN A 843 -58.41 -3.44 -5.53
N PRO A 844 -58.85 -4.67 -5.27
CA PRO A 844 -60.24 -5.08 -5.22
C PRO A 844 -61.02 -4.48 -4.06
N ARG A 845 -60.86 -3.17 -3.85
CA ARG A 845 -61.56 -2.54 -2.76
C ARG A 845 -61.68 -1.05 -2.96
N ALA A 846 -62.21 -0.39 -1.98
CA ALA A 846 -62.28 1.03 -2.10
C ALA A 846 -60.86 1.55 -2.03
N ALA A 847 -60.44 2.35 -3.01
CA ALA A 847 -59.13 2.96 -3.02
C ALA A 847 -59.26 4.40 -2.50
N ARG A 848 -58.12 4.99 -2.10
CA ARG A 848 -58.10 6.34 -1.55
C ARG A 848 -58.51 7.44 -2.50
N THR A 849 -58.58 7.12 -3.78
CA THR A 849 -58.97 8.03 -4.84
C THR A 849 -60.49 8.10 -4.93
N VAL A 850 -61.13 7.26 -4.17
CA VAL A 850 -62.53 7.25 -4.23
C VAL A 850 -63.27 8.56 -3.89
N PRO A 851 -62.88 9.24 -2.81
CA PRO A 851 -63.56 10.50 -2.43
C PRO A 851 -63.45 11.57 -3.50
N PHE A 852 -62.23 11.77 -3.98
CA PHE A 852 -61.91 12.73 -5.04
C PHE A 852 -62.71 12.44 -6.31
N VAL A 853 -62.68 11.19 -6.79
CA VAL A 853 -63.44 10.81 -7.97
C VAL A 853 -64.93 11.15 -7.79
N SER A 854 -65.43 10.89 -6.60
CA SER A 854 -66.82 11.14 -6.22
C SER A 854 -67.19 12.60 -6.34
N LYS A 855 -66.29 13.41 -5.83
CA LYS A 855 -66.38 14.85 -5.79
C LYS A 855 -66.27 15.38 -7.16
N ALA A 856 -65.37 14.82 -7.91
CA ALA A 856 -65.16 15.25 -9.23
C ALA A 856 -66.28 14.92 -10.20
N THR A 857 -66.93 13.78 -10.00
CA THR A 857 -67.99 13.34 -10.89
C THR A 857 -69.38 13.50 -10.34
N GLY A 858 -69.53 13.78 -9.04
CA GLY A 858 -70.88 13.91 -8.50
C GLY A 858 -71.57 12.56 -8.25
N VAL A 859 -70.77 11.52 -8.33
CA VAL A 859 -71.27 10.17 -8.11
C VAL A 859 -70.57 9.65 -6.87
N PRO A 860 -71.39 9.31 -5.85
CA PRO A 860 -71.00 8.79 -4.53
C PRO A 860 -70.71 7.28 -4.65
N LEU A 861 -69.56 7.02 -5.26
CA LEU A 861 -69.13 5.68 -5.52
C LEU A 861 -69.25 4.77 -4.34
N ALA A 862 -68.89 5.28 -3.17
CA ALA A 862 -68.95 4.51 -1.92
C ALA A 862 -70.36 4.09 -1.60
N LYS A 863 -71.28 5.01 -1.81
CA LYS A 863 -72.67 4.72 -1.55
C LYS A 863 -73.19 3.77 -2.57
N VAL A 864 -72.82 4.01 -3.79
CA VAL A 864 -73.30 3.12 -4.80
C VAL A 864 -72.79 1.70 -4.60
N ALA A 865 -71.49 1.61 -4.44
CA ALA A 865 -70.81 0.35 -4.26
C ALA A 865 -71.29 -0.41 -3.06
N ALA A 866 -71.64 0.36 -2.02
CA ALA A 866 -72.15 -0.21 -0.79
C ALA A 866 -73.47 -0.90 -1.09
N ARG A 867 -74.22 -0.25 -1.99
CA ARG A 867 -75.53 -0.74 -2.39
C ARG A 867 -75.47 -2.02 -3.12
N VAL A 868 -74.48 -2.08 -3.99
CA VAL A 868 -74.27 -3.26 -4.78
C VAL A 868 -73.92 -4.39 -3.85
N MET A 869 -73.02 -4.09 -2.92
CA MET A 869 -72.57 -5.09 -1.99
C MET A 869 -73.75 -5.66 -1.26
N ALA A 870 -74.70 -4.77 -0.97
CA ALA A 870 -75.94 -5.11 -0.26
C ALA A 870 -77.00 -5.85 -1.09
N GLY A 871 -76.74 -6.01 -2.39
CA GLY A 871 -77.64 -6.71 -3.30
C GLY A 871 -78.26 -5.84 -4.39
N LYS A 872 -78.35 -4.55 -4.15
CA LYS A 872 -78.94 -3.65 -5.12
C LYS A 872 -78.02 -3.45 -6.31
N SER A 873 -78.46 -3.82 -7.50
CA SER A 873 -77.61 -3.68 -8.67
C SER A 873 -77.43 -2.24 -9.19
N LEU A 874 -76.41 -2.06 -10.04
CA LEU A 874 -76.07 -0.79 -10.67
C LEU A 874 -77.26 -0.36 -11.53
N ALA A 875 -77.78 -1.34 -12.28
CA ALA A 875 -78.96 -1.09 -13.11
C ALA A 875 -80.14 -0.57 -12.28
N GLU A 876 -80.38 -1.28 -11.16
CA GLU A 876 -81.43 -1.01 -10.19
C GLU A 876 -81.28 0.37 -9.53
N GLN A 877 -80.03 0.78 -9.27
CA GLN A 877 -79.83 2.08 -8.63
C GLN A 877 -79.83 3.18 -9.67
N GLY A 878 -79.76 2.78 -10.94
CA GLY A 878 -79.76 3.74 -12.03
C GLY A 878 -78.41 4.39 -12.27
N VAL A 879 -77.37 3.71 -11.83
CA VAL A 879 -76.02 4.20 -12.01
C VAL A 879 -75.29 3.23 -12.91
N THR A 880 -75.33 3.56 -14.19
CA THR A 880 -74.77 2.67 -15.17
C THR A 880 -73.84 3.31 -16.19
N LYS A 881 -73.85 4.63 -16.23
CA LYS A 881 -73.02 5.35 -17.18
C LYS A 881 -71.90 6.13 -16.55
N GLU A 882 -70.76 6.04 -17.19
CA GLU A 882 -69.57 6.71 -16.70
C GLU A 882 -69.70 8.20 -16.89
N VAL A 883 -69.39 8.90 -15.82
CA VAL A 883 -69.46 10.33 -15.86
C VAL A 883 -68.13 10.97 -16.17
N ILE A 884 -68.16 11.84 -17.15
CA ILE A 884 -67.00 12.59 -17.55
C ILE A 884 -67.38 14.05 -17.43
N PRO A 885 -67.00 14.68 -16.31
CA PRO A 885 -67.34 16.05 -16.03
C PRO A 885 -66.87 17.04 -17.05
N PRO A 886 -67.58 18.16 -17.08
CA PRO A 886 -67.32 19.28 -17.98
C PRO A 886 -66.09 20.16 -17.62
N TYR A 887 -65.57 20.02 -16.39
CA TYR A 887 -64.42 20.78 -15.90
C TYR A 887 -63.26 19.81 -15.63
N TYR A 888 -62.14 20.35 -15.26
CA TYR A 888 -61.01 19.51 -14.94
C TYR A 888 -60.90 19.42 -13.42
N SER A 889 -60.54 18.23 -12.91
CA SER A 889 -60.32 18.07 -11.48
C SER A 889 -58.89 17.61 -11.28
N VAL A 890 -58.16 18.36 -10.48
CA VAL A 890 -56.79 18.00 -10.25
C VAL A 890 -56.53 17.77 -8.78
N LYS A 891 -55.93 16.65 -8.46
CA LYS A 891 -55.62 16.39 -7.09
C LYS A 891 -54.14 16.53 -6.92
N GLU A 892 -53.80 17.19 -5.82
CA GLU A 892 -52.41 17.40 -5.45
C GLU A 892 -52.25 17.00 -4.00
N VAL A 893 -51.06 16.50 -3.59
CA VAL A 893 -50.84 16.09 -2.20
C VAL A 893 -50.02 17.03 -1.35
N VAL A 894 -50.03 16.75 -0.05
CA VAL A 894 -49.23 17.50 0.92
C VAL A 894 -48.30 16.51 1.64
N LEU A 895 -47.01 16.86 1.76
CA LEU A 895 -46.03 16.00 2.38
C LEU A 895 -45.47 16.57 3.66
N PRO A 896 -45.20 15.64 4.55
CA PRO A 896 -44.72 15.94 5.87
C PRO A 896 -43.25 16.18 6.00
N PHE A 897 -42.51 16.29 4.90
CA PHE A 897 -41.07 16.51 5.03
C PHE A 897 -40.62 17.62 5.93
N ASN A 898 -41.45 18.66 6.04
CA ASN A 898 -41.14 19.81 6.85
C ASN A 898 -41.05 19.47 8.30
N LYS A 899 -41.77 18.42 8.66
CA LYS A 899 -41.84 17.88 10.04
C LYS A 899 -40.57 17.12 10.42
N PHE A 900 -39.87 16.64 9.39
CA PHE A 900 -38.67 15.82 9.55
C PHE A 900 -37.60 16.34 8.62
N PRO A 901 -37.08 17.47 8.99
CA PRO A 901 -36.05 18.15 8.22
C PRO A 901 -34.89 17.23 7.84
N GLY A 902 -34.60 16.26 8.68
CA GLY A 902 -33.53 15.36 8.33
C GLY A 902 -33.80 14.42 7.16
N VAL A 903 -35.04 14.34 6.69
CA VAL A 903 -35.37 13.46 5.56
C VAL A 903 -35.16 14.20 4.25
N ASP A 904 -34.71 13.51 3.19
CA ASP A 904 -34.48 14.09 1.86
C ASP A 904 -35.86 14.22 1.30
N PRO A 905 -36.27 15.48 1.08
CA PRO A 905 -37.61 15.84 0.62
C PRO A 905 -37.86 15.47 -0.82
N LEU A 906 -37.59 14.21 -1.13
CA LEU A 906 -37.71 13.70 -2.47
C LEU A 906 -38.77 12.62 -2.70
N LEU A 907 -39.41 12.69 -3.87
CA LEU A 907 -40.45 11.74 -4.26
C LEU A 907 -39.90 10.42 -4.77
N GLY A 908 -40.67 9.34 -4.60
CA GLY A 908 -40.28 8.01 -5.03
C GLY A 908 -41.45 7.04 -4.98
N PRO A 909 -41.10 5.74 -5.10
CA PRO A 909 -42.03 4.60 -5.13
C PRO A 909 -42.79 4.25 -3.84
N GLU A 910 -42.37 4.83 -2.72
CA GLU A 910 -42.99 4.66 -1.44
C GLU A 910 -43.80 5.91 -1.14
N MET A 911 -45.00 5.75 -0.62
CA MET A 911 -45.84 6.89 -0.30
C MET A 911 -45.46 7.54 1.03
N ARG A 912 -45.38 8.86 1.05
CA ARG A 912 -45.03 9.54 2.27
C ARG A 912 -46.01 10.66 2.59
N SER A 913 -46.90 10.99 1.67
CA SER A 913 -47.81 12.10 1.90
C SER A 913 -48.89 11.85 2.94
N THR A 914 -49.31 12.95 3.62
CA THR A 914 -50.36 12.88 4.64
C THR A 914 -51.70 13.33 4.15
N GLY A 915 -51.75 14.18 3.14
CA GLY A 915 -53.04 14.60 2.72
C GLY A 915 -53.13 14.97 1.28
N GLU A 916 -54.24 15.59 0.98
CA GLU A 916 -54.51 15.97 -0.37
C GLU A 916 -55.57 17.08 -0.49
N VAL A 917 -55.48 17.78 -1.60
CA VAL A 917 -56.37 18.89 -1.93
C VAL A 917 -56.88 18.70 -3.35
N MET A 918 -57.97 19.39 -3.64
CA MET A 918 -58.54 19.33 -4.97
C MET A 918 -58.62 20.73 -5.66
N GLY A 919 -58.32 20.76 -6.95
CA GLY A 919 -58.34 21.98 -7.77
C GLY A 919 -59.30 21.79 -8.95
N VAL A 920 -60.32 22.66 -9.03
CA VAL A 920 -61.34 22.61 -10.09
C VAL A 920 -61.16 23.71 -11.16
N GLY A 921 -60.90 23.33 -12.40
CA GLY A 921 -60.70 24.37 -13.36
C GLY A 921 -61.33 24.10 -14.70
N ARG A 922 -61.43 25.19 -15.47
CA ARG A 922 -62.01 25.13 -16.79
C ARG A 922 -61.01 24.47 -17.71
N THR A 923 -59.76 24.52 -17.31
CA THR A 923 -58.68 23.88 -18.04
C THR A 923 -57.76 23.18 -17.07
N PHE A 924 -56.91 22.35 -17.64
CA PHE A 924 -55.95 21.62 -16.84
C PHE A 924 -55.10 22.62 -16.06
N ALA A 925 -54.59 23.62 -16.79
CA ALA A 925 -53.76 24.65 -16.22
C ALA A 925 -54.41 25.30 -15.01
N GLU A 926 -55.71 25.59 -15.14
CA GLU A 926 -56.44 26.20 -14.05
C GLU A 926 -56.64 25.27 -12.86
N ALA A 927 -57.08 24.01 -13.09
CA ALA A 927 -57.28 23.02 -12.03
C ALA A 927 -55.99 22.85 -11.24
N PHE A 928 -54.92 22.71 -12.03
CA PHE A 928 -53.58 22.56 -11.51
C PHE A 928 -53.12 23.72 -10.64
N ALA A 929 -53.34 24.91 -11.14
CA ALA A 929 -52.93 26.08 -10.40
C ALA A 929 -53.62 26.14 -9.06
N LYS A 930 -54.90 25.73 -9.10
CA LYS A 930 -55.76 25.71 -7.92
C LYS A 930 -55.28 24.63 -7.01
N ALA A 931 -54.95 23.46 -7.59
CA ALA A 931 -54.45 22.34 -6.78
C ALA A 931 -53.08 22.72 -6.17
N GLN A 932 -52.26 23.38 -6.95
CA GLN A 932 -50.97 23.80 -6.45
C GLN A 932 -51.03 24.78 -5.30
N LEU A 933 -51.81 25.80 -5.48
CA LEU A 933 -51.98 26.79 -4.46
C LEU A 933 -52.58 26.18 -3.19
N GLY A 934 -53.58 25.31 -3.33
CA GLY A 934 -54.22 24.72 -2.15
C GLY A 934 -53.27 23.82 -1.37
N SER A 935 -52.23 23.37 -2.07
CA SER A 935 -51.20 22.51 -1.52
C SER A 935 -50.15 23.27 -0.68
N ASN A 936 -50.36 24.59 -0.56
CA ASN A 936 -49.49 25.46 0.20
C ASN A 936 -48.18 25.72 -0.52
N SER A 937 -48.24 25.56 -1.85
CA SER A 937 -47.07 25.81 -2.69
C SER A 937 -46.67 27.28 -2.60
N THR A 938 -45.37 27.52 -2.43
CA THR A 938 -44.84 28.87 -2.38
C THR A 938 -44.46 29.37 -3.80
N MET A 939 -44.92 28.69 -4.86
CA MET A 939 -44.60 29.08 -6.22
C MET A 939 -44.89 30.56 -6.53
N LYS A 940 -43.98 31.21 -7.23
CA LYS A 940 -44.20 32.61 -7.62
C LYS A 940 -44.37 32.72 -9.14
N LYS A 941 -44.86 33.84 -9.65
CA LYS A 941 -45.06 33.95 -11.11
C LYS A 941 -43.93 34.68 -11.84
N HIS A 942 -42.89 35.00 -11.06
CA HIS A 942 -41.74 35.73 -11.52
C HIS A 942 -40.57 35.23 -10.75
N GLY A 943 -39.41 35.86 -11.04
CA GLY A 943 -38.13 35.60 -10.38
C GLY A 943 -37.12 34.78 -11.18
N ARG A 944 -36.29 34.05 -10.41
CA ARG A 944 -35.26 33.20 -10.97
C ARG A 944 -35.50 31.75 -10.58
N ALA A 945 -35.26 30.92 -11.57
CA ALA A 945 -35.44 29.49 -11.45
C ALA A 945 -34.12 28.76 -11.59
N LEU A 946 -33.97 27.72 -10.74
CA LEU A 946 -32.81 26.90 -10.74
C LEU A 946 -33.14 25.57 -11.43
N LEU A 947 -32.35 25.24 -12.47
CA LEU A 947 -32.52 24.01 -13.25
C LEU A 947 -31.30 23.12 -13.00
N SER A 948 -31.53 21.88 -12.52
CA SER A 948 -30.50 20.86 -12.20
C SER A 948 -31.18 19.52 -12.37
N VAL A 949 -31.11 18.99 -13.59
CA VAL A 949 -31.77 17.75 -13.93
C VAL A 949 -30.84 16.67 -14.36
N ARG A 950 -31.33 15.47 -14.27
CA ARG A 950 -30.57 14.30 -14.64
C ARG A 950 -30.55 14.12 -16.14
N GLU A 951 -29.54 13.36 -16.53
CA GLU A 951 -29.26 12.99 -17.88
C GLU A 951 -30.50 12.72 -18.71
N GLY A 952 -31.32 11.84 -18.22
CA GLY A 952 -32.52 11.49 -18.94
C GLY A 952 -33.47 12.62 -19.12
N ASP A 953 -33.32 13.63 -18.27
CA ASP A 953 -34.19 14.78 -18.37
C ASP A 953 -33.59 15.91 -19.17
N LYS A 954 -32.30 15.77 -19.50
CA LYS A 954 -31.59 16.80 -20.23
C LYS A 954 -32.20 17.29 -21.53
N GLU A 955 -32.90 16.40 -22.20
CA GLU A 955 -33.54 16.71 -23.44
C GLU A 955 -34.85 17.52 -23.33
N ARG A 956 -35.74 17.11 -22.45
CA ARG A 956 -37.00 17.82 -22.30
C ARG A 956 -36.83 19.15 -21.58
N VAL A 957 -35.74 19.27 -20.83
CA VAL A 957 -35.48 20.43 -20.01
C VAL A 957 -35.49 21.75 -20.73
N VAL A 958 -34.94 21.69 -21.93
CA VAL A 958 -34.85 22.84 -22.77
C VAL A 958 -36.24 23.53 -22.94
N ASP A 959 -37.27 22.75 -23.32
CA ASP A 959 -38.60 23.27 -23.50
C ASP A 959 -39.08 23.87 -22.22
N LEU A 960 -38.62 23.28 -21.16
CA LEU A 960 -39.05 23.79 -19.89
C LEU A 960 -38.50 25.14 -19.66
N ALA A 961 -37.18 25.20 -19.87
CA ALA A 961 -36.41 26.42 -19.73
C ALA A 961 -37.00 27.55 -20.61
N ALA A 962 -37.41 27.18 -21.81
CA ALA A 962 -37.99 28.10 -22.75
C ALA A 962 -39.26 28.71 -22.17
N LYS A 963 -40.16 27.83 -21.74
CA LYS A 963 -41.42 28.19 -21.14
C LYS A 963 -41.24 29.12 -19.98
N LEU A 964 -40.21 28.83 -19.19
CA LEU A 964 -39.96 29.69 -18.03
C LEU A 964 -39.52 31.10 -18.44
N LEU A 965 -38.63 31.07 -19.43
CA LEU A 965 -38.06 32.27 -20.07
C LEU A 965 -39.21 33.13 -20.57
N LYS A 966 -40.09 32.51 -21.34
CA LYS A 966 -41.27 33.15 -21.86
C LYS A 966 -42.05 33.85 -20.73
N GLN A 967 -42.20 33.19 -19.55
CA GLN A 967 -42.91 33.69 -18.36
C GLN A 967 -42.21 34.81 -17.65
N GLY A 968 -41.02 35.11 -18.14
CA GLY A 968 -40.28 36.18 -17.55
C GLY A 968 -39.29 35.77 -16.52
N PHE A 969 -39.19 34.48 -16.25
CA PHE A 969 -38.24 34.03 -15.25
C PHE A 969 -36.79 34.16 -15.68
N GLU A 970 -35.90 34.29 -14.73
CA GLU A 970 -34.50 34.28 -15.11
C GLU A 970 -34.00 32.87 -14.83
N LEU A 971 -32.83 32.47 -15.31
CA LEU A 971 -32.40 31.10 -15.08
C LEU A 971 -30.99 30.83 -14.56
N ASP A 972 -30.88 29.84 -13.67
CA ASP A 972 -29.61 29.38 -13.15
C ASP A 972 -29.50 27.93 -13.52
N ALA A 973 -28.32 27.39 -13.50
CA ALA A 973 -28.22 25.98 -13.86
C ALA A 973 -26.88 25.40 -13.55
N THR A 974 -26.88 24.12 -13.24
CA THR A 974 -25.65 23.46 -12.92
C THR A 974 -25.01 23.12 -14.21
N HIS A 975 -23.73 22.89 -14.06
CA HIS A 975 -22.82 22.56 -15.12
C HIS A 975 -23.40 21.83 -16.30
N GLY A 976 -23.72 20.56 -16.08
CA GLY A 976 -24.26 19.74 -17.13
C GLY A 976 -25.53 20.27 -17.74
N THR A 977 -26.38 20.76 -16.89
CA THR A 977 -27.62 21.26 -17.36
C THR A 977 -27.38 22.49 -18.19
N ALA A 978 -26.44 23.32 -17.76
CA ALA A 978 -26.10 24.54 -18.48
C ALA A 978 -25.65 24.26 -19.90
N ILE A 979 -24.78 23.25 -19.97
CA ILE A 979 -24.19 22.77 -21.21
C ILE A 979 -25.27 22.49 -22.27
N VAL A 980 -26.26 21.67 -21.92
CA VAL A 980 -27.34 21.31 -22.83
C VAL A 980 -28.16 22.50 -23.19
N LEU A 981 -28.34 23.35 -22.21
CA LEU A 981 -29.12 24.54 -22.40
C LEU A 981 -28.41 25.39 -23.42
N GLY A 982 -27.08 25.64 -23.22
CA GLY A 982 -26.23 26.42 -24.15
C GLY A 982 -26.38 25.91 -25.60
N GLU A 983 -26.19 24.62 -25.78
CA GLU A 983 -26.33 23.96 -27.05
C GLU A 983 -27.69 24.15 -27.70
N ALA A 984 -28.64 24.55 -26.92
CA ALA A 984 -29.96 24.72 -27.45
C ALA A 984 -30.26 26.19 -27.68
N GLY A 985 -29.33 27.03 -27.28
CA GLY A 985 -29.52 28.46 -27.45
C GLY A 985 -29.90 29.16 -26.16
N ILE A 986 -30.00 28.38 -25.07
CA ILE A 986 -30.34 28.95 -23.77
C ILE A 986 -29.10 29.09 -22.90
N ASN A 987 -28.81 30.30 -22.51
CA ASN A 987 -27.65 30.54 -21.71
C ASN A 987 -28.00 30.85 -20.28
N PRO A 988 -28.16 29.84 -19.47
CA PRO A 988 -28.47 30.16 -18.09
C PRO A 988 -27.25 30.73 -17.37
N ARG A 989 -27.53 31.23 -16.20
CA ARG A 989 -26.47 31.70 -15.39
C ARG A 989 -25.95 30.50 -14.62
N LEU A 990 -24.65 30.28 -14.72
CA LEU A 990 -24.06 29.18 -14.03
C LEU A 990 -23.97 29.37 -12.53
N VAL A 991 -24.18 28.24 -11.86
CA VAL A 991 -24.14 28.08 -10.43
C VAL A 991 -23.31 26.83 -10.08
N ASN A 992 -22.48 26.95 -9.05
CA ASN A 992 -21.66 25.83 -8.66
C ASN A 992 -22.41 24.85 -7.80
N LYS A 993 -21.94 23.59 -7.82
CA LYS A 993 -22.53 22.54 -6.99
C LYS A 993 -21.87 22.75 -5.65
N VAL A 994 -22.56 22.43 -4.55
CA VAL A 994 -22.06 22.62 -3.20
C VAL A 994 -20.60 22.29 -3.03
N HIS A 995 -20.26 21.17 -3.60
CA HIS A 995 -18.90 20.71 -3.55
C HIS A 995 -17.94 21.31 -4.59
N GLU A 996 -18.48 22.07 -5.53
CA GLU A 996 -17.66 22.69 -6.58
C GLU A 996 -16.99 23.99 -6.20
N GLY A 997 -17.51 24.50 -5.09
CA GLY A 997 -17.06 25.74 -4.54
C GLY A 997 -18.25 26.66 -4.36
N ARG A 998 -17.90 27.90 -4.18
CA ARG A 998 -18.83 28.95 -3.97
C ARG A 998 -18.59 29.85 -5.14
N PRO A 999 -19.66 30.55 -5.65
CA PRO A 999 -21.00 30.55 -5.09
C PRO A 999 -21.76 29.31 -5.50
N HIS A 1000 -22.38 28.67 -4.52
CA HIS A 1000 -23.15 27.46 -4.80
C HIS A 1000 -24.66 27.59 -4.58
N ILE A 1001 -25.40 26.52 -4.97
CA ILE A 1001 -26.87 26.42 -4.88
C ILE A 1001 -27.37 26.63 -3.48
N GLN A 1002 -26.67 26.06 -2.56
CA GLN A 1002 -27.05 26.19 -1.19
C GLN A 1002 -26.99 27.66 -0.78
N ASP A 1003 -25.93 28.30 -1.22
CA ASP A 1003 -25.72 29.68 -0.89
C ASP A 1003 -26.83 30.47 -1.52
N ARG A 1004 -26.97 30.31 -2.84
CA ARG A 1004 -27.97 31.03 -3.59
C ARG A 1004 -29.40 30.79 -3.12
N ILE A 1005 -29.71 29.51 -2.84
CA ILE A 1005 -31.04 29.14 -2.35
C ILE A 1005 -31.26 29.88 -1.03
N LYS A 1006 -30.30 29.73 -0.16
CA LYS A 1006 -30.35 30.39 1.12
C LYS A 1006 -30.52 31.88 1.04
N ASN A 1007 -29.91 32.48 0.02
CA ASN A 1007 -29.95 33.91 -0.13
C ASN A 1007 -31.15 34.45 -0.84
N GLY A 1008 -32.03 33.55 -1.16
CA GLY A 1008 -33.25 33.96 -1.81
C GLY A 1008 -33.12 34.27 -3.28
N GLU A 1009 -32.18 33.63 -3.93
CA GLU A 1009 -32.06 33.91 -5.31
C GLU A 1009 -33.15 33.34 -6.16
N TYR A 1010 -33.70 32.20 -5.73
CA TYR A 1010 -34.72 31.49 -6.49
C TYR A 1010 -36.13 31.56 -6.01
N THR A 1011 -37.04 31.42 -6.94
CA THR A 1011 -38.43 31.41 -6.61
C THR A 1011 -38.94 30.08 -7.10
N TYR A 1012 -38.08 29.42 -7.81
CA TYR A 1012 -38.49 28.14 -8.28
C TYR A 1012 -37.31 27.26 -8.47
N ILE A 1013 -37.53 25.97 -8.32
CA ILE A 1013 -36.43 25.03 -8.50
C ILE A 1013 -36.87 23.79 -9.24
N ILE A 1014 -36.16 23.43 -10.26
CA ILE A 1014 -36.52 22.22 -10.94
C ILE A 1014 -35.31 21.30 -10.84
N ASN A 1015 -35.45 20.21 -10.12
CA ASN A 1015 -34.36 19.28 -9.89
C ASN A 1015 -34.74 17.83 -9.99
N THR A 1016 -34.16 17.13 -10.95
CA THR A 1016 -34.47 15.74 -11.06
C THR A 1016 -33.16 15.00 -10.83
N THR A 1017 -33.25 13.78 -10.34
CA THR A 1017 -32.07 12.95 -9.99
C THR A 1017 -32.45 11.48 -9.98
N SER A 1018 -31.52 10.69 -10.51
CA SER A 1018 -31.77 9.27 -10.60
C SER A 1018 -30.64 8.46 -10.02
N GLY A 1019 -30.97 7.36 -9.32
CA GLY A 1019 -29.95 6.50 -8.72
C GLY A 1019 -29.55 6.89 -7.30
N ARG A 1020 -29.56 5.89 -6.42
CA ARG A 1020 -29.24 6.06 -5.00
C ARG A 1020 -28.14 7.00 -4.59
N ARG A 1021 -26.95 6.76 -5.18
CA ARG A 1021 -25.79 7.55 -4.87
C ARG A 1021 -25.97 8.97 -5.33
N ALA A 1022 -26.45 9.09 -6.54
CA ALA A 1022 -26.70 10.40 -7.11
C ALA A 1022 -27.68 11.19 -6.21
N ILE A 1023 -28.71 10.48 -5.73
CA ILE A 1023 -29.71 11.05 -4.85
C ILE A 1023 -29.12 11.53 -3.56
N GLU A 1024 -28.48 10.57 -2.93
CA GLU A 1024 -27.78 10.78 -1.70
C GLU A 1024 -26.85 12.00 -1.77
N ASP A 1025 -26.21 12.17 -2.92
CA ASP A 1025 -25.29 13.27 -3.14
C ASP A 1025 -25.96 14.62 -3.34
N SER A 1026 -27.11 14.62 -3.98
CA SER A 1026 -27.75 15.88 -4.28
C SER A 1026 -28.64 16.39 -3.21
N ARG A 1027 -28.84 15.55 -2.23
CA ARG A 1027 -29.69 15.80 -1.09
C ARG A 1027 -29.79 17.25 -0.61
N VAL A 1028 -28.65 17.90 -0.63
CA VAL A 1028 -28.55 19.26 -0.17
C VAL A 1028 -29.43 20.26 -0.90
N ILE A 1029 -29.60 20.03 -2.18
CA ILE A 1029 -30.39 20.95 -2.96
C ILE A 1029 -31.84 20.91 -2.57
N ARG A 1030 -32.33 19.69 -2.30
CA ARG A 1030 -33.70 19.48 -1.89
C ARG A 1030 -33.99 19.92 -0.45
N ARG A 1031 -33.04 19.63 0.42
CA ARG A 1031 -33.15 20.00 1.79
C ARG A 1031 -33.14 21.52 1.88
N SER A 1032 -32.32 22.18 1.08
CA SER A 1032 -32.25 23.64 1.13
C SER A 1032 -33.50 24.30 0.62
N ALA A 1033 -34.01 23.73 -0.49
CA ALA A 1033 -35.21 24.27 -1.10
C ALA A 1033 -36.36 24.34 -0.12
N LEU A 1034 -36.50 23.30 0.65
CA LEU A 1034 -37.57 23.19 1.63
C LEU A 1034 -37.44 24.12 2.81
N GLN A 1035 -36.25 24.12 3.34
CA GLN A 1035 -35.96 24.92 4.48
C GLN A 1035 -36.18 26.37 4.22
N TYR A 1036 -35.90 26.74 2.97
CA TYR A 1036 -36.04 28.14 2.59
C TYR A 1036 -37.30 28.51 1.89
N LYS A 1037 -38.18 27.55 1.86
CA LYS A 1037 -39.47 27.78 1.29
C LYS A 1037 -39.53 28.06 -0.19
N VAL A 1038 -38.60 27.55 -0.99
CA VAL A 1038 -38.68 27.78 -2.44
C VAL A 1038 -39.52 26.70 -3.09
N HIS A 1039 -40.37 27.04 -4.06
CA HIS A 1039 -41.11 25.94 -4.63
C HIS A 1039 -40.23 25.03 -5.47
N TYR A 1040 -40.39 23.73 -5.30
CA TYR A 1040 -39.58 22.87 -6.07
C TYR A 1040 -40.35 21.69 -6.61
N ASP A 1041 -39.90 21.21 -7.76
CA ASP A 1041 -40.47 20.06 -8.39
C ASP A 1041 -39.33 19.04 -8.53
N THR A 1042 -39.61 17.78 -8.29
CA THR A 1042 -38.60 16.75 -8.41
C THR A 1042 -38.89 15.86 -9.61
N THR A 1043 -39.83 16.27 -10.44
CA THR A 1043 -40.16 15.53 -11.66
C THR A 1043 -40.36 16.52 -12.76
N LEU A 1044 -39.89 16.16 -13.94
CA LEU A 1044 -40.05 17.06 -15.09
C LEU A 1044 -41.51 17.17 -15.46
N ASN A 1045 -42.23 16.08 -15.27
CA ASN A 1045 -43.64 16.10 -15.61
C ASN A 1045 -44.31 17.13 -14.75
N GLY A 1046 -43.78 17.24 -13.53
CA GLY A 1046 -44.20 18.15 -12.48
C GLY A 1046 -43.82 19.56 -12.86
N GLY A 1047 -42.59 19.72 -13.35
CA GLY A 1047 -42.08 21.02 -13.81
C GLY A 1047 -43.00 21.55 -14.94
N PHE A 1048 -43.43 20.67 -15.82
CA PHE A 1048 -44.29 21.10 -16.89
C PHE A 1048 -45.65 21.52 -16.42
N ALA A 1049 -46.15 20.79 -15.44
CA ALA A 1049 -47.47 21.13 -14.96
C ALA A 1049 -47.41 22.48 -14.34
N THR A 1050 -46.34 22.71 -13.58
CA THR A 1050 -46.14 23.99 -12.91
C THR A 1050 -46.14 25.12 -13.92
N ALA A 1051 -45.48 24.84 -15.02
CA ALA A 1051 -45.32 25.75 -16.12
C ALA A 1051 -46.69 26.21 -16.60
N MET A 1052 -47.54 25.24 -16.93
CA MET A 1052 -48.86 25.58 -17.40
C MET A 1052 -49.64 26.46 -16.42
N ALA A 1053 -49.57 26.06 -15.16
CA ALA A 1053 -50.28 26.78 -14.11
C ALA A 1053 -49.92 28.27 -13.99
N LEU A 1054 -48.75 28.57 -14.55
CA LEU A 1054 -48.31 29.95 -14.47
C LEU A 1054 -49.17 30.86 -15.35
N ASN A 1055 -49.87 30.22 -16.27
CA ASN A 1055 -50.73 30.89 -17.21
C ASN A 1055 -52.16 31.00 -16.75
N ALA A 1056 -52.38 30.63 -15.50
CA ALA A 1056 -53.71 30.67 -14.91
C ALA A 1056 -53.70 31.45 -13.62
N ASP A 1057 -54.90 31.79 -13.14
CA ASP A 1057 -55.07 32.53 -11.91
C ASP A 1057 -56.12 31.83 -11.04
N ALA A 1058 -55.61 31.13 -10.02
CA ALA A 1058 -56.36 30.38 -9.04
C ALA A 1058 -57.32 31.22 -8.21
N THR A 1059 -57.15 32.56 -8.24
CA THR A 1059 -57.99 33.50 -7.49
C THR A 1059 -59.06 34.12 -8.41
N GLU A 1060 -59.05 33.73 -9.67
CA GLU A 1060 -59.94 34.30 -10.65
C GLU A 1060 -61.41 33.99 -10.52
N LYS A 1061 -61.70 32.73 -10.68
CA LYS A 1061 -63.05 32.28 -10.63
C LYS A 1061 -63.19 31.26 -9.53
N VAL A 1062 -64.33 31.29 -8.90
CA VAL A 1062 -64.68 30.36 -7.85
C VAL A 1062 -65.94 29.58 -8.28
N ILE A 1063 -66.03 28.33 -7.84
CA ILE A 1063 -67.20 27.52 -8.13
C ILE A 1063 -67.52 26.60 -6.93
N SER A 1064 -68.83 26.44 -6.60
CA SER A 1064 -69.28 25.59 -5.52
C SER A 1064 -69.47 24.20 -6.09
N VAL A 1065 -69.50 23.20 -5.21
CA VAL A 1065 -69.61 21.81 -5.66
C VAL A 1065 -70.94 21.55 -6.29
N GLN A 1066 -71.89 22.23 -5.68
CA GLN A 1066 -73.25 22.11 -6.13
C GLN A 1066 -73.32 22.54 -7.59
N GLU A 1067 -72.69 23.67 -7.87
CA GLU A 1067 -72.63 24.24 -9.22
C GLU A 1067 -71.89 23.30 -10.16
N MET A 1068 -70.80 22.75 -9.66
CA MET A 1068 -70.03 21.81 -10.48
C MET A 1068 -70.91 20.63 -10.91
N HIS A 1069 -71.54 19.99 -9.90
CA HIS A 1069 -72.37 18.83 -10.15
C HIS A 1069 -73.56 19.12 -11.02
N ALA A 1070 -73.94 20.40 -10.97
CA ALA A 1070 -75.07 20.83 -11.76
C ALA A 1070 -74.71 20.89 -13.23
N GLN A 1071 -73.44 21.18 -13.53
CA GLN A 1071 -73.00 21.25 -14.91
C GLN A 1071 -72.85 19.91 -15.54
N ILE A 1072 -73.00 18.86 -14.75
CA ILE A 1072 -72.87 17.51 -15.26
C ILE A 1072 -74.23 17.11 -15.85
N LYS A 1073 -74.32 17.15 -17.17
CA LYS A 1073 -75.58 16.80 -17.80
C LYS A 1073 -75.60 15.41 -18.44
N ILE B 2 -58.03 -15.38 48.47
CA ILE B 2 -59.41 -14.87 48.57
C ILE B 2 -59.81 -14.17 49.86
N LYS B 3 -59.96 -12.86 49.74
CA LYS B 3 -60.41 -11.94 50.77
C LYS B 3 -61.76 -11.41 50.27
N SER B 4 -62.73 -12.30 50.32
CA SER B 4 -64.08 -12.09 49.86
C SER B 4 -64.86 -10.95 50.50
N ALA B 5 -65.78 -10.45 49.68
CA ALA B 5 -66.72 -9.39 50.04
C ALA B 5 -67.96 -9.62 49.19
N LEU B 6 -69.09 -9.25 49.75
CA LEU B 6 -70.33 -9.43 49.05
C LEU B 6 -71.33 -8.35 49.50
N LEU B 7 -72.13 -7.87 48.52
CA LEU B 7 -73.15 -6.86 48.71
C LEU B 7 -74.43 -7.37 48.16
N VAL B 8 -75.47 -7.32 48.99
CA VAL B 8 -76.80 -7.78 48.62
C VAL B 8 -77.78 -6.66 48.80
N LEU B 9 -78.69 -6.54 47.83
CA LEU B 9 -79.70 -5.52 47.88
C LEU B 9 -81.00 -6.15 48.34
N GLU B 10 -81.88 -5.30 48.84
CA GLU B 10 -83.20 -5.65 49.32
C GLU B 10 -83.89 -6.62 48.35
N ASP B 11 -83.73 -6.31 47.07
CA ASP B 11 -84.33 -7.06 45.99
C ASP B 11 -83.71 -8.41 45.76
N GLY B 12 -82.69 -8.71 46.57
CA GLY B 12 -81.93 -9.96 46.51
C GLY B 12 -80.87 -9.97 45.41
N THR B 13 -80.58 -8.81 44.84
CA THR B 13 -79.59 -8.68 43.78
C THR B 13 -78.23 -8.70 44.42
N GLN B 14 -77.35 -9.59 43.94
CA GLN B 14 -76.03 -9.71 44.55
C GLN B 14 -74.84 -9.40 43.67
N PHE B 15 -73.86 -8.80 44.31
CA PHE B 15 -72.60 -8.37 43.72
C PHE B 15 -71.49 -8.95 44.57
N HIS B 16 -70.72 -9.82 43.95
CA HIS B 16 -69.64 -10.46 44.63
C HIS B 16 -68.34 -9.87 44.22
N GLY B 17 -67.61 -9.29 45.17
CA GLY B 17 -66.34 -8.68 44.84
C GLY B 17 -65.28 -9.07 45.83
N ARG B 18 -64.48 -8.07 46.25
CA ARG B 18 -63.39 -8.22 47.18
C ARG B 18 -63.39 -7.18 48.30
N ALA B 19 -63.04 -7.65 49.48
CA ALA B 19 -62.96 -6.78 50.65
C ALA B 19 -61.79 -5.81 50.58
N ILE B 20 -62.04 -4.56 50.89
CA ILE B 20 -60.95 -3.62 50.86
C ILE B 20 -60.84 -2.74 52.10
N GLY B 21 -61.77 -2.94 53.07
CA GLY B 21 -61.77 -2.16 54.32
C GLY B 21 -61.80 -3.15 55.48
N ALA B 22 -62.63 -2.88 56.49
CA ALA B 22 -62.75 -3.73 57.67
C ALA B 22 -63.49 -5.08 57.49
N THR B 23 -63.36 -5.99 58.46
CA THR B 23 -64.06 -7.25 58.32
C THR B 23 -65.40 -7.07 59.03
N GLY B 24 -66.49 -7.46 58.39
CA GLY B 24 -67.75 -7.28 59.08
C GLY B 24 -68.90 -7.23 58.12
N SER B 25 -69.95 -6.60 58.61
CA SER B 25 -71.14 -6.45 57.82
C SER B 25 -71.49 -4.98 57.79
N ALA B 26 -72.22 -4.55 56.76
CA ALA B 26 -72.63 -3.16 56.67
C ALA B 26 -74.01 -3.11 56.04
N VAL B 27 -74.86 -2.30 56.69
CA VAL B 27 -76.24 -2.16 56.24
C VAL B 27 -76.67 -0.70 56.27
N GLY B 28 -77.31 -0.32 55.16
CA GLY B 28 -77.79 1.04 54.99
C GLY B 28 -78.52 1.18 53.66
N GLU B 29 -78.83 2.44 53.32
CA GLU B 29 -79.50 2.71 52.06
C GLU B 29 -78.38 2.79 51.07
N VAL B 30 -78.54 2.11 49.97
CA VAL B 30 -77.51 2.12 48.98
C VAL B 30 -77.67 3.30 48.02
N VAL B 31 -76.66 4.16 47.92
CA VAL B 31 -76.73 5.28 46.99
C VAL B 31 -75.57 5.27 46.01
N PHE B 32 -75.64 6.14 45.04
CA PHE B 32 -74.58 6.28 44.05
C PHE B 32 -74.15 7.73 43.91
N ASN B 33 -72.86 7.97 43.86
CA ASN B 33 -72.34 9.30 43.71
C ASN B 33 -71.50 9.40 42.43
N THR B 34 -71.79 10.39 41.58
CA THR B 34 -71.08 10.53 40.33
C THR B 34 -69.79 11.27 40.42
N SER B 35 -69.46 11.73 41.62
CA SER B 35 -68.23 12.46 41.76
C SER B 35 -66.95 11.75 41.29
N MET B 36 -66.32 12.30 40.24
CA MET B 36 -65.08 11.77 39.71
C MET B 36 -63.89 11.99 40.64
N THR B 37 -63.93 13.00 41.54
CA THR B 37 -62.85 13.28 42.51
C THR B 37 -63.55 13.53 43.82
N GLY B 38 -62.79 13.54 44.93
CA GLY B 38 -63.37 13.85 46.22
C GLY B 38 -63.98 12.74 47.05
N TYR B 39 -63.51 11.52 46.81
CA TYR B 39 -64.03 10.41 47.59
C TYR B 39 -63.86 10.51 49.12
N GLN B 40 -62.69 10.99 49.59
CA GLN B 40 -62.44 11.14 51.03
C GLN B 40 -63.39 12.16 51.67
N GLU B 41 -63.66 13.25 50.99
CA GLU B 41 -64.56 14.25 51.49
C GLU B 41 -65.98 13.72 51.51
N ILE B 42 -66.29 12.89 50.53
CA ILE B 42 -67.61 12.31 50.50
C ILE B 42 -67.77 11.37 51.67
N LEU B 43 -66.74 10.51 51.90
CA LEU B 43 -66.69 9.51 52.97
C LEU B 43 -66.94 10.09 54.33
N THR B 44 -66.29 11.21 54.55
CA THR B 44 -66.37 11.94 55.80
C THR B 44 -67.53 12.92 55.93
N ASP B 45 -68.57 12.74 55.12
CA ASP B 45 -69.75 13.57 55.12
C ASP B 45 -70.81 12.91 56.00
N PRO B 46 -71.17 13.62 57.07
CA PRO B 46 -72.14 13.14 58.01
C PRO B 46 -73.42 12.75 57.31
N SER B 47 -73.76 13.53 56.30
CA SER B 47 -74.99 13.27 55.55
C SER B 47 -75.12 11.86 55.07
N TYR B 48 -73.97 11.20 55.04
CA TYR B 48 -73.89 9.84 54.56
C TYR B 48 -74.20 8.75 55.60
N SER B 49 -74.41 9.23 56.81
CA SER B 49 -74.72 8.30 57.86
C SER B 49 -75.90 7.41 57.51
N ARG B 50 -75.68 6.10 57.74
CA ARG B 50 -76.64 5.03 57.51
C ARG B 50 -76.82 4.72 56.03
N GLN B 51 -75.80 5.17 55.29
CA GLN B 51 -75.78 4.97 53.88
C GLN B 51 -74.55 4.28 53.36
N ILE B 52 -74.84 3.36 52.42
CA ILE B 52 -73.84 2.60 51.71
C ILE B 52 -73.59 3.33 50.39
N VAL B 53 -72.40 3.94 50.33
CA VAL B 53 -71.96 4.74 49.21
C VAL B 53 -71.28 4.04 48.06
N THR B 54 -71.93 4.10 46.91
CA THR B 54 -71.40 3.52 45.69
C THR B 54 -70.81 4.67 44.81
N LEU B 55 -69.61 4.51 44.30
CA LEU B 55 -69.00 5.55 43.45
C LEU B 55 -69.01 5.09 42.00
N THR B 56 -69.51 5.93 41.09
CA THR B 56 -69.62 5.54 39.69
C THR B 56 -68.31 5.51 38.98
N TYR B 57 -67.40 6.41 39.38
CA TYR B 57 -66.08 6.48 38.77
C TYR B 57 -65.18 5.30 39.24
N PRO B 58 -64.90 4.39 38.33
CA PRO B 58 -64.12 3.21 38.58
C PRO B 58 -62.92 3.27 39.53
N HIS B 59 -61.96 4.14 39.25
CA HIS B 59 -60.82 4.20 40.14
C HIS B 59 -60.94 5.04 41.34
N ILE B 60 -61.20 4.40 42.44
CA ILE B 60 -61.29 5.11 43.69
C ILE B 60 -60.08 4.90 44.62
N GLY B 61 -59.37 5.96 44.93
CA GLY B 61 -58.23 5.80 45.81
C GLY B 61 -56.93 6.33 45.20
N ASN B 62 -57.01 6.74 43.94
CA ASN B 62 -55.83 7.25 43.23
C ASN B 62 -54.96 8.24 43.96
N VAL B 63 -55.54 9.06 44.81
CA VAL B 63 -54.73 10.05 45.48
C VAL B 63 -54.47 9.78 46.96
N GLY B 64 -54.92 8.62 47.45
CA GLY B 64 -54.68 8.31 48.86
C GLY B 64 -55.64 9.07 49.74
N THR B 65 -55.16 9.49 50.92
CA THR B 65 -56.00 10.23 51.85
C THR B 65 -55.13 11.24 52.58
N ASN B 66 -55.80 12.22 53.16
CA ASN B 66 -55.15 13.26 53.95
C ASN B 66 -56.17 13.96 54.85
N ASP B 67 -55.66 14.39 56.00
CA ASP B 67 -56.48 15.04 57.03
C ASP B 67 -57.31 16.20 56.51
N ALA B 68 -56.61 17.04 55.75
CA ALA B 68 -57.23 18.18 55.15
C ALA B 68 -58.45 17.79 54.34
N ASP B 69 -58.42 16.61 53.76
CA ASP B 69 -59.59 16.19 52.99
C ASP B 69 -60.74 15.54 53.76
N GLU B 70 -60.78 15.72 55.06
CA GLU B 70 -61.87 15.16 55.85
C GLU B 70 -62.81 16.28 56.19
N GLU B 71 -64.10 16.07 55.94
CA GLU B 71 -65.20 17.02 56.17
C GLU B 71 -65.84 16.92 57.55
N SER B 72 -65.40 15.90 58.30
CA SER B 72 -65.86 15.62 59.65
C SER B 72 -64.79 14.88 60.42
N SER B 73 -65.03 14.64 61.71
CA SER B 73 -64.09 13.95 62.59
C SER B 73 -63.97 12.46 62.31
N GLN B 74 -64.94 11.91 61.58
CA GLN B 74 -64.95 10.48 61.27
C GLN B 74 -65.54 10.18 59.90
N VAL B 75 -65.76 8.91 59.65
CA VAL B 75 -66.32 8.46 58.40
C VAL B 75 -67.78 8.09 58.64
N HIS B 76 -68.67 8.87 58.03
CA HIS B 76 -70.12 8.73 58.18
C HIS B 76 -70.76 7.65 57.30
N ALA B 77 -70.13 7.39 56.16
CA ALA B 77 -70.65 6.37 55.27
C ALA B 77 -70.71 4.99 55.93
N GLN B 78 -71.82 4.31 55.72
CA GLN B 78 -72.01 2.99 56.31
C GLN B 78 -71.04 1.98 55.73
N GLY B 79 -70.90 2.08 54.42
CA GLY B 79 -70.04 1.21 53.68
C GLY B 79 -69.65 1.83 52.36
N LEU B 80 -68.68 1.21 51.73
CA LEU B 80 -68.20 1.70 50.46
C LEU B 80 -68.10 0.63 49.39
N VAL B 81 -68.72 0.95 48.23
CA VAL B 81 -68.77 0.12 47.06
C VAL B 81 -68.08 0.84 45.88
N ILE B 82 -67.08 0.18 45.34
CA ILE B 82 -66.32 0.70 44.22
C ILE B 82 -66.00 -0.38 43.20
N ARG B 83 -65.52 0.06 42.05
CA ARG B 83 -65.16 -0.84 40.97
C ARG B 83 -63.70 -1.30 41.06
N ASP B 84 -62.81 -0.35 41.28
CA ASP B 84 -61.42 -0.73 41.36
C ASP B 84 -60.60 0.07 42.35
N LEU B 85 -59.83 -0.61 43.22
CA LEU B 85 -58.94 0.04 44.16
C LEU B 85 -57.53 -0.09 43.59
N PRO B 86 -56.95 1.03 43.16
CA PRO B 86 -55.64 1.09 42.57
C PRO B 86 -54.51 0.49 43.42
N LEU B 87 -53.55 -0.02 42.69
CA LEU B 87 -52.42 -0.62 43.30
C LEU B 87 -51.75 0.32 44.25
N ILE B 88 -51.74 1.57 43.86
CA ILE B 88 -51.12 2.64 44.68
C ILE B 88 -51.86 3.96 44.63
N ALA B 89 -51.41 4.81 45.53
CA ALA B 89 -51.89 6.15 45.69
C ALA B 89 -50.74 6.93 45.17
N SER B 90 -51.02 7.95 44.39
CA SER B 90 -49.94 8.73 43.82
C SER B 90 -50.26 10.21 43.82
N ASN B 91 -49.99 10.90 44.94
CA ASN B 91 -50.23 12.32 45.12
C ASN B 91 -49.41 12.87 46.26
N PHE B 92 -48.81 14.04 46.07
CA PHE B 92 -47.97 14.61 47.13
C PHE B 92 -48.68 14.86 48.49
N ARG B 93 -50.03 14.94 48.44
CA ARG B 93 -50.87 15.20 49.61
C ARG B 93 -51.37 13.97 50.38
N ASN B 94 -51.09 12.78 49.85
CA ASN B 94 -51.50 11.53 50.45
C ASN B 94 -50.70 11.22 51.66
N THR B 95 -51.38 10.72 52.69
CA THR B 95 -50.73 10.34 53.94
C THR B 95 -51.04 8.89 54.31
N GLU B 96 -52.01 8.33 53.62
CA GLU B 96 -52.37 7.00 53.85
C GLU B 96 -53.19 6.51 52.70
N ASP B 97 -52.92 5.28 52.29
CA ASP B 97 -53.71 4.72 51.22
C ASP B 97 -55.11 4.45 51.72
N LEU B 98 -55.99 4.39 50.73
CA LEU B 98 -57.40 4.21 50.96
C LEU B 98 -57.85 3.04 51.80
N SER B 99 -57.37 1.87 51.43
CA SER B 99 -57.70 0.64 52.14
C SER B 99 -57.40 0.80 53.61
N SER B 100 -56.15 1.25 53.82
CA SER B 100 -55.66 1.57 55.15
C SER B 100 -56.56 2.52 55.90
N TYR B 101 -56.96 3.61 55.23
CA TYR B 101 -57.80 4.59 55.84
C TYR B 101 -59.10 3.92 56.27
N LEU B 102 -59.60 3.08 55.38
CA LEU B 102 -60.85 2.37 55.61
C LEU B 102 -60.84 1.50 56.85
N LYS B 103 -59.89 0.59 56.84
CA LYS B 103 -59.67 -0.35 57.91
C LYS B 103 -59.51 0.39 59.21
N ARG B 104 -58.84 1.53 59.11
CA ARG B 104 -58.61 2.42 60.23
C ARG B 104 -59.92 2.98 60.78
N HIS B 105 -60.82 3.37 59.87
CA HIS B 105 -62.09 3.92 60.28
C HIS B 105 -63.08 2.81 60.42
N ASN B 106 -62.48 1.64 60.37
CA ASN B 106 -63.18 0.39 60.48
C ASN B 106 -64.42 0.37 59.63
N ILE B 107 -64.16 0.60 58.34
CA ILE B 107 -65.17 0.66 57.31
C ILE B 107 -65.20 -0.55 56.42
N VAL B 108 -66.37 -1.13 56.32
CA VAL B 108 -66.60 -2.26 55.46
C VAL B 108 -66.66 -1.72 54.02
N ALA B 109 -65.81 -2.26 53.17
CA ALA B 109 -65.75 -1.82 51.80
C ALA B 109 -65.53 -2.98 50.87
N ILE B 110 -66.16 -2.87 49.72
CA ILE B 110 -66.08 -3.87 48.69
C ILE B 110 -65.58 -3.27 47.37
N ALA B 111 -64.79 -4.04 46.63
CA ALA B 111 -64.32 -3.54 45.36
C ALA B 111 -64.53 -4.62 44.35
N ASP B 112 -64.30 -4.30 43.07
CA ASP B 112 -64.41 -5.24 41.97
C ASP B 112 -65.79 -5.66 41.55
N ILE B 113 -66.75 -4.80 41.75
CA ILE B 113 -68.11 -5.14 41.32
C ILE B 113 -68.60 -4.21 40.22
N ASP B 114 -69.56 -4.70 39.44
CA ASP B 114 -70.14 -3.93 38.37
C ASP B 114 -70.99 -2.80 38.94
N THR B 115 -70.30 -1.69 39.29
CA THR B 115 -70.92 -0.50 39.86
C THR B 115 -71.93 0.14 38.92
N ARG B 116 -71.69 -0.07 37.63
CA ARG B 116 -72.55 0.47 36.59
C ARG B 116 -73.87 -0.28 36.62
N LYS B 117 -73.75 -1.59 36.78
CA LYS B 117 -74.93 -2.41 36.90
C LYS B 117 -75.76 -1.92 38.06
N LEU B 118 -75.04 -1.60 39.14
CA LEU B 118 -75.65 -1.12 40.36
C LEU B 118 -76.36 0.21 40.15
N THR B 119 -75.62 1.16 39.61
CA THR B 119 -76.15 2.49 39.34
C THR B 119 -77.39 2.44 38.50
N ARG B 120 -77.37 1.69 37.41
CA ARG B 120 -78.57 1.66 36.58
C ARG B 120 -79.74 1.00 37.29
N LEU B 121 -79.45 0.23 38.31
CA LEU B 121 -80.51 -0.45 39.04
C LEU B 121 -81.23 0.52 39.92
N LEU B 122 -80.42 1.25 40.63
CA LEU B 122 -80.88 2.26 41.57
C LEU B 122 -81.56 3.41 40.84
N ARG B 123 -81.11 3.63 39.63
CA ARG B 123 -81.70 4.70 38.90
C ARG B 123 -83.08 4.28 38.43
N GLU B 124 -83.13 3.05 37.90
CA GLU B 124 -84.35 2.48 37.37
C GLU B 124 -85.40 2.14 38.43
N LYS B 125 -84.95 1.41 39.42
CA LYS B 125 -85.84 0.99 40.46
C LYS B 125 -85.75 1.82 41.74
N GLY B 126 -84.98 2.89 41.69
CA GLY B 126 -84.85 3.75 42.87
C GLY B 126 -84.00 3.12 43.95
N ALA B 127 -83.74 3.93 45.00
CA ALA B 127 -82.95 3.49 46.15
C ALA B 127 -83.39 2.16 46.76
N GLN B 128 -82.41 1.47 47.32
CA GLN B 128 -82.61 0.19 47.92
C GLN B 128 -81.65 0.08 49.07
N ASN B 129 -82.13 -0.63 50.08
CA ASN B 129 -81.38 -0.87 51.28
C ASN B 129 -80.56 -2.10 50.99
N GLY B 130 -79.32 -2.09 51.41
CA GLY B 130 -78.52 -3.25 51.09
C GLY B 130 -77.56 -3.60 52.20
N CYS B 131 -76.82 -4.68 51.98
CA CYS B 131 -75.87 -5.09 52.98
C CYS B 131 -74.60 -5.62 52.34
N ILE B 132 -73.50 -5.26 52.98
CA ILE B 132 -72.18 -5.70 52.57
C ILE B 132 -71.61 -6.59 53.66
N ILE B 133 -71.17 -7.78 53.28
CA ILE B 133 -70.57 -8.63 54.28
C ILE B 133 -69.14 -8.91 53.82
N ALA B 134 -68.14 -8.61 54.62
CA ALA B 134 -66.80 -8.91 54.17
C ALA B 134 -66.02 -9.88 55.08
N GLY B 135 -65.86 -11.10 54.61
CA GLY B 135 -65.11 -12.01 55.42
C GLY B 135 -64.88 -13.29 54.67
N ASP B 136 -64.37 -14.24 55.43
CA ASP B 136 -64.06 -15.57 54.93
C ASP B 136 -65.17 -16.17 54.07
N ASN B 137 -66.35 -16.31 54.66
CA ASN B 137 -67.48 -16.90 53.94
C ASN B 137 -68.76 -16.11 54.14
N PRO B 138 -68.86 -15.02 53.39
CA PRO B 138 -70.02 -14.14 53.47
C PRO B 138 -71.33 -14.89 53.15
N ASP B 139 -72.26 -14.87 54.13
CA ASP B 139 -73.55 -15.54 54.00
C ASP B 139 -74.54 -14.66 53.27
N ALA B 140 -74.70 -14.98 52.01
CA ALA B 140 -75.63 -14.28 51.14
C ALA B 140 -77.02 -14.14 51.77
N ALA B 141 -77.54 -15.28 52.20
CA ALA B 141 -78.83 -15.37 52.83
C ALA B 141 -78.91 -14.33 53.95
N LEU B 142 -77.84 -14.27 54.74
CA LEU B 142 -77.74 -13.37 55.86
C LEU B 142 -77.83 -11.93 55.43
N ALA B 143 -77.03 -11.63 54.42
CA ALA B 143 -76.95 -10.29 53.87
C ALA B 143 -78.33 -9.77 53.44
N LEU B 144 -79.02 -10.61 52.65
CA LEU B 144 -80.34 -10.28 52.16
C LEU B 144 -81.21 -9.92 53.36
N GLU B 145 -81.15 -10.85 54.29
CA GLU B 145 -81.85 -10.75 55.54
C GLU B 145 -81.59 -9.37 56.21
N LYS B 146 -80.33 -9.07 56.47
CA LYS B 146 -79.96 -7.81 57.10
C LYS B 146 -80.48 -6.59 56.33
N ALA B 147 -80.48 -6.73 55.03
CA ALA B 147 -80.88 -5.68 54.12
C ALA B 147 -82.34 -5.38 54.17
N ARG B 148 -83.10 -6.46 54.27
CA ARG B 148 -84.55 -6.42 54.32
C ARG B 148 -85.06 -5.92 55.64
N ALA B 149 -84.35 -6.33 56.69
CA ALA B 149 -84.62 -5.99 58.06
C ALA B 149 -84.39 -4.50 58.32
N PHE B 150 -83.55 -3.91 57.49
CA PHE B 150 -83.24 -2.50 57.63
C PHE B 150 -84.50 -1.62 57.67
N PRO B 151 -84.60 -0.82 58.72
CA PRO B 151 -85.71 0.07 58.92
C PRO B 151 -86.08 0.89 57.69
N GLY B 152 -85.09 1.60 57.20
CA GLY B 152 -85.23 2.47 56.07
C GLY B 152 -84.99 3.88 56.57
N LEU B 153 -84.62 4.79 55.66
CA LEU B 153 -84.35 6.17 56.01
C LEU B 153 -85.59 7.08 56.07
N ASN B 154 -86.69 6.65 55.46
CA ASN B 154 -87.90 7.44 55.51
C ASN B 154 -88.37 7.52 56.95
N GLY B 155 -88.64 8.75 57.38
CA GLY B 155 -89.07 9.04 58.74
C GLY B 155 -87.98 8.69 59.75
N MET B 156 -86.72 8.88 59.34
CA MET B 156 -85.61 8.57 60.22
C MET B 156 -84.82 9.79 60.63
N ASP B 157 -85.04 10.28 61.86
CA ASP B 157 -84.25 11.45 62.27
C ASP B 157 -82.83 11.01 62.49
N LEU B 158 -81.96 11.43 61.58
CA LEU B 158 -80.56 11.06 61.72
C LEU B 158 -79.79 12.22 62.22
N ALA B 159 -80.46 13.36 62.24
CA ALA B 159 -79.84 14.58 62.70
C ALA B 159 -79.33 14.49 64.13
N LYS B 160 -80.23 14.01 65.02
CA LYS B 160 -79.98 13.85 66.44
C LYS B 160 -78.83 12.94 66.77
N GLU B 161 -78.68 11.93 65.94
CA GLU B 161 -77.66 10.94 66.12
C GLU B 161 -76.21 11.37 65.88
N VAL B 162 -76.07 12.28 64.94
CA VAL B 162 -74.77 12.74 64.53
C VAL B 162 -74.38 14.12 65.04
N THR B 163 -75.27 14.74 65.80
CA THR B 163 -74.97 16.07 66.30
C THR B 163 -74.02 16.08 67.47
N THR B 164 -73.40 17.22 67.69
CA THR B 164 -72.47 17.39 68.79
C THR B 164 -73.23 17.19 70.09
N ALA B 165 -72.48 16.81 71.12
CA ALA B 165 -72.99 16.59 72.46
C ALA B 165 -73.17 17.93 73.16
N GLU B 166 -72.11 18.73 73.03
CA GLU B 166 -72.00 20.07 73.58
C GLU B 166 -71.86 21.11 72.50
N ALA B 167 -72.25 22.35 72.85
CA ALA B 167 -72.08 23.42 71.90
C ALA B 167 -70.60 23.67 71.87
N TYR B 168 -70.18 24.55 70.98
CA TYR B 168 -68.77 24.88 70.86
C TYR B 168 -68.52 25.92 69.77
N SER B 169 -67.37 26.59 69.94
CA SER B 169 -66.92 27.65 69.03
C SER B 169 -66.04 27.15 67.89
N TRP B 170 -66.08 27.89 66.81
CA TRP B 170 -65.32 27.58 65.63
C TRP B 170 -64.89 28.84 64.94
N THR B 171 -63.60 28.99 64.74
CA THR B 171 -63.14 30.17 64.09
C THR B 171 -62.05 29.85 63.11
N GLN B 172 -62.15 28.66 62.54
CA GLN B 172 -61.15 28.26 61.58
C GLN B 172 -61.57 28.48 60.16
N GLY B 173 -60.67 29.09 59.42
CA GLY B 173 -60.90 29.40 58.03
C GLY B 173 -60.56 28.27 57.06
N SER B 174 -60.65 28.61 55.78
CA SER B 174 -60.42 27.68 54.66
C SER B 174 -58.98 27.26 54.39
N TRP B 175 -58.89 26.19 53.62
CA TRP B 175 -57.59 25.68 53.24
C TRP B 175 -57.04 26.31 51.95
N THR B 176 -55.72 26.49 51.94
CA THR B 176 -55.00 27.06 50.79
C THR B 176 -53.93 26.11 50.37
N LEU B 177 -53.67 26.02 49.07
CA LEU B 177 -52.63 25.10 48.63
C LEU B 177 -51.32 25.40 49.31
N THR B 178 -51.12 26.68 49.50
CA THR B 178 -49.95 27.25 50.10
C THR B 178 -49.82 27.08 51.61
N GLY B 179 -50.83 27.45 52.41
CA GLY B 179 -50.67 27.27 53.86
C GLY B 179 -51.55 26.19 54.48
N GLY B 180 -52.07 25.31 53.62
CA GLY B 180 -52.94 24.24 54.06
C GLY B 180 -54.07 24.81 54.90
N LEU B 181 -54.34 24.10 55.98
CA LEU B 181 -55.36 24.49 56.89
C LEU B 181 -54.76 25.55 57.79
N PRO B 182 -55.43 26.68 57.85
CA PRO B 182 -55.00 27.81 58.64
C PRO B 182 -55.23 27.61 60.16
N GLN B 183 -54.56 28.45 60.95
CA GLN B 183 -54.71 28.42 62.41
C GLN B 183 -56.05 29.06 62.77
N ALA B 184 -56.83 28.51 63.71
CA ALA B 184 -58.10 29.14 64.06
C ALA B 184 -57.91 30.61 64.44
N LYS B 185 -58.85 31.46 64.01
CA LYS B 185 -58.76 32.88 64.28
C LYS B 185 -59.10 33.20 65.72
N LYS B 186 -58.85 34.46 66.08
CA LYS B 186 -59.13 35.02 67.39
C LYS B 186 -60.55 35.58 67.34
N GLU B 187 -61.32 35.42 68.43
CA GLU B 187 -62.71 35.89 68.44
C GLU B 187 -62.83 37.30 67.97
N ASP B 188 -62.10 38.21 68.59
CA ASP B 188 -62.11 39.63 68.22
C ASP B 188 -61.97 39.88 66.75
N GLU B 189 -61.21 38.98 66.16
CA GLU B 189 -60.87 38.97 64.76
C GLU B 189 -62.09 38.82 63.85
N LEU B 190 -63.13 38.21 64.37
CA LEU B 190 -64.30 38.01 63.54
C LEU B 190 -65.44 38.93 63.95
N PRO B 191 -65.93 39.65 62.96
CA PRO B 191 -66.99 40.60 63.14
C PRO B 191 -68.29 40.00 63.56
N PHE B 192 -68.81 39.13 62.72
CA PHE B 192 -70.08 38.53 63.06
C PHE B 192 -70.03 37.27 63.89
N HIS B 193 -71.19 36.99 64.50
CA HIS B 193 -71.37 35.84 65.30
C HIS B 193 -72.50 35.04 64.78
N VAL B 194 -72.17 33.90 64.21
CA VAL B 194 -73.21 33.05 63.69
C VAL B 194 -73.33 31.81 64.54
N VAL B 195 -74.58 31.51 64.84
CA VAL B 195 -74.93 30.35 65.61
C VAL B 195 -75.29 29.28 64.61
N ALA B 196 -74.60 28.14 64.70
CA ALA B 196 -74.86 27.06 63.77
C ALA B 196 -75.42 25.79 64.40
N TYR B 197 -76.66 25.46 64.00
CA TYR B 197 -77.32 24.27 64.46
C TYR B 197 -76.62 23.13 63.75
N ASP B 198 -76.05 22.23 64.55
CA ASP B 198 -75.31 21.10 64.05
C ASP B 198 -76.21 19.93 63.70
N PHE B 199 -76.63 19.88 62.44
CA PHE B 199 -77.49 18.81 61.99
C PHE B 199 -76.68 17.66 61.36
N GLY B 200 -75.36 17.75 61.57
CA GLY B 200 -74.34 16.84 61.06
C GLY B 200 -73.57 17.59 59.98
N ALA B 201 -73.15 18.80 60.39
CA ALA B 201 -72.45 19.80 59.60
C ALA B 201 -71.07 19.45 59.05
N LYS B 202 -70.87 19.89 57.79
CA LYS B 202 -69.61 19.70 57.05
C LYS B 202 -68.64 20.80 57.43
N ARG B 203 -67.39 20.41 57.74
CA ARG B 203 -66.36 21.36 58.15
C ARG B 203 -66.17 22.52 57.19
N ASN B 204 -66.43 22.29 55.92
CA ASN B 204 -66.21 23.35 54.94
C ASN B 204 -67.15 24.52 55.05
N ILE B 205 -68.41 24.19 55.37
CA ILE B 205 -69.42 25.21 55.52
C ILE B 205 -68.93 26.23 56.54
N LEU B 206 -68.48 25.68 57.67
CA LEU B 206 -67.94 26.46 58.79
C LEU B 206 -66.69 27.26 58.46
N ARG B 207 -65.83 26.63 57.68
CA ARG B 207 -64.60 27.26 57.27
C ARG B 207 -64.92 28.40 56.31
N MET B 208 -65.81 28.12 55.36
CA MET B 208 -66.23 29.13 54.40
C MET B 208 -66.95 30.32 55.05
N LEU B 209 -67.71 30.07 56.12
CA LEU B 209 -68.41 31.12 56.85
C LEU B 209 -67.39 32.02 57.48
N VAL B 210 -66.43 31.37 58.14
CA VAL B 210 -65.35 32.05 58.82
C VAL B 210 -64.61 32.97 57.89
N ASP B 211 -64.48 32.45 56.67
CA ASP B 211 -63.78 33.13 55.64
C ASP B 211 -64.43 34.45 55.29
N ARG B 212 -65.66 34.56 55.71
CA ARG B 212 -66.44 35.72 55.51
C ARG B 212 -66.69 36.48 56.83
N GLY B 213 -65.69 36.38 57.72
CA GLY B 213 -65.68 37.03 59.04
C GLY B 213 -66.75 36.62 60.06
N CYS B 214 -67.06 35.32 60.11
CA CYS B 214 -68.05 34.79 61.03
C CYS B 214 -67.49 33.98 62.18
N ARG B 215 -67.69 34.41 63.41
CA ARG B 215 -67.24 33.57 64.49
C ARG B 215 -68.42 32.68 64.80
N LEU B 216 -68.16 31.40 64.86
CA LEU B 216 -69.26 30.50 65.08
C LEU B 216 -69.41 29.95 66.48
N THR B 217 -70.59 29.41 66.65
CA THR B 217 -71.02 28.78 67.85
C THR B 217 -71.87 27.62 67.38
N ILE B 218 -71.26 26.45 67.42
CA ILE B 218 -71.99 25.31 66.97
C ILE B 218 -72.88 24.81 68.06
N VAL B 219 -74.03 24.34 67.68
CA VAL B 219 -74.90 23.85 68.69
C VAL B 219 -75.60 22.58 68.29
N PRO B 220 -75.91 21.78 69.26
CA PRO B 220 -76.61 20.56 69.00
C PRO B 220 -77.92 20.86 68.27
N ALA B 221 -78.46 19.83 67.70
CA ALA B 221 -79.68 19.87 66.93
C ALA B 221 -80.95 20.28 67.65
N GLN B 222 -81.10 19.80 68.90
CA GLN B 222 -82.26 20.07 69.73
C GLN B 222 -82.15 21.28 70.62
N THR B 223 -81.27 22.20 70.27
CA THR B 223 -81.14 23.39 71.07
C THR B 223 -82.39 24.24 70.90
N SER B 224 -82.79 24.88 71.99
CA SER B 224 -83.97 25.71 71.95
C SER B 224 -83.72 27.11 71.44
N ALA B 225 -84.68 27.57 70.65
CA ALA B 225 -84.57 28.90 70.12
C ALA B 225 -84.39 29.86 71.29
N GLU B 226 -85.04 29.49 72.40
CA GLU B 226 -85.04 30.20 73.66
C GLU B 226 -83.62 30.45 74.08
N ASP B 227 -82.88 29.35 74.10
CA ASP B 227 -81.50 29.28 74.50
C ASP B 227 -80.59 30.01 73.54
N VAL B 228 -80.93 29.82 72.29
CA VAL B 228 -80.22 30.35 71.15
C VAL B 228 -80.22 31.89 71.06
N LEU B 229 -81.43 32.47 71.09
CA LEU B 229 -81.62 33.89 71.02
C LEU B 229 -80.88 34.64 72.12
N LYS B 230 -80.77 33.97 73.26
CA LYS B 230 -80.09 34.54 74.40
C LYS B 230 -78.69 34.99 73.97
N MET B 231 -78.15 34.23 73.04
CA MET B 231 -76.82 34.47 72.53
C MET B 231 -76.62 35.76 71.74
N ASN B 232 -77.75 36.36 71.41
CA ASN B 232 -77.76 37.59 70.63
C ASN B 232 -76.99 37.37 69.33
N PRO B 233 -77.37 36.29 68.59
CA PRO B 233 -76.75 35.93 67.34
C PRO B 233 -76.97 36.93 66.20
N ASP B 234 -75.89 37.17 65.42
CA ASP B 234 -75.90 38.06 64.26
C ASP B 234 -76.62 37.36 63.11
N GLY B 235 -76.60 36.03 63.19
CA GLY B 235 -77.25 35.22 62.19
C GLY B 235 -77.31 33.79 62.66
N ILE B 236 -78.30 33.08 62.17
CA ILE B 236 -78.49 31.69 62.51
C ILE B 236 -78.32 30.88 61.24
N PHE B 237 -77.59 29.79 61.37
CA PHE B 237 -77.31 28.92 60.25
C PHE B 237 -77.75 27.47 60.45
N LEU B 238 -78.35 26.92 59.41
CA LEU B 238 -78.85 25.57 59.42
C LEU B 238 -78.09 24.61 58.50
N SER B 239 -77.11 23.93 59.09
CA SER B 239 -76.28 22.97 58.39
C SER B 239 -77.04 21.82 57.71
N ASN B 240 -76.23 21.04 56.98
CA ASN B 240 -76.66 19.85 56.26
C ASN B 240 -76.65 18.72 57.26
N GLY B 241 -77.15 17.56 56.87
CA GLY B 241 -77.18 16.44 57.80
C GLY B 241 -77.91 15.26 57.18
N PRO B 242 -77.76 14.11 57.80
CA PRO B 242 -78.39 12.90 57.30
C PRO B 242 -79.88 12.74 57.65
N GLY B 243 -80.42 11.67 57.08
CA GLY B 243 -81.79 11.19 57.21
C GLY B 243 -82.90 12.16 56.82
N ASP B 244 -84.08 11.82 57.33
CA ASP B 244 -85.30 12.58 57.14
C ASP B 244 -85.21 13.80 58.05
N PRO B 245 -85.77 14.90 57.55
CA PRO B 245 -85.77 16.14 58.28
C PRO B 245 -87.12 16.32 58.94
N ALA B 246 -88.09 15.67 58.29
CA ALA B 246 -89.48 15.64 58.68
C ALA B 246 -89.66 15.47 60.17
N PRO B 247 -89.20 14.32 60.66
CA PRO B 247 -89.33 13.99 62.06
C PRO B 247 -88.52 14.90 62.96
N CYS B 248 -87.74 15.79 62.42
CA CYS B 248 -86.99 16.64 63.32
C CYS B 248 -87.83 17.74 63.91
N ASP B 249 -88.87 17.37 64.66
CA ASP B 249 -89.76 18.35 65.27
C ASP B 249 -89.07 19.54 65.95
N TYR B 250 -88.20 19.27 66.92
CA TYR B 250 -87.48 20.31 67.64
C TYR B 250 -86.83 21.34 66.73
N ALA B 251 -86.27 20.83 65.65
CA ALA B 251 -85.60 21.66 64.70
C ALA B 251 -86.61 22.64 64.10
N ILE B 252 -87.63 22.05 63.52
CA ILE B 252 -88.73 22.77 62.91
C ILE B 252 -89.25 23.83 63.86
N THR B 253 -89.72 23.39 65.04
CA THR B 253 -90.24 24.26 66.09
C THR B 253 -89.34 25.48 66.34
N ALA B 254 -88.08 25.15 66.63
CA ALA B 254 -87.08 26.14 66.92
C ALA B 254 -87.04 27.21 65.86
N ILE B 255 -86.94 26.74 64.62
CA ILE B 255 -86.87 27.59 63.44
C ILE B 255 -88.05 28.54 63.35
N GLN B 256 -89.26 27.97 63.50
CA GLN B 256 -90.48 28.76 63.42
C GLN B 256 -90.35 29.93 64.36
N LYS B 257 -89.71 29.63 65.50
CA LYS B 257 -89.46 30.60 66.51
C LYS B 257 -88.60 31.74 66.02
N PHE B 258 -87.55 31.40 65.26
CA PHE B 258 -86.64 32.38 64.70
C PHE B 258 -87.35 33.17 63.60
N LEU B 259 -88.34 32.49 63.02
CA LEU B 259 -89.15 33.00 61.93
C LEU B 259 -90.11 34.09 62.37
N GLU B 260 -90.07 34.39 63.68
CA GLU B 260 -90.92 35.42 64.29
C GLU B 260 -90.05 36.65 64.49
N THR B 261 -88.77 36.38 64.55
CA THR B 261 -87.76 37.38 64.74
C THR B 261 -87.26 37.91 63.40
N ASP B 262 -86.51 39.03 63.46
CA ASP B 262 -85.87 39.63 62.32
C ASP B 262 -84.45 39.11 61.99
N ILE B 263 -83.94 38.08 62.71
CA ILE B 263 -82.64 37.47 62.53
C ILE B 263 -82.55 36.74 61.21
N PRO B 264 -81.46 37.05 60.51
CA PRO B 264 -81.18 36.42 59.24
C PRO B 264 -80.89 34.91 59.47
N VAL B 265 -81.60 34.10 58.71
CA VAL B 265 -81.47 32.68 58.81
C VAL B 265 -81.19 32.10 57.43
N PHE B 266 -80.34 31.09 57.42
CA PHE B 266 -79.99 30.44 56.19
C PHE B 266 -79.55 29.01 56.37
N GLY B 267 -80.14 28.15 55.55
CA GLY B 267 -79.88 26.73 55.62
C GLY B 267 -79.36 26.12 54.35
N ILE B 268 -78.65 25.01 54.51
CA ILE B 268 -78.06 24.28 53.42
C ILE B 268 -78.46 22.84 53.50
N CYS B 269 -79.03 22.30 52.40
CA CYS B 269 -79.46 20.90 52.32
C CYS B 269 -80.55 20.56 53.35
N LEU B 270 -80.20 19.86 54.44
CA LEU B 270 -81.15 19.51 55.50
C LEU B 270 -81.75 20.81 56.05
N GLY B 271 -80.86 21.74 56.38
CA GLY B 271 -81.21 23.05 56.90
C GLY B 271 -82.18 23.72 55.90
N HIS B 272 -82.11 23.30 54.65
CA HIS B 272 -82.97 23.84 53.61
C HIS B 272 -84.40 23.25 53.72
N GLN B 273 -84.46 21.96 53.99
CA GLN B 273 -85.75 21.31 54.12
C GLN B 273 -86.50 21.70 55.38
N LEU B 274 -85.74 21.97 56.43
CA LEU B 274 -86.29 22.33 57.71
C LEU B 274 -86.99 23.66 57.62
N LEU B 275 -86.25 24.62 57.06
CA LEU B 275 -86.74 25.97 56.85
C LEU B 275 -88.09 25.95 56.13
N ALA B 276 -88.15 25.07 55.15
CA ALA B 276 -89.29 24.83 54.32
C ALA B 276 -90.45 24.25 55.13
N LEU B 277 -90.07 23.33 55.99
CA LEU B 277 -91.03 22.69 56.83
C LEU B 277 -91.60 23.67 57.85
N ALA B 278 -90.69 24.52 58.31
CA ALA B 278 -90.95 25.56 59.29
C ALA B 278 -91.70 26.68 58.64
N SER B 279 -91.87 26.56 57.34
CA SER B 279 -92.57 27.59 56.60
C SER B 279 -93.92 27.14 56.11
N GLY B 280 -94.18 25.86 56.22
CA GLY B 280 -95.44 25.38 55.74
C GLY B 280 -95.24 24.59 54.48
N ALA B 281 -94.01 24.17 54.24
CA ALA B 281 -93.78 23.38 53.05
C ALA B 281 -93.77 21.92 53.46
N LYS B 282 -93.78 21.08 52.45
CA LYS B 282 -93.72 19.64 52.64
C LYS B 282 -92.50 19.04 51.93
N THR B 283 -91.91 18.02 52.53
CA THR B 283 -90.77 17.32 51.98
C THR B 283 -91.18 15.93 51.49
N VAL B 284 -90.47 15.52 50.45
CA VAL B 284 -90.66 14.23 49.81
C VAL B 284 -89.34 13.46 49.71
N LYS B 285 -89.45 12.15 49.72
CA LYS B 285 -88.25 11.36 49.58
C LYS B 285 -88.09 11.00 48.11
N MET B 286 -86.97 11.46 47.54
CA MET B 286 -86.59 11.23 46.15
C MET B 286 -86.42 9.76 45.78
N LYS B 287 -86.71 9.44 44.51
CA LYS B 287 -86.58 8.09 44.00
C LYS B 287 -85.19 7.52 44.29
N PHE B 288 -84.15 8.28 43.91
CA PHE B 288 -82.77 7.90 44.12
C PHE B 288 -81.92 9.09 44.57
N GLY B 289 -82.55 10.28 44.58
CA GLY B 289 -81.97 11.56 45.03
C GLY B 289 -80.89 12.12 44.13
N HIS B 290 -80.09 13.01 44.72
CA HIS B 290 -79.02 13.66 44.01
C HIS B 290 -77.70 13.58 44.73
N HIS B 291 -76.77 12.82 44.15
CA HIS B 291 -75.41 12.67 44.68
C HIS B 291 -74.40 12.73 43.54
N GLY B 292 -73.70 13.84 43.46
CA GLY B 292 -72.72 14.02 42.42
C GLY B 292 -72.15 15.42 42.50
N GLY B 293 -71.30 15.71 41.55
CA GLY B 293 -70.70 17.02 41.57
C GLY B 293 -70.73 17.69 40.21
N ASN B 294 -71.69 17.30 39.37
CA ASN B 294 -71.80 17.88 38.03
C ASN B 294 -73.20 18.38 37.75
N HIS B 295 -73.96 18.62 38.84
CA HIS B 295 -75.37 19.03 38.80
C HIS B 295 -75.67 20.49 38.49
N PRO B 296 -76.26 20.76 37.30
CA PRO B 296 -76.62 22.09 36.87
C PRO B 296 -77.86 22.57 37.60
N VAL B 297 -77.71 23.73 38.21
CA VAL B 297 -78.79 24.35 38.95
C VAL B 297 -78.90 25.80 38.50
N LYS B 298 -80.11 26.20 38.16
CA LYS B 298 -80.34 27.56 37.69
C LYS B 298 -80.90 28.55 38.71
N ASP B 299 -80.28 29.74 38.72
CA ASP B 299 -80.70 30.86 39.54
C ASP B 299 -81.79 31.42 38.66
N VAL B 300 -82.98 30.96 38.92
CA VAL B 300 -84.16 31.30 38.20
C VAL B 300 -84.30 32.81 38.09
N GLU B 301 -83.91 33.50 39.16
CA GLU B 301 -83.96 34.97 39.24
C GLU B 301 -83.02 35.67 38.29
N LYS B 302 -81.82 35.12 38.25
CA LYS B 302 -80.77 35.62 37.41
C LYS B 302 -80.67 34.86 36.09
N ASN B 303 -81.34 33.73 36.05
CA ASN B 303 -81.32 32.88 34.88
C ASN B 303 -79.88 32.50 34.55
N VAL B 304 -79.19 32.02 35.57
CA VAL B 304 -77.82 31.59 35.41
C VAL B 304 -77.65 30.19 35.96
N VAL B 305 -76.82 29.42 35.27
CA VAL B 305 -76.54 28.05 35.65
C VAL B 305 -75.28 27.90 36.47
N MET B 306 -75.36 27.02 37.46
CA MET B 306 -74.24 26.70 38.30
C MET B 306 -74.08 25.18 38.31
N ILE B 307 -72.83 24.72 38.25
CA ILE B 307 -72.56 23.30 38.32
C ILE B 307 -72.41 23.09 39.80
N THR B 308 -73.11 22.10 40.35
CA THR B 308 -73.03 21.92 41.79
C THR B 308 -72.84 20.52 42.30
N ALA B 309 -72.47 20.55 43.58
CA ALA B 309 -72.24 19.43 44.41
C ALA B 309 -73.55 19.19 45.15
N GLN B 310 -74.07 17.99 44.97
CA GLN B 310 -75.31 17.53 45.53
C GLN B 310 -75.21 16.24 46.35
N ASN B 311 -76.02 16.19 47.41
CA ASN B 311 -76.08 15.04 48.31
C ASN B 311 -77.35 15.07 49.14
N HIS B 312 -78.44 14.58 48.54
CA HIS B 312 -79.72 14.55 49.19
C HIS B 312 -80.63 13.50 48.57
N GLY B 313 -81.40 12.86 49.46
CA GLY B 313 -82.33 11.84 49.06
C GLY B 313 -83.77 12.23 49.29
N PHE B 314 -83.96 13.46 49.87
CA PHE B 314 -85.28 14.06 50.18
C PHE B 314 -85.32 15.53 49.91
N ALA B 315 -86.45 15.86 49.16
CA ALA B 315 -86.68 17.24 48.70
C ALA B 315 -87.97 17.92 49.16
N VAL B 316 -87.94 19.23 48.96
CA VAL B 316 -89.04 20.11 49.28
C VAL B 316 -89.93 20.23 48.05
N ASP B 317 -91.22 19.87 48.22
CA ASP B 317 -92.24 19.88 47.16
C ASP B 317 -92.56 21.32 46.76
N GLU B 318 -92.30 21.70 45.49
CA GLU B 318 -92.57 23.04 44.93
C GLU B 318 -94.07 23.41 44.97
N ALA B 319 -94.90 22.45 44.61
CA ALA B 319 -96.35 22.58 44.60
C ALA B 319 -97.03 22.88 45.96
N THR B 320 -96.41 22.52 47.09
CA THR B 320 -96.97 22.75 48.42
C THR B 320 -96.42 23.94 49.14
N LEU B 321 -95.63 24.74 48.44
CA LEU B 321 -95.03 25.88 49.07
C LEU B 321 -96.04 26.92 49.49
N PRO B 322 -95.82 27.45 50.68
CA PRO B 322 -96.64 28.50 51.19
C PRO B 322 -96.34 29.72 50.35
N ALA B 323 -97.27 30.67 50.31
CA ALA B 323 -97.06 31.87 49.52
C ALA B 323 -95.85 32.68 49.99
N ASN B 324 -95.57 32.59 51.28
CA ASN B 324 -94.45 33.30 51.87
C ASN B 324 -93.13 32.75 51.37
N LEU B 325 -93.22 31.69 50.58
CA LEU B 325 -92.04 31.04 50.02
C LEU B 325 -91.88 31.20 48.52
N ARG B 326 -90.79 31.86 48.13
CA ARG B 326 -90.52 32.06 46.71
C ARG B 326 -89.38 31.23 46.12
N VAL B 327 -89.67 30.57 45.02
CA VAL B 327 -88.67 29.75 44.40
C VAL B 327 -87.44 30.54 43.95
N THR B 328 -86.26 30.03 44.30
CA THR B 328 -85.06 30.71 43.89
C THR B 328 -84.14 29.94 42.93
N HIS B 329 -84.12 28.61 43.09
CA HIS B 329 -83.28 27.77 42.26
C HIS B 329 -83.95 26.47 41.99
N LYS B 330 -83.67 25.98 40.81
CA LYS B 330 -84.20 24.71 40.35
C LYS B 330 -83.14 23.90 39.62
N SER B 331 -83.25 22.60 39.76
CA SER B 331 -82.32 21.70 39.12
C SER B 331 -82.53 21.62 37.62
N LEU B 332 -81.44 21.59 36.87
CA LEU B 332 -81.56 21.48 35.44
C LEU B 332 -81.63 20.01 35.04
N PHE B 333 -81.44 19.14 35.99
CA PHE B 333 -81.53 17.76 35.57
C PHE B 333 -82.94 17.21 35.55
N ASP B 334 -83.68 17.53 36.64
CA ASP B 334 -85.05 17.08 36.90
C ASP B 334 -86.03 18.17 37.27
N GLY B 335 -85.50 19.39 37.36
CA GLY B 335 -86.29 20.56 37.70
C GLY B 335 -86.80 20.59 39.14
N THR B 336 -86.27 19.70 39.98
CA THR B 336 -86.67 19.64 41.38
C THR B 336 -86.29 20.94 42.12
N LEU B 337 -87.00 21.25 43.23
CA LEU B 337 -86.75 22.45 44.01
C LEU B 337 -85.30 22.61 44.47
N GLN B 338 -84.67 23.77 44.27
CA GLN B 338 -83.28 23.84 44.74
C GLN B 338 -82.98 24.99 45.66
N GLY B 339 -83.85 25.95 45.67
CA GLY B 339 -83.64 27.10 46.52
C GLY B 339 -84.95 27.83 46.80
N ILE B 340 -84.99 28.40 47.97
CA ILE B 340 -86.17 29.12 48.38
C ILE B 340 -85.84 30.33 49.20
N HIS B 341 -86.71 31.31 49.12
CA HIS B 341 -86.55 32.52 49.87
C HIS B 341 -87.86 33.01 50.44
N ARG B 342 -87.74 33.41 51.69
CA ARG B 342 -88.87 33.91 52.41
C ARG B 342 -89.15 35.32 51.93
N THR B 343 -90.35 35.45 51.38
CA THR B 343 -90.91 36.67 50.83
C THR B 343 -90.95 37.72 51.93
N ASP B 344 -91.48 37.27 53.07
CA ASP B 344 -91.67 38.06 54.27
C ASP B 344 -90.51 38.12 55.27
N LYS B 345 -89.49 37.28 55.15
CA LYS B 345 -88.41 37.35 56.12
C LYS B 345 -87.04 37.25 55.48
N PRO B 346 -85.99 37.54 56.28
CA PRO B 346 -84.60 37.48 55.82
C PRO B 346 -84.08 36.06 55.99
N ALA B 347 -84.87 35.13 55.48
CA ALA B 347 -84.55 33.75 55.59
C ALA B 347 -84.53 33.09 54.22
N PHE B 348 -83.52 32.25 53.93
CA PHE B 348 -83.38 31.53 52.66
C PHE B 348 -82.48 30.30 52.73
N SER B 349 -82.65 29.43 51.75
CA SER B 349 -81.84 28.25 51.80
C SER B 349 -81.53 27.67 50.44
N PHE B 350 -80.62 26.70 50.49
CA PHE B 350 -80.15 26.01 49.30
C PHE B 350 -80.02 24.50 49.46
N GLN B 351 -80.64 23.78 48.54
CA GLN B 351 -80.61 22.33 48.57
C GLN B 351 -79.22 21.72 48.35
N GLY B 352 -78.46 22.31 47.41
CA GLY B 352 -77.11 21.84 47.15
C GLY B 352 -76.14 22.34 48.20
N HIS B 353 -74.80 22.26 47.91
CA HIS B 353 -73.77 22.72 48.88
C HIS B 353 -72.95 23.83 48.34
N PRO B 354 -73.27 25.05 48.73
CA PRO B 354 -72.50 26.17 48.32
C PRO B 354 -71.05 25.96 48.71
N GLU B 355 -70.82 25.27 49.81
CA GLU B 355 -69.44 25.01 50.28
C GLU B 355 -68.80 23.87 49.50
N ALA B 356 -69.66 23.14 48.80
CA ALA B 356 -69.25 21.95 48.04
C ALA B 356 -68.49 21.03 49.00
N SER B 357 -67.24 20.96 48.72
CA SER B 357 -66.19 20.25 49.49
C SER B 357 -65.69 19.09 48.70
N PRO B 358 -66.17 17.95 48.25
CA PRO B 358 -65.62 17.58 46.97
C PRO B 358 -66.47 18.39 45.93
N GLY B 359 -65.94 19.26 45.02
CA GLY B 359 -66.88 19.87 44.02
C GLY B 359 -66.70 21.32 43.55
N PRO B 360 -67.45 21.69 42.47
CA PRO B 360 -67.42 23.04 41.90
C PRO B 360 -67.73 24.12 42.92
N HIS B 361 -66.95 25.21 42.77
CA HIS B 361 -67.04 26.38 43.62
C HIS B 361 -68.13 27.38 43.18
N ASP B 362 -68.95 26.94 42.22
CA ASP B 362 -70.01 27.74 41.60
C ASP B 362 -71.05 28.38 42.52
N ALA B 363 -71.55 27.61 43.47
CA ALA B 363 -72.56 28.09 44.40
C ALA B 363 -72.03 28.92 45.58
N ALA B 364 -70.70 29.12 45.65
CA ALA B 364 -70.12 29.85 46.75
C ALA B 364 -70.78 31.18 47.21
N PRO B 365 -71.14 32.00 46.25
CA PRO B 365 -71.76 33.28 46.53
C PRO B 365 -73.06 33.23 47.33
N LEU B 366 -73.58 32.03 47.49
CA LEU B 366 -74.79 31.90 48.23
C LEU B 366 -74.49 32.38 49.64
N PHE B 367 -73.26 32.12 50.05
CA PHE B 367 -72.83 32.57 51.32
C PHE B 367 -72.94 34.10 51.43
N ASP B 368 -72.59 34.80 50.37
CA ASP B 368 -72.61 36.25 50.36
C ASP B 368 -73.91 36.90 50.74
N HIS B 369 -74.97 36.37 50.18
CA HIS B 369 -76.29 36.88 50.45
C HIS B 369 -76.50 36.88 51.94
N PHE B 370 -76.12 35.76 52.54
CA PHE B 370 -76.23 35.59 53.96
C PHE B 370 -75.53 36.73 54.69
N ILE B 371 -74.28 36.94 54.34
CA ILE B 371 -73.50 37.99 54.95
C ILE B 371 -74.19 39.35 54.89
N GLU B 372 -74.63 39.66 53.71
CA GLU B 372 -75.30 40.89 53.39
C GLU B 372 -76.43 41.09 54.36
N LEU B 373 -77.24 40.03 54.50
CA LEU B 373 -78.38 40.01 55.41
C LEU B 373 -77.96 40.38 56.86
N ILE B 374 -76.85 39.79 57.25
CA ILE B 374 -76.28 39.96 58.54
C ILE B 374 -75.97 41.40 58.75
N GLU B 375 -75.08 41.86 57.90
CA GLU B 375 -74.61 43.23 57.93
C GLU B 375 -75.79 44.19 57.97
N GLN B 376 -76.83 43.85 57.25
CA GLN B 376 -78.02 44.63 57.18
C GLN B 376 -78.81 44.57 58.46
N TYR B 377 -78.78 43.42 59.11
CA TYR B 377 -79.50 43.23 60.35
C TYR B 377 -78.83 44.00 61.48
N ARG B 378 -77.52 44.13 61.34
CA ARG B 378 -76.68 44.79 62.30
C ARG B 378 -76.91 46.27 62.33
N LYS B 379 -77.07 46.81 61.13
CA LYS B 379 -77.31 48.21 60.91
C LYS B 379 -78.54 48.65 61.68
N THR B 380 -79.33 47.63 62.04
CA THR B 380 -80.59 47.66 62.77
C THR B 380 -80.39 46.93 64.11
N MET C 1 76.39 -41.74 -29.04
CA MET C 1 75.50 -41.09 -29.99
C MET C 1 74.23 -41.88 -30.29
N PRO C 2 74.42 -43.20 -30.60
CA PRO C 2 73.29 -44.06 -30.92
C PRO C 2 72.39 -44.20 -29.71
N LYS C 3 71.66 -45.31 -29.62
CA LYS C 3 70.84 -45.50 -28.45
C LYS C 3 71.69 -45.82 -27.22
N ARG C 4 71.19 -45.38 -26.07
CA ARG C 4 71.82 -45.58 -24.78
C ARG C 4 71.76 -47.05 -24.46
N THR C 5 72.87 -47.58 -24.00
CA THR C 5 72.88 -49.00 -23.71
C THR C 5 72.57 -49.37 -22.26
N ASP C 6 72.79 -48.42 -21.37
CA ASP C 6 72.55 -48.64 -19.97
C ASP C 6 71.08 -48.67 -19.57
N ILE C 7 70.23 -48.38 -20.54
CA ILE C 7 68.80 -48.38 -20.29
C ILE C 7 68.10 -49.38 -21.22
N LYS C 8 67.23 -50.15 -20.57
CA LYS C 8 66.46 -51.20 -21.21
C LYS C 8 64.95 -51.03 -21.06
N SER C 9 64.55 -50.43 -19.93
CA SER C 9 63.15 -50.21 -19.55
C SER C 9 62.85 -48.75 -19.17
N ILE C 10 61.75 -48.24 -19.70
CA ILE C 10 61.40 -46.85 -19.42
C ILE C 10 59.98 -46.71 -18.93
N LEU C 11 59.84 -45.82 -17.94
CA LEU C 11 58.55 -45.47 -17.37
C LEU C 11 58.12 -44.13 -17.93
N ILE C 12 56.99 -44.14 -18.58
CA ILE C 12 56.49 -42.92 -19.13
C ILE C 12 55.33 -42.42 -18.30
N LEU C 13 55.48 -41.20 -17.78
CA LEU C 13 54.40 -40.60 -17.00
C LEU C 13 53.32 -39.93 -17.87
N GLY C 14 52.13 -40.54 -17.91
CA GLY C 14 50.97 -40.03 -18.68
C GLY C 14 50.33 -38.78 -18.08
N ALA C 15 49.43 -38.13 -18.83
CA ALA C 15 48.79 -36.91 -18.37
C ALA C 15 47.57 -37.07 -17.50
N GLY C 16 46.91 -38.21 -17.55
CA GLY C 16 45.72 -38.40 -16.74
C GLY C 16 44.50 -37.96 -17.54
N PRO C 17 43.36 -37.77 -16.87
CA PRO C 17 42.14 -37.36 -17.54
C PRO C 17 42.21 -35.98 -18.19
N ILE C 18 41.40 -35.77 -19.24
CA ILE C 18 41.35 -34.48 -19.97
C ILE C 18 40.71 -33.33 -19.17
N VAL C 19 41.39 -32.22 -19.11
CA VAL C 19 40.91 -31.07 -18.42
C VAL C 19 41.14 -29.87 -19.30
N ILE C 20 40.50 -28.77 -18.96
CA ILE C 20 40.70 -27.58 -19.73
C ILE C 20 42.17 -27.21 -19.59
N GLY C 21 42.89 -26.99 -20.68
CA GLY C 21 44.31 -26.62 -20.54
C GLY C 21 45.26 -27.83 -20.58
N GLN C 22 44.72 -29.05 -20.39
CA GLN C 22 45.53 -30.27 -20.45
C GLN C 22 44.72 -31.36 -21.11
N ALA C 23 44.69 -31.35 -22.44
CA ALA C 23 43.88 -32.31 -23.12
C ALA C 23 44.53 -33.42 -23.97
N CYS C 24 43.81 -33.81 -25.03
CA CYS C 24 44.22 -34.87 -25.95
C CYS C 24 45.64 -34.84 -26.45
N GLU C 25 46.19 -33.63 -26.58
CA GLU C 25 47.54 -33.48 -27.08
C GLU C 25 48.53 -34.43 -26.39
N PHE C 26 48.20 -34.81 -25.15
CA PHE C 26 49.03 -35.73 -24.34
C PHE C 26 48.87 -37.21 -24.63
N ASP C 27 47.76 -37.59 -25.26
CA ASP C 27 47.56 -38.96 -25.68
C ASP C 27 48.32 -39.09 -27.00
N TYR C 28 48.32 -38.00 -27.78
CA TYR C 28 48.99 -38.00 -29.04
C TYR C 28 50.48 -38.11 -28.82
N SER C 29 50.98 -37.29 -27.93
CA SER C 29 52.38 -37.24 -27.60
C SER C 29 52.85 -38.50 -26.90
N GLY C 30 52.03 -39.00 -25.98
CA GLY C 30 52.37 -40.21 -25.23
C GLY C 30 52.36 -41.45 -26.09
N ALA C 31 51.38 -41.51 -26.97
CA ALA C 31 51.29 -42.60 -27.86
C ALA C 31 52.54 -42.55 -28.72
N GLN C 32 52.92 -41.35 -29.13
CA GLN C 32 54.09 -41.21 -29.99
C GLN C 32 55.32 -41.72 -29.29
N ALA C 33 55.55 -41.21 -28.07
CA ALA C 33 56.66 -41.58 -27.24
C ALA C 33 56.75 -43.10 -27.04
N CYS C 34 55.61 -43.75 -26.81
CA CYS C 34 55.60 -45.20 -26.64
C CYS C 34 56.05 -45.93 -27.91
N LYS C 35 55.42 -45.54 -28.99
CA LYS C 35 55.67 -46.07 -30.30
C LYS C 35 57.14 -45.97 -30.62
N ALA C 36 57.70 -44.79 -30.34
CA ALA C 36 59.11 -44.54 -30.62
C ALA C 36 60.10 -45.29 -29.75
N LEU C 37 59.67 -45.62 -28.53
CA LEU C 37 60.54 -46.34 -27.60
C LEU C 37 60.46 -47.84 -27.78
N ARG C 38 59.28 -48.30 -28.20
CA ARG C 38 58.98 -49.67 -28.48
C ARG C 38 59.68 -50.04 -29.81
N GLU C 39 59.60 -49.14 -30.78
CA GLU C 39 60.21 -49.24 -32.10
C GLU C 39 61.72 -49.50 -31.93
N GLU C 40 62.33 -48.70 -31.04
CA GLU C 40 63.76 -48.78 -30.73
C GLU C 40 64.14 -49.91 -29.80
N GLY C 41 63.22 -50.85 -29.60
CA GLY C 41 63.48 -51.99 -28.73
C GLY C 41 63.60 -51.82 -27.21
N TYR C 42 62.98 -50.79 -26.67
CA TYR C 42 63.03 -50.62 -25.22
C TYR C 42 61.79 -51.21 -24.59
N ARG C 43 61.91 -51.50 -23.30
CA ARG C 43 60.79 -52.05 -22.55
C ARG C 43 59.98 -50.89 -22.04
N VAL C 44 58.75 -50.84 -22.53
CA VAL C 44 57.86 -49.76 -22.20
C VAL C 44 56.82 -49.93 -21.13
N ILE C 45 56.99 -49.06 -20.12
CA ILE C 45 56.09 -48.98 -18.98
C ILE C 45 55.49 -47.57 -18.90
N ASN C 46 54.19 -47.51 -18.72
CA ASN C 46 53.55 -46.21 -18.57
C ASN C 46 52.36 -46.20 -17.60
N VAL C 47 52.15 -45.06 -16.98
CA VAL C 47 51.00 -44.92 -16.13
C VAL C 47 50.10 -43.83 -16.71
N ASN C 48 48.81 -44.06 -16.71
CA ASN C 48 47.89 -43.06 -17.22
C ASN C 48 46.51 -43.43 -16.78
N SER C 49 45.92 -42.61 -15.88
CA SER C 49 44.57 -42.89 -15.37
C SER C 49 43.41 -42.80 -16.36
N ASN C 50 43.60 -42.09 -17.47
CA ASN C 50 42.62 -41.92 -18.53
C ASN C 50 42.58 -43.17 -19.44
N PRO C 51 41.48 -43.93 -19.44
CA PRO C 51 41.34 -45.15 -20.23
C PRO C 51 41.02 -44.93 -21.71
N ALA C 52 40.50 -43.77 -22.03
CA ALA C 52 40.15 -43.42 -23.39
C ALA C 52 41.38 -42.95 -24.18
N THR C 53 42.52 -43.52 -23.85
CA THR C 53 43.75 -43.15 -24.50
C THR C 53 44.30 -44.31 -25.30
N ILE C 54 44.86 -43.98 -26.45
CA ILE C 54 45.45 -44.96 -27.33
C ILE C 54 46.73 -45.43 -26.64
N MET C 55 47.35 -44.50 -25.93
CA MET C 55 48.58 -44.82 -25.26
C MET C 55 48.44 -45.92 -24.23
N THR C 56 47.22 -46.05 -23.75
CA THR C 56 46.96 -47.07 -22.78
C THR C 56 46.54 -48.36 -23.47
N ASP C 57 46.63 -48.38 -24.79
CA ASP C 57 46.26 -49.61 -25.45
C ASP C 57 47.32 -50.64 -25.04
N PRO C 58 46.90 -51.86 -24.77
CA PRO C 58 47.79 -52.94 -24.30
C PRO C 58 48.98 -53.26 -25.16
N GLU C 59 48.70 -53.38 -26.45
CA GLU C 59 49.65 -53.67 -27.53
C GLU C 59 50.63 -52.49 -27.72
N MET C 60 50.33 -51.30 -27.22
CA MET C 60 51.21 -50.15 -27.41
C MET C 60 52.42 -50.10 -26.47
N ALA C 61 52.37 -50.90 -25.40
CA ALA C 61 53.44 -50.91 -24.42
C ALA C 61 53.48 -52.25 -23.77
N ASP C 62 54.56 -52.45 -23.03
CA ASP C 62 54.78 -53.69 -22.33
C ASP C 62 54.01 -53.82 -21.05
N ALA C 63 54.07 -52.78 -20.25
CA ALA C 63 53.36 -52.71 -18.99
C ALA C 63 52.49 -51.44 -18.87
N THR C 64 51.17 -51.57 -19.03
CA THR C 64 50.29 -50.44 -19.00
C THR C 64 49.47 -50.35 -17.77
N TYR C 65 49.71 -49.29 -17.02
CA TYR C 65 49.00 -49.05 -15.80
C TYR C 65 47.96 -47.96 -15.81
N ILE C 66 46.67 -48.36 -15.77
CA ILE C 66 45.53 -47.44 -15.70
C ILE C 66 45.23 -47.34 -14.23
N GLU C 67 46.03 -46.51 -13.57
CA GLU C 67 45.96 -46.31 -12.15
C GLU C 67 46.04 -44.84 -11.87
N PRO C 68 45.61 -44.44 -10.66
CA PRO C 68 45.67 -43.05 -10.23
C PRO C 68 47.09 -42.51 -10.30
N ILE C 69 47.23 -41.37 -10.96
CA ILE C 69 48.54 -40.78 -11.08
C ILE C 69 48.93 -40.12 -9.75
N HIS C 70 49.08 -40.99 -8.74
CA HIS C 70 49.47 -40.59 -7.40
C HIS C 70 50.89 -41.05 -7.14
N TRP C 71 51.73 -40.17 -6.61
CA TRP C 71 53.10 -40.55 -6.36
C TRP C 71 53.28 -41.82 -5.58
N GLU C 72 52.36 -42.14 -4.68
CA GLU C 72 52.45 -43.36 -3.91
C GLU C 72 52.17 -44.53 -4.79
N VAL C 73 51.20 -44.38 -5.67
CA VAL C 73 50.84 -45.42 -6.61
C VAL C 73 51.94 -45.58 -7.66
N VAL C 74 52.55 -44.47 -8.01
CA VAL C 74 53.58 -44.54 -9.01
C VAL C 74 54.78 -45.27 -8.45
N ARG C 75 54.95 -45.09 -7.15
CA ARG C 75 56.04 -45.76 -6.47
C ARG C 75 55.86 -47.28 -6.48
N LYS C 76 54.64 -47.76 -6.33
CA LYS C 76 54.43 -49.18 -6.37
C LYS C 76 54.80 -49.69 -7.75
N ILE C 77 54.31 -48.96 -8.73
CA ILE C 77 54.56 -49.32 -10.09
C ILE C 77 56.04 -49.46 -10.38
N ILE C 78 56.80 -48.54 -9.82
CA ILE C 78 58.23 -48.49 -9.99
C ILE C 78 58.89 -49.63 -9.27
N GLU C 79 58.48 -49.80 -8.05
CA GLU C 79 59.00 -50.86 -7.24
C GLU C 79 58.72 -52.17 -7.95
N LYS C 80 57.55 -52.28 -8.52
CA LYS C 80 57.21 -53.49 -9.22
C LYS C 80 57.82 -53.64 -10.61
N GLU C 81 58.16 -52.55 -11.28
CA GLU C 81 58.68 -52.71 -12.63
C GLU C 81 60.16 -52.47 -12.75
N ARG C 82 60.68 -51.75 -11.77
CA ARG C 82 62.09 -51.43 -11.74
C ARG C 82 62.53 -50.87 -13.05
N PRO C 83 61.86 -49.82 -13.52
CA PRO C 83 62.24 -49.24 -14.77
C PRO C 83 63.61 -48.59 -14.58
N ASP C 84 64.46 -48.67 -15.59
CA ASP C 84 65.77 -48.03 -15.48
C ASP C 84 65.64 -46.52 -15.47
N ALA C 85 64.69 -46.03 -16.27
CA ALA C 85 64.51 -44.60 -16.34
C ALA C 85 63.06 -44.15 -16.45
N VAL C 86 62.89 -42.87 -16.22
CA VAL C 86 61.59 -42.28 -16.29
C VAL C 86 61.57 -41.07 -17.23
N LEU C 87 60.64 -41.08 -18.19
CA LEU C 87 60.43 -40.02 -19.18
C LEU C 87 59.23 -39.22 -18.71
N PRO C 88 59.47 -38.05 -18.14
CA PRO C 88 58.41 -37.22 -17.60
C PRO C 88 57.95 -36.01 -18.43
N THR C 89 58.37 -35.91 -19.67
CA THR C 89 58.03 -34.76 -20.50
C THR C 89 56.83 -34.96 -21.44
N MET C 90 56.13 -36.07 -21.31
CA MET C 90 55.05 -36.32 -22.22
C MET C 90 53.68 -36.39 -21.60
N GLY C 91 53.54 -35.97 -20.33
CA GLY C 91 52.25 -36.07 -19.71
C GLY C 91 51.80 -34.74 -19.16
N GLY C 92 52.01 -33.69 -19.91
CA GLY C 92 51.57 -32.41 -19.41
C GLY C 92 52.24 -31.95 -18.10
N GLN C 93 51.49 -31.23 -17.29
CA GLN C 93 51.99 -30.75 -16.01
C GLN C 93 51.88 -31.83 -14.94
N THR C 94 50.91 -32.73 -15.09
CA THR C 94 50.74 -33.80 -14.18
C THR C 94 52.07 -34.59 -14.13
N ALA C 95 52.60 -34.88 -15.33
CA ALA C 95 53.83 -35.63 -15.47
C ALA C 95 55.01 -34.89 -14.93
N LEU C 96 55.01 -33.60 -15.07
CA LEU C 96 56.10 -32.81 -14.55
C LEU C 96 56.05 -32.79 -13.02
N ASN C 97 54.87 -32.54 -12.54
CA ASN C 97 54.65 -32.45 -11.12
C ASN C 97 54.99 -33.76 -10.42
N CYS C 98 54.49 -34.86 -10.97
CA CYS C 98 54.70 -36.20 -10.46
C CYS C 98 56.14 -36.57 -10.39
N ALA C 99 56.82 -36.32 -11.49
CA ALA C 99 58.22 -36.65 -11.59
C ALA C 99 58.99 -36.00 -10.48
N LEU C 100 58.68 -34.74 -10.28
CA LEU C 100 59.41 -34.01 -9.25
C LEU C 100 58.98 -34.40 -7.83
N GLU C 101 57.81 -34.96 -7.67
CA GLU C 101 57.34 -35.40 -6.38
C GLU C 101 58.06 -36.67 -6.00
N LEU C 102 58.10 -37.62 -6.91
CA LEU C 102 58.78 -38.88 -6.72
C LEU C 102 60.25 -38.61 -6.36
N GLU C 103 60.79 -37.65 -7.07
CA GLU C 103 62.15 -37.28 -6.87
C GLU C 103 62.38 -36.77 -5.48
N ARG C 104 61.45 -35.93 -5.07
CA ARG C 104 61.44 -35.29 -3.78
C ARG C 104 61.21 -36.30 -2.68
N GLN C 105 60.37 -37.27 -2.98
CA GLN C 105 60.05 -38.31 -2.04
C GLN C 105 61.21 -39.29 -1.96
N GLY C 106 62.22 -39.12 -2.84
CA GLY C 106 63.41 -39.98 -2.92
C GLY C 106 63.17 -41.36 -3.54
N VAL C 107 62.05 -41.51 -4.28
CA VAL C 107 61.69 -42.78 -4.89
C VAL C 107 62.60 -43.17 -6.02
N LEU C 108 63.06 -42.14 -6.70
CA LEU C 108 63.94 -42.26 -7.85
C LEU C 108 65.28 -42.83 -7.48
N GLU C 109 65.76 -42.33 -6.36
CA GLU C 109 67.01 -42.79 -5.78
C GLU C 109 66.88 -44.25 -5.35
N GLU C 110 65.83 -44.47 -4.56
CA GLU C 110 65.41 -45.72 -3.97
C GLU C 110 65.38 -46.86 -4.94
N PHE C 111 65.01 -46.58 -6.18
CA PHE C 111 64.96 -47.65 -7.16
C PHE C 111 65.87 -47.46 -8.39
N GLY C 112 66.83 -46.53 -8.25
CA GLY C 112 67.80 -46.20 -9.30
C GLY C 112 67.11 -45.94 -10.61
N VAL C 113 66.25 -44.93 -10.56
CA VAL C 113 65.50 -44.53 -11.73
C VAL C 113 66.09 -43.27 -12.26
N THR C 114 66.53 -43.35 -13.50
CA THR C 114 67.16 -42.22 -14.16
C THR C 114 66.13 -41.44 -14.92
N MET C 115 66.13 -40.13 -14.67
CA MET C 115 65.21 -39.22 -15.33
C MET C 115 65.80 -38.75 -16.66
N ILE C 116 65.17 -39.16 -17.75
CA ILE C 116 65.62 -38.78 -19.05
C ILE C 116 64.62 -37.82 -19.66
N GLY C 117 65.07 -37.15 -20.74
CA GLY C 117 64.31 -36.16 -21.48
C GLY C 117 64.65 -34.78 -20.94
N ALA C 118 64.21 -34.56 -19.71
CA ALA C 118 64.46 -33.33 -18.98
C ALA C 118 64.79 -33.68 -17.55
N THR C 119 65.87 -33.09 -17.05
CA THR C 119 66.30 -33.36 -15.69
C THR C 119 65.46 -32.59 -14.73
N ALA C 120 65.33 -33.11 -13.53
CA ALA C 120 64.54 -32.42 -12.54
C ALA C 120 65.04 -31.02 -12.33
N ASP C 121 66.32 -30.82 -12.58
CA ASP C 121 66.75 -29.45 -12.36
C ASP C 121 66.32 -28.54 -13.49
N ALA C 122 66.38 -29.07 -14.70
CA ALA C 122 65.97 -28.27 -15.84
C ALA C 122 64.50 -27.91 -15.67
N ILE C 123 63.69 -28.94 -15.31
CA ILE C 123 62.27 -28.77 -15.12
C ILE C 123 61.93 -27.72 -14.08
N ASP C 124 62.69 -27.68 -13.02
CA ASP C 124 62.39 -26.72 -11.99
C ASP C 124 62.85 -25.32 -12.33
N LYS C 125 63.95 -25.32 -13.08
CA LYS C 125 64.57 -24.09 -13.51
C LYS C 125 63.59 -23.34 -14.40
N ALA C 126 62.77 -24.12 -15.09
CA ALA C 126 61.78 -23.59 -15.98
C ALA C 126 60.43 -23.38 -15.32
N GLU C 127 60.04 -24.30 -14.47
CA GLU C 127 58.74 -24.23 -13.79
C GLU C 127 58.66 -23.30 -12.61
N ASP C 128 59.77 -23.19 -11.88
CA ASP C 128 59.78 -22.28 -10.78
C ASP C 128 59.97 -20.92 -11.43
N ARG C 129 58.96 -20.08 -11.36
CA ARG C 129 59.12 -18.80 -11.99
C ARG C 129 60.17 -17.88 -11.44
N ARG C 130 60.67 -18.12 -10.25
CA ARG C 130 61.66 -17.22 -9.69
C ARG C 130 62.96 -17.46 -10.43
N ARG C 131 63.26 -18.75 -10.52
CA ARG C 131 64.42 -19.31 -11.18
C ARG C 131 64.40 -18.93 -12.65
N PHE C 132 63.24 -19.08 -13.29
CA PHE C 132 63.19 -18.70 -14.70
C PHE C 132 63.56 -17.22 -14.90
N ASP C 133 63.06 -16.36 -14.06
CA ASP C 133 63.38 -14.98 -14.17
C ASP C 133 64.88 -14.80 -13.98
N VAL C 134 65.45 -15.49 -13.02
CA VAL C 134 66.89 -15.33 -12.82
C VAL C 134 67.73 -15.71 -14.05
N ALA C 135 67.35 -16.82 -14.63
CA ALA C 135 67.98 -17.37 -15.78
C ALA C 135 67.98 -16.40 -16.93
N MET C 136 66.85 -15.76 -17.11
CA MET C 136 66.77 -14.84 -18.21
C MET C 136 67.76 -13.74 -18.05
N LYS C 137 67.79 -13.23 -16.83
CA LYS C 137 68.68 -12.16 -16.47
C LYS C 137 70.12 -12.59 -16.66
N LYS C 138 70.38 -13.85 -16.36
CA LYS C 138 71.71 -14.32 -16.55
C LYS C 138 72.14 -14.22 -18.01
N ILE C 139 71.29 -14.74 -18.90
CA ILE C 139 71.63 -14.71 -20.32
C ILE C 139 71.32 -13.40 -21.01
N GLY C 140 71.03 -12.41 -20.19
CA GLY C 140 70.74 -11.10 -20.66
C GLY C 140 69.47 -11.01 -21.46
N LEU C 141 68.48 -11.87 -21.22
CA LEU C 141 67.25 -11.74 -21.98
C LEU C 141 66.29 -10.92 -21.14
N GLU C 142 65.50 -10.12 -21.79
CA GLU C 142 64.58 -9.29 -21.06
C GLU C 142 63.24 -9.91 -20.67
N THR C 143 62.80 -9.54 -19.47
CA THR C 143 61.54 -10.02 -18.95
C THR C 143 60.82 -8.84 -18.40
N ALA C 144 59.49 -8.95 -18.24
CA ALA C 144 58.74 -7.82 -17.73
C ALA C 144 59.03 -7.57 -16.27
N ARG C 145 58.77 -6.36 -15.84
CA ARG C 145 58.96 -5.99 -14.43
C ARG C 145 58.01 -6.90 -13.61
N SER C 146 58.57 -7.63 -12.62
CA SER C 146 57.81 -8.59 -11.81
C SER C 146 58.27 -8.73 -10.36
N GLY C 147 57.55 -9.51 -9.57
CA GLY C 147 57.90 -9.72 -8.19
C GLY C 147 57.30 -11.05 -7.76
N ILE C 148 58.09 -11.79 -6.96
CA ILE C 148 57.68 -13.06 -6.44
C ILE C 148 56.89 -12.87 -5.16
N ALA C 149 55.87 -13.69 -4.97
CA ALA C 149 55.09 -13.57 -3.77
C ALA C 149 54.73 -14.92 -3.23
N HIS C 150 54.92 -15.13 -1.93
CA HIS C 150 54.62 -16.41 -1.32
C HIS C 150 53.45 -16.31 -0.39
N THR C 151 53.04 -15.09 -0.18
CA THR C 151 51.89 -14.83 0.65
C THR C 151 51.11 -13.65 0.08
N MET C 152 49.90 -13.41 0.58
CA MET C 152 49.14 -12.26 0.11
C MET C 152 49.80 -10.94 0.43
N GLU C 153 50.52 -10.95 1.52
CA GLU C 153 51.22 -9.78 1.94
C GLU C 153 52.28 -9.52 0.89
N GLU C 154 53.09 -10.59 0.66
CA GLU C 154 54.16 -10.57 -0.32
C GLU C 154 53.54 -9.99 -1.64
N ALA C 155 52.46 -10.62 -2.06
CA ALA C 155 51.77 -10.26 -3.28
C ALA C 155 51.34 -8.82 -3.39
N LEU C 156 50.66 -8.33 -2.37
CA LEU C 156 50.20 -6.98 -2.45
C LEU C 156 51.31 -5.99 -2.58
N ALA C 157 52.45 -6.34 -2.05
CA ALA C 157 53.53 -5.40 -2.15
C ALA C 157 53.98 -5.28 -3.59
N VAL C 158 53.95 -6.41 -4.30
CA VAL C 158 54.33 -6.43 -5.69
C VAL C 158 53.38 -5.58 -6.52
N ALA C 159 52.08 -5.79 -6.28
CA ALA C 159 51.04 -5.05 -6.99
C ALA C 159 51.23 -3.57 -6.82
N ALA C 160 51.72 -3.20 -5.64
CA ALA C 160 51.93 -1.79 -5.36
C ALA C 160 53.04 -1.26 -6.24
N ASP C 161 53.96 -2.17 -6.52
CA ASP C 161 55.11 -1.87 -7.33
C ASP C 161 54.80 -1.81 -8.81
N VAL C 162 54.27 -2.94 -9.31
CA VAL C 162 53.95 -3.07 -10.74
C VAL C 162 52.69 -2.33 -11.19
N GLY C 163 51.78 -2.10 -10.26
CA GLY C 163 50.56 -1.40 -10.58
C GLY C 163 49.54 -2.25 -11.36
N PHE C 164 48.32 -1.73 -11.43
CA PHE C 164 47.26 -2.42 -12.16
C PHE C 164 47.14 -1.84 -13.58
N PRO C 165 46.81 -2.70 -14.56
CA PRO C 165 46.62 -4.12 -14.33
C PRO C 165 47.96 -4.83 -14.17
N CYS C 166 47.90 -6.02 -13.62
CA CYS C 166 49.09 -6.83 -13.41
C CYS C 166 48.72 -8.28 -13.70
N ILE C 167 49.70 -9.05 -14.15
CA ILE C 167 49.50 -10.44 -14.50
C ILE C 167 50.00 -11.29 -13.36
N ILE C 168 49.15 -12.23 -12.96
CA ILE C 168 49.46 -13.14 -11.86
C ILE C 168 49.70 -14.52 -12.43
N ARG C 169 50.94 -15.06 -12.22
CA ARG C 169 51.33 -16.40 -12.74
C ARG C 169 51.99 -17.24 -11.66
N PRO C 170 51.35 -18.37 -11.35
CA PRO C 170 51.83 -19.31 -10.35
C PRO C 170 52.97 -20.12 -10.86
N SER C 171 53.90 -20.47 -9.97
CA SER C 171 55.00 -21.33 -10.32
C SER C 171 54.41 -22.73 -10.35
N PHE C 172 54.95 -23.57 -11.21
CA PHE C 172 54.45 -24.93 -11.33
C PHE C 172 53.05 -25.15 -11.88
N THR C 173 52.51 -24.18 -12.64
CA THR C 173 51.19 -24.33 -13.27
C THR C 173 51.30 -24.02 -14.73
N MET C 174 50.30 -24.47 -15.47
CA MET C 174 50.26 -24.24 -16.89
C MET C 174 48.83 -24.01 -17.37
N GLY C 175 48.61 -23.60 -18.63
CA GLY C 175 47.26 -23.36 -19.15
C GLY C 175 46.53 -22.22 -18.43
N GLY C 176 47.35 -21.39 -17.75
CA GLY C 176 46.91 -20.22 -16.97
C GLY C 176 46.21 -20.61 -15.66
N SER C 177 46.32 -21.89 -15.31
CA SER C 177 45.70 -22.38 -14.12
C SER C 177 46.13 -21.59 -12.89
N GLY C 178 45.15 -21.03 -12.18
CA GLY C 178 45.39 -20.26 -10.98
C GLY C 178 45.82 -18.85 -11.25
N GLY C 179 45.89 -18.47 -12.52
CA GLY C 179 46.34 -17.11 -12.86
C GLY C 179 45.22 -16.21 -13.36
N GLY C 180 45.61 -15.00 -13.74
CA GLY C 180 44.66 -14.06 -14.29
C GLY C 180 45.24 -12.68 -14.40
N ILE C 181 44.40 -11.77 -14.81
CA ILE C 181 44.87 -10.40 -14.91
C ILE C 181 44.13 -9.64 -13.81
N ALA C 182 44.81 -8.83 -13.02
CA ALA C 182 44.02 -8.15 -12.00
C ALA C 182 43.90 -6.69 -12.33
N TYR C 183 42.64 -6.24 -12.40
CA TYR C 183 42.35 -4.85 -12.69
C TYR C 183 42.19 -4.01 -11.42
N ASN C 184 41.94 -4.70 -10.32
CA ASN C 184 41.80 -4.02 -9.05
C ASN C 184 42.20 -4.94 -7.92
N ARG C 185 42.28 -4.35 -6.73
CA ARG C 185 42.66 -5.02 -5.52
C ARG C 185 41.82 -6.22 -5.25
N GLU C 186 40.53 -6.05 -5.49
CA GLU C 186 39.62 -7.13 -5.23
C GLU C 186 39.83 -8.33 -6.11
N GLU C 187 40.09 -8.07 -7.38
CA GLU C 187 40.36 -9.12 -8.34
C GLU C 187 41.71 -9.74 -7.93
N PHE C 188 42.68 -8.86 -7.67
CA PHE C 188 44.00 -9.24 -7.24
C PHE C 188 43.95 -10.26 -6.11
N GLU C 189 43.37 -9.91 -4.99
CA GLU C 189 43.27 -10.80 -3.84
C GLU C 189 42.71 -12.17 -4.15
N GLU C 190 41.66 -12.14 -4.95
CA GLU C 190 40.96 -13.33 -5.40
C GLU C 190 41.83 -14.28 -6.25
N ILE C 191 42.49 -13.74 -7.27
CA ILE C 191 43.32 -14.55 -8.15
C ILE C 191 44.52 -15.14 -7.41
N CYS C 192 45.12 -14.30 -6.54
CA CYS C 192 46.29 -14.67 -5.78
C CYS C 192 45.99 -15.76 -4.79
N ALA C 193 44.88 -15.61 -4.12
CA ALA C 193 44.53 -16.62 -3.15
C ALA C 193 44.39 -17.95 -3.86
N ARG C 194 43.68 -17.92 -4.98
CA ARG C 194 43.48 -19.13 -5.79
C ARG C 194 44.78 -19.70 -6.33
N GLY C 195 45.61 -18.82 -6.84
CA GLY C 195 46.89 -19.21 -7.39
C GLY C 195 47.85 -19.76 -6.36
N LEU C 196 47.92 -19.09 -5.20
CA LEU C 196 48.82 -19.53 -4.14
C LEU C 196 48.56 -20.96 -3.67
N ASP C 197 47.26 -21.27 -3.58
CA ASP C 197 46.80 -22.54 -3.14
C ASP C 197 46.85 -23.57 -4.21
N LEU C 198 46.98 -23.11 -5.42
CA LEU C 198 46.99 -24.03 -6.53
C LEU C 198 48.41 -24.41 -6.91
N SER C 199 49.31 -23.42 -6.79
CA SER C 199 50.73 -23.65 -7.09
C SER C 199 51.31 -24.78 -6.21
N PRO C 200 51.89 -25.77 -6.84
CA PRO C 200 52.49 -26.85 -6.10
C PRO C 200 53.65 -26.33 -5.30
N THR C 201 54.20 -25.16 -5.61
CA THR C 201 55.31 -24.62 -4.83
C THR C 201 54.85 -23.41 -4.05
N LYS C 202 53.52 -23.25 -4.11
CA LYS C 202 52.85 -22.13 -3.47
C LYS C 202 53.57 -20.85 -3.81
N GLU C 203 53.71 -20.53 -5.09
CA GLU C 203 54.42 -19.34 -5.46
C GLU C 203 53.74 -18.72 -6.66
N LEU C 204 53.84 -17.41 -6.71
CA LEU C 204 53.26 -16.59 -7.78
C LEU C 204 54.27 -15.58 -8.25
N LEU C 205 54.19 -15.29 -9.55
CA LEU C 205 55.01 -14.27 -10.12
C LEU C 205 53.99 -13.23 -10.57
N ILE C 206 54.17 -11.97 -10.20
CA ILE C 206 53.21 -10.97 -10.60
C ILE C 206 53.95 -10.01 -11.48
N ASP C 207 53.46 -9.76 -12.70
CA ASP C 207 54.14 -8.90 -13.65
C ASP C 207 53.37 -7.70 -14.13
N GLU C 208 54.11 -6.67 -14.45
CA GLU C 208 53.48 -5.49 -14.99
C GLU C 208 52.81 -5.91 -16.31
N SER C 209 51.86 -5.11 -16.77
CA SER C 209 51.14 -5.40 -18.01
C SER C 209 51.87 -5.12 -19.35
N LEU C 210 51.78 -6.07 -20.24
CA LEU C 210 52.30 -6.05 -21.58
C LEU C 210 51.15 -6.39 -22.47
N ILE C 211 49.96 -6.20 -21.93
CA ILE C 211 48.75 -6.52 -22.66
C ILE C 211 48.72 -5.77 -23.97
N GLY C 212 48.28 -6.41 -25.03
CA GLY C 212 48.28 -5.73 -26.32
C GLY C 212 49.57 -5.91 -27.18
N TRP C 213 50.68 -6.37 -26.56
CA TRP C 213 51.93 -6.59 -27.30
C TRP C 213 51.73 -7.79 -28.18
N LYS C 214 52.57 -7.98 -29.20
CA LYS C 214 52.39 -9.17 -30.02
C LYS C 214 52.87 -10.41 -29.24
N GLU C 215 52.22 -11.55 -29.41
CA GLU C 215 52.61 -12.74 -28.69
C GLU C 215 53.04 -13.86 -29.65
N TYR C 216 54.24 -14.41 -29.38
CA TYR C 216 54.86 -15.48 -30.16
C TYR C 216 55.34 -16.68 -29.35
N GLU C 217 55.41 -17.81 -30.04
CA GLU C 217 55.91 -19.05 -29.50
C GLU C 217 56.84 -19.71 -30.52
N MET C 218 57.76 -20.49 -30.01
CA MET C 218 58.67 -21.21 -30.85
C MET C 218 58.85 -22.59 -30.21
N GLU C 219 58.78 -23.62 -31.03
CA GLU C 219 58.96 -25.01 -30.68
C GLU C 219 60.39 -25.37 -31.10
N VAL C 220 61.22 -25.62 -30.08
CA VAL C 220 62.62 -25.95 -30.29
C VAL C 220 62.94 -27.35 -29.91
N VAL C 221 64.01 -27.80 -30.54
CA VAL C 221 64.52 -29.13 -30.28
C VAL C 221 66.03 -29.11 -30.22
N ARG C 222 66.55 -29.71 -29.15
CA ARG C 222 67.97 -29.80 -28.90
C ARG C 222 68.44 -31.20 -28.56
N ASP C 223 69.65 -31.54 -29.03
CA ASP C 223 70.21 -32.84 -28.76
C ASP C 223 71.47 -32.80 -27.92
N LYS C 224 71.87 -34.02 -27.56
CA LYS C 224 73.04 -34.18 -26.74
C LYS C 224 74.26 -33.61 -27.38
N ASN C 225 74.22 -33.49 -28.71
CA ASN C 225 75.36 -32.92 -29.40
C ASN C 225 75.30 -31.41 -29.47
N ASP C 226 74.24 -30.88 -28.86
CA ASP C 226 74.05 -29.45 -28.82
C ASP C 226 73.49 -29.01 -30.14
N ASN C 227 72.99 -29.97 -30.87
CA ASN C 227 72.39 -29.60 -32.12
C ASN C 227 71.06 -29.05 -31.70
N CYS C 228 70.64 -27.98 -32.32
CA CYS C 228 69.37 -27.38 -31.92
C CYS C 228 68.59 -26.81 -33.07
N ILE C 229 67.33 -27.17 -33.17
CA ILE C 229 66.54 -26.65 -34.25
C ILE C 229 65.20 -26.05 -33.86
N ILE C 230 64.73 -25.08 -34.67
CA ILE C 230 63.41 -24.48 -34.47
C ILE C 230 62.47 -25.26 -35.39
N VAL C 231 61.56 -26.03 -34.82
CA VAL C 231 60.63 -26.81 -35.61
C VAL C 231 59.51 -25.96 -36.17
N CYS C 232 59.08 -24.97 -35.42
CA CYS C 232 57.97 -24.15 -35.86
C CYS C 232 57.86 -22.84 -35.13
N SER C 233 57.48 -21.76 -35.82
CA SER C 233 57.30 -20.50 -35.13
C SER C 233 55.79 -20.29 -35.15
N ILE C 234 55.28 -19.53 -34.18
CA ILE C 234 53.85 -19.27 -34.08
C ILE C 234 53.57 -17.83 -33.72
N GLU C 235 52.66 -17.23 -34.43
CA GLU C 235 52.31 -15.86 -34.15
C GLU C 235 50.87 -15.93 -33.64
N ASN C 236 50.57 -15.36 -32.46
CA ASN C 236 49.19 -15.40 -31.97
C ASN C 236 48.33 -14.35 -32.69
N PHE C 237 47.10 -14.70 -33.08
CA PHE C 237 46.23 -13.72 -33.73
C PHE C 237 45.80 -12.75 -32.61
N ASP C 238 45.37 -13.32 -31.47
CA ASP C 238 45.02 -12.54 -30.26
C ASP C 238 46.31 -12.16 -29.50
N ALA C 239 46.44 -10.86 -29.17
CA ALA C 239 47.65 -10.37 -28.52
C ALA C 239 47.91 -10.88 -27.10
N MET C 240 49.01 -10.40 -26.52
CA MET C 240 49.39 -10.71 -25.17
C MET C 240 48.23 -10.37 -24.25
N GLY C 241 47.85 -11.27 -23.36
CA GLY C 241 46.76 -10.98 -22.46
C GLY C 241 45.66 -12.03 -22.54
N ILE C 242 45.64 -12.71 -23.66
CA ILE C 242 44.71 -13.79 -23.90
C ILE C 242 45.66 -14.96 -24.02
N HIS C 243 45.48 -15.97 -23.18
CA HIS C 243 46.34 -17.12 -23.17
C HIS C 243 46.48 -17.68 -24.59
N THR C 244 47.66 -18.16 -24.93
CA THR C 244 47.87 -18.76 -26.25
C THR C 244 46.86 -19.85 -26.50
N GLY C 245 46.51 -20.61 -25.46
CA GLY C 245 45.54 -21.68 -25.69
C GLY C 245 44.12 -21.17 -25.96
N ASP C 246 43.83 -19.94 -25.56
CA ASP C 246 42.50 -19.41 -25.78
C ASP C 246 42.54 -18.43 -26.96
N SER C 247 43.72 -18.33 -27.60
CA SER C 247 44.00 -17.48 -28.73
C SER C 247 43.89 -18.16 -30.11
N ILE C 248 43.62 -17.36 -31.11
CA ILE C 248 43.62 -17.92 -32.45
C ILE C 248 45.11 -17.78 -32.75
N THR C 249 45.76 -18.83 -33.26
CA THR C 249 47.20 -18.72 -33.54
C THR C 249 47.48 -19.24 -34.97
N VAL C 250 48.57 -18.79 -35.58
CA VAL C 250 48.92 -19.21 -36.91
C VAL C 250 50.42 -19.54 -36.99
N ALA C 251 50.72 -20.42 -37.91
CA ALA C 251 52.10 -20.82 -38.17
C ALA C 251 52.21 -20.58 -39.67
N PRO C 252 53.26 -19.97 -40.10
CA PRO C 252 54.33 -19.55 -39.22
C PRO C 252 54.12 -18.11 -38.78
N ALA C 253 55.18 -17.56 -38.20
CA ALA C 253 55.16 -16.18 -37.79
C ALA C 253 54.90 -15.44 -39.10
N GLN C 254 54.18 -14.33 -39.01
CA GLN C 254 53.83 -13.54 -40.15
C GLN C 254 54.43 -12.17 -40.22
N THR C 255 54.45 -11.46 -39.12
CA THR C 255 54.93 -10.09 -39.14
C THR C 255 56.29 -9.78 -38.56
N LEU C 256 57.17 -10.79 -38.56
CA LEU C 256 58.48 -10.48 -38.05
C LEU C 256 59.44 -10.40 -39.23
N THR C 257 60.34 -9.41 -39.23
CA THR C 257 61.36 -9.30 -40.27
C THR C 257 62.37 -10.39 -39.95
N ASP C 258 63.16 -10.82 -40.94
CA ASP C 258 64.14 -11.86 -40.69
C ASP C 258 65.04 -11.51 -39.52
N LYS C 259 65.47 -10.26 -39.50
CA LYS C 259 66.32 -9.77 -38.43
C LYS C 259 65.75 -10.04 -37.04
N GLU C 260 64.44 -9.78 -36.85
CA GLU C 260 63.77 -9.99 -35.58
C GLU C 260 63.57 -11.43 -35.31
N TYR C 261 63.37 -12.13 -36.38
CA TYR C 261 63.15 -13.52 -36.30
C TYR C 261 64.38 -14.23 -35.79
N GLN C 262 65.54 -13.83 -36.31
CA GLN C 262 66.80 -14.46 -35.88
C GLN C 262 67.07 -14.19 -34.42
N ILE C 263 66.79 -12.96 -33.98
CA ILE C 263 66.98 -12.60 -32.59
C ILE C 263 66.15 -13.55 -31.73
N MET C 264 64.90 -13.74 -32.14
CA MET C 264 64.01 -14.61 -31.41
C MET C 264 64.42 -16.05 -31.44
N ARG C 265 64.97 -16.44 -32.58
CA ARG C 265 65.46 -17.79 -32.78
C ARG C 265 66.61 -18.08 -31.82
N ASN C 266 67.55 -17.15 -31.80
CA ASN C 266 68.72 -17.26 -30.96
C ASN C 266 68.34 -17.30 -29.51
N ALA C 267 67.42 -16.41 -29.13
CA ALA C 267 66.93 -16.33 -27.78
C ALA C 267 66.32 -17.64 -27.30
N SER C 268 65.53 -18.24 -28.17
CA SER C 268 64.87 -19.51 -27.91
C SER C 268 65.88 -20.61 -27.56
N MET C 269 66.93 -20.71 -28.37
CA MET C 269 67.98 -21.66 -28.17
C MET C 269 68.74 -21.36 -26.86
N ALA C 270 68.95 -20.06 -26.62
CA ALA C 270 69.62 -19.63 -25.42
C ALA C 270 68.82 -20.08 -24.20
N VAL C 271 67.51 -19.99 -24.34
CA VAL C 271 66.64 -20.36 -23.28
C VAL C 271 66.79 -21.80 -22.88
N LEU C 272 66.73 -22.70 -23.84
CA LEU C 272 66.90 -24.11 -23.56
C LEU C 272 68.26 -24.46 -23.00
N ARG C 273 69.26 -23.81 -23.51
CA ARG C 273 70.61 -24.03 -23.08
C ARG C 273 70.80 -23.61 -21.63
N GLU C 274 70.22 -22.50 -21.25
CA GLU C 274 70.35 -22.06 -19.88
C GLU C 274 69.49 -22.85 -18.94
N ILE C 275 68.29 -23.20 -19.35
CA ILE C 275 67.45 -23.99 -18.48
C ILE C 275 68.08 -25.36 -18.34
N GLY C 276 68.72 -25.84 -19.42
CA GLY C 276 69.35 -27.16 -19.42
C GLY C 276 68.63 -28.31 -20.13
N VAL C 277 67.83 -27.97 -21.15
CA VAL C 277 67.18 -29.04 -21.87
C VAL C 277 68.15 -29.45 -22.95
N GLU C 278 68.73 -30.65 -22.88
CA GLU C 278 69.68 -31.04 -23.88
C GLU C 278 69.21 -32.19 -24.68
N THR C 279 68.14 -32.79 -24.28
CA THR C 279 67.74 -33.94 -25.04
C THR C 279 66.26 -34.03 -25.21
N GLY C 280 65.70 -32.98 -25.78
CA GLY C 280 64.26 -33.00 -26.03
C GLY C 280 63.80 -31.67 -26.60
N GLY C 281 62.47 -31.50 -26.69
CA GLY C 281 61.90 -30.27 -27.19
C GLY C 281 61.46 -29.37 -26.05
N SER C 282 61.06 -28.17 -26.42
CA SER C 282 60.58 -27.20 -25.46
C SER C 282 59.90 -26.08 -26.20
N ASN C 283 58.89 -25.54 -25.58
CA ASN C 283 58.11 -24.43 -26.11
C ASN C 283 58.61 -23.13 -25.45
N VAL C 284 58.97 -22.11 -26.21
CA VAL C 284 59.45 -20.84 -25.65
C VAL C 284 58.54 -19.73 -26.10
N GLN C 285 58.11 -18.87 -25.18
CA GLN C 285 57.19 -17.78 -25.47
C GLN C 285 57.79 -16.38 -25.35
N PHE C 286 57.31 -15.53 -26.21
CA PHE C 286 57.79 -14.17 -26.21
C PHE C 286 56.66 -13.18 -26.42
N ALA C 287 56.98 -11.93 -26.11
CA ALA C 287 56.11 -10.77 -26.30
C ALA C 287 56.97 -9.78 -27.06
N VAL C 288 56.41 -9.18 -28.11
CA VAL C 288 57.14 -8.22 -28.94
C VAL C 288 56.39 -6.92 -29.01
N ASN C 289 57.08 -5.85 -28.72
CA ASN C 289 56.43 -4.58 -28.83
C ASN C 289 56.45 -4.24 -30.29
N PRO C 290 55.28 -4.25 -30.92
CA PRO C 290 55.13 -3.96 -32.33
C PRO C 290 55.65 -2.60 -32.78
N LYS C 291 55.79 -1.68 -31.86
CA LYS C 291 56.25 -0.38 -32.22
C LYS C 291 57.73 -0.23 -32.36
N ASN C 292 58.45 -1.19 -31.81
CA ASN C 292 59.88 -1.07 -31.86
C ASN C 292 60.58 -2.38 -31.81
N GLY C 293 59.78 -3.43 -31.94
CA GLY C 293 60.22 -4.81 -31.93
C GLY C 293 60.87 -5.28 -30.62
N ARG C 294 60.76 -4.51 -29.53
CA ARG C 294 61.33 -4.87 -28.24
C ARG C 294 60.93 -6.30 -27.89
N LEU C 295 61.93 -7.16 -27.65
CA LEU C 295 61.69 -8.58 -27.33
C LEU C 295 61.67 -8.90 -25.83
N ILE C 296 60.65 -9.62 -25.36
CA ILE C 296 60.57 -9.97 -23.96
C ILE C 296 60.26 -11.46 -23.80
N VAL C 297 61.06 -12.17 -22.99
CA VAL C 297 60.77 -13.59 -22.84
C VAL C 297 59.68 -13.77 -21.78
N ILE C 298 58.66 -14.58 -22.09
CA ILE C 298 57.58 -14.80 -21.16
C ILE C 298 57.74 -16.04 -20.28
N GLU C 299 57.97 -17.19 -20.92
CA GLU C 299 58.12 -18.47 -20.23
C GLU C 299 58.58 -19.52 -21.23
N MET C 300 58.83 -20.69 -20.69
CA MET C 300 59.25 -21.83 -21.48
C MET C 300 58.73 -23.07 -20.75
N ASN C 301 58.28 -24.04 -21.53
CA ASN C 301 57.73 -25.28 -21.05
C ASN C 301 58.61 -26.43 -21.52
N PRO C 302 59.37 -26.99 -20.57
CA PRO C 302 60.34 -28.07 -20.77
C PRO C 302 59.71 -29.41 -21.12
N ARG C 303 58.79 -29.41 -22.08
CA ARG C 303 58.11 -30.60 -22.50
C ARG C 303 57.26 -30.38 -23.72
N VAL C 304 56.63 -31.45 -24.11
CA VAL C 304 55.73 -31.41 -25.22
C VAL C 304 54.53 -30.68 -24.71
N SER C 305 53.78 -30.07 -25.63
CA SER C 305 52.64 -29.28 -25.26
C SER C 305 51.46 -29.25 -26.24
N ARG C 306 50.50 -28.32 -26.00
CA ARG C 306 49.39 -28.22 -26.93
C ARG C 306 49.91 -27.55 -28.23
N SER C 307 50.92 -26.67 -28.11
CA SER C 307 51.57 -25.96 -29.20
C SER C 307 52.50 -26.89 -30.00
N SER C 308 53.18 -27.82 -29.30
CA SER C 308 54.06 -28.76 -29.99
C SER C 308 53.23 -29.74 -30.79
N ALA C 309 52.08 -30.05 -30.23
CA ALA C 309 51.20 -30.90 -30.93
C ALA C 309 50.74 -30.14 -32.18
N LEU C 310 50.35 -28.87 -32.01
CA LEU C 310 49.89 -28.06 -33.14
C LEU C 310 51.01 -27.95 -34.18
N ALA C 311 52.22 -27.60 -33.71
CA ALA C 311 53.42 -27.49 -34.54
C ALA C 311 53.68 -28.78 -35.30
N SER C 312 53.55 -29.91 -34.62
CA SER C 312 53.75 -31.17 -35.26
C SER C 312 52.80 -31.35 -36.42
N LYS C 313 51.58 -31.07 -36.13
CA LYS C 313 50.55 -31.22 -37.10
C LYS C 313 50.77 -30.24 -38.24
N ALA C 314 51.17 -29.05 -37.86
CA ALA C 314 51.37 -28.01 -38.81
C ALA C 314 52.49 -28.18 -39.82
N THR C 315 53.60 -28.75 -39.34
CA THR C 315 54.80 -28.96 -40.11
C THR C 315 54.97 -30.35 -40.68
N GLY C 316 54.44 -31.33 -39.97
CA GLY C 316 54.59 -32.71 -40.40
C GLY C 316 55.85 -33.31 -39.66
N PHE C 317 56.40 -32.54 -38.73
CA PHE C 317 57.54 -32.94 -37.93
C PHE C 317 57.01 -33.47 -36.60
N PRO C 318 57.05 -34.82 -36.38
CA PRO C 318 56.54 -35.46 -35.17
C PRO C 318 57.47 -35.24 -33.96
N ILE C 319 57.35 -34.06 -33.35
CA ILE C 319 58.17 -33.68 -32.23
C ILE C 319 58.34 -34.69 -31.11
N ALA C 320 57.22 -35.24 -30.64
CA ALA C 320 57.27 -36.20 -29.53
C ALA C 320 58.00 -37.48 -29.86
N LYS C 321 57.79 -37.96 -31.08
CA LYS C 321 58.48 -39.18 -31.54
C LYS C 321 59.98 -38.90 -31.54
N VAL C 322 60.31 -37.75 -32.04
CA VAL C 322 61.70 -37.42 -32.11
C VAL C 322 62.26 -37.19 -30.73
N ALA C 323 61.50 -36.49 -29.92
CA ALA C 323 61.95 -36.21 -28.59
C ALA C 323 62.16 -37.50 -27.80
N ALA C 324 61.22 -38.44 -27.91
CA ALA C 324 61.32 -39.72 -27.21
C ALA C 324 62.71 -40.33 -27.50
N LYS C 325 63.03 -40.45 -28.77
CA LYS C 325 64.31 -40.99 -29.18
C LYS C 325 65.48 -40.16 -28.74
N LEU C 326 65.29 -38.88 -28.58
CA LEU C 326 66.41 -38.06 -28.16
C LEU C 326 66.74 -38.33 -26.72
N ALA C 327 65.69 -38.72 -26.00
CA ALA C 327 65.78 -39.03 -24.59
C ALA C 327 66.64 -40.24 -24.34
N VAL C 328 66.78 -41.05 -25.36
CA VAL C 328 67.58 -42.23 -25.18
C VAL C 328 68.94 -42.23 -25.88
N GLY C 329 69.54 -41.07 -25.98
CA GLY C 329 70.82 -41.00 -26.60
C GLY C 329 70.83 -40.71 -28.07
N TYR C 330 69.76 -40.88 -28.83
CA TYR C 330 69.93 -40.54 -30.23
C TYR C 330 70.15 -39.05 -30.46
N THR C 331 70.82 -38.69 -31.58
CA THR C 331 71.08 -37.27 -31.95
C THR C 331 70.23 -36.95 -33.17
N LEU C 332 69.92 -35.68 -33.42
CA LEU C 332 69.06 -35.37 -34.56
C LEU C 332 69.56 -35.85 -35.89
N ASP C 333 70.89 -35.75 -36.07
CA ASP C 333 71.53 -36.17 -37.31
C ASP C 333 71.37 -37.64 -37.62
N GLU C 334 71.12 -38.43 -36.61
CA GLU C 334 70.97 -39.86 -36.83
C GLU C 334 69.57 -40.31 -37.15
N LEU C 335 68.60 -39.44 -36.83
CA LEU C 335 67.21 -39.74 -37.07
C LEU C 335 66.86 -39.29 -38.46
N MET C 336 65.92 -39.97 -39.00
CA MET C 336 65.49 -39.60 -40.31
C MET C 336 64.20 -38.84 -40.20
N ASN C 337 63.92 -38.02 -41.20
CA ASN C 337 62.70 -37.27 -41.25
C ASN C 337 61.68 -38.21 -41.89
N ASP C 338 60.63 -38.57 -41.18
CA ASP C 338 59.56 -39.48 -41.64
C ASP C 338 58.88 -39.10 -42.98
N ILE C 339 58.31 -37.89 -43.04
CA ILE C 339 57.58 -37.47 -44.20
C ILE C 339 58.28 -37.32 -45.51
N THR C 340 59.62 -37.16 -45.45
CA THR C 340 60.42 -37.07 -46.66
C THR C 340 60.99 -38.46 -46.98
N GLY C 341 60.20 -39.48 -46.68
CA GLY C 341 60.50 -40.89 -46.86
C GLY C 341 61.72 -41.31 -46.08
N GLY C 342 62.14 -40.47 -45.14
CA GLY C 342 63.30 -40.77 -44.35
C GLY C 342 64.56 -40.57 -45.19
N ARG C 343 64.40 -39.85 -46.29
CA ARG C 343 65.51 -39.60 -47.17
C ARG C 343 66.33 -38.41 -46.67
N THR C 344 65.79 -37.68 -45.69
CA THR C 344 66.46 -36.54 -45.08
C THR C 344 66.51 -36.74 -43.57
N PRO C 345 67.48 -36.12 -42.89
CA PRO C 345 67.62 -36.22 -41.43
C PRO C 345 66.56 -35.42 -40.63
N ALA C 346 66.54 -35.69 -39.32
CA ALA C 346 65.64 -35.01 -38.42
C ALA C 346 66.30 -33.69 -38.02
N SER C 347 67.60 -33.63 -38.27
CA SER C 347 68.38 -32.43 -37.96
C SER C 347 68.19 -31.37 -39.06
N PHE C 348 67.06 -30.64 -39.02
CA PHE C 348 66.80 -29.56 -39.97
C PHE C 348 65.63 -28.72 -39.50
N GLU C 349 65.44 -27.56 -40.09
CA GLU C 349 64.31 -26.72 -39.69
C GLU C 349 63.29 -26.75 -40.80
N PRO C 350 62.09 -27.14 -40.46
CA PRO C 350 61.01 -27.25 -41.42
C PRO C 350 60.64 -25.95 -42.11
N SER C 351 60.18 -26.05 -43.33
CA SER C 351 59.77 -24.92 -44.11
C SER C 351 58.42 -25.30 -44.69
N ILE C 352 57.40 -24.44 -44.49
CA ILE C 352 56.08 -24.77 -45.00
C ILE C 352 55.62 -23.79 -46.06
N ASP C 353 54.86 -24.35 -47.00
CA ASP C 353 54.33 -23.59 -48.11
C ASP C 353 52.82 -23.37 -48.01
N TYR C 354 52.37 -22.98 -46.84
CA TYR C 354 50.95 -22.72 -46.62
C TYR C 354 50.82 -22.04 -45.28
N VAL C 355 49.57 -21.74 -44.83
CA VAL C 355 49.32 -21.09 -43.54
C VAL C 355 48.53 -22.01 -42.63
N VAL C 356 48.97 -22.16 -41.39
CA VAL C 356 48.22 -23.02 -40.49
C VAL C 356 47.49 -22.12 -39.49
N THR C 357 46.19 -22.42 -39.32
CA THR C 357 45.40 -21.64 -38.39
C THR C 357 44.73 -22.47 -37.30
N LYS C 358 44.83 -22.01 -36.04
CA LYS C 358 44.18 -22.71 -34.95
C LYS C 358 43.17 -21.79 -34.27
N ILE C 359 41.97 -22.32 -34.03
CA ILE C 359 40.96 -21.53 -33.37
C ILE C 359 40.47 -22.31 -32.17
N PRO C 360 40.45 -21.71 -30.99
CA PRO C 360 40.02 -22.45 -29.81
C PRO C 360 38.53 -22.69 -29.86
N ARG C 361 38.13 -23.72 -29.16
CA ARG C 361 36.74 -24.12 -29.07
C ARG C 361 36.30 -23.92 -27.61
N PHE C 362 35.23 -23.15 -27.37
CA PHE C 362 34.78 -22.88 -26.03
C PHE C 362 33.42 -23.51 -25.76
N ASN C 363 32.92 -23.43 -24.53
CA ASN C 363 31.60 -24.04 -24.31
C ASN C 363 30.88 -23.30 -23.20
N PHE C 364 31.01 -21.99 -23.27
CA PHE C 364 30.48 -21.12 -22.25
C PHE C 364 29.03 -21.31 -21.97
N GLU C 365 28.34 -21.71 -23.01
CA GLU C 365 26.92 -21.92 -22.95
C GLU C 365 26.58 -22.99 -21.94
N LYS C 366 27.57 -23.74 -21.50
CA LYS C 366 27.29 -24.79 -20.53
C LYS C 366 27.56 -24.37 -19.09
N PHE C 367 28.10 -23.15 -18.99
CA PHE C 367 28.45 -22.55 -17.74
C PHE C 367 27.75 -21.27 -17.50
N ALA C 368 26.63 -21.46 -16.81
CA ALA C 368 25.71 -20.46 -16.37
C ALA C 368 26.37 -19.14 -15.97
N GLY C 369 26.80 -19.00 -14.72
CA GLY C 369 27.38 -17.74 -14.25
C GLY C 369 28.84 -17.52 -14.46
N ALA C 370 29.39 -18.25 -15.43
CA ALA C 370 30.78 -18.10 -15.69
C ALA C 370 31.09 -16.78 -16.37
N ASN C 371 32.22 -16.21 -15.97
CA ASN C 371 32.68 -15.02 -16.62
C ASN C 371 33.13 -15.55 -17.98
N ASP C 372 32.67 -14.95 -19.06
CA ASP C 372 33.06 -15.47 -20.36
C ASP C 372 34.04 -14.65 -21.19
N ARG C 373 34.79 -13.79 -20.56
CA ARG C 373 35.74 -13.00 -21.22
C ARG C 373 37.04 -13.76 -21.21
N LEU C 374 37.86 -13.62 -22.26
CA LEU C 374 39.10 -14.33 -22.32
C LEU C 374 40.16 -13.64 -21.50
N THR C 375 41.03 -14.42 -20.85
CA THR C 375 42.05 -13.83 -20.01
C THR C 375 43.23 -14.77 -20.06
N THR C 376 44.14 -14.65 -19.14
CA THR C 376 45.34 -15.45 -19.09
C THR C 376 45.16 -16.89 -18.66
N GLN C 377 44.01 -17.13 -18.04
CA GLN C 377 43.67 -18.45 -17.59
C GLN C 377 42.80 -19.11 -18.63
N MET C 378 43.24 -20.23 -19.23
CA MET C 378 42.48 -20.95 -20.24
C MET C 378 41.08 -21.31 -19.84
N LYS C 379 40.20 -21.23 -20.82
CA LYS C 379 38.81 -21.57 -20.65
C LYS C 379 38.35 -22.40 -21.81
N SER C 380 39.20 -22.54 -22.84
CA SER C 380 38.76 -23.31 -23.96
C SER C 380 38.81 -24.78 -23.62
N VAL C 381 37.95 -25.52 -24.29
CA VAL C 381 37.85 -26.94 -24.11
C VAL C 381 38.39 -27.76 -25.31
N GLY C 382 38.80 -27.09 -26.38
CA GLY C 382 39.29 -27.84 -27.54
C GLY C 382 39.82 -26.88 -28.57
N GLU C 383 40.00 -27.39 -29.75
CA GLU C 383 40.54 -26.62 -30.83
C GLU C 383 40.50 -27.30 -32.17
N VAL C 384 40.42 -26.43 -33.13
CA VAL C 384 40.40 -26.82 -34.50
C VAL C 384 41.62 -26.19 -35.14
N MET C 385 42.06 -26.87 -36.20
CA MET C 385 43.17 -26.45 -36.99
C MET C 385 42.83 -26.54 -38.48
N ALA C 386 43.40 -25.69 -39.28
CA ALA C 386 43.10 -25.81 -40.69
C ALA C 386 44.34 -25.37 -41.45
N ILE C 387 44.42 -25.80 -42.70
CA ILE C 387 45.54 -25.39 -43.52
C ILE C 387 45.01 -24.86 -44.83
N GLY C 388 45.62 -23.79 -45.32
CA GLY C 388 45.23 -23.22 -46.60
C GLY C 388 46.44 -22.58 -47.20
N ARG C 389 46.41 -22.38 -48.49
CA ARG C 389 47.51 -21.75 -49.18
C ARG C 389 47.62 -20.29 -48.83
N THR C 390 46.57 -19.77 -48.20
CA THR C 390 46.59 -18.41 -47.79
C THR C 390 46.01 -18.28 -46.42
N GLN C 391 46.40 -17.18 -45.80
CA GLN C 391 45.87 -16.92 -44.49
C GLN C 391 44.35 -16.83 -44.53
N GLN C 392 43.80 -16.13 -45.55
CA GLN C 392 42.34 -15.99 -45.64
C GLN C 392 41.71 -17.31 -45.82
N GLU C 393 42.31 -18.05 -46.73
CA GLU C 393 41.78 -19.37 -46.97
C GLU C 393 41.94 -20.28 -45.73
N SER C 394 43.05 -20.19 -45.02
CA SER C 394 43.27 -21.00 -43.83
C SER C 394 42.27 -20.66 -42.69
N LEU C 395 42.12 -19.38 -42.43
CA LEU C 395 41.22 -18.90 -41.39
C LEU C 395 39.77 -19.30 -41.64
N GLN C 396 39.27 -19.05 -42.83
CA GLN C 396 37.87 -19.42 -43.13
C GLN C 396 37.60 -20.91 -43.08
N LYS C 397 38.60 -21.71 -43.46
CA LYS C 397 38.34 -23.13 -43.40
C LYS C 397 38.23 -23.52 -41.94
N ALA C 398 39.12 -22.97 -41.12
CA ALA C 398 39.07 -23.29 -39.69
C ALA C 398 37.70 -22.97 -39.09
N LEU C 399 37.19 -21.78 -39.44
CA LEU C 399 35.91 -21.29 -38.97
C LEU C 399 34.80 -22.27 -39.29
N ARG C 400 34.83 -22.76 -40.51
CA ARG C 400 33.80 -23.68 -40.85
C ARG C 400 34.01 -25.11 -40.35
N GLY C 401 35.17 -25.37 -39.76
CA GLY C 401 35.44 -26.70 -39.21
C GLY C 401 35.29 -26.65 -37.64
N LEU C 402 35.04 -25.45 -37.10
CA LEU C 402 34.91 -25.18 -35.66
C LEU C 402 33.72 -25.84 -35.00
N GLU C 403 32.81 -26.36 -35.80
CA GLU C 403 31.68 -27.01 -35.20
C GLU C 403 30.82 -26.16 -34.28
N VAL C 404 30.71 -24.84 -34.54
CA VAL C 404 29.86 -23.95 -33.75
C VAL C 404 28.60 -23.48 -34.54
N GLY C 405 28.52 -23.88 -35.81
CA GLY C 405 27.44 -23.50 -36.71
C GLY C 405 27.86 -22.37 -37.68
N ALA C 406 29.16 -22.00 -37.62
CA ALA C 406 29.70 -20.99 -38.49
C ALA C 406 29.95 -21.63 -39.84
N THR C 407 29.88 -20.82 -40.86
CA THR C 407 30.14 -21.24 -42.21
C THR C 407 31.22 -20.30 -42.68
N GLY C 408 31.69 -19.50 -41.75
CA GLY C 408 32.71 -18.52 -42.04
C GLY C 408 32.40 -17.35 -41.14
N PHE C 409 32.45 -16.12 -41.67
CA PHE C 409 32.20 -14.94 -40.89
C PHE C 409 30.70 -14.58 -40.80
N ASP C 410 29.92 -15.49 -40.22
CA ASP C 410 28.48 -15.29 -40.02
C ASP C 410 28.26 -14.11 -39.03
N PRO C 411 27.28 -13.24 -39.30
CA PRO C 411 27.04 -12.07 -38.47
C PRO C 411 26.41 -12.41 -37.13
N LYS C 412 26.83 -11.64 -36.15
CA LYS C 412 26.35 -11.81 -34.81
C LYS C 412 25.23 -10.84 -34.49
N VAL C 413 25.38 -9.63 -35.03
CA VAL C 413 24.44 -8.56 -34.85
C VAL C 413 23.88 -8.09 -36.16
N SER C 414 22.76 -7.37 -36.09
CA SER C 414 22.08 -6.87 -37.28
C SER C 414 22.57 -5.49 -37.67
N LEU C 415 22.44 -5.22 -38.95
CA LEU C 415 22.89 -3.93 -39.47
C LEU C 415 22.05 -2.73 -39.02
N ASP C 416 20.76 -3.00 -38.91
CA ASP C 416 19.83 -1.98 -38.53
C ASP C 416 19.52 -1.98 -37.06
N ASP C 417 20.52 -2.36 -36.30
CA ASP C 417 20.37 -2.33 -34.87
C ASP C 417 21.22 -1.13 -34.45
N PRO C 418 20.52 -0.13 -33.93
CA PRO C 418 21.10 1.12 -33.50
C PRO C 418 22.14 0.99 -32.44
N GLU C 419 21.93 -0.05 -31.62
CA GLU C 419 22.75 -0.45 -30.50
C GLU C 419 23.96 -1.30 -30.90
N ALA C 420 23.91 -1.85 -32.12
CA ALA C 420 24.97 -2.68 -32.63
C ALA C 420 26.37 -2.16 -32.40
N LEU C 421 26.64 -0.95 -32.82
CA LEU C 421 27.97 -0.41 -32.64
C LEU C 421 28.42 -0.44 -31.18
N THR C 422 27.47 -0.65 -30.30
CA THR C 422 27.78 -0.68 -28.89
C THR C 422 28.23 -2.04 -28.39
N LYS C 423 27.49 -3.02 -28.85
CA LYS C 423 27.75 -4.39 -28.59
C LYS C 423 29.06 -4.79 -29.22
N ILE C 424 29.25 -4.35 -30.46
CA ILE C 424 30.44 -4.56 -31.23
C ILE C 424 31.65 -3.99 -30.50
N ARG C 425 31.57 -2.73 -30.06
CA ARG C 425 32.71 -2.14 -29.37
C ARG C 425 33.15 -2.96 -28.16
N ARG C 426 32.12 -3.43 -27.49
CA ARG C 426 32.28 -4.18 -26.30
C ARG C 426 32.94 -5.52 -26.55
N GLU C 427 32.47 -6.15 -27.60
CA GLU C 427 32.99 -7.45 -27.93
C GLU C 427 34.43 -7.42 -28.39
N LEU C 428 34.86 -6.28 -28.87
CA LEU C 428 36.19 -6.06 -29.38
C LEU C 428 37.17 -5.70 -28.31
N LYS C 429 36.73 -4.76 -27.48
CA LYS C 429 37.47 -4.19 -26.41
C LYS C 429 37.80 -5.24 -25.38
N ASP C 430 36.81 -6.06 -25.09
CA ASP C 430 36.98 -7.11 -24.09
C ASP C 430 36.52 -8.42 -24.68
N ALA C 431 37.50 -9.12 -25.27
CA ALA C 431 37.23 -10.33 -25.97
C ALA C 431 36.62 -11.49 -25.22
N GLY C 432 35.70 -12.10 -25.91
CA GLY C 432 34.98 -13.26 -25.48
C GLY C 432 35.21 -14.33 -26.56
N ALA C 433 34.46 -15.42 -26.50
CA ALA C 433 34.67 -16.44 -27.49
C ALA C 433 34.21 -16.03 -28.87
N ASP C 434 33.36 -15.00 -28.95
CA ASP C 434 32.77 -14.56 -30.20
C ASP C 434 33.42 -13.48 -30.98
N ARG C 435 34.49 -12.90 -30.43
CA ARG C 435 35.22 -11.80 -31.02
C ARG C 435 35.46 -11.88 -32.53
N ILE C 436 35.92 -13.05 -33.03
CA ILE C 436 36.22 -13.20 -34.46
C ILE C 436 35.07 -12.75 -35.33
N TRP C 437 33.86 -13.12 -34.94
CA TRP C 437 32.72 -12.71 -35.69
C TRP C 437 32.35 -11.27 -35.49
N TYR C 438 32.78 -10.71 -34.38
CA TYR C 438 32.45 -9.33 -34.11
C TYR C 438 33.32 -8.42 -34.94
N ILE C 439 34.53 -8.88 -35.22
CA ILE C 439 35.47 -8.11 -36.00
C ILE C 439 34.89 -7.84 -37.36
N ALA C 440 34.29 -8.88 -37.92
CA ALA C 440 33.65 -8.79 -39.23
C ALA C 440 32.44 -7.87 -39.16
N ASP C 441 31.61 -8.07 -38.14
CA ASP C 441 30.43 -7.24 -37.92
C ASP C 441 30.79 -5.77 -37.73
N ALA C 442 31.95 -5.50 -37.16
CA ALA C 442 32.42 -4.14 -36.95
C ALA C 442 32.68 -3.46 -38.29
N PHE C 443 33.30 -4.23 -39.22
CA PHE C 443 33.65 -3.72 -40.56
C PHE C 443 32.36 -3.51 -41.35
N ARG C 444 31.39 -4.40 -41.16
CA ARG C 444 30.14 -4.25 -41.82
C ARG C 444 29.49 -2.99 -41.32
N ALA C 445 29.82 -2.64 -40.08
CA ALA C 445 29.23 -1.47 -39.45
C ALA C 445 29.93 -0.16 -39.64
N GLY C 446 30.98 -0.09 -40.45
CA GLY C 446 31.62 1.19 -40.63
C GLY C 446 32.85 1.46 -39.80
N LEU C 447 33.31 0.48 -39.02
CA LEU C 447 34.53 0.70 -38.24
C LEU C 447 35.77 0.59 -39.10
N SER C 448 36.78 1.38 -38.85
CA SER C 448 37.95 1.23 -39.67
C SER C 448 38.83 0.14 -39.10
N VAL C 449 39.85 -0.23 -39.84
CA VAL C 449 40.82 -1.21 -39.42
C VAL C 449 41.56 -0.59 -38.23
N ASP C 450 41.89 0.70 -38.29
CA ASP C 450 42.58 1.33 -37.19
C ASP C 450 41.73 1.30 -35.93
N GLY C 451 40.43 1.57 -36.13
CA GLY C 451 39.42 1.58 -35.09
C GLY C 451 39.41 0.24 -34.36
N VAL C 452 39.36 -0.81 -35.16
CA VAL C 452 39.40 -2.20 -34.70
C VAL C 452 40.74 -2.48 -33.99
N PHE C 453 41.86 -2.03 -34.61
CA PHE C 453 43.16 -2.23 -34.05
C PHE C 453 43.22 -1.70 -32.63
N ASN C 454 42.80 -0.46 -32.53
CA ASN C 454 42.82 0.19 -31.25
C ASN C 454 42.04 -0.54 -30.16
N LEU C 455 40.99 -1.23 -30.52
CA LEU C 455 40.25 -1.91 -29.48
C LEU C 455 40.75 -3.32 -29.15
N THR C 456 41.29 -4.01 -30.14
CA THR C 456 41.72 -5.40 -30.03
C THR C 456 43.22 -5.64 -29.99
N ASN C 457 44.01 -4.70 -30.49
CA ASN C 457 45.43 -4.94 -30.50
C ASN C 457 45.82 -6.14 -31.31
N ILE C 458 44.94 -6.56 -32.21
CA ILE C 458 45.19 -7.65 -33.15
C ILE C 458 45.89 -6.98 -34.34
N ASP C 459 47.03 -7.49 -34.77
CA ASP C 459 47.77 -6.89 -35.85
C ASP C 459 46.95 -6.54 -37.09
N ARG C 460 47.15 -5.32 -37.60
CA ARG C 460 46.42 -4.90 -38.78
C ARG C 460 46.60 -5.87 -39.94
N TRP C 461 47.72 -6.59 -39.94
CA TRP C 461 48.04 -7.57 -40.96
C TRP C 461 46.90 -8.55 -41.05
N PHE C 462 46.35 -8.91 -39.91
CA PHE C 462 45.24 -9.84 -39.92
C PHE C 462 43.93 -9.11 -40.20
N LEU C 463 43.74 -7.94 -39.57
CA LEU C 463 42.53 -7.18 -39.73
C LEU C 463 42.15 -6.90 -41.16
N VAL C 464 43.09 -6.30 -41.91
CA VAL C 464 42.85 -5.97 -43.29
C VAL C 464 42.35 -7.13 -44.05
N GLN C 465 42.80 -8.31 -43.70
CA GLN C 465 42.33 -9.47 -44.42
C GLN C 465 40.90 -9.81 -44.11
N ILE C 466 40.48 -9.53 -42.87
CA ILE C 466 39.11 -9.86 -42.57
C ILE C 466 38.19 -8.83 -43.24
N GLU C 467 38.66 -7.59 -43.31
CA GLU C 467 37.89 -6.54 -43.91
C GLU C 467 37.67 -6.86 -45.39
N GLU C 468 38.68 -7.42 -46.00
CA GLU C 468 38.54 -7.73 -47.37
C GLU C 468 37.50 -8.80 -47.58
N LEU C 469 37.49 -9.78 -46.70
CA LEU C 469 36.49 -10.83 -46.85
C LEU C 469 35.10 -10.23 -46.77
N VAL C 470 34.97 -9.24 -45.91
CA VAL C 470 33.68 -8.58 -45.74
C VAL C 470 33.22 -7.86 -47.01
N ARG C 471 34.08 -7.04 -47.55
CA ARG C 471 33.78 -6.31 -48.75
C ARG C 471 33.42 -7.31 -49.81
N LEU C 472 34.09 -8.44 -49.81
CA LEU C 472 33.74 -9.45 -50.80
C LEU C 472 32.36 -9.99 -50.58
N GLU C 473 32.02 -10.12 -49.31
CA GLU C 473 30.72 -10.64 -48.93
C GLU C 473 29.62 -9.71 -49.40
N GLU C 474 29.90 -8.43 -49.23
CA GLU C 474 28.99 -7.39 -49.64
C GLU C 474 28.76 -7.49 -51.15
N LYS C 475 29.83 -7.72 -51.87
CA LYS C 475 29.69 -7.82 -53.30
C LYS C 475 28.81 -8.98 -53.65
N VAL C 476 29.04 -10.07 -52.98
CA VAL C 476 28.26 -11.23 -53.26
C VAL C 476 26.79 -11.00 -53.03
N ALA C 477 26.51 -10.44 -51.88
CA ALA C 477 25.13 -10.16 -51.53
C ALA C 477 24.49 -9.24 -52.55
N GLU C 478 25.30 -8.35 -53.09
CA GLU C 478 24.85 -7.39 -54.07
C GLU C 478 24.51 -8.02 -55.41
N VAL C 479 25.45 -8.78 -55.95
CA VAL C 479 25.25 -9.39 -57.25
C VAL C 479 24.40 -10.61 -57.25
N GLY C 480 24.28 -11.19 -56.09
CA GLY C 480 23.46 -12.37 -56.03
C GLY C 480 24.06 -13.51 -56.84
N ILE C 481 23.30 -14.60 -56.86
CA ILE C 481 23.65 -15.84 -57.57
C ILE C 481 23.91 -15.70 -59.06
N THR C 482 23.36 -14.65 -59.66
CA THR C 482 23.58 -14.47 -61.09
C THR C 482 24.94 -13.88 -61.29
N GLY C 483 25.36 -13.12 -60.29
CA GLY C 483 26.64 -12.47 -60.30
C GLY C 483 27.73 -13.50 -60.03
N LEU C 484 27.32 -14.72 -59.72
CA LEU C 484 28.31 -15.74 -59.41
C LEU C 484 28.85 -16.47 -60.59
N ASN C 485 29.60 -15.76 -61.44
CA ASN C 485 30.25 -16.29 -62.63
C ASN C 485 31.48 -17.09 -62.18
N ALA C 486 31.93 -18.04 -63.01
CA ALA C 486 33.08 -18.88 -62.70
C ALA C 486 34.35 -18.14 -62.23
N ASP C 487 34.60 -16.96 -62.76
CA ASP C 487 35.77 -16.24 -62.33
C ASP C 487 35.61 -15.82 -60.89
N PHE C 488 34.50 -15.14 -60.60
CA PHE C 488 34.22 -14.62 -59.30
C PHE C 488 34.07 -15.69 -58.30
N LEU C 489 33.32 -16.72 -58.69
CA LEU C 489 33.14 -17.86 -57.80
C LEU C 489 34.48 -18.50 -57.41
N ARG C 490 35.40 -18.57 -58.36
CA ARG C 490 36.72 -19.12 -58.11
C ARG C 490 37.54 -18.24 -57.19
N GLN C 491 37.33 -16.93 -57.32
CA GLN C 491 38.02 -16.01 -56.44
C GLN C 491 37.63 -16.28 -55.00
N LEU C 492 36.32 -16.42 -54.82
CA LEU C 492 35.69 -16.67 -53.53
C LEU C 492 36.20 -17.93 -52.92
N LYS C 493 36.19 -18.96 -53.72
CA LYS C 493 36.64 -20.22 -53.24
C LYS C 493 38.09 -20.16 -52.81
N ARG C 494 38.85 -19.49 -53.59
CA ARG C 494 40.26 -19.39 -53.27
C ARG C 494 40.53 -18.64 -51.96
N LYS C 495 39.56 -17.82 -51.55
CA LYS C 495 39.66 -17.01 -50.33
C LYS C 495 39.10 -17.78 -49.16
N GLY C 496 38.75 -19.01 -49.44
CA GLY C 496 38.23 -19.84 -48.38
C GLY C 496 36.71 -19.77 -48.18
N PHE C 497 36.00 -19.05 -49.01
CA PHE C 497 34.58 -19.02 -48.76
C PHE C 497 33.92 -20.39 -48.93
N ALA C 498 33.11 -20.78 -47.95
CA ALA C 498 32.34 -22.03 -47.93
C ALA C 498 31.09 -21.93 -48.81
N ASP C 499 30.63 -23.04 -49.42
CA ASP C 499 29.41 -22.99 -50.24
C ASP C 499 28.25 -22.42 -49.44
N ALA C 500 28.25 -22.82 -48.17
CA ALA C 500 27.26 -22.44 -47.20
C ALA C 500 27.23 -20.95 -46.96
N ARG C 501 28.40 -20.36 -46.85
CA ARG C 501 28.38 -18.96 -46.64
C ARG C 501 27.93 -18.24 -47.92
N LEU C 502 28.37 -18.69 -49.07
CA LEU C 502 27.95 -18.00 -50.27
C LEU C 502 26.46 -18.13 -50.45
N ALA C 503 26.03 -19.35 -50.15
CA ALA C 503 24.63 -19.71 -50.23
C ALA C 503 23.84 -18.71 -49.45
N LYS C 504 24.14 -18.56 -48.19
CA LYS C 504 23.45 -17.58 -47.35
C LYS C 504 23.42 -16.17 -47.90
N LEU C 505 24.55 -15.73 -48.42
CA LEU C 505 24.66 -14.39 -48.91
C LEU C 505 23.83 -14.18 -50.16
N ALA C 506 23.90 -15.16 -51.00
CA ALA C 506 23.20 -15.15 -52.26
C ALA C 506 21.72 -15.46 -52.11
N GLY C 507 21.38 -15.85 -50.89
CA GLY C 507 20.04 -16.19 -50.51
C GLY C 507 19.53 -17.48 -51.18
N VAL C 508 20.35 -18.54 -51.22
CA VAL C 508 19.98 -19.82 -51.82
C VAL C 508 20.40 -20.98 -50.92
N ARG C 509 20.08 -22.19 -51.30
CA ARG C 509 20.54 -23.31 -50.49
C ARG C 509 22.02 -23.58 -50.79
N GLU C 510 22.65 -24.22 -49.84
CA GLU C 510 24.04 -24.54 -50.01
C GLU C 510 24.29 -25.47 -51.20
N ALA C 511 23.32 -26.36 -51.43
CA ALA C 511 23.47 -27.30 -52.54
C ALA C 511 23.51 -26.60 -53.89
N GLU C 512 22.87 -25.43 -53.92
CA GLU C 512 22.79 -24.57 -55.08
C GLU C 512 24.16 -24.09 -55.53
N ILE C 513 24.95 -23.75 -54.50
CA ILE C 513 26.31 -23.26 -54.70
C ILE C 513 27.20 -24.41 -55.20
N ARG C 514 26.98 -25.57 -54.62
CA ARG C 514 27.75 -26.73 -55.00
C ARG C 514 27.47 -27.16 -56.43
N LYS C 515 26.22 -26.99 -56.82
CA LYS C 515 25.80 -27.32 -58.15
C LYS C 515 26.56 -26.42 -59.12
N LEU C 516 26.60 -25.13 -58.78
CA LEU C 516 27.28 -24.15 -59.57
C LEU C 516 28.71 -24.51 -59.83
N ARG C 517 29.38 -25.02 -58.79
CA ARG C 517 30.77 -25.41 -58.81
C ARG C 517 30.96 -26.66 -59.63
N ASP C 518 29.90 -27.40 -59.63
CA ASP C 518 29.88 -28.64 -60.38
C ASP C 518 29.75 -28.36 -61.86
N GLN C 519 28.99 -27.31 -62.14
CA GLN C 519 28.74 -26.81 -63.46
C GLN C 519 30.04 -26.24 -64.00
N TYR C 520 30.74 -25.47 -63.17
CA TYR C 520 32.00 -24.83 -63.49
C TYR C 520 33.23 -25.78 -63.38
N ASP C 521 33.05 -27.00 -62.84
CA ASP C 521 34.20 -27.86 -62.67
C ASP C 521 35.16 -27.13 -61.71
N LEU C 522 34.56 -26.52 -60.70
CA LEU C 522 35.28 -25.77 -59.69
C LEU C 522 35.48 -26.63 -58.50
N HIS C 523 36.66 -27.22 -58.45
CA HIS C 523 37.01 -28.08 -57.36
C HIS C 523 38.41 -27.78 -56.86
N PRO C 524 38.63 -28.09 -55.59
CA PRO C 524 39.90 -27.86 -54.95
C PRO C 524 40.91 -28.91 -55.34
N VAL C 525 42.15 -28.64 -55.07
CA VAL C 525 43.15 -29.64 -55.35
C VAL C 525 43.66 -29.96 -53.96
N TYR C 526 44.44 -31.01 -53.86
CA TYR C 526 44.96 -31.38 -52.56
C TYR C 526 46.43 -31.22 -52.60
N LYS C 527 47.00 -30.54 -51.61
CA LYS C 527 48.44 -30.37 -51.52
C LYS C 527 48.86 -31.30 -50.38
N ARG C 528 50.15 -31.64 -50.26
CA ARG C 528 50.59 -32.50 -49.17
C ARG C 528 51.49 -31.79 -48.20
N VAL C 529 51.47 -32.27 -46.98
CA VAL C 529 52.34 -31.68 -45.99
C VAL C 529 53.66 -32.40 -46.17
N ASP C 530 54.82 -31.71 -46.07
CA ASP C 530 56.06 -32.44 -46.26
C ASP C 530 57.26 -32.02 -45.43
N THR C 531 57.09 -30.96 -44.63
CA THR C 531 58.12 -30.39 -43.76
C THR C 531 59.13 -29.50 -44.50
N CYS C 532 59.15 -29.58 -45.84
CA CYS C 532 60.14 -28.86 -46.63
C CYS C 532 59.69 -28.02 -47.83
N ALA C 533 58.49 -27.43 -47.82
CA ALA C 533 58.02 -26.62 -48.94
C ALA C 533 58.20 -27.25 -50.33
N ALA C 534 58.12 -28.60 -50.35
CA ALA C 534 58.26 -29.38 -51.58
C ALA C 534 59.70 -29.54 -52.10
N GLU C 535 60.72 -29.17 -51.30
CA GLU C 535 62.09 -29.30 -51.77
C GLU C 535 62.45 -30.78 -51.93
N PHE C 536 61.76 -31.68 -51.19
CA PHE C 536 62.02 -33.13 -51.26
C PHE C 536 60.72 -33.84 -51.39
N ALA C 537 60.74 -34.96 -52.10
CA ALA C 537 59.52 -35.74 -52.30
C ALA C 537 59.01 -36.40 -51.04
N THR C 538 57.74 -36.82 -51.09
CA THR C 538 57.11 -37.46 -49.96
C THR C 538 56.41 -38.72 -50.40
N ASP C 539 56.33 -39.66 -49.47
CA ASP C 539 55.68 -40.91 -49.75
C ASP C 539 54.51 -41.04 -48.85
N THR C 540 54.30 -39.98 -48.11
CA THR C 540 53.21 -39.92 -47.19
C THR C 540 52.02 -39.18 -47.82
N ALA C 541 50.80 -39.53 -47.43
CA ALA C 541 49.60 -38.88 -47.97
C ALA C 541 48.80 -38.12 -46.89
N TYR C 542 49.37 -37.00 -46.42
CA TYR C 542 48.83 -36.08 -45.42
C TYR C 542 48.48 -34.84 -46.23
N MET C 543 47.18 -34.67 -46.53
CA MET C 543 46.77 -33.55 -47.38
C MET C 543 45.71 -32.59 -46.87
N TYR C 544 45.65 -31.43 -47.52
CA TYR C 544 44.71 -30.35 -47.28
C TYR C 544 44.15 -29.83 -48.61
N SER C 545 42.94 -29.29 -48.59
CA SER C 545 42.34 -28.75 -49.78
C SER C 545 42.67 -27.30 -49.98
N THR C 546 42.69 -26.96 -51.24
CA THR C 546 42.95 -25.61 -51.65
C THR C 546 42.49 -25.42 -53.09
N TYR C 547 42.37 -24.18 -53.49
CA TYR C 547 41.95 -23.77 -54.83
C TYR C 547 43.15 -23.32 -55.64
N GLU C 548 43.89 -24.31 -56.11
CA GLU C 548 45.04 -24.02 -56.89
C GLU C 548 45.08 -24.85 -58.14
N GLU C 549 46.19 -24.88 -58.84
CA GLU C 549 46.30 -25.64 -60.07
C GLU C 549 46.55 -27.14 -59.99
N GLU C 550 47.71 -27.50 -59.47
CA GLU C 550 48.06 -28.90 -59.41
C GLU C 550 47.57 -29.67 -58.20
N CYS C 551 47.00 -30.87 -58.43
CA CYS C 551 46.51 -31.72 -57.35
C CYS C 551 47.57 -32.75 -57.02
N GLU C 552 47.75 -33.05 -55.75
CA GLU C 552 48.72 -34.06 -55.36
C GLU C 552 48.05 -35.30 -54.72
N ALA C 553 46.74 -35.36 -54.77
CA ALA C 553 46.03 -36.48 -54.19
C ALA C 553 46.49 -37.80 -54.72
N ASN C 554 46.44 -37.96 -56.06
CA ASN C 554 46.85 -39.22 -56.73
C ASN C 554 46.26 -40.43 -56.06
N PRO C 555 44.96 -40.41 -55.99
CA PRO C 555 44.27 -41.48 -55.37
C PRO C 555 44.62 -42.79 -56.03
N SER C 556 44.48 -43.82 -55.24
CA SER C 556 44.74 -45.16 -55.61
C SER C 556 43.46 -45.86 -56.13
N THR C 557 43.63 -46.66 -57.19
CA THR C 557 42.59 -47.41 -57.88
C THR C 557 42.68 -48.91 -57.62
N ASP C 558 43.72 -49.19 -56.89
CA ASP C 558 44.19 -50.47 -56.45
C ASP C 558 43.44 -51.13 -55.31
N ARG C 559 42.95 -50.31 -54.36
CA ARG C 559 42.30 -50.85 -53.19
C ARG C 559 40.90 -50.43 -52.89
N GLU C 560 40.40 -51.15 -51.87
CA GLU C 560 39.09 -50.95 -51.29
C GLU C 560 39.31 -49.99 -50.16
N LYS C 561 38.82 -48.79 -50.37
CA LYS C 561 39.03 -47.77 -49.40
C LYS C 561 37.88 -47.62 -48.43
N ILE C 562 38.27 -47.29 -47.19
CA ILE C 562 37.32 -47.00 -46.12
C ILE C 562 37.59 -45.62 -45.50
N MET C 563 36.56 -44.77 -45.47
CA MET C 563 36.75 -43.45 -44.89
C MET C 563 36.15 -43.45 -43.52
N VAL C 564 36.84 -42.77 -42.63
CA VAL C 564 36.45 -42.61 -41.25
C VAL C 564 36.34 -41.14 -40.99
N LEU C 565 35.19 -40.71 -40.50
CA LEU C 565 34.99 -39.31 -40.22
C LEU C 565 35.11 -38.95 -38.73
N GLY C 566 36.07 -38.06 -38.47
CA GLY C 566 36.35 -37.57 -37.14
C GLY C 566 35.26 -36.64 -36.62
N GLY C 567 35.46 -36.01 -35.44
CA GLY C 567 34.45 -35.12 -34.88
C GLY C 567 34.81 -33.64 -34.82
N GLY C 568 35.95 -33.28 -35.39
CA GLY C 568 36.43 -31.88 -35.40
C GLY C 568 37.05 -31.53 -34.07
N PRO C 569 36.90 -30.28 -33.64
CA PRO C 569 37.43 -29.89 -32.35
C PRO C 569 36.72 -30.62 -31.19
N ASN C 570 37.40 -30.85 -30.06
CA ASN C 570 36.70 -31.48 -28.96
C ASN C 570 35.87 -30.45 -28.22
N ARG C 571 34.82 -30.92 -27.57
CA ARG C 571 33.93 -30.07 -26.79
C ARG C 571 33.40 -30.99 -25.72
N ILE C 572 32.71 -30.38 -24.75
CA ILE C 572 32.12 -31.17 -23.69
C ILE C 572 31.06 -32.06 -24.29
N GLY C 573 31.20 -33.35 -24.08
CA GLY C 573 30.25 -34.28 -24.62
C GLY C 573 30.77 -34.94 -25.87
N GLN C 574 31.71 -34.28 -26.57
CA GLN C 574 32.31 -34.81 -27.78
C GLN C 574 33.81 -34.82 -27.63
N GLY C 575 34.26 -35.64 -26.72
CA GLY C 575 35.65 -35.73 -26.43
C GLY C 575 36.43 -36.75 -27.24
N ILE C 576 37.56 -37.07 -26.60
CA ILE C 576 38.58 -38.00 -27.03
C ILE C 576 38.03 -39.41 -27.23
N GLU C 577 36.99 -39.76 -26.46
CA GLU C 577 36.38 -41.07 -26.55
C GLU C 577 35.98 -41.40 -27.96
N PHE C 578 35.54 -40.38 -28.69
CA PHE C 578 35.11 -40.53 -30.06
C PHE C 578 36.27 -40.66 -31.01
N ASP C 579 37.30 -39.84 -30.78
CA ASP C 579 38.48 -39.94 -31.61
C ASP C 579 39.06 -41.36 -31.50
N TYR C 580 39.16 -41.81 -30.25
CA TYR C 580 39.64 -43.13 -29.88
C TYR C 580 38.95 -44.16 -30.78
N CYS C 581 37.64 -44.10 -30.81
CA CYS C 581 36.87 -44.97 -31.63
C CYS C 581 37.30 -44.85 -33.07
N CYS C 582 37.43 -43.61 -33.53
CA CYS C 582 37.84 -43.33 -34.91
C CYS C 582 39.20 -43.96 -35.24
N VAL C 583 40.16 -43.71 -34.35
CA VAL C 583 41.48 -44.27 -34.50
C VAL C 583 41.38 -45.77 -34.71
N HIS C 584 40.67 -46.45 -33.81
CA HIS C 584 40.48 -47.90 -33.88
C HIS C 584 39.98 -48.44 -35.20
N ALA C 585 38.98 -47.78 -35.77
CA ALA C 585 38.41 -48.19 -37.02
C ALA C 585 39.51 -48.24 -38.06
N SER C 586 40.27 -47.18 -38.08
CA SER C 586 41.36 -47.07 -39.04
C SER C 586 42.40 -48.18 -38.87
N LEU C 587 42.90 -48.32 -37.64
CA LEU C 587 43.88 -49.31 -37.36
C LEU C 587 43.37 -50.69 -37.76
N ALA C 588 42.11 -50.93 -37.39
CA ALA C 588 41.46 -52.20 -37.64
C ALA C 588 41.34 -52.57 -39.10
N LEU C 589 40.64 -51.75 -39.83
CA LEU C 589 40.43 -51.99 -41.24
C LEU C 589 41.71 -51.89 -42.08
N ARG C 590 42.70 -51.17 -41.56
CA ARG C 590 43.96 -51.02 -42.24
C ARG C 590 44.68 -52.37 -42.15
N GLU C 591 44.72 -52.82 -40.94
CA GLU C 591 45.34 -54.07 -40.59
C GLU C 591 44.72 -55.17 -41.43
N ASP C 592 43.42 -55.09 -41.56
CA ASP C 592 42.68 -56.06 -42.33
C ASP C 592 42.93 -55.96 -43.83
N GLY C 593 43.65 -54.94 -44.32
CA GLY C 593 43.87 -54.87 -45.77
C GLY C 593 43.24 -53.69 -46.52
N TYR C 594 42.36 -52.95 -45.83
CA TYR C 594 41.73 -51.79 -46.45
C TYR C 594 42.66 -50.61 -46.51
N GLU C 595 42.38 -49.73 -47.44
CA GLU C 595 43.17 -48.54 -47.51
C GLU C 595 42.34 -47.62 -46.61
N THR C 596 42.93 -47.16 -45.53
CA THR C 596 42.17 -46.30 -44.62
C THR C 596 42.49 -44.80 -44.79
N ILE C 597 41.39 -44.08 -44.93
CA ILE C 597 41.38 -42.65 -45.13
C ILE C 597 40.72 -42.02 -43.92
N MET C 598 41.44 -41.16 -43.23
CA MET C 598 40.88 -40.52 -42.05
C MET C 598 40.60 -39.07 -42.41
N VAL C 599 39.45 -38.57 -41.95
CA VAL C 599 39.05 -37.18 -42.17
C VAL C 599 38.81 -36.48 -40.85
N ASN C 600 39.67 -35.51 -40.53
CA ASN C 600 39.52 -34.78 -39.28
C ASN C 600 40.41 -33.55 -39.18
N CYS C 601 40.12 -32.65 -38.24
CA CYS C 601 40.91 -31.45 -38.11
C CYS C 601 41.20 -31.00 -36.69
N ASN C 602 41.29 -31.95 -35.76
CA ASN C 602 41.62 -31.67 -34.38
C ASN C 602 43.07 -31.97 -34.33
N PRO C 603 43.84 -30.93 -34.07
CA PRO C 603 45.28 -31.06 -34.03
C PRO C 603 45.83 -31.79 -32.83
N GLU C 604 45.01 -31.95 -31.80
CA GLU C 604 45.47 -32.60 -30.57
C GLU C 604 45.47 -34.10 -30.62
N THR C 605 44.70 -34.69 -31.54
CA THR C 605 44.50 -36.10 -31.61
C THR C 605 45.42 -37.04 -32.36
N VAL C 606 45.30 -38.31 -31.99
CA VAL C 606 46.03 -39.39 -32.62
C VAL C 606 45.48 -39.70 -34.01
N SER C 607 44.21 -39.41 -34.23
CA SER C 607 43.63 -39.66 -35.53
C SER C 607 44.22 -38.79 -36.65
N THR C 608 44.73 -37.61 -36.26
CA THR C 608 45.34 -36.63 -37.15
C THR C 608 46.84 -36.81 -37.23
N ASP C 609 47.26 -37.97 -36.72
CA ASP C 609 48.65 -38.37 -36.75
C ASP C 609 48.77 -39.08 -38.09
N TYR C 610 49.70 -38.68 -38.95
CA TYR C 610 49.81 -39.35 -40.23
C TYR C 610 49.92 -40.88 -40.16
N ASP C 611 50.56 -41.35 -39.09
CA ASP C 611 50.74 -42.78 -38.92
C ASP C 611 49.49 -43.58 -38.65
N THR C 612 48.42 -42.90 -38.31
CA THR C 612 47.21 -43.60 -37.96
C THR C 612 46.42 -44.15 -39.13
N SER C 613 46.62 -43.58 -40.30
CA SER C 613 45.85 -44.04 -41.43
C SER C 613 46.71 -44.09 -42.66
N ASP C 614 46.17 -44.69 -43.74
CA ASP C 614 46.86 -44.75 -45.02
C ASP C 614 46.87 -43.36 -45.63
N ARG C 615 45.70 -42.71 -45.61
CA ARG C 615 45.58 -41.35 -46.11
C ARG C 615 44.90 -40.43 -45.12
N LEU C 616 45.55 -39.31 -44.89
CA LEU C 616 44.97 -38.36 -43.96
C LEU C 616 44.62 -37.05 -44.61
N TYR C 617 43.35 -36.70 -44.51
CA TYR C 617 42.92 -35.41 -45.04
C TYR C 617 42.53 -34.54 -43.84
N PHE C 618 43.43 -33.62 -43.51
CA PHE C 618 43.25 -32.71 -42.41
C PHE C 618 42.30 -31.61 -42.87
N GLU C 619 41.03 -31.97 -42.90
CA GLU C 619 40.03 -31.08 -43.39
C GLU C 619 38.87 -30.86 -42.44
N PRO C 620 38.08 -29.82 -42.75
CA PRO C 620 36.91 -29.54 -41.96
C PRO C 620 35.93 -30.69 -42.13
N VAL C 621 35.35 -31.19 -41.06
CA VAL C 621 34.43 -32.30 -41.25
C VAL C 621 33.02 -31.80 -41.60
N THR C 622 32.88 -31.27 -42.81
CA THR C 622 31.67 -30.73 -43.36
C THR C 622 31.23 -31.51 -44.59
N LEU C 623 29.98 -31.35 -44.92
CA LEU C 623 29.44 -32.01 -46.09
C LEU C 623 30.25 -31.60 -47.33
N GLU C 624 30.49 -30.32 -47.46
CA GLU C 624 31.24 -29.82 -48.57
C GLU C 624 32.60 -30.44 -48.69
N ASP C 625 33.33 -30.35 -47.59
CA ASP C 625 34.66 -30.87 -47.55
C ASP C 625 34.70 -32.34 -47.68
N VAL C 626 33.73 -33.01 -47.10
CA VAL C 626 33.75 -34.46 -47.20
C VAL C 626 33.39 -34.95 -48.61
N LEU C 627 32.45 -34.28 -49.28
CA LEU C 627 32.00 -34.68 -50.62
C LEU C 627 33.10 -34.52 -51.67
N GLU C 628 33.95 -33.52 -51.47
CA GLU C 628 35.03 -33.28 -52.42
C GLU C 628 36.06 -34.38 -52.38
N ILE C 629 36.27 -34.90 -51.19
CA ILE C 629 37.22 -35.97 -51.01
C ILE C 629 36.71 -37.30 -51.56
N VAL C 630 35.41 -37.45 -51.45
CA VAL C 630 34.74 -38.63 -51.88
C VAL C 630 34.70 -38.65 -53.40
N ARG C 631 34.56 -37.47 -53.92
CA ARG C 631 34.52 -37.29 -55.35
C ARG C 631 35.76 -37.92 -55.94
N ILE C 632 36.90 -37.61 -55.36
CA ILE C 632 38.14 -38.16 -55.87
C ILE C 632 38.54 -39.50 -55.29
N GLU C 633 38.19 -39.78 -54.05
CA GLU C 633 38.60 -41.04 -53.49
C GLU C 633 37.74 -42.18 -54.02
N LYS C 634 36.45 -41.88 -54.19
CA LYS C 634 35.51 -42.89 -54.68
C LYS C 634 35.63 -44.14 -53.82
N PRO C 635 35.54 -43.92 -52.50
CA PRO C 635 35.70 -45.00 -51.57
C PRO C 635 34.60 -46.02 -51.70
N LYS C 636 34.79 -47.07 -50.91
CA LYS C 636 33.90 -48.20 -50.79
C LYS C 636 32.81 -48.01 -49.71
N GLY C 637 33.22 -47.30 -48.64
CA GLY C 637 32.34 -47.05 -47.52
C GLY C 637 32.83 -45.95 -46.62
N VAL C 638 31.87 -45.29 -46.02
CA VAL C 638 32.19 -44.22 -45.14
C VAL C 638 31.65 -44.48 -43.73
N ILE C 639 32.46 -44.28 -42.69
CA ILE C 639 31.93 -44.48 -41.34
C ILE C 639 31.62 -43.13 -40.74
N VAL C 640 30.35 -42.95 -40.42
CA VAL C 640 29.90 -41.69 -39.87
C VAL C 640 29.55 -41.80 -38.39
N GLN C 641 29.44 -43.02 -37.92
CA GLN C 641 29.05 -43.33 -36.55
C GLN C 641 30.10 -43.26 -35.44
N TYR C 642 31.31 -42.94 -35.74
CA TYR C 642 32.27 -42.94 -34.67
C TYR C 642 32.86 -41.62 -34.22
N GLY C 643 32.54 -40.50 -34.88
CA GLY C 643 33.16 -39.25 -34.48
C GLY C 643 32.28 -38.33 -33.66
N GLY C 644 31.18 -38.89 -33.22
CA GLY C 644 30.26 -38.12 -32.44
C GLY C 644 29.17 -37.48 -33.29
N GLN C 645 28.72 -36.33 -32.80
CA GLN C 645 27.67 -35.59 -33.41
C GLN C 645 28.01 -35.00 -34.75
N THR C 646 29.25 -34.57 -34.87
CA THR C 646 29.65 -33.93 -36.09
C THR C 646 29.35 -34.71 -37.35
N PRO C 647 29.90 -35.92 -37.43
CA PRO C 647 29.72 -36.79 -38.58
C PRO C 647 28.32 -37.39 -38.63
N LEU C 648 27.70 -37.54 -37.49
CA LEU C 648 26.35 -38.10 -37.47
C LEU C 648 25.31 -37.23 -38.21
N LYS C 649 25.39 -35.91 -37.92
CA LYS C 649 24.55 -34.88 -38.49
C LYS C 649 24.66 -34.85 -40.05
N LEU C 650 25.85 -35.20 -40.54
CA LEU C 650 26.16 -35.23 -41.98
C LEU C 650 25.61 -36.46 -42.73
N ALA C 651 25.42 -37.56 -42.01
CA ALA C 651 24.98 -38.82 -42.56
C ALA C 651 23.89 -38.80 -43.59
N ARG C 652 22.81 -38.11 -43.25
CA ARG C 652 21.73 -38.08 -44.16
C ARG C 652 22.13 -37.46 -45.49
N ALA C 653 22.64 -36.24 -45.42
CA ALA C 653 23.06 -35.53 -46.61
C ALA C 653 24.09 -36.26 -47.40
N LEU C 654 25.03 -36.88 -46.70
CA LEU C 654 26.04 -37.58 -47.47
C LEU C 654 25.40 -38.64 -48.31
N GLU C 655 24.66 -39.48 -47.65
CA GLU C 655 24.01 -40.56 -48.32
C GLU C 655 23.18 -40.10 -49.48
N ALA C 656 22.52 -39.00 -49.28
CA ALA C 656 21.68 -38.50 -50.33
C ALA C 656 22.49 -37.96 -51.46
N ALA C 657 23.67 -37.47 -51.10
CA ALA C 657 24.55 -36.90 -52.09
C ALA C 657 25.26 -38.04 -52.80
N GLY C 658 24.90 -39.25 -52.43
CA GLY C 658 25.53 -40.37 -53.09
C GLY C 658 26.65 -41.09 -52.32
N VAL C 659 26.94 -40.68 -51.10
CA VAL C 659 28.02 -41.35 -50.41
C VAL C 659 27.64 -42.71 -49.89
N PRO C 660 28.55 -43.69 -50.08
CA PRO C 660 28.40 -45.08 -49.62
C PRO C 660 28.65 -45.17 -48.11
N VAL C 661 27.71 -44.60 -47.35
CA VAL C 661 27.81 -44.60 -45.90
C VAL C 661 27.64 -46.04 -45.38
N ILE C 662 28.59 -46.59 -44.61
CA ILE C 662 28.38 -47.96 -44.14
C ILE C 662 27.95 -48.03 -42.69
N GLY C 663 27.55 -49.24 -42.29
CA GLY C 663 27.05 -49.54 -40.96
C GLY C 663 25.59 -49.06 -40.82
N THR C 664 25.12 -48.86 -39.58
CA THR C 664 23.77 -48.38 -39.30
C THR C 664 23.42 -47.20 -40.17
N SER C 665 22.34 -47.37 -40.94
CA SER C 665 21.84 -46.37 -41.88
C SER C 665 21.47 -45.04 -41.26
N PRO C 666 21.56 -44.03 -42.08
CA PRO C 666 21.18 -42.70 -41.65
C PRO C 666 19.76 -42.71 -41.10
N ASP C 667 18.87 -43.34 -41.86
CA ASP C 667 17.46 -43.48 -41.52
C ASP C 667 17.26 -44.22 -40.20
N ALA C 668 18.00 -45.31 -40.04
CA ALA C 668 17.91 -46.03 -38.79
C ALA C 668 18.27 -45.12 -37.59
N ILE C 669 19.34 -44.38 -37.78
CA ILE C 669 19.78 -43.47 -36.74
C ILE C 669 18.69 -42.45 -36.46
N ASP C 670 18.13 -41.91 -37.53
CA ASP C 670 17.10 -40.92 -37.39
C ASP C 670 15.92 -41.51 -36.66
N ARG C 671 15.74 -42.81 -36.84
CA ARG C 671 14.63 -43.46 -36.20
C ARG C 671 14.76 -43.35 -34.72
N ALA C 672 16.00 -43.50 -34.28
CA ALA C 672 16.30 -43.44 -32.86
C ALA C 672 16.40 -42.02 -32.30
N GLU C 673 17.04 -41.15 -33.04
CA GLU C 673 17.20 -39.79 -32.59
C GLU C 673 15.86 -39.10 -32.48
N ASP C 674 15.10 -39.16 -33.59
CA ASP C 674 13.80 -38.57 -33.67
C ASP C 674 12.91 -39.06 -32.56
N ARG C 675 12.47 -38.12 -31.75
CA ARG C 675 11.61 -38.36 -30.62
C ARG C 675 10.41 -39.15 -31.05
N GLU C 676 9.72 -38.63 -32.04
CA GLU C 676 8.49 -39.21 -32.59
C GLU C 676 8.52 -40.64 -33.10
N ARG C 677 9.56 -40.88 -33.93
CA ARG C 677 9.98 -42.06 -34.63
C ARG C 677 10.39 -43.09 -33.60
N PHE C 678 11.13 -42.61 -32.60
CA PHE C 678 11.59 -43.47 -31.54
C PHE C 678 10.44 -44.01 -30.71
N GLN C 679 9.70 -43.07 -30.11
CA GLN C 679 8.55 -43.34 -29.27
C GLN C 679 7.67 -44.37 -29.93
N HIS C 680 7.52 -44.15 -31.23
CA HIS C 680 6.73 -44.97 -32.12
C HIS C 680 7.30 -46.38 -32.28
N ALA C 681 8.61 -46.47 -32.19
CA ALA C 681 9.25 -47.76 -32.33
C ALA C 681 9.18 -48.50 -31.00
N VAL C 682 9.42 -47.75 -29.94
CA VAL C 682 9.38 -48.31 -28.61
C VAL C 682 8.06 -49.01 -28.37
N GLU C 683 7.00 -48.34 -28.82
CA GLU C 683 5.64 -48.82 -28.72
C GLU C 683 5.50 -50.16 -29.42
N ARG C 684 5.87 -50.10 -30.70
CA ARG C 684 5.81 -51.24 -31.58
C ARG C 684 6.39 -52.51 -30.93
N LEU C 685 7.40 -52.29 -30.08
CA LEU C 685 8.10 -53.36 -29.39
C LEU C 685 7.54 -53.72 -28.03
N LYS C 686 6.61 -52.86 -27.61
CA LYS C 686 5.90 -52.94 -26.35
C LYS C 686 6.89 -52.96 -25.18
N LEU C 687 7.52 -51.82 -24.94
CA LEU C 687 8.48 -51.64 -23.86
C LEU C 687 8.14 -50.37 -23.05
N LYS C 688 8.94 -50.12 -22.01
CA LYS C 688 8.77 -48.99 -21.10
C LYS C 688 9.52 -47.70 -21.41
N GLN C 689 8.74 -46.66 -21.56
CA GLN C 689 9.17 -45.32 -21.86
C GLN C 689 8.43 -44.44 -20.90
N PRO C 690 9.09 -43.42 -20.39
CA PRO C 690 8.45 -42.54 -19.48
C PRO C 690 7.38 -41.72 -20.19
N ALA C 691 6.30 -41.44 -19.46
CA ALA C 691 5.18 -40.66 -19.96
C ALA C 691 5.75 -39.32 -20.37
N ASN C 692 5.41 -38.93 -21.58
CA ASN C 692 5.89 -37.68 -22.09
C ASN C 692 4.80 -36.95 -22.86
N ALA C 693 5.21 -35.81 -23.38
CA ALA C 693 4.37 -34.97 -24.16
C ALA C 693 5.19 -33.89 -24.83
N THR C 694 4.57 -33.33 -25.83
CA THR C 694 5.08 -32.27 -26.65
C THR C 694 4.11 -31.09 -26.45
N VAL C 695 4.55 -30.05 -25.75
CA VAL C 695 3.68 -28.91 -25.51
C VAL C 695 4.09 -27.74 -26.40
N THR C 696 3.18 -26.80 -26.59
CA THR C 696 3.45 -25.64 -27.43
C THR C 696 3.47 -24.37 -26.61
N ALA C 697 2.38 -24.26 -25.88
CA ALA C 697 2.13 -23.14 -25.01
C ALA C 697 2.22 -23.50 -23.55
N ILE C 698 2.28 -22.49 -22.75
CA ILE C 698 2.38 -22.61 -21.32
C ILE C 698 1.31 -23.48 -20.68
N GLU C 699 0.11 -22.91 -20.55
CA GLU C 699 -1.02 -23.58 -19.97
C GLU C 699 -1.27 -24.96 -20.54
N MET C 700 -0.80 -25.15 -21.76
CA MET C 700 -0.89 -26.40 -22.49
C MET C 700 -0.19 -27.46 -21.67
N ALA C 701 1.03 -27.08 -21.30
CA ALA C 701 1.96 -27.86 -20.54
C ALA C 701 1.53 -28.04 -19.08
N VAL C 702 0.95 -27.01 -18.47
CA VAL C 702 0.51 -27.12 -17.08
C VAL C 702 -0.47 -28.28 -16.94
N GLU C 703 -1.38 -28.36 -17.92
CA GLU C 703 -2.39 -29.40 -17.96
C GLU C 703 -1.79 -30.74 -18.29
N LYS C 704 -0.99 -30.75 -19.35
CA LYS C 704 -0.32 -31.98 -19.75
C LYS C 704 0.52 -32.53 -18.59
N ALA C 705 1.21 -31.62 -17.88
CA ALA C 705 2.03 -32.01 -16.75
C ALA C 705 1.19 -32.81 -15.79
N LYS C 706 -0.01 -32.26 -15.55
CA LYS C 706 -1.00 -32.86 -14.69
C LYS C 706 -1.16 -34.32 -15.08
N GLU C 707 -1.26 -34.56 -16.39
CA GLU C 707 -1.44 -35.88 -16.98
C GLU C 707 -0.33 -36.85 -16.63
N ILE C 708 0.87 -36.48 -17.07
CA ILE C 708 2.10 -37.25 -16.91
C ILE C 708 2.45 -37.44 -15.47
N GLY C 709 2.11 -36.44 -14.70
CA GLY C 709 2.40 -36.51 -13.29
C GLY C 709 3.79 -35.97 -13.03
N TYR C 710 3.96 -35.34 -11.91
CA TYR C 710 5.23 -34.78 -11.54
C TYR C 710 6.14 -35.80 -10.82
N PRO C 711 7.47 -35.56 -10.70
CA PRO C 711 8.20 -34.41 -11.23
C PRO C 711 8.46 -34.56 -12.72
N LEU C 712 8.71 -33.43 -13.34
CA LEU C 712 8.94 -33.43 -14.78
C LEU C 712 10.33 -33.01 -15.18
N VAL C 713 10.65 -33.45 -16.39
CA VAL C 713 11.88 -33.17 -17.10
C VAL C 713 11.51 -32.29 -18.27
N VAL C 714 11.76 -30.99 -18.15
CA VAL C 714 11.45 -30.07 -19.21
C VAL C 714 12.64 -29.75 -20.12
N ARG C 715 12.46 -30.09 -21.40
CA ARG C 715 13.46 -29.88 -22.42
C ARG C 715 12.95 -28.88 -23.45
N PRO C 716 13.75 -27.85 -23.71
CA PRO C 716 13.40 -26.83 -24.68
C PRO C 716 13.91 -27.23 -26.08
N ALA C 724 19.05 -26.08 -22.21
CA ALA C 724 18.67 -25.75 -20.86
C ALA C 724 17.55 -26.66 -20.38
N MET C 725 17.89 -27.87 -19.95
CA MET C 725 16.85 -28.78 -19.48
C MET C 725 16.79 -28.86 -17.98
N GLU C 726 15.60 -28.60 -17.50
CA GLU C 726 15.37 -28.61 -16.08
C GLU C 726 14.34 -29.60 -15.56
N ILE C 727 14.46 -29.89 -14.28
CA ILE C 727 13.53 -30.77 -13.62
C ILE C 727 12.58 -29.94 -12.76
N VAL C 728 11.30 -30.03 -13.12
CA VAL C 728 10.22 -29.32 -12.47
C VAL C 728 9.48 -30.29 -11.57
N TYR C 729 9.19 -29.84 -10.35
CA TYR C 729 8.53 -30.62 -9.33
C TYR C 729 7.07 -30.30 -9.02
N ASP C 730 6.59 -29.12 -9.43
CA ASP C 730 5.20 -28.72 -9.17
C ASP C 730 4.68 -27.76 -10.25
N GLU C 731 3.41 -27.38 -10.12
CA GLU C 731 2.81 -26.46 -11.08
C GLU C 731 3.53 -25.11 -11.04
N ALA C 732 3.71 -24.58 -9.82
CA ALA C 732 4.38 -23.31 -9.67
C ALA C 732 5.77 -23.34 -10.36
N ASP C 733 6.55 -24.38 -10.03
CA ASP C 733 7.87 -24.60 -10.59
C ASP C 733 7.86 -24.64 -12.11
N LEU C 734 6.85 -25.32 -12.62
CA LEU C 734 6.72 -25.43 -14.04
C LEU C 734 6.63 -24.04 -14.63
N ARG C 735 5.60 -23.34 -14.16
CA ARG C 735 5.32 -22.00 -14.58
C ARG C 735 6.57 -21.18 -14.55
N ARG C 736 7.23 -21.26 -13.40
CA ARG C 736 8.47 -20.58 -13.07
C ARG C 736 9.52 -20.67 -14.18
N TYR C 737 9.74 -21.89 -14.60
CA TYR C 737 10.70 -22.17 -15.63
C TYR C 737 10.32 -21.46 -16.91
N PHE C 738 9.03 -21.51 -17.16
CA PHE C 738 8.46 -20.93 -18.35
C PHE C 738 8.77 -19.47 -18.62
N GLN C 739 8.78 -18.69 -17.56
CA GLN C 739 9.09 -17.30 -17.76
C GLN C 739 10.51 -17.24 -18.30
N THR C 740 11.42 -17.72 -17.46
CA THR C 740 12.85 -17.78 -17.71
C THR C 740 13.22 -18.41 -19.06
N ALA C 741 12.35 -19.32 -19.50
CA ALA C 741 12.48 -20.07 -20.74
C ALA C 741 12.62 -19.12 -21.93
N VAL C 750 8.24 -27.93 -27.29
CA VAL C 750 8.73 -28.16 -25.91
C VAL C 750 8.40 -29.52 -25.26
N LEU C 751 9.46 -30.26 -24.96
CA LEU C 751 9.35 -31.58 -24.38
C LEU C 751 9.19 -31.74 -22.87
N LEU C 752 8.17 -32.51 -22.55
CA LEU C 752 7.79 -32.85 -21.19
C LEU C 752 7.93 -34.35 -21.01
N ASP C 753 8.65 -34.73 -19.97
CA ASP C 753 8.88 -36.13 -19.65
C ASP C 753 8.83 -36.34 -18.14
N HIS C 754 8.20 -37.43 -17.77
CA HIS C 754 8.10 -37.71 -16.38
C HIS C 754 9.45 -38.12 -15.85
N PHE C 755 9.90 -37.45 -14.81
CA PHE C 755 11.17 -37.75 -14.18
C PHE C 755 11.05 -38.97 -13.28
N LEU C 756 12.00 -39.86 -13.39
CA LEU C 756 12.03 -41.05 -12.56
C LEU C 756 13.00 -40.86 -11.45
N ASP C 757 12.44 -40.43 -10.31
CA ASP C 757 13.14 -40.18 -9.08
C ASP C 757 13.65 -41.46 -8.44
N ASP C 758 14.73 -41.35 -7.67
CA ASP C 758 15.30 -42.48 -6.97
C ASP C 758 15.48 -43.67 -7.84
N ALA C 759 15.88 -43.43 -9.07
CA ALA C 759 16.11 -44.50 -10.00
C ALA C 759 17.61 -44.73 -10.24
N VAL C 760 17.95 -45.91 -10.74
CA VAL C 760 19.33 -46.26 -11.05
C VAL C 760 19.54 -46.16 -12.56
N GLU C 761 20.53 -45.39 -12.98
CA GLU C 761 20.76 -45.25 -14.41
C GLU C 761 21.79 -46.25 -14.88
N VAL C 762 21.47 -46.88 -15.99
CA VAL C 762 22.34 -47.87 -16.64
C VAL C 762 22.66 -47.54 -18.09
N ASP C 763 23.87 -47.91 -18.45
CA ASP C 763 24.35 -47.70 -19.78
C ASP C 763 24.75 -49.05 -20.32
N VAL C 764 24.28 -49.34 -21.52
CA VAL C 764 24.66 -50.60 -22.13
C VAL C 764 25.22 -50.37 -23.52
N ASP C 765 26.46 -50.82 -23.74
CA ASP C 765 27.13 -50.73 -25.04
C ASP C 765 27.09 -52.10 -25.68
N ALA C 766 26.83 -52.13 -27.00
CA ALA C 766 26.72 -53.40 -27.68
C ALA C 766 26.84 -53.31 -29.21
N ILE C 767 27.14 -54.47 -29.82
CA ILE C 767 27.30 -54.63 -31.25
C ILE C 767 26.31 -55.60 -31.88
N CYS C 768 25.79 -55.19 -33.01
CA CYS C 768 24.83 -55.98 -33.75
C CYS C 768 25.25 -56.08 -35.21
N ASP C 769 25.32 -57.32 -35.71
CA ASP C 769 25.68 -57.59 -37.09
C ASP C 769 24.47 -57.96 -37.94
N GLY C 770 23.29 -57.68 -37.41
CA GLY C 770 22.03 -58.00 -38.08
C GLY C 770 21.73 -59.51 -37.98
N GLU C 771 22.72 -60.23 -37.54
CA GLU C 771 22.62 -61.65 -37.40
C GLU C 771 22.57 -62.01 -35.95
N MET C 772 23.33 -61.25 -35.18
CA MET C 772 23.43 -61.39 -33.76
C MET C 772 23.71 -60.08 -33.04
N VAL C 773 23.62 -60.11 -31.71
CA VAL C 773 23.88 -58.95 -30.89
C VAL C 773 24.90 -59.29 -29.83
N LEU C 774 25.95 -58.50 -29.74
CA LEU C 774 26.98 -58.74 -28.75
C LEU C 774 26.92 -57.69 -27.66
N ILE C 775 26.68 -58.14 -26.44
CA ILE C 775 26.60 -57.24 -25.28
C ILE C 775 27.99 -56.84 -24.88
N GLY C 776 28.31 -55.58 -25.17
CA GLY C 776 29.63 -55.08 -24.87
C GLY C 776 29.84 -54.79 -23.41
N GLY C 777 28.86 -54.12 -22.83
CA GLY C 777 29.01 -53.82 -21.45
C GLY C 777 27.82 -53.08 -20.89
N ILE C 778 27.52 -53.52 -19.66
CA ILE C 778 26.45 -53.01 -18.85
C ILE C 778 27.10 -52.27 -17.72
N MET C 779 26.94 -50.94 -17.68
CA MET C 779 27.52 -50.13 -16.64
C MET C 779 26.45 -49.55 -15.74
N GLU C 780 26.72 -49.66 -14.45
CA GLU C 780 25.81 -49.16 -13.44
C GLU C 780 26.36 -47.83 -12.89
N HIS C 781 25.53 -46.78 -13.02
CA HIS C 781 25.85 -45.46 -12.57
C HIS C 781 25.76 -45.34 -11.08
N ILE C 782 26.78 -44.76 -10.51
CA ILE C 782 26.74 -44.54 -9.12
C ILE C 782 25.67 -43.47 -8.97
N GLU C 783 25.85 -42.35 -9.65
CA GLU C 783 24.82 -41.36 -9.54
C GLU C 783 23.52 -41.78 -10.20
N GLN C 784 22.42 -41.42 -9.56
CA GLN C 784 21.10 -41.77 -10.09
C GLN C 784 20.73 -41.08 -11.41
N ALA C 785 19.66 -41.56 -12.04
CA ALA C 785 19.14 -40.96 -13.25
C ALA C 785 18.79 -39.55 -12.85
N GLY C 786 19.27 -38.59 -13.61
CA GLY C 786 18.99 -37.20 -13.25
C GLY C 786 20.30 -36.45 -13.25
N VAL C 787 21.36 -37.23 -13.02
CA VAL C 787 22.72 -36.76 -13.10
C VAL C 787 23.05 -37.32 -14.47
N HIS C 788 23.43 -36.45 -15.40
CA HIS C 788 23.73 -36.90 -16.76
C HIS C 788 24.71 -38.06 -16.74
N SER C 789 24.49 -39.07 -17.59
CA SER C 789 25.41 -40.20 -17.64
C SER C 789 26.87 -39.75 -17.81
N GLY C 790 27.06 -38.69 -18.60
CA GLY C 790 28.40 -38.20 -18.83
C GLY C 790 29.07 -37.65 -17.59
N ASP C 791 28.30 -37.34 -16.58
CA ASP C 791 28.95 -36.78 -15.43
C ASP C 791 28.93 -37.75 -14.25
N SER C 792 28.39 -38.94 -14.53
CA SER C 792 28.23 -40.02 -13.55
C SER C 792 29.39 -41.02 -13.37
N ALA C 793 29.67 -41.43 -12.14
CA ALA C 793 30.68 -42.44 -11.99
C ALA C 793 29.92 -43.71 -12.37
N CYS C 794 30.61 -44.73 -12.86
CA CYS C 794 29.91 -45.98 -13.23
C CYS C 794 30.74 -47.21 -12.99
N SER C 795 30.06 -48.31 -12.88
CA SER C 795 30.72 -49.53 -12.60
C SER C 795 30.46 -50.69 -13.51
N LEU C 796 31.51 -51.35 -13.85
CA LEU C 796 31.41 -52.49 -14.71
C LEU C 796 32.23 -53.56 -14.04
N PRO C 797 31.58 -54.64 -13.62
CA PRO C 797 30.15 -54.87 -13.79
C PRO C 797 29.33 -54.07 -12.79
N ALA C 798 27.99 -54.12 -12.97
CA ALA C 798 27.02 -53.42 -12.11
C ALA C 798 27.35 -53.80 -10.69
N TYR C 799 27.18 -52.87 -9.77
CA TYR C 799 27.57 -53.22 -8.43
C TYR C 799 26.42 -53.45 -7.47
N THR C 800 25.20 -53.14 -7.92
CA THR C 800 24.02 -53.32 -7.09
C THR C 800 22.90 -54.05 -7.83
N LEU C 801 22.76 -53.72 -9.11
CA LEU C 801 21.72 -54.32 -9.92
C LEU C 801 21.71 -55.80 -9.91
N SER C 802 20.50 -56.33 -9.89
CA SER C 802 20.35 -57.76 -9.90
C SER C 802 20.62 -58.31 -11.25
N GLN C 803 20.92 -59.59 -11.27
CA GLN C 803 21.16 -60.27 -12.51
C GLN C 803 19.92 -60.27 -13.35
N GLU C 804 18.84 -60.62 -12.67
CA GLU C 804 17.53 -60.69 -13.26
C GLU C 804 17.24 -59.42 -14.06
N ILE C 805 17.37 -58.27 -13.38
CA ILE C 805 17.12 -56.98 -13.97
C ILE C 805 18.08 -56.71 -15.10
N GLN C 806 19.30 -57.16 -14.92
CA GLN C 806 20.32 -57.02 -15.95
C GLN C 806 19.98 -57.84 -17.19
N ASP C 807 19.28 -58.98 -16.98
CA ASP C 807 18.89 -59.86 -18.09
C ASP C 807 17.80 -59.31 -19.00
N VAL C 808 16.94 -58.50 -18.42
CA VAL C 808 15.85 -57.84 -19.09
C VAL C 808 16.37 -56.81 -20.05
N MET C 809 17.38 -56.11 -19.54
CA MET C 809 18.01 -55.05 -20.29
C MET C 809 18.63 -55.65 -21.51
N ARG C 810 19.42 -56.67 -21.24
CA ARG C 810 20.07 -57.43 -22.26
C ARG C 810 19.01 -57.83 -23.28
N GLN C 811 17.89 -58.25 -22.76
CA GLN C 811 16.83 -58.62 -23.66
C GLN C 811 16.25 -57.46 -24.41
N GLN C 812 16.11 -56.32 -23.73
CA GLN C 812 15.55 -55.17 -24.38
C GLN C 812 16.51 -54.65 -25.45
N VAL C 813 17.81 -54.79 -25.16
CA VAL C 813 18.87 -54.32 -26.05
C VAL C 813 18.81 -55.01 -27.36
N GLN C 814 18.71 -56.32 -27.22
CA GLN C 814 18.64 -57.19 -28.36
C GLN C 814 17.45 -56.90 -29.28
N LYS C 815 16.27 -56.67 -28.70
CA LYS C 815 15.09 -56.39 -29.49
C LYS C 815 15.24 -55.08 -30.25
N LEU C 816 15.82 -54.13 -29.56
CA LEU C 816 16.01 -52.83 -30.16
C LEU C 816 17.02 -52.91 -31.28
N ALA C 817 18.13 -53.60 -31.00
CA ALA C 817 19.22 -53.79 -31.96
C ALA C 817 18.74 -54.22 -33.34
N PHE C 818 17.94 -55.28 -33.30
CA PHE C 818 17.36 -55.84 -34.49
C PHE C 818 16.36 -54.92 -35.14
N GLU C 819 15.40 -54.46 -34.32
CA GLU C 819 14.34 -53.56 -34.77
C GLU C 819 14.85 -52.29 -35.38
N LEU C 820 15.94 -51.77 -34.83
CA LEU C 820 16.47 -50.53 -35.35
C LEU C 820 17.35 -50.65 -36.57
N GLN C 821 17.86 -51.88 -36.70
CA GLN C 821 18.71 -52.39 -37.75
C GLN C 821 20.12 -51.96 -37.54
N VAL C 822 20.51 -52.13 -36.30
CA VAL C 822 21.83 -51.72 -35.99
C VAL C 822 22.75 -52.59 -36.77
N ARG C 823 23.85 -51.97 -37.22
CA ARG C 823 24.93 -52.56 -37.97
C ARG C 823 26.20 -51.88 -37.49
N GLY C 824 26.72 -52.37 -36.36
CA GLY C 824 27.88 -51.85 -35.65
C GLY C 824 27.48 -51.54 -34.20
N LEU C 825 28.11 -50.54 -33.59
CA LEU C 825 27.81 -50.15 -32.22
C LEU C 825 26.52 -49.40 -31.98
N MET C 826 26.10 -49.53 -30.74
CA MET C 826 24.92 -48.90 -30.22
C MET C 826 25.10 -48.80 -28.73
N ASN C 827 24.30 -47.92 -28.16
CA ASN C 827 24.33 -47.70 -26.75
C ASN C 827 22.91 -47.43 -26.36
N VAL C 828 22.51 -48.06 -25.27
CA VAL C 828 21.17 -47.93 -24.75
C VAL C 828 21.23 -47.47 -23.30
N GLN C 829 20.36 -46.50 -22.99
CA GLN C 829 20.33 -45.97 -21.66
C GLN C 829 19.05 -46.33 -20.94
N PHE C 830 19.23 -46.95 -19.78
CA PHE C 830 18.10 -47.34 -18.98
C PHE C 830 18.04 -46.70 -17.61
N ALA C 831 16.81 -46.72 -17.07
CA ALA C 831 16.50 -46.23 -15.72
C ALA C 831 15.75 -47.36 -15.05
N VAL C 832 16.22 -47.72 -13.86
CA VAL C 832 15.60 -48.78 -13.08
C VAL C 832 14.88 -48.28 -11.83
N LYS C 833 13.56 -48.24 -11.94
CA LYS C 833 12.72 -47.78 -10.85
C LYS C 833 11.74 -48.83 -10.36
N ASN C 834 11.94 -49.23 -9.13
CA ASN C 834 11.08 -50.20 -8.53
C ASN C 834 11.07 -51.52 -9.23
N ASN C 835 12.26 -52.04 -9.47
CA ASN C 835 12.44 -53.32 -10.12
C ASN C 835 11.88 -53.38 -11.52
N GLU C 836 11.38 -52.25 -11.96
CA GLU C 836 10.81 -52.12 -13.28
C GLU C 836 11.85 -51.36 -14.15
N VAL C 837 12.06 -51.72 -15.45
CA VAL C 837 13.05 -51.07 -16.35
C VAL C 837 12.46 -50.10 -17.39
N TYR C 838 12.96 -48.88 -17.43
CA TYR C 838 12.45 -47.93 -18.41
C TYR C 838 13.56 -47.59 -19.41
N LEU C 839 13.13 -47.26 -20.63
CA LEU C 839 14.00 -46.88 -21.70
C LEU C 839 14.14 -45.38 -21.78
N ILE C 840 15.37 -44.90 -21.57
CA ILE C 840 15.70 -43.48 -21.63
C ILE C 840 15.94 -43.03 -23.07
N GLU C 841 16.87 -43.73 -23.72
CA GLU C 841 17.20 -43.46 -25.09
C GLU C 841 18.10 -44.51 -25.68
N VAL C 842 18.16 -44.46 -27.01
CA VAL C 842 18.97 -45.35 -27.81
C VAL C 842 19.96 -44.55 -28.61
N ASN C 843 21.19 -45.01 -28.59
CA ASN C 843 22.21 -44.34 -29.34
C ASN C 843 22.86 -45.32 -30.28
N PRO C 844 22.27 -45.38 -31.48
CA PRO C 844 22.69 -46.28 -32.53
C PRO C 844 24.08 -45.97 -33.02
N ARG C 845 25.00 -45.67 -32.14
CA ARG C 845 26.32 -45.36 -32.60
C ARG C 845 27.28 -45.65 -31.50
N ALA C 846 28.52 -45.26 -31.70
CA ALA C 846 29.51 -45.47 -30.69
C ALA C 846 29.32 -44.44 -29.61
N ALA C 847 29.30 -44.88 -28.34
CA ALA C 847 29.14 -43.97 -27.20
C ALA C 847 30.46 -43.64 -26.55
N ARG C 848 30.45 -42.59 -25.73
CA ARG C 848 31.68 -42.19 -25.06
C ARG C 848 32.19 -43.19 -24.03
N THR C 849 31.34 -44.18 -23.74
CA THR C 849 31.66 -45.22 -22.79
C THR C 849 32.44 -46.35 -23.46
N VAL C 850 32.50 -46.34 -24.80
CA VAL C 850 33.20 -47.39 -25.51
C VAL C 850 34.65 -47.66 -25.13
N PRO C 851 35.46 -46.61 -25.03
CA PRO C 851 36.82 -46.88 -24.66
C PRO C 851 36.92 -47.50 -23.27
N PHE C 852 36.08 -47.03 -22.36
CA PHE C 852 36.06 -47.54 -21.01
C PHE C 852 35.78 -49.02 -20.98
N VAL C 853 34.69 -49.38 -21.65
CA VAL C 853 34.27 -50.76 -21.74
C VAL C 853 35.34 -51.64 -22.38
N SER C 854 35.96 -51.13 -23.42
CA SER C 854 36.98 -51.89 -24.09
C SER C 854 38.15 -52.16 -23.18
N LYS C 855 38.43 -51.18 -22.37
CA LYS C 855 39.54 -51.33 -21.49
C LYS C 855 39.21 -52.27 -20.35
N ALA C 856 37.98 -52.26 -19.94
CA ALA C 856 37.63 -53.13 -18.85
C ALA C 856 37.51 -54.56 -19.30
N THR C 857 36.78 -54.78 -20.41
CA THR C 857 36.57 -56.15 -20.91
C THR C 857 37.67 -56.77 -21.72
N GLY C 858 38.61 -55.99 -22.23
CA GLY C 858 39.64 -56.55 -23.05
C GLY C 858 39.24 -56.55 -24.57
N VAL C 859 37.94 -56.36 -24.87
CA VAL C 859 37.46 -56.32 -26.25
C VAL C 859 37.51 -54.90 -26.82
N PRO C 860 38.04 -54.79 -28.01
CA PRO C 860 38.14 -53.53 -28.71
C PRO C 860 36.91 -53.35 -29.58
N LEU C 861 35.79 -53.09 -28.92
CA LEU C 861 34.50 -52.90 -29.57
C LEU C 861 34.50 -52.08 -30.87
N ALA C 862 35.21 -50.94 -30.85
CA ALA C 862 35.34 -50.02 -31.99
C ALA C 862 35.92 -50.79 -33.19
N LYS C 863 36.97 -51.62 -32.93
CA LYS C 863 37.64 -52.47 -33.92
C LYS C 863 36.64 -53.49 -34.43
N VAL C 864 36.03 -54.12 -33.46
CA VAL C 864 35.04 -55.10 -33.75
C VAL C 864 33.91 -54.55 -34.57
N ALA C 865 33.17 -53.55 -34.06
CA ALA C 865 32.05 -52.98 -34.81
C ALA C 865 32.49 -52.42 -36.16
N ALA C 866 33.77 -52.02 -36.23
CA ALA C 866 34.29 -51.48 -37.48
C ALA C 866 34.26 -52.58 -38.53
N ARG C 867 34.79 -53.73 -38.15
CA ARG C 867 34.81 -54.86 -39.06
C ARG C 867 33.40 -55.26 -39.46
N VAL C 868 32.50 -55.30 -38.49
CA VAL C 868 31.11 -55.60 -38.78
C VAL C 868 30.54 -54.64 -39.81
N MET C 869 30.82 -53.35 -39.68
CA MET C 869 30.23 -52.46 -40.64
C MET C 869 30.79 -52.67 -42.00
N ALA C 870 32.04 -53.13 -42.00
CA ALA C 870 32.77 -53.38 -43.23
C ALA C 870 32.49 -54.74 -43.86
N GLY C 871 31.49 -55.43 -43.34
CA GLY C 871 31.09 -56.73 -43.87
C GLY C 871 31.52 -57.98 -43.11
N LYS C 872 32.17 -57.85 -41.96
CA LYS C 872 32.59 -59.06 -41.23
C LYS C 872 31.77 -59.31 -39.98
N SER C 873 31.07 -60.41 -40.00
CA SER C 873 30.24 -60.75 -38.92
C SER C 873 30.98 -61.07 -37.62
N LEU C 874 30.21 -60.93 -36.53
CA LEU C 874 30.76 -61.19 -35.21
C LEU C 874 31.28 -62.63 -35.16
N ALA C 875 30.49 -63.50 -35.75
CA ALA C 875 30.85 -64.90 -35.82
C ALA C 875 32.21 -65.07 -36.52
N GLU C 876 32.26 -64.46 -37.71
CA GLU C 876 33.46 -64.50 -38.53
C GLU C 876 34.66 -63.98 -37.74
N GLN C 877 34.42 -62.92 -36.99
CA GLN C 877 35.48 -62.34 -36.21
C GLN C 877 35.90 -63.22 -35.07
N GLY C 878 34.92 -63.90 -34.49
CA GLY C 878 35.20 -64.78 -33.37
C GLY C 878 34.95 -64.08 -32.02
N VAL C 879 34.13 -63.01 -32.07
CA VAL C 879 33.72 -62.22 -30.92
C VAL C 879 32.23 -62.41 -30.80
N THR C 880 31.83 -63.40 -29.99
CA THR C 880 30.43 -63.79 -29.81
C THR C 880 29.87 -63.74 -28.39
N LYS C 881 30.75 -63.99 -27.40
CA LYS C 881 30.36 -64.02 -26.00
C LYS C 881 30.72 -62.71 -25.29
N GLU C 882 29.76 -62.29 -24.43
CA GLU C 882 29.88 -61.09 -23.61
C GLU C 882 30.88 -61.30 -22.50
N VAL C 883 31.83 -60.39 -22.42
CA VAL C 883 32.82 -60.48 -21.39
C VAL C 883 32.36 -59.85 -20.12
N ILE C 884 32.54 -60.61 -19.10
CA ILE C 884 32.19 -60.17 -17.80
C ILE C 884 33.49 -60.38 -17.04
N PRO C 885 34.24 -59.28 -16.87
CA PRO C 885 35.54 -59.24 -16.20
C PRO C 885 35.54 -59.86 -14.78
N PRO C 886 36.73 -60.41 -14.39
CA PRO C 886 36.90 -61.03 -13.07
C PRO C 886 37.19 -59.97 -12.03
N TYR C 887 37.19 -58.72 -12.48
CA TYR C 887 37.48 -57.60 -11.61
C TYR C 887 36.46 -56.46 -11.76
N TYR C 888 36.63 -55.46 -10.91
CA TYR C 888 35.76 -54.31 -10.97
C TYR C 888 36.51 -53.15 -11.59
N SER C 889 35.84 -52.47 -12.51
CA SER C 889 36.39 -51.31 -13.17
C SER C 889 35.35 -50.22 -12.90
N VAL C 890 35.83 -49.09 -12.41
CA VAL C 890 34.98 -47.95 -12.10
C VAL C 890 35.40 -46.74 -12.88
N LYS C 891 34.44 -46.07 -13.51
CA LYS C 891 34.75 -44.88 -14.25
C LYS C 891 34.27 -43.71 -13.44
N GLU C 892 35.12 -42.69 -13.34
CA GLU C 892 34.79 -41.47 -12.62
C GLU C 892 35.13 -40.32 -13.54
N VAL C 893 34.50 -39.16 -13.35
CA VAL C 893 34.75 -38.01 -14.21
C VAL C 893 35.51 -36.92 -13.49
N VAL C 894 35.91 -35.90 -14.27
CA VAL C 894 36.61 -34.71 -13.79
C VAL C 894 35.84 -33.56 -14.38
N LEU C 895 35.47 -32.58 -13.56
CA LEU C 895 34.70 -31.43 -13.97
C LEU C 895 35.49 -30.15 -13.93
N PRO C 896 35.15 -29.24 -14.83
CA PRO C 896 35.81 -27.95 -15.03
C PRO C 896 35.42 -26.79 -14.15
N PHE C 897 34.62 -27.06 -13.14
CA PHE C 897 34.16 -26.03 -12.23
C PHE C 897 35.23 -25.12 -11.70
N ASN C 898 36.34 -25.71 -11.37
CA ASN C 898 37.41 -24.92 -10.85
C ASN C 898 37.85 -23.80 -11.79
N LYS C 899 37.57 -24.00 -13.09
CA LYS C 899 37.93 -23.03 -14.11
C LYS C 899 36.96 -21.85 -14.20
N PHE C 900 35.74 -22.09 -13.70
CA PHE C 900 34.63 -21.13 -13.71
C PHE C 900 34.02 -21.00 -12.33
N PRO C 901 34.80 -20.37 -11.50
CA PRO C 901 34.42 -20.14 -10.13
C PRO C 901 33.01 -19.60 -9.94
N GLY C 902 32.54 -18.74 -10.83
CA GLY C 902 31.19 -18.23 -10.66
C GLY C 902 30.08 -19.28 -10.85
N VAL C 903 30.43 -20.46 -11.28
CA VAL C 903 29.37 -21.43 -11.46
C VAL C 903 29.17 -22.28 -10.19
N ASP C 904 27.95 -22.76 -10.02
CA ASP C 904 27.56 -23.63 -8.94
C ASP C 904 28.01 -25.03 -9.37
N PRO C 905 28.99 -25.54 -8.65
CA PRO C 905 29.68 -26.81 -8.85
C PRO C 905 28.88 -28.04 -8.45
N LEU C 906 27.71 -28.14 -9.05
CA LEU C 906 26.68 -29.15 -8.81
C LEU C 906 26.25 -29.94 -10.02
N LEU C 907 26.01 -31.22 -9.79
CA LEU C 907 25.61 -32.15 -10.85
C LEU C 907 24.17 -32.07 -11.22
N GLY C 908 23.91 -32.40 -12.47
CA GLY C 908 22.57 -32.38 -12.94
C GLY C 908 22.45 -33.18 -14.19
N PRO C 909 21.30 -33.02 -14.84
CA PRO C 909 20.91 -33.68 -16.08
C PRO C 909 21.72 -33.20 -17.31
N GLU C 910 22.44 -32.09 -17.20
CA GLU C 910 23.23 -31.60 -18.32
C GLU C 910 24.69 -32.00 -18.05
N MET C 911 25.38 -32.53 -19.04
CA MET C 911 26.79 -32.94 -18.87
C MET C 911 27.74 -31.78 -18.88
N ARG C 912 28.72 -31.81 -18.02
CA ARG C 912 29.65 -30.71 -17.96
C ARG C 912 31.09 -31.15 -17.85
N SER C 913 31.30 -32.45 -17.64
CA SER C 913 32.65 -33.01 -17.50
C SER C 913 33.48 -32.94 -18.77
N THR C 914 34.77 -32.74 -18.56
CA THR C 914 35.70 -32.66 -19.64
C THR C 914 36.47 -33.94 -19.81
N GLY C 915 36.62 -34.72 -18.74
CA GLY C 915 37.37 -35.97 -18.81
C GLY C 915 36.93 -37.09 -17.90
N GLU C 916 37.72 -38.14 -17.88
CA GLU C 916 37.45 -39.30 -17.03
C GLU C 916 38.72 -40.12 -16.74
N VAL C 917 38.54 -40.95 -15.71
CA VAL C 917 39.53 -41.87 -15.19
C VAL C 917 38.95 -43.22 -14.91
N MET C 918 39.86 -44.20 -14.84
CA MET C 918 39.47 -45.54 -14.62
C MET C 918 40.10 -46.05 -13.36
N GLY C 919 39.30 -46.82 -12.61
CA GLY C 919 39.76 -47.43 -11.39
C GLY C 919 39.50 -48.94 -11.45
N VAL C 920 40.59 -49.72 -11.22
CA VAL C 920 40.57 -51.18 -11.24
C VAL C 920 40.72 -51.80 -9.84
N GLY C 921 39.84 -52.72 -9.49
CA GLY C 921 39.95 -53.30 -8.17
C GLY C 921 39.26 -54.63 -8.01
N ARG C 922 39.74 -55.35 -6.99
CA ARG C 922 39.25 -56.66 -6.60
C ARG C 922 37.87 -56.54 -6.01
N THR C 923 37.55 -55.32 -5.63
CA THR C 923 36.26 -55.01 -5.06
C THR C 923 35.84 -53.64 -5.58
N PHE C 924 34.51 -53.45 -5.64
CA PHE C 924 33.95 -52.21 -6.10
C PHE C 924 34.51 -51.11 -5.23
N ALA C 925 34.69 -51.42 -3.95
CA ALA C 925 35.26 -50.41 -3.11
C ALA C 925 36.67 -50.07 -3.56
N GLU C 926 37.42 -51.09 -4.00
CA GLU C 926 38.79 -50.84 -4.42
C GLU C 926 38.82 -50.01 -5.69
N ALA C 927 38.04 -50.50 -6.64
CA ALA C 927 37.87 -49.83 -7.93
C ALA C 927 37.42 -48.40 -7.68
N PHE C 928 36.41 -48.25 -6.81
CA PHE C 928 35.92 -46.92 -6.49
C PHE C 928 36.98 -46.00 -5.89
N ALA C 929 37.67 -46.49 -4.88
CA ALA C 929 38.70 -45.69 -4.29
C ALA C 929 39.75 -45.31 -5.32
N LYS C 930 40.06 -46.21 -6.23
CA LYS C 930 41.07 -45.90 -7.22
C LYS C 930 40.56 -44.83 -8.17
N ALA C 931 39.32 -45.03 -8.67
CA ALA C 931 38.70 -44.06 -9.57
C ALA C 931 38.66 -42.67 -8.89
N GLN C 932 38.24 -42.63 -7.64
CA GLN C 932 38.16 -41.38 -6.86
C GLN C 932 39.46 -40.60 -6.67
N LEU C 933 40.53 -41.33 -6.38
CA LEU C 933 41.83 -40.73 -6.16
C LEU C 933 42.39 -40.20 -7.47
N GLY C 934 42.12 -40.97 -8.52
CA GLY C 934 42.52 -40.68 -9.86
C GLY C 934 41.88 -39.41 -10.35
N SER C 935 40.68 -39.11 -9.85
CA SER C 935 39.90 -37.94 -10.23
C SER C 935 40.33 -36.72 -9.43
N ASN C 936 41.47 -36.84 -8.77
CA ASN C 936 42.01 -35.75 -8.00
C ASN C 936 41.17 -35.43 -6.80
N SER C 937 40.46 -36.40 -6.29
CA SER C 937 39.68 -36.08 -5.11
C SER C 937 40.58 -35.72 -3.93
N THR C 938 40.04 -34.93 -3.01
CA THR C 938 40.77 -34.50 -1.83
C THR C 938 40.27 -35.22 -0.60
N MET C 939 39.43 -36.21 -0.83
CA MET C 939 38.85 -36.99 0.25
C MET C 939 39.89 -37.51 1.24
N LYS C 940 39.57 -37.47 2.54
CA LYS C 940 40.48 -37.93 3.57
C LYS C 940 39.85 -39.09 4.26
N LYS C 941 40.70 -39.79 5.02
CA LYS C 941 40.24 -40.97 5.70
C LYS C 941 39.78 -40.67 7.11
N HIS C 942 39.97 -39.43 7.51
CA HIS C 942 39.58 -39.00 8.80
C HIS C 942 39.07 -37.55 8.72
N GLY C 943 38.82 -36.95 9.89
CA GLY C 943 38.34 -35.59 10.07
C GLY C 943 36.86 -35.49 10.46
N ARG C 944 36.27 -34.35 10.08
CA ARG C 944 34.89 -34.04 10.32
C ARG C 944 34.15 -33.84 9.02
N ALA C 945 33.04 -34.58 8.89
CA ALA C 945 32.16 -34.52 7.72
C ALA C 945 30.93 -33.64 7.99
N LEU C 946 30.51 -32.86 7.00
CA LEU C 946 29.34 -32.03 7.09
C LEU C 946 28.22 -32.64 6.29
N LEU C 947 27.04 -32.74 6.91
CA LEU C 947 25.87 -33.32 6.26
C LEU C 947 24.74 -32.33 6.18
N SER C 948 24.29 -32.08 4.97
CA SER C 948 23.22 -31.12 4.72
C SER C 948 22.49 -31.66 3.52
N VAL C 949 21.43 -32.42 3.78
CA VAL C 949 20.71 -33.07 2.71
C VAL C 949 19.26 -32.66 2.55
N ARG C 950 18.78 -32.92 1.38
CA ARG C 950 17.43 -32.58 1.14
C ARG C 950 16.57 -33.65 1.77
N GLU C 951 15.32 -33.25 1.91
CA GLU C 951 14.24 -34.01 2.47
C GLU C 951 14.25 -35.50 2.11
N GLY C 952 14.12 -35.75 0.82
CA GLY C 952 14.10 -37.11 0.32
C GLY C 952 15.31 -37.93 0.80
N ASP C 953 16.44 -37.24 0.97
CA ASP C 953 17.66 -37.92 1.39
C ASP C 953 17.76 -38.15 2.90
N LYS C 954 16.83 -37.50 3.58
CA LYS C 954 16.73 -37.54 5.01
C LYS C 954 16.71 -38.94 5.61
N GLU C 955 15.98 -39.84 5.01
CA GLU C 955 15.91 -41.18 5.51
C GLU C 955 17.21 -41.93 5.39
N ARG C 956 17.72 -41.94 4.17
CA ARG C 956 18.97 -42.63 3.88
C ARG C 956 20.21 -42.09 4.61
N VAL C 957 20.28 -40.78 4.74
CA VAL C 957 21.41 -40.20 5.39
C VAL C 957 21.82 -40.77 6.78
N VAL C 958 20.91 -41.44 7.44
CA VAL C 958 21.28 -41.95 8.74
C VAL C 958 22.38 -42.97 8.67
N ASP C 959 22.20 -43.89 7.71
CA ASP C 959 23.14 -44.97 7.50
C ASP C 959 24.49 -44.42 7.13
N LEU C 960 24.43 -43.43 6.28
CA LEU C 960 25.67 -42.83 5.89
C LEU C 960 26.37 -42.19 7.09
N ALA C 961 25.58 -41.45 7.87
CA ALA C 961 26.13 -40.80 9.04
C ALA C 961 26.72 -41.87 9.92
N ALA C 962 26.02 -43.00 9.98
CA ALA C 962 26.52 -44.12 10.78
C ALA C 962 27.87 -44.65 10.24
N LYS C 963 27.92 -44.89 8.92
CA LYS C 963 29.15 -45.40 8.31
C LYS C 963 30.36 -44.56 8.60
N LEU C 964 30.16 -43.25 8.50
CA LEU C 964 31.25 -42.33 8.77
C LEU C 964 31.76 -42.35 10.23
N LEU C 965 30.79 -42.47 11.11
CA LEU C 965 31.09 -42.52 12.50
C LEU C 965 31.95 -43.73 12.68
N LYS C 966 31.49 -44.80 12.07
CA LYS C 966 32.19 -46.06 12.12
C LYS C 966 33.62 -45.82 11.66
N GLN C 967 33.74 -45.05 10.58
CA GLN C 967 35.01 -44.70 9.99
C GLN C 967 35.77 -43.76 10.90
N GLY C 968 35.11 -43.36 11.99
CA GLY C 968 35.82 -42.47 12.87
C GLY C 968 35.67 -41.01 12.54
N PHE C 969 34.73 -40.67 11.68
CA PHE C 969 34.62 -39.26 11.41
C PHE C 969 33.70 -38.63 12.44
N GLU C 970 33.89 -37.32 12.68
CA GLU C 970 33.07 -36.50 13.56
C GLU C 970 32.06 -35.79 12.67
N LEU C 971 30.83 -35.58 13.11
CA LEU C 971 29.85 -34.94 12.24
C LEU C 971 29.28 -33.61 12.62
N ASP C 972 28.90 -32.89 11.56
CA ASP C 972 28.23 -31.60 11.62
C ASP C 972 26.99 -31.73 10.78
N ALA C 973 26.03 -30.89 11.09
CA ALA C 973 24.84 -30.98 10.30
C ALA C 973 24.00 -29.75 10.43
N THR C 974 23.31 -29.46 9.31
CA THR C 974 22.41 -28.35 9.27
C THR C 974 21.16 -28.77 10.02
N HIS C 975 20.44 -27.78 10.50
CA HIS C 975 19.23 -27.97 11.25
C HIS C 975 18.32 -29.18 11.01
N GLY C 976 17.70 -29.23 9.84
CA GLY C 976 16.79 -30.31 9.50
C GLY C 976 17.43 -31.66 9.48
N THR C 977 18.63 -31.66 8.95
CA THR C 977 19.40 -32.88 8.85
C THR C 977 19.69 -33.37 10.27
N ALA C 978 20.11 -32.46 11.15
CA ALA C 978 20.40 -32.82 12.50
C ALA C 978 19.17 -33.37 13.22
N ILE C 979 18.02 -32.84 12.80
CA ILE C 979 16.78 -33.28 13.40
C ILE C 979 16.63 -34.78 13.26
N VAL C 980 16.58 -35.18 11.99
CA VAL C 980 16.43 -36.55 11.59
C VAL C 980 17.52 -37.42 12.19
N LEU C 981 18.75 -36.89 12.28
CA LEU C 981 19.82 -37.69 12.85
C LEU C 981 19.57 -37.96 14.32
N GLY C 982 19.22 -36.91 15.07
CA GLY C 982 18.95 -37.03 16.50
C GLY C 982 17.83 -38.02 16.74
N GLU C 983 16.82 -37.95 15.87
CA GLU C 983 15.67 -38.83 15.98
C GLU C 983 16.09 -40.27 15.75
N ALA C 984 17.33 -40.43 15.30
CA ALA C 984 17.92 -41.70 14.98
C ALA C 984 18.99 -42.12 15.98
N GLY C 985 19.30 -41.24 16.94
CA GLY C 985 20.31 -41.54 17.94
C GLY C 985 21.68 -40.99 17.59
N ILE C 986 21.73 -40.28 16.47
CA ILE C 986 22.95 -39.66 15.98
C ILE C 986 22.85 -38.17 16.24
N ASN C 987 23.72 -37.68 17.14
CA ASN C 987 23.71 -36.28 17.51
C ASN C 987 24.87 -35.54 16.92
N PRO C 988 24.69 -35.03 15.74
CA PRO C 988 25.74 -34.31 15.10
C PRO C 988 25.97 -32.97 15.75
N ARG C 989 27.06 -32.33 15.38
CA ARG C 989 27.34 -31.00 15.89
C ARG C 989 26.54 -30.05 15.00
N LEU C 990 25.92 -29.05 15.60
CA LEU C 990 25.12 -28.16 14.80
C LEU C 990 25.93 -27.02 14.26
N VAL C 991 25.58 -26.72 13.02
CA VAL C 991 26.20 -25.66 12.28
C VAL C 991 25.10 -24.82 11.67
N ASN C 992 25.38 -23.54 11.52
CA ASN C 992 24.37 -22.66 10.94
C ASN C 992 24.55 -22.42 9.45
N LYS C 993 23.42 -22.22 8.81
CA LYS C 993 23.41 -21.91 7.41
C LYS C 993 23.94 -20.48 7.40
N VAL C 994 24.48 -20.02 6.26
CA VAL C 994 25.04 -18.68 6.20
C VAL C 994 24.07 -17.61 6.75
N HIS C 995 22.85 -17.73 6.28
CA HIS C 995 21.81 -16.82 6.69
C HIS C 995 21.31 -16.97 8.11
N GLU C 996 21.76 -18.02 8.78
CA GLU C 996 21.37 -18.28 10.16
C GLU C 996 22.34 -17.61 11.17
N GLY C 997 23.50 -17.17 10.63
CA GLY C 997 24.56 -16.52 11.38
C GLY C 997 25.69 -17.45 11.76
N ARG C 998 26.67 -16.86 12.41
CA ARG C 998 27.82 -17.57 12.86
C ARG C 998 27.46 -18.54 13.96
N PRO C 999 28.17 -19.63 14.06
CA PRO C 999 29.20 -20.05 13.15
C PRO C 999 28.39 -20.75 12.03
N HIS C 1000 28.72 -20.42 10.78
CA HIS C 1000 27.99 -21.01 9.68
C HIS C 1000 28.89 -21.85 8.80
N ILE C 1001 28.30 -22.72 7.98
CA ILE C 1001 29.03 -23.65 7.11
C ILE C 1001 30.19 -22.99 6.38
N GLN C 1002 29.90 -21.82 5.82
CA GLN C 1002 30.90 -21.07 5.06
C GLN C 1002 32.17 -20.84 5.87
N ASP C 1003 31.98 -20.35 7.07
CA ASP C 1003 33.10 -20.09 7.94
C ASP C 1003 33.87 -21.37 8.26
N ARG C 1004 33.12 -22.39 8.64
CA ARG C 1004 33.71 -23.66 9.03
C ARG C 1004 34.49 -24.29 7.90
N ILE C 1005 33.88 -24.19 6.72
CA ILE C 1005 34.51 -24.74 5.53
C ILE C 1005 35.84 -24.03 5.30
N LYS C 1006 35.71 -22.72 5.23
CA LYS C 1006 36.85 -21.88 5.03
C LYS C 1006 37.95 -22.09 6.07
N ASN C 1007 37.52 -22.38 7.31
CA ASN C 1007 38.46 -22.60 8.39
C ASN C 1007 38.98 -24.01 8.46
N GLY C 1008 38.61 -24.77 7.45
CA GLY C 1008 39.04 -26.12 7.30
C GLY C 1008 38.65 -27.03 8.44
N GLU C 1009 37.36 -27.05 8.74
CA GLU C 1009 36.88 -27.89 9.80
C GLU C 1009 36.40 -29.22 9.28
N TYR C 1010 36.20 -29.27 7.97
CA TYR C 1010 35.72 -30.50 7.38
C TYR C 1010 36.68 -31.06 6.37
N THR C 1011 36.63 -32.39 6.24
CA THR C 1011 37.48 -33.08 5.28
C THR C 1011 36.61 -33.71 4.22
N TYR C 1012 35.32 -33.68 4.55
CA TYR C 1012 34.25 -34.23 3.72
C TYR C 1012 32.90 -33.53 3.86
N ILE C 1013 32.20 -33.44 2.73
CA ILE C 1013 30.90 -32.83 2.72
C ILE C 1013 29.94 -33.63 1.83
N ILE C 1014 28.77 -33.91 2.38
CA ILE C 1014 27.69 -34.59 1.65
C ILE C 1014 26.54 -33.58 1.64
N ASN C 1015 26.26 -33.02 0.46
CA ASN C 1015 25.26 -31.99 0.24
C ASN C 1015 24.34 -32.30 -0.88
N THR C 1016 23.07 -32.58 -0.55
CA THR C 1016 22.11 -32.86 -1.56
C THR C 1016 21.04 -31.81 -1.52
N THR C 1017 20.53 -31.46 -2.70
CA THR C 1017 19.51 -30.42 -2.86
C THR C 1017 18.69 -30.78 -4.09
N SER C 1018 17.46 -30.38 -4.03
CA SER C 1018 16.50 -30.59 -5.10
C SER C 1018 15.62 -29.35 -5.19
N GLY C 1019 15.38 -28.86 -6.41
CA GLY C 1019 14.56 -27.65 -6.60
C GLY C 1019 15.42 -26.49 -7.06
N ARG C 1020 14.91 -25.70 -8.01
CA ARG C 1020 15.65 -24.59 -8.55
C ARG C 1020 16.15 -23.55 -7.60
N ARG C 1021 15.22 -22.98 -6.77
CA ARG C 1021 15.61 -21.94 -5.82
C ARG C 1021 16.43 -22.52 -4.70
N ALA C 1022 16.00 -23.70 -4.27
CA ALA C 1022 16.67 -24.43 -3.20
C ALA C 1022 18.18 -24.57 -3.53
N ILE C 1023 18.45 -24.87 -4.79
CA ILE C 1023 19.81 -25.01 -5.27
C ILE C 1023 20.49 -23.63 -5.22
N GLU C 1024 19.79 -22.69 -5.84
CA GLU C 1024 20.22 -21.32 -5.94
C GLU C 1024 20.59 -20.76 -4.60
N ASP C 1025 19.84 -21.17 -3.60
CA ASP C 1025 20.02 -20.66 -2.26
C ASP C 1025 21.16 -21.25 -1.50
N SER C 1026 21.46 -22.52 -1.85
CA SER C 1026 22.52 -23.28 -1.21
C SER C 1026 23.83 -23.26 -1.98
N ARG C 1027 23.83 -22.46 -3.04
CA ARG C 1027 24.99 -22.33 -3.91
C ARG C 1027 26.29 -22.16 -3.14
N VAL C 1028 26.21 -21.38 -2.08
CA VAL C 1028 27.31 -21.06 -1.21
C VAL C 1028 28.13 -22.18 -0.64
N ILE C 1029 27.46 -23.24 -0.26
CA ILE C 1029 28.16 -24.34 0.35
C ILE C 1029 29.03 -25.13 -0.62
N ARG C 1030 28.47 -25.36 -1.80
CA ARG C 1030 29.16 -26.06 -2.87
C ARG C 1030 30.32 -25.20 -3.41
N ARG C 1031 30.10 -23.91 -3.58
CA ARG C 1031 31.17 -23.08 -4.06
C ARG C 1031 32.26 -23.03 -3.04
N SER C 1032 31.87 -22.91 -1.76
CA SER C 1032 32.85 -22.87 -0.68
C SER C 1032 33.59 -24.19 -0.64
N ALA C 1033 32.84 -25.30 -0.82
CA ALA C 1033 33.48 -26.60 -0.77
C ALA C 1033 34.60 -26.68 -1.79
N LEU C 1034 34.25 -26.30 -3.02
CA LEU C 1034 35.18 -26.30 -4.14
C LEU C 1034 36.38 -25.39 -3.93
N GLN C 1035 36.12 -24.16 -3.51
CA GLN C 1035 37.21 -23.23 -3.29
C GLN C 1035 38.22 -23.63 -2.23
N TYR C 1036 37.69 -24.31 -1.20
CA TYR C 1036 38.47 -24.77 -0.07
C TYR C 1036 39.11 -26.12 -0.18
N LYS C 1037 38.80 -26.84 -1.24
CA LYS C 1037 39.43 -28.14 -1.48
C LYS C 1037 38.88 -29.29 -0.69
N VAL C 1038 37.67 -29.12 -0.21
CA VAL C 1038 37.03 -30.15 0.56
C VAL C 1038 36.29 -31.08 -0.36
N HIS C 1039 36.63 -32.36 -0.30
CA HIS C 1039 35.94 -33.35 -1.10
C HIS C 1039 34.45 -33.32 -0.75
N TYR C 1040 33.59 -33.26 -1.74
CA TYR C 1040 32.15 -33.23 -1.49
C TYR C 1040 31.35 -34.05 -2.47
N ASP C 1041 30.27 -34.63 -1.99
CA ASP C 1041 29.44 -35.39 -2.90
C ASP C 1041 28.14 -34.65 -3.02
N THR C 1042 27.53 -34.68 -4.19
CA THR C 1042 26.27 -33.98 -4.36
C THR C 1042 25.11 -34.93 -4.57
N THR C 1043 25.40 -36.19 -4.32
CA THR C 1043 24.42 -37.24 -4.40
C THR C 1043 24.69 -38.19 -3.25
N LEU C 1044 23.61 -38.77 -2.72
CA LEU C 1044 23.65 -39.73 -1.61
C LEU C 1044 24.35 -40.98 -2.10
N ASN C 1045 24.03 -41.40 -3.33
CA ASN C 1045 24.69 -42.57 -3.90
C ASN C 1045 26.18 -42.34 -3.94
N GLY C 1046 26.58 -41.14 -4.32
CA GLY C 1046 27.98 -40.84 -4.40
C GLY C 1046 28.53 -40.91 -3.00
N GLY C 1047 27.76 -40.37 -2.08
CA GLY C 1047 28.15 -40.40 -0.67
C GLY C 1047 28.39 -41.86 -0.20
N PHE C 1048 27.48 -42.77 -0.55
CA PHE C 1048 27.59 -44.18 -0.16
C PHE C 1048 28.83 -44.85 -0.69
N ALA C 1049 29.11 -44.58 -1.95
CA ALA C 1049 30.27 -45.11 -2.67
C ALA C 1049 31.55 -44.57 -2.05
N THR C 1050 31.51 -43.29 -1.73
CA THR C 1050 32.67 -42.73 -1.10
C THR C 1050 32.99 -43.43 0.23
N ALA C 1051 31.95 -43.70 1.02
CA ALA C 1051 32.08 -44.35 2.33
C ALA C 1051 32.64 -45.74 2.18
N MET C 1052 32.24 -46.37 1.10
CA MET C 1052 32.69 -47.69 0.82
C MET C 1052 34.16 -47.68 0.60
N ALA C 1053 34.58 -46.77 -0.25
CA ALA C 1053 35.98 -46.61 -0.61
C ALA C 1053 36.89 -46.32 0.61
N LEU C 1054 36.26 -45.91 1.71
CA LEU C 1054 37.01 -45.59 2.92
C LEU C 1054 37.71 -46.85 3.46
N ASN C 1055 37.13 -47.98 3.15
CA ASN C 1055 37.62 -49.28 3.57
C ASN C 1055 38.73 -49.86 2.70
N ALA C 1056 39.04 -49.19 1.60
CA ALA C 1056 40.07 -49.66 0.72
C ALA C 1056 41.32 -48.80 0.70
N ASP C 1057 42.37 -49.34 0.08
CA ASP C 1057 43.65 -48.65 -0.09
C ASP C 1057 44.02 -48.75 -1.55
N ALA C 1058 43.89 -47.61 -2.25
CA ALA C 1058 44.16 -47.50 -3.67
C ALA C 1058 45.65 -47.62 -3.99
N THR C 1059 46.51 -47.39 -2.99
CA THR C 1059 47.95 -47.53 -3.14
C THR C 1059 48.46 -48.90 -2.70
N GLU C 1060 47.54 -49.82 -2.54
CA GLU C 1060 47.91 -51.14 -2.08
C GLU C 1060 48.35 -52.06 -3.20
N LYS C 1061 47.48 -52.20 -4.16
CA LYS C 1061 47.75 -53.08 -5.24
C LYS C 1061 47.66 -52.36 -6.59
N VAL C 1062 48.60 -52.72 -7.49
CA VAL C 1062 48.68 -52.22 -8.84
C VAL C 1062 48.64 -53.34 -9.87
N ILE C 1063 48.00 -53.04 -10.99
CA ILE C 1063 47.89 -54.01 -12.05
C ILE C 1063 47.99 -53.37 -13.44
N SER C 1064 48.64 -54.12 -14.31
CA SER C 1064 48.85 -53.74 -15.69
C SER C 1064 47.67 -54.25 -16.50
N VAL C 1065 47.36 -53.50 -17.56
CA VAL C 1065 46.26 -53.84 -18.41
C VAL C 1065 46.48 -55.19 -19.02
N GLN C 1066 47.76 -55.44 -19.30
CA GLN C 1066 48.15 -56.69 -19.90
C GLN C 1066 47.78 -57.82 -18.99
N GLU C 1067 48.13 -57.62 -17.72
CA GLU C 1067 47.83 -58.60 -16.66
C GLU C 1067 46.34 -58.84 -16.49
N MET C 1068 45.63 -57.73 -16.38
CA MET C 1068 44.20 -57.75 -16.24
C MET C 1068 43.55 -58.53 -17.32
N HIS C 1069 44.01 -58.22 -18.54
CA HIS C 1069 43.48 -58.82 -19.72
C HIS C 1069 43.67 -60.31 -19.75
N ALA C 1070 44.80 -60.72 -19.22
CA ALA C 1070 45.14 -62.12 -19.17
C ALA C 1070 44.32 -62.92 -18.17
N GLN C 1071 43.61 -62.21 -17.30
CA GLN C 1071 42.76 -62.79 -16.27
C GLN C 1071 41.36 -63.12 -16.80
N ILE C 1072 41.09 -62.77 -18.06
CA ILE C 1072 39.80 -63.01 -18.65
C ILE C 1072 39.59 -64.38 -19.34
N LYS C 1073 38.47 -65.02 -19.00
CA LYS C 1073 38.12 -66.35 -19.51
C LYS C 1073 36.89 -66.41 -20.44
N ILE D 2 42.32 -5.22 -64.36
CA ILE D 2 43.18 -6.33 -63.98
C ILE D 2 44.58 -6.23 -64.56
N LYS D 3 45.57 -6.12 -63.68
CA LYS D 3 46.96 -6.05 -64.10
C LYS D 3 47.48 -7.49 -64.36
N SER D 4 47.47 -7.93 -65.62
CA SER D 4 47.90 -9.29 -65.96
C SER D 4 49.40 -9.53 -65.95
N ALA D 5 49.74 -10.80 -65.76
CA ALA D 5 51.14 -11.19 -65.75
C ALA D 5 51.21 -12.65 -66.09
N LEU D 6 52.33 -13.00 -66.68
CA LEU D 6 52.48 -14.37 -67.03
C LEU D 6 53.94 -14.83 -66.94
N LEU D 7 54.03 -16.11 -66.58
CA LEU D 7 55.29 -16.79 -66.44
C LEU D 7 55.26 -18.06 -67.26
N VAL D 8 56.30 -18.18 -68.10
CA VAL D 8 56.42 -19.35 -68.95
C VAL D 8 57.84 -19.87 -68.88
N LEU D 9 57.82 -21.20 -68.77
CA LEU D 9 59.02 -22.00 -68.66
C LEU D 9 59.45 -22.50 -70.02
N GLU D 10 60.74 -22.74 -70.10
CA GLU D 10 61.44 -23.26 -71.24
C GLU D 10 60.65 -24.40 -71.86
N ASP D 11 60.17 -25.30 -71.00
CA ASP D 11 59.41 -26.49 -71.36
C ASP D 11 57.97 -26.24 -71.78
N GLY D 12 57.55 -24.99 -71.83
CA GLY D 12 56.18 -24.66 -72.22
C GLY D 12 55.15 -24.53 -71.08
N THR D 13 55.56 -24.82 -69.86
CA THR D 13 54.64 -24.69 -68.77
C THR D 13 54.36 -23.23 -68.50
N GLN D 14 53.06 -22.96 -68.41
CA GLN D 14 52.58 -21.60 -68.15
C GLN D 14 51.97 -21.39 -66.77
N PHE D 15 52.17 -20.18 -66.25
CA PHE D 15 51.65 -19.77 -64.98
C PHE D 15 51.07 -18.41 -65.14
N HIS D 16 49.75 -18.38 -64.99
CA HIS D 16 48.96 -17.16 -65.12
C HIS D 16 48.65 -16.54 -63.76
N GLY D 17 48.95 -15.26 -63.61
CA GLY D 17 48.74 -14.57 -62.37
C GLY D 17 48.52 -13.09 -62.57
N ARG D 18 49.07 -12.32 -61.63
CA ARG D 18 48.93 -10.89 -61.63
C ARG D 18 50.23 -10.19 -61.43
N ALA D 19 50.28 -9.03 -62.01
CA ALA D 19 51.44 -8.21 -61.94
C ALA D 19 51.47 -7.40 -60.66
N ILE D 20 52.62 -7.42 -59.98
CA ILE D 20 52.88 -6.70 -58.73
C ILE D 20 54.15 -5.85 -58.82
N GLY D 21 54.85 -5.95 -59.97
CA GLY D 21 56.06 -5.19 -60.13
C GLY D 21 55.92 -4.32 -61.34
N ALA D 22 57.06 -3.95 -61.92
CA ALA D 22 57.06 -3.11 -63.09
C ALA D 22 56.41 -3.76 -64.29
N THR D 23 56.23 -2.97 -65.31
CA THR D 23 55.65 -3.49 -66.50
C THR D 23 56.75 -3.97 -67.48
N GLY D 24 56.59 -5.18 -68.05
CA GLY D 24 57.60 -5.64 -68.96
C GLY D 24 57.80 -7.10 -68.94
N SER D 25 59.00 -7.47 -69.37
CA SER D 25 59.38 -8.84 -69.43
C SER D 25 60.66 -9.14 -68.64
N ALA D 26 60.73 -10.37 -68.13
CA ALA D 26 61.90 -10.84 -67.37
C ALA D 26 62.26 -12.26 -67.81
N VAL D 27 63.57 -12.45 -68.05
CA VAL D 27 64.07 -13.74 -68.51
C VAL D 27 65.26 -14.24 -67.69
N GLY D 28 65.21 -15.48 -67.27
CA GLY D 28 66.36 -15.91 -66.52
C GLY D 28 66.16 -17.32 -66.11
N GLU D 29 67.13 -17.78 -65.40
CA GLU D 29 67.00 -19.12 -64.92
C GLU D 29 66.05 -19.03 -63.73
N VAL D 30 65.09 -19.95 -63.67
CA VAL D 30 64.11 -20.01 -62.60
C VAL D 30 64.57 -20.92 -61.45
N VAL D 31 64.48 -20.36 -60.23
CA VAL D 31 64.86 -21.08 -59.02
C VAL D 31 63.81 -20.90 -57.94
N PHE D 32 63.84 -21.76 -56.92
CA PHE D 32 62.94 -21.62 -55.81
C PHE D 32 63.73 -21.53 -54.51
N ASN D 33 63.26 -20.66 -53.62
CA ASN D 33 63.91 -20.43 -52.33
C ASN D 33 62.89 -20.67 -51.23
N THR D 34 63.28 -21.50 -50.27
CA THR D 34 62.36 -21.88 -49.18
C THR D 34 62.33 -20.98 -47.96
N SER D 35 63.07 -19.87 -47.98
CA SER D 35 63.08 -18.99 -46.82
C SER D 35 61.70 -18.41 -46.50
N MET D 36 61.18 -18.62 -45.28
CA MET D 36 59.88 -18.06 -44.92
C MET D 36 59.92 -16.56 -44.53
N THR D 37 61.11 -16.03 -44.33
CA THR D 37 61.41 -14.64 -43.98
C THR D 37 62.67 -14.26 -44.79
N GLY D 38 63.00 -12.97 -44.94
CA GLY D 38 64.21 -12.58 -45.65
C GLY D 38 64.05 -12.20 -47.12
N TYR D 39 62.80 -12.05 -47.62
CA TYR D 39 62.60 -11.69 -49.04
C TYR D 39 63.40 -10.51 -49.59
N GLN D 40 63.46 -9.37 -48.88
CA GLN D 40 64.22 -8.22 -49.35
C GLN D 40 65.68 -8.55 -49.50
N GLU D 41 66.24 -9.16 -48.47
CA GLU D 41 67.63 -9.54 -48.51
C GLU D 41 67.90 -10.42 -49.71
N ILE D 42 66.99 -11.38 -49.92
CA ILE D 42 67.11 -12.31 -51.04
C ILE D 42 67.09 -11.66 -52.43
N LEU D 43 66.19 -10.72 -52.64
CA LEU D 43 66.07 -10.03 -53.89
C LEU D 43 67.27 -9.16 -54.18
N THR D 44 67.84 -8.60 -53.10
CA THR D 44 69.00 -7.71 -53.14
C THR D 44 70.39 -8.34 -53.14
N ASP D 45 70.43 -9.66 -53.15
CA ASP D 45 71.68 -10.46 -53.20
C ASP D 45 72.17 -10.61 -54.64
N PRO D 46 73.34 -10.06 -54.93
CA PRO D 46 73.89 -10.12 -56.26
C PRO D 46 73.96 -11.49 -56.83
N SER D 47 74.08 -12.47 -55.97
CA SER D 47 74.13 -13.83 -56.51
C SER D 47 72.90 -14.22 -57.32
N TYR D 48 71.83 -13.42 -57.25
CA TYR D 48 70.59 -13.76 -57.98
C TYR D 48 70.46 -13.13 -59.33
N SER D 49 71.44 -12.35 -59.71
CA SER D 49 71.42 -11.69 -60.97
C SER D 49 71.23 -12.73 -62.06
N ARG D 50 70.29 -12.41 -62.99
CA ARG D 50 69.89 -13.27 -64.13
C ARG D 50 69.03 -14.48 -63.76
N GLN D 51 68.50 -14.45 -62.54
CA GLN D 51 67.66 -15.52 -62.11
C GLN D 51 66.30 -15.02 -61.75
N ILE D 52 65.35 -15.88 -61.98
CA ILE D 52 64.00 -15.55 -61.64
C ILE D 52 63.68 -16.29 -60.36
N VAL D 53 63.49 -15.53 -59.29
CA VAL D 53 63.24 -16.06 -57.96
C VAL D 53 61.80 -16.29 -57.59
N THR D 54 61.53 -17.56 -57.31
CA THR D 54 60.23 -18.05 -56.84
C THR D 54 60.33 -18.30 -55.34
N LEU D 55 59.38 -17.74 -54.59
CA LEU D 55 59.38 -17.93 -53.14
C LEU D 55 58.36 -18.99 -52.81
N THR D 56 58.78 -20.02 -52.08
CA THR D 56 57.83 -21.06 -51.75
C THR D 56 56.81 -20.65 -50.66
N TYR D 57 57.22 -19.77 -49.70
CA TYR D 57 56.38 -19.27 -48.64
C TYR D 57 55.34 -18.31 -49.26
N PRO D 58 54.06 -18.66 -49.15
CA PRO D 58 53.01 -17.92 -49.78
C PRO D 58 52.90 -16.43 -49.63
N HIS D 59 52.91 -15.87 -48.43
CA HIS D 59 52.75 -14.45 -48.25
C HIS D 59 54.06 -13.73 -48.25
N ILE D 60 54.35 -13.02 -49.34
CA ILE D 60 55.60 -12.29 -49.45
C ILE D 60 55.35 -10.79 -49.52
N GLY D 61 55.89 -10.10 -48.50
CA GLY D 61 55.75 -8.68 -48.38
C GLY D 61 55.11 -8.27 -47.03
N ASN D 62 54.78 -9.24 -46.17
CA ASN D 62 54.14 -8.97 -44.87
C ASN D 62 54.74 -7.84 -44.07
N VAL D 63 56.06 -7.65 -44.20
CA VAL D 63 56.73 -6.62 -43.44
C VAL D 63 57.24 -5.47 -44.29
N GLY D 64 56.77 -5.37 -45.54
CA GLY D 64 57.21 -4.27 -46.43
C GLY D 64 58.71 -4.37 -46.70
N THR D 65 59.39 -3.22 -46.71
CA THR D 65 60.83 -3.23 -46.96
C THR D 65 61.46 -2.04 -46.25
N ASN D 66 62.79 -2.10 -46.19
CA ASN D 66 63.59 -1.05 -45.59
C ASN D 66 65.05 -1.20 -46.06
N ASP D 67 65.73 -0.07 -46.07
CA ASP D 67 67.13 0.03 -46.52
C ASP D 67 68.08 -0.88 -45.81
N ALA D 68 67.93 -0.98 -44.49
CA ALA D 68 68.79 -1.81 -43.67
C ALA D 68 68.75 -3.23 -44.13
N ASP D 69 67.67 -3.62 -44.78
CA ASP D 69 67.52 -5.00 -45.25
C ASP D 69 67.95 -5.25 -46.70
N GLU D 70 68.73 -4.32 -47.25
CA GLU D 70 69.24 -4.45 -48.61
C GLU D 70 70.63 -5.02 -48.49
N GLU D 71 70.91 -6.09 -49.23
CA GLU D 71 72.19 -6.76 -49.20
C GLU D 71 73.17 -6.24 -50.23
N SER D 72 72.64 -5.31 -51.01
CA SER D 72 73.42 -4.67 -52.04
C SER D 72 72.76 -3.41 -52.50
N SER D 73 73.51 -2.74 -53.34
CA SER D 73 73.13 -1.48 -53.97
C SER D 73 71.79 -1.53 -54.70
N GLN D 74 71.39 -2.73 -55.10
CA GLN D 74 70.13 -2.87 -55.82
C GLN D 74 69.54 -4.28 -55.83
N VAL D 75 68.37 -4.40 -56.46
CA VAL D 75 67.71 -5.68 -56.64
C VAL D 75 68.38 -6.43 -57.80
N HIS D 76 69.06 -7.56 -57.53
CA HIS D 76 69.75 -8.32 -58.57
C HIS D 76 68.85 -9.37 -59.18
N ALA D 77 67.86 -9.76 -58.39
CA ALA D 77 66.94 -10.74 -58.94
C ALA D 77 66.31 -10.23 -60.22
N GLN D 78 66.23 -11.10 -61.23
CA GLN D 78 65.66 -10.74 -62.54
C GLN D 78 64.14 -10.58 -62.52
N GLY D 79 63.52 -11.46 -61.74
CA GLY D 79 62.09 -11.46 -61.58
C GLY D 79 61.75 -12.07 -60.23
N LEU D 80 60.53 -11.82 -59.81
CA LEU D 80 60.05 -12.36 -58.57
C LEU D 80 58.73 -13.05 -58.78
N VAL D 81 58.71 -14.31 -58.33
CA VAL D 81 57.50 -15.08 -58.46
C VAL D 81 56.95 -15.51 -57.12
N ILE D 82 55.75 -15.05 -56.74
CA ILE D 82 55.17 -15.41 -55.45
C ILE D 82 53.73 -15.90 -55.55
N ARG D 83 53.27 -16.39 -54.42
CA ARG D 83 51.91 -16.89 -54.33
C ARG D 83 50.92 -15.79 -53.91
N ASP D 84 51.27 -15.01 -52.90
CA ASP D 84 50.39 -13.98 -52.43
C ASP D 84 51.09 -12.71 -51.96
N LEU D 85 50.62 -11.57 -52.53
CA LEU D 85 51.08 -10.24 -52.16
C LEU D 85 50.03 -9.70 -51.16
N PRO D 86 50.42 -9.62 -49.92
CA PRO D 86 49.52 -9.16 -48.88
C PRO D 86 48.98 -7.75 -49.08
N LEU D 87 47.81 -7.55 -48.53
CA LEU D 87 47.13 -6.25 -48.59
C LEU D 87 47.96 -5.10 -48.02
N ILE D 88 48.67 -5.38 -46.95
CA ILE D 88 49.49 -4.37 -46.32
C ILE D 88 50.79 -4.96 -45.73
N ALA D 89 51.79 -4.08 -45.57
CA ALA D 89 53.06 -4.39 -44.96
C ALA D 89 52.72 -4.05 -43.53
N SER D 90 53.17 -4.83 -42.59
CA SER D 90 52.80 -4.51 -41.22
C SER D 90 54.00 -4.74 -40.30
N ASN D 91 54.93 -3.79 -40.27
CA ASN D 91 56.12 -3.92 -39.43
C ASN D 91 56.75 -2.59 -39.16
N PHE D 92 57.12 -2.37 -37.88
CA PHE D 92 57.72 -1.11 -37.50
C PHE D 92 58.90 -0.72 -38.36
N ARG D 93 59.56 -1.69 -39.02
CA ARG D 93 60.73 -1.32 -39.78
C ARG D 93 60.45 -1.01 -41.25
N ASN D 94 59.21 -1.22 -41.67
CA ASN D 94 58.77 -0.99 -43.04
C ASN D 94 58.87 0.46 -43.44
N THR D 95 59.41 0.71 -44.63
CA THR D 95 59.51 2.08 -45.14
C THR D 95 58.77 2.27 -46.47
N GLU D 96 58.48 1.14 -47.10
CA GLU D 96 57.79 1.07 -48.37
C GLU D 96 57.28 -0.33 -48.60
N ASP D 97 56.06 -0.42 -49.07
CA ASP D 97 55.44 -1.69 -49.38
C ASP D 97 56.15 -2.37 -50.51
N LEU D 98 56.00 -3.68 -50.50
CA LEU D 98 56.67 -4.53 -51.49
C LEU D 98 56.55 -4.14 -52.97
N SER D 99 55.32 -4.00 -53.40
CA SER D 99 55.01 -3.66 -54.75
C SER D 99 55.63 -2.35 -55.18
N SER D 100 55.52 -1.37 -54.28
CA SER D 100 56.10 -0.09 -54.57
C SER D 100 57.61 -0.18 -54.74
N TYR D 101 58.29 -1.00 -53.90
CA TYR D 101 59.73 -1.19 -53.94
C TYR D 101 60.08 -1.85 -55.26
N LEU D 102 59.26 -2.82 -55.60
CA LEU D 102 59.49 -3.51 -56.83
C LEU D 102 59.36 -2.58 -58.01
N LYS D 103 58.37 -1.74 -57.94
CA LYS D 103 58.23 -0.83 -59.03
C LYS D 103 59.37 0.17 -59.07
N ARG D 104 59.72 0.67 -57.91
CA ARG D 104 60.80 1.59 -57.85
C ARG D 104 62.08 0.96 -58.37
N HIS D 105 62.23 -0.34 -58.14
CA HIS D 105 63.44 -1.00 -58.59
C HIS D 105 63.27 -1.57 -59.97
N ASN D 106 62.17 -1.19 -60.57
CA ASN D 106 61.86 -1.66 -61.89
C ASN D 106 61.91 -3.17 -62.05
N ILE D 107 61.25 -3.82 -61.18
CA ILE D 107 61.29 -5.25 -61.28
C ILE D 107 59.95 -5.85 -61.70
N VAL D 108 60.05 -6.79 -62.64
CA VAL D 108 58.91 -7.50 -63.18
C VAL D 108 58.59 -8.59 -62.18
N ALA D 109 57.38 -8.57 -61.66
CA ALA D 109 57.01 -9.54 -60.66
C ALA D 109 55.61 -10.04 -60.84
N ILE D 110 55.44 -11.28 -60.50
CA ILE D 110 54.13 -11.85 -60.63
C ILE D 110 53.69 -12.51 -59.36
N ALA D 111 52.40 -12.47 -59.10
CA ALA D 111 51.86 -13.11 -57.92
C ALA D 111 50.67 -13.92 -58.34
N ASP D 112 50.04 -14.52 -57.36
CA ASP D 112 48.84 -15.34 -57.55
C ASP D 112 48.96 -16.59 -58.38
N ILE D 113 50.11 -17.23 -58.35
CA ILE D 113 50.29 -18.44 -59.10
C ILE D 113 50.62 -19.62 -58.15
N ASP D 114 50.42 -20.83 -58.63
CA ASP D 114 50.70 -22.02 -57.85
C ASP D 114 52.20 -22.24 -57.66
N THR D 115 52.84 -21.49 -56.76
CA THR D 115 54.26 -21.67 -56.57
C THR D 115 54.64 -23.10 -56.19
N ARG D 116 53.71 -23.84 -55.63
CA ARG D 116 54.00 -25.20 -55.21
C ARG D 116 54.22 -26.16 -56.38
N LYS D 117 53.42 -26.00 -57.39
CA LYS D 117 53.53 -26.81 -58.56
C LYS D 117 54.81 -26.44 -59.29
N LEU D 118 55.15 -25.14 -59.27
CA LEU D 118 56.37 -24.70 -59.92
C LEU D 118 57.53 -25.33 -59.16
N THR D 119 57.47 -25.24 -57.84
CA THR D 119 58.51 -25.80 -56.99
C THR D 119 58.69 -27.28 -57.31
N ARG D 120 57.61 -28.03 -57.21
CA ARG D 120 57.74 -29.44 -57.50
C ARG D 120 58.26 -29.74 -58.88
N LEU D 121 57.96 -28.87 -59.81
CA LEU D 121 58.42 -29.05 -61.16
C LEU D 121 59.93 -28.82 -61.28
N LEU D 122 60.39 -27.82 -60.59
CA LEU D 122 61.77 -27.51 -60.64
C LEU D 122 62.54 -28.53 -59.87
N ARG D 123 61.90 -29.11 -58.89
CA ARG D 123 62.57 -30.10 -58.10
C ARG D 123 62.80 -31.35 -58.92
N GLU D 124 61.73 -31.80 -59.51
CA GLU D 124 61.75 -33.02 -60.29
C GLU D 124 62.53 -32.96 -61.63
N LYS D 125 62.42 -31.86 -62.35
CA LYS D 125 63.04 -31.71 -63.67
C LYS D 125 64.33 -30.90 -63.72
N GLY D 126 64.56 -30.18 -62.65
CA GLY D 126 65.73 -29.35 -62.49
C GLY D 126 65.42 -27.95 -62.92
N ALA D 127 66.42 -27.08 -62.70
CA ALA D 127 66.30 -25.68 -63.08
C ALA D 127 65.85 -25.58 -64.54
N GLN D 128 65.18 -24.46 -64.84
CA GLN D 128 64.70 -24.16 -66.18
C GLN D 128 64.73 -22.71 -66.37
N ASN D 129 64.93 -22.30 -67.61
CA ASN D 129 64.96 -20.89 -67.91
C ASN D 129 63.53 -20.41 -68.04
N GLY D 130 63.25 -19.16 -67.76
CA GLY D 130 61.87 -18.81 -67.92
C GLY D 130 61.71 -17.35 -68.22
N CYS D 131 60.46 -16.98 -68.52
CA CYS D 131 60.25 -15.58 -68.81
C CYS D 131 58.95 -15.16 -68.21
N ILE D 132 58.96 -13.95 -67.66
CA ILE D 132 57.76 -13.39 -67.07
C ILE D 132 57.43 -12.17 -67.87
N ILE D 133 56.16 -12.12 -68.29
CA ILE D 133 55.69 -10.98 -69.03
C ILE D 133 54.54 -10.38 -68.27
N ALA D 134 54.67 -9.09 -68.01
CA ALA D 134 53.69 -8.31 -67.28
C ALA D 134 53.24 -7.13 -68.12
N GLY D 135 51.91 -7.08 -68.39
CA GLY D 135 51.31 -6.03 -69.18
C GLY D 135 49.87 -6.38 -69.50
N ASP D 136 49.24 -5.53 -70.29
CA ASP D 136 47.85 -5.73 -70.70
C ASP D 136 47.61 -7.09 -71.30
N ASN D 137 48.35 -7.38 -72.36
CA ASN D 137 48.17 -8.66 -73.05
C ASN D 137 49.46 -9.40 -73.21
N PRO D 138 49.90 -10.00 -72.10
CA PRO D 138 51.14 -10.76 -72.07
C PRO D 138 51.10 -11.90 -73.11
N ASP D 139 52.07 -11.85 -74.06
CA ASP D 139 52.18 -12.87 -75.08
C ASP D 139 52.86 -14.15 -74.59
N ALA D 140 52.11 -15.23 -74.65
CA ALA D 140 52.63 -16.49 -74.21
C ALA D 140 53.67 -17.13 -75.11
N ALA D 141 53.57 -16.84 -76.37
CA ALA D 141 54.50 -17.42 -77.29
C ALA D 141 55.81 -16.70 -77.24
N LEU D 142 55.67 -15.38 -77.06
CA LEU D 142 56.81 -14.51 -76.99
C LEU D 142 57.61 -14.97 -75.79
N ALA D 143 56.91 -15.01 -74.64
CA ALA D 143 57.47 -15.46 -73.37
C ALA D 143 58.23 -16.76 -73.53
N LEU D 144 57.60 -17.70 -74.18
CA LEU D 144 58.26 -18.97 -74.39
C LEU D 144 59.49 -18.80 -75.29
N GLU D 145 59.40 -17.91 -76.26
CA GLU D 145 60.51 -17.70 -77.16
C GLU D 145 61.72 -17.26 -76.32
N LYS D 146 61.51 -16.15 -75.57
CA LYS D 146 62.48 -15.53 -74.69
C LYS D 146 63.11 -16.53 -73.73
N ALA D 147 62.29 -17.41 -73.20
CA ALA D 147 62.79 -18.40 -72.26
C ALA D 147 63.65 -19.42 -72.93
N ARG D 148 63.28 -19.78 -74.14
CA ARG D 148 64.03 -20.77 -74.89
C ARG D 148 65.37 -20.28 -75.38
N ALA D 149 65.36 -18.99 -75.66
CA ALA D 149 66.47 -18.21 -76.14
C ALA D 149 67.53 -17.98 -75.09
N PHE D 150 67.08 -17.86 -73.82
CA PHE D 150 67.94 -17.64 -72.69
C PHE D 150 69.12 -18.56 -72.78
N PRO D 151 70.25 -17.90 -72.96
CA PRO D 151 71.53 -18.55 -73.11
C PRO D 151 71.83 -19.55 -71.99
N GLY D 152 71.39 -19.26 -70.75
CA GLY D 152 71.67 -20.18 -69.65
C GLY D 152 72.89 -19.79 -68.80
N LEU D 153 72.84 -20.18 -67.53
CA LEU D 153 73.88 -19.90 -66.54
C LEU D 153 75.15 -20.74 -66.65
N ASN D 154 75.04 -21.95 -67.15
CA ASN D 154 76.20 -22.81 -67.31
C ASN D 154 77.21 -22.18 -68.28
N GLY D 155 78.39 -21.88 -67.74
CA GLY D 155 79.48 -21.28 -68.50
C GLY D 155 79.38 -19.77 -68.52
N MET D 156 78.45 -19.27 -67.75
CA MET D 156 78.28 -17.85 -67.73
C MET D 156 78.99 -17.17 -66.57
N ASP D 157 79.96 -16.32 -66.88
CA ASP D 157 80.67 -15.58 -65.87
C ASP D 157 79.76 -14.43 -65.55
N LEU D 158 79.31 -14.41 -64.33
CA LEU D 158 78.44 -13.32 -63.97
C LEU D 158 79.13 -12.37 -63.01
N ALA D 159 80.27 -12.83 -62.43
CA ALA D 159 81.04 -11.99 -61.52
C ALA D 159 81.56 -10.69 -62.14
N LYS D 160 82.10 -10.78 -63.36
CA LYS D 160 82.63 -9.61 -64.01
C LYS D 160 81.54 -8.64 -64.32
N GLU D 161 80.31 -9.14 -64.33
CA GLU D 161 79.17 -8.28 -64.63
C GLU D 161 78.70 -7.46 -63.41
N VAL D 162 78.82 -8.03 -62.22
CA VAL D 162 78.38 -7.34 -61.02
C VAL D 162 79.47 -6.67 -60.20
N THR D 163 80.72 -7.07 -60.44
CA THR D 163 81.83 -6.52 -59.70
C THR D 163 81.85 -4.99 -59.71
N THR D 164 82.59 -4.42 -58.78
CA THR D 164 82.70 -2.98 -58.72
C THR D 164 83.61 -2.52 -59.87
N ALA D 165 83.54 -1.22 -60.22
CA ALA D 165 84.35 -0.61 -61.27
C ALA D 165 85.76 -0.29 -60.79
N GLU D 166 85.84 0.36 -59.62
CA GLU D 166 87.08 0.70 -58.97
C GLU D 166 87.09 0.10 -57.59
N ALA D 167 88.26 0.06 -57.02
CA ALA D 167 88.44 -0.46 -55.70
C ALA D 167 87.97 0.56 -54.70
N TYR D 168 87.73 0.09 -53.47
CA TYR D 168 87.28 0.97 -52.42
C TYR D 168 87.27 0.31 -51.07
N SER D 169 87.18 1.19 -50.09
CA SER D 169 87.17 0.86 -48.69
C SER D 169 85.78 0.69 -48.12
N TRP D 170 85.76 -0.26 -47.24
CA TRP D 170 84.61 -0.61 -46.49
C TRP D 170 85.02 -0.77 -45.03
N THR D 171 84.35 0.04 -44.16
CA THR D 171 84.55 0.09 -42.71
C THR D 171 83.25 0.19 -41.88
N GLN D 172 82.15 -0.23 -42.47
CA GLN D 172 80.90 -0.23 -41.79
C GLN D 172 80.54 -1.61 -41.24
N GLY D 173 80.12 -1.59 -39.98
CA GLY D 173 79.78 -2.83 -39.33
C GLY D 173 78.29 -3.10 -39.37
N SER D 174 77.94 -4.19 -38.70
CA SER D 174 76.60 -4.75 -38.60
C SER D 174 75.49 -3.92 -37.95
N TRP D 175 74.28 -4.28 -38.31
CA TRP D 175 73.11 -3.62 -37.78
C TRP D 175 72.70 -4.20 -36.44
N THR D 176 72.08 -3.35 -35.63
CA THR D 176 71.58 -3.74 -34.35
C THR D 176 70.19 -3.18 -34.18
N LEU D 177 69.37 -3.92 -33.47
CA LEU D 177 68.02 -3.47 -33.29
C LEU D 177 67.95 -2.09 -32.65
N THR D 178 68.84 -1.88 -31.70
CA THR D 178 68.94 -0.66 -30.93
C THR D 178 69.40 0.54 -31.74
N GLY D 179 70.52 0.41 -32.44
CA GLY D 179 70.92 1.58 -33.16
C GLY D 179 70.89 1.44 -34.65
N GLY D 180 70.24 0.42 -35.18
CA GLY D 180 70.26 0.31 -36.63
C GLY D 180 71.68 0.05 -37.16
N LEU D 181 71.94 0.47 -38.40
CA LEU D 181 73.25 0.31 -39.02
C LEU D 181 74.19 1.36 -38.49
N PRO D 182 75.38 0.90 -38.06
CA PRO D 182 76.42 1.73 -37.50
C PRO D 182 77.07 2.66 -38.51
N GLN D 183 77.79 3.59 -37.95
CA GLN D 183 78.53 4.60 -38.69
C GLN D 183 79.84 3.92 -39.08
N ALA D 184 80.27 4.05 -40.35
CA ALA D 184 81.51 3.39 -40.73
C ALA D 184 82.65 3.78 -39.75
N LYS D 185 83.39 2.79 -39.31
CA LYS D 185 84.45 3.04 -38.37
C LYS D 185 85.59 3.80 -39.00
N LYS D 186 86.43 4.28 -38.13
CA LYS D 186 87.61 4.97 -38.55
C LYS D 186 88.60 3.84 -38.82
N GLU D 187 89.52 4.10 -39.73
CA GLU D 187 90.54 3.14 -40.13
C GLU D 187 91.47 2.70 -39.01
N ASP D 188 91.61 3.55 -37.98
CA ASP D 188 92.45 3.21 -36.84
C ASP D 188 91.69 2.42 -35.80
N GLU D 189 90.41 2.22 -36.10
CA GLU D 189 89.53 1.47 -35.27
C GLU D 189 89.52 0.03 -35.68
N LEU D 190 90.32 -0.29 -36.73
CA LEU D 190 90.43 -1.62 -37.28
C LEU D 190 91.84 -2.19 -37.35
N PRO D 191 92.16 -3.03 -36.38
CA PRO D 191 93.46 -3.66 -36.29
C PRO D 191 93.90 -4.25 -37.62
N PHE D 192 93.02 -5.07 -38.12
CA PHE D 192 93.23 -5.82 -39.33
C PHE D 192 92.73 -5.21 -40.63
N HIS D 193 93.49 -5.48 -41.71
CA HIS D 193 93.23 -5.02 -43.09
C HIS D 193 93.10 -6.18 -44.05
N VAL D 194 91.87 -6.38 -44.54
CA VAL D 194 91.59 -7.47 -45.46
C VAL D 194 91.13 -6.95 -46.82
N VAL D 195 91.61 -7.63 -47.85
CA VAL D 195 91.27 -7.33 -49.20
C VAL D 195 90.24 -8.31 -49.65
N ALA D 196 89.12 -7.78 -50.11
CA ALA D 196 88.01 -8.61 -50.55
C ALA D 196 87.71 -8.48 -52.03
N TYR D 197 87.81 -9.61 -52.75
CA TYR D 197 87.54 -9.62 -54.17
C TYR D 197 86.01 -9.55 -54.29
N ASP D 198 85.53 -8.54 -55.01
CA ASP D 198 84.11 -8.32 -55.21
C ASP D 198 83.60 -9.09 -56.42
N PHE D 199 83.08 -10.28 -56.16
CA PHE D 199 82.54 -11.14 -57.19
C PHE D 199 81.02 -10.99 -57.22
N GLY D 200 80.59 -9.99 -56.48
CA GLY D 200 79.17 -9.66 -56.33
C GLY D 200 78.81 -9.87 -54.86
N ALA D 201 79.71 -9.36 -54.03
CA ALA D 201 79.66 -9.42 -52.58
C ALA D 201 78.43 -8.82 -51.89
N LYS D 202 77.96 -9.55 -50.85
CA LYS D 202 76.84 -9.17 -49.99
C LYS D 202 77.32 -8.23 -48.90
N ARG D 203 76.53 -7.23 -48.59
CA ARG D 203 76.94 -6.29 -47.59
C ARG D 203 77.18 -6.87 -46.21
N ASN D 204 76.39 -7.90 -45.85
CA ASN D 204 76.50 -8.56 -44.55
C ASN D 204 77.83 -9.22 -44.26
N ILE D 205 78.43 -9.70 -45.33
CA ILE D 205 79.71 -10.32 -45.21
C ILE D 205 80.72 -9.29 -44.78
N LEU D 206 80.64 -8.14 -45.42
CA LEU D 206 81.53 -7.02 -45.14
C LEU D 206 81.36 -6.47 -43.75
N ARG D 207 80.13 -6.27 -43.44
CA ARG D 207 79.81 -5.74 -42.13
C ARG D 207 80.30 -6.65 -41.03
N MET D 208 80.10 -7.95 -41.21
CA MET D 208 80.51 -8.91 -40.23
C MET D 208 82.00 -8.93 -40.03
N LEU D 209 82.74 -8.74 -41.13
CA LEU D 209 84.19 -8.72 -41.12
C LEU D 209 84.64 -7.48 -40.37
N VAL D 210 83.90 -6.42 -40.62
CA VAL D 210 84.16 -5.17 -39.96
C VAL D 210 83.95 -5.35 -38.44
N ASP D 211 82.95 -6.15 -38.08
CA ASP D 211 82.66 -6.41 -36.68
C ASP D 211 83.81 -7.16 -36.08
N ARG D 212 84.51 -7.91 -36.93
CA ARG D 212 85.64 -8.66 -36.47
C ARG D 212 87.00 -7.94 -36.45
N GLY D 213 87.04 -6.62 -36.77
CA GLY D 213 88.26 -5.81 -36.75
C GLY D 213 88.96 -5.65 -38.07
N CYS D 214 88.26 -5.99 -39.14
CA CYS D 214 88.86 -5.89 -40.44
C CYS D 214 88.49 -4.63 -41.17
N ARG D 215 89.49 -3.91 -41.61
CA ARG D 215 89.17 -2.77 -42.44
C ARG D 215 89.24 -3.38 -43.87
N LEU D 216 88.28 -3.07 -44.73
CA LEU D 216 88.30 -3.71 -46.04
C LEU D 216 88.63 -2.88 -47.23
N THR D 217 89.23 -3.57 -48.18
CA THR D 217 89.55 -3.00 -49.44
C THR D 217 88.91 -3.88 -50.50
N ILE D 218 87.80 -3.38 -51.01
CA ILE D 218 87.02 -4.10 -52.01
C ILE D 218 87.58 -3.88 -53.37
N VAL D 219 87.92 -4.96 -54.00
CA VAL D 219 88.51 -4.85 -55.30
C VAL D 219 87.70 -5.55 -56.36
N PRO D 220 87.77 -4.95 -57.54
CA PRO D 220 87.12 -5.48 -58.70
C PRO D 220 87.51 -6.93 -58.87
N ALA D 221 86.58 -7.70 -59.43
CA ALA D 221 86.75 -9.11 -59.65
C ALA D 221 88.01 -9.56 -60.39
N GLN D 222 88.46 -8.72 -61.33
CA GLN D 222 89.61 -9.03 -62.16
C GLN D 222 90.95 -8.54 -61.66
N THR D 223 91.01 -7.97 -60.46
CA THR D 223 92.25 -7.50 -59.93
C THR D 223 93.32 -8.57 -59.94
N SER D 224 94.55 -8.17 -60.23
CA SER D 224 95.68 -9.09 -60.29
C SER D 224 96.20 -9.34 -58.90
N ALA D 225 96.67 -10.58 -58.72
CA ALA D 225 97.23 -10.98 -57.47
C ALA D 225 98.33 -9.99 -57.08
N GLU D 226 99.08 -9.64 -58.11
CA GLU D 226 100.18 -8.71 -58.04
C GLU D 226 99.78 -7.36 -57.42
N ASP D 227 98.75 -6.79 -58.03
CA ASP D 227 98.27 -5.50 -57.58
C ASP D 227 97.88 -5.57 -56.13
N VAL D 228 97.26 -6.69 -55.79
CA VAL D 228 96.78 -6.98 -54.46
C VAL D 228 97.90 -7.00 -53.45
N LEU D 229 98.77 -7.98 -53.63
CA LEU D 229 99.95 -8.23 -52.82
C LEU D 229 100.67 -6.94 -52.47
N LYS D 230 100.61 -6.02 -53.43
CA LYS D 230 101.22 -4.71 -53.30
C LYS D 230 100.61 -3.98 -52.16
N MET D 231 99.45 -4.45 -51.78
CA MET D 231 98.75 -3.80 -50.70
C MET D 231 99.09 -4.32 -49.29
N ASN D 232 99.91 -5.37 -49.21
CA ASN D 232 100.28 -5.99 -47.95
C ASN D 232 99.05 -6.22 -47.11
N PRO D 233 98.24 -7.18 -47.57
CA PRO D 233 97.00 -7.53 -46.90
C PRO D 233 97.23 -8.50 -45.76
N ASP D 234 96.38 -8.35 -44.73
CA ASP D 234 96.48 -9.20 -43.58
C ASP D 234 95.77 -10.47 -43.86
N GLY D 235 94.85 -10.36 -44.80
CA GLY D 235 94.09 -11.51 -45.22
C GLY D 235 93.39 -11.17 -46.53
N ILE D 236 93.09 -12.22 -47.30
CA ILE D 236 92.39 -12.04 -48.58
C ILE D 236 91.02 -12.71 -48.61
N PHE D 237 90.05 -11.94 -48.99
CA PHE D 237 88.76 -12.55 -48.99
C PHE D 237 88.07 -12.61 -50.35
N LEU D 238 87.46 -13.77 -50.57
CA LEU D 238 86.73 -14.11 -51.81
C LEU D 238 85.20 -14.18 -51.69
N SER D 239 84.57 -13.14 -52.18
CA SER D 239 83.14 -13.04 -52.11
C SER D 239 82.29 -14.06 -52.88
N ASN D 240 81.00 -13.97 -52.57
CA ASN D 240 79.94 -14.78 -53.16
C ASN D 240 79.59 -14.02 -54.43
N GLY D 241 78.77 -14.63 -55.27
CA GLY D 241 78.34 -13.96 -56.48
C GLY D 241 77.59 -14.91 -57.41
N PRO D 242 77.00 -14.31 -58.45
CA PRO D 242 76.19 -15.02 -59.43
C PRO D 242 77.00 -15.73 -60.50
N GLY D 243 76.29 -16.53 -61.28
CA GLY D 243 76.82 -17.29 -62.39
C GLY D 243 77.72 -18.47 -62.06
N ASP D 244 78.42 -18.89 -63.09
CA ASP D 244 79.34 -20.02 -63.05
C ASP D 244 80.71 -19.47 -62.64
N PRO D 245 81.39 -20.14 -61.68
CA PRO D 245 82.69 -19.72 -61.22
C PRO D 245 83.79 -20.07 -62.21
N ALA D 246 83.66 -21.27 -62.78
CA ALA D 246 84.59 -21.86 -63.74
C ALA D 246 85.15 -20.96 -64.79
N PRO D 247 84.29 -20.25 -65.50
CA PRO D 247 84.71 -19.32 -66.54
C PRO D 247 85.53 -18.13 -66.03
N CYS D 248 85.64 -18.02 -64.72
CA CYS D 248 86.37 -16.88 -64.19
C CYS D 248 87.86 -17.09 -64.01
N ASP D 249 88.53 -17.28 -65.14
CA ASP D 249 89.94 -17.53 -65.25
C ASP D 249 90.86 -16.63 -64.44
N TYR D 250 90.54 -15.33 -64.51
CA TYR D 250 91.33 -14.34 -63.81
C TYR D 250 91.35 -14.52 -62.30
N ALA D 251 90.18 -14.88 -61.79
CA ALA D 251 90.05 -15.08 -60.39
C ALA D 251 90.88 -16.29 -60.00
N ILE D 252 90.66 -17.36 -60.75
CA ILE D 252 91.36 -18.59 -60.50
C ILE D 252 92.86 -18.37 -60.55
N THR D 253 93.26 -17.65 -61.56
CA THR D 253 94.65 -17.34 -61.77
C THR D 253 95.27 -16.61 -60.57
N ALA D 254 94.61 -15.53 -60.19
CA ALA D 254 95.05 -14.70 -59.08
C ALA D 254 95.11 -15.43 -57.75
N ILE D 255 94.13 -16.26 -57.54
CA ILE D 255 94.05 -17.00 -56.31
C ILE D 255 95.22 -17.95 -56.16
N GLN D 256 95.44 -18.67 -57.25
CA GLN D 256 96.50 -19.65 -57.34
C GLN D 256 97.79 -19.04 -56.87
N LYS D 257 97.88 -17.77 -57.23
CA LYS D 257 99.00 -16.93 -56.93
C LYS D 257 99.09 -16.72 -55.45
N PHE D 258 97.96 -16.39 -54.87
CA PHE D 258 97.91 -16.14 -53.44
C PHE D 258 98.30 -17.39 -52.64
N LEU D 259 98.07 -18.51 -53.30
CA LEU D 259 98.33 -19.81 -52.76
C LEU D 259 99.80 -20.21 -52.82
N GLU D 260 100.62 -19.27 -53.24
CA GLU D 260 102.03 -19.54 -53.33
C GLU D 260 102.64 -18.95 -52.08
N THR D 261 101.92 -17.92 -51.66
CA THR D 261 102.19 -17.10 -50.50
C THR D 261 101.58 -17.69 -49.25
N ASP D 262 101.98 -17.12 -48.13
CA ASP D 262 101.49 -17.60 -46.86
C ASP D 262 100.30 -16.81 -46.37
N ILE D 263 99.79 -15.94 -47.26
CA ILE D 263 98.62 -15.10 -46.97
C ILE D 263 97.36 -15.94 -46.72
N PRO D 264 96.63 -15.58 -45.67
CA PRO D 264 95.44 -16.30 -45.34
C PRO D 264 94.34 -15.96 -46.33
N VAL D 265 93.71 -17.03 -46.80
CA VAL D 265 92.64 -16.93 -47.77
C VAL D 265 91.33 -17.52 -47.32
N PHE D 266 90.28 -16.74 -47.53
CA PHE D 266 89.01 -17.29 -47.13
C PHE D 266 87.91 -17.06 -48.12
N GLY D 267 87.15 -18.12 -48.39
CA GLY D 267 86.11 -17.90 -49.35
C GLY D 267 84.73 -18.40 -48.97
N ILE D 268 83.73 -17.66 -49.46
CA ILE D 268 82.33 -17.96 -49.26
C ILE D 268 81.58 -18.11 -50.56
N CYS D 269 80.94 -19.27 -50.74
CA CYS D 269 80.12 -19.60 -51.89
C CYS D 269 80.91 -19.55 -53.23
N LEU D 270 80.69 -18.53 -54.11
CA LEU D 270 81.44 -18.43 -55.37
C LEU D 270 82.94 -18.47 -55.04
N GLY D 271 83.30 -17.73 -53.95
CA GLY D 271 84.67 -17.66 -53.39
C GLY D 271 85.20 -19.10 -53.10
N HIS D 272 84.36 -19.89 -52.48
CA HIS D 272 84.66 -21.27 -52.14
C HIS D 272 84.93 -22.08 -53.40
N GLN D 273 84.13 -21.84 -54.42
CA GLN D 273 84.29 -22.54 -55.66
C GLN D 273 85.58 -22.15 -56.37
N LEU D 274 85.82 -20.86 -56.43
CA LEU D 274 87.03 -20.37 -57.05
C LEU D 274 88.23 -21.00 -56.38
N LEU D 275 88.26 -20.89 -55.06
CA LEU D 275 89.29 -21.47 -54.26
C LEU D 275 89.43 -22.96 -54.62
N ALA D 276 88.33 -23.65 -54.80
CA ALA D 276 88.47 -25.06 -55.15
C ALA D 276 89.07 -25.20 -56.54
N LEU D 277 88.64 -24.37 -57.48
CA LEU D 277 89.15 -24.40 -58.84
C LEU D 277 90.65 -24.13 -58.86
N ALA D 278 91.04 -23.03 -58.26
CA ALA D 278 92.43 -22.64 -58.15
C ALA D 278 93.26 -23.75 -57.48
N SER D 279 92.59 -24.67 -56.83
CA SER D 279 93.28 -25.75 -56.14
C SER D 279 93.34 -27.07 -56.88
N GLY D 280 92.65 -27.14 -58.02
CA GLY D 280 92.66 -28.36 -58.79
C GLY D 280 91.36 -29.13 -58.82
N ALA D 281 90.37 -28.63 -58.09
CA ALA D 281 89.09 -29.30 -58.03
C ALA D 281 88.22 -28.89 -59.20
N LYS D 282 87.16 -29.63 -59.41
CA LYS D 282 86.27 -29.30 -60.50
C LYS D 282 84.93 -28.79 -59.97
N THR D 283 84.19 -28.03 -60.81
CA THR D 283 82.87 -27.51 -60.45
C THR D 283 81.81 -28.09 -61.37
N VAL D 284 80.61 -28.30 -60.82
CA VAL D 284 79.46 -28.83 -61.56
C VAL D 284 78.24 -27.98 -61.30
N LYS D 285 77.26 -28.11 -62.19
CA LYS D 285 76.01 -27.41 -62.05
C LYS D 285 75.00 -28.35 -61.41
N MET D 286 74.42 -27.86 -60.34
CA MET D 286 73.46 -28.66 -59.61
C MET D 286 72.14 -28.72 -60.31
N LYS D 287 71.44 -29.83 -60.13
CA LYS D 287 70.12 -30.04 -60.73
C LYS D 287 69.22 -28.83 -60.58
N PHE D 288 69.08 -28.42 -59.31
CA PHE D 288 68.29 -27.27 -58.91
C PHE D 288 68.95 -26.39 -57.84
N GLY D 289 70.09 -26.86 -57.31
CA GLY D 289 70.81 -26.10 -56.29
C GLY D 289 70.17 -26.14 -54.87
N HIS D 290 70.71 -25.30 -54.01
CA HIS D 290 70.27 -25.13 -52.63
C HIS D 290 69.92 -23.67 -52.44
N HIS D 291 68.64 -23.34 -52.18
CA HIS D 291 68.24 -21.94 -51.98
C HIS D 291 67.21 -21.95 -50.87
N GLY D 292 67.66 -21.59 -49.68
CA GLY D 292 66.78 -21.60 -48.54
C GLY D 292 67.56 -21.29 -47.28
N GLY D 293 66.89 -21.25 -46.15
CA GLY D 293 67.57 -20.96 -44.90
C GLY D 293 67.38 -22.00 -43.77
N ASN D 294 67.15 -23.28 -44.12
CA ASN D 294 66.95 -24.29 -43.10
C ASN D 294 67.81 -25.51 -43.40
N HIS D 295 68.87 -25.26 -44.17
CA HIS D 295 69.75 -26.29 -44.67
C HIS D 295 70.81 -26.78 -43.69
N PRO D 296 70.66 -28.04 -43.28
CA PRO D 296 71.58 -28.67 -42.34
C PRO D 296 72.92 -29.02 -42.99
N VAL D 297 73.97 -28.52 -42.40
CA VAL D 297 75.29 -28.77 -42.88
C VAL D 297 76.14 -29.26 -41.73
N LYS D 298 76.73 -30.42 -41.94
CA LYS D 298 77.57 -30.91 -40.89
C LYS D 298 79.05 -30.56 -41.00
N ASP D 299 79.59 -30.20 -39.85
CA ASP D 299 81.00 -29.96 -39.67
C ASP D 299 81.51 -31.37 -39.37
N VAL D 300 82.05 -32.00 -40.41
CA VAL D 300 82.53 -33.36 -40.34
C VAL D 300 83.58 -33.57 -39.25
N GLU D 301 84.41 -32.56 -39.04
CA GLU D 301 85.43 -32.61 -38.02
C GLU D 301 84.83 -32.64 -36.61
N LYS D 302 83.93 -31.72 -36.33
CA LYS D 302 83.35 -31.68 -35.00
C LYS D 302 82.08 -32.49 -34.87
N ASN D 303 81.55 -32.93 -35.99
CA ASN D 303 80.34 -33.71 -35.92
C ASN D 303 79.22 -32.91 -35.34
N VAL D 304 79.16 -31.69 -35.78
CA VAL D 304 78.13 -30.81 -35.34
C VAL D 304 77.39 -30.33 -36.54
N VAL D 305 76.11 -30.08 -36.32
CA VAL D 305 75.24 -29.63 -37.38
C VAL D 305 74.91 -28.15 -37.30
N MET D 306 74.90 -27.47 -38.44
CA MET D 306 74.53 -26.07 -38.47
C MET D 306 73.34 -25.94 -39.43
N ILE D 307 72.39 -25.06 -39.07
CA ILE D 307 71.22 -24.73 -39.90
C ILE D 307 71.74 -23.53 -40.69
N THR D 308 71.79 -23.69 -42.01
CA THR D 308 72.39 -22.65 -42.79
C THR D 308 71.54 -22.05 -43.86
N ALA D 309 72.00 -20.89 -44.31
CA ALA D 309 71.41 -20.13 -45.38
C ALA D 309 72.18 -20.54 -46.66
N GLN D 310 71.47 -21.00 -47.68
CA GLN D 310 72.11 -21.45 -48.90
C GLN D 310 71.61 -20.70 -50.09
N ASN D 311 72.51 -20.53 -51.04
CA ASN D 311 72.14 -19.88 -52.28
C ASN D 311 73.12 -20.23 -53.39
N HIS D 312 73.09 -21.48 -53.91
CA HIS D 312 74.05 -21.87 -54.95
C HIS D 312 73.48 -22.89 -55.91
N GLY D 313 73.91 -22.75 -57.17
CA GLY D 313 73.45 -23.62 -58.22
C GLY D 313 74.55 -24.50 -58.74
N PHE D 314 75.78 -24.18 -58.28
CA PHE D 314 76.99 -24.90 -58.65
C PHE D 314 77.62 -25.45 -57.40
N ALA D 315 78.37 -26.52 -57.56
CA ALA D 315 79.03 -27.11 -56.41
C ALA D 315 80.38 -27.71 -56.80
N VAL D 316 81.26 -27.86 -55.79
CA VAL D 316 82.56 -28.47 -56.00
C VAL D 316 82.35 -29.98 -55.93
N ASP D 317 82.85 -30.71 -56.93
CA ASP D 317 82.74 -32.15 -56.94
C ASP D 317 83.79 -32.64 -55.95
N GLU D 318 83.33 -33.44 -55.01
CA GLU D 318 84.14 -34.01 -53.95
C GLU D 318 85.10 -35.10 -54.44
N ALA D 319 84.68 -35.81 -55.47
CA ALA D 319 85.51 -36.86 -56.00
C ALA D 319 86.57 -36.42 -56.99
N THR D 320 86.89 -35.12 -56.98
CA THR D 320 87.87 -34.49 -57.84
C THR D 320 88.74 -33.57 -57.03
N LEU D 321 88.64 -33.74 -55.74
CA LEU D 321 89.39 -32.89 -54.84
C LEU D 321 90.85 -33.28 -54.65
N PRO D 322 91.73 -32.38 -55.00
CA PRO D 322 93.16 -32.58 -54.84
C PRO D 322 93.50 -33.01 -53.40
N ALA D 323 94.51 -33.86 -53.23
CA ALA D 323 94.79 -34.30 -51.87
C ALA D 323 95.11 -33.18 -50.89
N ASN D 324 95.37 -32.02 -51.43
CA ASN D 324 95.70 -30.86 -50.63
C ASN D 324 94.40 -30.20 -50.25
N LEU D 325 93.32 -30.87 -50.62
CA LEU D 325 92.03 -30.28 -50.30
C LEU D 325 91.23 -31.20 -49.40
N ARG D 326 91.13 -30.76 -48.11
CA ARG D 326 90.35 -31.59 -47.22
C ARG D 326 88.88 -31.10 -47.07
N VAL D 327 87.98 -32.07 -47.04
CA VAL D 327 86.57 -31.79 -46.87
C VAL D 327 86.31 -31.36 -45.45
N THR D 328 85.71 -30.20 -45.26
CA THR D 328 85.42 -29.75 -43.94
C THR D 328 83.95 -29.81 -43.55
N HIS D 329 83.04 -29.72 -44.51
CA HIS D 329 81.61 -29.74 -44.23
C HIS D 329 80.84 -30.37 -45.37
N LYS D 330 79.70 -30.93 -45.00
CA LYS D 330 78.88 -31.56 -46.02
C LYS D 330 77.42 -31.32 -45.77
N SER D 331 76.67 -31.31 -46.86
CA SER D 331 75.24 -31.12 -46.75
C SER D 331 74.62 -32.35 -46.19
N LEU D 332 73.77 -32.10 -45.20
CA LEU D 332 73.04 -33.15 -44.55
C LEU D 332 71.81 -33.43 -45.36
N PHE D 333 71.51 -32.53 -46.30
CA PHE D 333 70.36 -32.72 -47.14
C PHE D 333 70.69 -33.64 -48.29
N ASP D 334 71.83 -33.36 -48.92
CA ASP D 334 72.14 -34.18 -50.04
C ASP D 334 73.54 -34.80 -50.15
N GLY D 335 74.43 -34.60 -49.15
CA GLY D 335 75.79 -35.15 -49.18
C GLY D 335 76.77 -34.32 -50.03
N THR D 336 76.25 -33.28 -50.66
CA THR D 336 77.09 -32.42 -51.46
C THR D 336 78.09 -31.67 -50.59
N LEU D 337 79.20 -31.34 -51.23
CA LEU D 337 80.31 -30.67 -50.62
C LEU D 337 79.93 -29.29 -50.11
N GLN D 338 80.38 -28.94 -48.91
CA GLN D 338 80.01 -27.64 -48.40
C GLN D 338 81.15 -26.84 -47.81
N GLY D 339 82.23 -27.51 -47.52
CA GLY D 339 83.38 -26.81 -46.93
C GLY D 339 84.66 -27.56 -47.28
N ILE D 340 85.75 -26.82 -47.39
CA ILE D 340 87.04 -27.38 -47.70
C ILE D 340 88.16 -26.60 -47.03
N HIS D 341 89.27 -27.30 -46.82
CA HIS D 341 90.42 -26.67 -46.24
C HIS D 341 91.72 -27.17 -46.85
N ARG D 342 92.60 -26.21 -47.18
CA ARG D 342 93.90 -26.49 -47.76
C ARG D 342 94.75 -27.07 -46.67
N THR D 343 95.15 -28.30 -46.91
CA THR D 343 95.96 -29.04 -45.99
C THR D 343 97.34 -28.45 -45.85
N ASP D 344 97.77 -27.79 -46.93
CA ASP D 344 99.09 -27.18 -47.03
C ASP D 344 99.13 -25.67 -46.94
N LYS D 345 97.96 -25.02 -46.98
CA LYS D 345 97.96 -23.57 -46.93
C LYS D 345 96.92 -23.02 -45.97
N PRO D 346 97.14 -21.75 -45.56
CA PRO D 346 96.23 -21.04 -44.66
C PRO D 346 94.96 -20.67 -45.44
N ALA D 347 94.36 -21.64 -46.15
CA ALA D 347 93.21 -21.31 -46.96
C ALA D 347 92.10 -22.33 -46.86
N PHE D 348 90.90 -21.77 -46.69
CA PHE D 348 89.66 -22.53 -46.53
C PHE D 348 88.45 -21.73 -47.01
N SER D 349 87.38 -22.47 -47.28
CA SER D 349 86.17 -21.81 -47.77
C SER D 349 84.89 -22.55 -47.39
N PHE D 350 83.76 -21.89 -47.65
CA PHE D 350 82.47 -22.45 -47.31
C PHE D 350 81.44 -22.16 -48.39
N GLN D 351 80.66 -23.20 -48.75
CA GLN D 351 79.62 -23.17 -49.76
C GLN D 351 78.40 -22.32 -49.33
N GLY D 352 78.07 -22.40 -48.06
CA GLY D 352 76.94 -21.61 -47.56
C GLY D 352 77.28 -20.16 -47.24
N HIS D 353 76.34 -19.47 -46.61
CA HIS D 353 76.49 -18.06 -46.28
C HIS D 353 76.62 -17.80 -44.78
N PRO D 354 77.83 -17.87 -44.27
CA PRO D 354 78.05 -17.67 -42.86
C PRO D 354 77.49 -16.36 -42.31
N GLU D 355 77.42 -15.40 -43.19
CA GLU D 355 76.92 -14.09 -42.85
C GLU D 355 75.40 -14.06 -42.90
N ALA D 356 74.78 -15.20 -43.25
CA ALA D 356 73.35 -15.34 -43.37
C ALA D 356 72.76 -14.12 -44.08
N SER D 357 71.79 -13.48 -43.47
CA SER D 357 71.18 -12.27 -44.05
C SER D 357 70.51 -12.51 -45.42
N PRO D 358 69.36 -13.14 -45.42
CA PRO D 358 68.65 -13.60 -44.24
C PRO D 358 69.03 -15.03 -43.89
N GLY D 359 68.63 -15.43 -42.69
CA GLY D 359 68.86 -16.77 -42.20
C GLY D 359 69.53 -16.88 -40.84
N PRO D 360 69.69 -18.16 -40.43
CA PRO D 360 70.31 -18.51 -39.17
C PRO D 360 71.76 -18.13 -39.06
N HIS D 361 72.11 -17.78 -37.82
CA HIS D 361 73.45 -17.35 -37.48
C HIS D 361 74.39 -18.53 -37.22
N ASP D 362 73.89 -19.73 -37.43
CA ASP D 362 74.67 -20.89 -37.15
C ASP D 362 76.06 -20.99 -37.71
N ALA D 363 76.26 -20.46 -38.92
CA ALA D 363 77.55 -20.55 -39.59
C ALA D 363 78.52 -19.42 -39.43
N ALA D 364 78.18 -18.48 -38.59
CA ALA D 364 79.07 -17.37 -38.39
C ALA D 364 80.49 -17.64 -37.85
N PRO D 365 80.68 -18.69 -37.07
CA PRO D 365 82.00 -19.00 -36.53
C PRO D 365 83.07 -19.25 -37.58
N LEU D 366 82.59 -19.52 -38.76
CA LEU D 366 83.45 -19.76 -39.86
C LEU D 366 84.39 -18.55 -40.06
N PHE D 367 83.87 -17.39 -39.70
CA PHE D 367 84.61 -16.17 -39.83
C PHE D 367 85.80 -16.07 -38.89
N ASP D 368 85.61 -16.66 -37.74
CA ASP D 368 86.59 -16.65 -36.68
C ASP D 368 87.86 -17.43 -36.98
N HIS D 369 87.72 -18.49 -37.79
CA HIS D 369 88.88 -19.26 -38.16
C HIS D 369 89.74 -18.36 -39.05
N PHE D 370 89.02 -17.61 -39.84
CA PHE D 370 89.67 -16.70 -40.75
C PHE D 370 90.47 -15.65 -40.00
N ILE D 371 89.87 -15.16 -38.91
CA ILE D 371 90.51 -14.17 -38.08
C ILE D 371 91.71 -14.72 -37.36
N GLU D 372 91.61 -15.99 -37.02
CA GLU D 372 92.63 -16.78 -36.35
C GLU D 372 93.91 -16.74 -37.20
N LEU D 373 93.73 -17.16 -38.46
CA LEU D 373 94.73 -17.25 -39.51
C LEU D 373 95.50 -15.95 -39.66
N ILE D 374 94.68 -14.90 -39.68
CA ILE D 374 95.09 -13.54 -39.82
C ILE D 374 96.01 -13.12 -38.71
N GLU D 375 95.53 -13.36 -37.51
CA GLU D 375 96.24 -13.02 -36.32
C GLU D 375 97.61 -13.67 -36.25
N GLN D 376 97.63 -14.94 -36.65
CA GLN D 376 98.80 -15.80 -36.67
C GLN D 376 99.79 -15.41 -37.74
N TYR D 377 99.27 -14.95 -38.87
CA TYR D 377 100.09 -14.53 -39.99
C TYR D 377 100.83 -13.26 -39.64
N ARG D 378 100.18 -12.47 -38.80
CA ARG D 378 100.81 -11.22 -38.38
C ARG D 378 101.87 -11.51 -37.35
N LYS D 379 101.67 -12.60 -36.60
CA LYS D 379 102.63 -12.99 -35.61
C LYS D 379 103.93 -13.24 -36.39
N THR D 380 103.75 -13.82 -37.57
CA THR D 380 104.84 -14.14 -38.48
C THR D 380 104.98 -13.08 -39.58
N MET E 1 -12.67 -43.79 79.02
CA MET E 1 -13.36 -42.50 78.92
C MET E 1 -12.37 -41.30 78.94
N PRO E 2 -11.43 -41.34 79.92
CA PRO E 2 -10.38 -40.32 80.10
C PRO E 2 -9.28 -40.47 79.02
N LYS E 3 -8.13 -39.84 79.24
CA LYS E 3 -7.06 -39.99 78.25
C LYS E 3 -6.54 -41.44 78.15
N ARG E 4 -6.36 -41.91 76.89
CA ARG E 4 -5.89 -43.27 76.54
C ARG E 4 -4.61 -43.61 77.26
N THR E 5 -4.45 -44.88 77.56
CA THR E 5 -3.21 -45.10 78.26
C THR E 5 -1.98 -45.50 77.45
N ASP E 6 -2.27 -46.24 76.39
CA ASP E 6 -1.33 -46.79 75.40
C ASP E 6 -0.58 -45.77 74.51
N ILE E 7 -1.10 -44.59 74.41
CA ILE E 7 -0.49 -43.60 73.58
C ILE E 7 0.32 -42.59 74.34
N LYS E 8 1.62 -42.58 74.10
CA LYS E 8 2.44 -41.61 74.80
C LYS E 8 2.94 -40.50 73.89
N SER E 9 3.42 -40.85 72.71
CA SER E 9 3.92 -39.87 71.79
C SER E 9 2.92 -39.71 70.64
N ILE E 10 2.76 -38.49 70.12
CA ILE E 10 1.86 -38.29 68.99
C ILE E 10 2.54 -37.57 67.83
N LEU E 11 2.30 -38.01 66.61
CA LEU E 11 2.90 -37.34 65.46
C LEU E 11 1.83 -36.57 64.75
N ILE E 12 2.07 -35.27 64.61
CA ILE E 12 1.09 -34.42 63.96
C ILE E 12 1.61 -33.99 62.61
N LEU E 13 0.93 -34.43 61.53
CA LEU E 13 1.29 -34.10 60.15
C LEU E 13 0.91 -32.64 59.78
N GLY E 14 1.89 -31.75 59.59
CA GLY E 14 1.57 -30.38 59.26
C GLY E 14 1.01 -30.23 57.85
N ALA E 15 0.51 -29.02 57.52
CA ALA E 15 -0.05 -28.73 56.18
C ALA E 15 1.01 -28.37 55.10
N GLY E 16 2.19 -27.92 55.50
CA GLY E 16 3.21 -27.51 54.56
C GLY E 16 2.98 -26.05 54.13
N PRO E 17 3.62 -25.65 53.04
CA PRO E 17 3.52 -24.31 52.47
C PRO E 17 2.09 -23.87 52.14
N ILE E 18 1.83 -22.58 52.38
CA ILE E 18 0.55 -21.93 52.16
C ILE E 18 0.22 -21.85 50.65
N VAL E 19 -0.96 -22.28 50.25
CA VAL E 19 -1.36 -22.21 48.87
C VAL E 19 -2.82 -21.79 48.82
N ILE E 20 -3.30 -21.36 47.66
CA ILE E 20 -4.71 -20.99 47.55
C ILE E 20 -5.51 -22.23 47.92
N GLY E 21 -6.45 -22.11 48.85
CA GLY E 21 -7.24 -23.25 49.24
C GLY E 21 -6.68 -24.08 50.41
N GLN E 22 -5.46 -23.78 50.87
CA GLN E 22 -4.79 -24.47 51.96
C GLN E 22 -3.84 -23.53 52.59
N ALA E 23 -4.48 -22.66 53.38
CA ALA E 23 -3.82 -21.58 54.02
C ALA E 23 -3.49 -21.61 55.50
N CYS E 24 -3.49 -20.41 56.10
CA CYS E 24 -3.16 -20.17 57.49
C CYS E 24 -3.99 -20.91 58.49
N GLU E 25 -5.16 -21.31 58.07
CA GLU E 25 -6.05 -22.04 58.93
C GLU E 25 -5.37 -23.28 59.54
N PHE E 26 -4.36 -23.81 58.84
CA PHE E 26 -3.63 -25.00 59.30
C PHE E 26 -2.53 -24.77 60.31
N ASP E 27 -2.08 -23.54 60.41
CA ASP E 27 -1.09 -23.22 61.40
C ASP E 27 -1.90 -23.03 62.68
N TYR E 28 -3.04 -22.35 62.51
CA TYR E 28 -3.98 -22.08 63.57
C TYR E 28 -4.40 -23.40 64.19
N SER E 29 -4.95 -24.28 63.38
CA SER E 29 -5.36 -25.60 63.86
C SER E 29 -4.19 -26.42 64.38
N GLY E 30 -3.13 -26.44 63.61
CA GLY E 30 -1.93 -27.19 63.95
C GLY E 30 -1.33 -26.80 65.30
N ALA E 31 -1.31 -25.51 65.56
CA ALA E 31 -0.74 -24.98 66.79
C ALA E 31 -1.64 -25.33 67.97
N GLN E 32 -2.94 -25.29 67.70
CA GLN E 32 -3.96 -25.61 68.71
C GLN E 32 -3.86 -27.05 69.14
N ALA E 33 -3.62 -27.91 68.15
CA ALA E 33 -3.48 -29.34 68.37
C ALA E 33 -2.22 -29.64 69.19
N CYS E 34 -1.15 -28.91 68.91
CA CYS E 34 0.10 -29.14 69.64
C CYS E 34 -0.09 -28.72 71.07
N LYS E 35 -0.69 -27.56 71.18
CA LYS E 35 -0.95 -26.95 72.46
C LYS E 35 -1.82 -27.79 73.36
N ALA E 36 -2.89 -28.33 72.80
CA ALA E 36 -3.81 -29.17 73.50
C ALA E 36 -3.14 -30.43 74.00
N LEU E 37 -2.39 -31.14 73.13
CA LEU E 37 -1.69 -32.41 73.44
C LEU E 37 -0.55 -32.25 74.41
N ARG E 38 0.10 -31.13 74.31
CA ARG E 38 1.22 -30.87 75.17
C ARG E 38 0.71 -30.61 76.57
N GLU E 39 -0.29 -29.76 76.57
CA GLU E 39 -1.02 -29.32 77.76
C GLU E 39 -1.37 -30.52 78.59
N GLU E 40 -1.89 -31.53 77.90
CA GLU E 40 -2.35 -32.79 78.46
C GLU E 40 -1.30 -33.84 78.71
N GLY E 41 -0.04 -33.42 78.66
CA GLY E 41 1.10 -34.26 78.92
C GLY E 41 1.55 -35.24 77.87
N TYR E 42 1.13 -35.06 76.62
CA TYR E 42 1.57 -35.98 75.61
C TYR E 42 2.89 -35.53 75.03
N ARG E 43 3.60 -36.46 74.39
CA ARG E 43 4.86 -36.10 73.76
C ARG E 43 4.50 -35.78 72.30
N VAL E 44 4.70 -34.52 71.94
CA VAL E 44 4.36 -34.05 70.59
C VAL E 44 5.52 -33.90 69.61
N ILE E 45 5.26 -34.54 68.48
CA ILE E 45 6.11 -34.57 67.32
C ILE E 45 5.34 -34.05 66.12
N ASN E 46 5.93 -33.12 65.38
CA ASN E 46 5.22 -32.66 64.20
C ASN E 46 6.14 -32.34 63.06
N VAL E 47 5.57 -32.44 61.86
CA VAL E 47 6.30 -32.12 60.66
C VAL E 47 5.54 -31.07 59.83
N ASN E 48 6.27 -30.04 59.41
CA ASN E 48 5.73 -28.96 58.61
C ASN E 48 6.86 -28.22 57.91
N SER E 49 6.87 -28.24 56.56
CA SER E 49 7.89 -27.59 55.75
C SER E 49 7.82 -26.09 55.77
N ASN E 50 6.65 -25.59 56.15
CA ASN E 50 6.43 -24.17 56.24
C ASN E 50 7.03 -23.61 57.54
N PRO E 51 8.06 -22.76 57.38
CA PRO E 51 8.78 -22.18 58.51
C PRO E 51 8.09 -21.03 59.21
N ALA E 52 7.20 -20.37 58.47
CA ALA E 52 6.46 -19.21 58.91
C ALA E 52 5.23 -19.62 59.67
N THR E 53 5.40 -20.64 60.53
CA THR E 53 4.35 -21.20 61.35
C THR E 53 4.69 -21.24 62.81
N ILE E 54 3.72 -20.84 63.60
CA ILE E 54 3.87 -20.84 65.03
C ILE E 54 4.00 -22.26 65.51
N MET E 55 3.32 -23.14 64.80
CA MET E 55 3.30 -24.53 65.10
C MET E 55 4.67 -25.15 65.05
N THR E 56 5.62 -24.46 64.37
CA THR E 56 7.01 -24.92 64.25
C THR E 56 7.95 -24.29 65.26
N ASP E 57 7.41 -23.50 66.20
CA ASP E 57 8.27 -22.92 67.23
C ASP E 57 8.62 -24.08 68.16
N PRO E 58 9.91 -24.22 68.36
CA PRO E 58 10.56 -25.24 69.13
C PRO E 58 9.98 -25.46 70.52
N GLU E 59 9.47 -24.38 71.12
CA GLU E 59 8.85 -24.39 72.43
C GLU E 59 7.42 -24.91 72.41
N MET E 60 6.86 -25.10 71.21
CA MET E 60 5.51 -25.58 71.05
C MET E 60 5.36 -27.09 70.96
N ALA E 61 6.50 -27.78 70.79
CA ALA E 61 6.49 -29.24 70.67
C ALA E 61 7.77 -29.80 71.19
N ASP E 62 7.81 -31.12 71.29
CA ASP E 62 8.95 -31.83 71.79
C ASP E 62 9.92 -32.08 70.64
N ALA E 63 9.36 -32.41 69.49
CA ALA E 63 10.14 -32.66 68.29
C ALA E 63 9.46 -32.08 67.06
N THR E 64 10.03 -30.97 66.65
CA THR E 64 9.56 -30.22 65.49
C THR E 64 10.39 -30.50 64.26
N TYR E 65 9.74 -30.93 63.18
CA TYR E 65 10.52 -31.19 61.99
C TYR E 65 10.08 -30.33 60.79
N ILE E 66 10.96 -29.41 60.38
CA ILE E 66 10.75 -28.56 59.20
C ILE E 66 11.50 -29.27 58.08
N GLU E 67 10.81 -30.22 57.50
CA GLU E 67 11.32 -31.08 56.47
C GLU E 67 10.19 -31.28 55.48
N PRO E 68 10.57 -31.64 54.25
CA PRO E 68 9.64 -31.88 53.14
C PRO E 68 8.59 -32.92 53.46
N ILE E 69 7.35 -32.51 53.21
CA ILE E 69 6.20 -33.33 53.45
C ILE E 69 6.02 -34.44 52.41
N HIS E 70 6.98 -35.37 52.43
CA HIS E 70 7.01 -36.54 51.58
C HIS E 70 7.07 -37.80 52.46
N TRP E 71 6.30 -38.80 52.10
CA TRP E 71 6.22 -40.00 52.90
C TRP E 71 7.57 -40.61 53.30
N GLU E 72 8.51 -40.59 52.37
CA GLU E 72 9.81 -41.14 52.66
C GLU E 72 10.52 -40.34 53.72
N VAL E 73 10.25 -39.04 53.72
CA VAL E 73 10.86 -38.19 54.70
C VAL E 73 10.14 -38.38 56.04
N VAL E 74 8.82 -38.54 55.98
CA VAL E 74 8.06 -38.73 57.16
C VAL E 74 8.43 -40.05 57.82
N ARG E 75 8.63 -41.07 56.97
CA ARG E 75 9.02 -42.37 57.49
C ARG E 75 10.27 -42.29 58.36
N LYS E 76 11.23 -41.56 57.84
CA LYS E 76 12.45 -41.31 58.51
C LYS E 76 12.21 -40.70 59.85
N ILE E 77 11.22 -39.85 59.91
CA ILE E 77 10.84 -39.18 61.16
C ILE E 77 10.19 -40.15 62.18
N ILE E 78 9.43 -41.10 61.66
CA ILE E 78 8.75 -42.09 62.41
C ILE E 78 9.72 -43.05 63.02
N GLU E 79 10.65 -43.47 62.21
CA GLU E 79 11.67 -44.41 62.60
C GLU E 79 12.44 -43.86 63.75
N LYS E 80 12.65 -42.62 63.61
CA LYS E 80 13.44 -41.90 64.56
C LYS E 80 12.78 -41.46 65.81
N GLU E 81 11.56 -41.07 65.67
CA GLU E 81 10.86 -40.58 66.80
C GLU E 81 9.97 -41.63 67.44
N ARG E 82 9.68 -42.70 66.70
CA ARG E 82 8.86 -43.80 67.20
C ARG E 82 7.56 -43.37 67.93
N PRO E 83 6.79 -42.58 67.21
CA PRO E 83 5.52 -42.07 67.69
C PRO E 83 4.49 -43.18 67.88
N ASP E 84 3.69 -43.12 68.94
CA ASP E 84 2.69 -44.19 69.10
C ASP E 84 1.58 -44.03 68.13
N ALA E 85 1.27 -42.77 67.84
CA ALA E 85 0.17 -42.44 66.95
C ALA E 85 0.42 -41.25 66.06
N VAL E 86 -0.42 -41.20 65.02
CA VAL E 86 -0.40 -40.11 64.03
C VAL E 86 -1.75 -39.46 63.89
N LEU E 87 -1.76 -38.13 64.04
CA LEU E 87 -2.97 -37.34 63.89
C LEU E 87 -2.80 -36.72 62.54
N PRO E 88 -3.65 -37.08 61.65
CA PRO E 88 -3.53 -36.58 60.32
C PRO E 88 -4.67 -35.66 59.95
N THR E 89 -5.44 -35.19 60.91
CA THR E 89 -6.55 -34.36 60.53
C THR E 89 -6.30 -32.86 60.67
N MET E 90 -5.11 -32.46 61.11
CA MET E 90 -4.83 -31.06 61.31
C MET E 90 -4.03 -30.32 60.24
N GLY E 91 -3.78 -30.94 59.09
CA GLY E 91 -2.98 -30.28 58.07
C GLY E 91 -3.53 -30.36 56.62
N GLY E 92 -4.82 -29.97 56.47
CA GLY E 92 -5.49 -29.94 55.20
C GLY E 92 -5.43 -31.26 54.48
N GLN E 93 -5.44 -31.15 53.18
CA GLN E 93 -5.38 -32.27 52.28
C GLN E 93 -3.96 -32.86 52.24
N THR E 94 -2.96 -32.07 52.56
CA THR E 94 -1.62 -32.58 52.54
C THR E 94 -1.47 -33.64 53.63
N ALA E 95 -2.11 -33.39 54.76
CA ALA E 95 -1.99 -34.37 55.82
C ALA E 95 -2.73 -35.64 55.53
N LEU E 96 -3.95 -35.50 55.05
CA LEU E 96 -4.73 -36.67 54.71
C LEU E 96 -4.08 -37.58 53.70
N ASN E 97 -3.50 -36.94 52.71
CA ASN E 97 -2.92 -37.62 51.60
C ASN E 97 -1.71 -38.45 52.00
N CYS E 98 -0.88 -37.83 52.82
CA CYS E 98 0.37 -38.36 53.34
C CYS E 98 0.13 -39.54 54.26
N ALA E 99 -0.81 -39.33 55.16
CA ALA E 99 -1.14 -40.35 56.08
C ALA E 99 -1.58 -41.57 55.27
N LEU E 100 -2.45 -41.35 54.32
CA LEU E 100 -2.89 -42.48 53.52
C LEU E 100 -1.78 -43.18 52.75
N GLU E 101 -0.81 -42.42 52.42
CA GLU E 101 0.30 -42.94 51.71
C GLU E 101 1.21 -43.70 52.66
N LEU E 102 1.44 -43.16 53.84
CA LEU E 102 2.27 -43.86 54.78
C LEU E 102 1.72 -45.25 55.06
N GLU E 103 0.41 -45.28 55.11
CA GLU E 103 -0.38 -46.46 55.38
C GLU E 103 -0.16 -47.47 54.29
N ARG E 104 -0.54 -47.02 53.12
CA ARG E 104 -0.46 -47.78 51.90
C ARG E 104 0.93 -48.33 51.66
N GLN E 105 1.93 -47.64 52.14
CA GLN E 105 3.31 -48.07 52.02
C GLN E 105 3.76 -48.95 53.18
N GLY E 106 2.88 -49.17 54.16
CA GLY E 106 3.19 -50.01 55.29
C GLY E 106 4.06 -49.38 56.31
N VAL E 107 4.27 -48.07 56.18
CA VAL E 107 5.09 -47.36 57.12
C VAL E 107 4.51 -47.40 58.52
N LEU E 108 3.17 -47.33 58.60
CA LEU E 108 2.47 -47.34 59.87
C LEU E 108 2.60 -48.69 60.55
N GLU E 109 2.29 -49.72 59.78
CA GLU E 109 2.39 -51.07 60.26
C GLU E 109 3.81 -51.31 60.73
N GLU E 110 4.70 -50.90 59.86
CA GLU E 110 6.09 -51.06 60.10
C GLU E 110 6.52 -50.49 61.43
N PHE E 111 5.95 -49.39 61.86
CA PHE E 111 6.40 -48.88 63.14
C PHE E 111 5.31 -48.82 64.19
N GLY E 112 4.24 -49.56 63.94
CA GLY E 112 3.12 -49.65 64.85
C GLY E 112 2.61 -48.30 65.22
N VAL E 113 2.36 -47.49 64.20
CA VAL E 113 1.84 -46.16 64.46
C VAL E 113 0.31 -46.17 64.39
N THR E 114 -0.29 -45.72 65.46
CA THR E 114 -1.72 -45.69 65.44
C THR E 114 -2.30 -44.36 64.92
N MET E 115 -3.15 -44.51 63.90
CA MET E 115 -3.82 -43.39 63.31
C MET E 115 -5.04 -43.00 64.14
N ILE E 116 -4.94 -41.85 64.78
CA ILE E 116 -6.00 -41.34 65.62
C ILE E 116 -6.72 -40.14 65.01
N GLY E 117 -7.84 -39.72 65.58
CA GLY E 117 -8.60 -38.60 65.05
C GLY E 117 -9.62 -39.09 64.00
N ALA E 118 -9.06 -39.66 62.94
CA ALA E 118 -9.84 -40.24 61.84
C ALA E 118 -9.09 -41.42 61.29
N THR E 119 -9.77 -42.54 61.05
CA THR E 119 -9.09 -43.72 60.53
C THR E 119 -8.84 -43.64 59.05
N ALA E 120 -7.91 -44.44 58.55
CA ALA E 120 -7.61 -44.43 57.14
C ALA E 120 -8.84 -44.73 56.33
N ASP E 121 -9.62 -45.69 56.77
CA ASP E 121 -10.81 -46.01 56.01
C ASP E 121 -11.84 -44.88 56.07
N ALA E 122 -11.86 -44.20 57.18
CA ALA E 122 -12.85 -43.17 57.26
C ALA E 122 -12.42 -42.07 56.34
N ILE E 123 -11.13 -41.73 56.35
CA ILE E 123 -10.63 -40.68 55.50
C ILE E 123 -10.96 -41.04 54.08
N ASP E 124 -10.72 -42.28 53.74
CA ASP E 124 -11.01 -42.71 52.41
C ASP E 124 -12.49 -42.78 52.11
N LYS E 125 -13.28 -43.12 53.09
CA LYS E 125 -14.71 -43.22 52.81
C LYS E 125 -15.31 -41.87 52.36
N ALA E 126 -14.71 -40.78 52.87
CA ALA E 126 -15.13 -39.40 52.58
C ALA E 126 -14.43 -38.75 51.41
N GLU E 127 -13.16 -39.06 51.29
CA GLU E 127 -12.33 -38.50 50.26
C GLU E 127 -12.53 -39.19 48.91
N ASP E 128 -12.94 -40.47 48.91
CA ASP E 128 -13.23 -41.22 47.68
C ASP E 128 -14.68 -40.85 47.35
N ARG E 129 -14.87 -40.02 46.35
CA ARG E 129 -16.20 -39.57 46.00
C ARG E 129 -17.17 -40.67 45.70
N ARG E 130 -16.62 -41.80 45.26
CA ARG E 130 -17.41 -42.94 44.93
C ARG E 130 -17.99 -43.50 46.22
N ARG E 131 -17.11 -43.75 47.19
CA ARG E 131 -17.48 -44.27 48.51
C ARG E 131 -18.51 -43.36 49.19
N PHE E 132 -18.22 -42.05 49.17
CA PHE E 132 -19.13 -41.09 49.74
C PHE E 132 -20.51 -41.24 49.12
N ASP E 133 -20.59 -41.39 47.81
CA ASP E 133 -21.90 -41.53 47.22
C ASP E 133 -22.72 -42.72 47.72
N VAL E 134 -22.05 -43.85 47.85
CA VAL E 134 -22.69 -45.04 48.35
C VAL E 134 -23.21 -44.81 49.75
N ALA E 135 -22.32 -44.26 50.54
CA ALA E 135 -22.63 -44.02 51.91
C ALA E 135 -23.87 -43.20 52.08
N MET E 136 -24.03 -42.25 51.19
CA MET E 136 -25.19 -41.39 51.30
C MET E 136 -26.40 -42.17 50.95
N LYS E 137 -26.20 -43.05 50.02
CA LYS E 137 -27.28 -43.88 49.61
C LYS E 137 -27.63 -44.84 50.73
N LYS E 138 -26.61 -45.34 51.38
CA LYS E 138 -26.84 -46.23 52.47
C LYS E 138 -27.68 -45.56 53.51
N ILE E 139 -27.30 -44.35 53.91
CA ILE E 139 -28.08 -43.67 54.94
C ILE E 139 -29.33 -42.90 54.51
N GLY E 140 -29.74 -43.03 53.26
CA GLY E 140 -30.95 -42.34 52.89
C GLY E 140 -30.86 -40.84 52.62
N LEU E 141 -29.64 -40.32 52.45
CA LEU E 141 -29.49 -38.89 52.14
C LEU E 141 -29.34 -38.72 50.65
N GLU E 142 -29.93 -37.69 50.16
CA GLU E 142 -29.87 -37.45 48.74
C GLU E 142 -28.63 -36.77 48.19
N THR E 143 -28.21 -37.22 47.02
CA THR E 143 -27.05 -36.60 46.37
C THR E 143 -27.39 -36.33 44.93
N ALA E 144 -26.72 -35.34 44.34
CA ALA E 144 -26.98 -35.03 42.95
C ALA E 144 -26.72 -36.22 42.00
N ARG E 145 -27.33 -36.14 40.84
CA ARG E 145 -27.12 -37.19 39.87
C ARG E 145 -25.70 -37.07 39.39
N SER E 146 -24.99 -38.19 39.51
CA SER E 146 -23.60 -38.20 39.17
C SER E 146 -23.09 -39.48 38.49
N GLY E 147 -21.82 -39.45 38.15
CA GLY E 147 -21.16 -40.55 37.53
C GLY E 147 -19.67 -40.50 37.83
N ILE E 148 -19.11 -41.65 38.19
CA ILE E 148 -17.69 -41.74 38.48
C ILE E 148 -16.88 -41.85 37.19
N ALA E 149 -15.72 -41.21 37.17
CA ALA E 149 -14.89 -41.26 36.00
C ALA E 149 -13.44 -41.52 36.33
N HIS E 150 -12.83 -42.46 35.59
CA HIS E 150 -11.45 -42.85 35.80
C HIS E 150 -10.64 -42.58 34.53
N THR E 151 -11.37 -42.24 33.48
CA THR E 151 -10.79 -41.93 32.19
C THR E 151 -11.69 -40.94 31.48
N MET E 152 -11.11 -40.25 30.50
CA MET E 152 -11.83 -39.28 29.71
C MET E 152 -13.03 -39.86 28.98
N GLU E 153 -12.88 -41.11 28.59
CA GLU E 153 -13.97 -41.75 27.92
C GLU E 153 -15.11 -41.93 28.90
N GLU E 154 -14.79 -42.53 30.06
CA GLU E 154 -15.79 -42.73 31.08
C GLU E 154 -16.40 -41.34 31.39
N ALA E 155 -15.52 -40.34 31.55
CA ALA E 155 -15.92 -38.98 31.84
C ALA E 155 -16.94 -38.49 30.85
N LEU E 156 -16.59 -38.67 29.58
CA LEU E 156 -17.51 -38.25 28.52
C LEU E 156 -18.91 -38.81 28.61
N ALA E 157 -18.97 -40.10 28.86
CA ALA E 157 -20.25 -40.75 28.97
C ALA E 157 -21.10 -40.18 30.12
N VAL E 158 -20.47 -39.75 31.22
CA VAL E 158 -21.22 -39.19 32.36
C VAL E 158 -21.90 -37.92 31.97
N ALA E 159 -21.12 -37.09 31.29
CA ALA E 159 -21.54 -35.79 30.79
C ALA E 159 -22.75 -35.90 29.88
N ALA E 160 -22.78 -36.95 29.10
CA ALA E 160 -23.89 -37.17 28.23
C ALA E 160 -25.12 -37.57 29.06
N ASP E 161 -24.84 -38.22 30.18
CA ASP E 161 -25.86 -38.67 31.10
C ASP E 161 -26.49 -37.55 31.91
N VAL E 162 -25.62 -36.69 32.46
CA VAL E 162 -26.03 -35.55 33.28
C VAL E 162 -26.20 -34.25 32.48
N GLY E 163 -25.54 -34.20 31.34
CA GLY E 163 -25.59 -33.05 30.48
C GLY E 163 -24.92 -31.82 31.09
N PHE E 164 -24.88 -30.74 30.28
CA PHE E 164 -24.32 -29.44 30.64
C PHE E 164 -25.36 -28.42 31.13
N PRO E 165 -24.95 -27.62 32.09
CA PRO E 165 -23.61 -27.69 32.64
C PRO E 165 -23.47 -28.80 33.67
N CYS E 166 -22.22 -29.20 33.95
CA CYS E 166 -22.00 -30.24 34.94
C CYS E 166 -20.83 -29.86 35.86
N ILE E 167 -20.78 -30.44 37.04
CA ILE E 167 -19.71 -30.10 37.94
C ILE E 167 -18.74 -31.23 37.97
N ILE E 168 -17.48 -30.90 38.10
CA ILE E 168 -16.50 -31.95 38.11
C ILE E 168 -15.70 -31.95 39.40
N ARG E 169 -15.76 -33.08 40.14
CA ARG E 169 -15.00 -33.14 41.40
C ARG E 169 -14.12 -34.37 41.54
N PRO E 170 -12.81 -34.11 41.58
CA PRO E 170 -11.85 -35.18 41.72
C PRO E 170 -11.88 -35.79 43.09
N SER E 171 -11.52 -37.06 43.19
CA SER E 171 -11.49 -37.61 44.52
C SER E 171 -10.11 -37.25 45.06
N PHE E 172 -10.01 -37.15 46.38
CA PHE E 172 -8.74 -36.85 47.00
C PHE E 172 -8.17 -35.45 46.79
N THR E 173 -9.11 -34.51 46.52
CA THR E 173 -8.74 -33.09 46.38
C THR E 173 -9.69 -32.18 47.15
N MET E 174 -9.25 -30.97 47.42
CA MET E 174 -10.11 -30.06 48.13
C MET E 174 -9.88 -28.67 47.63
N GLY E 175 -10.70 -27.73 48.09
CA GLY E 175 -10.58 -26.34 47.66
C GLY E 175 -10.92 -26.24 46.18
N GLY E 176 -11.65 -27.22 45.70
CA GLY E 176 -12.04 -27.27 44.29
C GLY E 176 -10.83 -27.51 43.35
N SER E 177 -9.68 -27.90 43.95
CA SER E 177 -8.42 -28.17 43.22
C SER E 177 -8.64 -29.23 42.15
N GLY E 178 -8.36 -28.85 40.88
CA GLY E 178 -8.53 -29.69 39.70
C GLY E 178 -9.97 -29.81 39.17
N GLY E 179 -10.92 -29.11 39.79
CA GLY E 179 -12.31 -29.21 39.32
C GLY E 179 -12.87 -27.96 38.61
N GLY E 180 -14.18 -27.98 38.35
CA GLY E 180 -14.73 -26.79 37.70
C GLY E 180 -16.08 -27.08 37.14
N ILE E 181 -16.65 -26.08 36.53
CA ILE E 181 -17.97 -26.26 35.93
C ILE E 181 -17.79 -26.29 34.42
N ALA E 182 -18.18 -27.39 33.80
CA ALA E 182 -18.06 -27.55 32.36
C ALA E 182 -19.35 -27.11 31.66
N TYR E 183 -19.28 -25.97 30.95
CA TYR E 183 -20.45 -25.44 30.22
C TYR E 183 -20.54 -26.02 28.82
N ASN E 184 -19.45 -26.67 28.40
CA ASN E 184 -19.36 -27.30 27.09
C ASN E 184 -18.29 -28.37 27.01
N ARG E 185 -18.37 -29.16 25.97
CA ARG E 185 -17.42 -30.24 25.79
C ARG E 185 -15.97 -29.83 25.86
N GLU E 186 -15.68 -28.66 25.32
CA GLU E 186 -14.33 -28.15 25.33
C GLU E 186 -13.82 -27.98 26.76
N GLU E 187 -14.57 -27.21 27.55
CA GLU E 187 -14.23 -26.98 28.94
C GLU E 187 -14.14 -28.30 29.65
N PHE E 188 -15.16 -29.15 29.38
CA PHE E 188 -15.25 -30.47 29.98
C PHE E 188 -13.93 -31.23 29.90
N GLU E 189 -13.46 -31.38 28.68
CA GLU E 189 -12.24 -32.10 28.44
C GLU E 189 -11.06 -31.52 29.17
N GLU E 190 -11.02 -30.22 29.21
CA GLU E 190 -9.95 -29.51 29.82
C GLU E 190 -9.91 -29.78 31.32
N ILE E 191 -11.08 -29.59 31.89
CA ILE E 191 -11.21 -29.77 33.31
C ILE E 191 -10.88 -31.17 33.76
N CYS E 192 -11.53 -32.13 33.07
CA CYS E 192 -11.36 -33.55 33.37
C CYS E 192 -9.93 -34.04 33.31
N ALA E 193 -9.24 -33.58 32.30
CA ALA E 193 -7.85 -33.94 32.13
C ALA E 193 -7.08 -33.49 33.33
N ARG E 194 -7.36 -32.24 33.68
CA ARG E 194 -6.74 -31.59 34.79
C ARG E 194 -6.96 -32.32 36.09
N GLY E 195 -8.24 -32.61 36.41
CA GLY E 195 -8.60 -33.29 37.63
C GLY E 195 -8.11 -34.71 37.72
N LEU E 196 -8.22 -35.45 36.61
CA LEU E 196 -7.78 -36.85 36.62
C LEU E 196 -6.31 -37.00 36.97
N ASP E 197 -5.52 -36.08 36.43
CA ASP E 197 -4.10 -36.10 36.68
C ASP E 197 -3.69 -35.61 38.07
N LEU E 198 -4.46 -34.69 38.61
CA LEU E 198 -4.20 -34.12 39.90
C LEU E 198 -4.75 -34.95 41.05
N SER E 199 -5.87 -35.68 40.80
CA SER E 199 -6.54 -36.55 41.78
C SER E 199 -5.58 -37.61 42.23
N PRO E 200 -5.37 -37.69 43.52
CA PRO E 200 -4.45 -38.66 44.01
C PRO E 200 -4.83 -40.06 43.60
N THR E 201 -6.12 -40.28 43.58
CA THR E 201 -6.64 -41.56 43.20
C THR E 201 -7.03 -41.60 41.74
N LYS E 202 -6.79 -40.49 41.08
CA LYS E 202 -7.07 -40.39 39.66
C LYS E 202 -8.51 -40.74 39.26
N GLU E 203 -9.47 -40.20 40.01
CA GLU E 203 -10.87 -40.43 39.78
C GLU E 203 -11.63 -39.13 39.86
N LEU E 204 -12.74 -39.06 39.15
CA LEU E 204 -13.53 -37.85 39.20
C LEU E 204 -14.94 -38.21 39.42
N LEU E 205 -15.63 -37.24 39.97
CA LEU E 205 -17.05 -37.35 40.19
C LEU E 205 -17.65 -36.25 39.33
N ILE E 206 -18.64 -36.63 38.53
CA ILE E 206 -19.30 -35.68 37.66
C ILE E 206 -20.77 -35.55 37.99
N ASP E 207 -21.18 -34.35 38.35
CA ASP E 207 -22.57 -34.20 38.74
C ASP E 207 -23.40 -33.24 37.93
N GLU E 208 -24.72 -33.50 37.95
CA GLU E 208 -25.70 -32.63 37.31
C GLU E 208 -25.66 -31.31 38.09
N SER E 209 -26.21 -30.28 37.47
CA SER E 209 -26.21 -28.92 38.01
C SER E 209 -27.25 -28.54 39.07
N LEU E 210 -26.74 -27.98 40.17
CA LEU E 210 -27.51 -27.51 41.28
C LEU E 210 -27.19 -26.05 41.44
N ILE E 211 -26.62 -25.48 40.40
CA ILE E 211 -26.23 -24.09 40.42
C ILE E 211 -27.41 -23.21 40.80
N GLY E 212 -27.22 -22.32 41.77
CA GLY E 212 -28.32 -21.48 42.18
C GLY E 212 -29.01 -21.92 43.48
N TRP E 213 -28.82 -23.17 43.91
CA TRP E 213 -29.47 -23.51 45.17
C TRP E 213 -28.66 -22.90 46.27
N LYS E 214 -29.25 -22.93 47.45
CA LYS E 214 -28.60 -22.44 48.62
C LYS E 214 -27.52 -23.47 49.01
N GLU E 215 -26.42 -22.98 49.56
CA GLU E 215 -25.32 -23.81 49.99
C GLU E 215 -25.10 -23.53 51.48
N TYR E 216 -25.04 -24.61 52.27
CA TYR E 216 -24.86 -24.58 53.72
C TYR E 216 -23.78 -25.54 54.16
N GLU E 217 -23.24 -25.25 55.30
CA GLU E 217 -22.23 -26.07 55.90
C GLU E 217 -22.49 -26.16 57.40
N MET E 218 -22.04 -27.23 58.02
CA MET E 218 -22.19 -27.38 59.46
C MET E 218 -20.89 -28.00 59.94
N GLU E 219 -20.39 -27.51 61.01
CA GLU E 219 -19.18 -28.08 61.55
C GLU E 219 -19.64 -28.99 62.67
N VAL E 220 -19.28 -30.27 62.66
CA VAL E 220 -19.72 -31.18 63.70
C VAL E 220 -18.57 -31.72 64.45
N VAL E 221 -18.84 -32.08 65.70
CA VAL E 221 -17.84 -32.72 66.56
C VAL E 221 -18.46 -33.99 67.14
N ARG E 222 -17.68 -35.10 67.20
CA ARG E 222 -18.09 -36.41 67.73
C ARG E 222 -16.99 -36.94 68.63
N ASP E 223 -17.41 -37.70 69.66
CA ASP E 223 -16.51 -38.32 70.61
C ASP E 223 -16.79 -39.81 70.66
N LYS E 224 -15.87 -40.55 71.29
CA LYS E 224 -16.02 -42.00 71.41
C LYS E 224 -17.34 -42.45 72.01
N ASN E 225 -17.92 -41.60 72.88
CA ASN E 225 -19.17 -41.92 73.52
C ASN E 225 -20.32 -41.64 72.60
N ASP E 226 -19.94 -41.29 71.37
CA ASP E 226 -20.91 -41.02 70.36
C ASP E 226 -21.67 -39.73 70.65
N ASN E 227 -21.14 -38.93 71.57
CA ASN E 227 -21.79 -37.65 71.81
C ASN E 227 -21.45 -36.87 70.53
N CYS E 228 -22.42 -36.12 70.00
CA CYS E 228 -22.27 -35.36 68.77
C CYS E 228 -22.82 -33.95 68.84
N ILE E 229 -21.99 -32.99 68.45
CA ILE E 229 -22.44 -31.60 68.47
C ILE E 229 -22.29 -30.82 67.16
N ILE E 230 -23.17 -29.84 67.02
CA ILE E 230 -23.15 -28.93 65.92
C ILE E 230 -22.52 -27.70 66.52
N VAL E 231 -21.26 -27.50 66.21
CA VAL E 231 -20.55 -26.35 66.71
C VAL E 231 -21.01 -25.07 65.98
N CYS E 232 -21.36 -25.16 64.68
CA CYS E 232 -21.77 -23.99 63.92
C CYS E 232 -22.38 -24.36 62.57
N SER E 233 -23.32 -23.53 62.19
CA SER E 233 -23.98 -23.65 60.92
C SER E 233 -23.58 -22.39 60.17
N ILE E 234 -23.43 -22.55 58.86
CA ILE E 234 -23.02 -21.47 58.00
C ILE E 234 -23.89 -21.42 56.77
N GLU E 235 -24.27 -20.21 56.40
CA GLU E 235 -25.07 -20.04 55.23
C GLU E 235 -24.30 -19.18 54.23
N ASN E 236 -24.07 -19.77 53.05
CA ASN E 236 -23.36 -19.09 51.99
C ASN E 236 -24.19 -17.96 51.43
N PHE E 237 -23.51 -16.88 51.16
CA PHE E 237 -24.17 -15.73 50.58
C PHE E 237 -24.25 -15.97 49.06
N ASP E 238 -23.10 -16.35 48.49
CA ASP E 238 -23.06 -16.70 47.08
C ASP E 238 -23.62 -18.11 46.96
N ALA E 239 -24.48 -18.37 45.97
CA ALA E 239 -25.11 -19.68 45.82
C ALA E 239 -24.20 -20.86 45.43
N MET E 240 -24.82 -22.05 45.25
CA MET E 240 -24.09 -23.24 44.79
C MET E 240 -23.44 -22.86 43.47
N GLY E 241 -22.23 -23.28 43.17
CA GLY E 241 -21.65 -22.87 41.91
C GLY E 241 -20.39 -22.08 42.15
N ILE E 242 -20.35 -21.45 43.31
CA ILE E 242 -19.17 -20.73 43.69
C ILE E 242 -18.67 -21.45 44.96
N HIS E 243 -17.45 -21.96 44.93
CA HIS E 243 -16.86 -22.69 46.05
C HIS E 243 -17.08 -21.93 47.34
N THR E 244 -17.37 -22.61 48.41
CA THR E 244 -17.55 -21.94 49.66
C THR E 244 -16.35 -21.05 50.02
N GLY E 245 -15.11 -21.47 49.71
CA GLY E 245 -13.95 -20.65 50.06
C GLY E 245 -13.85 -19.34 49.24
N ASP E 246 -14.58 -19.29 48.12
CA ASP E 246 -14.60 -18.11 47.26
C ASP E 246 -15.92 -17.34 47.40
N SER E 247 -16.73 -17.80 48.34
CA SER E 247 -18.01 -17.21 48.60
C SER E 247 -18.01 -16.34 49.85
N ILE E 248 -18.97 -15.44 49.94
CA ILE E 248 -19.15 -14.63 51.14
C ILE E 248 -19.98 -15.61 51.98
N THR E 249 -19.75 -15.74 53.29
CA THR E 249 -20.55 -16.67 54.09
C THR E 249 -20.80 -16.07 55.44
N VAL E 250 -21.94 -16.48 56.03
CA VAL E 250 -22.29 -15.97 57.31
C VAL E 250 -22.69 -17.09 58.22
N ALA E 251 -22.63 -16.83 59.52
CA ALA E 251 -22.99 -17.77 60.58
C ALA E 251 -23.87 -16.95 61.49
N PRO E 252 -24.95 -17.50 62.06
CA PRO E 252 -25.38 -18.87 61.88
C PRO E 252 -26.08 -18.86 60.55
N ALA E 253 -26.86 -19.89 60.27
CA ALA E 253 -27.67 -19.96 59.05
C ALA E 253 -28.81 -18.96 59.26
N GLN E 254 -29.32 -18.39 58.19
CA GLN E 254 -30.34 -17.36 58.32
C GLN E 254 -31.73 -17.65 57.83
N THR E 255 -31.82 -18.40 56.75
CA THR E 255 -33.11 -18.66 56.18
C THR E 255 -33.65 -20.06 56.28
N LEU E 256 -33.23 -20.86 57.27
CA LEU E 256 -33.78 -22.20 57.40
C LEU E 256 -34.83 -22.20 58.50
N THR E 257 -35.89 -22.98 58.35
CA THR E 257 -36.87 -23.05 59.43
C THR E 257 -36.28 -24.03 60.42
N ASP E 258 -36.74 -24.05 61.69
CA ASP E 258 -36.18 -25.02 62.63
C ASP E 258 -36.28 -26.47 62.08
N LYS E 259 -37.46 -26.78 61.52
CA LYS E 259 -37.75 -28.05 60.94
C LYS E 259 -36.65 -28.38 59.92
N GLU E 260 -36.41 -27.50 58.97
CA GLU E 260 -35.34 -27.74 58.02
C GLU E 260 -33.99 -27.84 58.73
N TYR E 261 -33.76 -26.92 59.66
CA TYR E 261 -32.52 -26.93 60.38
C TYR E 261 -32.28 -28.28 61.03
N GLN E 262 -33.27 -28.82 61.73
CA GLN E 262 -33.13 -30.11 62.40
C GLN E 262 -32.89 -31.24 61.40
N ILE E 263 -33.52 -31.13 60.25
CA ILE E 263 -33.32 -32.16 59.24
C ILE E 263 -31.85 -32.17 58.87
N MET E 264 -31.35 -30.96 58.64
CA MET E 264 -29.95 -30.77 58.28
C MET E 264 -28.97 -31.18 59.43
N ARG E 265 -29.36 -30.87 60.65
CA ARG E 265 -28.56 -31.24 61.78
C ARG E 265 -28.47 -32.76 61.81
N ASN E 266 -29.62 -33.38 61.68
CA ASN E 266 -29.68 -34.81 61.71
C ASN E 266 -28.77 -35.46 60.69
N ALA E 267 -28.89 -34.96 59.47
CA ALA E 267 -28.11 -35.44 58.33
C ALA E 267 -26.60 -35.37 58.57
N SER E 268 -26.15 -34.22 59.08
CA SER E 268 -24.75 -33.98 59.39
C SER E 268 -24.21 -34.99 60.36
N MET E 269 -25.01 -35.35 61.36
CA MET E 269 -24.58 -36.32 62.34
C MET E 269 -24.59 -37.70 61.70
N ALA E 270 -25.66 -37.97 60.98
CA ALA E 270 -25.80 -39.21 60.29
C ALA E 270 -24.58 -39.39 59.39
N VAL E 271 -24.14 -38.30 58.80
CA VAL E 271 -23.01 -38.38 57.89
C VAL E 271 -21.71 -38.86 58.51
N LEU E 272 -21.30 -38.24 59.61
CA LEU E 272 -20.08 -38.61 60.30
C LEU E 272 -20.12 -40.04 60.79
N ARG E 273 -21.27 -40.38 61.28
CA ARG E 273 -21.47 -41.68 61.82
C ARG E 273 -21.20 -42.74 60.80
N GLU E 274 -21.74 -42.50 59.63
CA GLU E 274 -21.54 -43.43 58.56
C GLU E 274 -20.13 -43.46 57.99
N ILE E 275 -19.48 -42.29 57.95
CA ILE E 275 -18.15 -42.24 57.40
C ILE E 275 -17.20 -42.93 58.36
N GLY E 276 -17.54 -42.82 59.64
CA GLY E 276 -16.68 -43.44 60.63
C GLY E 276 -15.77 -42.48 61.39
N VAL E 277 -16.26 -41.26 61.60
CA VAL E 277 -15.52 -40.25 62.36
C VAL E 277 -16.10 -40.35 63.77
N GLU E 278 -15.33 -40.96 64.64
CA GLU E 278 -15.77 -41.18 66.03
C GLU E 278 -15.09 -40.28 67.05
N THR E 279 -13.86 -39.83 66.75
CA THR E 279 -13.07 -39.03 67.66
C THR E 279 -12.58 -37.74 67.09
N GLY E 280 -13.50 -36.91 66.65
CA GLY E 280 -13.06 -35.64 66.13
C GLY E 280 -14.19 -34.83 65.48
N GLY E 281 -13.80 -33.80 64.73
CA GLY E 281 -14.70 -32.90 64.01
C GLY E 281 -14.66 -33.08 62.49
N SER E 282 -15.71 -32.62 61.82
CA SER E 282 -15.83 -32.68 60.38
C SER E 282 -16.78 -31.63 59.85
N ASN E 283 -16.50 -31.24 58.65
CA ASN E 283 -17.27 -30.25 57.95
C ASN E 283 -18.19 -30.95 56.97
N VAL E 284 -19.51 -30.71 57.08
CA VAL E 284 -20.47 -31.31 56.16
C VAL E 284 -21.14 -30.23 55.30
N GLN E 285 -21.18 -30.42 53.96
CA GLN E 285 -21.74 -29.46 53.04
C GLN E 285 -23.06 -29.90 52.47
N PHE E 286 -24.01 -28.96 52.36
CA PHE E 286 -25.33 -29.28 51.82
C PHE E 286 -25.74 -28.29 50.73
N ALA E 287 -26.81 -28.66 50.00
CA ALA E 287 -27.43 -27.85 48.93
C ALA E 287 -28.93 -27.78 49.22
N VAL E 288 -29.48 -26.59 49.32
CA VAL E 288 -30.92 -26.58 49.60
C VAL E 288 -31.68 -25.87 48.49
N ASN E 289 -32.73 -26.51 48.02
CA ASN E 289 -33.56 -25.93 47.02
C ASN E 289 -34.54 -24.97 47.71
N PRO E 290 -34.22 -23.70 47.55
CA PRO E 290 -34.96 -22.63 48.12
C PRO E 290 -36.44 -22.74 47.90
N LYS E 291 -36.82 -23.37 46.80
CA LYS E 291 -38.24 -23.50 46.51
C LYS E 291 -39.02 -24.58 47.22
N ASN E 292 -38.31 -25.54 47.78
CA ASN E 292 -38.96 -26.62 48.43
C ASN E 292 -38.17 -27.23 49.56
N GLY E 293 -37.07 -26.57 49.92
CA GLY E 293 -36.25 -27.06 51.03
C GLY E 293 -35.60 -28.42 50.76
N ARG E 294 -35.70 -28.88 49.53
CA ARG E 294 -35.09 -30.14 49.13
C ARG E 294 -33.59 -30.13 49.52
N LEU E 295 -33.24 -31.07 50.37
CA LEU E 295 -31.90 -31.28 50.91
C LEU E 295 -31.00 -32.25 50.15
N ILE E 296 -29.81 -31.75 49.81
CA ILE E 296 -28.83 -32.53 49.11
C ILE E 296 -27.46 -32.45 49.76
N VAL E 297 -26.87 -33.63 50.01
CA VAL E 297 -25.54 -33.72 50.64
C VAL E 297 -24.49 -33.62 49.54
N ILE E 298 -23.53 -32.75 49.77
CA ILE E 298 -22.53 -32.52 48.75
C ILE E 298 -21.23 -33.20 49.03
N GLU E 299 -20.74 -32.99 50.24
CA GLU E 299 -19.50 -33.63 50.57
C GLU E 299 -19.27 -33.48 52.05
N MET E 300 -18.23 -34.15 52.49
CA MET E 300 -17.82 -34.08 53.87
C MET E 300 -16.31 -34.09 53.92
N ASN E 301 -15.76 -33.33 54.84
CA ASN E 301 -14.34 -33.23 55.00
C ASN E 301 -14.05 -33.72 56.41
N PRO E 302 -13.43 -34.89 56.46
CA PRO E 302 -13.10 -35.57 57.70
C PRO E 302 -11.96 -34.86 58.41
N ARG E 303 -12.07 -33.56 58.64
CA ARG E 303 -10.92 -32.92 59.29
C ARG E 303 -11.17 -31.46 59.55
N VAL E 304 -10.16 -30.83 60.14
CA VAL E 304 -10.31 -29.42 60.37
C VAL E 304 -10.24 -28.75 59.01
N SER E 305 -10.75 -27.53 58.93
CA SER E 305 -10.74 -26.84 57.67
C SER E 305 -10.78 -25.32 57.77
N ARG E 306 -10.99 -24.71 56.61
CA ARG E 306 -11.08 -23.27 56.58
C ARG E 306 -12.39 -22.85 57.24
N SER E 307 -13.40 -23.68 57.07
CA SER E 307 -14.69 -23.44 57.67
C SER E 307 -14.68 -23.68 59.17
N SER E 308 -13.89 -24.66 59.60
CA SER E 308 -13.78 -24.99 61.02
C SER E 308 -13.12 -23.86 61.75
N ALA E 309 -12.12 -23.25 61.08
CA ALA E 309 -11.43 -22.13 61.68
C ALA E 309 -12.30 -20.88 61.79
N LEU E 310 -13.11 -20.70 60.76
CA LEU E 310 -14.03 -19.60 60.70
C LEU E 310 -15.03 -19.82 61.83
N ALA E 311 -15.51 -21.07 61.89
CA ALA E 311 -16.45 -21.46 62.93
C ALA E 311 -15.91 -21.23 64.34
N SER E 312 -14.67 -21.62 64.53
CA SER E 312 -14.03 -21.42 65.85
C SER E 312 -13.94 -19.95 66.21
N LYS E 313 -13.63 -19.11 65.22
CA LYS E 313 -13.52 -17.68 65.46
C LYS E 313 -14.92 -17.10 65.68
N ALA E 314 -15.82 -17.64 64.92
CA ALA E 314 -17.16 -17.16 65.00
C ALA E 314 -17.89 -17.48 66.29
N THR E 315 -17.61 -18.63 66.86
CA THR E 315 -18.33 -18.99 68.08
C THR E 315 -17.52 -18.82 69.34
N GLY E 316 -16.24 -19.02 69.22
CA GLY E 316 -15.39 -18.97 70.36
C GLY E 316 -15.18 -20.44 70.79
N PHE E 317 -15.64 -21.43 69.97
CA PHE E 317 -15.45 -22.87 70.25
C PHE E 317 -14.20 -23.35 69.53
N PRO E 318 -13.10 -23.54 70.29
CA PRO E 318 -11.83 -23.95 69.73
C PRO E 318 -11.84 -25.37 69.23
N ILE E 319 -12.49 -25.54 68.10
CA ILE E 319 -12.62 -26.82 67.44
C ILE E 319 -11.38 -27.70 67.41
N ALA E 320 -10.30 -27.24 66.86
CA ALA E 320 -9.08 -28.01 66.77
C ALA E 320 -8.48 -28.50 68.11
N LYS E 321 -8.55 -27.66 69.15
CA LYS E 321 -8.06 -27.96 70.48
C LYS E 321 -8.86 -29.12 71.08
N VAL E 322 -10.16 -28.98 70.96
CA VAL E 322 -11.07 -29.97 71.42
C VAL E 322 -10.83 -31.30 70.70
N ALA E 323 -10.86 -31.25 69.41
CA ALA E 323 -10.68 -32.43 68.60
C ALA E 323 -9.38 -33.18 68.84
N ALA E 324 -8.32 -32.45 69.17
CA ALA E 324 -7.02 -33.03 69.42
C ALA E 324 -7.07 -33.90 70.67
N LYS E 325 -7.92 -33.51 71.62
CA LYS E 325 -8.10 -34.21 72.87
C LYS E 325 -9.01 -35.39 72.67
N LEU E 326 -10.02 -35.19 71.82
CA LEU E 326 -10.93 -36.24 71.50
C LEU E 326 -10.20 -37.37 70.86
N ALA E 327 -9.19 -37.02 70.09
CA ALA E 327 -8.41 -38.02 69.38
C ALA E 327 -7.69 -38.93 70.34
N VAL E 328 -7.41 -38.46 71.55
CA VAL E 328 -6.74 -39.26 72.53
C VAL E 328 -7.65 -39.90 73.56
N GLY E 329 -8.90 -40.04 73.23
CA GLY E 329 -9.86 -40.67 74.09
C GLY E 329 -10.63 -39.73 75.01
N TYR E 330 -10.37 -38.45 75.01
CA TYR E 330 -11.21 -37.65 75.90
C TYR E 330 -12.61 -37.52 75.32
N THR E 331 -13.60 -37.17 76.17
CA THR E 331 -14.96 -36.97 75.70
C THR E 331 -15.41 -35.54 75.94
N LEU E 332 -16.40 -35.11 75.15
CA LEU E 332 -16.94 -33.77 75.22
C LEU E 332 -17.39 -33.33 76.63
N ASP E 333 -17.99 -34.27 77.35
CA ASP E 333 -18.46 -34.02 78.69
C ASP E 333 -17.30 -33.78 79.69
N GLU E 334 -16.11 -34.35 79.39
CA GLU E 334 -14.95 -34.17 80.30
C GLU E 334 -14.15 -32.91 80.05
N LEU E 335 -14.36 -32.35 78.86
CA LEU E 335 -13.64 -31.17 78.49
C LEU E 335 -14.39 -29.94 78.89
N MET E 336 -13.63 -28.95 79.34
CA MET E 336 -14.26 -27.73 79.75
C MET E 336 -14.31 -26.73 78.59
N ASN E 337 -15.33 -25.88 78.58
CA ASN E 337 -15.48 -24.85 77.56
C ASN E 337 -14.61 -23.68 77.99
N ASP E 338 -13.59 -23.43 77.18
CA ASP E 338 -12.62 -22.38 77.40
C ASP E 338 -13.17 -21.00 77.69
N ILE E 339 -14.02 -20.47 76.84
CA ILE E 339 -14.48 -19.12 77.09
C ILE E 339 -15.48 -18.82 78.19
N THR E 340 -16.09 -19.84 78.79
CA THR E 340 -17.02 -19.61 79.86
C THR E 340 -16.31 -20.02 81.17
N GLY E 341 -15.00 -19.78 81.17
CA GLY E 341 -14.05 -20.03 82.25
C GLY E 341 -13.96 -21.46 82.77
N GLY E 342 -14.34 -22.46 81.91
CA GLY E 342 -14.31 -23.87 82.31
C GLY E 342 -15.55 -24.28 83.12
N ARG E 343 -16.35 -23.29 83.45
CA ARG E 343 -17.56 -23.46 84.18
C ARG E 343 -18.57 -24.40 83.46
N THR E 344 -18.53 -24.47 82.14
CA THR E 344 -19.44 -25.35 81.40
C THR E 344 -18.61 -26.35 80.57
N PRO E 345 -19.17 -27.48 80.12
CA PRO E 345 -18.40 -28.46 79.35
C PRO E 345 -18.40 -28.17 77.88
N ALA E 346 -17.51 -28.88 77.17
CA ALA E 346 -17.42 -28.75 75.73
C ALA E 346 -18.58 -29.45 75.06
N SER E 347 -19.31 -30.27 75.82
CA SER E 347 -20.44 -31.01 75.27
C SER E 347 -21.67 -30.12 75.19
N PHE E 348 -21.72 -29.36 74.11
CA PHE E 348 -22.85 -28.48 73.89
C PHE E 348 -22.84 -27.78 72.52
N GLU E 349 -23.95 -27.17 72.17
CA GLU E 349 -24.01 -26.46 70.90
C GLU E 349 -24.06 -24.97 71.20
N PRO E 350 -23.06 -24.30 70.63
CA PRO E 350 -22.91 -22.87 70.79
C PRO E 350 -24.11 -22.12 70.22
N SER E 351 -24.37 -20.96 70.81
CA SER E 351 -25.45 -20.04 70.41
C SER E 351 -24.86 -18.63 70.44
N ILE E 352 -24.96 -17.91 69.29
CA ILE E 352 -24.44 -16.55 69.14
C ILE E 352 -25.52 -15.49 69.02
N ASP E 353 -25.22 -14.35 69.57
CA ASP E 353 -26.13 -13.22 69.57
C ASP E 353 -25.54 -12.11 68.70
N TYR E 354 -25.12 -12.55 67.51
CA TYR E 354 -24.51 -11.69 66.54
C TYR E 354 -24.46 -12.37 65.16
N VAL E 355 -24.00 -11.65 64.17
CA VAL E 355 -23.86 -12.23 62.86
C VAL E 355 -22.39 -12.19 62.43
N VAL E 356 -21.89 -13.32 61.92
CA VAL E 356 -20.51 -13.32 61.49
C VAL E 356 -20.48 -13.37 59.98
N THR E 357 -19.72 -12.46 59.39
CA THR E 357 -19.63 -12.41 57.96
C THR E 357 -18.25 -12.67 57.49
N LYS E 358 -18.16 -13.55 56.53
CA LYS E 358 -16.85 -13.73 56.05
C LYS E 358 -16.77 -13.40 54.55
N ILE E 359 -15.70 -12.67 54.18
CA ILE E 359 -15.44 -12.29 52.80
C ILE E 359 -14.07 -12.78 52.28
N PRO E 360 -14.07 -13.46 51.13
CA PRO E 360 -12.81 -13.89 50.53
C PRO E 360 -12.02 -12.70 49.95
N ARG E 361 -10.71 -12.83 49.93
CA ARG E 361 -9.76 -11.87 49.38
C ARG E 361 -9.10 -12.44 48.14
N PHE E 362 -9.22 -11.74 47.01
CA PHE E 362 -8.67 -12.19 45.74
C PHE E 362 -7.44 -11.41 45.33
N ASN E 363 -6.73 -11.90 44.29
CA ASN E 363 -5.55 -11.18 43.82
C ASN E 363 -5.42 -11.28 42.32
N PHE E 364 -6.54 -11.13 41.64
CA PHE E 364 -6.56 -11.24 40.20
C PHE E 364 -5.67 -10.27 39.45
N GLU E 365 -5.46 -9.10 40.01
CA GLU E 365 -4.63 -8.09 39.41
C GLU E 365 -3.19 -8.56 39.24
N LYS E 366 -2.80 -9.54 40.01
CA LYS E 366 -1.45 -10.02 39.89
C LYS E 366 -1.38 -11.12 38.86
N PHE E 367 -2.57 -11.59 38.40
CA PHE E 367 -2.69 -12.68 37.43
C PHE E 367 -3.49 -12.27 36.21
N ALA E 368 -2.88 -11.34 35.53
CA ALA E 368 -3.40 -10.72 34.36
C ALA E 368 -4.25 -11.55 33.42
N GLY E 369 -3.61 -12.53 32.79
CA GLY E 369 -4.32 -13.38 31.83
C GLY E 369 -5.20 -14.50 32.40
N ALA E 370 -5.49 -14.42 33.70
CA ALA E 370 -6.28 -15.46 34.33
C ALA E 370 -7.79 -15.24 34.27
N ASN E 371 -8.53 -16.35 34.15
CA ASN E 371 -9.94 -16.18 34.15
C ASN E 371 -10.26 -15.76 35.57
N ASP E 372 -11.00 -14.66 35.65
CA ASP E 372 -11.37 -14.09 36.91
C ASP E 372 -12.82 -14.28 37.38
N ARG E 373 -13.56 -15.18 36.73
CA ARG E 373 -14.91 -15.43 37.16
C ARG E 373 -14.84 -16.46 38.25
N LEU E 374 -15.69 -16.31 39.22
CA LEU E 374 -15.69 -17.26 40.30
C LEU E 374 -16.39 -18.56 39.93
N THR E 375 -15.79 -19.67 40.36
CA THR E 375 -16.37 -20.97 40.10
C THR E 375 -16.17 -21.94 41.28
N THR E 376 -16.19 -23.24 40.99
CA THR E 376 -16.01 -24.28 42.01
C THR E 376 -14.54 -24.55 42.40
N GLN E 377 -13.59 -24.03 41.63
CA GLN E 377 -12.18 -24.13 41.95
C GLN E 377 -11.79 -22.85 42.65
N MET E 378 -11.35 -22.92 43.89
CA MET E 378 -11.01 -21.67 44.53
C MET E 378 -9.91 -20.84 43.85
N LYS E 379 -10.06 -19.53 43.93
CA LYS E 379 -9.10 -18.59 43.41
C LYS E 379 -8.72 -17.51 44.44
N SER E 380 -9.36 -17.46 45.62
CA SER E 380 -9.03 -16.45 46.62
C SER E 380 -7.76 -16.80 47.33
N VAL E 381 -7.07 -15.76 47.79
CA VAL E 381 -5.82 -15.88 48.49
C VAL E 381 -5.93 -15.72 50.02
N GLY E 382 -7.05 -15.20 50.49
CA GLY E 382 -7.28 -14.97 51.91
C GLY E 382 -8.76 -14.72 52.18
N GLU E 383 -9.01 -14.20 53.36
CA GLU E 383 -10.35 -13.89 53.79
C GLU E 383 -10.35 -13.00 55.02
N VAL E 384 -11.42 -12.23 55.18
CA VAL E 384 -11.54 -11.36 56.34
C VAL E 384 -12.83 -11.78 57.02
N MET E 385 -12.91 -11.52 58.32
CA MET E 385 -14.17 -11.86 58.92
C MET E 385 -14.65 -10.69 59.75
N ALA E 386 -15.95 -10.59 59.94
CA ALA E 386 -16.42 -9.53 60.76
C ALA E 386 -17.54 -10.00 61.65
N ILE E 387 -17.67 -9.30 62.78
CA ILE E 387 -18.74 -9.59 63.71
C ILE E 387 -19.56 -8.31 63.89
N GLY E 388 -20.90 -8.45 63.78
CA GLY E 388 -21.77 -7.31 63.94
C GLY E 388 -23.03 -7.81 64.64
N ARG E 389 -23.75 -6.90 65.32
CA ARG E 389 -24.98 -7.31 65.99
C ARG E 389 -26.10 -7.58 64.98
N THR E 390 -25.88 -7.17 63.75
CA THR E 390 -26.82 -7.37 62.67
C THR E 390 -26.05 -7.62 61.41
N GLN E 391 -26.73 -8.29 60.51
CA GLN E 391 -26.18 -8.63 59.20
C GLN E 391 -25.54 -7.43 58.50
N GLN E 392 -26.26 -6.30 58.41
CA GLN E 392 -25.76 -5.07 57.77
C GLN E 392 -24.48 -4.58 58.40
N GLU E 393 -24.52 -4.42 59.72
CA GLU E 393 -23.34 -4.00 60.41
C GLU E 393 -22.14 -4.95 60.21
N SER E 394 -22.41 -6.27 60.25
CA SER E 394 -21.40 -7.30 60.10
C SER E 394 -20.76 -7.24 58.70
N LEU E 395 -21.61 -7.25 57.69
CA LEU E 395 -21.21 -7.15 56.29
C LEU E 395 -20.42 -5.87 55.99
N GLN E 396 -20.92 -4.73 56.48
CA GLN E 396 -20.24 -3.47 56.24
C GLN E 396 -18.92 -3.44 56.90
N LYS E 397 -18.86 -4.03 58.10
CA LYS E 397 -17.58 -4.05 58.81
C LYS E 397 -16.54 -4.89 58.03
N ALA E 398 -17.00 -6.02 57.49
CA ALA E 398 -16.24 -6.93 56.70
C ALA E 398 -15.72 -6.21 55.46
N LEU E 399 -16.56 -5.46 54.74
CA LEU E 399 -16.09 -4.73 53.54
C LEU E 399 -14.96 -3.75 53.84
N ARG E 400 -15.11 -3.03 54.93
CA ARG E 400 -14.11 -2.07 55.31
C ARG E 400 -12.82 -2.65 55.89
N GLY E 401 -12.76 -3.94 56.18
CA GLY E 401 -11.56 -4.55 56.71
C GLY E 401 -10.91 -5.46 55.67
N LEU E 402 -11.53 -5.52 54.52
CA LEU E 402 -11.05 -6.34 53.43
C LEU E 402 -9.73 -5.87 52.83
N GLU E 403 -9.31 -4.66 53.16
CA GLU E 403 -8.04 -4.15 52.71
C GLU E 403 -7.92 -4.05 51.20
N VAL E 404 -9.04 -3.75 50.56
CA VAL E 404 -9.02 -3.63 49.11
C VAL E 404 -9.28 -2.19 48.79
N GLY E 405 -9.19 -1.40 49.83
CA GLY E 405 -9.45 0.00 49.62
C GLY E 405 -10.95 0.37 49.74
N ALA E 406 -11.85 -0.56 50.07
CA ALA E 406 -13.28 -0.22 50.22
C ALA E 406 -13.61 0.35 51.59
N THR E 407 -14.66 1.18 51.64
CA THR E 407 -15.12 1.82 52.88
C THR E 407 -16.51 1.32 53.24
N GLY E 408 -16.96 0.42 52.38
CA GLY E 408 -18.25 -0.20 52.48
C GLY E 408 -18.65 -0.47 51.06
N PHE E 409 -19.84 -0.08 50.67
CA PHE E 409 -20.23 -0.31 49.32
C PHE E 409 -19.84 0.84 48.40
N ASP E 410 -18.55 0.99 48.15
CA ASP E 410 -18.15 2.05 47.26
C ASP E 410 -18.56 1.70 45.83
N PRO E 411 -18.97 2.67 45.03
CA PRO E 411 -19.39 2.42 43.66
C PRO E 411 -18.29 2.00 42.67
N LYS E 412 -18.68 1.10 41.79
CA LYS E 412 -17.80 0.57 40.76
C LYS E 412 -18.03 1.23 39.39
N VAL E 413 -19.30 1.53 39.07
CA VAL E 413 -19.66 2.16 37.82
C VAL E 413 -20.28 3.52 38.05
N SER E 414 -20.15 4.37 37.06
CA SER E 414 -20.73 5.69 37.20
C SER E 414 -22.23 5.65 36.92
N LEU E 415 -22.94 6.46 37.69
CA LEU E 415 -24.37 6.57 37.60
C LEU E 415 -24.73 7.14 36.24
N ASP E 416 -23.85 8.01 35.68
CA ASP E 416 -24.07 8.64 34.39
C ASP E 416 -23.61 7.77 33.25
N ASP E 417 -23.03 6.63 33.60
CA ASP E 417 -22.58 5.69 32.60
C ASP E 417 -23.81 5.07 31.93
N PRO E 418 -23.90 5.24 30.63
CA PRO E 418 -25.03 4.73 29.89
C PRO E 418 -24.96 3.26 29.60
N GLU E 419 -23.77 2.69 29.74
CA GLU E 419 -23.56 1.27 29.51
C GLU E 419 -23.55 0.48 30.82
N ALA E 420 -23.47 1.22 31.91
CA ALA E 420 -23.39 0.73 33.26
C ALA E 420 -24.30 -0.40 33.50
N LEU E 421 -25.56 -0.31 33.05
CA LEU E 421 -26.50 -1.42 33.28
C LEU E 421 -26.03 -2.68 32.61
N THR E 422 -25.24 -2.53 31.54
CA THR E 422 -24.72 -3.68 30.82
C THR E 422 -23.61 -4.39 31.64
N LYS E 423 -22.67 -3.60 32.15
CA LYS E 423 -21.58 -4.13 32.94
C LYS E 423 -22.09 -4.70 34.25
N ILE E 424 -23.07 -4.01 34.81
CA ILE E 424 -23.67 -4.43 36.05
C ILE E 424 -24.30 -5.78 35.89
N ARG E 425 -25.08 -5.92 34.84
CA ARG E 425 -25.78 -7.17 34.56
C ARG E 425 -24.84 -8.35 34.46
N ARG E 426 -23.75 -8.08 33.77
CA ARG E 426 -22.70 -9.02 33.51
C ARG E 426 -22.04 -9.55 34.79
N GLU E 427 -21.69 -8.58 35.65
CA GLU E 427 -21.03 -8.76 36.94
C GLU E 427 -21.82 -9.52 37.95
N LEU E 428 -23.11 -9.44 37.78
CA LEU E 428 -24.07 -10.10 38.62
C LEU E 428 -24.33 -11.55 38.16
N LYS E 429 -24.58 -11.64 36.88
CA LYS E 429 -24.89 -12.89 36.26
C LYS E 429 -23.70 -13.83 36.28
N ASP E 430 -22.52 -13.28 36.10
CA ASP E 430 -21.28 -14.05 36.11
C ASP E 430 -20.24 -13.43 37.05
N ALA E 431 -20.36 -13.86 38.30
CA ALA E 431 -19.52 -13.36 39.36
C ALA E 431 -18.04 -13.41 39.19
N GLY E 432 -17.50 -12.27 39.61
CA GLY E 432 -16.10 -11.96 39.68
C GLY E 432 -15.86 -11.56 41.14
N ALA E 433 -14.67 -11.14 41.47
CA ALA E 433 -14.45 -10.77 42.83
C ALA E 433 -15.21 -9.52 43.24
N ASP E 434 -15.70 -8.77 42.28
CA ASP E 434 -16.35 -7.51 42.64
C ASP E 434 -17.83 -7.50 42.73
N ARG E 435 -18.41 -8.66 42.51
CA ARG E 435 -19.83 -8.80 42.52
C ARG E 435 -20.57 -8.03 43.61
N ILE E 436 -20.07 -8.13 44.85
CA ILE E 436 -20.66 -7.49 46.02
C ILE E 436 -20.89 -6.00 45.82
N TRP E 437 -19.93 -5.37 45.16
CA TRP E 437 -20.04 -3.97 44.88
C TRP E 437 -21.00 -3.66 43.73
N TYR E 438 -21.07 -4.55 42.73
CA TYR E 438 -21.99 -4.34 41.59
C TYR E 438 -23.43 -4.53 42.02
N ILE E 439 -23.64 -5.25 43.11
CA ILE E 439 -24.98 -5.47 43.62
C ILE E 439 -25.56 -4.13 44.04
N ALA E 440 -24.76 -3.39 44.81
CA ALA E 440 -25.14 -2.08 45.28
C ALA E 440 -25.34 -1.14 44.12
N ASP E 441 -24.40 -1.14 43.18
CA ASP E 441 -24.48 -0.31 42.01
C ASP E 441 -25.78 -0.66 41.27
N ALA E 442 -26.16 -1.93 41.28
CA ALA E 442 -27.40 -2.27 40.59
C ALA E 442 -28.61 -1.62 41.24
N PHE E 443 -28.61 -1.54 42.57
CA PHE E 443 -29.72 -0.93 43.25
C PHE E 443 -29.66 0.57 43.02
N ARG E 444 -28.46 1.13 43.00
CA ARG E 444 -28.36 2.54 42.74
C ARG E 444 -28.88 2.83 41.33
N ALA E 445 -28.67 1.88 40.42
CA ALA E 445 -29.10 2.01 39.04
C ALA E 445 -30.56 1.74 38.78
N GLY E 446 -31.37 1.42 39.76
CA GLY E 446 -32.79 1.19 39.47
C GLY E 446 -33.21 -0.27 39.35
N LEU E 447 -32.28 -1.20 39.55
CA LEU E 447 -32.66 -2.60 39.47
C LEU E 447 -33.36 -3.02 40.73
N SER E 448 -34.24 -3.97 40.57
CA SER E 448 -34.98 -4.44 41.70
C SER E 448 -34.32 -5.65 42.34
N VAL E 449 -34.74 -5.89 43.60
CA VAL E 449 -34.28 -7.04 44.38
C VAL E 449 -34.53 -8.33 43.59
N ASP E 450 -35.73 -8.45 43.04
CA ASP E 450 -36.02 -9.62 42.24
C ASP E 450 -35.12 -9.60 41.00
N GLY E 451 -34.85 -8.40 40.51
CA GLY E 451 -34.02 -8.31 39.34
C GLY E 451 -32.68 -8.94 39.61
N VAL E 452 -32.12 -8.48 40.69
CA VAL E 452 -30.84 -8.98 41.12
C VAL E 452 -30.87 -10.44 41.53
N PHE E 453 -31.96 -10.87 42.15
CA PHE E 453 -32.07 -12.25 42.55
C PHE E 453 -31.89 -13.13 41.34
N ASN E 454 -32.77 -12.88 40.39
CA ASN E 454 -32.79 -13.61 39.16
C ASN E 454 -31.43 -13.83 38.50
N LEU E 455 -30.56 -12.85 38.59
CA LEU E 455 -29.23 -12.98 37.99
C LEU E 455 -28.18 -13.61 38.88
N THR E 456 -28.36 -13.45 40.19
CA THR E 456 -27.36 -13.93 41.11
C THR E 456 -27.71 -15.14 41.96
N ASN E 457 -28.96 -15.43 42.13
CA ASN E 457 -29.30 -16.53 42.98
C ASN E 457 -28.94 -16.31 44.46
N ILE E 458 -28.58 -15.07 44.79
CA ILE E 458 -28.29 -14.68 46.14
C ILE E 458 -29.65 -14.41 46.81
N ASP E 459 -29.92 -15.08 47.92
CA ASP E 459 -31.19 -14.97 48.62
C ASP E 459 -31.67 -13.55 48.89
N ARG E 460 -32.94 -13.28 48.56
CA ARG E 460 -33.45 -11.93 48.78
C ARG E 460 -33.26 -11.44 50.21
N TRP E 461 -33.18 -12.39 51.16
CA TRP E 461 -32.98 -12.04 52.55
C TRP E 461 -31.75 -11.14 52.68
N PHE E 462 -30.73 -11.49 51.94
CA PHE E 462 -29.51 -10.71 51.96
C PHE E 462 -29.65 -9.47 51.05
N LEU E 463 -30.23 -9.67 49.87
CA LEU E 463 -30.37 -8.62 48.89
C LEU E 463 -31.06 -7.35 49.40
N VAL E 464 -32.22 -7.50 50.02
CA VAL E 464 -33.00 -6.40 50.59
C VAL E 464 -32.21 -5.49 51.56
N GLN E 465 -31.37 -6.09 52.38
CA GLN E 465 -30.60 -5.33 53.32
C GLN E 465 -29.59 -4.47 52.60
N ILE E 466 -29.03 -5.00 51.51
CA ILE E 466 -28.11 -4.20 50.75
C ILE E 466 -28.83 -3.02 50.05
N GLU E 467 -30.00 -3.29 49.49
CA GLU E 467 -30.74 -2.25 48.82
C GLU E 467 -31.04 -1.21 49.85
N GLU E 468 -31.37 -1.68 51.04
CA GLU E 468 -31.68 -0.77 52.10
C GLU E 468 -30.53 0.17 52.39
N LEU E 469 -29.33 -0.37 52.44
CA LEU E 469 -28.23 0.52 52.73
C LEU E 469 -28.04 1.51 51.60
N VAL E 470 -28.38 1.09 50.37
CA VAL E 470 -28.20 1.96 49.22
C VAL E 470 -29.08 3.19 49.36
N ARG E 471 -30.29 2.94 49.76
CA ARG E 471 -31.20 4.03 49.95
C ARG E 471 -30.73 5.01 51.00
N LEU E 472 -30.14 4.46 52.07
CA LEU E 472 -29.62 5.26 53.16
C LEU E 472 -28.46 6.12 52.63
N GLU E 473 -27.67 5.53 51.74
CA GLU E 473 -26.56 6.25 51.18
C GLU E 473 -27.11 7.43 50.39
N GLU E 474 -28.15 7.15 49.63
CA GLU E 474 -28.77 8.19 48.83
C GLU E 474 -29.26 9.34 49.67
N LYS E 475 -29.75 9.03 50.87
CA LYS E 475 -30.21 10.06 51.79
C LYS E 475 -29.05 10.85 52.31
N VAL E 476 -27.96 10.17 52.69
CA VAL E 476 -26.80 10.92 53.18
C VAL E 476 -26.29 11.93 52.15
N ALA E 477 -26.26 11.48 50.90
CA ALA E 477 -25.78 12.26 49.77
C ALA E 477 -26.64 13.46 49.54
N GLU E 478 -27.93 13.28 49.81
CA GLU E 478 -28.86 14.35 49.66
C GLU E 478 -28.80 15.40 50.79
N VAL E 479 -28.87 14.96 52.03
CA VAL E 479 -28.83 15.90 53.13
C VAL E 479 -27.45 16.47 53.49
N GLY E 480 -26.38 15.76 53.10
CA GLY E 480 -25.01 16.23 53.38
C GLY E 480 -24.76 16.26 54.89
N ILE E 481 -23.60 16.77 55.28
CA ILE E 481 -23.18 16.82 56.66
C ILE E 481 -24.14 17.51 57.56
N THR E 482 -24.73 18.54 57.02
CA THR E 482 -25.70 19.30 57.76
C THR E 482 -26.90 18.45 58.20
N GLY E 483 -27.21 17.45 57.40
CA GLY E 483 -28.34 16.59 57.68
C GLY E 483 -27.93 15.44 58.59
N LEU E 484 -26.64 15.38 58.92
CA LEU E 484 -26.17 14.33 59.79
C LEU E 484 -26.37 14.67 61.25
N ASN E 485 -27.61 14.59 61.71
CA ASN E 485 -27.90 14.87 63.10
C ASN E 485 -27.59 13.64 63.94
N ALA E 486 -27.53 13.85 65.25
CA ALA E 486 -27.22 12.81 66.19
C ALA E 486 -27.96 11.50 65.89
N ASP E 487 -29.27 11.63 65.78
CA ASP E 487 -30.15 10.50 65.52
C ASP E 487 -29.86 9.71 64.28
N PHE E 488 -29.80 10.47 63.24
CA PHE E 488 -29.56 9.91 61.95
C PHE E 488 -28.19 9.23 61.88
N LEU E 489 -27.20 9.99 62.34
CA LEU E 489 -25.85 9.53 62.37
C LEU E 489 -25.79 8.22 63.16
N ARG E 490 -26.43 8.17 64.33
CA ARG E 490 -26.43 6.96 65.11
C ARG E 490 -26.98 5.76 64.34
N GLN E 491 -28.07 6.03 63.64
CA GLN E 491 -28.73 5.02 62.86
C GLN E 491 -27.84 4.48 61.77
N LEU E 492 -27.04 5.34 61.23
CA LEU E 492 -26.11 4.95 60.17
C LEU E 492 -24.97 4.09 60.70
N LYS E 493 -24.42 4.48 61.86
CA LYS E 493 -23.34 3.74 62.51
C LYS E 493 -23.86 2.36 62.87
N ARG E 494 -25.04 2.34 63.49
CA ARG E 494 -25.67 1.07 63.82
C ARG E 494 -25.80 0.13 62.59
N LYS E 495 -25.82 0.72 61.39
CA LYS E 495 -25.93 -0.07 60.18
C LYS E 495 -24.55 -0.42 59.63
N GLY E 496 -23.54 -0.18 60.42
CA GLY E 496 -22.25 -0.53 59.89
C GLY E 496 -21.55 0.52 59.06
N PHE E 497 -22.15 1.68 58.79
CA PHE E 497 -21.44 2.69 57.98
C PHE E 497 -20.08 3.21 58.51
N ALA E 498 -19.12 3.22 57.62
CA ALA E 498 -17.84 3.72 57.98
C ALA E 498 -17.88 5.24 57.98
N ASP E 499 -17.13 5.88 58.88
CA ASP E 499 -17.07 7.32 58.90
C ASP E 499 -16.55 7.74 57.51
N ALA E 500 -15.66 6.95 57.00
CA ALA E 500 -15.07 7.26 55.70
C ALA E 500 -16.05 7.14 54.54
N ARG E 501 -17.01 6.27 54.65
CA ARG E 501 -17.96 6.13 53.59
C ARG E 501 -18.96 7.28 53.63
N LEU E 502 -19.35 7.63 54.86
CA LEU E 502 -20.27 8.73 55.16
C LEU E 502 -19.60 10.02 54.70
N ALA E 503 -18.28 10.15 54.94
CA ALA E 503 -17.57 11.33 54.49
C ALA E 503 -17.65 11.45 52.96
N LYS E 504 -17.42 10.33 52.28
CA LYS E 504 -17.48 10.33 50.82
C LYS E 504 -18.85 10.84 50.37
N LEU E 505 -19.91 10.30 50.95
CA LEU E 505 -21.27 10.68 50.61
C LEU E 505 -21.65 12.13 50.97
N ALA E 506 -21.06 12.69 52.00
CA ALA E 506 -21.37 14.05 52.38
C ALA E 506 -20.33 15.01 51.84
N GLY E 507 -19.39 14.45 51.11
CA GLY E 507 -18.35 15.29 50.57
C GLY E 507 -17.50 15.97 51.64
N VAL E 508 -17.08 15.20 52.62
CA VAL E 508 -16.24 15.74 53.67
C VAL E 508 -15.04 14.82 53.91
N ARG E 509 -14.22 15.18 54.86
CA ARG E 509 -13.07 14.36 55.19
C ARG E 509 -13.56 13.43 56.27
N GLU E 510 -13.02 12.23 56.29
CA GLU E 510 -13.40 11.28 57.29
C GLU E 510 -13.27 11.87 58.68
N ALA E 511 -12.22 12.66 58.86
CA ALA E 511 -12.00 13.26 60.18
C ALA E 511 -13.18 14.05 60.66
N GLU E 512 -13.94 14.57 59.72
CA GLU E 512 -15.07 15.36 60.12
C GLU E 512 -16.18 14.57 60.67
N ILE E 513 -16.36 13.40 60.06
CA ILE E 513 -17.39 12.51 60.54
C ILE E 513 -17.02 12.10 61.95
N ARG E 514 -15.76 11.75 62.07
CA ARG E 514 -15.25 11.34 63.34
C ARG E 514 -15.51 12.39 64.38
N LYS E 515 -14.96 13.57 64.12
CA LYS E 515 -15.09 14.72 65.00
C LYS E 515 -16.54 14.96 65.41
N LEU E 516 -17.42 14.78 64.44
CA LEU E 516 -18.80 14.94 64.67
C LEU E 516 -19.42 13.86 65.60
N ARG E 517 -18.87 12.66 65.56
CA ARG E 517 -19.33 11.58 66.39
C ARG E 517 -18.93 11.85 67.82
N ASP E 518 -17.70 12.29 67.90
CA ASP E 518 -17.13 12.58 69.19
C ASP E 518 -17.97 13.61 69.89
N GLN E 519 -18.47 14.49 69.03
CA GLN E 519 -19.31 15.63 69.33
C GLN E 519 -20.61 15.26 70.01
N TYR E 520 -21.18 14.21 69.47
CA TYR E 520 -22.41 13.68 69.96
C TYR E 520 -22.19 12.56 70.92
N ASP E 521 -20.94 12.36 71.32
CA ASP E 521 -20.59 11.27 72.22
C ASP E 521 -21.12 9.99 71.63
N LEU E 522 -20.89 9.92 70.30
CA LEU E 522 -21.35 8.78 69.56
C LEU E 522 -20.23 7.81 69.25
N HIS E 523 -20.09 6.85 70.16
CA HIS E 523 -19.08 5.83 70.08
C HIS E 523 -19.69 4.44 70.19
N PRO E 524 -18.98 3.43 69.70
CA PRO E 524 -19.49 2.05 69.77
C PRO E 524 -19.26 1.47 71.14
N VAL E 525 -19.81 0.32 71.38
CA VAL E 525 -19.60 -0.38 72.63
C VAL E 525 -18.97 -1.71 72.19
N TYR E 526 -18.41 -2.48 73.11
CA TYR E 526 -17.82 -3.76 72.76
C TYR E 526 -18.61 -4.85 73.38
N LYS E 527 -18.86 -5.88 72.61
CA LYS E 527 -19.53 -7.02 73.09
C LYS E 527 -18.45 -8.08 73.04
N ARG E 528 -18.62 -9.13 73.81
CA ARG E 528 -17.66 -10.21 73.88
C ARG E 528 -18.24 -11.50 73.35
N VAL E 529 -17.35 -12.38 72.80
CA VAL E 529 -17.71 -13.71 72.27
C VAL E 529 -17.72 -14.62 73.51
N ASP E 530 -18.71 -15.52 73.58
CA ASP E 530 -18.83 -16.37 74.73
C ASP E 530 -19.43 -17.73 74.42
N THR E 531 -19.69 -18.02 73.15
CA THR E 531 -20.28 -19.29 72.71
C THR E 531 -21.73 -19.49 73.17
N CYS E 532 -22.26 -18.65 74.09
CA CYS E 532 -23.60 -18.96 74.59
C CYS E 532 -24.67 -17.92 74.64
N ALA E 533 -24.56 -16.90 73.82
CA ALA E 533 -25.56 -15.85 73.80
C ALA E 533 -25.73 -15.20 75.14
N ALA E 534 -24.62 -15.06 75.85
CA ALA E 534 -24.55 -14.44 77.15
C ALA E 534 -25.24 -15.23 78.25
N GLU E 535 -25.58 -16.50 77.99
CA GLU E 535 -26.24 -17.29 79.00
C GLU E 535 -25.33 -17.51 80.17
N PHE E 536 -24.03 -17.50 79.91
CA PHE E 536 -23.08 -17.70 80.98
C PHE E 536 -22.02 -16.65 80.94
N ALA E 537 -21.43 -16.38 82.10
CA ALA E 537 -20.39 -15.37 82.19
C ALA E 537 -19.09 -15.77 81.50
N THR E 538 -18.26 -14.77 81.18
CA THR E 538 -17.00 -15.03 80.51
C THR E 538 -15.86 -14.27 81.18
N ASP E 539 -14.72 -14.96 81.30
CA ASP E 539 -13.51 -14.39 81.87
C ASP E 539 -12.55 -14.08 80.74
N THR E 540 -13.02 -14.34 79.53
CA THR E 540 -12.24 -14.10 78.35
C THR E 540 -12.56 -12.72 77.76
N ALA E 541 -11.59 -12.15 77.07
CA ALA E 541 -11.76 -10.83 76.44
C ALA E 541 -11.54 -10.81 74.92
N TYR E 542 -12.50 -11.37 74.25
CA TYR E 542 -12.55 -11.53 72.83
C TYR E 542 -13.72 -10.65 72.40
N MET E 543 -13.39 -9.43 71.94
CA MET E 543 -14.40 -8.44 71.58
C MET E 543 -14.55 -8.03 70.12
N TYR E 544 -15.69 -7.37 69.91
CA TYR E 544 -16.12 -6.83 68.63
C TYR E 544 -16.91 -5.54 68.92
N SER E 545 -16.84 -4.54 68.06
CA SER E 545 -17.57 -3.32 68.27
C SER E 545 -18.94 -3.37 67.63
N THR E 546 -19.76 -2.46 68.10
CA THR E 546 -21.12 -2.32 67.65
C THR E 546 -21.64 -1.09 68.28
N TYR E 547 -22.74 -0.61 67.71
CA TYR E 547 -23.39 0.57 68.22
C TYR E 547 -24.58 0.13 69.06
N GLU E 548 -24.33 -0.17 70.34
CA GLU E 548 -25.39 -0.61 71.26
C GLU E 548 -25.41 0.10 72.59
N GLU E 549 -26.08 -0.43 73.63
CA GLU E 549 -26.09 0.28 74.90
C GLU E 549 -24.94 0.00 75.85
N GLU E 550 -24.84 -1.24 76.26
CA GLU E 550 -23.85 -1.67 77.20
C GLU E 550 -22.54 -2.08 76.60
N CYS E 551 -21.46 -1.58 77.21
CA CYS E 551 -20.11 -1.88 76.80
C CYS E 551 -19.51 -2.90 77.75
N GLU E 552 -18.95 -3.95 77.17
CA GLU E 552 -18.32 -5.03 77.92
C GLU E 552 -16.82 -4.92 77.91
N ALA E 553 -16.29 -3.82 77.41
CA ALA E 553 -14.87 -3.72 77.38
C ALA E 553 -14.19 -3.81 78.76
N ASN E 554 -14.64 -3.02 79.74
CA ASN E 554 -14.04 -3.06 81.10
C ASN E 554 -12.49 -3.15 81.18
N PRO E 555 -11.84 -2.25 80.45
CA PRO E 555 -10.40 -2.11 80.37
C PRO E 555 -9.82 -1.85 81.72
N SER E 556 -8.63 -2.40 81.90
CA SER E 556 -7.89 -2.30 83.12
C SER E 556 -7.21 -0.98 83.27
N THR E 557 -6.92 -0.66 84.50
CA THR E 557 -6.27 0.55 84.90
C THR E 557 -4.89 0.18 85.39
N ASP E 558 -4.85 -1.06 85.90
CA ASP E 558 -3.77 -1.85 86.49
C ASP E 558 -2.44 -1.98 85.73
N ARG E 559 -2.49 -2.47 84.48
CA ARG E 559 -1.28 -2.72 83.69
C ARG E 559 -0.94 -1.74 82.59
N GLU E 560 0.28 -1.98 82.12
CA GLU E 560 0.93 -1.27 81.02
C GLU E 560 0.51 -2.02 79.77
N LYS E 561 -0.14 -1.28 78.87
CA LYS E 561 -0.67 -1.87 77.65
C LYS E 561 0.07 -1.64 76.36
N ILE E 562 0.20 -2.75 75.62
CA ILE E 562 0.82 -2.68 74.31
C ILE E 562 -0.15 -3.26 73.28
N MET E 563 -0.48 -2.45 72.29
CA MET E 563 -1.41 -2.83 71.21
C MET E 563 -0.69 -3.27 69.98
N VAL E 564 -1.13 -4.41 69.45
CA VAL E 564 -0.49 -4.94 68.28
C VAL E 564 -1.46 -4.99 67.14
N LEU E 565 -1.05 -4.33 66.04
CA LEU E 565 -1.88 -4.28 64.85
C LEU E 565 -1.57 -5.31 63.75
N GLY E 566 -2.60 -6.10 63.47
CA GLY E 566 -2.51 -7.11 62.44
C GLY E 566 -2.67 -6.52 61.05
N GLY E 567 -2.59 -7.36 60.03
CA GLY E 567 -2.70 -6.95 58.62
C GLY E 567 -4.00 -7.29 57.91
N GLY E 568 -5.05 -7.73 58.62
CA GLY E 568 -6.29 -8.07 57.98
C GLY E 568 -6.17 -9.38 57.16
N PRO E 569 -6.92 -9.49 56.07
CA PRO E 569 -6.82 -10.68 55.25
C PRO E 569 -5.45 -10.90 54.62
N ASN E 570 -5.18 -12.15 54.34
CA ASN E 570 -3.93 -12.52 53.70
C ASN E 570 -4.04 -12.23 52.19
N ARG E 571 -2.94 -11.81 51.61
CA ARG E 571 -2.84 -11.50 50.21
C ARG E 571 -1.43 -11.81 49.85
N ILE E 572 -1.26 -11.99 48.54
CA ILE E 572 0.04 -12.27 48.03
C ILE E 572 0.93 -11.13 48.43
N GLY E 573 1.99 -11.46 49.14
CA GLY E 573 2.91 -10.46 49.58
C GLY E 573 2.65 -10.05 50.98
N GLN E 574 1.49 -10.39 51.44
CA GLN E 574 1.14 -10.07 52.82
C GLN E 574 0.61 -11.32 53.48
N GLY E 575 1.44 -12.34 53.57
CA GLY E 575 0.99 -13.59 54.14
C GLY E 575 1.29 -13.78 55.63
N ILE E 576 1.13 -15.04 56.04
CA ILE E 576 1.34 -15.55 57.36
C ILE E 576 2.56 -14.97 58.05
N GLU E 577 3.63 -14.73 57.28
CA GLU E 577 4.87 -14.19 57.77
C GLU E 577 4.66 -12.99 58.68
N PHE E 578 3.69 -12.10 58.37
CA PHE E 578 3.42 -10.90 59.17
C PHE E 578 2.65 -11.24 60.44
N ASP E 579 1.67 -12.14 60.28
CA ASP E 579 0.88 -12.64 61.40
C ASP E 579 1.79 -13.20 62.52
N TYR E 580 2.82 -14.00 62.09
CA TYR E 580 3.85 -14.64 62.94
C TYR E 580 4.60 -13.57 63.76
N CYS E 581 4.94 -12.50 63.13
CA CYS E 581 5.62 -11.47 63.86
C CYS E 581 4.68 -10.87 64.85
N CYS E 582 3.49 -10.61 64.38
CA CYS E 582 2.49 -10.04 65.27
C CYS E 582 2.27 -10.91 66.53
N VAL E 583 2.07 -12.21 66.32
CA VAL E 583 1.89 -13.16 67.41
C VAL E 583 3.08 -13.11 68.37
N HIS E 584 4.31 -13.13 67.80
CA HIS E 584 5.56 -13.08 68.56
C HIS E 584 5.63 -11.87 69.46
N ALA E 585 5.20 -10.73 68.96
CA ALA E 585 5.25 -9.56 69.77
C ALA E 585 4.30 -9.72 70.96
N SER E 586 3.12 -10.25 70.69
CA SER E 586 2.17 -10.43 71.78
C SER E 586 2.75 -11.36 72.87
N LEU E 587 3.10 -12.55 72.41
CA LEU E 587 3.66 -13.59 73.25
C LEU E 587 4.81 -13.05 74.07
N ALA E 588 5.76 -12.47 73.38
CA ALA E 588 6.90 -11.94 74.05
C ALA E 588 6.57 -10.94 75.12
N LEU E 589 5.73 -9.98 74.78
CA LEU E 589 5.44 -8.97 75.77
C LEU E 589 4.50 -9.37 76.87
N ARG E 590 3.66 -10.32 76.55
CA ARG E 590 2.73 -10.74 77.56
C ARG E 590 3.56 -11.41 78.66
N GLU E 591 4.46 -12.23 78.21
CA GLU E 591 5.36 -12.95 79.06
C GLU E 591 6.08 -11.92 79.85
N ASP E 592 6.38 -10.86 79.15
CA ASP E 592 7.11 -9.77 79.78
C ASP E 592 6.39 -9.04 80.88
N GLY E 593 5.06 -9.18 80.99
CA GLY E 593 4.32 -8.49 82.03
C GLY E 593 3.39 -7.42 81.49
N TYR E 594 3.47 -7.21 80.19
CA TYR E 594 2.58 -6.22 79.61
C TYR E 594 1.21 -6.81 79.33
N GLU E 595 0.19 -5.95 79.32
CA GLU E 595 -1.12 -6.44 78.97
C GLU E 595 -1.13 -6.35 77.43
N THR E 596 -1.21 -7.44 76.69
CA THR E 596 -1.17 -7.30 75.28
C THR E 596 -2.53 -7.31 74.69
N ILE E 597 -2.67 -6.38 73.75
CA ILE E 597 -3.92 -6.18 73.03
C ILE E 597 -3.76 -6.41 71.50
N MET E 598 -4.51 -7.33 70.96
CA MET E 598 -4.37 -7.60 69.55
C MET E 598 -5.52 -7.10 68.72
N VAL E 599 -5.18 -6.43 67.61
CA VAL E 599 -6.24 -5.93 66.74
C VAL E 599 -6.14 -6.58 65.38
N ASN E 600 -7.10 -7.42 65.02
CA ASN E 600 -6.98 -8.04 63.74
C ASN E 600 -8.25 -8.70 63.35
N CYS E 601 -8.37 -9.03 62.07
CA CYS E 601 -9.60 -9.63 61.66
C CYS E 601 -9.49 -10.77 60.69
N ASN E 602 -8.38 -11.48 60.73
CA ASN E 602 -8.21 -12.60 59.82
C ASN E 602 -8.57 -13.88 60.61
N PRO E 603 -9.62 -14.60 60.20
CA PRO E 603 -10.12 -15.81 60.86
C PRO E 603 -9.19 -17.02 60.85
N GLU E 604 -8.28 -17.01 59.88
CA GLU E 604 -7.35 -18.09 59.66
C GLU E 604 -6.15 -18.15 60.58
N THR E 605 -5.85 -17.06 61.24
CA THR E 605 -4.64 -17.00 62.01
C THR E 605 -4.68 -17.17 63.50
N VAL E 606 -3.45 -17.46 63.96
CA VAL E 606 -3.16 -17.65 65.35
C VAL E 606 -3.32 -16.30 66.00
N SER E 607 -3.03 -15.23 65.25
CA SER E 607 -3.17 -13.90 65.85
C SER E 607 -4.57 -13.64 66.36
N THR E 608 -5.55 -14.29 65.73
CA THR E 608 -6.95 -14.13 66.12
C THR E 608 -7.51 -15.25 67.01
N ASP E 609 -6.55 -15.97 67.62
CA ASP E 609 -6.85 -17.02 68.58
C ASP E 609 -6.88 -16.30 69.94
N TYR E 610 -7.98 -16.43 70.73
CA TYR E 610 -8.11 -15.77 72.03
C TYR E 610 -6.91 -16.04 72.91
N ASP E 611 -6.27 -17.22 72.73
CA ASP E 611 -5.10 -17.59 73.55
C ASP E 611 -3.86 -16.79 73.29
N THR E 612 -3.80 -16.18 72.14
CA THR E 612 -2.61 -15.44 71.76
C THR E 612 -2.31 -14.13 72.48
N SER E 613 -3.32 -13.50 73.01
CA SER E 613 -3.08 -12.25 73.67
C SER E 613 -3.98 -12.11 74.85
N ASP E 614 -3.80 -11.03 75.61
CA ASP E 614 -4.63 -10.80 76.79
C ASP E 614 -5.99 -10.27 76.40
N ARG E 615 -6.01 -9.37 75.40
CA ARG E 615 -7.26 -8.78 74.90
C ARG E 615 -7.28 -8.83 73.39
N LEU E 616 -8.35 -9.40 72.79
CA LEU E 616 -8.45 -9.51 71.35
C LEU E 616 -9.60 -8.70 70.76
N TYR E 617 -9.29 -7.71 69.93
CA TYR E 617 -10.34 -6.92 69.30
C TYR E 617 -10.46 -7.44 67.90
N PHE E 618 -11.51 -8.21 67.66
CA PHE E 618 -11.71 -8.79 66.33
C PHE E 618 -12.40 -7.77 65.44
N GLU E 619 -11.56 -6.87 64.96
CA GLU E 619 -11.99 -5.75 64.18
C GLU E 619 -11.20 -5.40 62.94
N PRO E 620 -11.86 -4.61 62.13
CA PRO E 620 -11.25 -4.12 60.94
C PRO E 620 -10.02 -3.32 61.33
N VAL E 621 -8.95 -3.57 60.58
CA VAL E 621 -7.74 -2.83 60.94
C VAL E 621 -7.69 -1.47 60.20
N THR E 622 -8.57 -0.61 60.69
CA THR E 622 -8.73 0.74 60.18
C THR E 622 -8.46 1.77 61.24
N LEU E 623 -8.24 2.98 60.71
CA LEU E 623 -7.97 4.09 61.57
C LEU E 623 -9.17 4.29 62.48
N GLU E 624 -10.33 4.19 61.85
CA GLU E 624 -11.56 4.36 62.57
C GLU E 624 -11.65 3.37 63.72
N ASP E 625 -11.61 2.10 63.40
CA ASP E 625 -11.70 1.02 64.37
C ASP E 625 -10.65 1.05 65.46
N VAL E 626 -9.42 1.25 65.04
CA VAL E 626 -8.29 1.32 65.95
C VAL E 626 -8.38 2.51 66.88
N LEU E 627 -8.80 3.68 66.38
CA LEU E 627 -8.89 4.85 67.25
C LEU E 627 -9.91 4.63 68.33
N GLU E 628 -11.02 3.96 67.98
CA GLU E 628 -12.05 3.68 68.95
C GLU E 628 -11.55 2.81 70.08
N ILE E 629 -10.63 1.94 69.77
CA ILE E 629 -10.08 1.05 70.77
C ILE E 629 -9.09 1.81 71.62
N VAL E 630 -8.22 2.55 70.96
CA VAL E 630 -7.22 3.30 71.69
C VAL E 630 -7.87 4.22 72.71
N ARG E 631 -9.00 4.73 72.28
CA ARG E 631 -9.80 5.63 73.04
C ARG E 631 -10.12 5.10 74.43
N ILE E 632 -10.45 3.85 74.51
CA ILE E 632 -10.76 3.31 75.80
C ILE E 632 -9.60 2.58 76.43
N GLU E 633 -8.69 2.01 75.63
CA GLU E 633 -7.58 1.28 76.20
C GLU E 633 -6.48 2.11 76.74
N LYS E 634 -6.23 3.23 76.12
CA LYS E 634 -5.17 4.12 76.51
C LYS E 634 -3.87 3.38 76.69
N PRO E 635 -3.51 2.63 75.67
CA PRO E 635 -2.32 1.82 75.70
C PRO E 635 -1.07 2.62 75.87
N LYS E 636 -0.03 1.92 76.35
CA LYS E 636 1.29 2.51 76.53
C LYS E 636 1.90 2.72 75.14
N GLY E 637 1.76 1.72 74.28
CA GLY E 637 2.33 1.83 72.95
C GLY E 637 1.54 0.97 71.97
N VAL E 638 1.68 1.33 70.70
CA VAL E 638 1.04 0.68 69.59
C VAL E 638 2.12 0.28 68.59
N ILE E 639 2.07 -0.97 68.17
CA ILE E 639 3.07 -1.43 67.22
C ILE E 639 2.45 -1.57 65.84
N VAL E 640 2.97 -0.80 64.90
CA VAL E 640 2.45 -0.82 63.55
C VAL E 640 3.42 -1.42 62.54
N GLN E 641 4.59 -1.82 62.97
CA GLN E 641 5.50 -2.34 61.98
C GLN E 641 5.49 -3.83 61.74
N TYR E 642 4.66 -4.55 62.46
CA TYR E 642 4.64 -5.99 62.33
C TYR E 642 3.59 -6.53 61.40
N GLY E 643 2.50 -5.83 61.23
CA GLY E 643 1.45 -6.38 60.38
C GLY E 643 1.53 -6.19 58.87
N GLY E 644 2.63 -5.74 58.32
CA GLY E 644 2.66 -5.55 56.89
C GLY E 644 2.13 -4.17 56.49
N GLN E 645 1.79 -4.07 55.24
CA GLN E 645 1.29 -2.85 54.64
C GLN E 645 0.09 -2.19 55.32
N THR E 646 -0.85 -2.99 55.79
CA THR E 646 -2.06 -2.47 56.39
C THR E 646 -1.88 -1.52 57.57
N PRO E 647 -1.24 -2.03 58.63
CA PRO E 647 -1.03 -1.19 59.79
C PRO E 647 -0.04 -0.11 59.44
N LEU E 648 0.89 -0.47 58.59
CA LEU E 648 1.89 0.49 58.17
C LEU E 648 1.27 1.74 57.54
N LYS E 649 0.26 1.58 56.74
CA LYS E 649 -0.31 2.74 56.14
C LYS E 649 -1.06 3.61 57.10
N LEU E 650 -1.33 3.10 58.29
CA LEU E 650 -2.08 3.90 59.24
C LEU E 650 -1.24 4.77 60.16
N ALA E 651 0.01 4.44 60.22
CA ALA E 651 0.96 5.09 61.10
C ALA E 651 0.81 6.57 61.35
N ARG E 652 0.95 7.28 60.24
CA ARG E 652 0.92 8.70 60.26
C ARG E 652 -0.39 9.22 60.82
N ALA E 653 -1.48 8.65 60.35
CA ALA E 653 -2.75 9.11 60.85
C ALA E 653 -2.96 8.83 62.33
N LEU E 654 -2.44 7.70 62.80
CA LEU E 654 -2.56 7.33 64.19
C LEU E 654 -1.81 8.28 65.06
N GLU E 655 -0.59 8.46 64.64
CA GLU E 655 0.32 9.30 65.35
C GLU E 655 -0.26 10.68 65.47
N ALA E 656 -0.78 11.10 64.35
CA ALA E 656 -1.38 12.40 64.22
C ALA E 656 -2.57 12.59 65.14
N ALA E 657 -3.23 11.49 65.39
CA ALA E 657 -4.39 11.54 66.26
C ALA E 657 -4.06 11.31 67.76
N GLY E 658 -2.75 11.31 68.10
CA GLY E 658 -2.30 11.16 69.48
C GLY E 658 -1.90 9.77 69.95
N VAL E 659 -1.95 8.82 69.00
CA VAL E 659 -1.60 7.42 69.28
C VAL E 659 -0.12 7.22 69.63
N PRO E 660 0.12 6.57 70.80
CA PRO E 660 1.47 6.31 71.23
C PRO E 660 2.09 5.16 70.42
N VAL E 661 2.47 5.49 69.19
CA VAL E 661 3.08 4.52 68.31
C VAL E 661 4.54 4.27 68.72
N ILE E 662 4.89 3.02 69.05
CA ILE E 662 6.26 2.76 69.46
C ILE E 662 7.11 2.23 68.34
N GLY E 663 8.41 2.15 68.60
CA GLY E 663 9.38 1.67 67.62
C GLY E 663 9.74 2.70 66.54
N THR E 664 10.31 2.22 65.42
CA THR E 664 10.71 3.06 64.30
C THR E 664 9.57 3.98 63.90
N SER E 665 9.82 5.28 64.08
CA SER E 665 8.83 6.32 63.81
C SER E 665 8.22 6.31 62.43
N PRO E 666 6.95 6.73 62.35
CA PRO E 666 6.26 6.78 61.09
C PRO E 666 7.06 7.64 60.16
N ASP E 667 7.68 8.62 60.72
CA ASP E 667 8.48 9.45 59.87
C ASP E 667 9.72 8.75 59.34
N ALA E 668 10.40 8.00 60.18
CA ALA E 668 11.58 7.32 59.70
C ALA E 668 11.20 6.28 58.65
N ILE E 669 10.08 5.62 58.86
CA ILE E 669 9.61 4.61 57.95
C ILE E 669 9.43 5.28 56.63
N ASP E 670 8.80 6.44 56.73
CA ASP E 670 8.53 7.22 55.54
C ASP E 670 9.81 7.65 54.82
N ARG E 671 10.83 7.98 55.57
CA ARG E 671 12.09 8.37 54.96
C ARG E 671 12.60 7.26 54.09
N ALA E 672 12.40 6.02 54.51
CA ALA E 672 12.88 4.90 53.72
C ALA E 672 11.90 4.59 52.62
N GLU E 673 10.62 4.63 52.95
CA GLU E 673 9.63 4.32 51.95
C GLU E 673 9.53 5.37 50.92
N ASP E 674 9.94 6.58 51.28
CA ASP E 674 9.85 7.65 50.29
C ASP E 674 11.06 7.77 49.38
N ARG E 675 10.85 7.36 48.15
CA ARG E 675 11.81 7.36 47.04
C ARG E 675 12.77 8.54 47.08
N GLU E 676 12.26 9.70 47.37
CA GLU E 676 13.15 10.84 47.44
C GLU E 676 13.89 10.93 48.76
N ARG E 677 13.13 10.83 49.87
CA ARG E 677 13.69 10.89 51.21
C ARG E 677 14.87 9.95 51.27
N PHE E 678 14.57 8.72 50.89
CA PHE E 678 15.53 7.63 50.87
C PHE E 678 16.82 7.99 50.20
N GLN E 679 16.70 8.30 48.93
CA GLN E 679 17.81 8.65 48.09
C GLN E 679 18.70 9.68 48.76
N HIS E 680 18.12 10.57 49.51
CA HIS E 680 18.92 11.57 50.18
C HIS E 680 19.82 10.98 51.21
N ALA E 681 19.20 10.13 52.00
CA ALA E 681 19.89 9.45 53.04
C ALA E 681 21.02 8.69 52.37
N VAL E 682 20.71 7.95 51.30
CA VAL E 682 21.71 7.17 50.58
C VAL E 682 22.93 8.01 50.20
N GLU E 683 22.66 9.14 49.58
CA GLU E 683 23.76 10.02 49.20
C GLU E 683 24.43 10.56 50.43
N ARG E 684 23.63 10.75 51.45
CA ARG E 684 24.15 11.26 52.69
C ARG E 684 25.16 10.27 53.33
N LEU E 685 24.86 8.95 53.22
CA LEU E 685 25.68 7.85 53.75
C LEU E 685 26.81 7.47 52.80
N LYS E 686 26.72 8.08 51.63
CA LYS E 686 27.66 7.86 50.57
C LYS E 686 27.70 6.39 50.17
N LEU E 687 26.50 5.83 49.99
CA LEU E 687 26.31 4.44 49.62
C LEU E 687 26.01 4.31 48.12
N LYS E 688 25.81 3.08 47.65
CA LYS E 688 25.55 2.81 46.24
C LYS E 688 24.17 2.24 45.82
N GLN E 689 23.47 3.09 45.09
CA GLN E 689 22.15 2.88 44.54
C GLN E 689 22.28 2.84 43.02
N PRO E 690 21.27 2.36 42.39
CA PRO E 690 21.28 2.32 40.94
C PRO E 690 20.80 3.66 40.40
N ALA E 691 21.29 4.05 39.21
CA ALA E 691 20.89 5.30 38.58
C ALA E 691 19.41 5.26 38.34
N ASN E 692 18.77 6.35 38.72
CA ASN E 692 17.34 6.46 38.59
C ASN E 692 16.91 7.82 38.13
N ALA E 693 15.63 7.90 37.88
CA ALA E 693 15.05 9.12 37.44
C ALA E 693 13.56 9.09 37.46
N THR E 694 13.01 10.21 37.82
CA THR E 694 11.59 10.29 37.81
C THR E 694 11.26 10.87 36.46
N VAL E 695 10.14 10.45 35.95
CA VAL E 695 9.74 10.93 34.66
C VAL E 695 8.24 11.06 34.60
N THR E 696 7.84 12.15 34.00
CA THR E 696 6.44 12.46 33.84
C THR E 696 5.94 12.11 32.45
N ALA E 697 6.81 12.38 31.49
CA ALA E 697 6.47 12.13 30.11
C ALA E 697 7.15 10.96 29.45
N ILE E 698 6.45 10.68 28.40
CA ILE E 698 6.55 9.63 27.46
C ILE E 698 7.72 9.69 26.45
N GLU E 699 8.34 10.89 26.45
CA GLU E 699 9.46 11.34 25.63
C GLU E 699 10.61 11.75 26.51
N MET E 700 10.20 12.10 27.72
CA MET E 700 11.07 12.53 28.82
C MET E 700 11.98 11.37 29.10
N ALA E 701 11.31 10.25 29.36
CA ALA E 701 11.83 8.93 29.66
C ALA E 701 12.95 8.53 28.70
N VAL E 702 12.56 8.44 27.45
CA VAL E 702 13.44 8.08 26.34
C VAL E 702 14.84 8.66 26.39
N GLU E 703 14.92 9.83 27.02
CA GLU E 703 16.15 10.55 27.17
C GLU E 703 16.80 10.25 28.50
N LYS E 704 16.00 10.37 29.55
CA LYS E 704 16.46 10.07 30.89
C LYS E 704 17.01 8.64 30.81
N ALA E 705 16.28 7.77 30.08
CA ALA E 705 16.64 6.38 29.83
C ALA E 705 18.05 6.32 29.35
N LYS E 706 18.27 7.15 28.37
CA LYS E 706 19.57 7.26 27.75
C LYS E 706 20.67 7.53 28.74
N GLU E 707 20.34 8.36 29.73
CA GLU E 707 21.28 8.76 30.77
C GLU E 707 21.71 7.56 31.63
N ILE E 708 20.65 6.99 32.25
CA ILE E 708 20.64 5.85 33.14
C ILE E 708 21.34 4.63 32.52
N GLY E 709 20.97 4.29 31.29
CA GLY E 709 21.58 3.17 30.59
C GLY E 709 20.68 1.96 30.63
N TYR E 710 20.50 1.26 29.52
CA TYR E 710 19.63 0.11 29.54
C TYR E 710 20.38 -1.04 30.20
N PRO E 711 19.70 -2.06 30.74
CA PRO E 711 18.26 -2.19 30.72
C PRO E 711 17.68 -1.34 31.81
N LEU E 712 16.39 -1.19 31.76
CA LEU E 712 15.76 -0.36 32.74
C LEU E 712 14.66 -1.04 33.50
N VAL E 713 14.48 -0.55 34.72
CA VAL E 713 13.39 -1.00 35.55
C VAL E 713 12.34 0.10 35.49
N VAL E 714 11.18 -0.23 34.94
CA VAL E 714 10.11 0.74 34.79
C VAL E 714 8.91 0.46 35.69
N ARG E 715 8.93 1.24 36.76
CA ARG E 715 7.89 1.21 37.77
C ARG E 715 6.96 2.36 37.44
N PRO E 716 5.69 2.08 37.52
CA PRO E 716 4.76 3.12 37.19
C PRO E 716 4.19 3.76 38.47
N ALA E 724 2.49 -3.28 37.95
CA ALA E 724 2.95 -3.68 36.63
C ALA E 724 4.32 -3.09 36.38
N MET E 725 5.32 -3.61 37.08
CA MET E 725 6.65 -3.10 36.88
C MET E 725 7.42 -3.99 35.93
N GLU E 726 7.92 -3.38 34.85
CA GLU E 726 8.64 -4.13 33.83
C GLU E 726 10.09 -3.79 33.59
N ILE E 727 10.78 -4.73 32.91
CA ILE E 727 12.18 -4.52 32.57
C ILE E 727 12.37 -4.26 31.09
N VAL E 728 12.77 -3.03 30.79
CA VAL E 728 12.97 -2.59 29.43
C VAL E 728 14.41 -2.61 29.02
N TYR E 729 14.61 -3.17 27.84
CA TYR E 729 15.93 -3.37 27.33
C TYR E 729 16.44 -2.39 26.27
N ASP E 730 15.55 -1.67 25.59
CA ASP E 730 15.97 -0.69 24.56
C ASP E 730 14.89 0.31 24.31
N GLU E 731 15.31 1.40 23.64
CA GLU E 731 14.44 2.50 23.27
C GLU E 731 13.05 2.06 22.83
N ALA E 732 13.06 1.17 21.85
CA ALA E 732 11.84 0.62 21.30
C ALA E 732 11.01 -0.02 22.39
N ASP E 733 11.74 -0.83 23.19
CA ASP E 733 11.18 -1.53 24.33
C ASP E 733 10.42 -0.51 25.18
N LEU E 734 11.14 0.56 25.51
CA LEU E 734 10.59 1.65 26.29
C LEU E 734 9.19 2.11 25.86
N ARG E 735 9.15 2.63 24.63
CA ARG E 735 7.93 3.13 24.01
C ARG E 735 6.82 2.14 24.16
N ARG E 736 7.19 0.97 23.63
CA ARG E 736 6.37 -0.20 23.59
C ARG E 736 5.66 -0.33 24.95
N TYR E 737 6.45 -0.28 26.05
CA TYR E 737 5.86 -0.36 27.40
C TYR E 737 4.89 0.79 27.52
N PHE E 738 5.45 1.99 27.35
CA PHE E 738 4.71 3.23 27.43
C PHE E 738 3.31 3.24 26.88
N GLN E 739 3.11 2.55 25.77
CA GLN E 739 1.81 2.48 25.16
C GLN E 739 0.80 1.71 26.02
N THR E 740 1.15 0.46 26.30
CA THR E 740 0.36 -0.45 27.09
C THR E 740 0.17 0.09 28.50
N ALA E 741 1.03 1.07 28.86
CA ALA E 741 1.09 1.74 30.16
C ALA E 741 -0.30 1.98 30.80
N VAL E 750 6.01 7.88 36.98
CA VAL E 750 6.89 6.91 36.32
C VAL E 750 8.39 6.84 36.70
N LEU E 751 8.66 5.92 37.61
CA LEU E 751 9.99 5.69 38.07
C LEU E 751 10.75 4.90 37.06
N LEU E 752 12.02 5.26 36.95
CA LEU E 752 12.96 4.65 36.02
C LEU E 752 14.29 4.39 36.69
N ASP E 753 14.62 3.11 36.81
CA ASP E 753 15.87 2.71 37.43
C ASP E 753 16.72 1.77 36.59
N HIS E 754 18.00 2.00 36.65
CA HIS E 754 18.87 1.12 35.91
C HIS E 754 18.80 -0.31 36.44
N PHE E 755 18.58 -1.31 35.57
CA PHE E 755 18.53 -2.69 36.03
C PHE E 755 19.89 -3.35 36.14
N LEU E 756 20.20 -3.89 37.31
CA LEU E 756 21.48 -4.56 37.47
C LEU E 756 21.39 -6.02 37.06
N ASP E 757 21.74 -6.27 35.83
CA ASP E 757 21.72 -7.59 35.23
C ASP E 757 22.83 -8.44 35.83
N ASP E 758 22.66 -9.77 35.76
CA ASP E 758 23.67 -10.68 36.28
C ASP E 758 24.18 -10.36 37.68
N ALA E 759 23.22 -9.95 38.50
CA ALA E 759 23.43 -9.57 39.88
C ALA E 759 22.81 -10.58 40.86
N VAL E 760 23.47 -10.69 42.04
CA VAL E 760 23.08 -11.54 43.16
C VAL E 760 22.32 -10.68 44.14
N GLU E 761 21.06 -11.08 44.39
CA GLU E 761 20.18 -10.39 45.31
C GLU E 761 20.39 -10.86 46.74
N VAL E 762 20.39 -9.92 47.64
CA VAL E 762 20.59 -10.28 49.01
C VAL E 762 19.58 -9.58 49.92
N ASP E 763 19.19 -10.29 50.97
CA ASP E 763 18.28 -9.77 51.98
C ASP E 763 18.99 -9.84 53.30
N VAL E 764 18.94 -8.78 54.06
CA VAL E 764 19.54 -8.82 55.35
C VAL E 764 18.51 -8.34 56.36
N ASP E 765 18.22 -9.16 57.36
CA ASP E 765 17.28 -8.70 58.37
C ASP E 765 18.13 -8.35 59.56
N ALA E 766 17.73 -7.25 60.23
CA ALA E 766 18.46 -6.76 61.36
C ALA E 766 17.65 -5.99 62.36
N ILE E 767 18.27 -5.78 63.51
CA ILE E 767 17.62 -5.04 64.58
C ILE E 767 18.54 -4.00 65.12
N CYS E 768 17.96 -2.84 65.32
CA CYS E 768 18.71 -1.73 65.86
C CYS E 768 17.98 -1.17 67.08
N ASP E 769 18.69 -0.99 68.25
CA ASP E 769 18.12 -0.47 69.51
C ASP E 769 18.55 0.97 69.73
N GLY E 770 19.20 1.49 68.69
CA GLY E 770 19.69 2.84 68.64
C GLY E 770 21.05 2.93 69.26
N GLU E 771 21.46 1.88 69.94
CA GLU E 771 22.74 1.90 70.56
C GLU E 771 23.68 0.90 69.87
N MET E 772 23.03 -0.09 69.26
CA MET E 772 23.72 -1.08 68.49
C MET E 772 22.79 -1.71 67.46
N VAL E 773 23.38 -2.40 66.46
CA VAL E 773 22.65 -3.06 65.38
C VAL E 773 22.94 -4.54 65.37
N LEU E 774 21.89 -5.37 65.43
CA LEU E 774 22.02 -6.81 65.39
C LEU E 774 21.70 -7.36 64.00
N ILE E 775 22.66 -8.05 63.40
CA ILE E 775 22.44 -8.65 62.11
C ILE E 775 21.74 -9.92 62.38
N GLY E 776 20.55 -9.94 61.83
CA GLY E 776 19.76 -11.11 62.07
C GLY E 776 20.15 -12.20 61.11
N GLY E 777 20.23 -11.82 59.85
CA GLY E 777 20.58 -12.82 58.88
C GLY E 777 20.78 -12.19 57.54
N ILE E 778 21.67 -12.83 56.81
CA ILE E 778 22.07 -12.46 55.46
C ILE E 778 21.75 -13.63 54.55
N MET E 779 20.77 -13.43 53.70
CA MET E 779 20.30 -14.44 52.79
C MET E 779 20.70 -14.11 51.39
N GLU E 780 21.26 -15.10 50.73
CA GLU E 780 21.67 -14.90 49.36
C GLU E 780 20.65 -15.55 48.45
N HIS E 781 20.02 -14.81 47.54
CA HIS E 781 19.04 -15.45 46.69
C HIS E 781 19.69 -16.32 45.66
N ILE E 782 18.95 -17.36 45.26
CA ILE E 782 19.36 -18.27 44.21
C ILE E 782 19.07 -17.45 42.94
N GLU E 783 17.77 -17.21 42.64
CA GLU E 783 17.40 -16.39 41.49
C GLU E 783 18.06 -14.99 41.62
N GLN E 784 18.43 -14.40 40.50
CA GLN E 784 19.11 -13.10 40.51
C GLN E 784 18.15 -11.94 40.65
N ALA E 785 18.76 -10.74 40.80
CA ALA E 785 18.02 -9.48 40.92
C ALA E 785 17.14 -9.40 39.72
N GLY E 786 15.90 -9.04 39.90
CA GLY E 786 15.08 -9.08 38.71
C GLY E 786 14.00 -10.14 38.88
N VAL E 787 14.23 -11.00 39.86
CA VAL E 787 13.29 -12.01 40.27
C VAL E 787 12.97 -11.53 41.68
N HIS E 788 11.70 -11.18 41.87
CA HIS E 788 11.27 -10.66 43.13
C HIS E 788 11.74 -11.49 44.29
N SER E 789 12.26 -10.76 45.25
CA SER E 789 12.76 -11.27 46.50
C SER E 789 11.82 -12.37 47.02
N GLY E 790 10.53 -12.01 47.05
CA GLY E 790 9.42 -12.82 47.55
C GLY E 790 9.16 -14.05 46.77
N ASP E 791 9.75 -14.09 45.61
CA ASP E 791 9.57 -15.25 44.77
C ASP E 791 10.88 -16.00 44.57
N SER E 792 11.94 -15.56 45.22
CA SER E 792 13.22 -16.21 45.07
C SER E 792 13.50 -17.21 46.19
N ALA E 793 14.25 -18.25 45.86
CA ALA E 793 14.67 -19.21 46.84
C ALA E 793 15.89 -18.50 47.49
N CYS E 794 16.27 -18.84 48.70
CA CYS E 794 17.40 -18.20 49.33
C CYS E 794 18.08 -19.09 50.33
N SER E 795 19.29 -18.72 50.62
CA SER E 795 20.06 -19.49 51.53
C SER E 795 20.64 -18.64 52.63
N LEU E 796 20.71 -19.30 53.76
CA LEU E 796 21.29 -18.72 54.93
C LEU E 796 22.06 -19.87 55.59
N PRO E 797 23.42 -19.77 55.69
CA PRO E 797 24.23 -18.64 55.25
C PRO E 797 24.38 -18.53 53.74
N ALA E 798 24.96 -17.41 53.27
CA ALA E 798 25.17 -17.17 51.86
C ALA E 798 25.99 -18.29 51.22
N TYR E 799 25.62 -18.73 50.04
CA TYR E 799 26.40 -19.83 49.52
C TYR E 799 27.41 -19.52 48.47
N THR E 800 27.43 -18.32 47.94
CA THR E 800 28.48 -18.08 46.98
C THR E 800 29.15 -16.77 47.31
N LEU E 801 28.46 -15.92 48.06
CA LEU E 801 29.03 -14.61 48.38
C LEU E 801 30.26 -14.62 49.29
N SER E 802 31.26 -13.87 48.91
CA SER E 802 32.41 -13.83 49.74
C SER E 802 32.15 -13.16 51.09
N GLN E 803 32.98 -13.52 52.06
CA GLN E 803 32.88 -12.95 53.37
C GLN E 803 33.09 -11.45 53.28
N GLU E 804 34.12 -11.08 52.54
CA GLU E 804 34.46 -9.68 52.33
C GLU E 804 33.25 -8.90 51.83
N ILE E 805 32.55 -9.42 50.82
CA ILE E 805 31.37 -8.74 50.32
C ILE E 805 30.24 -8.64 51.34
N GLN E 806 30.01 -9.71 52.10
CA GLN E 806 28.98 -9.75 53.12
C GLN E 806 29.26 -8.73 54.23
N ASP E 807 30.53 -8.63 54.62
CA ASP E 807 30.87 -7.71 55.69
C ASP E 807 30.57 -6.28 55.31
N VAL E 808 30.63 -6.10 54.04
CA VAL E 808 30.39 -4.78 53.55
C VAL E 808 28.96 -4.40 53.78
N MET E 809 28.10 -5.33 53.40
CA MET E 809 26.68 -5.19 53.55
C MET E 809 26.38 -5.07 55.00
N ARG E 810 27.14 -5.82 55.79
CA ARG E 810 26.94 -5.72 57.22
C ARG E 810 27.20 -4.29 57.60
N GLN E 811 28.27 -3.74 57.03
CA GLN E 811 28.62 -2.38 57.33
C GLN E 811 27.54 -1.37 56.92
N GLN E 812 26.93 -1.58 55.77
CA GLN E 812 25.90 -0.69 55.26
C GLN E 812 24.60 -0.69 56.02
N VAL E 813 24.23 -1.86 56.47
CA VAL E 813 23.02 -2.04 57.24
C VAL E 813 23.13 -1.27 58.56
N GLN E 814 24.30 -1.39 59.16
CA GLN E 814 24.51 -0.69 60.40
C GLN E 814 24.40 0.83 60.18
N LYS E 815 25.05 1.32 59.13
CA LYS E 815 24.99 2.74 58.78
C LYS E 815 23.56 3.25 58.54
N LEU E 816 22.83 2.48 57.79
CA LEU E 816 21.48 2.86 57.48
C LEU E 816 20.61 2.91 58.70
N ALA E 817 20.73 1.82 59.45
CA ALA E 817 19.97 1.65 60.63
C ALA E 817 20.09 2.83 61.53
N PHE E 818 21.30 3.11 61.91
CA PHE E 818 21.53 4.21 62.80
C PHE E 818 21.02 5.49 62.16
N GLU E 819 21.34 5.62 60.91
CA GLU E 819 20.95 6.78 60.18
C GLU E 819 19.46 7.03 60.16
N LEU E 820 18.71 6.02 59.71
CA LEU E 820 17.27 6.14 59.64
C LEU E 820 16.55 6.08 60.98
N GLN E 821 17.30 5.83 62.07
CA GLN E 821 16.75 5.74 63.42
C GLN E 821 15.84 4.53 63.67
N VAL E 822 16.31 3.39 63.21
CA VAL E 822 15.56 2.17 63.38
C VAL E 822 15.58 1.79 64.81
N ARG E 823 14.39 1.43 65.26
CA ARG E 823 14.15 0.97 66.61
C ARG E 823 13.25 -0.23 66.44
N GLY E 824 13.87 -1.38 66.32
CA GLY E 824 13.15 -2.60 66.10
C GLY E 824 13.70 -3.24 64.84
N LEU E 825 12.83 -3.98 64.15
CA LEU E 825 13.22 -4.68 62.95
C LEU E 825 13.44 -3.78 61.74
N MET E 826 14.23 -4.29 60.82
CA MET E 826 14.53 -3.63 59.56
C MET E 826 15.07 -4.66 58.61
N ASN E 827 15.02 -4.32 57.36
CA ASN E 827 15.43 -5.24 56.34
C ASN E 827 16.01 -4.48 55.22
N VAL E 828 17.08 -5.02 54.72
CA VAL E 828 17.73 -4.36 53.64
C VAL E 828 17.92 -5.30 52.48
N GLN E 829 17.70 -4.75 51.28
CA GLN E 829 17.86 -5.54 50.09
C GLN E 829 18.99 -4.99 49.25
N PHE E 830 19.93 -5.85 48.88
CA PHE E 830 21.07 -5.43 48.11
C PHE E 830 21.21 -6.18 46.82
N ALA E 831 22.01 -5.62 45.92
CA ALA E 831 22.33 -6.23 44.62
C ALA E 831 23.83 -6.23 44.52
N VAL E 832 24.39 -7.39 44.18
CA VAL E 832 25.82 -7.52 44.09
C VAL E 832 26.23 -7.70 42.65
N LYS E 833 26.89 -6.70 42.13
CA LYS E 833 27.32 -6.77 40.76
C LYS E 833 28.76 -6.34 40.58
N ASN E 834 29.58 -7.30 40.16
CA ASN E 834 30.99 -7.11 39.93
C ASN E 834 31.79 -6.76 41.16
N ASN E 835 31.42 -7.34 42.28
CA ASN E 835 32.10 -7.07 43.51
C ASN E 835 31.76 -5.71 44.11
N GLU E 836 30.59 -5.20 43.72
CA GLU E 836 30.11 -3.93 44.24
C GLU E 836 28.74 -4.15 44.81
N VAL E 837 28.48 -3.41 45.86
CA VAL E 837 27.23 -3.50 46.56
C VAL E 837 26.27 -2.37 46.23
N TYR E 838 25.13 -2.75 45.74
CA TYR E 838 24.15 -1.75 45.44
C TYR E 838 22.96 -1.98 46.33
N LEU E 839 22.38 -0.86 46.70
CA LEU E 839 21.22 -0.84 47.53
C LEU E 839 19.98 -0.89 46.65
N ILE E 840 19.06 -1.76 46.99
CA ILE E 840 17.84 -1.84 46.25
C ILE E 840 16.67 -1.17 47.06
N GLU E 841 16.68 -1.38 48.36
CA GLU E 841 15.68 -0.80 49.21
C GLU E 841 15.93 -1.06 50.67
N VAL E 842 15.17 -0.36 51.48
CA VAL E 842 15.21 -0.51 52.91
C VAL E 842 13.77 -0.56 53.40
N ASN E 843 13.50 -1.56 54.20
CA ASN E 843 12.21 -1.80 54.81
C ASN E 843 12.44 -1.78 56.34
N PRO E 844 12.15 -0.62 56.93
CA PRO E 844 12.28 -0.32 58.35
C PRO E 844 11.14 -0.92 59.18
N ARG E 845 10.86 -2.17 58.88
CA ARG E 845 9.83 -2.88 59.57
C ARG E 845 10.13 -4.34 59.39
N ALA E 846 9.27 -5.16 59.93
CA ALA E 846 9.51 -6.55 59.81
C ALA E 846 9.24 -7.04 58.40
N ALA E 847 10.20 -7.77 57.87
CA ALA E 847 10.00 -8.30 56.56
C ALA E 847 9.56 -9.77 56.61
N ARG E 848 8.98 -10.24 55.51
CA ARG E 848 8.49 -11.60 55.38
C ARG E 848 9.52 -12.71 55.62
N THR E 849 10.81 -12.35 55.62
CA THR E 849 11.88 -13.28 55.85
C THR E 849 12.20 -13.52 57.32
N VAL E 850 11.56 -12.75 58.19
CA VAL E 850 11.80 -12.86 59.63
C VAL E 850 11.61 -14.25 60.27
N PRO E 851 10.48 -14.92 59.96
CA PRO E 851 10.23 -16.22 60.50
C PRO E 851 11.31 -17.19 60.08
N PHE E 852 11.65 -17.17 58.80
CA PHE E 852 12.70 -18.03 58.31
C PHE E 852 14.03 -17.80 59.03
N VAL E 853 14.42 -16.56 59.19
CA VAL E 853 15.68 -16.34 59.85
C VAL E 853 15.64 -16.81 61.30
N SER E 854 14.49 -16.63 61.92
CA SER E 854 14.30 -17.03 63.29
C SER E 854 14.47 -18.54 63.41
N LYS E 855 13.87 -19.27 62.46
CA LYS E 855 13.95 -20.73 62.45
C LYS E 855 15.36 -21.21 62.09
N ALA E 856 16.00 -20.54 61.16
CA ALA E 856 17.33 -20.92 60.77
C ALA E 856 18.32 -20.64 61.87
N THR E 857 18.21 -19.50 62.56
CA THR E 857 19.14 -19.10 63.60
C THR E 857 18.74 -19.38 65.04
N GLY E 858 17.51 -19.78 65.27
CA GLY E 858 17.11 -19.98 66.65
C GLY E 858 16.87 -18.68 67.45
N VAL E 859 17.09 -17.52 66.84
CA VAL E 859 16.85 -16.21 67.48
C VAL E 859 15.45 -15.73 67.06
N PRO E 860 14.47 -15.58 68.01
CA PRO E 860 13.11 -15.15 67.66
C PRO E 860 13.11 -13.64 67.48
N LEU E 861 13.54 -13.22 66.29
CA LEU E 861 13.67 -11.82 65.96
C LEU E 861 12.44 -10.96 66.22
N ALA E 862 11.26 -11.49 65.96
CA ALA E 862 10.11 -10.66 66.20
C ALA E 862 9.97 -10.40 67.69
N LYS E 863 10.31 -11.40 68.50
CA LYS E 863 10.21 -11.20 69.96
C LYS E 863 11.28 -10.25 70.42
N VAL E 864 12.51 -10.48 69.97
CA VAL E 864 13.59 -9.60 70.34
C VAL E 864 13.32 -8.15 69.91
N ALA E 865 12.87 -7.96 68.66
CA ALA E 865 12.58 -6.61 68.22
C ALA E 865 11.37 -5.94 68.87
N ALA E 866 10.39 -6.72 69.29
CA ALA E 866 9.25 -6.12 69.93
C ALA E 866 9.69 -5.60 71.29
N ARG E 867 10.55 -6.37 71.96
CA ARG E 867 11.05 -5.96 73.27
C ARG E 867 11.80 -4.66 73.13
N VAL E 868 12.56 -4.58 72.06
CA VAL E 868 13.30 -3.38 71.80
C VAL E 868 12.36 -2.20 71.61
N MET E 869 11.28 -2.43 70.88
CA MET E 869 10.36 -1.35 70.63
C MET E 869 9.77 -0.84 71.90
N ALA E 870 9.52 -1.76 72.80
CA ALA E 870 8.94 -1.41 74.07
C ALA E 870 9.96 -0.82 75.02
N GLY E 871 11.25 -0.80 74.68
CA GLY E 871 12.24 -0.23 75.59
C GLY E 871 13.42 -1.11 76.08
N LYS E 872 13.32 -2.45 75.98
CA LYS E 872 14.40 -3.33 76.43
C LYS E 872 15.47 -3.45 75.31
N SER E 873 16.68 -2.94 75.62
CA SER E 873 17.83 -2.94 74.77
C SER E 873 18.25 -4.36 74.47
N LEU E 874 18.99 -4.48 73.37
CA LEU E 874 19.52 -5.76 72.94
C LEU E 874 20.49 -6.26 74.03
N ALA E 875 21.37 -5.33 74.47
CA ALA E 875 22.36 -5.58 75.49
C ALA E 875 21.71 -6.20 76.72
N GLU E 876 20.52 -5.60 77.07
CA GLU E 876 19.71 -6.03 78.21
C GLU E 876 19.07 -7.37 78.05
N GLN E 877 18.79 -7.66 76.82
CA GLN E 877 18.16 -8.91 76.51
C GLN E 877 19.23 -9.98 76.37
N GLY E 878 20.48 -9.50 76.17
CA GLY E 878 21.65 -10.34 75.99
C GLY E 878 21.69 -10.93 74.58
N VAL E 879 21.01 -10.25 73.67
CA VAL E 879 20.99 -10.73 72.32
C VAL E 879 21.79 -9.74 71.57
N THR E 880 23.08 -9.98 71.55
CA THR E 880 23.96 -9.04 70.90
C THR E 880 24.85 -9.58 69.80
N LYS E 881 24.93 -10.90 69.66
CA LYS E 881 25.83 -11.41 68.64
C LYS E 881 25.12 -12.07 67.47
N GLU E 882 25.63 -11.77 66.26
CA GLU E 882 25.07 -12.32 65.03
C GLU E 882 25.24 -13.84 65.02
N VAL E 883 24.18 -14.53 64.72
CA VAL E 883 24.25 -15.96 64.72
C VAL E 883 24.58 -16.58 63.38
N ILE E 884 25.60 -17.44 63.34
CA ILE E 884 25.96 -18.15 62.11
C ILE E 884 25.84 -19.64 62.37
N PRO E 885 24.76 -20.20 61.87
CA PRO E 885 24.47 -21.60 62.06
C PRO E 885 25.47 -22.51 61.38
N PRO E 886 25.62 -23.67 61.98
CA PRO E 886 26.54 -24.66 61.45
C PRO E 886 25.93 -25.45 60.26
N TYR E 887 24.65 -25.26 59.97
CA TYR E 887 24.03 -25.97 58.85
C TYR E 887 23.46 -24.96 57.88
N TYR E 888 23.04 -25.48 56.73
CA TYR E 888 22.45 -24.70 55.67
C TYR E 888 20.94 -24.64 55.77
N SER E 889 20.40 -23.44 55.65
CA SER E 889 18.97 -23.24 55.68
C SER E 889 18.59 -22.58 54.37
N VAL E 890 17.81 -23.31 53.58
CA VAL E 890 17.38 -22.84 52.29
C VAL E 890 15.86 -22.67 52.22
N LYS E 891 15.44 -21.50 51.68
CA LYS E 891 14.02 -21.23 51.52
C LYS E 891 13.58 -21.32 50.07
N GLU E 892 12.44 -21.95 49.83
CA GLU E 892 11.88 -22.09 48.47
C GLU E 892 10.43 -21.62 48.49
N VAL E 893 9.90 -21.18 47.35
CA VAL E 893 8.52 -20.72 47.37
C VAL E 893 7.65 -21.63 46.57
N VAL E 894 6.35 -21.41 46.73
CA VAL E 894 5.33 -22.12 46.00
C VAL E 894 4.52 -21.02 45.35
N LEU E 895 4.20 -21.22 44.06
CA LEU E 895 3.47 -20.31 43.21
C LEU E 895 2.16 -20.87 42.78
N PRO E 896 1.20 -19.93 42.63
CA PRO E 896 -0.20 -20.16 42.29
C PRO E 896 -0.54 -20.49 40.84
N PHE E 897 0.49 -20.52 39.99
CA PHE E 897 0.30 -20.81 38.56
C PHE E 897 -0.68 -21.90 38.21
N ASN E 898 -0.55 -23.05 38.88
CA ASN E 898 -1.47 -24.12 38.55
C ASN E 898 -2.93 -23.76 38.69
N LYS E 899 -3.21 -22.76 39.56
CA LYS E 899 -4.57 -22.31 39.83
C LYS E 899 -5.14 -21.44 38.69
N PHE E 900 -4.23 -20.81 37.94
CA PHE E 900 -4.61 -19.94 36.85
C PHE E 900 -3.84 -20.33 35.63
N PRO E 901 -4.18 -21.49 35.09
CA PRO E 901 -3.55 -22.08 33.95
C PRO E 901 -3.26 -21.07 32.84
N GLY E 902 -4.17 -20.17 32.62
CA GLY E 902 -3.98 -19.18 31.59
C GLY E 902 -2.80 -18.25 31.78
N VAL E 903 -2.12 -18.31 32.92
CA VAL E 903 -0.99 -17.43 33.19
C VAL E 903 0.37 -18.03 32.76
N ASP E 904 1.28 -17.17 32.33
CA ASP E 904 2.59 -17.64 31.95
C ASP E 904 3.37 -17.85 33.21
N PRO E 905 3.57 -19.11 33.54
CA PRO E 905 4.22 -19.55 34.76
C PRO E 905 5.69 -19.20 34.83
N LEU E 906 5.97 -17.90 34.77
CA LEU E 906 7.34 -17.40 34.73
C LEU E 906 7.67 -16.35 35.76
N LEU E 907 8.86 -16.50 36.36
CA LEU E 907 9.33 -15.59 37.40
C LEU E 907 9.68 -14.23 36.85
N GLY E 908 9.62 -13.22 37.71
CA GLY E 908 9.94 -11.85 37.35
C GLY E 908 10.01 -10.96 38.61
N PRO E 909 10.02 -9.65 38.40
CA PRO E 909 10.13 -8.59 39.40
C PRO E 909 8.92 -8.34 40.31
N GLU E 910 7.77 -8.91 39.94
CA GLU E 910 6.54 -8.87 40.68
C GLU E 910 6.38 -10.27 41.33
N MET E 911 6.11 -10.23 42.61
CA MET E 911 5.93 -11.41 43.42
C MET E 911 4.55 -12.02 43.22
N ARG E 912 4.47 -13.33 43.02
CA ARG E 912 3.18 -13.98 42.87
C ARG E 912 3.00 -15.20 43.78
N SER E 913 4.06 -15.61 44.47
CA SER E 913 4.01 -16.79 45.30
C SER E 913 3.09 -16.60 46.46
N THR E 914 2.47 -17.71 46.91
CA THR E 914 1.55 -17.71 48.07
C THR E 914 2.23 -18.20 49.35
N GLY E 915 3.25 -19.05 49.24
CA GLY E 915 3.93 -19.62 50.42
C GLY E 915 5.39 -20.02 50.22
N GLU E 916 5.96 -20.57 51.29
CA GLU E 916 7.36 -20.98 51.33
C GLU E 916 7.62 -22.23 52.17
N VAL E 917 8.77 -22.86 51.89
CA VAL E 917 9.26 -24.04 52.59
C VAL E 917 10.69 -23.76 52.98
N MET E 918 11.14 -24.59 53.88
CA MET E 918 12.50 -24.47 54.32
C MET E 918 13.09 -25.88 54.28
N GLY E 919 14.36 -25.99 53.93
CA GLY E 919 15.09 -27.26 53.86
C GLY E 919 16.37 -27.00 54.66
N VAL E 920 16.72 -27.95 55.54
CA VAL E 920 17.90 -27.82 56.41
C VAL E 920 18.87 -28.92 55.98
N GLY E 921 20.11 -28.53 55.70
CA GLY E 921 21.10 -29.51 55.24
C GLY E 921 22.50 -29.25 55.75
N ARG E 922 23.31 -30.30 55.68
CA ARG E 922 24.69 -30.19 56.14
C ARG E 922 25.46 -29.40 55.15
N THR E 923 24.91 -29.30 53.93
CA THR E 923 25.51 -28.56 52.86
C THR E 923 24.42 -27.85 52.14
N PHE E 924 24.85 -26.95 51.28
CA PHE E 924 23.90 -26.21 50.49
C PHE E 924 23.13 -27.13 49.59
N ALA E 925 23.80 -28.13 49.03
CA ALA E 925 23.09 -29.06 48.17
C ALA E 925 21.97 -29.74 48.90
N GLU E 926 22.31 -30.21 50.10
CA GLU E 926 21.34 -30.89 50.93
C GLU E 926 20.17 -29.99 51.25
N ALA E 927 20.46 -28.79 51.76
CA ALA E 927 19.42 -27.85 52.11
C ALA E 927 18.46 -27.61 50.92
N PHE E 928 19.09 -27.46 49.76
CA PHE E 928 18.43 -27.18 48.51
C PHE E 928 17.53 -28.25 47.99
N ALA E 929 17.99 -29.46 48.21
CA ALA E 929 17.23 -30.62 47.80
C ALA E 929 15.97 -30.74 48.68
N LYS E 930 16.13 -30.44 49.96
CA LYS E 930 14.99 -30.52 50.87
C LYS E 930 13.95 -29.41 50.61
N ALA E 931 14.45 -28.23 50.23
CA ALA E 931 13.57 -27.10 49.94
C ALA E 931 12.81 -27.36 48.65
N GLN E 932 13.57 -27.85 47.68
CA GLN E 932 13.01 -28.19 46.40
C GLN E 932 11.97 -29.27 46.50
N LEU E 933 12.29 -30.32 47.25
CA LEU E 933 11.32 -31.40 47.40
C LEU E 933 10.11 -30.90 48.18
N GLY E 934 10.42 -30.12 49.20
CA GLY E 934 9.42 -29.56 50.05
C GLY E 934 8.47 -28.69 49.28
N SER E 935 9.03 -28.08 48.27
CA SER E 935 8.21 -27.21 47.44
C SER E 935 7.34 -27.97 46.47
N ASN E 936 7.30 -29.29 46.55
CA ASN E 936 6.44 -30.07 45.64
C ASN E 936 7.01 -30.24 44.24
N SER E 937 8.31 -30.10 44.12
CA SER E 937 8.94 -30.28 42.84
C SER E 937 8.88 -31.71 42.37
N THR E 938 8.65 -31.88 41.06
CA THR E 938 8.58 -33.18 40.42
C THR E 938 9.89 -33.48 39.71
N MET E 939 10.98 -32.89 40.20
CA MET E 939 12.29 -33.09 39.59
C MET E 939 12.74 -34.52 39.77
N LYS E 940 13.35 -35.11 38.74
CA LYS E 940 13.84 -36.47 38.82
C LYS E 940 15.37 -36.50 38.80
N LYS E 941 15.94 -37.64 39.13
CA LYS E 941 17.38 -37.82 39.19
C LYS E 941 17.94 -38.49 37.94
N HIS E 942 17.07 -38.68 36.95
CA HIS E 942 17.40 -39.32 35.71
C HIS E 942 16.50 -38.84 34.60
N GLY E 943 16.82 -39.25 33.39
CA GLY E 943 16.02 -38.91 32.22
C GLY E 943 16.63 -37.92 31.23
N ARG E 944 15.74 -37.28 30.51
CA ARG E 944 16.10 -36.28 29.53
C ARG E 944 15.76 -34.84 29.94
N ALA E 945 16.75 -33.99 29.69
CA ALA E 945 16.62 -32.57 29.96
C ALA E 945 16.52 -31.71 28.69
N LEU E 946 15.69 -30.68 28.72
CA LEU E 946 15.55 -29.81 27.61
C LEU E 946 16.13 -28.45 27.97
N LEU E 947 17.09 -28.00 27.16
CA LEU E 947 17.76 -26.72 27.37
C LEU E 947 17.39 -25.71 26.30
N SER E 948 16.87 -24.56 26.74
CA SER E 948 16.45 -23.51 25.81
C SER E 948 16.57 -22.22 26.55
N VAL E 949 17.74 -21.66 26.46
CA VAL E 949 18.03 -20.44 27.16
C VAL E 949 18.47 -19.32 26.26
N ARG E 950 18.29 -18.14 26.83
CA ARG E 950 18.61 -16.86 26.21
C ARG E 950 20.07 -16.58 26.01
N GLU E 951 20.28 -15.60 25.15
CA GLU E 951 21.59 -15.10 24.75
C GLU E 951 22.63 -15.04 25.85
N GLY E 952 22.24 -14.29 26.88
CA GLY E 952 23.09 -14.05 28.04
C GLY E 952 23.48 -15.31 28.80
N ASP E 953 22.56 -16.30 28.77
CA ASP E 953 22.76 -17.53 29.48
C ASP E 953 23.52 -18.54 28.68
N LYS E 954 23.64 -18.22 27.41
CA LYS E 954 24.30 -19.11 26.50
C LYS E 954 25.73 -19.44 26.94
N GLU E 955 26.31 -18.57 27.66
CA GLU E 955 27.65 -18.93 28.04
C GLU E 955 27.74 -20.01 29.12
N ARG E 956 27.10 -19.75 30.24
CA ARG E 956 27.05 -20.58 31.43
C ARG E 956 26.39 -21.91 31.24
N VAL E 957 25.39 -21.90 30.37
CA VAL E 957 24.63 -23.10 30.16
C VAL E 957 25.44 -24.33 29.87
N VAL E 958 26.59 -24.09 29.29
CA VAL E 958 27.47 -25.19 28.96
C VAL E 958 27.79 -26.08 30.18
N ASP E 959 28.28 -25.42 31.23
CA ASP E 959 28.59 -26.16 32.44
C ASP E 959 27.38 -26.87 33.03
N LEU E 960 26.24 -26.20 32.90
CA LEU E 960 25.06 -26.80 33.41
C LEU E 960 24.81 -28.06 32.64
N ALA E 961 24.98 -27.95 31.33
CA ALA E 961 24.78 -29.08 30.43
C ALA E 961 25.64 -30.24 30.85
N ALA E 962 26.87 -29.87 31.13
CA ALA E 962 27.89 -30.80 31.55
C ALA E 962 27.48 -31.49 32.84
N LYS E 963 27.03 -30.70 33.80
CA LYS E 963 26.61 -31.25 35.07
C LYS E 963 25.58 -32.33 34.89
N LEU E 964 24.62 -31.99 34.08
CA LEU E 964 23.53 -32.88 33.81
C LEU E 964 23.98 -34.14 33.15
N LEU E 965 24.96 -33.98 32.30
CA LEU E 965 25.48 -35.14 31.60
C LEU E 965 26.09 -36.09 32.60
N LYS E 966 26.96 -35.53 33.41
CA LYS E 966 27.62 -36.26 34.47
C LYS E 966 26.63 -37.03 35.32
N GLN E 967 25.48 -36.40 35.58
CA GLN E 967 24.43 -37.02 36.37
C GLN E 967 23.62 -38.02 35.58
N GLY E 968 23.99 -38.23 34.31
CA GLY E 968 23.31 -39.23 33.45
C GLY E 968 22.09 -38.80 32.70
N PHE E 969 21.91 -37.51 32.59
CA PHE E 969 20.77 -37.06 31.87
C PHE E 969 21.13 -37.03 30.39
N GLU E 970 20.14 -37.20 29.54
CA GLU E 970 20.42 -37.10 28.13
C GLU E 970 20.04 -35.68 27.81
N LEU E 971 20.51 -35.09 26.70
CA LEU E 971 20.13 -33.70 26.41
C LEU E 971 19.43 -33.38 25.11
N ASP E 972 18.59 -32.37 25.22
CA ASP E 972 17.85 -31.86 24.10
C ASP E 972 18.00 -30.38 24.20
N ALA E 973 18.06 -29.72 23.04
CA ALA E 973 18.20 -28.29 23.07
C ALA E 973 17.64 -27.68 21.83
N THR E 974 17.32 -26.38 21.98
CA THR E 974 16.81 -25.64 20.87
C THR E 974 17.99 -25.14 20.06
N HIS E 975 17.66 -24.90 18.79
CA HIS E 975 18.59 -24.44 17.77
C HIS E 975 19.82 -23.69 18.23
N GLY E 976 19.61 -22.44 18.71
CA GLY E 976 20.71 -21.59 19.15
C GLY E 976 21.50 -22.12 20.32
N THR E 977 20.75 -22.68 21.26
CA THR E 977 21.34 -23.23 22.46
C THR E 977 22.23 -24.41 22.06
N ALA E 978 21.71 -25.21 21.17
CA ALA E 978 22.48 -26.35 20.71
C ALA E 978 23.71 -25.88 19.95
N ILE E 979 23.65 -24.70 19.35
CA ILE E 979 24.83 -24.25 18.61
C ILE E 979 26.02 -24.10 19.55
N VAL E 980 25.77 -23.35 20.61
CA VAL E 980 26.76 -23.06 21.64
C VAL E 980 27.25 -24.31 22.37
N LEU E 981 26.36 -25.28 22.56
CA LEU E 981 26.79 -26.49 23.23
C LEU E 981 27.73 -27.24 22.34
N GLY E 982 27.36 -27.30 21.05
CA GLY E 982 28.15 -27.96 20.01
C GLY E 982 29.56 -27.39 19.98
N GLU E 983 29.65 -26.09 19.98
CA GLU E 983 30.92 -25.45 19.96
C GLU E 983 31.73 -25.74 21.20
N ALA E 984 31.07 -26.26 22.19
CA ALA E 984 31.83 -26.50 23.39
C ALA E 984 32.11 -27.97 23.60
N GLY E 985 31.67 -28.79 22.66
CA GLY E 985 31.92 -30.23 22.77
C GLY E 985 30.74 -31.05 23.22
N ILE E 986 29.59 -30.39 23.32
CA ILE E 986 28.39 -31.05 23.73
C ILE E 986 27.39 -31.04 22.63
N ASN E 987 26.93 -32.25 22.29
CA ASN E 987 25.97 -32.46 21.23
C ASN E 987 24.61 -32.94 21.68
N PRO E 988 23.77 -32.01 21.99
CA PRO E 988 22.47 -32.43 22.38
C PRO E 988 21.78 -32.86 21.13
N ARG E 989 20.64 -33.49 21.37
CA ARG E 989 19.73 -33.88 20.34
C ARG E 989 18.93 -32.61 20.08
N LEU E 990 18.78 -32.28 18.85
CA LEU E 990 18.04 -31.10 18.49
C LEU E 990 16.53 -31.36 18.47
N VAL E 991 15.78 -30.38 18.99
CA VAL E 991 14.32 -30.39 19.03
C VAL E 991 13.78 -29.12 18.34
N ASN E 992 12.59 -29.18 17.77
CA ASN E 992 12.05 -28.00 17.13
C ASN E 992 11.20 -27.12 18.05
N LYS E 993 11.27 -25.81 17.84
CA LYS E 993 10.42 -24.92 18.59
C LYS E 993 9.05 -25.16 17.99
N VAL E 994 8.01 -24.66 18.61
CA VAL E 994 6.71 -24.96 18.05
C VAL E 994 6.52 -24.50 16.60
N HIS E 995 7.04 -23.33 16.33
CA HIS E 995 6.89 -22.79 15.01
C HIS E 995 7.74 -23.45 13.95
N GLU E 996 8.72 -24.16 14.43
CA GLU E 996 9.65 -24.83 13.55
C GLU E 996 9.28 -26.16 13.00
N GLY E 997 8.25 -26.79 13.50
CA GLY E 997 7.96 -28.09 12.95
C GLY E 997 7.88 -29.15 14.04
N ARG E 998 7.82 -30.39 13.59
CA ARG E 998 7.70 -31.51 14.46
C ARG E 998 8.98 -32.36 14.76
N PRO E 999 8.91 -33.02 15.90
CA PRO E 999 7.83 -32.67 16.74
C PRO E 999 8.55 -31.50 17.43
N HIS E 1000 7.81 -30.74 18.17
CA HIS E 1000 8.46 -29.64 18.80
C HIS E 1000 8.55 -29.99 20.27
N ILE E 1001 8.90 -28.99 21.06
CA ILE E 1001 9.03 -29.16 22.47
C ILE E 1001 7.69 -29.53 23.06
N GLN E 1002 6.63 -28.85 22.58
CA GLN E 1002 5.26 -29.07 23.02
C GLN E 1002 4.87 -30.54 22.96
N ASP E 1003 5.15 -31.18 21.82
CA ASP E 1003 4.81 -32.60 21.66
C ASP E 1003 5.66 -33.42 22.61
N ARG E 1004 6.94 -33.11 22.61
CA ARG E 1004 7.84 -33.82 23.48
C ARG E 1004 7.48 -33.69 24.94
N ILE E 1005 7.16 -32.47 25.35
CA ILE E 1005 6.80 -32.25 26.73
C ILE E 1005 5.57 -33.07 27.04
N LYS E 1006 4.62 -32.87 26.20
CA LYS E 1006 3.37 -33.55 26.27
C LYS E 1006 3.58 -35.06 26.33
N ASN E 1007 4.54 -35.58 25.59
CA ASN E 1007 4.77 -37.01 25.58
C ASN E 1007 5.72 -37.55 26.62
N GLY E 1008 5.92 -36.77 27.65
CA GLY E 1008 6.77 -37.18 28.74
C GLY E 1008 8.19 -37.53 28.38
N GLU E 1009 8.75 -36.80 27.44
CA GLU E 1009 10.11 -37.04 27.03
C GLU E 1009 11.13 -36.46 28.01
N TYR E 1010 10.69 -35.48 28.79
CA TYR E 1010 11.60 -34.85 29.73
C TYR E 1010 11.21 -35.05 31.17
N THR E 1011 12.24 -34.94 32.02
CA THR E 1011 12.07 -35.04 33.45
C THR E 1011 12.64 -33.74 34.00
N TYR E 1012 13.18 -32.97 33.05
CA TYR E 1012 13.76 -31.67 33.34
C TYR E 1012 13.92 -30.68 32.19
N ILE E 1013 13.57 -29.42 32.50
CA ILE E 1013 13.64 -28.30 31.57
C ILE E 1013 14.27 -27.07 32.12
N ILE E 1014 15.32 -26.61 31.46
CA ILE E 1014 15.91 -25.36 31.87
C ILE E 1014 15.55 -24.35 30.76
N ASN E 1015 14.77 -23.32 31.06
CA ASN E 1015 14.33 -22.41 30.06
C ASN E 1015 14.46 -20.98 30.44
N THR E 1016 15.45 -20.29 29.91
CA THR E 1016 15.59 -18.90 30.25
C THR E 1016 15.25 -18.01 29.07
N THR E 1017 14.61 -16.90 29.37
CA THR E 1017 14.15 -15.97 28.36
C THR E 1017 14.20 -14.53 28.86
N SER E 1018 14.38 -13.63 27.91
CA SER E 1018 14.46 -12.22 28.19
C SER E 1018 13.62 -11.40 27.26
N GLY E 1019 13.09 -10.26 27.74
CA GLY E 1019 12.27 -9.35 26.95
C GLY E 1019 10.83 -9.83 26.74
N ARG E 1020 9.94 -8.86 26.79
CA ARG E 1020 8.52 -9.07 26.66
C ARG E 1020 8.05 -9.97 25.56
N ARG E 1021 8.40 -9.58 24.33
CA ARG E 1021 8.01 -10.26 23.08
C ARG E 1021 8.54 -11.67 23.00
N ALA E 1022 9.77 -11.85 23.49
CA ALA E 1022 10.40 -13.15 23.48
C ALA E 1022 9.69 -14.00 24.51
N ILE E 1023 9.40 -13.39 25.67
CA ILE E 1023 8.69 -14.07 26.71
C ILE E 1023 7.36 -14.55 26.16
N GLU E 1024 6.66 -13.60 25.54
CA GLU E 1024 5.36 -13.82 24.92
C GLU E 1024 5.33 -14.93 23.91
N ASP E 1025 6.41 -15.05 23.11
CA ASP E 1025 6.50 -16.10 22.11
C ASP E 1025 6.87 -17.46 22.66
N SER E 1026 7.48 -17.47 23.84
CA SER E 1026 7.90 -18.73 24.41
C SER E 1026 6.94 -19.35 25.40
N ARG E 1027 5.91 -18.61 25.80
CA ARG E 1027 4.89 -19.02 26.77
C ARG E 1027 4.55 -20.51 26.74
N VAL E 1028 4.46 -21.03 25.52
CA VAL E 1028 4.14 -22.44 25.23
C VAL E 1028 4.98 -23.47 25.98
N ILE E 1029 6.27 -23.29 25.96
CA ILE E 1029 7.07 -24.25 26.63
C ILE E 1029 6.83 -24.26 28.13
N ARG E 1030 6.53 -23.07 28.71
CA ARG E 1030 6.30 -22.92 30.16
C ARG E 1030 4.94 -23.44 30.55
N ARG E 1031 3.96 -23.13 29.74
CA ARG E 1031 2.67 -23.60 30.09
C ARG E 1031 2.64 -25.09 29.96
N SER E 1032 3.41 -25.55 28.99
CA SER E 1032 3.47 -26.96 28.73
C SER E 1032 4.15 -27.76 29.85
N ALA E 1033 5.26 -27.23 30.31
CA ALA E 1033 6.00 -27.85 31.36
C ALA E 1033 5.13 -27.98 32.60
N LEU E 1034 4.45 -26.90 32.96
CA LEU E 1034 3.60 -26.88 34.14
C LEU E 1034 2.48 -27.88 34.03
N GLN E 1035 1.82 -27.78 32.90
CA GLN E 1035 0.71 -28.68 32.64
C GLN E 1035 1.05 -30.14 32.68
N TYR E 1036 2.25 -30.47 32.25
CA TYR E 1036 2.69 -31.84 32.24
C TYR E 1036 3.50 -32.29 33.43
N LYS E 1037 3.55 -31.43 34.45
CA LYS E 1037 4.23 -31.71 35.68
C LYS E 1037 5.72 -31.93 35.54
N VAL E 1038 6.38 -31.28 34.57
CA VAL E 1038 7.81 -31.46 34.40
C VAL E 1038 8.51 -30.38 35.19
N HIS E 1039 9.55 -30.76 35.91
CA HIS E 1039 10.19 -29.75 36.71
C HIS E 1039 10.89 -28.80 35.81
N TYR E 1040 10.69 -27.51 36.01
CA TYR E 1040 11.36 -26.56 35.16
C TYR E 1040 11.93 -25.43 35.97
N ASP E 1041 13.06 -24.92 35.50
CA ASP E 1041 13.69 -23.77 36.13
C ASP E 1041 13.68 -22.63 35.11
N THR E 1042 13.35 -21.44 35.54
CA THR E 1042 13.32 -20.33 34.62
C THR E 1042 14.49 -19.37 34.83
N THR E 1043 15.43 -19.78 35.66
CA THR E 1043 16.65 -19.04 35.97
C THR E 1043 17.82 -20.02 35.80
N LEU E 1044 18.96 -19.49 35.40
CA LEU E 1044 20.14 -20.30 35.24
C LEU E 1044 20.66 -20.58 36.65
N ASN E 1045 20.61 -19.55 37.53
CA ASN E 1045 21.03 -19.72 38.92
C ASN E 1045 20.22 -20.87 39.53
N GLY E 1046 18.94 -20.87 39.25
CA GLY E 1046 18.10 -21.93 39.75
C GLY E 1046 18.49 -23.25 39.14
N GLY E 1047 18.85 -23.23 37.84
CA GLY E 1047 19.24 -24.46 37.16
C GLY E 1047 20.46 -25.10 37.83
N PHE E 1048 21.41 -24.27 38.17
CA PHE E 1048 22.60 -24.76 38.83
C PHE E 1048 22.28 -25.35 40.18
N ALA E 1049 21.46 -24.65 40.98
CA ALA E 1049 21.05 -25.12 42.29
C ALA E 1049 20.37 -26.50 42.21
N THR E 1050 19.53 -26.67 41.21
CA THR E 1050 18.88 -27.93 41.03
C THR E 1050 19.92 -29.01 40.76
N ALA E 1051 20.84 -28.72 39.86
CA ALA E 1051 21.91 -29.63 39.49
C ALA E 1051 22.71 -30.12 40.69
N MET E 1052 22.97 -29.17 41.58
CA MET E 1052 23.72 -29.46 42.77
C MET E 1052 23.01 -30.36 43.76
N ALA E 1053 21.70 -30.21 43.78
CA ALA E 1053 20.87 -30.98 44.68
C ALA E 1053 20.72 -32.44 44.21
N LEU E 1054 21.19 -32.69 42.98
CA LEU E 1054 21.11 -34.00 42.38
C LEU E 1054 22.07 -34.95 43.03
N ASN E 1055 23.02 -34.33 43.71
CA ASN E 1055 24.07 -35.01 44.44
C ASN E 1055 23.76 -35.20 45.94
N ALA E 1056 22.56 -34.83 46.34
CA ALA E 1056 22.14 -34.97 47.70
C ALA E 1056 20.86 -35.80 47.73
N ASP E 1057 20.58 -36.31 48.93
CA ASP E 1057 19.43 -37.15 49.22
C ASP E 1057 18.69 -36.52 50.41
N ALA E 1058 17.60 -35.94 50.04
CA ALA E 1058 16.74 -35.25 50.94
C ALA E 1058 16.07 -36.14 51.97
N THR E 1059 16.10 -37.44 51.68
CA THR E 1059 15.47 -38.43 52.55
C THR E 1059 16.52 -39.13 53.41
N GLU E 1060 17.75 -38.72 53.20
CA GLU E 1060 18.82 -39.31 53.93
C GLU E 1060 18.69 -39.17 55.41
N LYS E 1061 18.82 -37.93 55.87
CA LYS E 1061 18.78 -37.62 57.28
C LYS E 1061 17.77 -36.55 57.64
N VAL E 1062 17.22 -36.66 58.84
CA VAL E 1062 16.26 -35.71 59.36
C VAL E 1062 16.77 -35.14 60.67
N ILE E 1063 16.42 -33.88 60.91
CA ILE E 1063 16.79 -33.15 62.08
C ILE E 1063 15.68 -32.27 62.62
N SER E 1064 15.56 -32.27 63.93
CA SER E 1064 14.52 -31.48 64.56
C SER E 1064 15.07 -30.09 64.77
N VAL E 1065 14.15 -29.16 64.90
CA VAL E 1065 14.50 -27.76 65.13
C VAL E 1065 15.24 -27.62 66.45
N GLN E 1066 14.68 -28.31 67.43
CA GLN E 1066 15.26 -28.31 68.75
C GLN E 1066 16.72 -28.78 68.59
N GLU E 1067 16.91 -29.86 67.82
CA GLU E 1067 18.23 -30.38 67.56
C GLU E 1067 19.05 -29.32 66.84
N MET E 1068 18.45 -28.67 65.87
CA MET E 1068 19.15 -27.63 65.15
C MET E 1068 19.71 -26.57 66.03
N HIS E 1069 18.80 -25.98 66.76
CA HIS E 1069 19.15 -24.91 67.65
C HIS E 1069 20.17 -25.25 68.73
N ALA E 1070 20.23 -26.51 69.14
CA ALA E 1070 21.16 -26.92 70.15
C ALA E 1070 22.57 -26.93 69.58
N GLN E 1071 22.66 -27.17 68.27
CA GLN E 1071 23.96 -27.20 67.60
C GLN E 1071 24.61 -25.81 67.52
N ILE E 1072 23.84 -24.82 67.92
CA ILE E 1072 24.31 -23.44 67.88
C ILE E 1072 25.04 -23.00 69.11
N LYS E 1073 26.27 -22.64 68.86
CA LYS E 1073 27.16 -22.16 69.90
C LYS E 1073 27.08 -20.65 70.07
N ILE F 2 -42.85 7.14 63.22
CA ILE F 2 -42.13 6.52 64.33
C ILE F 2 -43.02 5.81 65.38
N LYS F 3 -42.98 4.46 65.32
CA LYS F 3 -43.74 3.62 66.21
C LYS F 3 -42.93 3.21 67.43
N SER F 4 -43.14 3.96 68.48
CA SER F 4 -42.41 3.70 69.67
C SER F 4 -42.92 2.52 70.46
N ALA F 5 -42.00 2.01 71.25
CA ALA F 5 -42.26 0.91 72.13
C ALA F 5 -41.22 1.04 73.21
N LEU F 6 -41.56 0.52 74.38
CA LEU F 6 -40.65 0.64 75.48
C LEU F 6 -40.82 -0.50 76.45
N LEU F 7 -39.71 -1.04 76.90
CA LEU F 7 -39.75 -2.08 77.89
C LEU F 7 -39.11 -1.55 79.14
N VAL F 8 -39.85 -1.74 80.25
CA VAL F 8 -39.46 -1.32 81.60
C VAL F 8 -39.54 -2.54 82.52
N LEU F 9 -38.44 -2.77 83.28
CA LEU F 9 -38.34 -3.87 84.22
C LEU F 9 -38.66 -3.38 85.64
N GLU F 10 -39.01 -4.31 86.54
CA GLU F 10 -39.32 -4.06 87.97
C GLU F 10 -38.25 -3.14 88.58
N ASP F 11 -37.01 -3.48 88.23
CA ASP F 11 -35.83 -2.77 88.67
C ASP F 11 -35.72 -1.35 88.19
N GLY F 12 -36.64 -0.97 87.28
CA GLY F 12 -36.64 0.38 86.73
C GLY F 12 -35.87 0.50 85.41
N THR F 13 -35.09 -0.52 85.05
CA THR F 13 -34.31 -0.48 83.81
C THR F 13 -35.24 -0.36 82.63
N GLN F 14 -34.90 0.59 81.74
CA GLN F 14 -35.70 0.87 80.55
C GLN F 14 -35.07 0.55 79.21
N PHE F 15 -35.86 -0.03 78.31
CA PHE F 15 -35.35 -0.39 77.01
C PHE F 15 -36.23 0.24 75.95
N HIS F 16 -35.68 1.24 75.29
CA HIS F 16 -36.35 2.02 74.24
C HIS F 16 -36.18 1.47 72.83
N GLY F 17 -37.30 1.15 72.22
CA GLY F 17 -37.21 0.62 70.88
C GLY F 17 -38.41 0.91 69.99
N ARG F 18 -38.66 -0.05 69.11
CA ARG F 18 -39.69 0.04 68.12
C ARG F 18 -40.80 -1.01 68.10
N ALA F 19 -42.03 -0.49 68.03
CA ALA F 19 -43.19 -1.33 68.02
C ALA F 19 -43.26 -2.09 66.74
N ILE F 20 -43.43 -3.41 66.85
CA ILE F 20 -43.51 -4.30 65.71
C ILE F 20 -44.74 -5.20 65.79
N GLY F 21 -45.52 -5.06 66.84
CA GLY F 21 -46.70 -5.87 66.93
C GLY F 21 -47.87 -4.97 67.24
N ALA F 22 -48.80 -5.45 68.07
CA ALA F 22 -49.97 -4.65 68.41
C ALA F 22 -49.68 -3.47 69.34
N THR F 23 -50.65 -2.58 69.42
CA THR F 23 -50.51 -1.45 70.30
C THR F 23 -51.14 -1.83 71.64
N GLY F 24 -50.61 -1.27 72.71
CA GLY F 24 -51.11 -1.61 74.02
C GLY F 24 -49.94 -1.92 74.95
N SER F 25 -50.23 -2.64 76.04
CA SER F 25 -49.23 -2.96 77.03
C SER F 25 -49.17 -4.46 77.31
N ALA F 26 -48.04 -4.90 77.77
CA ALA F 26 -47.89 -6.30 78.09
C ALA F 26 -47.17 -6.36 79.45
N VAL F 27 -47.59 -7.28 80.31
CA VAL F 27 -47.01 -7.47 81.66
C VAL F 27 -46.77 -8.94 81.94
N GLY F 28 -45.57 -9.25 82.39
CA GLY F 28 -45.28 -10.64 82.65
C GLY F 28 -43.86 -10.79 83.12
N GLU F 29 -43.49 -12.02 83.35
CA GLU F 29 -42.13 -12.23 83.75
C GLU F 29 -41.29 -12.23 82.50
N VAL F 30 -40.14 -11.63 82.60
CA VAL F 30 -39.25 -11.56 81.47
C VAL F 30 -38.21 -12.69 81.50
N VAL F 31 -38.07 -13.33 80.36
CA VAL F 31 -37.15 -14.43 80.18
C VAL F 31 -36.37 -14.18 78.90
N PHE F 32 -35.29 -14.94 78.73
CA PHE F 32 -34.43 -14.93 77.56
C PHE F 32 -34.35 -16.38 77.06
N ASN F 33 -34.37 -16.51 75.74
CA ASN F 33 -34.28 -17.78 75.04
C ASN F 33 -33.19 -17.69 73.95
N THR F 34 -32.23 -18.59 74.03
CA THR F 34 -31.11 -18.59 73.11
C THR F 34 -31.31 -19.33 71.80
N SER F 35 -32.52 -19.73 71.53
CA SER F 35 -32.81 -20.46 70.32
C SER F 35 -32.61 -19.61 69.07
N MET F 36 -31.64 -20.03 68.27
CA MET F 36 -31.37 -19.30 67.05
C MET F 36 -32.38 -19.54 65.97
N THR F 37 -33.25 -20.54 66.23
CA THR F 37 -34.33 -20.93 65.33
C THR F 37 -35.53 -21.33 66.16
N GLY F 38 -36.71 -21.35 65.51
CA GLY F 38 -37.95 -21.78 66.16
C GLY F 38 -38.78 -20.73 66.90
N TYR F 39 -38.58 -19.46 66.59
CA TYR F 39 -39.35 -18.47 67.26
C TYR F 39 -40.87 -18.67 67.16
N GLN F 40 -41.40 -19.14 66.05
CA GLN F 40 -42.85 -19.28 66.03
C GLN F 40 -43.33 -20.30 67.01
N GLU F 41 -42.62 -21.40 66.99
CA GLU F 41 -42.91 -22.51 67.85
C GLU F 41 -42.85 -22.09 69.27
N ILE F 42 -41.86 -21.29 69.51
CA ILE F 42 -41.66 -20.78 70.81
C ILE F 42 -42.83 -19.90 71.20
N LEU F 43 -43.22 -18.96 70.31
CA LEU F 43 -44.31 -18.04 70.62
C LEU F 43 -45.66 -18.68 70.94
N THR F 44 -45.88 -19.83 70.30
CA THR F 44 -47.08 -20.64 70.36
C THR F 44 -47.08 -21.69 71.46
N ASP F 45 -46.01 -21.67 72.23
CA ASP F 45 -45.79 -22.54 73.36
C ASP F 45 -46.59 -21.93 74.53
N PRO F 46 -47.58 -22.67 74.99
CA PRO F 46 -48.42 -22.26 76.10
C PRO F 46 -47.65 -22.00 77.42
N SER F 47 -46.49 -22.69 77.57
CA SER F 47 -45.60 -22.59 78.71
C SER F 47 -45.18 -21.16 78.90
N TYR F 48 -45.29 -20.40 77.84
CA TYR F 48 -44.90 -19.00 77.90
C TYR F 48 -46.01 -18.10 78.34
N SER F 49 -47.11 -18.67 78.82
CA SER F 49 -48.17 -17.80 79.22
C SER F 49 -47.70 -16.89 80.34
N ARG F 50 -48.01 -15.60 80.27
CA ARG F 50 -47.62 -14.59 81.26
C ARG F 50 -46.15 -14.22 81.28
N GLN F 51 -45.44 -14.61 80.22
CA GLN F 51 -44.03 -14.28 80.10
C GLN F 51 -43.76 -13.42 78.89
N ILE F 52 -42.81 -12.55 79.06
CA ILE F 52 -42.43 -11.69 77.98
C ILE F 52 -41.16 -12.30 77.49
N VAL F 53 -41.20 -12.77 76.24
CA VAL F 53 -40.04 -13.44 75.69
C VAL F 53 -39.04 -12.64 74.90
N THR F 54 -37.80 -12.70 75.35
CA THR F 54 -36.71 -12.04 74.67
C THR F 54 -35.90 -13.07 73.93
N LEU F 55 -35.53 -12.78 72.71
CA LEU F 55 -34.73 -13.73 71.97
C LEU F 55 -33.30 -13.23 71.89
N THR F 56 -32.35 -14.10 72.15
CA THR F 56 -30.96 -13.64 72.11
C THR F 56 -30.44 -13.49 70.70
N TYR F 57 -30.96 -14.30 69.80
CA TYR F 57 -30.53 -14.24 68.42
C TYR F 57 -31.07 -12.95 67.73
N PRO F 58 -30.17 -12.10 67.20
CA PRO F 58 -30.60 -10.84 66.67
C PRO F 58 -31.72 -10.75 65.65
N HIS F 59 -31.71 -11.56 64.58
CA HIS F 59 -32.72 -11.49 63.54
C HIS F 59 -33.79 -12.47 63.78
N ILE F 60 -34.95 -11.91 64.10
CA ILE F 60 -36.13 -12.69 64.40
C ILE F 60 -37.22 -12.42 63.39
N GLY F 61 -37.59 -13.47 62.67
CA GLY F 61 -38.62 -13.44 61.66
C GLY F 61 -38.13 -13.69 60.23
N ASN F 62 -36.86 -14.09 60.08
CA ASN F 62 -36.20 -14.35 58.77
C ASN F 62 -36.98 -15.29 57.87
N VAL F 63 -37.77 -16.14 58.46
CA VAL F 63 -38.47 -17.09 57.64
C VAL F 63 -39.99 -16.97 57.73
N GLY F 64 -40.45 -15.80 58.17
CA GLY F 64 -41.88 -15.57 58.29
C GLY F 64 -42.51 -16.53 59.28
N THR F 65 -43.68 -17.09 58.94
CA THR F 65 -44.40 -18.00 59.81
C THR F 65 -45.38 -18.85 59.03
N ASN F 66 -45.81 -19.94 59.63
CA ASN F 66 -46.74 -20.82 58.98
C ASN F 66 -47.49 -21.65 59.98
N ASP F 67 -48.69 -22.10 59.60
CA ASP F 67 -49.52 -22.83 60.54
C ASP F 67 -48.92 -24.06 61.12
N ALA F 68 -48.16 -24.73 60.27
CA ALA F 68 -47.49 -25.96 60.60
C ALA F 68 -46.53 -25.78 61.74
N ASP F 69 -46.05 -24.54 61.87
CA ASP F 69 -45.12 -24.20 62.92
C ASP F 69 -45.73 -23.66 64.22
N GLU F 70 -47.04 -23.87 64.44
CA GLU F 70 -47.70 -23.40 65.66
C GLU F 70 -47.82 -24.61 66.58
N GLU F 71 -47.48 -24.44 67.86
CA GLU F 71 -47.53 -25.54 68.82
C GLU F 71 -48.72 -25.44 69.76
N SER F 72 -49.76 -24.78 69.30
CA SER F 72 -50.95 -24.59 70.04
C SER F 72 -51.77 -23.68 69.20
N SER F 73 -53.01 -23.57 69.63
CA SER F 73 -54.04 -22.77 69.01
C SER F 73 -53.69 -21.29 68.92
N GLN F 74 -52.87 -20.77 69.86
CA GLN F 74 -52.53 -19.36 69.84
C GLN F 74 -51.12 -19.05 70.33
N VAL F 75 -50.82 -17.75 70.31
CA VAL F 75 -49.57 -17.22 70.79
C VAL F 75 -49.77 -17.01 72.31
N HIS F 76 -49.03 -17.77 73.13
CA HIS F 76 -49.18 -17.67 74.57
C HIS F 76 -48.29 -16.67 75.19
N ALA F 77 -47.26 -16.31 74.41
CA ALA F 77 -46.32 -15.35 74.88
C ALA F 77 -47.01 -14.05 75.15
N GLN F 78 -46.65 -13.49 76.28
CA GLN F 78 -47.25 -12.25 76.66
C GLN F 78 -46.74 -11.07 75.81
N GLY F 79 -45.48 -11.12 75.40
CA GLY F 79 -44.88 -10.05 74.61
C GLY F 79 -43.61 -10.60 73.95
N LEU F 80 -43.06 -9.89 73.00
CA LEU F 80 -41.88 -10.39 72.36
C LEU F 80 -40.84 -9.32 72.34
N VAL F 81 -39.61 -9.71 72.64
CA VAL F 81 -38.51 -8.74 72.67
C VAL F 81 -37.37 -9.17 71.77
N ILE F 82 -37.09 -8.39 70.75
CA ILE F 82 -36.03 -8.75 69.84
C ILE F 82 -35.14 -7.57 69.50
N ARG F 83 -34.02 -7.91 68.86
CA ARG F 83 -33.02 -6.94 68.42
C ARG F 83 -33.31 -6.43 67.00
N ASP F 84 -33.62 -7.32 66.07
CA ASP F 84 -33.90 -6.92 64.73
C ASP F 84 -34.97 -7.72 64.06
N LEU F 85 -35.95 -7.00 63.52
CA LEU F 85 -37.00 -7.63 62.75
C LEU F 85 -36.52 -7.43 61.32
N PRO F 86 -36.17 -8.49 60.65
CA PRO F 86 -35.67 -8.38 59.32
C PRO F 86 -36.69 -7.74 58.38
N LEU F 87 -36.12 -7.18 57.34
CA LEU F 87 -36.86 -6.51 56.30
C LEU F 87 -37.94 -7.35 55.58
N ILE F 88 -37.64 -8.62 55.37
CA ILE F 88 -38.53 -9.57 54.70
C ILE F 88 -38.32 -10.95 55.27
N ALA F 89 -39.36 -11.75 55.06
CA ALA F 89 -39.38 -13.13 55.44
C ALA F 89 -38.88 -13.73 54.15
N SER F 90 -38.05 -14.76 54.23
CA SER F 90 -37.52 -15.39 53.02
C SER F 90 -37.43 -16.88 53.18
N ASN F 91 -38.56 -17.54 52.96
CA ASN F 91 -38.61 -18.98 53.09
C ASN F 91 -39.80 -19.54 52.37
N PHE F 92 -39.58 -20.65 51.66
CA PHE F 92 -40.64 -21.30 50.90
C PHE F 92 -41.89 -21.62 51.72
N ARG F 93 -41.64 -21.85 52.99
CA ARG F 93 -42.67 -22.19 53.94
C ARG F 93 -43.41 -20.97 54.51
N ASN F 94 -42.89 -19.80 54.39
CA ASN F 94 -43.62 -18.71 55.01
C ASN F 94 -44.98 -18.39 54.42
N THR F 95 -45.95 -18.10 55.29
CA THR F 95 -47.31 -17.70 54.86
C THR F 95 -47.65 -16.25 55.33
N GLU F 96 -46.88 -15.71 56.29
CA GLU F 96 -47.10 -14.37 56.79
C GLU F 96 -45.89 -13.87 57.55
N ASP F 97 -45.49 -12.62 57.27
CA ASP F 97 -44.36 -12.06 57.95
C ASP F 97 -44.65 -11.98 59.43
N LEU F 98 -43.56 -12.02 60.20
CA LEU F 98 -43.67 -12.00 61.62
C LEU F 98 -44.62 -10.94 62.16
N SER F 99 -44.37 -9.69 61.79
CA SER F 99 -45.14 -8.53 62.24
C SER F 99 -46.64 -8.67 62.12
N SER F 100 -47.00 -9.12 60.93
CA SER F 100 -48.37 -9.31 60.61
C SER F 100 -48.90 -10.37 61.50
N TYR F 101 -48.15 -11.46 61.59
CA TYR F 101 -48.59 -12.54 62.45
C TYR F 101 -48.89 -12.07 63.87
N LEU F 102 -47.96 -11.30 64.37
CA LEU F 102 -48.03 -10.79 65.72
C LEU F 102 -49.16 -9.83 65.84
N LYS F 103 -49.28 -9.03 64.81
CA LYS F 103 -50.32 -8.05 64.80
C LYS F 103 -51.64 -8.78 64.82
N ARG F 104 -51.66 -9.88 64.08
CA ARG F 104 -52.83 -10.70 63.99
C ARG F 104 -53.23 -11.34 65.31
N HIS F 105 -52.24 -11.71 66.11
CA HIS F 105 -52.41 -12.37 67.41
C HIS F 105 -52.62 -11.43 68.58
N ASN F 106 -52.58 -10.15 68.23
CA ASN F 106 -52.74 -9.05 69.16
C ASN F 106 -51.64 -9.07 70.21
N ILE F 107 -50.43 -9.31 69.74
CA ILE F 107 -49.26 -9.36 70.60
C ILE F 107 -48.44 -8.08 70.57
N VAL F 108 -48.13 -7.55 71.74
CA VAL F 108 -47.32 -6.34 71.83
C VAL F 108 -45.90 -6.84 71.71
N ALA F 109 -45.12 -6.23 70.85
CA ALA F 109 -43.76 -6.70 70.65
C ALA F 109 -42.83 -5.53 70.37
N ILE F 110 -41.57 -5.61 70.79
CA ILE F 110 -40.67 -4.50 70.55
C ILE F 110 -39.38 -4.97 69.91
N ALA F 111 -38.78 -4.16 69.05
CA ALA F 111 -37.54 -4.53 68.41
C ALA F 111 -36.54 -3.43 68.59
N ASP F 112 -35.34 -3.70 68.17
CA ASP F 112 -34.34 -2.69 68.27
C ASP F 112 -33.78 -2.33 69.58
N ILE F 113 -33.78 -3.25 70.50
CA ILE F 113 -33.19 -2.97 71.78
C ILE F 113 -31.97 -3.90 71.94
N ASP F 114 -31.14 -3.55 72.90
CA ASP F 114 -29.93 -4.31 73.21
C ASP F 114 -30.30 -5.50 74.07
N THR F 115 -30.76 -6.54 73.37
CA THR F 115 -31.16 -7.77 73.98
C THR F 115 -30.01 -8.39 74.76
N ARG F 116 -28.77 -8.07 74.39
CA ARG F 116 -27.63 -8.66 75.09
C ARG F 116 -27.51 -8.11 76.52
N LYS F 117 -27.73 -6.82 76.58
CA LYS F 117 -27.70 -6.13 77.83
C LYS F 117 -28.75 -6.69 78.76
N LEU F 118 -29.90 -6.95 78.17
CA LEU F 118 -31.00 -7.50 78.90
C LEU F 118 -30.73 -8.92 79.35
N THR F 119 -30.18 -9.73 78.46
CA THR F 119 -29.85 -11.11 78.81
C THR F 119 -28.88 -11.12 79.98
N ARG F 120 -27.81 -10.36 79.82
CA ARG F 120 -26.81 -10.27 80.84
C ARG F 120 -27.40 -9.90 82.21
N LEU F 121 -28.34 -8.98 82.20
CA LEU F 121 -29.00 -8.51 83.40
C LEU F 121 -29.81 -9.64 84.05
N LEU F 122 -30.57 -10.34 83.22
CA LEU F 122 -31.40 -11.46 83.63
C LEU F 122 -30.55 -12.57 84.21
N ARG F 123 -29.50 -12.89 83.49
CA ARG F 123 -28.62 -13.94 83.92
C ARG F 123 -28.04 -13.63 85.29
N GLU F 124 -27.49 -12.43 85.40
CA GLU F 124 -26.82 -11.98 86.58
C GLU F 124 -27.69 -11.67 87.78
N LYS F 125 -28.82 -11.00 87.59
CA LYS F 125 -29.70 -10.65 88.71
C LYS F 125 -30.95 -11.50 88.81
N GLY F 126 -31.12 -12.36 87.81
CA GLY F 126 -32.25 -13.27 87.78
C GLY F 126 -33.50 -12.64 87.21
N ALA F 127 -34.46 -13.52 87.10
CA ALA F 127 -35.74 -13.21 86.57
C ALA F 127 -36.30 -11.93 87.13
N GLN F 128 -37.06 -11.26 86.27
CA GLN F 128 -37.68 -10.00 86.59
C GLN F 128 -38.98 -9.86 85.81
N ASN F 129 -39.97 -9.25 86.44
CA ASN F 129 -41.19 -9.05 85.71
C ASN F 129 -41.02 -7.77 84.96
N GLY F 130 -41.77 -7.61 83.89
CA GLY F 130 -41.63 -6.37 83.17
C GLY F 130 -42.91 -5.95 82.46
N CYS F 131 -42.84 -4.78 81.85
CA CYS F 131 -43.95 -4.26 81.10
C CYS F 131 -43.49 -3.62 79.78
N ILE F 132 -44.16 -4.01 78.68
CA ILE F 132 -43.90 -3.47 77.35
C ILE F 132 -45.07 -2.56 77.02
N ILE F 133 -44.76 -1.33 76.62
CA ILE F 133 -45.74 -0.34 76.20
C ILE F 133 -45.45 0.10 74.76
N ALA F 134 -46.39 -0.13 73.88
CA ALA F 134 -46.24 0.23 72.50
C ALA F 134 -47.32 1.18 72.14
N GLY F 135 -46.91 2.32 71.68
CA GLY F 135 -47.89 3.28 71.32
C GLY F 135 -47.19 4.60 71.18
N ASP F 136 -48.01 5.58 70.87
CA ASP F 136 -47.58 6.92 70.62
C ASP F 136 -46.59 7.47 71.60
N ASN F 137 -47.03 7.57 72.85
CA ASN F 137 -46.12 8.12 73.85
C ASN F 137 -46.15 7.22 75.04
N PRO F 138 -45.31 6.19 74.95
CA PRO F 138 -45.27 5.25 76.01
C PRO F 138 -44.89 5.87 77.36
N ASP F 139 -45.76 5.65 78.38
CA ASP F 139 -45.52 6.15 79.73
C ASP F 139 -44.63 5.21 80.51
N ALA F 140 -43.40 5.63 80.70
CA ALA F 140 -42.47 4.79 81.40
C ALA F 140 -42.90 4.44 82.81
N ALA F 141 -43.20 5.49 83.54
CA ALA F 141 -43.62 5.36 84.92
C ALA F 141 -44.80 4.44 85.01
N LEU F 142 -45.53 4.47 83.94
CA LEU F 142 -46.70 3.64 83.90
C LEU F 142 -46.37 2.19 83.72
N ALA F 143 -45.41 1.95 82.88
CA ALA F 143 -44.96 0.61 82.61
C ALA F 143 -44.28 0.04 83.87
N LEU F 144 -43.54 0.91 84.57
CA LEU F 144 -42.84 0.46 85.76
C LEU F 144 -43.83 -0.07 86.75
N GLU F 145 -44.89 0.69 86.83
CA GLU F 145 -45.95 0.33 87.74
C GLU F 145 -46.55 -1.02 87.40
N LYS F 146 -46.80 -1.24 86.12
CA LYS F 146 -47.39 -2.50 85.76
C LYS F 146 -46.50 -3.66 86.04
N ALA F 147 -45.24 -3.42 85.85
CA ALA F 147 -44.29 -4.47 86.08
C ALA F 147 -44.13 -4.85 87.52
N ARG F 148 -44.30 -3.87 88.36
CA ARG F 148 -44.17 -3.85 89.69
C ARG F 148 -45.39 -4.50 90.51
N ALA F 149 -46.50 -4.21 89.93
CA ALA F 149 -47.79 -4.66 90.33
C ALA F 149 -48.03 -6.07 89.86
N PHE F 150 -47.23 -6.53 88.94
CA PHE F 150 -47.42 -7.88 88.50
C PHE F 150 -47.14 -8.79 89.72
N PRO F 151 -48.04 -9.70 89.96
CA PRO F 151 -48.00 -10.61 91.09
C PRO F 151 -46.84 -11.59 91.07
N GLY F 152 -46.28 -11.86 89.91
CA GLY F 152 -45.17 -12.80 89.92
C GLY F 152 -45.66 -14.19 89.60
N LEU F 153 -44.77 -15.04 89.09
CA LEU F 153 -45.21 -16.39 88.72
C LEU F 153 -45.02 -17.46 89.77
N ASN F 154 -44.21 -17.16 90.78
CA ASN F 154 -44.00 -18.11 91.83
C ASN F 154 -45.32 -18.31 92.49
N GLY F 155 -45.73 -19.55 92.59
CA GLY F 155 -46.99 -19.75 93.22
C GLY F 155 -48.16 -19.38 92.34
N MET F 156 -47.95 -19.32 91.05
CA MET F 156 -49.04 -18.97 90.16
C MET F 156 -49.49 -20.19 89.33
N ASP F 157 -50.71 -20.61 89.54
CA ASP F 157 -51.24 -21.73 88.83
C ASP F 157 -51.68 -21.24 87.46
N LEU F 158 -50.93 -21.62 86.45
CA LEU F 158 -51.35 -21.20 85.12
C LEU F 158 -51.87 -22.34 84.30
N ALA F 159 -51.62 -23.57 84.72
CA ALA F 159 -52.14 -24.69 83.94
C ALA F 159 -53.67 -24.66 83.81
N LYS F 160 -54.33 -24.22 84.90
CA LYS F 160 -55.78 -24.09 84.97
C LYS F 160 -56.31 -23.05 84.02
N GLU F 161 -55.46 -22.09 83.71
CA GLU F 161 -55.82 -20.99 82.84
C GLU F 161 -55.66 -21.28 81.36
N VAL F 162 -54.77 -22.21 81.05
CA VAL F 162 -54.55 -22.55 79.65
C VAL F 162 -55.19 -23.87 79.25
N THR F 163 -55.57 -24.71 80.23
CA THR F 163 -56.19 -26.00 79.94
C THR F 163 -57.46 -25.99 79.11
N THR F 164 -57.78 -27.14 78.48
CA THR F 164 -58.97 -27.34 77.64
C THR F 164 -60.26 -27.47 78.48
N ALA F 165 -61.29 -26.74 78.10
CA ALA F 165 -62.58 -26.73 78.78
C ALA F 165 -63.22 -28.10 78.94
N GLU F 166 -63.26 -28.84 77.82
CA GLU F 166 -63.84 -30.17 77.78
C GLU F 166 -62.86 -31.16 77.16
N ALA F 167 -62.87 -32.38 77.68
CA ALA F 167 -61.98 -33.41 77.14
C ALA F 167 -62.19 -33.61 75.64
N TYR F 168 -61.17 -34.16 74.97
CA TYR F 168 -61.23 -34.40 73.52
C TYR F 168 -60.25 -35.44 72.99
N SER F 169 -60.52 -35.92 71.78
CA SER F 169 -59.67 -36.93 71.16
C SER F 169 -58.59 -36.35 70.23
N TRP F 170 -57.39 -36.96 70.29
CA TRP F 170 -56.23 -36.60 69.48
C TRP F 170 -55.65 -37.83 68.79
N THR F 171 -55.61 -37.74 67.46
CA THR F 171 -55.10 -38.83 66.64
C THR F 171 -54.28 -38.36 65.46
N GLN F 172 -53.76 -37.15 65.54
CA GLN F 172 -52.94 -36.65 64.45
C GLN F 172 -51.44 -36.76 64.71
N GLY F 173 -50.75 -37.25 63.67
CA GLY F 173 -49.31 -37.50 63.65
C GLY F 173 -48.39 -36.36 63.18
N SER F 174 -47.12 -36.64 63.31
CA SER F 174 -46.11 -35.67 62.94
C SER F 174 -46.09 -35.27 61.50
N TRP F 175 -45.52 -34.09 61.33
CA TRP F 175 -45.34 -33.43 60.04
C TRP F 175 -44.12 -33.90 59.29
N THR F 176 -44.16 -33.69 57.99
CA THR F 176 -43.01 -34.12 57.25
C THR F 176 -42.89 -33.22 56.11
N LEU F 177 -41.66 -33.09 55.66
CA LEU F 177 -41.34 -32.22 54.56
C LEU F 177 -42.11 -32.52 53.31
N THR F 178 -42.19 -33.80 53.05
CA THR F 178 -42.87 -34.25 51.88
C THR F 178 -44.37 -34.09 51.91
N GLY F 179 -45.00 -34.52 53.00
CA GLY F 179 -46.45 -34.40 53.05
C GLY F 179 -47.05 -33.34 53.94
N GLY F 180 -46.22 -32.65 54.71
CA GLY F 180 -46.73 -31.65 55.63
C GLY F 180 -47.35 -32.38 56.83
N LEU F 181 -48.36 -31.77 57.45
CA LEU F 181 -49.04 -32.37 58.58
C LEU F 181 -50.03 -33.36 58.03
N PRO F 182 -49.95 -34.60 58.50
CA PRO F 182 -50.81 -35.66 58.04
C PRO F 182 -52.27 -35.43 58.40
N GLN F 183 -53.08 -36.39 57.95
CA GLN F 183 -54.51 -36.41 58.21
C GLN F 183 -54.69 -37.22 59.48
N ALA F 184 -55.62 -36.80 60.35
CA ALA F 184 -55.82 -37.53 61.60
C ALA F 184 -56.10 -39.02 61.40
N LYS F 185 -55.45 -39.87 62.18
CA LYS F 185 -55.72 -41.27 61.98
C LYS F 185 -57.10 -41.62 62.47
N LYS F 186 -57.45 -42.88 62.21
CA LYS F 186 -58.72 -43.44 62.61
C LYS F 186 -58.48 -44.09 63.95
N GLU F 187 -59.45 -44.00 64.86
CA GLU F 187 -59.26 -44.62 66.16
C GLU F 187 -58.79 -46.09 66.07
N ASP F 188 -59.27 -46.82 65.06
CA ASP F 188 -58.94 -48.22 64.83
C ASP F 188 -57.58 -48.45 64.20
N GLU F 189 -56.83 -47.36 64.05
CA GLU F 189 -55.51 -47.37 63.43
C GLU F 189 -54.39 -47.27 64.45
N LEU F 190 -54.82 -47.06 65.69
CA LEU F 190 -53.93 -46.93 66.84
C LEU F 190 -54.30 -47.87 67.99
N PRO F 191 -53.28 -48.67 68.26
CA PRO F 191 -53.23 -49.68 69.27
C PRO F 191 -53.43 -49.14 70.71
N PHE F 192 -52.65 -48.13 71.15
CA PHE F 192 -52.85 -47.62 72.50
C PHE F 192 -53.72 -46.41 72.67
N HIS F 193 -54.22 -46.34 73.89
CA HIS F 193 -55.07 -45.28 74.37
C HIS F 193 -54.43 -44.64 75.57
N VAL F 194 -53.92 -43.44 75.32
CA VAL F 194 -53.30 -42.66 76.33
C VAL F 194 -54.16 -41.47 76.58
N VAL F 195 -54.27 -41.15 77.87
CA VAL F 195 -55.01 -40.02 78.37
C VAL F 195 -53.96 -39.04 78.76
N ALA F 196 -54.02 -37.89 78.09
CA ALA F 196 -53.08 -36.85 78.31
C ALA F 196 -53.70 -35.71 79.06
N TYR F 197 -53.18 -35.42 80.26
CA TYR F 197 -53.71 -34.31 81.02
C TYR F 197 -53.12 -33.05 80.34
N ASP F 198 -53.97 -32.12 79.97
CA ASP F 198 -53.59 -30.88 79.30
C ASP F 198 -53.30 -29.82 80.31
N PHE F 199 -52.03 -29.69 80.63
CA PHE F 199 -51.64 -28.68 81.58
C PHE F 199 -51.12 -27.49 80.82
N GLY F 200 -51.40 -27.54 79.53
CA GLY F 200 -51.01 -26.55 78.55
C GLY F 200 -50.15 -27.24 77.50
N ALA F 201 -50.69 -28.34 76.95
CA ALA F 201 -50.03 -29.20 75.98
C ALA F 201 -49.60 -28.64 74.65
N LYS F 202 -48.37 -29.03 74.24
CA LYS F 202 -47.71 -28.68 72.99
C LYS F 202 -48.01 -29.74 71.91
N ARG F 203 -48.61 -29.28 70.80
CA ARG F 203 -49.01 -30.10 69.66
C ARG F 203 -48.04 -31.18 69.30
N ASN F 204 -46.76 -30.85 69.30
CA ASN F 204 -45.75 -31.83 68.97
C ASN F 204 -45.75 -33.05 69.88
N ILE F 205 -45.99 -32.85 71.18
CA ILE F 205 -46.01 -34.02 72.05
C ILE F 205 -47.09 -34.99 71.60
N LEU F 206 -48.28 -34.46 71.41
CA LEU F 206 -49.37 -35.28 70.98
C LEU F 206 -49.03 -35.97 69.67
N ARG F 207 -48.65 -35.19 68.67
CA ARG F 207 -48.27 -35.72 67.36
C ARG F 207 -47.26 -36.83 67.48
N MET F 208 -46.26 -36.60 68.30
CA MET F 208 -45.26 -37.62 68.45
C MET F 208 -45.74 -38.86 69.12
N LEU F 209 -46.74 -38.73 69.97
CA LEU F 209 -47.27 -39.90 70.62
C LEU F 209 -48.02 -40.66 69.56
N VAL F 210 -48.82 -39.92 68.82
CA VAL F 210 -49.60 -40.48 67.76
C VAL F 210 -48.67 -41.21 66.83
N ASP F 211 -47.46 -40.68 66.75
CA ASP F 211 -46.47 -41.31 65.91
C ASP F 211 -46.13 -42.73 66.38
N ARG F 212 -46.24 -42.94 67.69
CA ARG F 212 -45.95 -44.22 68.27
C ARG F 212 -47.13 -45.19 68.42
N GLY F 213 -48.28 -44.77 67.92
CA GLY F 213 -49.46 -45.63 67.95
C GLY F 213 -50.39 -45.35 69.11
N CYS F 214 -50.39 -44.11 69.55
CA CYS F 214 -51.24 -43.78 70.65
C CYS F 214 -52.41 -42.90 70.24
N ARG F 215 -53.65 -43.31 70.60
CA ARG F 215 -54.82 -42.46 70.32
C ARG F 215 -54.99 -41.69 71.62
N LEU F 216 -55.17 -40.40 71.49
CA LEU F 216 -55.24 -39.66 72.71
C LEU F 216 -56.56 -39.09 72.99
N THR F 217 -56.62 -38.81 74.26
CA THR F 217 -57.68 -38.17 74.92
C THR F 217 -57.03 -37.19 75.87
N ILE F 218 -57.22 -35.94 75.47
CA ILE F 218 -56.74 -34.79 76.19
C ILE F 218 -57.87 -34.39 77.13
N VAL F 219 -57.54 -34.33 78.42
CA VAL F 219 -58.51 -33.98 79.45
C VAL F 219 -58.11 -32.73 80.16
N PRO F 220 -59.10 -32.00 80.63
CA PRO F 220 -58.82 -30.79 81.35
C PRO F 220 -57.92 -31.13 82.54
N ALA F 221 -57.10 -30.16 82.90
CA ALA F 221 -56.14 -30.31 83.96
C ALA F 221 -56.75 -30.79 85.25
N GLN F 222 -57.92 -30.27 85.55
CA GLN F 222 -58.57 -30.64 86.78
C GLN F 222 -59.36 -31.94 86.77
N THR F 223 -59.23 -32.69 85.69
CA THR F 223 -59.93 -33.95 85.55
C THR F 223 -59.58 -34.91 86.71
N SER F 224 -60.59 -35.58 87.27
CA SER F 224 -60.36 -36.51 88.38
C SER F 224 -59.65 -37.78 87.97
N ALA F 225 -58.92 -38.35 88.89
CA ALA F 225 -58.25 -39.59 88.59
C ALA F 225 -59.35 -40.64 88.36
N GLU F 226 -60.41 -40.58 89.19
CA GLU F 226 -61.52 -41.52 89.09
C GLU F 226 -62.04 -41.49 87.70
N ASP F 227 -62.45 -40.28 87.34
CA ASP F 227 -63.02 -40.02 86.04
C ASP F 227 -62.14 -40.54 84.95
N VAL F 228 -60.86 -40.52 85.25
CA VAL F 228 -59.82 -40.94 84.34
C VAL F 228 -59.69 -42.44 84.22
N LEU F 229 -59.68 -43.10 85.37
CA LEU F 229 -59.57 -44.53 85.39
C LEU F 229 -60.70 -45.19 84.64
N LYS F 230 -61.89 -44.65 84.88
CA LYS F 230 -63.12 -45.10 84.27
C LYS F 230 -62.96 -45.31 82.80
N MET F 231 -61.99 -44.61 82.24
CA MET F 231 -61.73 -44.70 80.82
C MET F 231 -60.85 -45.86 80.43
N ASN F 232 -60.29 -46.51 81.45
CA ASN F 232 -59.40 -47.66 81.25
C ASN F 232 -58.35 -47.36 80.22
N PRO F 233 -57.49 -46.44 80.61
CA PRO F 233 -56.43 -45.99 79.75
C PRO F 233 -55.29 -46.98 79.71
N ASP F 234 -54.50 -46.84 78.64
CA ASP F 234 -53.34 -47.70 78.46
C ASP F 234 -52.11 -46.97 78.99
N GLY F 235 -52.25 -45.66 79.06
CA GLY F 235 -51.18 -44.84 79.57
C GLY F 235 -51.72 -43.48 79.93
N ILE F 236 -51.09 -42.88 80.92
CA ILE F 236 -51.46 -41.56 81.36
C ILE F 236 -50.28 -40.65 81.06
N PHE F 237 -50.58 -39.55 80.42
CA PHE F 237 -49.52 -38.66 80.11
C PHE F 237 -49.72 -37.30 80.76
N LEU F 238 -48.62 -36.77 81.34
CA LEU F 238 -48.66 -35.45 81.98
C LEU F 238 -47.97 -34.38 81.11
N SER F 239 -48.76 -33.48 80.55
CA SER F 239 -48.20 -32.48 79.67
C SER F 239 -47.38 -31.38 80.33
N ASN F 240 -46.93 -30.53 79.44
CA ASN F 240 -46.15 -29.40 79.81
C ASN F 240 -47.13 -28.28 80.02
N GLY F 241 -46.64 -27.16 80.59
CA GLY F 241 -47.48 -25.99 80.82
C GLY F 241 -46.76 -24.89 81.58
N PRO F 242 -47.40 -23.74 81.60
CA PRO F 242 -46.93 -22.52 82.27
C PRO F 242 -47.18 -22.48 83.79
N GLY F 243 -46.64 -21.43 84.43
CA GLY F 243 -46.76 -21.15 85.87
C GLY F 243 -46.08 -22.14 86.80
N ASP F 244 -46.37 -22.04 88.10
CA ASP F 244 -45.81 -22.88 89.14
C ASP F 244 -46.63 -24.18 89.17
N PRO F 245 -45.94 -25.31 89.33
CA PRO F 245 -46.66 -26.59 89.37
C PRO F 245 -47.23 -26.86 90.77
N ALA F 246 -46.53 -26.40 91.78
CA ALA F 246 -46.92 -26.60 93.14
C ALA F 246 -48.40 -26.34 93.51
N PRO F 247 -48.89 -25.15 93.21
CA PRO F 247 -50.27 -24.78 93.52
C PRO F 247 -51.29 -25.47 92.63
N CYS F 248 -50.98 -26.63 92.09
CA CYS F 248 -51.95 -27.30 91.25
C CYS F 248 -52.40 -28.54 91.95
N ASP F 249 -52.87 -28.36 93.16
CA ASP F 249 -53.31 -29.45 94.00
C ASP F 249 -54.05 -30.59 93.29
N TYR F 250 -55.07 -30.24 92.52
CA TYR F 250 -55.86 -31.23 91.82
C TYR F 250 -55.09 -32.09 90.83
N ALA F 251 -53.81 -31.82 90.67
CA ALA F 251 -53.09 -32.65 89.72
C ALA F 251 -52.16 -33.54 90.49
N ILE F 252 -51.68 -33.01 91.57
CA ILE F 252 -50.82 -33.81 92.37
C ILE F 252 -51.63 -34.97 92.93
N THR F 253 -52.79 -34.61 93.52
CA THR F 253 -53.70 -35.56 94.11
C THR F 253 -54.08 -36.66 93.11
N ALA F 254 -54.61 -36.28 91.94
CA ALA F 254 -54.98 -37.25 90.92
C ALA F 254 -53.85 -38.17 90.52
N ILE F 255 -52.67 -37.59 90.43
CA ILE F 255 -51.50 -38.33 90.07
C ILE F 255 -51.20 -39.37 91.13
N GLN F 256 -51.15 -38.91 92.39
CA GLN F 256 -50.89 -39.76 93.55
C GLN F 256 -51.74 -41.02 93.46
N LYS F 257 -52.95 -40.78 92.98
CA LYS F 257 -53.94 -41.80 92.76
C LYS F 257 -53.45 -42.78 91.72
N PHE F 258 -53.05 -42.24 90.58
CA PHE F 258 -52.56 -43.07 89.50
C PHE F 258 -51.41 -43.95 89.87
N LEU F 259 -50.66 -43.45 90.84
CA LEU F 259 -49.51 -44.14 91.38
C LEU F 259 -49.84 -45.29 92.31
N GLU F 260 -51.10 -45.39 92.72
CA GLU F 260 -51.49 -46.50 93.59
C GLU F 260 -51.65 -47.68 92.65
N THR F 261 -52.05 -47.30 91.44
CA THR F 261 -52.27 -48.22 90.37
C THR F 261 -50.96 -48.61 89.71
N ASP F 262 -51.12 -49.46 88.73
CA ASP F 262 -50.04 -49.98 87.94
C ASP F 262 -50.04 -49.42 86.50
N ILE F 263 -50.87 -48.41 86.26
CA ILE F 263 -50.90 -47.82 84.93
C ILE F 263 -49.64 -46.98 84.76
N PRO F 264 -49.09 -47.05 83.55
CA PRO F 264 -47.88 -46.36 83.09
C PRO F 264 -48.03 -44.85 83.05
N VAL F 265 -47.17 -44.13 83.77
CA VAL F 265 -47.33 -42.68 83.74
C VAL F 265 -46.10 -41.99 83.22
N PHE F 266 -46.33 -40.99 82.41
CA PHE F 266 -45.21 -40.28 81.87
C PHE F 266 -45.46 -38.78 81.78
N GLY F 267 -44.51 -38.00 82.30
CA GLY F 267 -44.67 -36.56 82.29
C GLY F 267 -43.54 -35.78 81.60
N ILE F 268 -43.90 -34.64 81.07
CA ILE F 268 -42.88 -33.84 80.43
C ILE F 268 -42.92 -32.43 80.95
N CYS F 269 -41.74 -31.93 81.36
CA CYS F 269 -41.63 -30.57 81.90
C CYS F 269 -42.52 -30.33 83.14
N LEU F 270 -43.65 -29.63 82.99
CA LEU F 270 -44.52 -29.43 84.14
C LEU F 270 -44.95 -30.79 84.70
N GLY F 271 -45.36 -31.70 83.79
CA GLY F 271 -45.79 -33.06 84.16
C GLY F 271 -44.71 -33.74 84.96
N HIS F 272 -43.45 -33.42 84.66
CA HIS F 272 -42.30 -33.99 85.36
C HIS F 272 -42.27 -33.53 86.82
N GLN F 273 -42.65 -32.28 87.03
CA GLN F 273 -42.66 -31.65 88.35
C GLN F 273 -43.83 -32.09 89.25
N LEU F 274 -44.95 -32.32 88.61
CA LEU F 274 -46.11 -32.73 89.32
C LEU F 274 -45.90 -34.15 89.77
N LEU F 275 -45.32 -34.91 88.87
CA LEU F 275 -45.00 -36.29 89.12
C LEU F 275 -44.11 -36.37 90.36
N ALA F 276 -43.11 -35.50 90.39
CA ALA F 276 -42.17 -35.41 91.49
C ALA F 276 -42.87 -34.98 92.81
N LEU F 277 -43.77 -34.02 92.71
CA LEU F 277 -44.52 -33.48 93.79
C LEU F 277 -45.40 -34.62 94.30
N ALA F 278 -46.07 -35.24 93.31
CA ALA F 278 -46.95 -36.38 93.54
C ALA F 278 -46.20 -37.50 94.23
N SER F 279 -44.86 -37.45 94.17
CA SER F 279 -44.02 -38.45 94.78
C SER F 279 -43.41 -37.96 96.07
N GLY F 280 -43.76 -36.75 96.49
CA GLY F 280 -43.21 -36.24 97.73
C GLY F 280 -41.99 -35.34 97.57
N ALA F 281 -41.69 -35.02 96.30
CA ALA F 281 -40.56 -34.16 96.06
C ALA F 281 -41.05 -32.71 96.12
N LYS F 282 -40.08 -31.82 96.25
CA LYS F 282 -40.34 -30.42 96.37
C LYS F 282 -39.82 -29.67 95.17
N THR F 283 -40.49 -28.58 94.80
CA THR F 283 -40.02 -27.81 93.67
C THR F 283 -39.54 -26.46 94.09
N VAL F 284 -38.66 -25.93 93.27
CA VAL F 284 -38.13 -24.61 93.51
C VAL F 284 -38.09 -23.86 92.19
N LYS F 285 -38.19 -22.55 92.31
CA LYS F 285 -38.18 -21.72 91.13
C LYS F 285 -36.76 -21.29 90.84
N MET F 286 -36.33 -21.50 89.62
CA MET F 286 -34.99 -21.20 89.18
C MET F 286 -34.63 -19.72 89.10
N LYS F 287 -33.34 -19.43 89.25
CA LYS F 287 -32.84 -18.06 89.16
C LYS F 287 -33.32 -17.38 87.87
N PHE F 288 -33.04 -18.03 86.75
CA PHE F 288 -33.51 -17.43 85.52
C PHE F 288 -34.09 -18.51 84.63
N GLY F 289 -33.96 -19.75 85.09
CA GLY F 289 -34.53 -20.84 84.32
C GLY F 289 -33.72 -21.25 83.11
N HIS F 290 -34.27 -22.19 82.37
CA HIS F 290 -33.64 -22.72 81.18
C HIS F 290 -34.55 -22.52 79.98
N HIS F 291 -34.11 -21.75 78.99
CA HIS F 291 -34.89 -21.47 77.77
C HIS F 291 -33.91 -21.41 76.60
N GLY F 292 -33.88 -22.44 75.82
CA GLY F 292 -32.95 -22.46 74.73
C GLY F 292 -33.00 -23.81 74.06
N GLY F 293 -32.20 -23.99 73.02
CA GLY F 293 -32.23 -25.28 72.30
C GLY F 293 -30.87 -25.95 72.16
N ASN F 294 -29.93 -25.61 73.02
CA ASN F 294 -28.62 -26.18 72.95
C ASN F 294 -28.19 -26.78 74.29
N HIS F 295 -29.15 -27.01 75.18
CA HIS F 295 -28.84 -27.50 76.51
C HIS F 295 -28.47 -28.99 76.60
N PRO F 296 -27.25 -29.21 77.07
CA PRO F 296 -26.72 -30.56 77.24
C PRO F 296 -27.24 -31.22 78.52
N VAL F 297 -27.88 -32.38 78.37
CA VAL F 297 -28.44 -33.13 79.48
C VAL F 297 -27.79 -34.50 79.49
N LYS F 298 -27.44 -35.01 80.66
CA LYS F 298 -26.83 -36.32 80.73
C LYS F 298 -27.77 -37.43 81.20
N ASP F 299 -27.69 -38.53 80.45
CA ASP F 299 -28.41 -39.71 80.77
C ASP F 299 -27.39 -40.33 81.68
N VAL F 300 -27.51 -40.06 82.96
CA VAL F 300 -26.61 -40.54 83.99
C VAL F 300 -26.44 -42.04 83.96
N GLU F 301 -27.54 -42.74 83.75
CA GLU F 301 -27.50 -44.18 83.70
C GLU F 301 -26.56 -44.65 82.58
N LYS F 302 -26.86 -44.20 81.37
CA LYS F 302 -26.11 -44.55 80.18
C LYS F 302 -24.82 -43.72 80.03
N ASN F 303 -24.74 -42.60 80.70
CA ASN F 303 -23.55 -41.82 80.52
C ASN F 303 -23.41 -41.25 79.10
N VAL F 304 -24.51 -40.71 78.62
CA VAL F 304 -24.52 -40.10 77.34
C VAL F 304 -25.12 -38.70 77.42
N VAL F 305 -24.73 -37.89 76.47
CA VAL F 305 -25.20 -36.52 76.39
C VAL F 305 -26.22 -36.32 75.27
N MET F 306 -27.24 -35.53 75.57
CA MET F 306 -28.24 -35.17 74.59
C MET F 306 -28.29 -33.67 74.55
N ILE F 307 -28.42 -33.11 73.36
CA ILE F 307 -28.52 -31.67 73.28
C ILE F 307 -30.00 -31.43 73.37
N THR F 308 -30.43 -30.55 74.25
CA THR F 308 -31.87 -30.41 74.32
C THR F 308 -32.43 -29.03 74.20
N ALA F 309 -33.75 -29.12 74.11
CA ALA F 309 -34.71 -28.06 74.04
C ALA F 309 -35.30 -27.94 75.47
N GLN F 310 -35.10 -26.77 76.06
CA GLN F 310 -35.52 -26.45 77.39
C GLN F 310 -36.42 -25.23 77.50
N ASN F 311 -37.31 -25.25 78.48
CA ASN F 311 -38.22 -24.11 78.71
C ASN F 311 -38.88 -24.22 80.07
N HIS F 312 -38.08 -23.98 81.13
CA HIS F 312 -38.64 -24.05 82.46
C HIS F 312 -38.03 -23.03 83.43
N GLY F 313 -38.90 -22.51 84.30
CA GLY F 313 -38.52 -21.54 85.30
C GLY F 313 -38.48 -22.16 86.69
N PHE F 314 -39.04 -23.37 86.79
CA PHE F 314 -39.08 -24.10 88.05
C PHE F 314 -38.30 -25.41 87.94
N ALA F 315 -37.88 -25.94 89.10
CA ALA F 315 -37.15 -27.18 89.12
C ALA F 315 -37.41 -28.05 90.34
N VAL F 316 -37.17 -29.35 90.14
CA VAL F 316 -37.33 -30.35 91.17
C VAL F 316 -36.08 -30.33 92.02
N ASP F 317 -36.19 -30.21 93.35
CA ASP F 317 -35.00 -30.22 94.19
C ASP F 317 -34.54 -31.66 94.32
N GLU F 318 -33.30 -31.94 93.91
CA GLU F 318 -32.76 -33.28 93.98
C GLU F 318 -32.40 -33.81 95.38
N ALA F 319 -32.25 -32.90 96.31
CA ALA F 319 -31.94 -33.24 97.68
C ALA F 319 -33.20 -33.47 98.56
N THR F 320 -34.39 -33.44 97.99
CA THR F 320 -35.63 -33.63 98.73
C THR F 320 -36.40 -34.78 98.11
N LEU F 321 -35.65 -35.50 97.29
CA LEU F 321 -36.16 -36.63 96.55
C LEU F 321 -36.36 -37.90 97.39
N PRO F 322 -37.62 -38.34 97.47
CA PRO F 322 -37.96 -39.53 98.21
C PRO F 322 -37.23 -40.71 97.58
N ALA F 323 -36.85 -41.71 98.37
CA ALA F 323 -36.13 -42.84 97.80
C ALA F 323 -36.87 -43.58 96.67
N ASN F 324 -38.19 -43.44 96.60
CA ASN F 324 -38.95 -44.10 95.55
C ASN F 324 -38.63 -43.39 94.23
N LEU F 325 -37.90 -42.29 94.33
CA LEU F 325 -37.54 -41.53 93.17
C LEU F 325 -36.08 -41.64 92.91
N ARG F 326 -35.82 -42.08 91.69
CA ARG F 326 -34.47 -42.24 91.21
C ARG F 326 -34.08 -41.20 90.14
N VAL F 327 -32.83 -40.75 90.21
CA VAL F 327 -32.29 -39.75 89.30
C VAL F 327 -31.85 -40.35 87.99
N THR F 328 -32.41 -39.82 86.90
CA THR F 328 -32.08 -40.31 85.57
C THR F 328 -31.33 -39.32 84.66
N HIS F 329 -31.58 -38.02 84.81
CA HIS F 329 -30.93 -37.03 83.97
C HIS F 329 -30.65 -35.75 84.71
N LYS F 330 -29.46 -35.20 84.43
CA LYS F 330 -29.03 -33.96 85.04
C LYS F 330 -28.51 -32.97 84.01
N SER F 331 -28.64 -31.67 84.25
CA SER F 331 -28.14 -30.68 83.31
C SER F 331 -26.64 -30.55 83.38
N LEU F 332 -26.03 -30.51 82.20
CA LEU F 332 -24.58 -30.38 82.10
C LEU F 332 -24.15 -28.94 82.22
N PHE F 333 -25.14 -28.06 82.23
CA PHE F 333 -24.89 -26.64 82.38
C PHE F 333 -24.82 -26.25 83.84
N ASP F 334 -25.75 -26.77 84.65
CA ASP F 334 -25.71 -26.39 86.05
C ASP F 334 -25.90 -27.49 87.09
N GLY F 335 -26.19 -28.69 86.62
CA GLY F 335 -26.36 -29.81 87.53
C GLY F 335 -27.78 -29.98 87.98
N THR F 336 -28.69 -29.18 87.45
CA THR F 336 -30.07 -29.32 87.89
C THR F 336 -30.76 -30.59 87.41
N LEU F 337 -31.67 -31.07 88.25
CA LEU F 337 -32.39 -32.29 87.92
C LEU F 337 -33.11 -32.23 86.59
N GLN F 338 -32.91 -33.24 85.76
CA GLN F 338 -33.58 -33.29 84.47
C GLN F 338 -34.46 -34.50 84.21
N GLY F 339 -34.33 -35.55 85.00
CA GLY F 339 -35.15 -36.75 84.81
C GLY F 339 -35.20 -37.57 86.09
N ILE F 340 -36.32 -38.25 86.25
CA ILE F 340 -36.52 -39.08 87.44
C ILE F 340 -37.31 -40.32 87.10
N HIS F 341 -37.18 -41.32 87.95
CA HIS F 341 -37.91 -42.54 87.70
C HIS F 341 -38.38 -43.14 89.03
N ARG F 342 -39.65 -43.57 89.08
CA ARG F 342 -40.16 -44.18 90.29
C ARG F 342 -39.52 -45.52 90.38
N THR F 343 -38.91 -45.82 91.50
CA THR F 343 -38.27 -47.12 91.62
C THR F 343 -39.32 -48.22 91.71
N ASP F 344 -40.34 -47.88 92.46
CA ASP F 344 -41.43 -48.76 92.72
C ASP F 344 -42.46 -48.77 91.61
N LYS F 345 -42.58 -47.72 90.83
CA LYS F 345 -43.62 -47.77 89.81
C LYS F 345 -43.22 -47.54 88.34
N PRO F 346 -44.19 -47.75 87.42
CA PRO F 346 -44.00 -47.57 85.98
C PRO F 346 -44.27 -46.12 85.58
N ALA F 347 -43.54 -45.25 86.25
CA ALA F 347 -43.66 -43.82 86.07
C ALA F 347 -42.29 -43.16 86.12
N PHE F 348 -42.14 -42.22 85.18
CA PHE F 348 -40.96 -41.41 85.00
C PHE F 348 -41.29 -40.16 84.22
N SER F 349 -40.40 -39.20 84.34
CA SER F 349 -40.65 -37.98 83.63
C SER F 349 -39.36 -37.35 83.19
N PHE F 350 -39.51 -36.25 82.51
CA PHE F 350 -38.36 -35.52 82.03
C PHE F 350 -38.54 -34.01 81.99
N GLN F 351 -37.54 -33.29 82.50
CA GLN F 351 -37.59 -31.84 82.54
C GLN F 351 -37.51 -31.17 81.17
N GLY F 352 -36.57 -31.63 80.35
CA GLY F 352 -36.42 -31.10 79.00
C GLY F 352 -37.61 -31.43 78.14
N HIS F 353 -37.51 -31.17 76.84
CA HIS F 353 -38.62 -31.45 75.92
C HIS F 353 -38.28 -32.50 74.89
N PRO F 354 -38.62 -33.77 75.11
CA PRO F 354 -38.32 -34.81 74.15
C PRO F 354 -38.96 -34.54 72.80
N GLU F 355 -40.11 -33.88 72.79
CA GLU F 355 -40.80 -33.58 71.51
C GLU F 355 -40.14 -32.39 70.83
N ALA F 356 -39.29 -31.73 71.59
CA ALA F 356 -38.60 -30.54 71.13
C ALA F 356 -39.64 -29.54 70.64
N SER F 357 -39.74 -29.57 69.35
CA SER F 357 -40.58 -28.74 68.49
C SER F 357 -39.76 -27.57 68.06
N PRO F 358 -39.38 -26.45 68.63
CA PRO F 358 -38.13 -25.93 68.09
C PRO F 358 -36.97 -26.69 68.82
N GLY F 359 -36.00 -27.30 68.11
CA GLY F 359 -34.81 -27.94 68.82
C GLY F 359 -34.36 -29.28 68.28
N PRO F 360 -33.25 -29.76 68.85
CA PRO F 360 -32.65 -31.03 68.51
C PRO F 360 -33.56 -32.19 68.91
N HIS F 361 -33.52 -33.25 68.13
CA HIS F 361 -34.35 -34.43 68.36
C HIS F 361 -33.68 -35.47 69.24
N ASP F 362 -32.60 -35.08 69.90
CA ASP F 362 -31.87 -35.99 70.75
C ASP F 362 -32.65 -36.71 71.86
N ALA F 363 -33.64 -36.06 72.44
CA ALA F 363 -34.39 -36.64 73.54
C ALA F 363 -35.64 -37.40 73.18
N ALA F 364 -35.91 -37.56 71.90
CA ALA F 364 -37.12 -38.24 71.51
C ALA F 364 -37.33 -39.68 71.99
N PRO F 365 -36.26 -40.40 72.30
CA PRO F 365 -36.34 -41.77 72.75
C PRO F 365 -37.01 -41.97 74.07
N LEU F 366 -36.98 -40.90 74.86
CA LEU F 366 -37.63 -40.87 76.16
C LEU F 366 -39.07 -41.38 75.96
N PHE F 367 -39.58 -41.11 74.75
CA PHE F 367 -40.88 -41.51 74.29
C PHE F 367 -40.97 -43.01 74.19
N ASP F 368 -39.98 -43.61 73.58
CA ASP F 368 -39.98 -45.04 73.45
C ASP F 368 -40.18 -45.80 74.77
N HIS F 369 -39.50 -45.35 75.84
CA HIS F 369 -39.61 -45.95 77.17
C HIS F 369 -41.01 -46.00 77.70
N PHE F 370 -41.80 -45.02 77.32
CA PHE F 370 -43.17 -44.93 77.72
C PHE F 370 -43.92 -45.99 77.00
N ILE F 371 -43.54 -46.18 75.74
CA ILE F 371 -44.18 -47.17 74.92
C ILE F 371 -44.01 -48.60 75.42
N GLU F 372 -42.81 -48.95 75.82
CA GLU F 372 -42.50 -50.24 76.37
C GLU F 372 -43.44 -50.54 77.52
N LEU F 373 -43.40 -49.61 78.47
CA LEU F 373 -44.16 -49.58 79.71
C LEU F 373 -45.60 -49.96 79.54
N ILE F 374 -46.15 -49.37 78.51
CA ILE F 374 -47.52 -49.57 78.14
C ILE F 374 -47.69 -51.00 77.68
N GLU F 375 -46.94 -51.34 76.64
CA GLU F 375 -46.98 -52.67 76.06
C GLU F 375 -46.83 -53.74 77.13
N GLN F 376 -46.04 -53.42 78.13
CA GLN F 376 -45.86 -54.36 79.18
C GLN F 376 -47.08 -54.37 80.07
N TYR F 377 -47.63 -53.19 80.34
CA TYR F 377 -48.83 -53.03 81.18
C TYR F 377 -49.98 -53.88 80.63
N ARG F 378 -50.12 -53.82 79.30
CA ARG F 378 -51.16 -54.51 78.55
C ARG F 378 -51.06 -56.01 78.63
N LYS F 379 -49.83 -56.42 78.56
CA LYS F 379 -49.52 -57.80 78.64
C LYS F 379 -50.06 -58.37 79.96
N THR F 380 -50.10 -57.47 80.95
CA THR F 380 -50.58 -57.78 82.28
C THR F 380 -52.04 -57.37 82.42
N MET G 1 17.59 49.87 -74.00
CA MET G 1 18.82 49.45 -73.31
C MET G 1 19.10 50.20 -72.01
N PRO G 2 18.99 51.53 -72.08
CA PRO G 2 19.26 52.33 -70.89
C PRO G 2 18.07 52.29 -69.93
N LYS G 3 18.03 53.29 -69.04
CA LYS G 3 16.93 53.35 -68.08
C LYS G 3 15.58 53.85 -68.54
N ARG G 4 14.54 53.20 -67.97
CA ARG G 4 13.11 53.42 -68.21
C ARG G 4 12.75 54.91 -68.09
N THR G 5 12.05 55.33 -69.12
CA THR G 5 11.60 56.69 -69.24
C THR G 5 10.19 56.78 -68.74
N ASP G 6 9.34 55.87 -69.24
CA ASP G 6 7.92 55.83 -68.87
C ASP G 6 7.68 55.64 -67.39
N ILE G 7 8.76 55.39 -66.66
CA ILE G 7 8.65 55.15 -65.22
C ILE G 7 9.38 56.12 -64.30
N LYS G 8 8.62 56.71 -63.38
CA LYS G 8 9.25 57.65 -62.44
C LYS G 8 9.13 57.30 -60.93
N SER G 9 8.01 56.71 -60.52
CA SER G 9 7.90 56.38 -59.10
C SER G 9 7.83 54.88 -58.95
N ILE G 10 8.62 54.39 -57.99
CA ILE G 10 8.65 52.96 -57.81
C ILE G 10 8.26 52.51 -56.43
N LEU G 11 7.35 51.56 -56.36
CA LEU G 11 7.00 51.00 -55.07
C LEU G 11 7.72 49.65 -54.87
N ILE G 12 8.42 49.61 -53.74
CA ILE G 12 9.18 48.45 -53.33
C ILE G 12 8.50 47.73 -52.14
N LEU G 13 8.16 46.45 -52.31
CA LEU G 13 7.56 45.66 -51.24
C LEU G 13 8.62 45.08 -50.32
N GLY G 14 8.56 45.48 -49.03
CA GLY G 14 9.49 45.04 -47.98
C GLY G 14 9.05 43.65 -47.48
N ALA G 15 9.95 42.91 -46.82
CA ALA G 15 9.70 41.56 -46.32
C ALA G 15 8.87 41.47 -45.03
N GLY G 16 8.91 42.50 -44.21
CA GLY G 16 8.13 42.48 -42.99
C GLY G 16 8.97 41.96 -41.82
N PRO G 17 8.33 41.56 -40.71
CA PRO G 17 9.01 41.07 -39.52
C PRO G 17 9.88 39.82 -39.80
N ILE G 18 11.00 39.75 -39.06
CA ILE G 18 11.95 38.66 -39.18
C ILE G 18 11.40 37.36 -38.62
N VAL G 19 11.48 36.34 -39.45
CA VAL G 19 11.04 35.01 -39.09
C VAL G 19 12.03 33.94 -39.54
N ILE G 20 11.83 32.71 -39.06
CA ILE G 20 12.71 31.65 -39.49
C ILE G 20 12.47 31.48 -40.98
N GLY G 21 13.51 31.48 -41.78
CA GLY G 21 13.23 31.30 -43.19
C GLY G 21 13.10 32.61 -43.95
N GLN G 22 12.91 33.73 -43.26
CA GLN G 22 12.75 35.02 -43.93
C GLN G 22 13.32 36.05 -43.00
N ALA G 23 14.61 36.18 -43.13
CA ALA G 23 15.40 37.03 -42.28
C ALA G 23 16.00 38.34 -42.81
N CYS G 24 17.16 38.67 -42.23
CA CYS G 24 17.90 39.92 -42.52
C CYS G 24 18.28 40.17 -43.94
N GLU G 25 18.41 39.09 -44.66
CA GLU G 25 18.78 39.13 -46.02
C GLU G 25 17.93 40.13 -46.78
N PHE G 26 16.67 40.23 -46.39
CA PHE G 26 15.74 41.14 -47.05
C PHE G 26 15.91 42.61 -46.65
N ASP G 27 16.70 42.85 -45.61
CA ASP G 27 16.95 44.21 -45.23
C ASP G 27 18.16 44.60 -46.06
N TYR G 28 19.10 43.69 -46.09
CA TYR G 28 20.32 43.88 -46.85
C TYR G 28 19.95 44.20 -48.31
N SER G 29 19.11 43.37 -48.89
CA SER G 29 18.67 43.54 -50.25
C SER G 29 17.80 44.75 -50.48
N GLY G 30 16.80 44.91 -49.66
CA GLY G 30 15.89 46.02 -49.78
C GLY G 30 16.67 47.29 -49.67
N ALA G 31 17.66 47.27 -48.80
CA ALA G 31 18.49 48.47 -48.68
C ALA G 31 19.17 48.77 -50.00
N GLN G 32 19.85 47.77 -50.57
CA GLN G 32 20.55 47.86 -51.83
C GLN G 32 19.68 48.40 -52.95
N ALA G 33 18.42 47.88 -53.04
CA ALA G 33 17.49 48.32 -54.07
C ALA G 33 17.12 49.79 -53.94
N CYS G 34 16.79 50.21 -52.71
CA CYS G 34 16.42 51.59 -52.42
C CYS G 34 17.50 52.50 -52.94
N LYS G 35 18.65 52.19 -52.40
CA LYS G 35 19.87 52.87 -52.71
C LYS G 35 20.20 52.90 -54.20
N ALA G 36 20.10 51.76 -54.87
CA ALA G 36 20.36 51.76 -56.29
C ALA G 36 19.39 52.70 -56.98
N LEU G 37 18.13 52.45 -56.70
CA LEU G 37 17.08 53.20 -57.32
C LEU G 37 17.15 54.69 -57.05
N ARG G 38 17.61 55.00 -55.86
CA ARG G 38 17.74 56.37 -55.44
C ARG G 38 18.86 57.12 -56.14
N GLU G 39 19.99 56.41 -56.30
CA GLU G 39 21.17 56.91 -56.98
C GLU G 39 20.74 57.26 -58.39
N GLU G 40 20.03 56.30 -58.99
CA GLU G 40 19.50 56.38 -60.34
C GLU G 40 18.45 57.47 -60.46
N GLY G 41 18.12 58.07 -59.31
CA GLY G 41 17.16 59.15 -59.18
C GLY G 41 15.67 58.87 -59.39
N TYR G 42 15.21 57.67 -59.06
CA TYR G 42 13.80 57.31 -59.21
C TYR G 42 13.09 57.72 -57.86
N ARG G 43 11.76 57.87 -57.84
CA ARG G 43 11.07 58.19 -56.60
C ARG G 43 10.71 56.83 -56.01
N VAL G 44 11.34 56.63 -54.89
CA VAL G 44 11.23 55.43 -54.16
C VAL G 44 10.26 55.46 -52.99
N ILE G 45 9.20 54.71 -53.15
CA ILE G 45 8.19 54.51 -52.15
C ILE G 45 8.34 53.05 -51.70
N ASN G 46 8.40 52.84 -50.39
CA ASN G 46 8.49 51.47 -49.95
C ASN G 46 7.66 51.10 -48.73
N VAL G 47 7.26 49.83 -48.63
CA VAL G 47 6.50 49.41 -47.45
C VAL G 47 7.17 48.29 -46.69
N ASN G 48 7.35 48.49 -45.38
CA ASN G 48 7.96 47.52 -44.50
C ASN G 48 7.60 47.76 -43.07
N SER G 49 6.81 46.79 -42.58
CA SER G 49 6.31 46.75 -41.20
C SER G 49 7.40 46.53 -40.15
N ASN G 50 8.56 46.10 -40.57
CA ASN G 50 9.66 45.87 -39.68
C ASN G 50 10.49 47.16 -39.50
N PRO G 51 10.38 47.70 -38.33
CA PRO G 51 11.05 48.92 -37.99
C PRO G 51 12.56 48.84 -37.81
N ALA G 52 13.07 47.67 -37.45
CA ALA G 52 14.51 47.58 -37.23
C ALA G 52 15.30 47.38 -38.51
N THR G 53 14.87 48.10 -39.52
CA THR G 53 15.50 48.00 -40.80
C THR G 53 16.11 49.31 -41.22
N ILE G 54 17.20 49.20 -41.96
CA ILE G 54 17.89 50.33 -42.50
C ILE G 54 17.07 50.84 -43.68
N MET G 55 16.46 49.90 -44.41
CA MET G 55 15.67 50.29 -45.54
C MET G 55 14.51 51.14 -45.13
N THR G 56 14.19 51.09 -43.86
CA THR G 56 13.10 51.91 -43.41
C THR G 56 13.59 53.22 -42.87
N ASP G 57 14.83 53.54 -43.15
CA ASP G 57 15.35 54.81 -42.72
C ASP G 57 14.99 55.87 -43.82
N PRO G 58 14.21 56.88 -43.37
CA PRO G 58 13.62 58.05 -44.06
C PRO G 58 14.48 58.66 -45.13
N GLU G 59 15.78 58.76 -44.80
CA GLU G 59 16.74 59.28 -45.76
C GLU G 59 17.17 58.20 -46.79
N MET G 60 16.55 57.00 -46.77
CA MET G 60 16.85 55.92 -47.69
C MET G 60 15.83 55.83 -48.77
N ALA G 61 14.73 56.53 -48.54
CA ALA G 61 13.67 56.50 -49.53
C ALA G 61 12.88 57.77 -49.50
N ASP G 62 12.01 57.93 -50.48
CA ASP G 62 11.20 59.11 -50.54
C ASP G 62 9.97 59.00 -49.65
N ALA G 63 9.22 57.91 -49.78
CA ALA G 63 8.05 57.69 -48.97
C ALA G 63 8.14 56.31 -48.32
N THR G 64 8.68 56.30 -47.12
CA THR G 64 8.89 55.11 -46.35
C THR G 64 7.69 54.78 -45.47
N TYR G 65 7.02 53.68 -45.81
CA TYR G 65 5.83 53.25 -45.09
C TYR G 65 6.02 52.06 -44.13
N ILE G 66 6.07 52.34 -42.82
CA ILE G 66 6.15 51.26 -41.85
C ILE G 66 4.72 50.95 -41.39
N GLU G 67 4.06 50.16 -42.19
CA GLU G 67 2.71 49.76 -41.96
C GLU G 67 2.67 48.28 -42.23
N PRO G 68 1.58 47.67 -41.80
CA PRO G 68 1.37 46.26 -41.96
C PRO G 68 1.28 45.88 -43.39
N ILE G 69 2.00 44.82 -43.72
CA ILE G 69 2.00 44.38 -45.09
C ILE G 69 0.75 43.58 -45.48
N HIS G 70 -0.37 44.27 -45.55
CA HIS G 70 -1.63 43.64 -45.92
C HIS G 70 -2.08 44.32 -47.23
N TRP G 71 -2.53 43.55 -48.22
CA TRP G 71 -2.92 44.13 -49.49
C TRP G 71 -3.75 45.40 -49.48
N GLU G 72 -4.70 45.41 -48.57
CA GLU G 72 -5.61 46.51 -48.36
C GLU G 72 -4.83 47.73 -47.91
N VAL G 73 -3.84 47.48 -47.05
CA VAL G 73 -3.00 48.55 -46.59
C VAL G 73 -2.08 49.09 -47.71
N VAL G 74 -1.54 48.22 -48.54
CA VAL G 74 -0.69 48.65 -49.63
C VAL G 74 -1.53 49.46 -50.64
N ARG G 75 -2.73 48.93 -50.96
CA ARG G 75 -3.68 49.55 -51.88
C ARG G 75 -3.80 51.00 -51.48
N LYS G 76 -3.99 51.17 -50.16
CA LYS G 76 -4.08 52.48 -49.59
C LYS G 76 -2.82 53.27 -49.86
N ILE G 77 -1.70 52.61 -49.87
CA ILE G 77 -0.47 53.31 -50.12
C ILE G 77 -0.34 53.68 -51.57
N ILE G 78 -0.80 52.78 -52.41
CA ILE G 78 -0.75 52.91 -53.85
C ILE G 78 -1.66 54.04 -54.33
N GLU G 79 -2.90 53.99 -53.87
CA GLU G 79 -3.91 54.93 -54.23
C GLU G 79 -3.43 56.30 -53.99
N LYS G 80 -2.77 56.37 -52.87
CA LYS G 80 -2.23 57.60 -52.41
C LYS G 80 -0.90 58.07 -52.96
N GLU G 81 -0.03 57.14 -53.31
CA GLU G 81 1.29 57.51 -53.82
C GLU G 81 1.41 57.48 -55.31
N ARG G 82 0.44 56.76 -55.93
CA ARG G 82 0.35 56.53 -57.34
C ARG G 82 1.74 56.32 -57.91
N PRO G 83 2.27 55.15 -57.59
CA PRO G 83 3.57 54.72 -58.04
C PRO G 83 3.42 54.20 -59.43
N ASP G 84 4.43 54.47 -60.25
CA ASP G 84 4.46 54.05 -61.63
C ASP G 84 4.62 52.55 -61.69
N ALA G 85 5.65 52.06 -61.00
CA ALA G 85 5.93 50.63 -60.99
C ALA G 85 6.06 50.05 -59.62
N VAL G 86 6.02 48.73 -59.61
CA VAL G 86 6.19 48.00 -58.36
C VAL G 86 7.22 46.90 -58.52
N LEU G 87 8.13 46.88 -57.56
CA LEU G 87 9.22 45.90 -57.51
C LEU G 87 8.96 44.91 -56.41
N PRO G 88 8.49 43.72 -56.76
CA PRO G 88 8.17 42.79 -55.72
C PRO G 88 9.24 41.75 -55.37
N THR G 89 10.39 41.79 -56.02
CA THR G 89 11.41 40.77 -55.81
C THR G 89 12.42 40.96 -54.67
N MET G 90 12.26 41.91 -53.81
CA MET G 90 13.24 42.12 -52.77
C MET G 90 12.71 41.93 -51.36
N GLY G 91 11.59 41.27 -51.14
CA GLY G 91 11.14 41.16 -49.78
C GLY G 91 10.52 39.81 -49.48
N GLY G 92 11.22 38.74 -49.91
CA GLY G 92 10.82 37.35 -49.73
C GLY G 92 9.46 36.94 -50.26
N GLN G 93 8.88 35.94 -49.57
CA GLN G 93 7.59 35.41 -49.94
C GLN G 93 6.51 36.46 -49.73
N THR G 94 6.66 37.18 -48.60
CA THR G 94 5.73 38.23 -48.23
C THR G 94 5.54 39.15 -49.44
N ALA G 95 6.65 39.70 -49.97
CA ALA G 95 6.59 40.56 -51.14
C ALA G 95 5.98 39.87 -52.33
N LEU G 96 6.35 38.60 -52.54
CA LEU G 96 5.81 37.91 -53.70
C LEU G 96 4.31 37.71 -53.56
N ASN G 97 3.94 37.33 -52.38
CA ASN G 97 2.55 37.07 -52.19
C ASN G 97 1.65 38.31 -52.29
N CYS G 98 2.06 39.36 -51.61
CA CYS G 98 1.30 40.59 -51.61
C CYS G 98 1.02 41.06 -53.03
N ALA G 99 2.12 41.05 -53.74
CA ALA G 99 2.14 41.46 -55.09
C ALA G 99 1.12 40.74 -55.92
N LEU G 100 1.03 39.43 -55.76
CA LEU G 100 0.06 38.69 -56.56
C LEU G 100 -1.37 38.87 -56.09
N GLU G 101 -1.47 39.26 -54.82
CA GLU G 101 -2.78 39.49 -54.30
C GLU G 101 -3.24 40.85 -54.83
N LEU G 102 -2.29 41.78 -54.91
CA LEU G 102 -2.56 43.07 -55.48
C LEU G 102 -2.98 42.86 -56.90
N GLU G 103 -2.25 42.00 -57.57
CA GLU G 103 -2.60 41.73 -58.94
C GLU G 103 -4.00 41.16 -59.00
N ARG G 104 -4.18 40.09 -58.27
CA ARG G 104 -5.45 39.39 -58.22
C ARG G 104 -6.63 40.24 -57.77
N GLN G 105 -6.39 41.19 -56.89
CA GLN G 105 -7.45 42.05 -56.41
C GLN G 105 -7.79 43.24 -57.37
N GLY G 106 -7.13 43.30 -58.53
CA GLY G 106 -7.34 44.32 -59.55
C GLY G 106 -6.69 45.63 -59.20
N VAL G 107 -5.93 45.59 -58.13
CA VAL G 107 -5.27 46.78 -57.66
C VAL G 107 -4.20 47.33 -58.59
N LEU G 108 -3.49 46.45 -59.26
CA LEU G 108 -2.47 46.90 -60.17
C LEU G 108 -3.07 47.61 -61.38
N GLU G 109 -4.09 47.00 -61.99
CA GLU G 109 -4.81 47.53 -63.15
C GLU G 109 -5.38 48.92 -62.80
N GLU G 110 -6.17 48.90 -61.74
CA GLU G 110 -6.86 50.02 -61.16
C GLU G 110 -5.98 51.25 -60.99
N PHE G 111 -4.70 51.05 -60.68
CA PHE G 111 -3.85 52.22 -60.51
C PHE G 111 -2.73 52.33 -61.49
N GLY G 112 -2.77 51.47 -62.48
CA GLY G 112 -1.79 51.45 -63.52
C GLY G 112 -0.42 51.26 -62.94
N VAL G 113 -0.28 50.24 -62.11
CA VAL G 113 1.00 49.90 -61.52
C VAL G 113 1.60 48.78 -62.35
N THR G 114 2.81 49.04 -62.80
CA THR G 114 3.52 48.12 -63.63
C THR G 114 4.47 47.36 -62.77
N MET G 115 4.46 46.05 -63.00
CA MET G 115 5.36 45.19 -62.27
C MET G 115 6.72 45.10 -62.96
N ILE G 116 7.76 45.46 -62.20
CA ILE G 116 9.12 45.43 -62.64
C ILE G 116 9.91 44.46 -61.76
N GLY G 117 11.00 43.94 -62.32
CA GLY G 117 11.87 42.93 -61.69
C GLY G 117 11.40 41.55 -62.25
N ALA G 118 10.12 41.22 -62.03
CA ALA G 118 9.55 39.99 -62.53
C ALA G 118 8.06 40.17 -62.69
N THR G 119 7.52 39.64 -63.79
CA THR G 119 6.10 39.71 -64.07
C THR G 119 5.30 38.89 -63.07
N ALA G 120 4.02 39.06 -63.05
CA ALA G 120 3.28 38.28 -62.10
C ALA G 120 3.19 36.83 -62.56
N ASP G 121 3.27 36.66 -63.85
CA ASP G 121 3.16 35.34 -64.39
C ASP G 121 4.44 34.52 -64.21
N ALA G 122 5.58 35.24 -64.28
CA ALA G 122 6.90 34.66 -64.10
C ALA G 122 6.90 34.12 -62.69
N ILE G 123 6.45 34.99 -61.78
CA ILE G 123 6.33 34.69 -60.37
C ILE G 123 5.49 33.47 -60.14
N ASP G 124 4.30 33.42 -60.75
CA ASP G 124 3.39 32.30 -60.64
C ASP G 124 3.92 31.05 -61.29
N LYS G 125 4.74 31.23 -62.34
CA LYS G 125 5.30 30.11 -63.10
C LYS G 125 6.31 29.30 -62.30
N ALA G 126 6.97 30.02 -61.37
CA ALA G 126 7.96 29.47 -60.46
C ALA G 126 7.35 29.04 -59.15
N GLU G 127 6.35 29.80 -58.70
CA GLU G 127 5.67 29.57 -57.46
C GLU G 127 4.58 28.53 -57.48
N ASP G 128 3.97 28.39 -58.61
CA ASP G 128 2.98 27.36 -58.73
C ASP G 128 3.84 26.13 -59.02
N ARG G 129 3.81 25.15 -58.15
CA ARG G 129 4.64 23.96 -58.38
C ARG G 129 4.25 23.17 -59.64
N ARG G 130 2.94 23.16 -59.94
CA ARG G 130 2.41 22.49 -61.11
C ARG G 130 2.97 23.12 -62.39
N ARG G 131 2.92 24.46 -62.42
CA ARG G 131 3.43 25.26 -63.53
C ARG G 131 4.93 25.10 -63.67
N PHE G 132 5.60 25.11 -62.55
CA PHE G 132 7.00 24.95 -62.62
C PHE G 132 7.40 23.57 -63.17
N ASP G 133 6.69 22.54 -62.71
CA ASP G 133 6.99 21.17 -63.15
C ASP G 133 6.78 21.07 -64.65
N VAL G 134 5.71 21.72 -65.08
CA VAL G 134 5.32 21.74 -66.45
C VAL G 134 6.35 22.46 -67.33
N ALA G 135 6.93 23.54 -66.83
CA ALA G 135 7.92 24.26 -67.60
C ALA G 135 9.21 23.47 -67.77
N MET G 136 9.55 22.61 -66.81
CA MET G 136 10.79 21.85 -66.90
C MET G 136 10.74 20.78 -67.93
N LYS G 137 9.56 20.14 -67.95
CA LYS G 137 9.26 19.08 -68.89
C LYS G 137 9.56 19.75 -70.19
N LYS G 138 8.78 20.79 -70.40
CA LYS G 138 8.85 21.64 -71.56
C LYS G 138 10.26 21.95 -72.05
N ILE G 139 11.16 22.19 -71.13
CA ILE G 139 12.48 22.47 -71.60
C ILE G 139 13.50 21.35 -71.48
N GLY G 140 13.08 20.11 -71.41
CA GLY G 140 14.06 19.04 -71.38
C GLY G 140 14.73 18.79 -70.07
N LEU G 141 14.34 19.54 -69.03
CA LEU G 141 14.95 19.33 -67.73
C LEU G 141 14.14 18.36 -66.88
N GLU G 142 14.86 17.48 -66.17
CA GLU G 142 14.22 16.48 -65.34
C GLU G 142 13.80 16.95 -63.99
N THR G 143 12.73 16.32 -63.53
CA THR G 143 12.25 16.63 -62.20
C THR G 143 11.97 15.28 -61.58
N ALA G 144 11.82 15.29 -60.27
CA ALA G 144 11.55 14.06 -59.57
C ALA G 144 10.13 13.66 -59.86
N ARG G 145 9.81 12.39 -59.72
CA ARG G 145 8.46 11.87 -59.91
C ARG G 145 7.56 12.57 -58.90
N SER G 146 6.40 13.06 -59.34
CA SER G 146 5.54 13.78 -58.41
C SER G 146 4.07 13.79 -58.75
N GLY G 147 3.34 14.42 -57.82
CA GLY G 147 1.91 14.57 -57.92
C GLY G 147 1.43 15.85 -57.27
N ILE G 148 0.41 16.49 -57.87
CA ILE G 148 -0.14 17.73 -57.34
C ILE G 148 -1.34 17.37 -56.49
N ALA G 149 -1.47 18.06 -55.38
CA ALA G 149 -2.63 17.75 -54.59
C ALA G 149 -3.26 19.05 -54.09
N HIS G 150 -4.57 19.00 -53.97
CA HIS G 150 -5.33 20.13 -53.51
C HIS G 150 -6.17 19.74 -52.32
N THR G 151 -6.25 18.41 -52.07
CA THR G 151 -7.01 17.85 -50.98
C THR G 151 -6.21 16.73 -50.41
N MET G 152 -6.58 16.32 -49.19
CA MET G 152 -5.91 15.24 -48.49
C MET G 152 -6.02 13.95 -49.30
N GLU G 153 -7.22 13.77 -49.86
CA GLU G 153 -7.55 12.61 -50.68
C GLU G 153 -6.64 12.56 -51.91
N GLU G 154 -6.42 13.71 -52.51
CA GLU G 154 -5.55 13.73 -53.66
C GLU G 154 -4.13 13.48 -53.20
N ALA G 155 -3.82 14.01 -52.03
CA ALA G 155 -2.51 13.87 -51.47
C ALA G 155 -2.19 12.43 -51.21
N LEU G 156 -3.12 11.75 -50.52
CA LEU G 156 -2.97 10.33 -50.17
C LEU G 156 -2.65 9.45 -51.36
N ALA G 157 -3.30 9.79 -52.46
CA ALA G 157 -3.17 9.12 -53.72
C ALA G 157 -1.78 9.22 -54.29
N VAL G 158 -1.23 10.41 -54.20
CA VAL G 158 0.10 10.64 -54.70
C VAL G 158 1.08 9.79 -53.91
N ALA G 159 0.96 9.88 -52.57
CA ALA G 159 1.82 9.13 -51.69
C ALA G 159 1.73 7.65 -52.08
N ALA G 160 0.51 7.16 -52.26
CA ALA G 160 0.27 5.78 -52.65
C ALA G 160 1.12 5.37 -53.86
N ASP G 161 1.33 6.35 -54.70
CA ASP G 161 2.08 6.25 -55.93
C ASP G 161 3.59 6.34 -55.77
N VAL G 162 4.01 7.43 -55.12
CA VAL G 162 5.42 7.70 -54.86
C VAL G 162 6.07 6.96 -53.70
N GLY G 163 5.25 6.43 -52.79
CA GLY G 163 5.75 5.69 -51.66
C GLY G 163 6.53 6.57 -50.70
N PHE G 164 6.77 6.02 -49.52
CA PHE G 164 7.51 6.72 -48.48
C PHE G 164 8.96 6.30 -48.53
N PRO G 165 9.79 7.26 -48.17
CA PRO G 165 9.34 8.59 -47.78
C PRO G 165 9.11 9.48 -49.00
N CYS G 166 8.39 10.52 -48.81
CA CYS G 166 8.13 11.39 -49.91
C CYS G 166 8.29 12.79 -49.41
N ILE G 167 8.47 13.71 -50.35
CA ILE G 167 8.66 15.08 -49.98
C ILE G 167 7.45 15.93 -50.33
N ILE G 168 7.03 16.73 -49.36
CA ILE G 168 5.88 17.62 -49.49
C ILE G 168 6.29 19.07 -49.61
N ARG G 169 5.86 19.68 -50.71
CA ARG G 169 6.23 21.07 -50.96
C ARG G 169 5.02 21.91 -51.37
N PRO G 170 4.59 22.82 -50.50
CA PRO G 170 3.45 23.62 -50.86
C PRO G 170 3.76 24.64 -51.96
N SER G 171 2.77 24.94 -52.77
CA SER G 171 3.05 25.96 -53.76
C SER G 171 2.98 27.30 -53.05
N PHE G 172 3.74 28.26 -53.55
CA PHE G 172 3.72 29.59 -52.98
C PHE G 172 4.25 29.74 -51.56
N THR G 173 5.20 28.89 -51.19
CA THR G 173 5.86 29.00 -49.91
C THR G 173 7.36 28.78 -50.12
N MET G 174 8.19 29.20 -49.16
CA MET G 174 9.62 29.01 -49.29
C MET G 174 10.21 28.72 -47.91
N GLY G 175 11.52 28.42 -47.83
CA GLY G 175 12.16 28.10 -46.56
C GLY G 175 11.57 26.81 -45.94
N GLY G 176 10.92 25.99 -46.79
CA GLY G 176 10.24 24.74 -46.42
C GLY G 176 8.98 24.90 -45.55
N SER G 177 8.44 26.13 -45.55
CA SER G 177 7.24 26.46 -44.78
C SER G 177 6.07 25.59 -45.22
N GLY G 178 5.52 24.81 -44.27
CA GLY G 178 4.40 23.92 -44.53
C GLY G 178 4.77 22.64 -45.28
N GLY G 179 6.11 22.37 -45.44
CA GLY G 179 6.56 21.16 -46.12
C GLY G 179 7.29 20.16 -45.20
N GLY G 180 7.88 19.09 -45.74
CA GLY G 180 8.57 18.13 -44.91
C GLY G 180 8.64 16.77 -45.56
N ILE G 181 9.31 15.84 -44.87
CA ILE G 181 9.44 14.48 -45.34
C ILE G 181 8.53 13.59 -44.56
N ALA G 182 7.72 12.82 -45.27
CA ALA G 182 6.85 11.90 -44.58
C ALA G 182 7.41 10.50 -44.76
N TYR G 183 7.66 9.83 -43.65
CA TYR G 183 8.20 8.48 -43.64
C TYR G 183 7.06 7.48 -43.53
N ASN G 184 5.87 8.00 -43.19
CA ASN G 184 4.67 7.21 -43.04
C ASN G 184 3.44 8.05 -43.21
N ARG G 185 2.30 7.38 -43.17
CA ARG G 185 1.02 8.01 -43.37
C ARG G 185 0.57 8.92 -42.26
N GLU G 186 0.92 8.58 -41.04
CA GLU G 186 0.55 9.41 -39.92
C GLU G 186 1.16 10.78 -40.17
N GLU G 187 2.50 10.78 -40.36
CA GLU G 187 3.32 11.97 -40.64
C GLU G 187 2.80 12.75 -41.86
N PHE G 188 2.50 11.97 -42.87
CA PHE G 188 2.00 12.48 -44.11
C PHE G 188 0.77 13.38 -43.98
N GLU G 189 -0.18 12.84 -43.31
CA GLU G 189 -1.38 13.58 -43.13
C GLU G 189 -1.18 14.85 -42.35
N GLU G 190 -0.31 14.82 -41.37
CA GLU G 190 -0.08 16.00 -40.58
C GLU G 190 0.55 17.11 -41.38
N ILE G 191 1.59 16.75 -42.10
CA ILE G 191 2.30 17.69 -42.91
C ILE G 191 1.39 18.26 -43.99
N CYS G 192 0.74 17.35 -44.72
CA CYS G 192 -0.13 17.80 -45.79
C CYS G 192 -1.21 18.78 -45.35
N ALA G 193 -1.87 18.46 -44.26
CA ALA G 193 -2.91 19.28 -43.70
C ALA G 193 -2.37 20.62 -43.38
N ARG G 194 -1.17 20.61 -42.86
CA ARG G 194 -0.49 21.81 -42.49
C ARG G 194 -0.11 22.64 -43.69
N GLY G 195 0.39 22.00 -44.74
CA GLY G 195 0.81 22.69 -45.95
C GLY G 195 -0.34 23.21 -46.81
N LEU G 196 -1.39 22.42 -46.90
CA LEU G 196 -2.58 22.78 -47.66
C LEU G 196 -3.17 24.06 -47.13
N ASP G 197 -3.16 24.19 -45.84
CA ASP G 197 -3.72 25.37 -45.25
C ASP G 197 -2.80 26.60 -45.39
N LEU G 198 -1.51 26.37 -45.30
CA LEU G 198 -0.55 27.45 -45.40
C LEU G 198 -0.29 27.93 -46.83
N SER G 199 -0.36 27.00 -47.79
CA SER G 199 -0.11 27.35 -49.17
C SER G 199 -1.08 28.43 -49.57
N PRO G 200 -0.57 29.53 -50.10
CA PRO G 200 -1.42 30.61 -50.55
C PRO G 200 -2.41 30.19 -51.64
N THR G 201 -2.08 29.14 -52.38
CA THR G 201 -2.95 28.62 -53.43
C THR G 201 -3.52 27.24 -53.10
N LYS G 202 -3.41 26.85 -51.81
CA LYS G 202 -3.92 25.60 -51.33
C LYS G 202 -3.48 24.45 -52.25
N GLU G 203 -2.19 24.40 -52.51
CA GLU G 203 -1.69 23.39 -53.39
C GLU G 203 -0.38 22.82 -52.91
N LEU G 204 -0.22 21.53 -53.19
CA LEU G 204 0.98 20.82 -52.80
C LEU G 204 1.51 20.03 -53.96
N LEU G 205 2.79 19.82 -53.87
CA LEU G 205 3.55 19.01 -54.75
C LEU G 205 4.21 17.96 -53.84
N ILE G 206 3.88 16.70 -54.11
CA ILE G 206 4.41 15.56 -53.40
C ILE G 206 5.37 14.82 -54.33
N ASP G 207 6.63 14.69 -53.89
CA ASP G 207 7.63 14.01 -54.71
C ASP G 207 8.32 12.79 -54.05
N GLU G 208 8.75 11.89 -54.94
CA GLU G 208 9.50 10.72 -54.56
C GLU G 208 10.80 11.17 -53.94
N SER G 209 11.36 10.39 -53.02
CA SER G 209 12.58 10.84 -52.39
C SER G 209 13.84 10.77 -53.21
N LEU G 210 14.70 11.77 -52.97
CA LEU G 210 16.00 11.93 -53.59
C LEU G 210 16.97 12.22 -52.48
N ILE G 211 16.56 11.84 -51.29
CA ILE G 211 17.38 12.08 -50.09
C ILE G 211 18.77 11.57 -50.27
N GLY G 212 19.76 12.36 -49.92
CA GLY G 212 21.11 11.86 -50.07
C GLY G 212 21.78 12.27 -51.37
N TRP G 213 21.00 12.74 -52.35
CA TRP G 213 21.66 13.15 -53.59
C TRP G 213 22.38 14.45 -53.28
N LYS G 214 23.33 14.85 -54.13
CA LYS G 214 24.03 16.09 -53.84
C LYS G 214 23.09 17.26 -54.09
N GLU G 215 23.30 18.33 -53.33
CA GLU G 215 22.46 19.49 -53.46
C GLU G 215 23.18 20.74 -53.89
N TYR G 216 22.75 21.29 -55.04
CA TYR G 216 23.36 22.47 -55.59
C TYR G 216 22.41 23.66 -55.87
N GLU G 217 23.04 24.82 -55.88
CA GLU G 217 22.33 26.04 -56.18
C GLU G 217 23.20 26.99 -56.99
N MET G 218 22.54 27.74 -57.89
CA MET G 218 23.22 28.73 -58.69
C MET G 218 22.45 30.03 -58.69
N GLU G 219 23.18 31.09 -58.47
CA GLU G 219 22.65 32.42 -58.48
C GLU G 219 22.90 32.97 -59.87
N VAL G 220 21.81 33.22 -60.60
CA VAL G 220 21.83 33.74 -61.96
C VAL G 220 21.29 35.16 -62.06
N VAL G 221 21.75 35.91 -63.08
CA VAL G 221 21.27 37.27 -63.39
C VAL G 221 21.02 37.41 -64.87
N ARG G 222 19.83 37.91 -65.25
CA ARG G 222 19.46 38.08 -66.65
C ARG G 222 18.99 39.48 -66.95
N ASP G 223 19.14 39.90 -68.18
CA ASP G 223 18.70 41.22 -68.55
C ASP G 223 17.82 41.20 -69.79
N LYS G 224 17.39 42.41 -70.22
CA LYS G 224 16.52 42.48 -71.39
C LYS G 224 17.21 42.23 -72.71
N ASN G 225 18.53 42.19 -72.63
CA ASN G 225 19.29 41.91 -73.81
C ASN G 225 19.59 40.42 -73.88
N ASP G 226 18.81 39.68 -73.08
CA ASP G 226 18.89 38.22 -72.96
C ASP G 226 20.29 37.82 -72.49
N ASN G 227 20.90 38.81 -71.87
CA ASN G 227 22.23 38.69 -71.29
C ASN G 227 22.19 37.93 -69.95
N CYS G 228 22.93 36.84 -69.85
CA CYS G 228 22.86 36.04 -68.64
C CYS G 228 24.19 35.63 -67.96
N ILE G 229 24.22 35.66 -66.64
CA ILE G 229 25.44 35.25 -65.98
C ILE G 229 25.21 34.44 -64.73
N ILE G 230 26.19 33.60 -64.39
CA ILE G 230 26.09 32.84 -63.18
C ILE G 230 26.88 33.62 -62.16
N VAL G 231 26.17 34.21 -61.21
CA VAL G 231 26.87 34.98 -60.20
C VAL G 231 27.63 34.11 -59.23
N CYS G 232 27.07 32.97 -58.85
CA CYS G 232 27.74 32.09 -57.89
C CYS G 232 27.11 30.70 -57.88
N SER G 233 27.96 29.70 -57.66
CA SER G 233 27.51 28.33 -57.57
C SER G 233 27.67 27.92 -56.10
N ILE G 234 26.77 27.09 -55.61
CA ILE G 234 26.92 26.70 -54.22
C ILE G 234 26.75 25.20 -54.09
N GLU G 235 27.65 24.55 -53.35
CA GLU G 235 27.54 23.11 -53.17
C GLU G 235 27.09 22.84 -51.72
N ASN G 236 25.94 22.22 -51.51
CA ASN G 236 25.50 21.96 -50.16
C ASN G 236 26.36 20.89 -49.52
N PHE G 237 26.78 21.13 -48.27
CA PHE G 237 27.58 20.19 -47.47
C PHE G 237 26.67 19.02 -47.06
N ASP G 238 25.51 19.39 -46.55
CA ASP G 238 24.49 18.44 -46.15
C ASP G 238 23.71 18.14 -47.42
N ALA G 239 23.37 16.87 -47.61
CA ALA G 239 22.71 16.44 -48.81
C ALA G 239 21.22 16.86 -48.98
N MET G 240 20.59 16.42 -50.06
CA MET G 240 19.20 16.73 -50.26
C MET G 240 18.46 16.10 -49.13
N GLY G 241 17.41 16.74 -48.64
CA GLY G 241 16.67 16.15 -47.55
C GLY G 241 16.71 17.08 -46.37
N ILE G 242 17.72 17.92 -46.37
CA ILE G 242 17.86 18.91 -45.35
C ILE G 242 17.84 20.21 -46.14
N HIS G 243 16.90 21.12 -45.83
CA HIS G 243 16.75 22.40 -46.52
C HIS G 243 18.08 23.13 -46.66
N THR G 244 18.27 23.80 -47.80
CA THR G 244 19.49 24.54 -48.02
C THR G 244 19.82 25.49 -46.89
N GLY G 245 18.75 26.12 -46.36
CA GLY G 245 18.91 27.10 -45.29
C GLY G 245 19.31 26.47 -43.96
N ASP G 246 19.05 25.18 -43.83
CA ASP G 246 19.41 24.48 -42.62
C ASP G 246 20.69 23.68 -42.85
N SER G 247 21.18 23.77 -44.08
CA SER G 247 22.38 23.04 -44.47
C SER G 247 23.68 23.84 -44.35
N ILE G 248 24.81 23.13 -44.24
CA ILE G 248 26.09 23.81 -44.25
C ILE G 248 26.29 23.93 -45.77
N THR G 249 26.74 25.06 -46.28
CA THR G 249 26.88 25.07 -47.73
C THR G 249 28.16 25.81 -48.04
N VAL G 250 28.73 25.54 -49.22
CA VAL G 250 29.96 26.21 -49.61
C VAL G 250 29.93 26.73 -51.02
N ALA G 251 30.77 27.77 -51.24
CA ALA G 251 30.96 28.40 -52.52
C ALA G 251 32.46 28.38 -52.84
N PRO G 252 32.85 27.95 -54.07
CA PRO G 252 31.95 27.55 -55.16
C PRO G 252 31.59 26.10 -55.11
N ALA G 253 31.00 25.59 -56.20
CA ALA G 253 30.69 24.19 -56.27
C ALA G 253 32.06 23.51 -56.14
N GLN G 254 32.17 22.26 -55.66
CA GLN G 254 33.52 21.67 -55.54
C GLN G 254 33.78 20.33 -56.25
N THR G 255 32.79 19.47 -56.24
CA THR G 255 32.89 18.14 -56.78
C THR G 255 32.20 17.89 -58.09
N LEU G 256 32.04 18.95 -58.89
CA LEU G 256 31.43 18.84 -60.20
C LEU G 256 32.55 19.00 -61.23
N THR G 257 32.53 18.19 -62.29
CA THR G 257 33.52 18.33 -63.35
C THR G 257 33.05 19.53 -64.18
N ASP G 258 33.93 20.16 -64.95
CA ASP G 258 33.50 21.29 -65.73
C ASP G 258 32.33 20.94 -66.64
N LYS G 259 32.35 19.72 -67.16
CA LYS G 259 31.31 19.23 -68.04
C LYS G 259 29.94 19.29 -67.37
N GLU G 260 29.88 18.77 -66.15
CA GLU G 260 28.65 18.71 -65.38
C GLU G 260 28.23 20.10 -65.01
N TYR G 261 29.22 20.87 -64.69
CA TYR G 261 28.96 22.22 -64.32
C TYR G 261 28.30 23.10 -65.43
N GLN G 262 28.75 22.94 -66.66
CA GLN G 262 28.19 23.71 -67.77
C GLN G 262 26.78 23.29 -68.07
N ILE G 263 26.51 22.01 -67.90
CA ILE G 263 25.17 21.55 -68.16
C ILE G 263 24.29 22.24 -67.13
N MET G 264 24.83 22.31 -65.92
CA MET G 264 24.12 22.92 -64.83
C MET G 264 23.99 24.38 -65.08
N ARG G 265 25.09 24.94 -65.51
CA ARG G 265 25.05 26.36 -65.81
C ARG G 265 24.03 26.62 -66.92
N ASN G 266 23.96 25.75 -67.89
CA ASN G 266 23.01 25.91 -68.95
C ASN G 266 21.58 25.76 -68.46
N ALA G 267 21.31 24.71 -67.70
CA ALA G 267 19.95 24.51 -67.23
C ALA G 267 19.48 25.70 -66.43
N SER G 268 20.39 26.26 -65.68
CA SER G 268 20.04 27.43 -64.90
C SER G 268 19.51 28.53 -65.78
N MET G 269 20.27 28.83 -66.83
CA MET G 269 19.92 29.87 -67.75
C MET G 269 18.63 29.56 -68.42
N ALA G 270 18.48 28.29 -68.80
CA ALA G 270 17.27 27.89 -69.45
C ALA G 270 16.08 28.07 -68.54
N VAL G 271 16.28 27.72 -67.29
CA VAL G 271 15.23 27.81 -66.30
C VAL G 271 14.63 29.21 -66.27
N LEU G 272 15.51 30.20 -66.11
CA LEU G 272 15.13 31.61 -66.10
C LEU G 272 14.45 32.03 -67.39
N ARG G 273 14.86 31.46 -68.49
CA ARG G 273 14.17 31.87 -69.68
C ARG G 273 12.75 31.35 -69.78
N GLU G 274 12.57 30.07 -69.45
CA GLU G 274 11.23 29.51 -69.51
C GLU G 274 10.35 30.19 -68.50
N ILE G 275 10.88 30.37 -67.29
CA ILE G 275 10.15 31.00 -66.22
C ILE G 275 9.71 32.40 -66.61
N GLY G 276 10.56 33.06 -67.38
CA GLY G 276 10.21 34.39 -67.81
C GLY G 276 10.76 35.57 -67.00
N VAL G 277 11.91 35.33 -66.35
CA VAL G 277 12.60 36.35 -65.55
C VAL G 277 13.57 37.06 -66.50
N GLU G 278 13.07 38.11 -67.14
CA GLU G 278 13.88 38.81 -68.11
C GLU G 278 14.72 39.91 -67.56
N THR G 279 14.34 40.50 -66.43
CA THR G 279 15.13 41.61 -65.94
C THR G 279 15.57 41.53 -64.50
N GLY G 280 16.17 40.42 -64.09
CA GLY G 280 16.61 40.33 -62.69
C GLY G 280 17.29 39.00 -62.33
N GLY G 281 17.55 38.82 -61.01
CA GLY G 281 18.20 37.65 -60.45
C GLY G 281 17.24 36.56 -60.00
N SER G 282 17.79 35.35 -59.86
CA SER G 282 17.04 34.18 -59.43
C SER G 282 17.95 33.09 -58.90
N ASN G 283 17.38 32.28 -58.03
CA ASN G 283 18.05 31.15 -57.44
C ASN G 283 17.41 29.89 -58.04
N VAL G 284 18.26 28.99 -58.53
CA VAL G 284 17.88 27.72 -59.14
C VAL G 284 18.52 26.60 -58.32
N GLN G 285 17.76 25.57 -58.03
CA GLN G 285 18.18 24.45 -57.23
C GLN G 285 18.10 23.16 -57.98
N PHE G 286 19.10 22.33 -57.70
CA PHE G 286 19.21 21.03 -58.32
C PHE G 286 19.71 20.00 -57.37
N ALA G 287 19.52 18.76 -57.80
CA ALA G 287 19.99 17.59 -57.07
C ALA G 287 20.81 16.85 -58.09
N VAL G 288 21.95 16.31 -57.67
CA VAL G 288 22.83 15.56 -58.56
C VAL G 288 23.03 14.20 -57.95
N ASN G 289 22.88 13.16 -58.74
CA ASN G 289 23.09 11.85 -58.23
C ASN G 289 24.58 11.61 -58.39
N PRO G 290 25.33 11.54 -57.28
CA PRO G 290 26.78 11.38 -57.32
C PRO G 290 27.29 10.15 -58.05
N LYS G 291 26.45 9.15 -58.15
CA LYS G 291 26.93 7.98 -58.78
C LYS G 291 26.99 8.17 -60.29
N ASN G 292 26.09 8.97 -60.85
CA ASN G 292 26.11 9.10 -62.28
C ASN G 292 25.94 10.49 -62.83
N GLY G 293 25.99 11.45 -61.94
CA GLY G 293 25.86 12.84 -62.34
C GLY G 293 24.48 13.26 -62.82
N ARG G 294 23.53 12.35 -62.71
CA ARG G 294 22.17 12.60 -63.10
C ARG G 294 21.68 13.92 -62.49
N LEU G 295 21.11 14.80 -63.35
CA LEU G 295 20.67 16.15 -62.97
C LEU G 295 19.19 16.40 -62.92
N ILE G 296 18.78 16.84 -61.73
CA ILE G 296 17.39 17.09 -61.44
C ILE G 296 17.16 18.48 -60.93
N VAL G 297 16.22 19.09 -61.62
CA VAL G 297 15.87 20.43 -61.23
C VAL G 297 14.88 20.42 -60.11
N ILE G 298 15.25 21.09 -59.05
CA ILE G 298 14.39 21.13 -57.89
C ILE G 298 13.39 22.30 -57.81
N GLU G 299 13.83 23.54 -58.06
CA GLU G 299 12.91 24.66 -57.93
C GLU G 299 13.65 25.89 -58.30
N MET G 300 12.92 27.00 -58.43
CA MET G 300 13.54 28.28 -58.73
C MET G 300 12.84 29.38 -57.94
N ASN G 301 13.61 30.30 -57.44
CA ASN G 301 13.02 31.39 -56.68
C ASN G 301 13.24 32.70 -57.43
N PRO G 302 12.12 33.22 -58.00
CA PRO G 302 12.06 34.42 -58.85
C PRO G 302 12.40 35.73 -58.12
N ARG G 303 13.39 35.72 -57.23
CA ARG G 303 13.73 36.92 -56.50
C ARG G 303 15.08 36.81 -55.87
N VAL G 304 15.31 37.77 -54.98
CA VAL G 304 16.55 37.74 -54.23
C VAL G 304 16.31 36.82 -53.05
N SER G 305 17.35 36.30 -52.41
CA SER G 305 17.13 35.35 -51.32
C SER G 305 18.17 35.33 -50.24
N ARG G 306 18.12 34.25 -49.45
CA ARG G 306 19.14 34.16 -48.42
C ARG G 306 20.42 33.65 -49.10
N SER G 307 20.19 32.94 -50.19
CA SER G 307 21.34 32.44 -50.93
C SER G 307 21.94 33.53 -51.80
N SER G 308 21.06 34.33 -52.39
CA SER G 308 21.52 35.41 -53.24
C SER G 308 22.35 36.29 -52.36
N ALA G 309 21.87 36.39 -51.14
CA ALA G 309 22.59 37.20 -50.18
C ALA G 309 23.93 36.56 -49.82
N LEU G 310 23.96 35.26 -49.60
CA LEU G 310 25.22 34.64 -49.26
C LEU G 310 26.21 34.85 -50.45
N ALA G 311 25.69 34.60 -51.65
CA ALA G 311 26.43 34.75 -52.88
C ALA G 311 27.07 36.10 -52.99
N SER G 312 26.29 37.14 -52.74
CA SER G 312 26.81 38.50 -52.82
C SER G 312 27.98 38.74 -51.88
N LYS G 313 27.86 38.18 -50.70
CA LYS G 313 28.87 38.35 -49.72
C LYS G 313 30.06 37.47 -50.08
N ALA G 314 29.71 36.34 -50.63
CA ALA G 314 30.72 35.38 -51.02
C ALA G 314 31.58 35.89 -52.15
N THR G 315 30.96 36.42 -53.19
CA THR G 315 31.68 36.92 -54.36
C THR G 315 32.04 38.38 -54.33
N GLY G 316 31.13 39.18 -53.82
CA GLY G 316 31.40 40.58 -53.81
C GLY G 316 30.54 41.23 -54.87
N PHE G 317 29.76 40.43 -55.60
CA PHE G 317 28.85 40.92 -56.61
C PHE G 317 27.51 41.17 -55.86
N PRO G 318 27.13 42.45 -55.75
CA PRO G 318 25.92 42.94 -55.07
C PRO G 318 24.67 42.77 -55.88
N ILE G 319 24.20 41.54 -55.88
CA ILE G 319 23.04 41.16 -56.66
C ILE G 319 21.80 42.06 -56.61
N ALA G 320 21.42 42.45 -55.41
CA ALA G 320 20.22 43.31 -55.26
C ALA G 320 20.36 44.66 -55.95
N LYS G 321 21.55 45.26 -55.84
CA LYS G 321 21.78 46.55 -56.50
C LYS G 321 21.56 46.48 -57.99
N VAL G 322 22.34 45.57 -58.56
CA VAL G 322 22.32 45.29 -59.97
C VAL G 322 20.89 45.04 -60.42
N ALA G 323 20.31 44.04 -59.75
CA ALA G 323 18.97 43.58 -59.99
C ALA G 323 18.03 44.74 -60.07
N ALA G 324 18.21 45.65 -59.12
CA ALA G 324 17.38 46.85 -59.06
C ALA G 324 17.43 47.59 -60.39
N LYS G 325 18.62 48.01 -60.78
CA LYS G 325 18.77 48.69 -62.04
C LYS G 325 18.24 47.92 -63.21
N LEU G 326 18.48 46.60 -63.23
CA LEU G 326 17.96 45.82 -64.33
C LEU G 326 16.44 45.98 -64.48
N ALA G 327 15.80 46.17 -63.32
CA ALA G 327 14.36 46.32 -63.26
C ALA G 327 13.84 47.58 -63.95
N VAL G 328 14.69 48.59 -63.95
CA VAL G 328 14.37 49.84 -64.58
C VAL G 328 14.93 49.95 -65.99
N GLY G 329 15.28 48.85 -66.66
CA GLY G 329 15.76 49.03 -68.00
C GLY G 329 17.25 48.89 -68.26
N TYR G 330 18.08 48.99 -67.23
CA TYR G 330 19.51 48.80 -67.48
C TYR G 330 19.92 47.39 -67.91
N THR G 331 21.10 47.38 -68.51
CA THR G 331 21.70 46.17 -68.99
C THR G 331 22.97 45.97 -68.21
N LEU G 332 23.33 44.68 -68.07
CA LEU G 332 24.50 44.25 -67.34
C LEU G 332 25.72 44.95 -67.87
N ASP G 333 25.76 45.09 -69.22
CA ASP G 333 26.87 45.73 -69.91
C ASP G 333 26.88 47.19 -69.55
N GLU G 334 25.71 47.80 -69.32
CA GLU G 334 25.70 49.21 -68.91
C GLU G 334 26.26 49.45 -67.54
N LEU G 335 26.08 48.49 -66.62
CA LEU G 335 26.56 48.71 -65.25
C LEU G 335 27.98 48.30 -65.02
N MET G 336 28.58 49.04 -64.12
CA MET G 336 29.98 48.85 -63.75
C MET G 336 30.21 48.00 -62.50
N ASN G 337 31.24 47.17 -62.55
CA ASN G 337 31.49 46.34 -61.39
C ASN G 337 32.05 47.09 -60.20
N ASP G 338 31.21 47.11 -59.19
CA ASP G 338 31.47 47.79 -57.95
C ASP G 338 32.86 47.68 -57.36
N ILE G 339 33.31 46.50 -57.04
CA ILE G 339 34.62 46.37 -56.42
C ILE G 339 35.86 46.28 -57.29
N THR G 340 35.78 46.57 -58.57
CA THR G 340 36.99 46.56 -59.36
C THR G 340 37.31 48.00 -59.68
N GLY G 341 36.69 48.88 -58.88
CA GLY G 341 36.77 50.32 -58.95
C GLY G 341 36.03 50.87 -60.18
N GLY G 342 34.98 50.12 -60.61
CA GLY G 342 34.17 50.49 -61.80
C GLY G 342 34.82 50.18 -63.16
N ARG G 343 36.07 49.77 -63.11
CA ARG G 343 36.92 49.49 -64.27
C ARG G 343 36.33 48.45 -65.24
N THR G 344 35.54 47.50 -64.72
CA THR G 344 34.96 46.45 -65.53
C THR G 344 33.43 46.36 -65.41
N PRO G 345 32.74 45.78 -66.38
CA PRO G 345 31.31 45.75 -66.31
C PRO G 345 30.75 44.81 -65.25
N ALA G 346 29.44 44.79 -65.18
CA ALA G 346 28.77 43.91 -64.25
C ALA G 346 28.42 42.65 -65.01
N SER G 347 28.58 42.78 -66.33
CA SER G 347 28.33 41.70 -67.27
C SER G 347 29.53 40.77 -67.28
N PHE G 348 29.48 39.83 -66.35
CA PHE G 348 30.51 38.83 -66.23
C PHE G 348 30.24 37.84 -65.09
N GLU G 349 30.96 36.74 -65.12
CA GLU G 349 30.79 35.71 -64.12
C GLU G 349 31.99 35.79 -63.19
N PRO G 350 31.75 36.08 -61.95
CA PRO G 350 32.83 36.21 -61.01
C PRO G 350 33.64 34.94 -60.78
N SER G 351 34.88 35.09 -60.31
CA SER G 351 35.73 33.96 -60.04
C SER G 351 36.40 34.25 -58.73
N ILE G 352 36.47 33.25 -57.81
CA ILE G 352 37.09 33.46 -56.50
C ILE G 352 38.25 32.52 -56.14
N ASP G 353 39.17 33.13 -55.40
CA ASP G 353 40.39 32.50 -54.93
C ASP G 353 40.31 32.11 -53.49
N TYR G 354 39.18 31.53 -53.12
CA TYR G 354 38.97 31.15 -51.75
C TYR G 354 37.75 30.24 -51.61
N VAL G 355 37.51 29.83 -50.36
CA VAL G 355 36.40 28.98 -50.03
C VAL G 355 35.50 29.67 -49.04
N VAL G 356 34.25 29.90 -49.45
CA VAL G 356 33.29 30.49 -48.58
C VAL G 356 32.45 29.38 -47.97
N THR G 357 32.35 29.35 -46.63
CA THR G 357 31.58 28.35 -45.90
C THR G 357 30.45 28.99 -45.08
N LYS G 358 29.29 28.40 -45.11
CA LYS G 358 28.24 28.93 -44.31
C LYS G 358 27.66 27.82 -43.42
N ILE G 359 27.40 28.17 -42.14
CA ILE G 359 26.79 27.29 -41.14
C ILE G 359 25.53 27.96 -40.56
N PRO G 360 24.40 27.21 -40.59
CA PRO G 360 23.16 27.73 -40.06
C PRO G 360 23.21 27.85 -38.54
N ARG G 361 22.37 28.68 -37.99
CA ARG G 361 22.38 28.85 -36.56
C ARG G 361 21.03 28.48 -36.05
N PHE G 362 21.00 27.59 -35.07
CA PHE G 362 19.77 27.10 -34.47
C PHE G 362 19.55 27.55 -33.03
N ASN G 363 18.33 27.34 -32.52
CA ASN G 363 17.98 27.74 -31.17
C ASN G 363 17.11 26.67 -30.50
N PHE G 364 17.37 25.41 -30.80
CA PHE G 364 16.59 24.34 -30.24
C PHE G 364 16.34 24.32 -28.74
N GLU G 365 17.35 24.74 -27.99
CA GLU G 365 17.33 24.83 -26.54
C GLU G 365 16.18 25.69 -26.03
N LYS G 366 15.76 26.66 -26.84
CA LYS G 366 14.68 27.54 -26.44
C LYS G 366 13.32 26.92 -26.71
N PHE G 367 13.34 25.87 -27.49
CA PHE G 367 12.15 25.14 -27.91
C PHE G 367 12.28 23.70 -27.47
N ALA G 368 12.06 23.57 -26.18
CA ALA G 368 12.11 22.33 -25.42
C ALA G 368 11.32 21.17 -25.99
N GLY G 369 10.03 21.36 -26.25
CA GLY G 369 9.24 20.24 -26.78
C GLY G 369 9.39 19.95 -28.28
N ALA G 370 10.05 20.85 -28.98
CA ALA G 370 10.24 20.70 -30.42
C ALA G 370 11.13 19.58 -30.96
N ASN G 371 10.74 19.14 -32.16
CA ASN G 371 11.49 18.15 -32.90
C ASN G 371 12.68 18.92 -33.43
N ASP G 372 13.86 18.48 -33.00
CA ASP G 372 15.16 19.04 -33.30
C ASP G 372 15.97 18.34 -34.38
N ARG G 373 15.31 17.52 -35.19
CA ARG G 373 15.97 16.85 -36.29
C ARG G 373 15.83 17.72 -37.55
N LEU G 374 16.87 17.87 -38.35
CA LEU G 374 16.81 18.71 -39.57
C LEU G 374 16.02 18.09 -40.69
N THR G 375 15.18 18.87 -41.34
CA THR G 375 14.39 18.28 -42.42
C THR G 375 14.29 19.26 -43.58
N THR G 376 13.25 19.11 -44.38
CA THR G 376 13.05 20.01 -45.47
C THR G 376 12.43 21.33 -45.05
N GLN G 377 11.90 21.43 -43.84
CA GLN G 377 11.33 22.68 -43.35
C GLN G 377 12.39 23.36 -42.50
N MET G 378 12.80 24.59 -42.85
CA MET G 378 13.79 25.30 -42.06
C MET G 378 13.46 25.45 -40.57
N LYS G 379 14.49 25.38 -39.74
CA LYS G 379 14.36 25.53 -38.32
C LYS G 379 15.42 26.44 -37.70
N SER G 380 16.41 26.89 -38.52
CA SER G 380 17.51 27.79 -38.08
C SER G 380 16.99 29.19 -37.94
N VAL G 381 17.63 29.97 -37.08
CA VAL G 381 17.23 31.35 -36.83
C VAL G 381 18.20 32.37 -37.44
N GLY G 382 19.37 31.87 -37.78
CA GLY G 382 20.44 32.66 -38.35
C GLY G 382 21.44 31.82 -39.10
N GLU G 383 22.60 32.43 -39.35
CA GLU G 383 23.70 31.80 -40.09
C GLU G 383 24.95 32.63 -40.02
N VAL G 384 26.10 31.99 -40.07
CA VAL G 384 27.37 32.69 -40.01
C VAL G 384 28.10 32.27 -41.25
N MET G 385 28.99 33.12 -41.74
CA MET G 385 29.72 32.78 -42.93
C MET G 385 31.22 32.90 -42.73
N ALA G 386 32.00 32.15 -43.50
CA ALA G 386 33.44 32.29 -43.37
C ALA G 386 34.10 32.21 -44.71
N ILE G 387 35.27 32.84 -44.77
CA ILE G 387 36.10 32.86 -45.93
C ILE G 387 37.45 32.34 -45.50
N GLY G 388 37.97 31.37 -46.24
CA GLY G 388 39.26 30.80 -45.94
C GLY G 388 39.94 30.52 -47.27
N ARG G 389 41.27 30.36 -47.24
CA ARG G 389 42.05 30.07 -48.45
C ARG G 389 41.89 28.61 -48.86
N THR G 390 41.40 27.81 -47.87
CA THR G 390 41.09 26.40 -48.02
C THR G 390 39.81 26.12 -47.27
N GLN G 391 39.17 25.06 -47.71
CA GLN G 391 37.93 24.58 -47.14
C GLN G 391 38.03 24.37 -45.65
N GLN G 392 39.19 23.86 -45.25
CA GLN G 392 39.46 23.56 -43.88
C GLN G 392 39.51 24.80 -43.08
N GLU G 393 40.29 25.72 -43.57
CA GLU G 393 40.42 26.96 -42.85
C GLU G 393 39.07 27.67 -42.84
N SER G 394 38.40 27.61 -43.98
CA SER G 394 37.12 28.24 -44.11
C SER G 394 36.15 27.63 -43.10
N LEU G 395 36.09 26.31 -43.12
CA LEU G 395 35.21 25.60 -42.24
C LEU G 395 35.41 25.87 -40.76
N GLN G 396 36.64 25.81 -40.26
CA GLN G 396 36.97 26.04 -38.85
C GLN G 396 36.72 27.45 -38.39
N LYS G 397 37.04 28.40 -39.26
CA LYS G 397 36.81 29.80 -38.94
C LYS G 397 35.30 29.96 -38.70
N ALA G 398 34.50 29.32 -39.58
CA ALA G 398 33.04 29.35 -39.50
C ALA G 398 32.56 28.79 -38.17
N LEU G 399 33.11 27.64 -37.78
CA LEU G 399 32.77 27.00 -36.53
C LEU G 399 33.08 27.88 -35.33
N ARG G 400 34.18 28.55 -35.41
CA ARG G 400 34.51 29.37 -34.29
C ARG G 400 33.74 30.66 -34.19
N GLY G 401 33.13 31.06 -35.31
CA GLY G 401 32.37 32.31 -35.34
C GLY G 401 30.89 32.10 -35.14
N LEU G 402 30.52 30.84 -34.94
CA LEU G 402 29.12 30.43 -34.76
C LEU G 402 28.41 30.90 -33.50
N GLU G 403 29.16 31.43 -32.54
CA GLU G 403 28.55 31.94 -31.36
C GLU G 403 27.82 30.89 -30.54
N VAL G 404 28.25 29.65 -30.68
CA VAL G 404 27.60 28.64 -29.86
C VAL G 404 28.64 28.13 -28.87
N GLY G 405 29.73 28.83 -28.74
CA GLY G 405 30.77 28.39 -27.81
C GLY G 405 31.74 27.36 -28.37
N ALA G 406 31.67 27.07 -29.67
CA ALA G 406 32.59 26.11 -30.25
C ALA G 406 33.84 26.87 -30.64
N THR G 407 34.98 26.18 -30.52
CA THR G 407 36.28 26.73 -30.84
C THR G 407 36.76 26.01 -32.06
N GLY G 408 35.87 25.19 -32.58
CA GLY G 408 36.14 24.38 -33.74
C GLY G 408 35.46 23.04 -33.57
N PHE G 409 36.16 21.97 -33.87
CA PHE G 409 35.54 20.68 -33.72
C PHE G 409 35.56 20.19 -32.28
N ASP G 410 34.99 20.95 -31.39
CA ASP G 410 34.93 20.57 -29.99
C ASP G 410 34.19 19.25 -29.82
N PRO G 411 34.66 18.42 -28.90
CA PRO G 411 34.07 17.11 -28.66
C PRO G 411 32.71 17.11 -28.04
N LYS G 412 31.84 16.22 -28.56
CA LYS G 412 30.46 16.14 -28.06
C LYS G 412 30.21 14.99 -27.10
N VAL G 413 30.92 13.92 -27.34
CA VAL G 413 30.83 12.73 -26.51
C VAL G 413 32.19 12.28 -26.07
N SER G 414 32.23 11.64 -24.89
CA SER G 414 33.43 11.15 -24.25
C SER G 414 34.15 10.00 -24.98
N LEU G 415 35.46 10.04 -24.94
CA LEU G 415 36.24 9.00 -25.58
C LEU G 415 36.04 7.67 -24.89
N ASP G 416 36.10 7.73 -23.57
CA ASP G 416 35.94 6.58 -22.72
C ASP G 416 34.47 6.17 -22.60
N ASP G 417 33.56 6.88 -23.30
CA ASP G 417 32.13 6.57 -23.25
C ASP G 417 31.75 5.34 -24.07
N PRO G 418 31.34 4.34 -23.33
CA PRO G 418 30.96 3.05 -23.86
C PRO G 418 29.79 3.11 -24.82
N GLU G 419 28.98 4.12 -24.63
CA GLU G 419 27.82 4.25 -25.48
C GLU G 419 27.99 5.28 -26.59
N ALA G 420 29.15 5.91 -26.59
CA ALA G 420 29.49 6.92 -27.53
C ALA G 420 29.16 6.55 -28.94
N LEU G 421 29.64 5.38 -29.34
CA LEU G 421 29.39 4.96 -30.71
C LEU G 421 27.93 4.94 -31.04
N THR G 422 27.13 4.77 -30.04
CA THR G 422 25.74 4.73 -30.37
C THR G 422 25.08 6.08 -30.61
N LYS G 423 25.44 7.05 -29.79
CA LYS G 423 24.93 8.38 -29.92
C LYS G 423 25.37 8.94 -31.28
N ILE G 424 26.67 8.85 -31.52
CA ILE G 424 27.30 9.32 -32.72
C ILE G 424 26.57 8.83 -33.94
N ARG G 425 26.27 7.56 -33.94
CA ARG G 425 25.59 6.99 -35.08
C ARG G 425 24.20 7.56 -35.37
N ARG G 426 23.49 7.76 -34.29
CA ARG G 426 22.16 8.26 -34.34
C ARG G 426 22.20 9.69 -34.89
N GLU G 427 23.12 10.48 -34.33
CA GLU G 427 23.36 11.86 -34.67
C GLU G 427 23.84 12.02 -36.10
N LEU G 428 24.45 10.98 -36.59
CA LEU G 428 24.98 11.02 -37.93
C LEU G 428 23.96 10.59 -38.93
N LYS G 429 23.16 9.64 -38.55
CA LYS G 429 22.16 9.12 -39.43
C LYS G 429 20.92 10.00 -39.54
N ASP G 430 20.56 10.70 -38.47
CA ASP G 430 19.40 11.58 -38.49
C ASP G 430 19.91 12.82 -37.90
N ALA G 431 20.33 13.65 -38.82
CA ALA G 431 20.92 14.91 -38.46
C ALA G 431 20.08 15.85 -37.66
N GLY G 432 20.84 16.47 -36.75
CA GLY G 432 20.53 17.47 -35.77
C GLY G 432 21.44 18.66 -36.02
N ALA G 433 21.36 19.66 -35.18
CA ALA G 433 22.16 20.83 -35.38
C ALA G 433 23.60 20.58 -35.03
N ASP G 434 23.77 19.54 -34.27
CA ASP G 434 25.08 19.18 -33.79
C ASP G 434 25.82 18.15 -34.60
N ARG G 435 25.21 17.70 -35.70
CA ARG G 435 25.82 16.69 -36.53
C ARG G 435 27.25 16.95 -36.90
N ILE G 436 27.52 18.18 -37.22
CA ILE G 436 28.87 18.54 -37.57
C ILE G 436 29.90 18.14 -36.50
N TRP G 437 29.58 18.33 -35.22
CA TRP G 437 30.52 17.95 -34.21
C TRP G 437 30.62 16.44 -34.11
N TYR G 438 29.49 15.78 -34.29
CA TYR G 438 29.40 14.35 -34.19
C TYR G 438 30.20 13.66 -35.26
N ILE G 439 30.46 14.35 -36.37
CA ILE G 439 31.23 13.74 -37.45
C ILE G 439 32.70 13.55 -37.03
N ALA G 440 33.22 14.59 -36.38
CA ALA G 440 34.54 14.59 -35.87
C ALA G 440 34.58 13.55 -34.78
N ASP G 441 33.54 13.50 -33.93
CA ASP G 441 33.51 12.48 -32.89
C ASP G 441 33.54 11.09 -33.54
N ALA G 442 32.83 10.90 -34.65
CA ALA G 442 32.85 9.60 -35.33
C ALA G 442 34.28 9.15 -35.71
N PHE G 443 35.08 10.07 -36.25
CA PHE G 443 36.44 9.74 -36.62
C PHE G 443 37.28 9.50 -35.40
N ARG G 444 36.96 10.24 -34.33
CA ARG G 444 37.70 10.09 -33.11
C ARG G 444 37.48 8.66 -32.64
N ALA G 445 36.20 8.28 -32.64
CA ALA G 445 35.75 6.96 -32.21
C ALA G 445 36.13 5.84 -33.16
N GLY G 446 36.90 6.11 -34.18
CA GLY G 446 37.23 5.00 -35.04
C GLY G 446 36.28 4.64 -36.17
N LEU G 447 35.32 5.49 -36.51
CA LEU G 447 34.46 5.15 -37.63
C LEU G 447 35.20 5.55 -38.92
N SER G 448 34.91 4.84 -40.00
CA SER G 448 35.60 5.15 -41.23
C SER G 448 34.89 6.20 -42.08
N VAL G 449 35.63 6.79 -43.01
CA VAL G 449 35.07 7.80 -43.89
C VAL G 449 33.88 7.20 -44.61
N ASP G 450 34.08 5.99 -45.06
CA ASP G 450 33.00 5.31 -45.74
C ASP G 450 31.79 5.11 -44.85
N GLY G 451 32.01 4.65 -43.62
CA GLY G 451 30.91 4.42 -42.72
C GLY G 451 30.17 5.72 -42.46
N VAL G 452 30.92 6.81 -42.26
CA VAL G 452 30.30 8.11 -42.00
C VAL G 452 29.49 8.56 -43.19
N PHE G 453 30.03 8.31 -44.34
CA PHE G 453 29.37 8.66 -45.53
C PHE G 453 28.06 7.91 -45.68
N ASN G 454 28.12 6.65 -45.45
CA ASN G 454 26.94 5.87 -45.61
C ASN G 454 25.82 6.31 -44.75
N LEU G 455 26.16 6.88 -43.61
CA LEU G 455 25.11 7.34 -42.72
C LEU G 455 24.66 8.77 -43.04
N THR G 456 25.60 9.62 -43.40
CA THR G 456 25.27 11.01 -43.65
C THR G 456 24.99 11.43 -45.07
N ASN G 457 25.61 10.77 -46.00
CA ASN G 457 25.50 11.11 -47.40
C ASN G 457 26.28 12.35 -47.67
N ILE G 458 27.07 12.74 -46.70
CA ILE G 458 27.86 13.90 -46.94
C ILE G 458 29.05 13.48 -47.80
N ASP G 459 29.22 14.07 -49.00
CA ASP G 459 30.35 13.80 -49.93
C ASP G 459 31.73 13.61 -49.23
N ARG G 460 32.39 12.51 -49.59
CA ARG G 460 33.67 12.22 -48.98
C ARG G 460 34.70 13.29 -49.05
N TRP G 461 34.61 14.09 -50.12
CA TRP G 461 35.55 15.16 -50.30
C TRP G 461 35.61 16.00 -49.05
N PHE G 462 34.43 16.18 -48.48
CA PHE G 462 34.35 16.95 -47.26
C PHE G 462 34.79 16.16 -46.02
N LEU G 463 34.27 14.95 -45.88
CA LEU G 463 34.55 14.11 -44.73
C LEU G 463 36.02 13.88 -44.53
N VAL G 464 36.69 13.65 -45.65
CA VAL G 464 38.10 13.41 -45.54
C VAL G 464 38.85 14.54 -44.85
N GLN G 465 38.47 15.80 -45.15
CA GLN G 465 39.13 16.98 -44.58
C GLN G 465 38.96 17.09 -43.09
N ILE G 466 37.79 16.65 -42.65
CA ILE G 466 37.46 16.68 -41.24
C ILE G 466 38.30 15.63 -40.58
N GLU G 467 38.29 14.43 -41.19
CA GLU G 467 39.08 13.35 -40.67
C GLU G 467 40.51 13.80 -40.47
N GLU G 468 41.08 14.46 -41.44
CA GLU G 468 42.43 14.96 -41.32
C GLU G 468 42.60 15.86 -40.11
N LEU G 469 41.62 16.72 -39.95
CA LEU G 469 41.65 17.66 -38.86
C LEU G 469 41.74 16.94 -37.53
N VAL G 470 40.95 15.90 -37.44
CA VAL G 470 40.90 15.10 -36.24
C VAL G 470 42.28 14.52 -35.91
N ARG G 471 42.97 14.00 -36.93
CA ARG G 471 44.29 13.45 -36.71
C ARG G 471 45.23 14.51 -36.20
N LEU G 472 45.31 15.64 -36.91
CA LEU G 472 46.16 16.72 -36.49
C LEU G 472 45.84 17.05 -35.04
N GLU G 473 44.54 17.06 -34.73
CA GLU G 473 44.10 17.32 -33.37
C GLU G 473 44.80 16.35 -32.43
N GLU G 474 44.81 15.08 -32.83
CA GLU G 474 45.42 14.02 -32.05
C GLU G 474 46.93 14.13 -31.85
N LYS G 475 47.62 14.65 -32.84
CA LYS G 475 49.04 14.79 -32.70
C LYS G 475 49.29 15.87 -31.65
N VAL G 476 48.60 17.03 -31.79
CA VAL G 476 48.71 18.19 -30.90
C VAL G 476 48.60 17.80 -29.46
N ALA G 477 47.53 17.08 -29.25
CA ALA G 477 47.17 16.59 -27.97
C ALA G 477 48.23 15.72 -27.39
N GLU G 478 48.88 15.06 -28.30
CA GLU G 478 49.91 14.14 -27.93
C GLU G 478 51.25 14.80 -27.63
N VAL G 479 51.59 15.80 -28.42
CA VAL G 479 52.84 16.51 -28.27
C VAL G 479 52.87 17.58 -27.18
N GLY G 480 51.73 18.25 -26.99
CA GLY G 480 51.58 19.32 -26.01
C GLY G 480 52.22 20.62 -26.54
N ILE G 481 52.10 21.70 -25.79
CA ILE G 481 52.60 23.00 -26.19
C ILE G 481 54.08 22.92 -26.58
N THR G 482 54.73 21.89 -26.04
CA THR G 482 56.14 21.74 -26.35
C THR G 482 56.34 21.36 -27.79
N GLY G 483 55.39 20.53 -28.28
CA GLY G 483 55.37 20.04 -29.64
C GLY G 483 55.08 21.15 -30.64
N LEU G 484 54.51 22.25 -30.10
CA LEU G 484 54.15 23.40 -30.91
C LEU G 484 55.27 24.31 -31.36
N ASN G 485 55.99 23.78 -32.32
CA ASN G 485 57.09 24.46 -32.93
C ASN G 485 56.54 25.33 -34.03
N ALA G 486 57.37 26.24 -34.50
CA ALA G 486 57.01 27.18 -35.51
C ALA G 486 56.49 26.54 -36.77
N ASP G 487 57.21 25.56 -37.26
CA ASP G 487 56.77 24.93 -38.48
C ASP G 487 55.46 24.18 -38.40
N PHE G 488 55.11 23.78 -37.20
CA PHE G 488 53.89 23.00 -36.98
C PHE G 488 52.69 23.81 -36.56
N LEU G 489 52.98 24.83 -35.80
CA LEU G 489 51.96 25.73 -35.36
C LEU G 489 51.46 26.47 -36.63
N ARG G 490 52.36 26.79 -37.59
CA ARG G 490 51.93 27.48 -38.82
C ARG G 490 51.02 26.60 -39.64
N GLN G 491 51.28 25.30 -39.53
CA GLN G 491 50.50 24.29 -40.23
C GLN G 491 49.06 24.32 -39.73
N LEU G 492 48.92 24.16 -38.41
CA LEU G 492 47.62 24.16 -37.76
C LEU G 492 46.82 25.41 -38.01
N LYS G 493 47.53 26.53 -38.03
CA LYS G 493 46.90 27.81 -38.29
C LYS G 493 46.36 27.81 -39.70
N ARG G 494 47.21 27.45 -40.65
CA ARG G 494 46.81 27.40 -42.06
C ARG G 494 45.61 26.45 -42.26
N LYS G 495 45.40 25.57 -41.26
CA LYS G 495 44.30 24.60 -41.26
C LYS G 495 43.05 25.18 -40.63
N GLY G 496 43.14 26.41 -40.12
CA GLY G 496 41.98 27.06 -39.52
C GLY G 496 41.92 26.88 -38.03
N PHE G 497 42.91 26.18 -37.49
CA PHE G 497 42.94 25.97 -36.05
C PHE G 497 42.98 27.23 -35.25
N ALA G 498 42.08 27.28 -34.27
CA ALA G 498 42.00 28.42 -33.40
C ALA G 498 42.91 28.28 -32.22
N ASP G 499 43.42 29.44 -31.76
CA ASP G 499 44.29 29.47 -30.58
C ASP G 499 43.52 28.75 -29.50
N ALA G 500 42.29 29.18 -29.29
CA ALA G 500 41.48 28.55 -28.28
C ALA G 500 41.31 27.06 -28.44
N ARG G 501 41.34 26.60 -29.67
CA ARG G 501 41.16 25.19 -29.96
C ARG G 501 42.37 24.37 -29.62
N LEU G 502 43.48 24.90 -30.07
CA LEU G 502 44.77 24.31 -29.85
C LEU G 502 45.02 24.30 -28.36
N ALA G 503 44.62 25.41 -27.72
CA ALA G 503 44.79 25.57 -26.30
C ALA G 503 44.15 24.45 -25.55
N LYS G 504 42.92 24.13 -25.86
CA LYS G 504 42.33 23.06 -25.11
C LYS G 504 43.03 21.73 -25.33
N LEU G 505 43.52 21.51 -26.54
CA LEU G 505 44.21 20.26 -26.86
C LEU G 505 45.58 20.09 -26.21
N ALA G 506 46.26 21.19 -26.04
CA ALA G 506 47.58 21.20 -25.47
C ALA G 506 47.61 21.49 -23.98
N GLY G 507 46.41 21.66 -23.37
CA GLY G 507 46.26 21.94 -21.95
C GLY G 507 46.93 23.25 -21.48
N VAL G 508 46.70 24.33 -22.21
CA VAL G 508 47.27 25.60 -21.88
C VAL G 508 46.12 26.58 -21.97
N ARG G 509 46.46 27.84 -21.89
CA ARG G 509 45.50 28.89 -22.00
C ARG G 509 45.50 29.36 -23.43
N GLU G 510 44.34 29.83 -23.88
CA GLU G 510 44.26 30.31 -25.23
C GLU G 510 45.27 31.46 -25.45
N ALA G 511 45.55 32.18 -24.34
CA ALA G 511 46.47 33.30 -24.30
C ALA G 511 47.90 32.89 -24.55
N GLU G 512 48.15 31.63 -24.14
CA GLU G 512 49.44 30.94 -24.26
C GLU G 512 49.78 30.64 -25.71
N ILE G 513 48.76 30.23 -26.47
CA ILE G 513 48.99 29.95 -27.86
C ILE G 513 49.24 31.27 -28.57
N ARG G 514 48.48 32.27 -28.15
CA ARG G 514 48.62 33.57 -28.75
C ARG G 514 50.01 34.12 -28.52
N LYS G 515 50.49 34.03 -27.28
CA LYS G 515 51.82 34.53 -26.96
C LYS G 515 52.83 33.79 -27.80
N LEU G 516 52.57 32.50 -27.84
CA LEU G 516 53.40 31.61 -28.58
C LEU G 516 53.49 32.10 -30.01
N ARG G 517 52.35 32.36 -30.61
CA ARG G 517 52.31 32.83 -31.98
C ARG G 517 53.05 34.15 -32.18
N ASP G 518 52.85 35.04 -31.21
CA ASP G 518 53.40 36.39 -31.21
C ASP G 518 54.88 36.39 -31.44
N GLN G 519 55.45 35.49 -30.67
CA GLN G 519 56.84 35.16 -30.59
C GLN G 519 57.44 34.63 -31.88
N TYR G 520 56.60 33.99 -32.71
CA TYR G 520 56.99 33.42 -33.98
C TYR G 520 56.75 34.37 -35.12
N ASP G 521 56.15 35.53 -34.80
CA ASP G 521 55.85 36.49 -35.84
C ASP G 521 54.95 35.74 -36.83
N LEU G 522 54.13 34.87 -36.19
CA LEU G 522 53.13 34.00 -36.83
C LEU G 522 51.74 34.62 -36.73
N HIS G 523 51.42 35.37 -37.78
CA HIS G 523 50.16 36.04 -37.89
C HIS G 523 49.56 35.76 -39.27
N PRO G 524 48.28 36.07 -39.39
CA PRO G 524 47.53 35.89 -40.62
C PRO G 524 47.77 37.05 -41.51
N VAL G 525 47.42 36.91 -42.76
CA VAL G 525 47.58 38.01 -43.69
C VAL G 525 46.15 38.38 -44.10
N TYR G 526 45.97 39.43 -44.89
CA TYR G 526 44.63 39.76 -45.35
C TYR G 526 44.53 39.83 -46.84
N LYS G 527 43.55 39.09 -47.33
CA LYS G 527 43.31 39.07 -48.73
C LYS G 527 41.99 39.81 -48.87
N ARG G 528 41.71 40.26 -50.06
CA ARG G 528 40.49 40.95 -50.30
C ARG G 528 39.65 40.16 -51.24
N VAL G 529 38.38 40.57 -51.33
CA VAL G 529 37.36 40.04 -52.22
C VAL G 529 37.41 41.01 -53.41
N ASP G 530 37.27 40.48 -54.62
CA ASP G 530 37.36 41.32 -55.80
C ASP G 530 36.46 40.89 -56.94
N THR G 531 35.83 39.68 -56.77
CA THR G 531 34.94 39.08 -57.75
C THR G 531 35.72 38.29 -58.82
N CYS G 532 36.88 38.84 -59.11
CA CYS G 532 37.80 38.44 -60.13
C CYS G 532 39.05 37.62 -59.80
N ALA G 533 39.15 37.00 -58.63
CA ALA G 533 40.32 36.17 -58.32
C ALA G 533 41.65 36.87 -58.54
N ALA G 534 41.69 38.17 -58.32
CA ALA G 534 42.88 38.99 -58.49
C ALA G 534 43.27 39.40 -59.89
N GLU G 535 42.46 39.09 -60.93
CA GLU G 535 42.77 39.49 -62.31
C GLU G 535 42.79 41.02 -62.48
N PHE G 536 41.98 41.70 -61.63
CA PHE G 536 41.81 43.16 -61.61
C PHE G 536 41.98 43.73 -60.22
N ALA G 537 42.65 44.88 -60.12
CA ALA G 537 42.92 45.58 -58.86
C ALA G 537 41.65 46.11 -58.23
N THR G 538 41.66 46.23 -56.90
CA THR G 538 40.48 46.71 -56.20
C THR G 538 40.76 47.92 -55.37
N ASP G 539 39.76 48.79 -55.35
CA ASP G 539 39.85 50.00 -54.59
C ASP G 539 39.01 49.81 -53.36
N THR G 540 38.36 48.66 -53.26
CA THR G 540 37.52 48.33 -52.14
C THR G 540 38.28 47.50 -51.07
N ALA G 541 38.10 47.82 -49.78
CA ALA G 541 38.78 47.06 -48.67
C ALA G 541 37.93 46.02 -47.90
N TYR G 542 37.50 44.98 -48.59
CA TYR G 542 36.70 43.89 -48.04
C TYR G 542 37.65 42.72 -47.80
N MET G 543 38.09 42.56 -46.54
CA MET G 543 39.07 41.52 -46.21
C MET G 543 38.76 40.36 -45.25
N TYR G 544 39.55 39.27 -45.39
CA TYR G 544 39.46 38.02 -44.60
C TYR G 544 40.86 37.53 -44.24
N SER G 545 40.96 36.93 -43.09
CA SER G 545 42.22 36.43 -42.63
C SER G 545 42.52 35.02 -43.12
N THR G 546 43.80 34.80 -43.25
CA THR G 546 44.30 33.55 -43.71
C THR G 546 45.80 33.57 -43.38
N TYR G 547 46.40 32.38 -43.39
CA TYR G 547 47.83 32.28 -43.12
C TYR G 547 48.57 32.08 -44.44
N GLU G 548 48.83 33.20 -45.13
CA GLU G 548 49.49 33.16 -46.41
C GLU G 548 50.77 34.03 -46.50
N GLU G 549 51.18 34.49 -47.66
CA GLU G 549 52.40 35.26 -47.69
C GLU G 549 52.23 36.78 -47.67
N GLU G 550 51.62 37.33 -48.73
CA GLU G 550 51.35 38.75 -48.94
C GLU G 550 50.18 39.24 -48.13
N CYS G 551 50.31 40.48 -47.73
CA CYS G 551 49.23 41.06 -46.98
C CYS G 551 48.65 42.19 -47.78
N GLU G 552 47.34 42.11 -47.99
CA GLU G 552 46.61 43.09 -48.76
C GLU G 552 45.91 44.10 -47.87
N ALA G 553 46.23 44.11 -46.57
CA ALA G 553 45.59 45.05 -45.63
C ALA G 553 45.85 46.50 -45.93
N ASN G 554 47.14 46.88 -45.83
CA ASN G 554 47.56 48.24 -46.13
C ASN G 554 46.78 49.30 -45.40
N PRO G 555 46.86 49.22 -44.10
CA PRO G 555 46.18 50.15 -43.22
C PRO G 555 46.66 51.58 -43.47
N SER G 556 45.73 52.53 -43.31
CA SER G 556 46.02 53.94 -43.49
C SER G 556 46.56 54.52 -42.20
N THR G 557 47.50 55.46 -42.30
CA THR G 557 48.09 56.14 -41.14
C THR G 557 47.52 57.54 -41.11
N ASP G 558 46.83 57.83 -42.23
CA ASP G 558 46.13 59.07 -42.55
C ASP G 558 45.11 59.47 -41.49
N ARG G 559 43.94 58.83 -41.56
CA ARG G 559 42.82 59.11 -40.66
C ARG G 559 42.82 58.42 -39.31
N GLU G 560 41.81 58.84 -38.54
CA GLU G 560 41.45 58.33 -37.22
C GLU G 560 40.42 57.25 -37.48
N LYS G 561 40.73 56.05 -36.97
CA LYS G 561 39.94 54.83 -37.15
C LYS G 561 39.15 54.37 -35.96
N ILE G 562 37.85 54.03 -36.26
CA ILE G 562 36.85 53.50 -35.32
C ILE G 562 36.29 52.16 -35.78
N MET G 563 36.52 51.19 -34.89
CA MET G 563 36.13 49.80 -35.06
C MET G 563 34.81 49.41 -34.40
N VAL G 564 33.88 48.91 -35.20
CA VAL G 564 32.58 48.46 -34.69
C VAL G 564 32.59 46.95 -34.73
N LEU G 565 32.19 46.34 -33.64
CA LEU G 565 32.16 44.90 -33.55
C LEU G 565 30.75 44.40 -33.58
N GLY G 566 30.40 43.70 -34.65
CA GLY G 566 29.07 43.18 -34.79
C GLY G 566 28.80 41.97 -33.89
N GLY G 567 27.69 41.31 -34.06
CA GLY G 567 27.46 40.19 -33.18
C GLY G 567 27.40 38.80 -33.79
N GLY G 568 27.98 38.59 -34.97
CA GLY G 568 27.97 37.27 -35.59
C GLY G 568 26.61 36.91 -36.19
N PRO G 569 26.28 35.60 -36.16
CA PRO G 569 25.03 35.05 -36.65
C PRO G 569 23.86 35.47 -35.76
N ASN G 570 22.71 35.71 -36.39
CA ASN G 570 21.55 36.10 -35.64
C ASN G 570 21.06 34.88 -34.86
N ARG G 571 20.46 35.17 -33.75
CA ARG G 571 19.88 34.18 -32.86
C ARG G 571 18.72 34.87 -32.18
N ILE G 572 17.91 34.07 -31.49
CA ILE G 572 16.81 34.64 -30.76
C ILE G 572 17.38 35.51 -29.65
N GLY G 573 16.94 36.77 -29.61
CA GLY G 573 17.48 37.65 -28.60
C GLY G 573 18.64 38.50 -29.12
N GLN G 574 19.17 38.12 -30.28
CA GLN G 574 20.27 38.84 -30.92
C GLN G 574 20.05 38.96 -32.41
N GLY G 575 18.99 39.70 -32.77
CA GLY G 575 18.59 39.93 -34.15
C GLY G 575 19.19 41.17 -34.80
N ILE G 576 18.51 41.59 -35.86
CA ILE G 576 18.87 42.71 -36.67
C ILE G 576 19.01 43.99 -35.83
N GLU G 577 18.32 44.01 -34.69
CA GLU G 577 18.32 45.16 -33.79
C GLU G 577 19.70 45.65 -33.49
N PHE G 578 20.59 44.71 -33.27
CA PHE G 578 21.95 45.09 -32.99
C PHE G 578 22.71 45.48 -34.24
N ASP G 579 22.46 44.78 -35.32
CA ASP G 579 23.13 45.11 -36.56
C ASP G 579 22.79 46.57 -36.91
N TYR G 580 21.47 46.90 -36.76
CA TYR G 580 20.96 48.21 -37.06
C TYR G 580 21.83 49.24 -36.36
N CYS G 581 22.12 48.91 -35.12
CA CYS G 581 22.96 49.74 -34.27
C CYS G 581 24.39 49.88 -34.79
N CYS G 582 24.95 48.73 -35.16
CA CYS G 582 26.29 48.66 -35.69
C CYS G 582 26.46 49.49 -36.96
N VAL G 583 25.50 49.36 -37.85
CA VAL G 583 25.51 50.14 -39.07
C VAL G 583 25.55 51.62 -38.73
N HIS G 584 24.54 51.99 -37.94
CA HIS G 584 24.36 53.33 -37.51
C HIS G 584 25.64 53.93 -36.97
N ALA G 585 26.39 53.11 -36.23
CA ALA G 585 27.65 53.60 -35.69
C ALA G 585 28.65 53.93 -36.81
N SER G 586 28.64 53.12 -37.86
CA SER G 586 29.52 53.36 -38.97
C SER G 586 29.05 54.55 -39.78
N LEU G 587 27.79 54.49 -40.21
CA LEU G 587 27.16 55.54 -40.98
C LEU G 587 27.46 56.90 -40.35
N ALA G 588 27.27 56.93 -39.05
CA ALA G 588 27.46 58.13 -38.26
C ALA G 588 28.83 58.74 -38.23
N LEU G 589 29.76 57.95 -37.74
CA LEU G 589 31.15 58.37 -37.60
C LEU G 589 31.88 58.58 -38.90
N ARG G 590 31.56 57.72 -39.85
CA ARG G 590 32.16 57.81 -41.15
C ARG G 590 31.80 59.20 -41.66
N GLU G 591 30.50 59.57 -41.54
CA GLU G 591 29.89 60.87 -41.98
C GLU G 591 30.48 62.04 -41.24
N ASP G 592 31.22 61.67 -40.22
CA ASP G 592 31.95 62.55 -39.33
C ASP G 592 33.45 62.40 -39.57
N GLY G 593 33.85 62.20 -40.84
CA GLY G 593 35.25 62.07 -41.26
C GLY G 593 36.13 60.97 -40.62
N TYR G 594 35.54 60.04 -39.88
CA TYR G 594 36.37 58.99 -39.30
C TYR G 594 36.54 57.83 -40.22
N GLU G 595 37.57 57.03 -39.93
CA GLU G 595 37.77 55.86 -40.75
C GLU G 595 37.02 54.75 -40.05
N THR G 596 35.93 54.32 -40.66
CA THR G 596 35.15 53.28 -40.04
C THR G 596 35.50 51.91 -40.58
N ILE G 597 35.65 51.04 -39.59
CA ILE G 597 36.02 49.65 -39.80
C ILE G 597 35.04 48.62 -39.20
N MET G 598 34.31 47.87 -40.03
CA MET G 598 33.35 46.89 -39.55
C MET G 598 33.93 45.52 -39.34
N VAL G 599 33.51 44.87 -38.26
CA VAL G 599 33.96 43.51 -37.96
C VAL G 599 32.80 42.57 -37.70
N ASN G 600 32.44 41.79 -38.70
CA ASN G 600 31.32 40.87 -38.54
C ASN G 600 31.42 39.72 -39.55
N CYS G 601 30.61 38.66 -39.33
CA CYS G 601 30.60 37.48 -40.19
C CYS G 601 29.21 36.99 -40.52
N ASN G 602 28.22 37.85 -40.38
CA ASN G 602 26.85 37.51 -40.71
C ASN G 602 26.59 38.01 -42.12
N PRO G 603 26.39 37.09 -43.06
CA PRO G 603 26.16 37.39 -44.46
C PRO G 603 24.84 38.08 -44.78
N GLU G 604 23.87 37.85 -43.88
CA GLU G 604 22.51 38.35 -43.98
C GLU G 604 22.31 39.87 -43.85
N THR G 605 23.28 40.55 -43.25
CA THR G 605 23.18 41.96 -42.93
C THR G 605 23.86 43.04 -43.77
N VAL G 606 23.35 44.24 -43.50
CA VAL G 606 23.76 45.49 -44.09
C VAL G 606 25.17 45.82 -43.62
N SER G 607 25.44 45.38 -42.40
CA SER G 607 26.75 45.59 -41.75
C SER G 607 27.90 44.87 -42.43
N THR G 608 27.60 43.79 -43.17
CA THR G 608 28.62 43.06 -43.89
C THR G 608 28.56 43.43 -45.37
N ASP G 609 27.85 44.54 -45.66
CA ASP G 609 27.72 45.11 -46.99
C ASP G 609 28.97 45.97 -47.04
N TYR G 610 29.76 45.80 -48.09
CA TYR G 610 31.00 46.55 -48.28
C TYR G 610 30.74 48.06 -48.08
N ASP G 611 29.61 48.59 -48.62
CA ASP G 611 29.20 49.99 -48.60
C ASP G 611 28.99 50.63 -47.23
N THR G 612 28.61 49.87 -46.23
CA THR G 612 28.30 50.34 -44.88
C THR G 612 29.44 50.98 -44.06
N SER G 613 30.66 50.58 -44.41
CA SER G 613 31.88 51.06 -43.76
C SER G 613 33.05 51.25 -44.72
N ASP G 614 34.09 51.91 -44.20
CA ASP G 614 35.32 52.19 -44.94
C ASP G 614 36.09 50.90 -45.20
N ARG G 615 36.23 50.12 -44.13
CA ARG G 615 36.91 48.81 -44.11
C ARG G 615 36.11 47.72 -43.39
N LEU G 616 36.07 46.57 -44.02
CA LEU G 616 35.32 45.46 -43.49
C LEU G 616 36.14 44.20 -43.37
N TYR G 617 36.15 43.64 -42.18
CA TYR G 617 36.81 42.39 -41.90
C TYR G 617 35.68 41.38 -41.65
N PHE G 618 35.47 40.50 -42.67
CA PHE G 618 34.46 39.44 -42.64
C PHE G 618 35.07 38.34 -41.82
N GLU G 619 35.17 38.63 -40.53
CA GLU G 619 35.78 37.70 -39.63
C GLU G 619 34.89 37.29 -38.48
N PRO G 620 35.34 36.23 -37.85
CA PRO G 620 34.65 35.68 -36.73
C PRO G 620 34.83 36.68 -35.61
N VAL G 621 33.72 37.03 -34.97
CA VAL G 621 33.78 37.99 -33.89
C VAL G 621 34.44 37.42 -32.63
N THR G 622 35.75 37.17 -32.70
CA THR G 622 36.44 36.62 -31.54
C THR G 622 37.57 37.48 -31.03
N LEU G 623 38.04 37.10 -29.84
CA LEU G 623 39.15 37.82 -29.23
C LEU G 623 40.34 37.76 -30.17
N GLU G 624 40.61 36.52 -30.56
CA GLU G 624 41.69 36.22 -31.44
C GLU G 624 41.60 37.00 -32.74
N ASP G 625 40.51 36.77 -33.45
CA ASP G 625 40.32 37.41 -34.71
C ASP G 625 40.41 38.91 -34.62
N VAL G 626 39.73 39.44 -33.62
CA VAL G 626 39.70 40.87 -33.40
C VAL G 626 41.06 41.46 -33.17
N LEU G 627 41.68 40.90 -32.15
CA LEU G 627 43.00 41.33 -31.73
C LEU G 627 43.94 41.39 -32.89
N GLU G 628 43.77 40.44 -33.82
CA GLU G 628 44.58 40.38 -35.03
C GLU G 628 44.44 41.63 -35.87
N ILE G 629 43.20 42.09 -35.94
CA ILE G 629 42.90 43.28 -36.66
C ILE G 629 43.45 44.52 -35.94
N VAL G 630 43.28 44.51 -34.63
CA VAL G 630 43.72 45.61 -33.79
C VAL G 630 45.24 45.84 -33.87
N ARG G 631 45.91 44.74 -34.06
CA ARG G 631 47.34 44.72 -34.19
C ARG G 631 47.84 45.49 -35.42
N ILE G 632 47.09 45.45 -36.50
CA ILE G 632 47.54 46.13 -37.71
C ILE G 632 46.94 47.48 -37.90
N GLU G 633 45.67 47.51 -37.55
CA GLU G 633 44.87 48.68 -37.68
C GLU G 633 45.29 49.78 -36.71
N LYS G 634 45.62 49.36 -35.46
CA LYS G 634 46.04 50.28 -34.40
C LYS G 634 45.05 51.42 -34.40
N PRO G 635 43.78 51.06 -34.20
CA PRO G 635 42.60 51.95 -34.21
C PRO G 635 42.54 53.03 -33.14
N LYS G 636 41.70 54.05 -33.40
CA LYS G 636 41.54 55.08 -32.41
C LYS G 636 40.68 54.50 -31.28
N GLY G 637 39.60 53.84 -31.69
CA GLY G 637 38.70 53.20 -30.74
C GLY G 637 37.92 52.00 -31.30
N VAL G 638 37.37 51.26 -30.36
CA VAL G 638 36.59 50.07 -30.63
C VAL G 638 35.31 50.08 -29.83
N ILE G 639 34.17 50.10 -30.53
CA ILE G 639 32.86 50.07 -29.90
C ILE G 639 32.38 48.62 -29.75
N VAL G 640 32.13 48.20 -28.55
CA VAL G 640 31.71 46.84 -28.34
C VAL G 640 30.39 46.72 -27.63
N GLN G 641 29.61 47.79 -27.64
CA GLN G 641 28.34 47.76 -26.94
C GLN G 641 27.12 47.67 -27.84
N TYR G 642 27.33 47.67 -29.15
CA TYR G 642 26.24 47.68 -30.09
C TYR G 642 25.83 46.29 -30.67
N GLY G 643 26.82 45.37 -30.76
CA GLY G 643 26.63 44.05 -31.36
C GLY G 643 25.94 43.03 -30.49
N GLY G 644 25.46 43.47 -29.37
CA GLY G 644 24.80 42.46 -28.59
C GLY G 644 25.80 41.76 -27.69
N GLN G 645 25.38 40.57 -27.22
CA GLN G 645 26.15 39.74 -26.30
C GLN G 645 27.47 39.28 -26.87
N THR G 646 27.56 39.10 -28.14
CA THR G 646 28.83 38.65 -28.63
C THR G 646 30.00 39.60 -28.35
N PRO G 647 29.93 40.83 -28.86
CA PRO G 647 31.01 41.74 -28.60
C PRO G 647 31.15 42.06 -27.10
N LEU G 648 30.03 42.00 -26.41
CA LEU G 648 30.00 42.32 -24.99
C LEU G 648 30.81 41.39 -24.09
N LYS G 649 30.82 40.10 -24.39
CA LYS G 649 31.59 39.22 -23.57
C LYS G 649 33.04 39.32 -23.93
N LEU G 650 33.36 40.13 -24.93
CA LEU G 650 34.76 40.26 -25.33
C LEU G 650 35.45 41.45 -24.69
N ALA G 651 34.62 42.45 -24.42
CA ALA G 651 34.99 43.72 -23.83
C ALA G 651 36.16 43.69 -22.86
N ARG G 652 35.96 42.96 -21.78
CA ARG G 652 36.95 42.81 -20.71
C ARG G 652 38.29 42.27 -21.17
N ALA G 653 38.25 41.10 -21.75
CA ALA G 653 39.47 40.50 -22.27
C ALA G 653 40.17 41.43 -23.29
N LEU G 654 39.40 42.14 -24.14
CA LEU G 654 39.96 43.05 -25.12
C LEU G 654 40.76 44.18 -24.44
N GLU G 655 40.13 44.84 -23.46
CA GLU G 655 40.73 45.94 -22.78
C GLU G 655 42.04 45.58 -22.18
N ALA G 656 42.00 44.42 -21.57
CA ALA G 656 43.14 43.82 -20.88
C ALA G 656 44.35 43.55 -21.76
N ALA G 657 44.05 43.29 -23.01
CA ALA G 657 45.12 43.03 -23.94
C ALA G 657 45.61 44.36 -24.56
N GLY G 658 44.85 45.44 -24.31
CA GLY G 658 45.19 46.77 -24.77
C GLY G 658 44.33 47.32 -25.89
N VAL G 659 43.04 47.03 -25.79
CA VAL G 659 42.12 47.50 -26.79
C VAL G 659 41.51 48.80 -26.31
N PRO G 660 41.74 49.85 -27.10
CA PRO G 660 41.21 51.15 -26.79
C PRO G 660 39.71 51.07 -26.94
N VAL G 661 39.10 50.45 -25.93
CA VAL G 661 37.66 50.28 -25.91
C VAL G 661 36.93 51.53 -25.46
N ILE G 662 36.21 52.13 -26.40
CA ILE G 662 35.46 53.32 -26.07
C ILE G 662 34.04 53.04 -25.61
N GLY G 663 33.38 54.11 -25.20
CA GLY G 663 32.04 54.02 -24.69
C GLY G 663 32.10 53.50 -23.27
N THR G 664 30.91 53.18 -22.73
CA THR G 664 30.75 52.67 -21.39
C THR G 664 31.77 51.57 -21.14
N SER G 665 32.73 51.92 -20.32
CA SER G 665 33.82 51.08 -19.96
C SER G 665 33.38 49.68 -19.63
N PRO G 666 34.24 48.78 -19.98
CA PRO G 666 33.97 47.37 -19.77
C PRO G 666 33.76 47.04 -18.34
N ASP G 667 34.52 47.70 -17.52
CA ASP G 667 34.30 47.40 -16.14
C ASP G 667 32.93 47.95 -15.74
N ALA G 668 32.54 49.10 -16.32
CA ALA G 668 31.25 49.69 -15.98
C ALA G 668 30.10 48.74 -16.32
N ILE G 669 30.16 48.29 -17.57
CA ILE G 669 29.22 47.37 -18.16
C ILE G 669 29.05 46.25 -17.17
N ASP G 670 30.18 45.79 -16.75
CA ASP G 670 30.17 44.73 -15.80
C ASP G 670 29.54 45.05 -14.47
N ARG G 671 29.64 46.30 -14.03
CA ARG G 671 29.04 46.68 -12.75
C ARG G 671 27.56 46.38 -12.84
N ALA G 672 26.97 46.85 -13.94
CA ALA G 672 25.56 46.65 -14.21
C ALA G 672 25.19 45.18 -14.26
N GLU G 673 25.99 44.44 -15.01
CA GLU G 673 25.78 43.02 -15.22
C GLU G 673 25.99 42.11 -14.02
N ASP G 674 27.03 42.37 -13.22
CA ASP G 674 27.28 41.54 -12.06
C ASP G 674 26.16 41.69 -11.07
N ARG G 675 25.40 40.62 -10.87
CA ARG G 675 24.25 40.57 -9.97
C ARG G 675 24.52 41.21 -8.62
N GLU G 676 25.78 41.28 -8.25
CA GLU G 676 26.15 41.86 -6.98
C GLU G 676 26.55 43.32 -7.06
N ARG G 677 27.33 43.58 -8.10
CA ARG G 677 27.83 44.89 -8.37
C ARG G 677 26.68 45.83 -8.60
N PHE G 678 25.67 45.32 -9.30
CA PHE G 678 24.49 46.09 -9.64
C PHE G 678 23.72 46.48 -8.41
N GLN G 679 23.44 45.46 -7.62
CA GLN G 679 22.71 45.56 -6.38
C GLN G 679 23.16 46.72 -5.52
N HIS G 680 24.46 46.74 -5.32
CA HIS G 680 25.13 47.76 -4.54
C HIS G 680 24.76 49.14 -5.00
N ALA G 681 25.06 49.40 -6.28
CA ALA G 681 24.79 50.65 -6.96
C ALA G 681 23.35 51.07 -6.59
N VAL G 682 22.49 50.05 -6.57
CA VAL G 682 21.10 50.24 -6.23
C VAL G 682 21.09 50.65 -4.79
N GLU G 683 21.78 49.86 -3.96
CA GLU G 683 21.90 50.13 -2.53
C GLU G 683 22.42 51.54 -2.30
N ARG G 684 23.19 52.04 -3.27
CA ARG G 684 23.81 53.36 -3.26
C ARG G 684 22.83 54.46 -3.68
N LEU G 685 22.17 54.27 -4.83
CA LEU G 685 21.22 55.23 -5.40
C LEU G 685 19.91 55.26 -4.64
N LYS G 686 19.83 54.33 -3.68
CA LYS G 686 18.66 54.19 -2.83
C LYS G 686 17.43 53.95 -3.65
N LEU G 687 17.52 52.96 -4.54
CA LEU G 687 16.45 52.56 -5.43
C LEU G 687 15.80 51.27 -4.95
N LYS G 688 14.59 51.06 -5.41
CA LYS G 688 13.78 49.93 -5.06
C LYS G 688 13.97 48.78 -6.00
N GLN G 689 14.55 47.71 -5.49
CA GLN G 689 14.83 46.51 -6.25
C GLN G 689 13.97 45.39 -5.70
N PRO G 690 13.56 44.46 -6.55
CA PRO G 690 12.76 43.36 -6.06
C PRO G 690 13.62 42.58 -5.08
N ALA G 691 12.98 41.99 -4.07
CA ALA G 691 13.66 41.21 -3.03
C ALA G 691 14.36 39.99 -3.61
N ASN G 692 15.69 40.01 -3.63
CA ASN G 692 16.42 38.90 -4.17
C ASN G 692 17.07 37.99 -3.14
N ALA G 693 17.78 36.95 -3.63
CA ALA G 693 18.45 36.02 -2.73
C ALA G 693 19.26 34.93 -3.41
N THR G 694 20.57 35.10 -3.49
CA THR G 694 21.32 34.06 -4.13
C THR G 694 21.38 32.79 -3.27
N VAL G 695 20.90 31.64 -3.80
CA VAL G 695 20.84 30.31 -3.11
C VAL G 695 21.59 29.11 -3.76
N THR G 696 21.94 28.11 -2.90
CA THR G 696 22.69 26.86 -3.19
C THR G 696 21.98 25.53 -2.95
N ALA G 697 21.69 25.30 -1.68
CA ALA G 697 21.01 24.11 -1.26
C ALA G 697 19.54 24.36 -1.45
N ILE G 698 18.83 23.28 -1.67
CA ILE G 698 17.42 23.29 -1.89
C ILE G 698 16.68 24.00 -0.78
N GLU G 699 16.80 23.42 0.41
CA GLU G 699 16.17 23.88 1.66
C GLU G 699 16.41 25.35 2.00
N MET G 700 17.61 25.79 1.59
CA MET G 700 18.12 27.12 1.75
C MET G 700 17.14 28.09 1.11
N ALA G 701 16.86 27.75 -0.13
CA ALA G 701 15.95 28.48 -0.95
C ALA G 701 14.62 28.59 -0.22
N VAL G 702 14.07 27.41 0.05
CA VAL G 702 12.81 27.18 0.74
C VAL G 702 12.53 28.13 1.89
N GLU G 703 13.64 28.65 2.40
CA GLU G 703 13.65 29.57 3.49
C GLU G 703 13.80 31.01 3.02
N LYS G 704 14.89 31.20 2.28
CA LYS G 704 15.25 32.45 1.69
C LYS G 704 14.01 32.93 0.94
N ALA G 705 13.29 31.93 0.44
CA ALA G 705 12.05 32.01 -0.28
C ALA G 705 11.00 32.64 0.58
N LYS G 706 10.94 32.02 1.76
CA LYS G 706 10.05 32.36 2.85
C LYS G 706 10.24 33.77 3.34
N GLU G 707 11.41 34.30 3.00
CA GLU G 707 11.82 35.66 3.33
C GLU G 707 11.26 36.63 2.27
N ILE G 708 11.72 36.34 1.05
CA ILE G 708 11.40 37.06 -0.17
C ILE G 708 9.92 37.26 -0.38
N GLY G 709 9.20 36.14 -0.43
CA GLY G 709 7.77 36.15 -0.63
C GLY G 709 7.43 35.68 -2.03
N TYR G 710 6.52 34.73 -2.08
CA TYR G 710 6.07 34.18 -3.33
C TYR G 710 5.11 35.16 -3.95
N PRO G 711 4.96 35.04 -5.29
CA PRO G 711 5.67 34.05 -6.06
C PRO G 711 7.13 34.39 -6.19
N LEU G 712 7.83 33.41 -6.73
CA LEU G 712 9.24 33.62 -6.88
C LEU G 712 9.78 33.31 -8.25
N VAL G 713 10.71 34.13 -8.70
CA VAL G 713 11.36 33.87 -9.96
C VAL G 713 12.62 33.07 -9.63
N VAL G 714 12.75 31.92 -10.26
CA VAL G 714 13.90 31.09 -10.00
C VAL G 714 14.85 31.00 -11.19
N ARG G 715 15.87 31.85 -11.21
CA ARG G 715 16.78 31.80 -12.33
C ARG G 715 17.89 30.85 -11.94
N PRO G 716 18.31 29.97 -12.83
CA PRO G 716 19.37 29.05 -12.47
C PRO G 716 20.72 29.50 -13.03
N ALA G 724 16.91 28.15 -18.01
CA ALA G 724 15.48 27.90 -17.86
C ALA G 724 14.90 28.67 -16.67
N MET G 725 14.39 29.88 -16.87
CA MET G 725 13.85 30.57 -15.72
C MET G 725 12.39 30.23 -15.51
N GLU G 726 12.04 30.09 -14.23
CA GLU G 726 10.68 29.76 -13.88
C GLU G 726 10.10 30.46 -12.67
N ILE G 727 8.79 30.83 -12.81
CA ILE G 727 7.99 31.50 -11.80
C ILE G 727 7.38 30.42 -10.90
N VAL G 728 7.78 30.46 -9.63
CA VAL G 728 7.34 29.52 -8.62
C VAL G 728 6.32 30.21 -7.75
N TYR G 729 5.18 29.57 -7.60
CA TYR G 729 4.09 30.14 -6.85
C TYR G 729 4.06 29.80 -5.36
N ASP G 730 4.42 28.56 -5.01
CA ASP G 730 4.42 28.12 -3.63
C ASP G 730 5.58 27.20 -3.26
N GLU G 731 5.62 26.81 -1.97
CA GLU G 731 6.66 25.94 -1.41
C GLU G 731 6.87 24.64 -2.16
N ALA G 732 5.73 24.00 -2.34
CA ALA G 732 5.66 22.75 -3.06
C ALA G 732 6.31 22.99 -4.43
N ASP G 733 5.78 24.04 -5.09
CA ASP G 733 6.23 24.47 -6.39
C ASP G 733 7.75 24.53 -6.42
N LEU G 734 8.31 25.21 -5.41
CA LEU G 734 9.76 25.39 -5.27
C LEU G 734 10.50 24.09 -5.55
N ARG G 735 10.28 23.12 -4.66
CA ARG G 735 10.89 21.81 -4.76
C ARG G 735 10.79 21.21 -6.14
N ARG G 736 9.53 21.16 -6.55
CA ARG G 736 9.14 20.64 -7.84
C ARG G 736 10.07 21.21 -8.92
N TYR G 737 10.28 22.54 -8.99
CA TYR G 737 11.21 23.09 -9.99
C TYR G 737 12.58 22.47 -9.73
N PHE G 738 13.01 22.61 -8.48
CA PHE G 738 14.30 22.12 -8.00
C PHE G 738 14.71 20.73 -8.49
N GLN G 739 13.74 19.84 -8.59
CA GLN G 739 14.01 18.50 -9.07
C GLN G 739 14.50 18.50 -10.52
N THR G 740 13.63 18.99 -11.37
CA THR G 740 13.85 19.08 -12.78
C THR G 740 15.10 19.91 -13.09
N ALA G 741 15.42 20.77 -12.12
CA ALA G 741 16.58 21.69 -12.16
C ALA G 741 17.88 20.92 -12.15
N VAL G 750 21.64 29.41 -7.70
CA VAL G 750 20.28 29.70 -8.14
C VAL G 750 19.70 31.02 -7.66
N LEU G 751 19.57 32.00 -8.57
CA LEU G 751 19.02 33.25 -8.10
C LEU G 751 17.56 33.14 -7.75
N LEU G 752 17.19 33.90 -6.76
CA LEU G 752 15.82 33.89 -6.37
C LEU G 752 15.41 35.34 -6.24
N ASP G 753 14.32 35.69 -6.90
CA ASP G 753 13.80 37.04 -6.86
C ASP G 753 12.31 37.00 -6.56
N HIS G 754 11.77 38.04 -5.98
CA HIS G 754 10.37 38.00 -5.73
C HIS G 754 9.63 38.36 -7.06
N PHE G 755 8.57 37.62 -7.40
CA PHE G 755 7.85 37.94 -8.63
C PHE G 755 6.82 39.05 -8.51
N LEU G 756 7.13 40.20 -9.09
CA LEU G 756 6.18 41.27 -9.07
C LEU G 756 4.99 40.93 -9.99
N ASP G 757 4.01 40.33 -9.36
CA ASP G 757 2.79 39.97 -10.06
C ASP G 757 1.95 41.21 -10.31
N ASP G 758 1.13 41.18 -11.35
CA ASP G 758 0.25 42.29 -11.71
C ASP G 758 0.88 43.66 -11.74
N ALA G 759 2.09 43.65 -12.36
CA ALA G 759 2.95 44.79 -12.60
C ALA G 759 3.08 45.10 -14.09
N VAL G 760 3.27 46.38 -14.36
CA VAL G 760 3.45 46.87 -15.71
C VAL G 760 4.94 46.84 -15.89
N GLU G 761 5.38 46.33 -17.04
CA GLU G 761 6.78 46.32 -17.31
C GLU G 761 7.10 47.52 -18.22
N VAL G 762 8.24 48.15 -17.99
CA VAL G 762 8.61 49.30 -18.79
C VAL G 762 10.01 49.23 -19.33
N ASP G 763 10.19 49.79 -20.51
CA ASP G 763 11.51 49.85 -21.10
C ASP G 763 11.92 51.29 -21.27
N VAL G 764 13.15 51.61 -20.90
CA VAL G 764 13.64 52.96 -21.07
C VAL G 764 14.99 52.98 -21.71
N ASP G 765 15.09 53.58 -22.87
CA ASP G 765 16.38 53.66 -23.53
C ASP G 765 16.87 55.08 -23.30
N ALA G 766 18.14 55.21 -22.96
CA ALA G 766 18.70 56.53 -22.70
C ALA G 766 20.18 56.67 -23.07
N ILE G 767 20.62 57.89 -23.34
CA ILE G 767 22.03 58.12 -23.65
C ILE G 767 22.69 58.93 -22.54
N CYS G 768 23.94 58.64 -22.22
CA CYS G 768 24.67 59.37 -21.19
C CYS G 768 26.05 59.75 -21.70
N ASP G 769 26.23 61.07 -21.81
CA ASP G 769 27.43 61.72 -22.30
C ASP G 769 28.36 62.16 -21.17
N GLY G 770 27.90 61.91 -19.94
CA GLY G 770 28.63 62.29 -18.74
C GLY G 770 28.17 63.57 -18.04
N GLU G 771 27.73 64.55 -18.87
CA GLU G 771 27.24 65.86 -18.50
C GLU G 771 25.76 65.77 -18.21
N MET G 772 25.03 65.31 -19.24
CA MET G 772 23.60 65.17 -19.17
C MET G 772 23.15 63.79 -19.60
N VAL G 773 21.82 63.66 -19.67
CA VAL G 773 21.14 62.44 -20.06
C VAL G 773 19.88 62.70 -20.88
N LEU G 774 19.86 62.11 -22.06
CA LEU G 774 18.76 62.22 -22.98
C LEU G 774 17.89 61.00 -22.79
N ILE G 775 16.61 61.21 -22.75
CA ILE G 775 15.78 60.07 -22.59
C ILE G 775 15.34 59.80 -23.99
N GLY G 776 15.77 58.65 -24.53
CA GLY G 776 15.42 58.29 -25.89
C GLY G 776 13.93 58.00 -26.06
N GLY G 777 13.44 57.24 -25.09
CA GLY G 777 12.06 56.82 -25.06
C GLY G 777 11.73 55.88 -23.89
N ILE G 778 10.47 55.98 -23.48
CA ILE G 778 9.87 55.24 -22.40
C ILE G 778 8.76 54.43 -23.02
N MET G 779 8.96 53.13 -22.94
CA MET G 779 8.04 52.19 -23.52
C MET G 779 7.27 51.41 -22.50
N GLU G 780 5.97 51.43 -22.64
CA GLU G 780 5.17 50.69 -21.70
C GLU G 780 4.65 49.43 -22.38
N HIS G 781 5.02 48.28 -21.80
CA HIS G 781 4.60 47.00 -22.36
C HIS G 781 3.14 46.70 -22.18
N ILE G 782 2.60 46.00 -23.18
CA ILE G 782 1.23 45.58 -23.12
C ILE G 782 1.26 44.42 -22.16
N GLU G 783 2.05 43.40 -22.47
CA GLU G 783 2.12 42.30 -21.55
C GLU G 783 2.88 42.72 -20.32
N GLN G 784 2.40 42.22 -19.21
CA GLN G 784 2.95 42.50 -17.89
C GLN G 784 4.29 41.86 -17.57
N ALA G 785 4.88 42.28 -16.46
CA ALA G 785 6.14 41.74 -16.01
C ALA G 785 5.94 40.24 -15.87
N GLY G 786 6.92 39.45 -16.31
CA GLY G 786 6.76 38.00 -16.25
C GLY G 786 6.65 37.42 -17.65
N VAL G 787 6.51 38.32 -18.61
CA VAL G 787 6.45 37.98 -20.01
C VAL G 787 7.57 38.81 -20.60
N HIS G 788 8.72 38.17 -20.91
CA HIS G 788 9.94 38.80 -21.46
C HIS G 788 9.69 40.03 -22.32
N SER G 789 10.48 41.10 -22.09
CA SER G 789 10.35 42.34 -22.88
C SER G 789 10.31 41.96 -24.35
N GLY G 790 11.27 41.08 -24.66
CA GLY G 790 11.53 40.50 -25.95
C GLY G 790 10.32 39.94 -26.59
N ASP G 791 9.29 39.66 -25.83
CA ASP G 791 8.12 39.10 -26.46
C ASP G 791 6.86 39.87 -26.17
N SER G 792 7.02 41.05 -25.55
CA SER G 792 5.83 41.81 -25.26
C SER G 792 5.62 42.88 -26.26
N ALA G 793 4.37 43.18 -26.49
CA ALA G 793 4.15 44.28 -27.35
C ALA G 793 4.51 45.44 -26.43
N CYS G 794 4.70 46.61 -26.99
CA CYS G 794 5.03 47.77 -26.20
C CYS G 794 4.52 49.02 -26.88
N SER G 795 4.20 50.03 -26.08
CA SER G 795 3.65 51.25 -26.66
C SER G 795 4.49 52.44 -26.37
N LEU G 796 4.67 53.25 -27.40
CA LEU G 796 5.44 54.46 -27.24
C LEU G 796 4.66 55.67 -27.76
N PRO G 797 4.26 56.72 -26.96
CA PRO G 797 4.34 56.96 -25.53
C PRO G 797 3.50 55.96 -24.73
N ALA G 798 3.69 55.82 -23.42
CA ALA G 798 2.88 54.94 -22.59
C ALA G 798 1.40 55.25 -22.71
N TYR G 799 0.59 54.18 -22.88
CA TYR G 799 -0.86 54.21 -23.07
C TYR G 799 -1.67 54.16 -21.78
N THR G 800 -1.02 53.90 -20.64
CA THR G 800 -1.71 53.80 -19.36
C THR G 800 -1.04 54.42 -18.13
N LEU G 801 0.30 54.48 -18.15
CA LEU G 801 1.10 55.05 -17.06
C LEU G 801 0.92 56.56 -16.79
N SER G 802 1.14 56.90 -15.54
CA SER G 802 1.01 58.28 -15.10
C SER G 802 2.31 59.00 -15.32
N GLN G 803 2.13 60.25 -15.73
CA GLN G 803 3.23 61.14 -15.98
C GLN G 803 4.11 61.19 -14.78
N GLU G 804 3.45 61.18 -13.66
CA GLU G 804 4.13 61.26 -12.38
C GLU G 804 5.10 60.11 -12.09
N ILE G 805 4.74 58.95 -12.61
CA ILE G 805 5.55 57.76 -12.45
C ILE G 805 6.68 57.63 -13.48
N GLN G 806 6.31 58.01 -14.74
CA GLN G 806 7.27 57.98 -15.83
C GLN G 806 8.42 58.83 -15.34
N ASP G 807 7.91 59.84 -14.69
CA ASP G 807 8.79 60.78 -14.10
C ASP G 807 9.64 60.10 -13.05
N VAL G 808 9.19 59.02 -12.41
CA VAL G 808 10.10 58.47 -11.43
C VAL G 808 11.27 57.76 -12.10
N MET G 809 10.88 57.08 -13.16
CA MET G 809 11.79 56.32 -13.94
C MET G 809 12.69 57.23 -14.66
N ARG G 810 12.12 58.34 -15.14
CA ARG G 810 12.92 59.34 -15.82
C ARG G 810 14.05 59.70 -14.86
N GLN G 811 13.65 60.11 -13.64
CA GLN G 811 14.61 60.49 -12.60
C GLN G 811 15.57 59.37 -12.19
N GLN G 812 15.07 58.16 -12.18
CA GLN G 812 15.90 57.04 -11.79
C GLN G 812 16.99 56.65 -12.79
N VAL G 813 16.61 56.67 -14.03
CA VAL G 813 17.55 56.36 -15.06
C VAL G 813 18.69 57.34 -15.01
N GLN G 814 18.35 58.66 -14.98
CA GLN G 814 19.33 59.75 -14.91
C GLN G 814 20.29 59.39 -13.80
N LYS G 815 19.69 59.04 -12.69
CA LYS G 815 20.45 58.62 -11.52
C LYS G 815 21.40 57.49 -11.82
N LEU G 816 20.87 56.47 -12.48
CA LEU G 816 21.64 55.29 -12.84
C LEU G 816 22.72 55.56 -13.88
N ALA G 817 22.38 56.36 -14.93
CA ALA G 817 23.28 56.75 -15.99
C ALA G 817 24.59 57.26 -15.40
N PHE G 818 24.52 58.41 -14.76
CA PHE G 818 25.67 59.02 -14.12
C PHE G 818 26.45 58.10 -13.16
N GLU G 819 25.73 57.32 -12.34
CA GLU G 819 26.29 56.43 -11.35
C GLU G 819 27.20 55.30 -11.83
N LEU G 820 26.85 54.71 -12.97
CA LEU G 820 27.61 53.62 -13.54
C LEU G 820 28.64 54.10 -14.54
N GLN G 821 28.42 55.33 -14.97
CA GLN G 821 29.27 56.01 -15.91
C GLN G 821 29.00 55.56 -17.32
N VAL G 822 27.80 55.89 -17.73
CA VAL G 822 27.31 55.58 -19.05
C VAL G 822 27.77 56.59 -20.07
N ARG G 823 28.54 56.03 -21.00
CA ARG G 823 29.07 56.74 -22.12
C ARG G 823 28.52 56.08 -23.38
N GLY G 824 27.31 56.51 -23.72
CA GLY G 824 26.66 55.98 -24.89
C GLY G 824 25.28 55.56 -24.49
N LEU G 825 24.78 54.58 -25.23
CA LEU G 825 23.46 54.06 -25.03
C LEU G 825 23.31 53.23 -23.77
N MET G 826 22.07 53.18 -23.32
CA MET G 826 21.71 52.41 -22.16
C MET G 826 20.25 52.13 -22.12
N ASN G 827 20.00 51.07 -21.40
CA ASN G 827 18.64 50.63 -21.30
C ASN G 827 18.31 50.26 -19.89
N VAL G 828 17.12 50.70 -19.48
CA VAL G 828 16.63 50.38 -18.17
C VAL G 828 15.24 49.81 -18.23
N GLN G 829 15.10 48.74 -17.44
CA GLN G 829 13.84 48.05 -17.37
C GLN G 829 13.32 48.12 -15.96
N PHE G 830 12.10 48.58 -15.84
CA PHE G 830 11.44 48.76 -14.57
C PHE G 830 10.19 47.89 -14.49
N ALA G 831 9.56 47.92 -13.34
CA ALA G 831 8.32 47.18 -13.14
C ALA G 831 7.42 48.05 -12.30
N VAL G 832 6.28 48.43 -12.81
CA VAL G 832 5.45 49.26 -11.99
C VAL G 832 4.35 48.54 -11.25
N LYS G 833 4.43 48.61 -9.95
CA LYS G 833 3.45 47.93 -9.15
C LYS G 833 2.91 48.75 -7.99
N ASN G 834 1.65 49.18 -8.15
CA ASN G 834 1.01 49.96 -7.14
C ASN G 834 1.68 51.31 -6.98
N ASN G 835 1.73 52.09 -8.08
CA ASN G 835 2.33 53.41 -8.08
C ASN G 835 3.68 53.35 -7.39
N GLU G 836 4.31 52.19 -7.59
CA GLU G 836 5.61 51.89 -7.06
C GLU G 836 6.55 51.33 -8.12
N VAL G 837 7.66 52.05 -8.34
CA VAL G 837 8.68 51.71 -9.31
C VAL G 837 9.76 50.80 -8.72
N TYR G 838 9.94 49.65 -9.38
CA TYR G 838 10.95 48.66 -9.00
C TYR G 838 11.95 48.48 -10.14
N LEU G 839 13.24 48.48 -9.83
CA LEU G 839 14.27 48.29 -10.85
C LEU G 839 14.47 46.83 -11.15
N ILE G 840 14.23 46.43 -12.41
CA ILE G 840 14.40 45.04 -12.78
C ILE G 840 15.80 44.73 -13.30
N GLU G 841 16.34 45.65 -14.13
CA GLU G 841 17.68 45.49 -14.69
C GLU G 841 18.12 46.74 -15.44
N VAL G 842 19.45 46.82 -15.62
CA VAL G 842 20.11 47.89 -16.32
C VAL G 842 21.05 47.29 -17.34
N ASN G 843 20.84 47.69 -18.58
CA ASN G 843 21.68 47.21 -19.64
C ASN G 843 22.38 48.44 -20.21
N PRO G 844 23.66 48.56 -19.80
CA PRO G 844 24.55 49.66 -20.18
C PRO G 844 25.04 49.61 -21.63
N ARG G 845 24.15 49.23 -22.55
CA ARG G 845 24.49 49.13 -23.95
C ARG G 845 23.26 49.38 -24.80
N ALA G 846 23.43 49.13 -26.09
CA ALA G 846 22.38 49.26 -27.06
C ALA G 846 21.40 48.15 -26.84
N ALA G 847 20.15 48.49 -26.72
CA ALA G 847 19.15 47.47 -26.50
C ALA G 847 18.42 47.22 -27.79
N ARG G 848 17.80 46.07 -27.88
CA ARG G 848 17.07 45.76 -29.08
C ARG G 848 15.87 46.63 -29.26
N THR G 849 15.72 47.68 -28.44
CA THR G 849 14.60 48.59 -28.53
C THR G 849 14.90 49.87 -29.30
N VAL G 850 16.20 50.18 -29.43
CA VAL G 850 16.67 51.39 -30.11
C VAL G 850 16.08 51.84 -31.44
N PRO G 851 16.14 50.93 -32.39
CA PRO G 851 15.62 51.18 -33.72
C PRO G 851 14.18 51.64 -33.68
N PHE G 852 13.32 50.85 -32.98
CA PHE G 852 11.89 51.17 -32.83
C PHE G 852 11.79 52.58 -32.25
N VAL G 853 12.50 52.72 -31.15
CA VAL G 853 12.59 54.00 -30.55
C VAL G 853 13.16 55.02 -31.53
N SER G 854 14.15 54.67 -32.35
CA SER G 854 14.64 55.69 -33.28
C SER G 854 13.59 56.08 -34.32
N LYS G 855 12.85 55.09 -34.74
CA LYS G 855 11.84 55.26 -35.74
C LYS G 855 10.68 56.05 -35.20
N ALA G 856 10.40 55.76 -33.96
CA ALA G 856 9.30 56.43 -33.33
C ALA G 856 9.55 57.93 -33.16
N THR G 857 10.72 58.26 -32.64
CA THR G 857 11.13 59.64 -32.36
C THR G 857 11.82 60.48 -33.43
N GLY G 858 12.35 59.87 -34.49
CA GLY G 858 13.03 60.56 -35.59
C GLY G 858 14.44 60.95 -35.20
N VAL G 859 14.81 60.35 -34.09
CA VAL G 859 16.08 60.57 -33.48
C VAL G 859 16.98 59.36 -33.57
N PRO G 860 17.97 59.44 -34.47
CA PRO G 860 18.96 58.42 -34.75
C PRO G 860 19.75 58.08 -33.50
N LEU G 861 19.06 57.50 -32.53
CA LEU G 861 19.67 57.19 -31.24
C LEU G 861 21.06 56.55 -31.24
N ALA G 862 21.33 55.68 -32.21
CA ALA G 862 22.62 55.00 -32.29
C ALA G 862 23.74 55.87 -32.81
N LYS G 863 23.40 56.61 -33.88
CA LYS G 863 24.30 57.55 -34.52
C LYS G 863 24.84 58.47 -33.39
N VAL G 864 23.90 58.94 -32.58
CA VAL G 864 24.15 59.84 -31.47
C VAL G 864 25.09 59.28 -30.39
N ALA G 865 24.68 58.17 -29.80
CA ALA G 865 25.51 57.56 -28.78
C ALA G 865 26.81 57.18 -29.38
N ALA G 866 26.75 56.91 -30.70
CA ALA G 866 27.95 56.56 -31.39
C ALA G 866 28.83 57.79 -31.31
N ARG G 867 28.31 58.92 -31.84
CA ARG G 867 29.01 60.20 -31.82
C ARG G 867 29.46 60.58 -30.42
N VAL G 868 28.68 60.15 -29.43
CA VAL G 868 28.96 60.42 -28.03
C VAL G 868 30.13 59.64 -27.47
N MET G 869 30.16 58.34 -27.83
CA MET G 869 31.20 57.44 -27.38
C MET G 869 32.57 57.86 -27.87
N ALA G 870 32.57 58.44 -29.06
CA ALA G 870 33.76 58.93 -29.72
C ALA G 870 34.24 60.27 -29.12
N GLY G 871 33.33 61.10 -28.62
CA GLY G 871 33.82 62.34 -28.03
C GLY G 871 32.91 63.56 -28.13
N LYS G 872 31.95 63.54 -29.10
CA LYS G 872 30.99 64.62 -29.31
C LYS G 872 29.84 64.49 -28.33
N SER G 873 29.57 65.58 -27.65
CA SER G 873 28.51 65.63 -26.67
C SER G 873 27.09 65.86 -27.19
N LEU G 874 26.19 65.38 -26.32
CA LEU G 874 24.78 65.52 -26.56
C LEU G 874 24.46 66.98 -26.82
N ALA G 875 25.25 67.78 -26.09
CA ALA G 875 25.19 69.22 -26.15
C ALA G 875 25.63 69.74 -27.52
N GLU G 876 26.82 69.27 -28.02
CA GLU G 876 27.39 69.62 -29.35
C GLU G 876 26.60 69.15 -30.54
N GLN G 877 25.89 68.08 -30.23
CA GLN G 877 25.03 67.42 -31.16
C GLN G 877 23.73 68.21 -31.29
N GLY G 878 23.39 69.01 -30.28
CA GLY G 878 22.18 69.78 -30.36
C GLY G 878 21.01 68.85 -30.22
N VAL G 879 21.36 67.72 -29.61
CA VAL G 879 20.45 66.65 -29.30
C VAL G 879 20.46 66.57 -27.80
N THR G 880 19.63 67.45 -27.24
CA THR G 880 19.47 67.68 -25.82
C THR G 880 18.07 67.38 -25.22
N LYS G 881 17.01 67.65 -25.98
CA LYS G 881 15.64 67.46 -25.50
C LYS G 881 15.07 66.08 -25.84
N GLU G 882 14.18 65.58 -24.98
CA GLU G 882 13.51 64.29 -25.17
C GLU G 882 12.24 64.46 -26.00
N VAL G 883 12.19 63.77 -27.14
CA VAL G 883 11.07 63.82 -28.08
C VAL G 883 9.84 63.07 -27.61
N ILE G 884 8.68 63.59 -27.97
CA ILE G 884 7.38 63.04 -27.63
C ILE G 884 6.47 63.25 -28.81
N PRO G 885 6.43 62.24 -29.66
CA PRO G 885 5.68 62.31 -30.88
C PRO G 885 4.22 62.61 -30.74
N PRO G 886 3.72 63.24 -31.82
CA PRO G 886 2.33 63.57 -31.92
C PRO G 886 1.48 62.28 -32.04
N TYR G 887 2.06 61.18 -32.55
CA TYR G 887 1.31 59.95 -32.76
C TYR G 887 1.68 58.78 -31.84
N TYR G 888 0.93 57.71 -32.06
CA TYR G 888 1.15 56.52 -31.29
C TYR G 888 1.93 55.49 -32.07
N SER G 889 3.02 55.04 -31.42
CA SER G 889 3.91 54.02 -31.93
C SER G 889 3.82 52.74 -31.08
N VAL G 890 3.34 51.67 -31.69
CA VAL G 890 3.27 50.43 -30.95
C VAL G 890 4.12 49.38 -31.65
N LYS G 891 4.82 48.67 -30.82
CA LYS G 891 5.64 47.61 -31.30
C LYS G 891 5.05 46.24 -30.98
N GLU G 892 4.97 45.32 -31.95
CA GLU G 892 4.47 43.96 -31.70
C GLU G 892 5.51 42.91 -32.14
N VAL G 893 5.51 41.72 -31.54
CA VAL G 893 6.48 40.72 -31.93
C VAL G 893 5.86 39.56 -32.74
N VAL G 894 6.74 38.79 -33.43
CA VAL G 894 6.35 37.60 -34.23
C VAL G 894 7.06 36.41 -33.61
N LEU G 895 6.33 35.30 -33.37
CA LEU G 895 6.85 34.11 -32.73
C LEU G 895 6.90 32.91 -33.63
N PRO G 896 7.95 32.09 -33.40
CA PRO G 896 8.27 30.87 -34.17
C PRO G 896 7.47 29.64 -33.86
N PHE G 897 6.42 29.79 -33.05
CA PHE G 897 5.62 28.66 -32.68
C PHE G 897 5.19 27.78 -33.82
N ASN G 898 4.81 28.36 -34.92
CA ASN G 898 4.33 27.55 -36.03
C ASN G 898 5.42 26.67 -36.70
N LYS G 899 6.68 26.92 -36.33
CA LYS G 899 7.77 26.14 -36.88
C LYS G 899 8.03 24.90 -36.04
N PHE G 900 7.62 24.95 -34.78
CA PHE G 900 7.84 23.84 -33.84
C PHE G 900 6.57 23.58 -33.09
N PRO G 901 5.63 23.02 -33.81
CA PRO G 901 4.29 22.73 -33.34
C PRO G 901 4.25 21.89 -32.06
N GLY G 902 5.31 21.17 -31.77
CA GLY G 902 5.33 20.38 -30.55
C GLY G 902 5.48 21.26 -29.31
N VAL G 903 5.77 22.53 -29.53
CA VAL G 903 5.91 23.40 -28.41
C VAL G 903 4.57 24.05 -28.09
N ASP G 904 4.49 24.47 -26.83
CA ASP G 904 3.36 25.17 -26.26
C ASP G 904 3.52 26.66 -26.54
N PRO G 905 2.67 27.18 -27.47
CA PRO G 905 2.72 28.53 -27.92
C PRO G 905 2.24 29.49 -26.89
N LEU G 906 3.00 29.59 -25.81
CA LEU G 906 2.63 30.44 -24.70
C LEU G 906 3.73 31.37 -24.20
N LEU G 907 3.33 32.60 -23.88
CA LEU G 907 4.25 33.63 -23.39
C LEU G 907 4.87 33.37 -22.01
N GLY G 908 6.09 33.81 -21.80
CA GLY G 908 6.75 33.60 -20.54
C GLY G 908 7.90 34.55 -20.33
N PRO G 909 8.71 34.20 -19.33
CA PRO G 909 9.89 34.92 -18.89
C PRO G 909 11.08 34.75 -19.81
N GLU G 910 10.95 33.79 -20.72
CA GLU G 910 12.03 33.60 -21.66
C GLU G 910 11.57 34.09 -23.03
N MET G 911 12.51 34.69 -23.76
CA MET G 911 12.19 35.23 -25.09
C MET G 911 12.28 34.15 -26.15
N ARG G 912 11.28 34.12 -27.04
CA ARG G 912 11.27 33.14 -28.10
C ARG G 912 11.03 33.76 -29.44
N SER G 913 10.68 35.06 -29.45
CA SER G 913 10.33 35.79 -30.69
C SER G 913 11.50 36.01 -31.63
N THR G 914 11.23 36.08 -32.92
CA THR G 914 12.28 36.25 -33.90
C THR G 914 12.34 37.67 -34.44
N GLY G 915 11.17 38.27 -34.59
CA GLY G 915 11.10 39.61 -35.12
C GLY G 915 10.02 40.50 -34.55
N GLU G 916 9.91 41.64 -35.21
CA GLU G 916 8.97 42.63 -34.80
C GLU G 916 8.39 43.52 -35.90
N VAL G 917 7.22 44.04 -35.57
CA VAL G 917 6.49 44.96 -36.41
C VAL G 917 6.24 46.24 -35.62
N MET G 918 5.85 47.30 -36.31
CA MET G 918 5.55 48.56 -35.65
C MET G 918 4.21 49.09 -36.16
N GLY G 919 3.38 49.65 -35.28
CA GLY G 919 2.07 50.18 -35.66
C GLY G 919 2.02 51.66 -35.31
N VAL G 920 1.53 52.46 -36.23
CA VAL G 920 1.47 53.90 -35.97
C VAL G 920 0.05 54.42 -36.06
N GLY G 921 -0.42 55.04 -35.00
CA GLY G 921 -1.78 55.49 -35.06
C GLY G 921 -1.95 56.77 -34.32
N ARG G 922 -3.06 57.43 -34.65
CA ARG G 922 -3.44 58.70 -34.02
C ARG G 922 -3.73 58.39 -32.55
N THR G 923 -4.28 57.21 -32.34
CA THR G 923 -4.59 56.79 -31.00
C THR G 923 -3.89 55.45 -30.75
N PHE G 924 -3.72 55.14 -29.48
CA PHE G 924 -3.11 53.89 -29.10
C PHE G 924 -3.80 52.71 -29.74
N ALA G 925 -5.11 52.74 -29.71
CA ALA G 925 -5.89 51.70 -30.30
C ALA G 925 -5.57 51.56 -31.77
N GLU G 926 -5.23 52.69 -32.43
CA GLU G 926 -4.92 52.64 -33.84
C GLU G 926 -3.59 51.95 -34.07
N ALA G 927 -2.61 52.45 -33.32
CA ALA G 927 -1.27 51.95 -33.40
C ALA G 927 -1.25 50.44 -33.22
N PHE G 928 -1.90 50.05 -32.16
CA PHE G 928 -2.04 48.67 -31.76
C PHE G 928 -2.70 47.77 -32.80
N ALA G 929 -3.71 48.31 -33.44
CA ALA G 929 -4.36 47.51 -34.44
C ALA G 929 -3.41 47.36 -35.60
N LYS G 930 -2.61 48.42 -35.82
CA LYS G 930 -1.66 48.38 -36.92
C LYS G 930 -0.60 47.32 -36.62
N ALA G 931 -0.04 47.33 -35.41
CA ALA G 931 0.95 46.37 -34.98
C ALA G 931 0.40 44.95 -34.98
N GLN G 932 -0.87 44.78 -34.68
CA GLN G 932 -1.50 43.47 -34.67
C GLN G 932 -1.69 42.89 -36.06
N LEU G 933 -2.17 43.73 -36.99
CA LEU G 933 -2.37 43.28 -38.34
C LEU G 933 -1.00 43.02 -38.96
N GLY G 934 -0.08 43.90 -38.61
CA GLY G 934 1.26 43.75 -39.15
C GLY G 934 1.98 42.49 -38.70
N SER G 935 1.64 42.04 -37.51
CA SER G 935 2.24 40.85 -36.90
C SER G 935 1.61 39.56 -37.40
N ASN G 936 0.81 39.63 -38.45
CA ASN G 936 0.17 38.46 -39.05
C ASN G 936 -1.01 37.86 -38.32
N SER G 937 -1.61 38.66 -37.46
CA SER G 937 -2.74 38.19 -36.69
C SER G 937 -3.95 37.94 -37.56
N THR G 938 -4.68 36.87 -37.17
CA THR G 938 -5.91 36.35 -37.78
C THR G 938 -7.16 36.89 -37.03
N MET G 939 -6.97 37.81 -36.09
CA MET G 939 -8.06 38.41 -35.33
C MET G 939 -9.16 38.99 -36.22
N LYS G 940 -10.42 38.57 -35.96
CA LYS G 940 -11.58 39.03 -36.72
C LYS G 940 -12.35 40.09 -35.92
N LYS G 941 -13.25 40.83 -36.56
CA LYS G 941 -14.00 41.88 -35.85
C LYS G 941 -15.41 41.44 -35.38
N HIS G 942 -15.74 40.19 -35.73
CA HIS G 942 -17.00 39.53 -35.45
C HIS G 942 -16.79 38.08 -34.99
N GLY G 943 -17.93 37.40 -34.71
CA GLY G 943 -18.03 36.00 -34.31
C GLY G 943 -18.11 35.73 -32.81
N ARG G 944 -17.62 34.53 -32.47
CA ARG G 944 -17.54 33.99 -31.10
C ARG G 944 -16.15 33.98 -30.40
N ALA G 945 -16.10 34.49 -29.17
CA ALA G 945 -14.87 34.52 -28.39
C ALA G 945 -14.91 33.46 -27.33
N LEU G 946 -13.74 32.98 -26.96
CA LEU G 946 -13.69 31.98 -25.94
C LEU G 946 -12.93 32.55 -24.78
N LEU G 947 -13.58 32.58 -23.60
CA LEU G 947 -12.89 33.12 -22.43
C LEU G 947 -12.60 32.02 -21.42
N SER G 948 -11.31 31.77 -21.13
CA SER G 948 -10.84 30.76 -20.17
C SER G 948 -9.63 31.31 -19.41
N VAL G 949 -9.88 32.03 -18.34
CA VAL G 949 -8.79 32.67 -17.64
C VAL G 949 -8.50 32.20 -16.28
N ARG G 950 -7.30 32.56 -15.85
CA ARG G 950 -6.82 32.17 -14.54
C ARG G 950 -7.48 32.95 -13.45
N GLU G 951 -7.38 32.38 -12.27
CA GLU G 951 -7.93 32.94 -11.06
C GLU G 951 -7.74 34.44 -10.91
N GLY G 952 -6.49 34.88 -10.93
CA GLY G 952 -6.18 36.29 -10.75
C GLY G 952 -6.68 37.18 -11.89
N ASP G 953 -7.28 36.57 -12.90
CA ASP G 953 -7.77 37.36 -14.01
C ASP G 953 -9.26 37.41 -14.09
N LYS G 954 -9.89 36.61 -13.22
CA LYS G 954 -11.34 36.43 -13.11
C LYS G 954 -12.15 37.71 -12.89
N GLU G 955 -11.62 38.58 -12.07
CA GLU G 955 -12.24 39.85 -11.79
C GLU G 955 -12.31 40.67 -13.08
N ARG G 956 -11.12 41.04 -13.58
CA ARG G 956 -10.93 41.84 -14.80
C ARG G 956 -11.60 41.32 -16.08
N VAL G 957 -11.61 40.01 -16.25
CA VAL G 957 -12.17 39.40 -17.43
C VAL G 957 -13.56 39.92 -17.77
N VAL G 958 -14.26 40.39 -16.73
CA VAL G 958 -15.61 40.88 -16.89
C VAL G 958 -15.69 42.06 -17.87
N ASP G 959 -14.86 43.07 -17.62
CA ASP G 959 -14.82 44.24 -18.48
C ASP G 959 -14.50 43.80 -19.90
N LEU G 960 -13.50 42.95 -20.03
CA LEU G 960 -13.13 42.45 -21.31
C LEU G 960 -14.28 41.81 -22.06
N ALA G 961 -14.98 40.94 -21.36
CA ALA G 961 -16.13 40.24 -21.90
C ALA G 961 -17.20 41.25 -22.33
N ALA G 962 -17.33 42.28 -21.50
CA ALA G 962 -18.26 43.35 -21.76
C ALA G 962 -17.93 44.02 -23.09
N LYS G 963 -16.63 44.24 -23.25
CA LYS G 963 -16.11 44.84 -24.46
C LYS G 963 -16.41 43.99 -25.69
N LEU G 964 -16.25 42.70 -25.58
CA LEU G 964 -16.52 41.88 -26.73
C LEU G 964 -17.97 41.74 -27.10
N LEU G 965 -18.80 41.93 -26.10
CA LEU G 965 -20.22 41.80 -26.31
C LEU G 965 -20.74 42.97 -27.09
N LYS G 966 -20.17 44.12 -26.69
CA LYS G 966 -20.44 45.42 -27.27
C LYS G 966 -20.06 45.48 -28.75
N GLN G 967 -19.07 44.65 -29.14
CA GLN G 967 -18.55 44.55 -30.49
C GLN G 967 -19.31 43.54 -31.34
N GLY G 968 -20.25 42.90 -30.66
CA GLY G 968 -21.11 41.90 -31.23
C GLY G 968 -20.54 40.51 -31.14
N PHE G 969 -19.53 40.34 -30.28
CA PHE G 969 -19.02 38.96 -30.21
C PHE G 969 -19.97 38.16 -29.35
N GLU G 970 -20.15 36.89 -29.70
CA GLU G 970 -20.96 35.95 -28.93
C GLU G 970 -19.99 35.31 -27.91
N LEU G 971 -20.46 34.86 -26.76
CA LEU G 971 -19.44 34.33 -25.88
C LEU G 971 -19.61 32.89 -25.44
N ASP G 972 -18.44 32.32 -25.16
CA ASP G 972 -18.25 30.98 -24.66
C ASP G 972 -17.26 31.11 -23.52
N ALA G 973 -17.42 30.25 -22.52
CA ALA G 973 -16.51 30.29 -21.40
C ALA G 973 -16.44 28.98 -20.65
N THR G 974 -15.30 28.75 -20.04
CA THR G 974 -15.14 27.54 -19.30
C THR G 974 -15.83 27.76 -18.00
N HIS G 975 -16.15 26.67 -17.34
CA HIS G 975 -16.86 26.67 -16.08
C HIS G 975 -16.59 27.81 -15.10
N GLY G 976 -15.41 27.80 -14.50
CA GLY G 976 -15.06 28.83 -13.51
C GLY G 976 -15.12 30.23 -14.05
N THR G 977 -14.76 30.41 -15.31
CA THR G 977 -14.79 31.72 -15.92
C THR G 977 -16.25 32.15 -16.15
N ALA G 978 -17.07 31.16 -16.46
CA ALA G 978 -18.47 31.34 -16.70
C ALA G 978 -19.15 31.72 -15.39
N ILE G 979 -18.64 31.18 -14.31
CA ILE G 979 -19.23 31.49 -13.01
C ILE G 979 -19.19 33.01 -12.70
N VAL G 980 -17.99 33.59 -12.80
CA VAL G 980 -17.74 35.01 -12.57
C VAL G 980 -18.48 35.90 -13.52
N LEU G 981 -18.51 35.49 -14.76
CA LEU G 981 -19.19 36.29 -15.74
C LEU G 981 -20.63 36.43 -15.34
N GLY G 982 -21.25 35.30 -15.09
CA GLY G 982 -22.64 35.24 -14.70
C GLY G 982 -22.88 36.09 -13.46
N GLU G 983 -21.98 35.97 -12.50
CA GLU G 983 -22.15 36.76 -11.28
C GLU G 983 -22.19 38.24 -11.64
N ALA G 984 -21.77 38.60 -12.86
CA ALA G 984 -21.77 40.00 -13.28
C ALA G 984 -22.85 40.36 -14.29
N GLY G 985 -23.79 39.46 -14.52
CA GLY G 985 -24.83 39.79 -15.46
C GLY G 985 -24.56 39.31 -16.87
N ILE G 986 -23.41 38.66 -17.01
CA ILE G 986 -23.03 38.15 -18.30
C ILE G 986 -23.15 36.65 -18.34
N ASN G 987 -23.94 36.15 -19.30
CA ASN G 987 -24.15 34.73 -19.48
C ASN G 987 -23.55 34.18 -20.77
N PRO G 988 -22.31 33.71 -20.69
CA PRO G 988 -21.66 33.10 -21.84
C PRO G 988 -22.21 31.71 -22.07
N ARG G 989 -21.83 31.10 -23.20
CA ARG G 989 -22.26 29.74 -23.46
C ARG G 989 -21.25 28.86 -22.75
N LEU G 990 -21.72 27.89 -21.98
CA LEU G 990 -20.73 27.09 -21.31
C LEU G 990 -20.20 26.04 -22.28
N VAL G 991 -18.89 25.93 -22.25
CA VAL G 991 -18.13 25.00 -23.05
C VAL G 991 -17.35 24.07 -22.09
N ASN G 992 -17.16 22.83 -22.52
CA ASN G 992 -16.44 21.80 -21.76
C ASN G 992 -14.94 21.72 -22.01
N LYS G 993 -14.18 21.53 -20.95
CA LYS G 993 -12.76 21.35 -21.06
C LYS G 993 -12.59 20.00 -21.71
N VAL G 994 -11.36 19.70 -22.13
CA VAL G 994 -11.18 18.43 -22.81
C VAL G 994 -11.66 17.22 -22.05
N HIS G 995 -11.12 17.09 -20.87
CA HIS G 995 -11.50 16.00 -20.02
C HIS G 995 -12.97 16.03 -19.59
N GLU G 996 -13.63 17.17 -19.70
CA GLU G 996 -15.01 17.29 -19.26
C GLU G 996 -16.07 16.74 -20.14
N GLY G 997 -15.78 16.45 -21.38
CA GLY G 997 -16.91 15.95 -22.13
C GLY G 997 -17.01 16.55 -23.49
N ARG G 998 -18.18 16.39 -24.10
CA ARG G 998 -18.34 16.93 -25.42
C ARG G 998 -19.55 17.71 -25.77
N PRO G 999 -19.28 18.57 -26.76
CA PRO G 999 -17.91 18.67 -27.26
C PRO G 999 -17.19 19.64 -26.37
N HIS G 1000 -15.88 19.60 -26.50
CA HIS G 1000 -14.99 20.41 -25.75
C HIS G 1000 -14.31 21.48 -26.62
N ILE G 1001 -13.57 22.38 -25.94
CA ILE G 1001 -12.83 23.45 -26.59
C ILE G 1001 -12.12 23.01 -27.91
N GLN G 1002 -11.37 21.94 -27.82
CA GLN G 1002 -10.64 21.42 -28.95
C GLN G 1002 -11.55 21.15 -30.15
N ASP G 1003 -12.67 20.53 -29.86
CA ASP G 1003 -13.61 20.24 -30.94
C ASP G 1003 -14.12 21.53 -31.56
N ARG G 1004 -14.57 22.42 -30.74
CA ARG G 1004 -15.09 23.68 -31.23
C ARG G 1004 -14.06 24.45 -32.03
N ILE G 1005 -12.88 24.60 -31.44
CA ILE G 1005 -11.79 25.31 -32.06
C ILE G 1005 -11.58 24.69 -33.41
N LYS G 1006 -11.36 23.40 -33.37
CA LYS G 1006 -11.16 22.67 -34.59
C LYS G 1006 -12.28 22.85 -35.61
N ASN G 1007 -13.51 23.09 -35.12
CA ASN G 1007 -14.66 23.27 -36.01
C ASN G 1007 -14.89 24.67 -36.53
N GLY G 1008 -13.94 25.56 -36.22
CA GLY G 1008 -14.01 26.93 -36.65
C GLY G 1008 -15.04 27.71 -35.86
N GLU G 1009 -15.26 27.24 -34.63
CA GLU G 1009 -16.24 27.83 -33.73
C GLU G 1009 -15.88 29.21 -33.20
N TYR G 1010 -14.59 29.52 -33.18
CA TYR G 1010 -14.12 30.79 -32.66
C TYR G 1010 -13.34 31.60 -33.63
N THR G 1011 -13.33 32.89 -33.33
CA THR G 1011 -12.61 33.87 -34.09
C THR G 1011 -11.65 34.49 -33.13
N TYR G 1012 -11.96 34.25 -31.87
CA TYR G 1012 -11.11 34.78 -30.82
C TYR G 1012 -11.07 33.95 -29.56
N ILE G 1013 -9.88 33.95 -28.95
CA ILE G 1013 -9.72 33.21 -27.72
C ILE G 1013 -8.86 33.99 -26.75
N ILE G 1014 -9.35 34.13 -25.55
CA ILE G 1014 -8.58 34.78 -24.52
C ILE G 1014 -8.31 33.66 -23.49
N ASN G 1015 -7.04 33.31 -23.32
CA ASN G 1015 -6.72 32.23 -22.40
C ASN G 1015 -5.61 32.52 -21.42
N THR G 1016 -5.94 32.63 -20.16
CA THR G 1016 -4.83 32.88 -19.30
C THR G 1016 -4.70 31.69 -18.43
N THR G 1017 -3.47 31.47 -18.00
CA THR G 1017 -3.08 30.34 -17.20
C THR G 1017 -1.85 30.63 -16.38
N SER G 1018 -1.86 30.17 -15.15
CA SER G 1018 -0.74 30.38 -14.26
C SER G 1018 -0.35 29.07 -13.62
N GLY G 1019 0.96 28.85 -13.50
CA GLY G 1019 1.51 27.66 -12.87
C GLY G 1019 1.77 26.47 -13.78
N ARG G 1020 2.99 25.98 -13.65
CA ARG G 1020 3.49 24.85 -14.42
C ARG G 1020 2.51 23.75 -14.70
N ARG G 1021 1.90 23.24 -13.67
CA ARG G 1021 0.96 22.19 -13.91
C ARG G 1021 -0.23 22.60 -14.70
N ALA G 1022 -0.77 23.74 -14.32
CA ALA G 1022 -1.95 24.24 -14.98
C ALA G 1022 -1.67 24.43 -16.43
N ILE G 1023 -0.53 25.08 -16.68
CA ILE G 1023 -0.11 25.38 -18.05
C ILE G 1023 -0.06 24.12 -18.82
N GLU G 1024 0.70 23.21 -18.26
CA GLU G 1024 0.86 21.94 -18.87
C GLU G 1024 -0.48 21.29 -19.13
N ASP G 1025 -1.41 21.47 -18.22
CA ASP G 1025 -2.69 20.85 -18.46
C ASP G 1025 -3.53 21.52 -19.54
N SER G 1026 -3.36 22.84 -19.73
CA SER G 1026 -4.11 23.62 -20.70
C SER G 1026 -3.55 23.66 -22.10
N ARG G 1027 -2.38 23.12 -22.27
CA ARG G 1027 -1.66 23.07 -23.52
C ARG G 1027 -2.47 22.89 -24.76
N VAL G 1028 -3.34 21.92 -24.71
CA VAL G 1028 -4.16 21.59 -25.85
C VAL G 1028 -4.91 22.77 -26.49
N ILE G 1029 -5.44 23.67 -25.68
CA ILE G 1029 -6.18 24.76 -26.29
C ILE G 1029 -5.32 25.66 -27.17
N ARG G 1030 -4.20 26.10 -26.59
CA ARG G 1030 -3.23 26.94 -27.27
C ARG G 1030 -2.69 26.28 -28.53
N ARG G 1031 -2.46 24.98 -28.43
CA ARG G 1031 -1.95 24.24 -29.56
C ARG G 1031 -2.99 24.17 -30.67
N SER G 1032 -4.24 23.92 -30.29
CA SER G 1032 -5.32 23.83 -31.26
C SER G 1032 -5.53 25.16 -31.93
N ALA G 1033 -5.59 26.20 -31.08
CA ALA G 1033 -5.78 27.59 -31.48
C ALA G 1033 -4.74 28.03 -32.50
N LEU G 1034 -3.50 27.76 -32.20
CA LEU G 1034 -2.47 28.12 -33.12
C LEU G 1034 -2.68 27.41 -34.44
N GLN G 1035 -2.93 26.14 -34.33
CA GLN G 1035 -3.14 25.25 -35.45
C GLN G 1035 -4.33 25.56 -36.35
N TYR G 1036 -5.36 26.04 -35.74
CA TYR G 1036 -6.51 26.36 -36.53
C TYR G 1036 -6.62 27.83 -36.91
N LYS G 1037 -5.52 28.58 -36.70
CA LYS G 1037 -5.38 30.00 -37.03
C LYS G 1037 -6.34 30.93 -36.32
N VAL G 1038 -6.67 30.58 -35.09
CA VAL G 1038 -7.55 31.44 -34.37
C VAL G 1038 -6.73 32.48 -33.60
N HIS G 1039 -7.07 33.76 -33.75
CA HIS G 1039 -6.27 34.72 -33.00
C HIS G 1039 -6.40 34.47 -31.50
N TYR G 1040 -5.30 34.43 -30.75
CA TYR G 1040 -5.43 34.19 -29.32
C TYR G 1040 -4.48 35.00 -28.48
N ASP G 1041 -4.92 35.35 -27.29
CA ASP G 1041 -4.07 36.12 -26.43
C ASP G 1041 -3.86 35.36 -25.14
N THR G 1042 -2.66 35.43 -24.62
CA THR G 1042 -2.35 34.73 -23.40
C THR G 1042 -2.17 35.65 -22.24
N THR G 1043 -2.62 36.88 -22.39
CA THR G 1043 -2.51 37.84 -21.31
C THR G 1043 -3.78 38.62 -21.33
N LEU G 1044 -4.21 39.01 -20.14
CA LEU G 1044 -5.41 39.78 -20.06
C LEU G 1044 -5.07 41.14 -20.67
N ASN G 1045 -3.90 41.69 -20.31
CA ASN G 1045 -3.44 42.96 -20.86
C ASN G 1045 -3.50 42.93 -22.38
N GLY G 1046 -3.07 41.81 -22.95
CA GLY G 1046 -3.10 41.60 -24.38
C GLY G 1046 -4.53 41.50 -24.91
N GLY G 1047 -5.47 41.00 -24.10
CA GLY G 1047 -6.87 40.89 -24.51
C GLY G 1047 -7.50 42.28 -24.66
N PHE G 1048 -7.18 43.13 -23.68
CA PHE G 1048 -7.68 44.48 -23.67
C PHE G 1048 -7.26 45.27 -24.90
N ALA G 1049 -5.97 45.17 -25.17
CA ALA G 1049 -5.40 45.82 -26.32
C ALA G 1049 -6.15 45.35 -27.57
N THR G 1050 -6.28 44.03 -27.70
CA THR G 1050 -6.99 43.47 -28.83
C THR G 1050 -8.37 44.03 -28.96
N ALA G 1051 -8.95 44.29 -27.80
CA ALA G 1051 -10.28 44.84 -27.84
C ALA G 1051 -10.35 46.28 -28.29
N MET G 1052 -9.45 47.09 -27.76
CA MET G 1052 -9.46 48.47 -28.12
C MET G 1052 -9.28 48.69 -29.59
N ALA G 1053 -8.47 47.78 -30.12
CA ALA G 1053 -8.16 47.81 -31.53
C ALA G 1053 -9.36 47.48 -32.42
N LEU G 1054 -10.41 46.91 -31.82
CA LEU G 1054 -11.59 46.56 -32.61
C LEU G 1054 -12.35 47.80 -33.05
N ASN G 1055 -12.02 48.87 -32.35
CA ASN G 1055 -12.58 50.19 -32.59
C ASN G 1055 -11.77 51.01 -33.60
N ALA G 1056 -10.76 50.40 -34.19
CA ALA G 1056 -9.95 51.10 -35.15
C ALA G 1056 -9.98 50.42 -36.49
N ASP G 1057 -9.50 51.16 -37.52
CA ASP G 1057 -9.40 50.69 -38.92
C ASP G 1057 -7.97 50.90 -39.37
N ALA G 1058 -7.20 49.81 -39.23
CA ALA G 1058 -5.80 49.76 -39.59
C ALA G 1058 -5.50 50.06 -41.04
N THR G 1059 -6.53 50.11 -41.90
CA THR G 1059 -6.39 50.42 -43.32
C THR G 1059 -7.04 51.72 -43.63
N GLU G 1060 -7.38 52.43 -42.57
CA GLU G 1060 -8.06 53.66 -42.78
C GLU G 1060 -7.16 54.77 -43.21
N LYS G 1061 -6.04 54.80 -42.55
CA LYS G 1061 -5.13 55.85 -42.89
C LYS G 1061 -3.70 55.45 -42.66
N VAL G 1062 -2.91 55.71 -43.69
CA VAL G 1062 -1.48 55.45 -43.74
C VAL G 1062 -0.69 56.74 -43.59
N ILE G 1063 0.56 56.58 -43.22
CA ILE G 1063 1.39 57.72 -43.04
C ILE G 1063 2.85 57.33 -43.23
N SER G 1064 3.58 58.08 -44.02
CA SER G 1064 4.96 57.78 -44.28
C SER G 1064 5.80 58.13 -43.10
N VAL G 1065 6.94 57.51 -43.03
CA VAL G 1065 7.82 57.80 -41.93
C VAL G 1065 8.33 59.21 -42.01
N GLN G 1066 8.50 59.69 -43.20
CA GLN G 1066 9.00 61.03 -43.33
C GLN G 1066 7.94 62.00 -42.84
N GLU G 1067 6.69 61.70 -43.19
CA GLU G 1067 5.63 62.57 -42.74
C GLU G 1067 5.61 62.57 -41.23
N MET G 1068 5.80 61.38 -40.69
CA MET G 1068 5.80 61.18 -39.25
C MET G 1068 6.73 62.07 -38.50
N HIS G 1069 7.94 62.16 -39.01
CA HIS G 1069 8.91 62.98 -38.35
C HIS G 1069 8.71 64.43 -38.66
N ALA G 1070 8.01 64.71 -39.75
CA ALA G 1070 7.73 66.07 -40.13
C ALA G 1070 6.88 66.59 -38.98
N GLN G 1071 5.81 65.83 -38.63
CA GLN G 1071 4.89 66.16 -37.53
C GLN G 1071 5.59 66.42 -36.21
N ILE G 1072 6.85 66.07 -36.16
CA ILE G 1072 7.51 66.31 -34.89
C ILE G 1072 8.10 67.69 -34.72
N LYS G 1073 7.52 68.40 -33.76
CA LYS G 1073 7.93 69.76 -33.40
C LYS G 1073 8.98 69.64 -32.29
N ILE H 2 58.64 14.92 -46.65
CA ILE H 2 58.76 16.28 -47.18
C ILE H 2 59.46 16.39 -48.54
N LYS H 3 58.65 16.39 -49.62
CA LYS H 3 59.13 16.53 -51.00
C LYS H 3 58.95 17.99 -51.35
N SER H 4 60.04 18.73 -51.29
CA SER H 4 60.02 20.14 -51.58
C SER H 4 59.92 20.42 -53.07
N ALA H 5 59.45 21.61 -53.33
CA ALA H 5 59.32 22.13 -54.66
C ALA H 5 59.59 23.60 -54.52
N LEU H 6 59.98 24.19 -55.60
CA LEU H 6 60.24 25.60 -55.57
C LEU H 6 60.05 26.21 -56.92
N LEU H 7 59.51 27.42 -56.84
CA LEU H 7 59.23 28.24 -57.97
C LEU H 7 59.90 29.58 -57.86
N VAL H 8 60.58 29.90 -58.92
CA VAL H 8 61.22 31.15 -58.92
C VAL H 8 61.00 31.81 -60.22
N LEU H 9 60.70 33.09 -60.10
CA LEU H 9 60.46 33.88 -61.25
C LEU H 9 61.73 34.55 -61.74
N GLU H 10 61.60 35.09 -62.96
CA GLU H 10 62.63 35.83 -63.64
C GLU H 10 63.15 36.83 -62.63
N ASP H 11 62.22 37.67 -62.22
CA ASP H 11 62.46 38.72 -61.26
C ASP H 11 63.10 38.25 -59.97
N GLY H 12 63.27 36.93 -59.82
CA GLY H 12 63.88 36.46 -58.58
C GLY H 12 62.87 36.28 -57.46
N THR H 13 61.59 36.33 -57.82
CA THR H 13 60.57 36.14 -56.81
C THR H 13 60.43 34.64 -56.55
N GLN H 14 60.48 34.31 -55.28
CA GLN H 14 60.40 32.91 -54.91
C GLN H 14 59.13 32.48 -54.17
N PHE H 15 58.76 31.23 -54.44
CA PHE H 15 57.61 30.56 -53.88
C PHE H 15 57.97 29.15 -53.44
N HIS H 16 58.03 28.90 -52.13
CA HIS H 16 58.38 27.57 -51.66
C HIS H 16 57.16 26.69 -51.48
N GLY H 17 57.15 25.48 -52.03
CA GLY H 17 55.97 24.65 -51.83
C GLY H 17 56.29 23.19 -51.60
N ARG H 18 55.35 22.39 -52.07
CA ARG H 18 55.49 20.99 -51.96
C ARG H 18 55.31 20.35 -53.32
N ALA H 19 56.03 19.25 -53.54
CA ALA H 19 55.95 18.58 -54.83
C ALA H 19 54.80 17.59 -54.90
N ILE H 20 54.04 17.71 -56.00
CA ILE H 20 52.86 16.93 -56.25
C ILE H 20 52.85 16.35 -57.63
N GLY H 21 53.88 16.69 -58.38
CA GLY H 21 54.03 16.18 -59.73
C GLY H 21 55.31 15.34 -59.83
N ALA H 22 55.93 15.35 -61.01
CA ALA H 22 57.16 14.63 -61.26
C ALA H 22 58.31 15.30 -60.55
N THR H 23 59.44 14.60 -60.46
CA THR H 23 60.62 15.18 -59.84
C THR H 23 61.41 15.86 -60.96
N GLY H 24 62.12 16.92 -60.66
CA GLY H 24 62.83 17.56 -61.72
C GLY H 24 62.51 19.03 -61.76
N SER H 25 62.81 19.64 -62.87
CA SER H 25 62.56 21.06 -62.98
C SER H 25 61.78 21.37 -64.24
N ALA H 26 61.18 22.55 -64.28
CA ALA H 26 60.39 22.98 -65.43
C ALA H 26 60.62 24.45 -65.70
N VAL H 27 60.62 24.84 -66.99
CA VAL H 27 60.83 26.23 -67.34
C VAL H 27 59.98 26.72 -68.50
N GLY H 28 59.25 27.81 -68.25
CA GLY H 28 58.39 28.41 -69.24
C GLY H 28 57.89 29.75 -68.77
N GLU H 29 56.91 30.23 -69.51
CA GLU H 29 56.29 31.46 -69.16
C GLU H 29 55.20 31.03 -68.19
N VAL H 30 55.13 31.80 -67.15
CA VAL H 30 54.20 31.62 -66.08
C VAL H 30 52.96 32.44 -66.32
N VAL H 31 51.80 31.79 -66.26
CA VAL H 31 50.58 32.53 -66.47
C VAL H 31 49.56 32.13 -65.42
N PHE H 32 48.42 32.79 -65.44
CA PHE H 32 47.41 32.44 -64.48
C PHE H 32 46.06 32.30 -65.16
N ASN H 33 45.35 31.24 -64.76
CA ASN H 33 44.03 30.89 -65.26
C ASN H 33 43.05 30.95 -64.08
N THR H 34 41.95 31.65 -64.24
CA THR H 34 40.96 31.82 -63.19
C THR H 34 39.85 30.78 -63.14
N SER H 35 39.91 29.82 -64.05
CA SER H 35 38.91 28.80 -64.11
C SER H 35 38.75 28.05 -62.80
N MET H 36 37.53 28.07 -62.25
CA MET H 36 37.32 27.33 -61.02
C MET H 36 37.05 25.83 -61.30
N THR H 37 36.84 25.49 -62.59
CA THR H 37 36.63 24.14 -63.08
C THR H 37 37.45 23.99 -64.35
N GLY H 38 37.60 22.76 -64.80
CA GLY H 38 38.31 22.45 -66.04
C GLY H 38 39.83 22.49 -66.03
N TYR H 39 40.43 21.96 -64.99
CA TYR H 39 41.89 21.90 -64.87
C TYR H 39 42.47 20.84 -65.80
N GLN H 40 41.80 19.71 -65.98
CA GLN H 40 42.34 18.71 -66.87
C GLN H 40 42.39 19.29 -68.24
N GLU H 41 41.23 19.76 -68.70
CA GLU H 41 41.09 20.37 -70.00
C GLU H 41 42.12 21.45 -70.22
N ILE H 42 42.51 22.06 -69.13
CA ILE H 42 43.49 23.13 -69.22
C ILE H 42 44.91 22.59 -69.40
N LEU H 43 45.27 21.58 -68.61
CA LEU H 43 46.59 21.06 -68.76
C LEU H 43 46.79 20.49 -70.15
N THR H 44 45.88 19.64 -70.59
CA THR H 44 45.97 19.01 -71.88
C THR H 44 45.71 19.88 -73.09
N ASP H 45 45.74 21.18 -72.90
CA ASP H 45 45.51 22.10 -74.02
C ASP H 45 46.82 22.44 -74.71
N PRO H 46 47.03 22.06 -76.02
CA PRO H 46 48.29 22.41 -76.67
C PRO H 46 48.75 23.86 -76.45
N SER H 47 47.80 24.81 -76.52
CA SER H 47 48.07 26.23 -76.32
C SER H 47 48.92 26.52 -75.14
N TYR H 48 49.05 25.58 -74.24
CA TYR H 48 49.86 25.88 -73.07
C TYR H 48 51.30 25.42 -73.13
N SER H 49 51.76 24.97 -74.28
CA SER H 49 53.12 24.52 -74.38
C SER H 49 54.09 25.58 -73.91
N ARG H 50 55.13 25.17 -73.18
CA ARG H 50 56.16 26.09 -72.68
C ARG H 50 55.66 27.12 -71.69
N GLN H 51 54.54 26.78 -71.14
CA GLN H 51 53.94 27.61 -70.16
C GLN H 51 53.76 26.83 -68.90
N ILE H 52 53.98 27.56 -67.83
CA ILE H 52 53.83 27.07 -66.49
C ILE H 52 52.47 27.60 -66.03
N VAL H 53 51.56 26.71 -65.74
CA VAL H 53 50.23 27.07 -65.37
C VAL H 53 49.92 27.22 -63.90
N THR H 54 49.53 28.43 -63.53
CA THR H 54 49.13 28.77 -62.17
C THR H 54 47.61 28.94 -62.12
N LEU H 55 46.94 28.16 -61.27
CA LEU H 55 45.48 28.26 -61.14
C LEU H 55 45.07 29.08 -59.91
N THR H 56 44.16 30.03 -60.15
CA THR H 56 43.69 30.89 -59.08
C THR H 56 42.82 30.16 -58.08
N TYR H 57 41.97 29.28 -58.58
CA TYR H 57 41.13 28.54 -57.67
C TYR H 57 42.00 27.59 -56.83
N PRO H 58 41.96 27.76 -55.50
CA PRO H 58 42.80 27.00 -54.58
C PRO H 58 42.79 25.48 -54.57
N HIS H 59 41.63 24.81 -54.68
CA HIS H 59 41.61 23.33 -54.68
C HIS H 59 41.60 22.83 -56.11
N ILE H 60 42.72 22.23 -56.51
CA ILE H 60 42.87 21.70 -57.83
C ILE H 60 43.00 20.21 -57.73
N GLY H 61 42.03 19.48 -58.27
CA GLY H 61 42.10 18.05 -58.19
C GLY H 61 40.86 17.44 -57.59
N ASN H 62 39.90 18.28 -57.22
CA ASN H 62 38.65 17.84 -56.60
C ASN H 62 37.90 16.72 -57.29
N VAL H 63 37.97 16.64 -58.61
CA VAL H 63 37.26 15.60 -59.33
C VAL H 63 38.17 14.57 -60.00
N GLY H 64 39.42 14.57 -59.61
CA GLY H 64 40.38 13.63 -60.17
C GLY H 64 40.58 13.91 -61.64
N THR H 65 40.67 12.83 -62.42
CA THR H 65 40.86 13.00 -63.83
C THR H 65 40.25 11.87 -64.58
N ASN H 66 40.16 12.13 -65.87
CA ASN H 66 39.64 11.20 -66.80
C ASN H 66 39.95 11.62 -68.25
N ASP H 67 40.07 10.55 -69.03
CA ASP H 67 40.37 10.49 -70.44
C ASP H 67 39.49 11.35 -71.26
N ALA H 68 38.20 11.20 -71.01
CA ALA H 68 37.21 11.95 -71.75
C ALA H 68 37.47 13.43 -71.58
N ASP H 69 38.28 13.80 -70.60
CA ASP H 69 38.53 15.21 -70.41
C ASP H 69 39.90 15.67 -70.89
N GLU H 70 40.44 14.89 -71.81
CA GLU H 70 41.74 15.20 -72.37
C GLU H 70 41.55 15.95 -73.66
N GLU H 71 42.06 17.16 -73.76
CA GLU H 71 41.91 17.97 -74.98
C GLU H 71 42.95 17.74 -76.05
N SER H 72 43.87 16.86 -75.72
CA SER H 72 44.95 16.48 -76.59
C SER H 72 45.46 15.20 -75.99
N SER H 73 46.30 14.49 -76.78
CA SER H 73 46.96 13.22 -76.48
C SER H 73 47.82 13.27 -75.23
N GLN H 74 48.40 14.46 -75.04
CA GLN H 74 49.26 14.67 -73.87
C GLN H 74 49.04 16.00 -73.16
N VAL H 75 49.64 16.11 -71.97
CA VAL H 75 49.57 17.32 -71.16
C VAL H 75 50.56 18.36 -71.65
N HIS H 76 50.15 19.31 -72.48
CA HIS H 76 51.07 20.33 -72.99
C HIS H 76 51.61 21.37 -71.98
N ALA H 77 51.00 21.48 -70.81
CA ALA H 77 51.50 22.47 -69.88
C ALA H 77 52.88 22.17 -69.39
N GLN H 78 53.69 23.22 -69.33
CA GLN H 78 55.05 23.05 -68.86
C GLN H 78 55.12 22.72 -67.38
N GLY H 79 54.36 23.45 -66.60
CA GLY H 79 54.34 23.23 -65.18
C GLY H 79 52.97 23.53 -64.63
N LEU H 80 52.76 23.17 -63.36
CA LEU H 80 51.50 23.39 -62.67
C LEU H 80 51.71 23.97 -61.27
N VAL H 81 51.08 25.12 -61.02
CA VAL H 81 51.17 25.80 -59.73
C VAL H 81 49.82 25.94 -59.01
N ILE H 82 49.66 25.23 -57.92
CA ILE H 82 48.42 25.34 -57.22
C ILE H 82 48.58 25.63 -55.76
N ARG H 83 47.45 26.01 -55.22
CA ARG H 83 47.34 26.35 -53.83
C ARG H 83 47.16 25.12 -52.97
N ASP H 84 46.29 24.21 -53.38
CA ASP H 84 46.06 23.03 -52.60
C ASP H 84 45.60 21.88 -53.42
N LEU H 85 46.26 20.77 -53.12
CA LEU H 85 45.90 19.54 -53.74
C LEU H 85 45.02 18.79 -52.73
N PRO H 86 43.75 18.61 -53.09
CA PRO H 86 42.80 17.93 -52.22
C PRO H 86 43.27 16.53 -51.85
N LEU H 87 42.86 16.08 -50.65
CA LEU H 87 43.21 14.76 -50.14
C LEU H 87 42.76 13.66 -51.11
N ILE H 88 41.50 13.74 -51.52
CA ILE H 88 40.92 12.78 -52.43
C ILE H 88 40.29 13.54 -53.58
N ALA H 89 39.97 12.76 -54.59
CA ALA H 89 39.26 13.21 -55.76
C ALA H 89 37.91 12.56 -55.53
N SER H 90 36.83 13.31 -55.72
CA SER H 90 35.54 12.73 -55.49
C SER H 90 34.57 13.06 -56.62
N ASN H 91 34.54 12.19 -57.60
CA ASN H 91 33.68 12.33 -58.74
C ASN H 91 33.47 10.95 -59.36
N PHE H 92 32.25 10.63 -59.81
CA PHE H 92 31.98 9.33 -60.39
C PHE H 92 32.68 9.16 -61.72
N ARG H 93 33.26 10.23 -62.22
CA ARG H 93 33.95 10.26 -63.51
C ARG H 93 35.45 10.16 -63.43
N ASN H 94 35.96 10.23 -62.21
CA ASN H 94 37.38 10.15 -61.95
C ASN H 94 37.95 8.77 -62.17
N THR H 95 39.10 8.70 -62.87
CA THR H 95 39.78 7.45 -63.18
C THR H 95 41.20 7.48 -62.67
N GLU H 96 41.59 8.60 -62.06
CA GLU H 96 42.93 8.73 -61.53
C GLU H 96 43.15 10.05 -60.86
N ASP H 97 43.58 9.98 -59.62
CA ASP H 97 43.84 11.19 -58.85
C ASP H 97 44.79 12.07 -59.59
N LEU H 98 44.72 13.33 -59.27
CA LEU H 98 45.53 14.30 -59.93
C LEU H 98 47.03 14.11 -59.81
N SER H 99 47.53 13.94 -58.59
CA SER H 99 48.96 13.75 -58.43
C SER H 99 49.48 12.58 -59.26
N SER H 100 48.76 11.47 -59.24
CA SER H 100 49.18 10.32 -60.00
C SER H 100 49.24 10.65 -61.48
N TYR H 101 48.24 11.41 -61.93
CA TYR H 101 48.16 11.81 -63.31
C TYR H 101 49.36 12.65 -63.69
N LEU H 102 49.64 13.62 -62.86
CA LEU H 102 50.76 14.49 -63.07
C LEU H 102 52.01 13.68 -63.15
N LYS H 103 52.15 12.75 -62.24
CA LYS H 103 53.31 11.89 -62.22
C LYS H 103 53.38 11.08 -63.49
N ARG H 104 52.28 10.45 -63.86
CA ARG H 104 52.24 9.64 -65.07
C ARG H 104 52.61 10.43 -66.32
N HIS H 105 52.15 11.66 -66.36
CA HIS H 105 52.43 12.51 -67.49
C HIS H 105 53.76 13.17 -67.33
N ASN H 106 54.47 12.77 -66.29
CA ASN H 106 55.78 13.33 -65.96
C ASN H 106 55.75 14.85 -65.86
N ILE H 107 54.80 15.36 -65.06
CA ILE H 107 54.61 16.80 -64.85
C ILE H 107 55.12 17.32 -63.50
N VAL H 108 56.03 18.31 -63.58
CA VAL H 108 56.61 18.93 -62.39
C VAL H 108 55.62 19.92 -61.88
N ALA H 109 55.10 19.65 -60.71
CA ALA H 109 54.11 20.54 -60.16
C ALA H 109 54.28 20.84 -58.69
N ILE H 110 53.89 22.05 -58.31
CA ILE H 110 54.02 22.50 -56.94
C ILE H 110 52.73 23.00 -56.34
N ALA H 111 52.47 22.52 -55.13
CA ALA H 111 51.28 22.92 -54.40
C ALA H 111 51.67 23.67 -53.15
N ASP H 112 50.67 24.26 -52.53
CA ASP H 112 50.90 24.99 -51.32
C ASP H 112 51.58 26.34 -51.41
N ILE H 113 51.33 27.06 -52.46
CA ILE H 113 51.94 28.35 -52.48
C ILE H 113 50.84 29.40 -52.52
N ASP H 114 51.29 30.64 -52.38
CA ASP H 114 50.41 31.80 -52.42
C ASP H 114 50.22 32.24 -53.87
N THR H 115 49.30 31.50 -54.45
CA THR H 115 48.91 31.67 -55.81
C THR H 115 48.29 33.05 -56.00
N ARG H 116 47.76 33.64 -54.92
CA ARG H 116 47.16 34.96 -55.06
C ARG H 116 48.25 35.99 -55.31
N LYS H 117 49.24 35.85 -54.48
CA LYS H 117 50.41 36.66 -54.53
C LYS H 117 51.11 36.53 -55.87
N LEU H 118 51.07 35.34 -56.43
CA LEU H 118 51.67 35.10 -57.71
C LEU H 118 50.89 35.89 -58.77
N THR H 119 49.59 35.68 -58.70
CA THR H 119 48.63 36.28 -59.60
C THR H 119 48.73 37.81 -59.71
N ARG H 120 48.73 38.40 -58.54
CA ARG H 120 48.78 39.84 -58.39
C ARG H 120 50.03 40.41 -58.98
N LEU H 121 51.08 39.63 -58.80
CA LEU H 121 52.38 39.99 -59.30
C LEU H 121 52.33 40.04 -60.82
N LEU H 122 51.84 38.94 -61.36
CA LEU H 122 51.72 38.77 -62.78
C LEU H 122 50.90 39.90 -63.39
N ARG H 123 49.75 40.12 -62.80
CA ARG H 123 48.89 41.13 -63.29
C ARG H 123 49.52 42.52 -63.25
N GLU H 124 50.21 42.73 -62.16
CA GLU H 124 50.81 44.01 -61.96
C GLU H 124 52.06 44.26 -62.76
N LYS H 125 52.79 43.20 -63.04
CA LYS H 125 54.03 43.33 -63.77
C LYS H 125 54.11 42.72 -65.13
N GLY H 126 53.09 41.94 -65.44
CA GLY H 126 53.02 41.30 -66.74
C GLY H 126 53.58 39.93 -66.60
N ALA H 127 53.49 39.18 -67.69
CA ALA H 127 53.98 37.82 -67.71
C ALA H 127 55.42 37.71 -67.24
N GLN H 128 55.76 36.50 -66.83
CA GLN H 128 57.09 36.24 -66.35
C GLN H 128 57.54 34.82 -66.52
N ASN H 129 58.71 34.70 -67.13
CA ASN H 129 59.29 33.42 -67.33
C ASN H 129 59.64 32.90 -65.96
N GLY H 130 59.59 31.61 -65.81
CA GLY H 130 59.92 31.14 -64.47
C GLY H 130 60.28 29.68 -64.50
N CYS H 131 60.84 29.24 -63.38
CA CYS H 131 61.28 27.86 -63.21
C CYS H 131 60.81 27.17 -61.92
N ILE H 132 60.40 25.90 -62.05
CA ILE H 132 60.00 25.11 -60.92
C ILE H 132 60.97 23.99 -60.72
N ILE H 133 61.36 23.81 -59.49
CA ILE H 133 62.26 22.74 -59.20
C ILE H 133 61.70 21.87 -58.11
N ALA H 134 61.45 20.63 -58.46
CA ALA H 134 60.94 19.68 -57.52
C ALA H 134 61.96 18.57 -57.33
N GLY H 135 62.41 18.42 -56.07
CA GLY H 135 63.39 17.41 -55.68
C GLY H 135 63.76 17.54 -54.22
N ASP H 136 64.89 16.98 -53.86
CA ASP H 136 65.35 17.03 -52.49
C ASP H 136 65.87 18.39 -52.02
N ASN H 137 66.76 19.04 -52.74
CA ASN H 137 67.18 20.33 -52.23
C ASN H 137 67.19 21.31 -53.37
N PRO H 138 65.97 21.73 -53.72
CA PRO H 138 65.82 22.65 -54.82
C PRO H 138 66.74 23.85 -54.62
N ASP H 139 67.51 24.08 -55.68
CA ASP H 139 68.46 25.17 -55.69
C ASP H 139 67.77 26.43 -56.17
N ALA H 140 67.63 27.33 -55.23
CA ALA H 140 67.01 28.60 -55.50
C ALA H 140 67.67 29.27 -56.70
N ALA H 141 69.00 29.35 -56.63
CA ALA H 141 69.82 29.97 -57.66
C ALA H 141 69.76 29.37 -59.04
N LEU H 142 69.81 28.04 -59.07
CA LEU H 142 69.74 27.32 -60.33
C LEU H 142 68.44 27.65 -61.01
N ALA H 143 67.43 27.50 -60.15
CA ALA H 143 66.09 27.79 -60.53
C ALA H 143 66.09 29.22 -61.05
N LEU H 144 66.81 30.12 -60.38
CA LEU H 144 66.81 31.50 -60.85
C LEU H 144 67.47 31.69 -62.21
N GLU H 145 68.51 30.91 -62.46
CA GLU H 145 69.24 30.93 -63.72
C GLU H 145 68.52 30.32 -64.90
N LYS H 146 67.78 29.22 -64.66
CA LYS H 146 67.02 28.59 -65.72
C LYS H 146 65.89 29.50 -66.15
N ALA H 147 65.38 30.20 -65.14
CA ALA H 147 64.30 31.16 -65.27
C ALA H 147 64.65 32.29 -66.20
N ARG H 148 65.81 32.87 -65.97
CA ARG H 148 66.27 33.97 -66.80
C ARG H 148 66.73 33.62 -68.20
N ALA H 149 67.26 32.40 -68.32
CA ALA H 149 67.78 31.85 -69.55
C ALA H 149 66.69 31.49 -70.56
N PHE H 150 65.44 31.35 -70.07
CA PHE H 150 64.34 31.01 -70.94
C PHE H 150 64.27 32.01 -72.09
N PRO H 151 64.34 31.46 -73.30
CA PRO H 151 64.32 32.28 -74.50
C PRO H 151 63.16 33.28 -74.46
N GLY H 152 61.95 32.79 -74.37
CA GLY H 152 60.84 33.71 -74.34
C GLY H 152 59.89 33.48 -75.50
N LEU H 153 58.62 33.52 -75.11
CA LEU H 153 57.54 33.29 -76.00
C LEU H 153 57.44 34.38 -77.03
N ASN H 154 57.94 35.60 -76.75
CA ASN H 154 57.84 36.61 -77.80
C ASN H 154 58.69 36.12 -78.98
N GLY H 155 58.09 35.98 -80.16
CA GLY H 155 58.80 35.52 -81.36
C GLY H 155 59.15 34.05 -81.24
N MET H 156 58.13 33.23 -80.97
CA MET H 156 58.35 31.81 -80.83
C MET H 156 57.32 30.90 -81.54
N ASP H 157 57.69 30.36 -82.69
CA ASP H 157 56.77 29.48 -83.40
C ASP H 157 56.65 28.25 -82.51
N LEU H 158 55.42 28.02 -82.08
CA LEU H 158 55.11 26.90 -81.22
C LEU H 158 54.24 25.87 -81.89
N ALA H 159 53.45 26.35 -82.86
CA ALA H 159 52.55 25.51 -83.62
C ALA H 159 53.35 24.43 -84.34
N LYS H 160 54.53 24.82 -84.75
CA LYS H 160 55.39 23.90 -85.44
C LYS H 160 55.95 22.87 -84.46
N GLU H 161 55.72 23.09 -83.18
CA GLU H 161 56.23 22.14 -82.21
C GLU H 161 55.19 21.17 -81.72
N VAL H 162 53.92 21.47 -82.01
CA VAL H 162 52.80 20.66 -81.53
C VAL H 162 51.89 20.19 -82.60
N THR H 163 52.37 20.44 -83.79
CA THR H 163 51.64 20.05 -84.94
C THR H 163 52.00 18.62 -85.26
N THR H 164 51.00 17.95 -85.83
CA THR H 164 51.04 16.55 -86.24
C THR H 164 52.03 16.17 -87.36
N ALA H 165 52.54 14.94 -87.29
CA ALA H 165 53.45 14.44 -88.29
C ALA H 165 52.76 14.36 -89.65
N GLU H 166 51.74 13.52 -89.75
CA GLU H 166 50.99 13.34 -90.98
C GLU H 166 49.60 13.93 -90.85
N ALA H 167 48.95 14.04 -91.98
CA ALA H 167 47.60 14.53 -91.97
C ALA H 167 46.74 13.30 -91.74
N TYR H 168 45.54 13.49 -91.23
CA TYR H 168 44.64 12.38 -90.99
C TYR H 168 43.22 12.87 -90.92
N SER H 169 42.33 11.92 -90.80
CA SER H 169 40.94 12.26 -90.69
C SER H 169 40.41 12.02 -89.29
N TRP H 170 39.48 12.91 -88.92
CA TRP H 170 38.75 12.98 -87.65
C TRP H 170 37.24 13.06 -87.88
N THR H 171 36.52 12.02 -87.52
CA THR H 171 35.08 12.03 -87.73
C THR H 171 34.30 11.86 -86.44
N GLN H 172 34.96 12.27 -85.37
CA GLN H 172 34.40 12.19 -84.04
C GLN H 172 33.81 13.48 -83.50
N GLY H 173 32.62 13.25 -82.96
CA GLY H 173 31.81 14.26 -82.33
C GLY H 173 32.01 14.36 -80.80
N SER H 174 31.13 15.13 -80.23
CA SER H 174 31.09 15.43 -78.81
C SER H 174 30.70 14.31 -77.88
N TRP H 175 30.84 14.64 -76.60
CA TRP H 175 30.53 13.77 -75.49
C TRP H 175 29.21 14.13 -74.87
N THR H 176 28.56 13.09 -74.36
CA THR H 176 27.30 13.17 -73.65
C THR H 176 27.49 12.52 -72.31
N LEU H 177 26.60 12.83 -71.42
CA LEU H 177 26.73 12.27 -70.11
C LEU H 177 26.30 10.83 -70.19
N THR H 178 25.23 10.64 -70.94
CA THR H 178 24.57 9.37 -71.16
C THR H 178 25.43 8.43 -71.95
N GLY H 179 25.77 8.95 -73.09
CA GLY H 179 26.56 8.23 -74.05
C GLY H 179 28.07 8.33 -73.89
N GLY H 180 28.55 9.43 -73.31
CA GLY H 180 29.99 9.61 -73.23
C GLY H 180 30.53 9.96 -74.65
N LEU H 181 31.79 9.61 -74.94
CA LEU H 181 32.38 9.86 -76.25
C LEU H 181 31.95 8.76 -77.22
N PRO H 182 31.25 9.22 -78.22
CA PRO H 182 30.70 8.43 -79.29
C PRO H 182 31.71 7.89 -80.24
N GLN H 183 31.35 6.75 -80.83
CA GLN H 183 32.22 6.11 -81.81
C GLN H 183 32.42 7.14 -82.93
N ALA H 184 33.60 7.18 -83.54
CA ALA H 184 33.81 8.14 -84.62
C ALA H 184 32.98 7.76 -85.84
N LYS H 185 32.27 8.74 -86.37
CA LYS H 185 31.38 8.64 -87.51
C LYS H 185 32.04 8.30 -88.85
N LYS H 186 31.20 7.71 -89.69
CA LYS H 186 31.60 7.30 -91.00
C LYS H 186 31.69 8.53 -91.88
N GLU H 187 32.66 8.54 -92.78
CA GLU H 187 32.89 9.62 -93.71
C GLU H 187 31.68 9.91 -94.58
N ASP H 188 31.10 8.82 -95.09
CA ASP H 188 29.95 8.83 -95.95
C ASP H 188 28.74 9.49 -95.26
N GLU H 189 28.81 9.57 -93.94
CA GLU H 189 27.79 10.13 -93.06
C GLU H 189 27.90 11.65 -92.84
N LEU H 190 29.09 12.21 -93.04
CA LEU H 190 29.35 13.63 -92.83
C LEU H 190 29.38 14.49 -94.08
N PRO H 191 28.37 15.33 -94.19
CA PRO H 191 28.09 16.28 -95.28
C PRO H 191 29.18 17.25 -95.77
N PHE H 192 29.94 17.87 -94.88
CA PHE H 192 30.95 18.82 -95.29
C PHE H 192 32.37 18.33 -95.06
N HIS H 193 33.24 18.80 -95.97
CA HIS H 193 34.65 18.54 -95.93
C HIS H 193 35.36 19.80 -95.48
N VAL H 194 35.95 19.62 -94.32
CA VAL H 194 36.67 20.67 -93.71
C VAL H 194 38.10 20.20 -93.49
N VAL H 195 38.95 21.07 -94.01
CA VAL H 195 40.37 20.94 -93.92
C VAL H 195 40.77 21.87 -92.79
N ALA H 196 41.39 21.25 -91.81
CA ALA H 196 41.79 22.01 -90.65
C ALA H 196 43.29 21.95 -90.44
N TYR H 197 43.86 23.16 -90.28
CA TYR H 197 45.30 23.32 -90.04
C TYR H 197 45.71 23.16 -88.57
N ASP H 198 46.23 22.02 -88.19
CA ASP H 198 46.62 21.78 -86.81
C ASP H 198 47.73 22.67 -86.25
N PHE H 199 47.40 23.79 -85.66
CA PHE H 199 48.48 24.60 -85.08
C PHE H 199 48.72 24.13 -83.59
N GLY H 200 48.21 22.94 -83.32
CA GLY H 200 48.26 22.35 -82.01
C GLY H 200 46.86 22.54 -81.49
N ALA H 201 45.89 22.03 -82.29
CA ALA H 201 44.46 22.10 -82.04
C ALA H 201 43.98 21.66 -80.65
N LYS H 202 42.69 21.35 -80.56
CA LYS H 202 42.00 20.94 -79.35
C LYS H 202 40.87 20.03 -79.80
N ARG H 203 40.92 18.77 -79.30
CA ARG H 203 39.92 17.74 -79.63
C ARG H 203 38.51 18.30 -79.74
N ASN H 204 38.19 19.14 -78.78
CA ASN H 204 36.87 19.72 -78.71
C ASN H 204 36.43 20.52 -79.93
N ILE H 205 37.38 21.17 -80.57
CA ILE H 205 37.03 21.93 -81.73
C ILE H 205 36.60 21.00 -82.84
N LEU H 206 37.50 20.07 -83.13
CA LEU H 206 37.30 19.08 -84.16
C LEU H 206 35.96 18.45 -83.97
N ARG H 207 35.77 18.05 -82.74
CA ARG H 207 34.55 17.41 -82.31
C ARG H 207 33.27 18.21 -82.56
N MET H 208 33.33 19.48 -82.20
CA MET H 208 32.18 20.37 -82.35
C MET H 208 31.82 20.74 -83.80
N LEU H 209 32.78 20.47 -84.70
CA LEU H 209 32.66 20.71 -86.14
C LEU H 209 31.86 19.57 -86.71
N VAL H 210 32.29 18.34 -86.37
CA VAL H 210 31.62 17.15 -86.80
C VAL H 210 30.19 17.17 -86.30
N ASP H 211 30.00 17.74 -85.08
CA ASP H 211 28.67 17.85 -84.49
C ASP H 211 27.74 18.52 -85.45
N ARG H 212 28.37 19.36 -86.31
CA ARG H 212 27.70 20.13 -87.38
C ARG H 212 27.89 19.61 -88.81
N GLY H 213 28.32 18.37 -88.99
CA GLY H 213 28.45 17.81 -90.32
C GLY H 213 29.79 18.02 -91.01
N CYS H 214 30.85 18.07 -90.23
CA CYS H 214 32.11 18.29 -90.86
C CYS H 214 33.05 17.14 -90.74
N ARG H 215 33.24 16.47 -91.85
CA ARG H 215 34.23 15.43 -91.87
C ARG H 215 35.47 16.30 -92.03
N LEU H 216 36.50 16.05 -91.22
CA LEU H 216 37.71 16.86 -91.30
C LEU H 216 38.94 16.08 -91.66
N THR H 217 39.81 16.88 -92.22
CA THR H 217 41.10 16.48 -92.67
C THR H 217 42.04 17.47 -91.92
N ILE H 218 42.80 16.90 -90.97
CA ILE H 218 43.74 17.63 -90.11
C ILE H 218 45.06 17.68 -90.79
N VAL H 219 45.61 18.88 -90.92
CA VAL H 219 46.86 18.98 -91.63
C VAL H 219 47.91 19.64 -90.79
N PRO H 220 49.19 19.30 -91.09
CA PRO H 220 50.31 19.86 -90.39
C PRO H 220 50.26 21.35 -90.57
N ALA H 221 50.90 22.05 -89.68
CA ALA H 221 50.92 23.48 -89.77
C ALA H 221 51.56 24.01 -91.08
N GLN H 222 52.59 23.31 -91.54
CA GLN H 222 53.28 23.71 -92.76
C GLN H 222 52.65 23.29 -94.09
N THR H 223 51.46 22.69 -94.03
CA THR H 223 50.79 22.28 -95.23
C THR H 223 50.64 23.54 -96.07
N SER H 224 50.75 23.42 -97.39
CA SER H 224 50.66 24.59 -98.28
C SER H 224 49.27 24.72 -98.79
N ALA H 225 48.85 25.99 -99.03
CA ALA H 225 47.54 26.32 -99.59
C ALA H 225 47.38 25.80 -101.09
N GLU H 226 48.41 24.89 -101.44
CA GLU H 226 48.37 24.39 -102.73
C GLU H 226 47.86 22.98 -102.69
N ASP H 227 48.56 22.14 -101.90
CA ASP H 227 48.15 20.76 -101.78
C ASP H 227 47.01 20.65 -100.80
N VAL H 228 46.48 21.84 -100.56
CA VAL H 228 45.39 22.09 -99.67
C VAL H 228 44.20 22.46 -100.53
N LEU H 229 44.51 23.25 -101.54
CA LEU H 229 43.54 23.68 -102.52
C LEU H 229 43.22 22.46 -103.38
N LYS H 230 44.08 21.44 -103.22
CA LYS H 230 43.95 20.19 -103.96
C LYS H 230 42.75 19.41 -103.46
N MET H 231 42.42 19.58 -102.18
CA MET H 231 41.31 18.82 -101.61
C MET H 231 39.90 19.32 -101.87
N ASN H 232 39.74 20.44 -102.57
CA ASN H 232 38.43 21.00 -102.83
C ASN H 232 37.65 21.11 -101.54
N PRO H 233 38.31 21.79 -100.59
CA PRO H 233 37.80 22.02 -99.25
C PRO H 233 36.46 22.72 -99.20
N ASP H 234 35.51 22.05 -98.53
CA ASP H 234 34.18 22.63 -98.37
C ASP H 234 34.38 23.93 -97.53
N GLY H 235 35.45 23.96 -96.74
CA GLY H 235 35.84 25.08 -95.89
C GLY H 235 37.21 24.82 -95.23
N ILE H 236 37.91 25.92 -94.91
CA ILE H 236 39.24 25.89 -94.28
C ILE H 236 39.19 26.29 -92.81
N PHE H 237 39.75 25.44 -91.95
CA PHE H 237 39.75 25.76 -90.54
C PHE H 237 41.17 25.96 -89.98
N LEU H 238 41.32 27.06 -89.24
CA LEU H 238 42.59 27.41 -88.60
C LEU H 238 42.46 27.40 -87.09
N SER H 239 43.03 26.35 -86.49
CA SER H 239 43.02 26.11 -85.06
C SER H 239 43.76 27.11 -84.17
N ASN H 240 43.62 26.82 -82.89
CA ASN H 240 44.28 27.54 -81.82
C ASN H 240 45.68 26.92 -81.76
N GLY H 241 46.47 27.26 -80.76
CA GLY H 241 47.79 26.67 -80.68
C GLY H 241 48.70 27.59 -79.90
N PRO H 242 49.82 27.05 -79.38
CA PRO H 242 50.80 27.80 -78.59
C PRO H 242 51.61 28.87 -79.31
N GLY H 243 52.46 29.57 -78.54
CA GLY H 243 53.41 30.66 -78.89
C GLY H 243 52.99 31.81 -79.84
N ASP H 244 54.01 32.56 -80.34
CA ASP H 244 53.83 33.71 -81.26
C ASP H 244 53.42 33.28 -82.67
N PRO H 245 52.28 33.83 -83.14
CA PRO H 245 51.74 33.55 -84.45
C PRO H 245 52.48 34.36 -85.49
N ALA H 246 53.18 35.38 -85.00
CA ALA H 246 53.96 36.31 -85.80
C ALA H 246 54.93 35.58 -86.73
N PRO H 247 55.79 34.76 -86.17
CA PRO H 247 56.74 34.00 -86.97
C PRO H 247 56.14 33.01 -87.98
N CYS H 248 54.97 32.45 -87.65
CA CYS H 248 54.26 31.48 -88.48
C CYS H 248 54.04 31.98 -89.89
N ASP H 249 55.18 32.00 -90.53
CA ASP H 249 55.43 32.47 -91.89
C ASP H 249 54.56 31.78 -92.92
N TYR H 250 54.83 30.48 -92.94
CA TYR H 250 54.26 29.50 -93.82
C TYR H 250 52.75 29.54 -93.80
N ALA H 251 52.22 29.64 -92.60
CA ALA H 251 50.79 29.70 -92.35
C ALA H 251 50.14 30.96 -92.93
N ILE H 252 50.79 32.11 -92.73
CA ILE H 252 50.28 33.38 -93.25
C ILE H 252 50.21 33.35 -94.77
N THR H 253 51.31 32.90 -95.34
CA THR H 253 51.44 32.77 -96.76
C THR H 253 50.28 31.92 -97.25
N ALA H 254 50.28 30.67 -96.76
CA ALA H 254 49.27 29.67 -97.08
C ALA H 254 47.86 30.29 -97.08
N ILE H 255 47.57 30.90 -95.95
CA ILE H 255 46.31 31.55 -95.74
C ILE H 255 46.03 32.61 -96.79
N GLN H 256 47.01 33.48 -96.97
CA GLN H 256 46.94 34.57 -97.94
C GLN H 256 46.35 34.13 -99.30
N LYS H 257 46.68 32.89 -99.72
CA LYS H 257 46.20 32.32 -100.97
C LYS H 257 44.79 31.90 -100.86
N PHE H 258 44.48 31.41 -99.66
CA PHE H 258 43.14 30.98 -99.44
C PHE H 258 42.27 32.24 -99.56
N LEU H 259 42.90 33.34 -99.16
CA LEU H 259 42.24 34.63 -99.23
C LEU H 259 42.18 35.19 -100.65
N GLU H 260 42.39 34.27 -101.60
CA GLU H 260 42.36 34.57 -103.01
C GLU H 260 41.17 33.89 -103.63
N THR H 261 40.86 32.68 -103.13
CA THR H 261 39.71 31.96 -103.64
C THR H 261 38.48 32.35 -102.86
N ASP H 262 37.36 31.76 -103.26
CA ASP H 262 36.12 32.07 -102.58
C ASP H 262 35.82 31.08 -101.42
N ILE H 263 36.79 30.17 -101.11
CA ILE H 263 36.62 29.18 -100.01
C ILE H 263 36.40 29.91 -98.67
N PRO H 264 35.38 29.48 -97.87
CA PRO H 264 35.08 30.06 -96.56
C PRO H 264 36.20 29.73 -95.55
N VAL H 265 36.66 30.73 -94.77
CA VAL H 265 37.73 30.57 -93.77
C VAL H 265 37.30 30.86 -92.33
N PHE H 266 37.66 29.93 -91.47
CA PHE H 266 37.34 29.98 -90.07
C PHE H 266 38.56 29.67 -89.20
N GLY H 267 38.91 30.66 -88.39
CA GLY H 267 40.05 30.50 -87.54
C GLY H 267 39.76 30.84 -86.09
N ILE H 268 40.21 29.95 -85.22
CA ILE H 268 40.04 30.11 -83.79
C ILE H 268 41.37 30.35 -83.08
N CYS H 269 41.33 31.30 -82.16
CA CYS H 269 42.46 31.66 -81.34
C CYS H 269 43.79 31.96 -82.07
N LEU H 270 44.65 30.95 -82.22
CA LEU H 270 45.88 31.22 -82.92
C LEU H 270 45.51 31.53 -84.34
N GLY H 271 44.67 30.62 -84.88
CA GLY H 271 44.14 30.70 -86.22
C GLY H 271 43.54 32.06 -86.47
N HIS H 272 43.12 32.69 -85.39
CA HIS H 272 42.53 34.01 -85.49
C HIS H 272 43.56 35.09 -85.73
N GLN H 273 44.72 34.89 -85.14
CA GLN H 273 45.73 35.91 -85.35
C GLN H 273 46.37 35.76 -86.72
N LEU H 274 46.43 34.53 -87.18
CA LEU H 274 47.00 34.30 -88.47
C LEU H 274 46.22 35.10 -89.49
N LEU H 275 44.94 34.77 -89.64
CA LEU H 275 44.03 35.42 -90.58
C LEU H 275 44.18 36.91 -90.54
N ALA H 276 44.44 37.39 -89.36
CA ALA H 276 44.61 38.82 -89.20
C ALA H 276 45.91 39.28 -89.82
N LEU H 277 46.90 38.41 -89.83
CA LEU H 277 48.19 38.72 -90.41
C LEU H 277 48.14 38.54 -91.90
N ALA H 278 47.58 37.39 -92.33
CA ALA H 278 47.42 37.07 -93.72
C ALA H 278 46.58 38.15 -94.36
N SER H 279 45.71 38.69 -93.54
CA SER H 279 44.80 39.75 -93.95
C SER H 279 45.50 41.08 -94.03
N GLY H 280 46.51 41.30 -93.14
CA GLY H 280 47.28 42.54 -93.16
C GLY H 280 47.57 43.24 -91.87
N ALA H 281 46.86 42.81 -90.84
CA ALA H 281 47.01 43.43 -89.54
C ALA H 281 48.26 43.04 -88.81
N LYS H 282 48.37 43.53 -87.60
CA LYS H 282 49.52 43.20 -86.81
C LYS H 282 49.09 42.82 -85.41
N THR H 283 49.87 41.89 -84.84
CA THR H 283 49.65 41.37 -83.50
C THR H 283 50.61 42.04 -82.54
N VAL H 284 50.35 41.73 -81.26
CA VAL H 284 51.09 42.19 -80.09
C VAL H 284 50.95 41.20 -78.96
N LYS H 285 51.99 41.14 -78.16
CA LYS H 285 51.98 40.26 -77.02
C LYS H 285 51.30 40.98 -75.88
N MET H 286 50.36 40.28 -75.27
CA MET H 286 49.62 40.82 -74.16
C MET H 286 50.48 40.86 -72.91
N LYS H 287 50.15 41.81 -72.05
CA LYS H 287 50.82 42.01 -70.78
C LYS H 287 50.80 40.74 -69.91
N PHE H 288 49.62 40.07 -69.89
CA PHE H 288 49.35 38.80 -69.15
C PHE H 288 48.32 37.92 -69.84
N GLY H 289 47.70 38.49 -70.89
CA GLY H 289 46.70 37.79 -71.69
C GLY H 289 45.37 37.49 -71.03
N HIS H 290 44.74 36.47 -71.58
CA HIS H 290 43.47 36.01 -71.13
C HIS H 290 43.49 34.53 -70.85
N HIS H 291 43.42 34.24 -69.57
CA HIS H 291 43.41 32.88 -69.15
C HIS H 291 42.32 32.66 -68.10
N GLY H 292 41.12 32.22 -68.53
CA GLY H 292 40.00 31.96 -67.65
C GLY H 292 38.77 31.47 -68.39
N GLY H 293 37.64 31.35 -67.65
CA GLY H 293 36.38 30.88 -68.24
C GLY H 293 35.21 31.77 -67.86
N ASN H 294 35.51 33.03 -67.56
CA ASN H 294 34.47 33.98 -67.18
C ASN H 294 34.53 35.28 -67.99
N HIS H 295 35.29 35.31 -69.10
CA HIS H 295 35.47 36.50 -69.93
C HIS H 295 34.26 36.91 -70.81
N PRO H 296 33.80 38.12 -70.57
CA PRO H 296 32.68 38.70 -71.27
C PRO H 296 33.15 39.35 -72.56
N VAL H 297 32.48 39.05 -73.63
CA VAL H 297 32.84 39.61 -74.91
C VAL H 297 31.56 40.04 -75.55
N LYS H 298 31.62 41.04 -76.38
CA LYS H 298 30.40 41.47 -77.01
C LYS H 298 30.37 41.40 -78.53
N ASP H 299 29.27 40.85 -79.09
CA ASP H 299 29.01 40.81 -80.52
C ASP H 299 28.61 42.26 -80.65
N VAL H 300 29.43 43.12 -81.29
CA VAL H 300 29.05 44.58 -81.40
C VAL H 300 27.91 44.86 -82.36
N GLU H 301 27.80 43.94 -83.31
CA GLU H 301 26.81 43.92 -84.34
C GLU H 301 25.50 43.77 -83.61
N LYS H 302 25.38 42.60 -82.95
CA LYS H 302 24.21 42.22 -82.20
C LYS H 302 24.06 42.97 -80.83
N ASN H 303 25.16 43.55 -80.31
CA ASN H 303 25.16 44.25 -79.02
C ASN H 303 24.81 43.31 -77.86
N VAL H 304 25.21 42.03 -78.02
CA VAL H 304 24.95 41.02 -77.01
C VAL H 304 26.24 40.65 -76.33
N VAL H 305 26.13 39.89 -75.24
CA VAL H 305 27.31 39.47 -74.52
C VAL H 305 27.36 37.96 -74.33
N MET H 306 28.59 37.51 -74.22
CA MET H 306 28.90 36.12 -74.04
C MET H 306 29.99 36.02 -73.01
N ILE H 307 29.89 35.00 -72.17
CA ILE H 307 30.89 34.74 -71.17
C ILE H 307 31.67 33.72 -71.91
N THR H 308 32.98 33.92 -71.96
CA THR H 308 33.75 32.99 -72.75
C THR H 308 35.03 32.51 -72.14
N ALA H 309 35.48 31.43 -72.75
CA ALA H 309 36.72 30.77 -72.42
C ALA H 309 37.85 31.46 -73.22
N GLN H 310 38.83 31.98 -72.47
CA GLN H 310 40.01 32.67 -73.00
C GLN H 310 41.35 32.03 -72.60
N ASN H 311 42.23 31.86 -73.56
CA ASN H 311 43.57 31.34 -73.36
C ASN H 311 44.42 31.90 -74.50
N HIS H 312 45.05 33.05 -74.22
CA HIS H 312 45.88 33.77 -75.18
C HIS H 312 46.68 34.88 -74.54
N GLY H 313 47.89 35.07 -75.07
CA GLY H 313 48.75 36.11 -74.58
C GLY H 313 49.12 37.10 -75.65
N PHE H 314 48.68 36.86 -76.87
CA PHE H 314 48.94 37.76 -77.99
C PHE H 314 47.66 38.27 -78.55
N ALA H 315 47.70 39.51 -79.03
CA ALA H 315 46.49 40.10 -79.55
C ALA H 315 46.64 40.80 -80.89
N VAL H 316 45.50 40.96 -81.61
CA VAL H 316 45.45 41.64 -82.88
C VAL H 316 45.11 43.07 -82.59
N ASP H 317 46.14 43.91 -82.78
CA ASP H 317 46.04 45.31 -82.59
C ASP H 317 44.87 45.77 -83.46
N GLU H 318 43.95 46.45 -82.78
CA GLU H 318 42.77 46.94 -83.41
C GLU H 318 43.10 47.94 -84.50
N ALA H 319 44.03 48.82 -84.18
CA ALA H 319 44.44 49.86 -85.12
C ALA H 319 45.34 49.50 -86.32
N THR H 320 45.25 48.29 -86.87
CA THR H 320 46.10 47.94 -87.99
C THR H 320 45.35 46.95 -88.86
N LEU H 321 44.04 47.13 -88.86
CA LEU H 321 43.19 46.26 -89.61
C LEU H 321 43.07 46.77 -90.98
N PRO H 322 43.50 45.90 -91.93
CA PRO H 322 43.44 46.23 -93.30
C PRO H 322 41.89 46.51 -93.37
N ALA H 323 41.54 47.74 -93.83
CA ALA H 323 40.15 48.29 -93.98
C ALA H 323 39.11 47.19 -94.32
N ASN H 324 39.66 46.17 -95.00
CA ASN H 324 38.94 44.91 -95.41
C ASN H 324 38.73 44.04 -94.12
N LEU H 325 38.99 44.54 -92.88
CA LEU H 325 38.83 43.79 -91.60
C LEU H 325 37.94 44.58 -90.62
N ARG H 326 36.68 44.15 -90.47
CA ARG H 326 35.79 44.85 -89.54
C ARG H 326 35.82 44.24 -88.16
N VAL H 327 35.61 45.07 -87.16
CA VAL H 327 35.60 44.58 -85.78
C VAL H 327 34.23 44.00 -85.46
N THR H 328 34.25 42.83 -84.85
CA THR H 328 32.99 42.16 -84.56
C THR H 328 32.70 41.82 -83.11
N HIS H 329 33.75 41.50 -82.42
CA HIS H 329 33.61 41.09 -81.07
C HIS H 329 34.75 41.72 -80.41
N LYS H 330 34.44 42.20 -79.23
CA LYS H 330 35.41 42.91 -78.41
C LYS H 330 35.32 42.57 -76.90
N SER H 331 36.49 42.45 -76.28
CA SER H 331 36.57 42.13 -74.86
C SER H 331 35.96 43.17 -73.94
N LEU H 332 34.97 42.79 -73.15
CA LEU H 332 34.32 43.72 -72.23
C LEU H 332 35.17 44.00 -71.00
N PHE H 333 36.22 43.19 -70.87
CA PHE H 333 37.11 43.33 -69.74
C PHE H 333 38.17 44.37 -69.95
N ASP H 334 38.76 44.36 -71.14
CA ASP H 334 39.82 45.27 -71.50
C ASP H 334 39.62 46.01 -72.84
N GLY H 335 38.63 45.60 -73.62
CA GLY H 335 38.44 46.32 -74.87
C GLY H 335 39.36 45.88 -75.99
N THR H 336 39.87 44.65 -75.88
CA THR H 336 40.75 44.06 -76.87
C THR H 336 39.97 43.40 -77.99
N LEU H 337 40.56 43.34 -79.20
CA LEU H 337 39.91 42.71 -80.34
C LEU H 337 39.58 41.30 -79.91
N GLN H 338 38.37 40.82 -80.29
CA GLN H 338 37.91 39.49 -79.95
C GLN H 338 37.49 38.71 -81.17
N GLY H 339 37.11 39.46 -82.17
CA GLY H 339 36.70 38.83 -83.39
C GLY H 339 36.76 39.83 -84.52
N ILE H 340 36.77 39.26 -85.71
CA ILE H 340 36.83 40.01 -86.94
C ILE H 340 36.23 39.25 -88.09
N HIS H 341 35.82 40.03 -89.07
CA HIS H 341 35.24 39.51 -90.29
C HIS H 341 35.76 40.27 -91.49
N ARG H 342 36.12 39.52 -92.52
CA ARG H 342 36.60 40.07 -93.78
C ARG H 342 35.40 40.66 -94.54
N THR H 343 35.55 41.94 -94.90
CA THR H 343 34.53 42.68 -95.66
C THR H 343 34.42 42.09 -97.04
N ASP H 344 35.64 41.92 -97.54
CA ASP H 344 35.91 41.40 -98.83
C ASP H 344 35.50 39.96 -99.09
N LYS H 345 35.70 39.07 -98.09
CA LYS H 345 35.39 37.66 -98.25
C LYS H 345 34.86 36.91 -97.04
N PRO H 346 34.38 35.64 -97.30
CA PRO H 346 33.84 34.76 -96.26
C PRO H 346 34.94 34.35 -95.27
N ALA H 347 35.57 35.37 -94.72
CA ALA H 347 36.65 35.19 -93.76
C ALA H 347 36.30 35.85 -92.41
N PHE H 348 36.27 34.99 -91.38
CA PHE H 348 35.93 35.32 -90.01
C PHE H 348 36.70 34.50 -88.94
N SER H 349 37.02 35.18 -87.83
CA SER H 349 37.73 34.54 -86.71
C SER H 349 37.33 35.15 -85.34
N PHE H 350 37.68 34.41 -84.28
CA PHE H 350 37.40 34.76 -82.90
C PHE H 350 38.60 34.52 -81.97
N GLN H 351 38.83 35.44 -81.05
CA GLN H 351 39.95 35.34 -80.11
C GLN H 351 39.69 34.39 -78.91
N GLY H 352 38.43 34.24 -78.52
CA GLY H 352 38.07 33.38 -77.41
C GLY H 352 37.99 31.97 -77.93
N HIS H 353 37.32 31.08 -77.17
CA HIS H 353 37.18 29.66 -77.54
C HIS H 353 35.72 29.22 -77.60
N PRO H 354 35.12 29.28 -78.78
CA PRO H 354 33.75 28.90 -78.94
C PRO H 354 33.50 27.48 -78.46
N GLU H 355 34.45 26.59 -78.74
CA GLU H 355 34.35 25.18 -78.34
C GLU H 355 34.61 25.02 -76.84
N ALA H 356 35.18 26.07 -76.27
CA ALA H 356 35.54 26.13 -74.85
C ALA H 356 36.36 24.88 -74.48
N SER H 357 35.66 24.04 -73.80
CA SER H 357 36.05 22.71 -73.25
C SER H 357 36.32 22.84 -71.80
N PRO H 358 37.24 23.46 -71.06
CA PRO H 358 36.75 23.86 -69.76
C PRO H 358 36.02 25.21 -70.02
N GLY H 359 34.70 25.41 -69.78
CA GLY H 359 34.13 26.79 -70.00
C GLY H 359 32.76 26.89 -70.69
N PRO H 360 32.16 28.10 -70.65
CA PRO H 360 30.86 28.44 -71.23
C PRO H 360 30.66 28.20 -72.73
N HIS H 361 29.56 27.49 -72.99
CA HIS H 361 29.11 27.10 -74.31
C HIS H 361 28.61 28.32 -75.04
N ASP H 362 28.66 29.44 -74.33
CA ASP H 362 28.21 30.73 -74.85
C ASP H 362 28.71 31.12 -76.25
N ALA H 363 29.83 30.56 -76.73
CA ALA H 363 30.26 30.97 -78.05
C ALA H 363 30.12 29.99 -79.19
N ALA H 364 29.53 28.86 -78.86
CA ALA H 364 29.25 27.78 -79.75
C ALA H 364 28.72 28.20 -81.14
N PRO H 365 27.71 29.09 -81.19
CA PRO H 365 27.05 29.54 -82.42
C PRO H 365 27.95 30.06 -83.50
N LEU H 366 29.12 30.51 -83.07
CA LEU H 366 30.09 31.03 -83.98
C LEU H 366 30.39 30.00 -85.07
N PHE H 367 30.37 28.74 -84.68
CA PHE H 367 30.61 27.62 -85.57
C PHE H 367 29.57 27.59 -86.66
N ASP H 368 28.39 28.08 -86.29
CA ASP H 368 27.26 28.12 -87.17
C ASP H 368 27.48 29.05 -88.38
N HIS H 369 28.21 30.13 -88.14
CA HIS H 369 28.54 31.08 -89.18
C HIS H 369 29.40 30.43 -90.29
N PHE H 370 30.32 29.63 -89.81
CA PHE H 370 31.22 28.92 -90.66
C PHE H 370 30.39 28.08 -91.63
N ILE H 371 29.57 27.25 -90.98
CA ILE H 371 28.67 26.33 -91.65
C ILE H 371 27.81 27.05 -92.67
N GLU H 372 27.60 28.29 -92.30
CA GLU H 372 26.82 29.18 -93.07
C GLU H 372 27.50 29.59 -94.35
N LEU H 373 28.77 29.97 -94.17
CA LEU H 373 29.60 30.38 -95.26
C LEU H 373 29.90 29.17 -96.10
N ILE H 374 29.95 28.01 -95.44
CA ILE H 374 30.24 26.77 -96.16
C ILE H 374 29.15 26.46 -97.14
N GLU H 375 27.91 26.39 -96.61
CA GLU H 375 26.73 26.08 -97.40
C GLU H 375 26.40 27.09 -98.49
N GLN H 376 26.87 28.29 -98.24
CA GLN H 376 26.71 29.38 -99.16
C GLN H 376 27.70 29.16 -100.32
N TYR H 377 28.74 28.35 -100.02
CA TYR H 377 29.85 27.93 -100.88
C TYR H 377 29.52 26.73 -101.74
N ARG H 378 28.89 25.71 -101.11
CA ARG H 378 28.47 24.46 -101.76
C ARG H 378 27.33 24.69 -102.77
N LYS H 379 26.51 25.74 -102.53
CA LYS H 379 25.38 26.07 -103.43
C LYS H 379 25.85 26.51 -104.80
N THR H 380 27.13 26.93 -104.75
CA THR H 380 27.95 27.41 -105.85
C THR H 380 29.26 26.60 -105.98
MN MN I . -51.78 25.42 20.77
MN MN J . -50.69 22.56 22.70
K K K . -47.16 15.24 27.40
K K L . -52.52 29.01 21.63
K K M . -53.70 20.41 23.36
MN MN N . -50.47 0.77 -5.73
K K O . -51.48 -1.95 -3.05
K K P . -47.08 8.30 -10.51
K K Q . -73.09 40.92 9.24
CL CL R . -49.70 25.65 12.70
CL CL S . -41.75 24.32 42.08
CL CL T . -35.57 15.04 11.22
P PO4 U . -52.50 22.22 20.01
O1 PO4 U . -52.46 23.69 19.87
O2 PO4 U . -53.89 21.86 19.73
O3 PO4 U . -52.22 21.95 21.46
O4 PO4 U . -51.52 21.52 19.17
PB ADP V . -48.74 24.11 20.65
O1B ADP V . -49.49 22.77 20.95
O2B ADP V . -47.91 24.08 19.40
O3B ADP V . -49.67 25.31 20.69
PA ADP V . -47.90 24.24 23.41
O1A ADP V . -49.11 23.39 23.70
O2A ADP V . -47.93 25.46 24.21
O3A ADP V . -47.77 24.56 21.88
O5' ADP V . -46.53 23.42 23.65
C5' ADP V . -46.41 22.07 23.17
C4' ADP V . -45.88 21.14 24.23
O4' ADP V . -44.59 21.65 24.69
C3' ADP V . -46.71 20.97 25.53
O3' ADP V . -47.89 20.09 25.25
C2' ADP V . -45.61 20.43 26.44
O2' ADP V . -45.32 18.99 26.34
C1' ADP V . -44.37 21.18 26.00
N9 ADP V . -44.03 22.31 26.85
C8 ADP V . -44.61 23.56 26.89
N7 ADP V . -44.00 24.42 27.70
C5 ADP V . -42.99 23.65 28.27
C6 ADP V . -42.01 23.96 29.26
N6 ADP V . -41.82 25.15 29.87
N1 ADP V . -41.17 22.96 29.57
C2 ADP V . -41.32 21.75 28.95
N3 ADP V . -42.20 21.37 28.08
C4 ADP V . -43.02 22.36 27.77
PB ADP W . -48.46 -0.49 -3.40
O1B ADP W . -47.67 0.39 -2.49
O2B ADP W . -48.92 -1.74 -2.70
O3B ADP W . -49.69 0.23 -3.88
PA ADP W . -47.53 -0.79 -6.10
O1A ADP W . -47.50 -2.09 -6.79
O2A ADP W . -48.77 -0.06 -6.50
O3A ADP W . -47.40 -0.90 -4.57
O5' ADP W . -46.25 0.13 -6.40
C5' ADP W . -46.17 1.46 -5.87
C4' ADP W . -45.78 2.47 -6.93
O4' ADP W . -44.48 2.15 -7.52
C3' ADP W . -46.73 2.71 -8.10
O3' ADP W . -47.80 3.67 -7.68
C2' ADP W . -45.75 3.17 -9.18
O2' ADP W . -45.38 4.59 -9.29
C1' ADP W . -44.50 2.39 -8.87
N9 ADP W . -44.36 1.14 -9.64
C8 ADP W . -44.58 -0.13 -9.21
N7 ADP W . -44.13 -1.07 -10.07
C5 ADP W . -43.71 -0.34 -11.15
C6 ADP W . -43.15 -0.74 -12.37
N6 ADP W . -42.93 -2.02 -12.69
N1 ADP W . -42.82 0.24 -13.26
C2 ADP W . -43.03 1.54 -12.89
N3 ADP W . -43.51 2.00 -11.78
C4 ADP W . -43.88 1.02 -10.93
N ORN X . -43.29 19.63 -5.40
CA ORN X . -43.22 18.21 -5.11
CB ORN X . -44.45 17.56 -5.66
CG ORN X . -45.41 17.06 -4.64
CD ORN X . -45.94 15.69 -5.03
NE ORN X . -47.09 15.74 -6.00
C ORN X . -42.11 17.58 -5.89
O ORN X . -42.15 17.67 -7.18
OXT ORN X . -41.20 16.97 -5.28
P IMP Y . -25.61 18.68 -13.96
O1P IMP Y . -26.45 19.88 -14.28
O2P IMP Y . -24.18 19.04 -13.89
O3P IMP Y . -25.85 17.65 -14.96
O5' IMP Y . -26.18 17.97 -12.61
C5' IMP Y . -27.58 18.00 -12.22
C4' IMP Y . -27.71 17.10 -11.04
O4' IMP Y . -26.93 17.66 -9.95
C3' IMP Y . -29.10 16.80 -10.48
O3' IMP Y . -29.43 15.37 -10.69
C2' IMP Y . -29.06 17.40 -9.06
O2' IMP Y . -29.80 16.69 -8.02
C1' IMP Y . -27.57 17.41 -8.77
N9 IMP Y . -27.10 18.46 -7.84
C8 IMP Y . -27.52 19.75 -7.74
N7 IMP Y . -26.87 20.42 -6.78
C5 IMP Y . -26.00 19.49 -6.24
C6 IMP Y . -25.04 19.62 -5.21
O6 IMP Y . -24.85 20.76 -4.54
N1 IMP Y . -24.33 18.48 -4.91
C2 IMP Y . -24.58 17.34 -5.65
N3 IMP Y . -25.43 17.14 -6.61
C4 IMP Y . -26.12 18.27 -6.89
N1 NET Z . -50.76 25.04 7.88
C1 NET Z . -50.69 26.19 8.94
C2 NET Z . -52.07 26.77 9.10
C3 NET Z . -51.56 23.83 8.43
C4 NET Z . -51.22 23.51 9.84
C5 NET Z . -49.30 24.65 7.51
C6 NET Z . -49.28 23.60 6.40
C7 NET Z . -51.54 25.47 6.59
C8 NET Z . -50.81 26.57 5.81
N ORN AA . -83.03 3.28 27.49
CA ORN AA . -82.22 2.19 28.02
CB ORN AA . -81.11 1.77 27.04
CG ORN AA . -81.42 0.52 26.21
CD ORN AA . -80.23 -0.40 26.05
NE ORN AA . -78.98 0.17 26.72
C ORN AA . -81.61 2.57 29.36
O ORN AA . -80.92 3.64 29.48
OXT ORN AA . -81.80 1.83 30.37
K K BA . -66.65 -9.27 40.65
MN MN CA . 53.60 -22.66 -19.20
MN MN DA . 52.07 -20.40 -21.64
K K EA . 47.58 -14.35 -27.24
K K FA . 57.00 -22.72 -17.54
K K GA . 52.42 -21.87 -25.01
MN MN HA . 21.97 -39.86 -23.11
K K IA . 21.59 -38.62 -27.16
K K JA . 23.21 -41.10 -13.69
K K KA . 69.02 -46.02 -13.77
CL CL LA . 48.50 -26.94 -14.05
CL CL MA . 58.89 -0.44 -25.15
CL CL NA . 33.56 -17.77 -13.44
P PO4 OA . 51.38 -23.53 -21.51
O1 PO4 OA . 52.25 -23.70 -20.32
O2 PO4 OA . 51.70 -24.61 -22.43
O3 PO4 OA . 51.79 -22.27 -22.17
O4 PO4 OA . 49.96 -23.54 -21.25
PB ADP PA . 51.24 -20.66 -18.45
O1B ADP PA . 50.86 -20.94 -19.87
O2B ADP PA . 50.08 -20.90 -17.57
O3B ADP PA . 52.46 -21.43 -18.01
PA ADP PA . 52.25 -18.04 -19.26
O1A ADP PA . 52.43 -18.59 -20.63
O2A ADP PA . 53.51 -17.52 -18.74
O3A ADP PA . 51.72 -19.12 -18.28
O5' ADP PA . 51.23 -16.85 -19.39
C5' ADP PA . 49.92 -17.11 -19.95
C4' ADP PA . 49.53 -15.95 -20.82
O4' ADP PA . 49.60 -14.71 -20.04
C3' ADP PA . 50.48 -15.69 -21.98
O3' ADP PA . 50.28 -16.70 -23.06
C2' ADP PA . 50.12 -14.24 -22.25
O2' ADP PA . 48.96 -14.00 -23.15
C1' ADP PA . 49.88 -13.66 -20.86
N9 ADP PA . 50.96 -12.87 -20.25
C8 ADP PA . 52.09 -13.26 -19.63
N7 ADP PA . 52.75 -12.24 -19.05
C5 ADP PA . 52.05 -11.11 -19.39
C6 ADP PA . 52.22 -9.70 -19.11
N6 ADP PA . 53.18 -9.09 -18.41
N1 ADP PA . 51.28 -8.86 -19.62
C2 ADP PA . 50.26 -9.39 -20.35
N3 ADP PA . 50.00 -10.65 -20.67
C4 ADP PA . 50.94 -11.48 -20.15
PB ADP QA . 21.34 -36.52 -24.14
O1B ADP QA . 22.24 -35.39 -23.70
O2B ADP QA . 20.86 -36.32 -25.57
O3B ADP QA . 21.98 -37.87 -23.96
PA ADP QA . 19.27 -37.85 -22.47
O1A ADP QA . 17.93 -38.12 -23.05
O2A ADP QA . 20.06 -39.12 -22.52
O3A ADP QA . 20.02 -36.63 -23.13
O5' ADP QA . 19.14 -37.33 -20.93
C5' ADP QA . 20.27 -36.81 -20.20
C4' ADP QA . 20.31 -37.37 -18.79
O4' ADP QA . 19.13 -36.93 -18.09
C3' ADP QA . 20.40 -38.90 -18.59
O3' ADP QA . 21.82 -39.41 -18.67
C2' ADP QA . 19.68 -39.04 -17.24
O2' ADP QA . 20.48 -39.02 -15.97
C1' ADP QA . 18.64 -37.93 -17.25
N9 ADP QA . 17.27 -38.30 -17.69
C8 ADP QA . 16.72 -38.09 -18.92
N7 ADP QA . 15.41 -38.36 -18.98
C5 ADP QA . 15.11 -38.84 -17.71
C6 ADP QA . 13.87 -39.31 -17.15
N6 ADP QA . 12.70 -39.37 -17.78
N1 ADP QA . 13.91 -39.73 -15.85
C2 ADP QA . 15.11 -39.67 -15.17
N3 ADP QA . 16.29 -39.27 -15.61
C4 ADP QA . 16.24 -38.85 -16.91
N ORN RA . 31.89 -35.11 -6.02
CA ORN RA . 31.06 -34.88 -7.17
CB ORN RA . 30.94 -36.20 -7.91
CG ORN RA . 31.59 -36.18 -9.26
CD ORN RA . 30.66 -36.55 -10.37
NE ORN RA . 30.78 -37.95 -10.89
C ORN RA . 29.67 -34.53 -6.73
O ORN RA . 29.06 -35.35 -5.97
OXT ORN RA . 29.11 -33.46 -7.12
P IMP SA . 18.41 -28.92 6.55
O1P IMP SA . 19.55 -29.73 7.05
O2P IMP SA . 18.05 -27.81 7.46
O3P IMP SA . 17.24 -29.72 6.13
O5' IMP SA . 18.86 -28.37 5.09
C5' IMP SA . 19.69 -29.13 4.20
C4' IMP SA . 19.75 -28.33 2.94
O4' IMP SA . 20.32 -27.02 3.24
C3' IMP SA . 20.49 -28.85 1.70
O3' IMP SA . 19.52 -29.02 0.59
C2' IMP SA . 21.66 -27.85 1.53
O2' IMP SA . 22.08 -27.47 0.17
C1' IMP SA . 21.08 -26.61 2.18
N9 IMP SA . 22.05 -25.68 2.72
C8 IMP SA . 23.21 -25.96 3.37
N7 IMP SA . 23.88 -24.85 3.73
C5 IMP SA . 23.09 -23.82 3.30
C6 IMP SA . 23.29 -22.41 3.38
O6 IMP SA . 24.37 -21.86 3.95
N1 IMP SA . 22.29 -21.66 2.84
C2 IMP SA . 21.22 -22.28 2.26
N3 IMP SA . 20.95 -23.54 2.15
C4 IMP SA . 21.95 -24.29 2.68
N1 NET TA . 46.22 -31.14 -12.65
C1 NET TA . 47.51 -30.40 -12.23
C2 NET TA . 48.71 -31.16 -12.75
C3 NET TA . 46.18 -31.21 -14.22
C4 NET TA . 46.21 -29.82 -14.86
C5 NET TA . 45.01 -30.35 -12.06
C6 NET TA . 43.68 -31.09 -12.24
C7 NET TA . 46.23 -32.58 -12.10
C8 NET TA . 46.28 -32.59 -10.59
N ORN UA . 56.38 -39.09 -54.49
CA ORN UA . 55.53 -38.02 -55.00
CB ORN UA . 54.15 -37.98 -54.33
CG ORN UA . 53.02 -38.54 -55.16
CD ORN UA . 51.68 -38.16 -54.62
NE ORN UA . 51.66 -36.67 -54.21
C ORN UA . 56.19 -36.66 -54.87
O ORN UA . 56.76 -36.30 -53.77
OXT ORN UA . 56.19 -35.86 -55.85
K K VA . 46.29 -17.99 -60.94
MN MN WA . -13.72 -30.98 50.24
MN MN XA . -16.01 -28.15 49.71
K K YA . -21.32 -20.92 47.45
K K ZA . -14.39 -34.72 50.77
K K AB . -16.44 -26.40 52.90
MN MN BB . 11.76 -5.56 47.85
K K CB . 8.91 -2.24 49.47
K K DB . 16.07 -12.48 43.35
K K EB . 0.57 -47.55 68.52
CL CL FB . -6.04 -30.71 47.14
CL CL GB . -36.13 -29.99 43.32
CL CL HB . -6.78 -18.93 34.03
P PO4 IB . -13.17 -27.95 51.23
O1 PO4 IB . -12.89 -29.40 51.04
O2 PO4 IB . -12.78 -27.60 52.55
O3 PO4 IB . -14.60 -27.75 51.07
O4 PO4 IB . -12.47 -27.08 50.30
PB ADP JB . -14.19 -29.49 47.43
O1B ADP JB . -14.35 -28.37 48.42
O2B ADP JB . -13.14 -29.19 46.42
O3B ADP JB . -13.78 -30.76 48.14
PA ADP JB . -17.09 -29.73 46.97
O1A ADP JB . -17.27 -29.05 48.26
O2A ADP JB . -17.79 -31.04 46.87
O3A ADP JB . -15.58 -29.86 46.63
O5' ADP JB . -17.65 -28.79 45.82
C5' ADP JB . -17.04 -27.50 45.59
C4' ADP JB . -18.12 -26.49 45.32
O4' ADP JB . -18.79 -26.84 44.07
C3' ADP JB . -19.22 -26.43 46.38
O3' ADP JB . -18.76 -25.61 47.52
C2' ADP JB . -20.40 -25.98 45.53
O2' ADP JB . -20.56 -24.55 45.42
C1' ADP JB . -20.14 -26.55 44.14
N9 ADP JB . -20.92 -27.73 43.78
C8 ADP JB . -20.83 -29.03 44.19
N7 ADP JB . -21.76 -29.84 43.64
C5 ADP JB . -22.44 -28.99 42.81
C6 ADP JB . -23.53 -29.21 41.95
N6 ADP JB . -24.14 -30.39 41.72
N1 ADP JB . -23.98 -28.11 41.30
C2 ADP JB . -23.39 -26.89 41.49
N3 ADP JB . -22.39 -26.59 42.26
C4 ADP JB . -21.96 -27.70 42.89
PB ADP KB . 9.04 -3.95 46.33
O1B ADP KB . 8.00 -4.83 45.68
O2B ADP KB . 8.39 -2.70 46.90
O3B ADP KB . 9.80 -4.67 47.42
PA ADP KB . 11.71 -3.70 45.04
O1A ADP KB . 12.46 -2.43 44.95
O2A ADP KB . 12.36 -4.55 46.10
O3A ADP KB . 10.16 -3.53 45.17
O5' ADP KB . 11.68 -4.51 43.63
C5' ADP KB . 11.16 -5.86 43.63
C4' ADP KB . 12.17 -6.81 43.05
O4' ADP KB . 12.57 -6.22 41.80
C3' ADP KB . 13.47 -7.04 43.85
O3' ADP KB . 13.31 -8.02 44.95
C2' ADP KB . 14.43 -7.34 42.70
O2' ADP KB . 14.60 -8.72 42.22
C1' ADP KB . 13.88 -6.52 41.53
N9 ADP KB . 14.56 -5.25 41.38
C8 ADP KB . 14.10 -4.01 41.68
N7 ADP KB . 14.92 -3.01 41.30
C5 ADP KB . 16.00 -3.68 40.74
C6 ADP KB . 17.18 -3.20 40.13
N6 ADP KB . 17.51 -1.92 39.98
N1 ADP KB . 18.06 -4.12 39.66
C2 ADP KB . 17.74 -5.46 39.82
N3 ADP KB . 16.68 -6.01 40.35
C4 ADP KB . 15.82 -5.06 40.81
N ORN LB . 11.18 -23.69 39.31
CA ORN LB . 10.78 -22.31 39.42
CB ORN LB . 11.43 -21.72 40.65
CG ORN LB . 10.46 -21.31 41.72
CD ORN LB . 10.74 -19.94 42.30
NE ORN LB . 12.04 -19.83 43.05
C ORN LB . 11.33 -21.49 38.25
O ORN LB . 12.55 -21.49 37.96
OXT ORN LB . 10.56 -20.76 37.58
P IMP MB . 17.48 -20.91 20.92
O1P IMP MB . 17.93 -22.10 21.67
O2P IMP MB . 17.13 -21.13 19.48
O3P IMP MB . 18.31 -19.78 21.17
O5' IMP MB . 16.28 -20.19 21.66
C5' IMP MB . 16.02 -20.35 23.06
C4' IMP MB . 14.78 -19.58 23.33
O4' IMP MB . 13.65 -20.14 22.61
C3' IMP MB . 14.34 -19.36 24.79
O3' IMP MB . 14.51 -17.98 25.22
C2' IMP MB . 12.94 -20.00 24.79
O2' IMP MB . 11.85 -19.59 25.69
C1' IMP MB . 12.51 -19.93 23.35
N9 IMP MB . 11.60 -21.02 22.96
C8 IMP MB . 11.64 -22.34 23.30
N7 IMP MB . 10.70 -23.08 22.70
C5 IMP MB . 10.00 -22.15 21.95
C6 IMP MB . 8.86 -22.30 21.15
O6 IMP MB . 8.26 -23.45 20.89
N1 IMP MB . 8.37 -21.19 20.55
C2 IMP MB . 9.05 -20.02 20.76
N3 IMP MB . 10.09 -19.77 21.49
C4 IMP MB . 10.52 -20.89 22.10
N1 NET NB . -1.08 -30.01 47.76
C1 NET NB . -2.11 -31.20 47.69
C2 NET NB . -2.46 -31.72 49.08
C3 NET NB . -1.61 -28.85 48.68
C4 NET NB . -3.13 -28.80 48.70
C5 NET NB . -0.86 -29.44 46.32
C6 NET NB . 0.04 -28.22 46.30
C7 NET NB . 0.27 -30.46 48.41
C8 NET NB . 1.12 -31.32 47.47
N ORN OB . -17.35 -12.13 83.86
CA ORN OB . -17.99 -10.90 83.37
CB ORN OB . -17.14 -9.67 83.11
CG ORN OB . -16.49 -9.52 81.75
CD ORN OB . -16.41 -8.07 81.31
NE ORN OB . -17.43 -8.06 80.18
C ORN OB . -19.27 -11.17 82.55
O ORN OB . -19.27 -12.12 81.69
OXT ORN OB . -20.35 -10.53 82.74
K K PB . -32.77 1.48 70.68
MN MN QB . 11.73 28.23 -52.78
MN MN RB . 14.46 26.09 -51.70
K K SB . 20.91 20.23 -48.29
K K TB . 9.66 28.49 -55.94
K K UB . 17.58 28.08 -52.09
MN MN VB . 15.90 42.03 -19.60
K K WB . 20.09 41.55 -19.46
K K XB . 6.40 42.32 -20.13
K K YB . 2.53 52.38 -64.88
CL CL ZB . 6.56 31.21 -47.07
CL CL AC . 19.64 7.72 -61.23
CL CL BC . 7.79 20.18 -33.07
P PO4 CC . 14.08 29.02 -50.59
O1 PO4 CC . 12.86 29.06 -51.47
O2 PO4 CC . 14.75 30.32 -50.71
O3 PO4 CC . 14.94 27.89 -51.09
O4 PO4 CC . 13.79 28.86 -49.16
PB ADP DC . 11.44 25.80 -50.65
O1B ADP DC . 12.86 26.19 -50.33
O2B ADP DC . 10.59 25.89 -49.42
O3B ADP DC . 10.91 26.58 -51.82
PA ADP DC . 12.44 23.49 -52.09
O1A ADP DC . 13.65 24.34 -52.22
O2A ADP DC . 11.92 22.99 -53.39
O3A ADP DC . 11.37 24.31 -51.31
O5' ADP DC . 12.70 22.17 -51.19
C5' ADP DC . 13.22 22.28 -49.85
C4' ADP DC . 14.29 21.24 -49.62
O4' ADP DC . 13.73 19.90 -49.67
C3' ADP DC . 15.46 21.18 -50.59
O3' ADP DC . 16.35 22.37 -50.41
C2' ADP DC . 15.94 19.74 -50.36
O2' ADP DC . 16.80 19.40 -49.22
C1' ADP DC . 14.66 18.99 -50.16
N9 ADP DC . 14.07 18.32 -51.33
C8 ADP DC . 13.33 18.82 -52.38
N7 ADP DC . 12.87 17.85 -53.20
C5 ADP DC . 13.35 16.67 -52.68
C6 ADP DC . 13.21 15.30 -53.08
N6 ADP DC . 12.50 14.88 -54.14
N1 ADP DC . 13.84 14.40 -52.30
C2 ADP DC . 14.52 14.83 -51.21
N3 ADP DC . 14.72 16.03 -50.77
C4 ADP DC . 14.10 16.93 -51.55
PB ADP EC . 17.19 38.97 -19.40
O1B ADP EC . 17.10 37.61 -20.03
O2B ADP EC . 18.63 39.25 -19.07
O3B ADP EC . 16.72 40.00 -20.42
PA ADP EC . 15.59 39.91 -17.08
O1A ADP EC . 16.24 40.17 -15.77
O2A ADP EC . 15.34 41.23 -17.74
O3A ADP EC . 16.35 38.87 -17.98
O5' ADP EC . 14.20 39.10 -16.93
C5' ADP EC . 13.50 38.76 -18.15
C4' ADP EC . 12.05 39.15 -18.12
O4' ADP EC . 11.43 38.41 -17.05
C3' ADP EC . 11.74 40.62 -17.88
O3' ADP EC . 11.80 41.38 -19.17
C2' ADP EC . 10.42 40.49 -17.13
O2' ADP EC . 9.14 40.37 -17.84
C1' ADP EC . 10.58 39.22 -16.34
N9 ADP EC . 11.12 39.40 -15.01
C8 ADP EC . 12.39 39.23 -14.56
N7 ADP EC . 12.54 39.42 -13.23
C5 ADP EC . 11.25 39.73 -12.81
C6 ADP EC . 10.73 40.04 -11.54
N6 ADP EC . 11.41 40.10 -10.40
N1 ADP EC . 9.39 40.30 -11.48
C2 ADP EC . 8.67 40.30 -12.64
N3 ADP EC . 9.04 40.02 -13.86
C4 ADP EC . 10.36 39.75 -13.90
N ORN FC . -1.05 36.74 -29.12
CA ORN FC . 0.23 36.52 -28.42
CB ORN FC . 1.00 37.85 -28.40
CG ORN FC . 2.44 37.88 -28.86
CD ORN FC . 3.38 38.49 -27.82
NE ORN FC . 3.43 39.99 -27.87
C ORN FC . -0.10 36.05 -27.00
O ORN FC . -0.88 36.77 -26.28
OXT ORN FC . 0.33 34.93 -26.55
P IMP GC . -11.97 27.81 -15.34
O1P IMP GC . -12.72 28.67 -16.25
O2P IMP GC . -12.78 26.58 -15.11
O3P IMP GC . -11.47 28.51 -14.15
O5' IMP GC . -10.56 27.43 -15.98
C5' IMP GC . -9.80 28.32 -16.81
C4' IMP GC . -8.48 27.68 -17.04
O4' IMP GC . -8.72 26.43 -17.74
C3' IMP GC . -7.42 28.42 -17.86
O3' IMP GC . -6.26 28.68 -16.98
C2' IMP GC . -7.26 27.53 -19.10
O2' IMP GC . -5.98 27.45 -19.83
C1' IMP GC . -7.68 26.17 -18.60
N9 IMP GC . -8.20 25.25 -19.65
C8 IMP GC . -9.02 25.55 -20.71
N7 IMP GC . -9.39 24.49 -21.41
C5 IMP GC . -8.75 23.44 -20.76
C6 IMP GC . -8.73 22.07 -21.05
O6 IMP GC . -9.41 21.54 -22.04
N1 IMP GC . -7.97 21.28 -20.25
C2 IMP GC . -7.28 21.88 -19.22
N3 IMP GC . -7.21 23.13 -18.86
C4 IMP GC . -7.98 23.88 -19.69
N1 NET HC . 4.96 35.03 -44.11
C1 NET HC . 4.47 34.34 -45.40
C2 NET HC . 4.94 35.05 -46.68
C3 NET HC . 6.49 35.30 -44.15
C4 NET HC . 7.27 34.01 -44.36
C5 NET HC . 4.63 34.03 -42.94
C6 NET HC . 4.93 34.63 -41.57
C7 NET HC . 4.26 36.42 -43.89
C8 NET HC . 2.81 36.34 -44.32
N ORN IC . 44.94 48.78 -55.77
CA ORN IC . 45.68 47.81 -54.97
CB ORN IC . 45.15 47.88 -53.57
CG ORN IC . 46.17 47.60 -52.47
CD ORN IC . 45.43 47.25 -51.20
NE ORN IC . 45.15 45.76 -51.14
C ORN IC . 45.53 46.40 -55.51
O ORN IC . 44.39 45.98 -55.89
OXT ORN IC . 46.58 45.65 -55.59
K K JC . 54.10 27.48 -48.44
#